data_7SJ7
#
_entry.id   7SJ7
#
_cell.length_a   1.00
_cell.length_b   1.00
_cell.length_c   1.00
_cell.angle_alpha   90.00
_cell.angle_beta   90.00
_cell.angle_gamma   90.00
#
_symmetry.space_group_name_H-M   'P 1'
#
loop_
_entity.id
_entity.type
_entity.pdbx_description
1 polymer 'Tubulin alpha-1B chain'
2 polymer 'Tubulin beta-3 chain'
3 non-polymer "GUANOSINE-5'-TRIPHOSPHATE"
4 non-polymer 'MAGNESIUM ION'
5 non-polymer "GUANOSINE-5'-DIPHOSPHATE"
#
loop_
_entity_poly.entity_id
_entity_poly.type
_entity_poly.pdbx_seq_one_letter_code
_entity_poly.pdbx_strand_id
1 'polypeptide(L)'
;MRECISIHVGQAGVQIGNACWELYCLEHGIQPDGQMPSDKTIHHHHHHGGGDDSFNTFFSETGAGKHVPRAVFVDLEPTV
IDEVRTGTYRQLFHPEQLITGKEDAANNYARGHYTIGKEIIDLVLDRIRKLADQCTGLQGFLVFHSFGGGTGSGFTSLLM
ERLSVDYGKKSKLEFSIYPAPQVSTAVVEPYNSILTTHTTLEHSDCAFMVDNEAIYDICRRNLDIERPTYTNLNRLISQI
VSSITASLRFDGALNVDLTEFQTNLVPYPRIHFPLATYAPVISAEKAYHEQLSVAEITNACFEPANQMVKCDPRHGKYMA
CCLLYRGDVVPKDVNAAIATIKTKRSIQFVDWCPTGFKVGINYQPPTVVPGGDLAKVQRAVCMLSNTTAIAEAWARLDHK
FDLMYAKRAFVHWYVGEGMEEGEFSEAREDMAALEKDYEEVGVDSVEGEGEEEGEEY
;
A,C,E,J,K,L
2 'polypeptide(L)'
;MREIVHIQAGQCGNQIGAKFWEVISDEHGIDPSGNYVGDSDLQLERISVYYNEASSHKYVPRAILVDLEPGTMDSVRSGA
FGHLFRPDNFIFGQSGAGNNWAKGHYTEGAELVDSVLDVVRKECENCDCLQGFQLTHSLGGGTGSGMGTLLISKVREEYP
DRIMNTFSVVPSPKVSDTVVEPYNATLSIHQLVENTDETYCIDNEALYDICFRTLKLATPTYGDLNHLVSATMSGVTTSL
RFPGQLNADLRKLAVNMVPFPRLHFFMPGFAPLTARGSQQYRALTVPELTQQMFDAKNMMAACDPRHGRYLTVATVFRGR
MSMKEVDEQMLAIQSKNSSYFVEWIPNNVKVAVCDIPPRGLKMSSTFIGNSTAIQELFKRISEQFTAMFRRKAFLHWYTG
EGMDEMEFTEAESNMNDLVSEYQQYQDATAEEEGEMYEDDEEESEAQGPKENLYFQ
;
F,D,G,H,I,B
#
loop_
_chem_comp.id
_chem_comp.type
_chem_comp.name
_chem_comp.formula
GDP RNA linking GUANOSINE-5'-DIPHOSPHATE 'C10 H15 N5 O11 P2'
GTP non-polymer GUANOSINE-5'-TRIPHOSPHATE 'C10 H16 N5 O14 P3'
MG non-polymer 'MAGNESIUM ION' 'Mg 2'
#
# COMPACT_ATOMS: atom_id res chain seq x y z
N MET A 1 -3.51 -3.02 -15.18
CA MET A 1 -4.84 -2.76 -15.72
C MET A 1 -5.38 -1.42 -15.26
N ARG A 2 -4.51 -0.60 -14.68
CA ARG A 2 -4.80 0.79 -14.36
C ARG A 2 -3.79 1.62 -15.15
N GLU A 3 -4.13 1.93 -16.39
CA GLU A 3 -3.16 2.58 -17.26
C GLU A 3 -3.19 4.08 -17.06
N CYS A 4 -2.05 4.71 -17.40
CA CYS A 4 -1.91 6.16 -17.26
C CYS A 4 -0.87 6.60 -18.28
N ILE A 5 -1.27 7.44 -19.23
CA ILE A 5 -0.38 7.86 -20.29
C ILE A 5 0.35 9.14 -19.88
N SER A 6 1.48 9.39 -20.51
CA SER A 6 2.30 10.56 -20.25
C SER A 6 2.41 11.39 -21.52
N ILE A 7 2.23 12.70 -21.38
CA ILE A 7 2.27 13.62 -22.51
C ILE A 7 3.30 14.68 -22.19
N HIS A 8 4.35 14.77 -22.99
CA HIS A 8 5.43 15.70 -22.75
C HIS A 8 5.38 16.79 -23.81
N VAL A 9 5.14 18.02 -23.38
CA VAL A 9 5.05 19.17 -24.27
C VAL A 9 6.23 20.08 -24.01
N GLY A 10 6.86 20.54 -25.08
CA GLY A 10 7.96 21.46 -24.97
C GLY A 10 9.26 20.81 -24.55
N GLN A 11 10.34 21.58 -24.68
CA GLN A 11 11.67 21.05 -24.41
C GLN A 11 11.81 20.61 -22.96
N ALA A 12 11.27 21.40 -22.03
CA ALA A 12 11.33 21.03 -20.62
C ALA A 12 10.65 19.69 -20.40
N GLY A 13 9.43 19.54 -20.93
CA GLY A 13 8.74 18.28 -20.80
C GLY A 13 9.54 17.13 -21.38
N VAL A 14 10.15 17.34 -22.55
CA VAL A 14 10.85 16.23 -23.20
C VAL A 14 12.06 15.80 -22.40
N GLN A 15 12.83 16.77 -21.88
CA GLN A 15 14.01 16.37 -21.12
C GLN A 15 13.62 15.73 -19.79
N ILE A 16 12.62 16.30 -19.10
CA ILE A 16 12.14 15.68 -17.88
C ILE A 16 11.69 14.26 -18.17
N GLY A 17 11.04 14.05 -19.31
CA GLY A 17 10.62 12.71 -19.67
C GLY A 17 11.80 11.78 -19.93
N ASN A 18 12.85 12.30 -20.57
CA ASN A 18 14.05 11.49 -20.71
C ASN A 18 14.48 10.97 -19.35
N ALA A 19 14.55 11.85 -18.37
CA ALA A 19 14.94 11.44 -17.03
C ALA A 19 13.96 10.44 -16.45
N CYS A 20 12.65 10.72 -16.58
CA CYS A 20 11.64 9.89 -15.94
C CYS A 20 11.65 8.49 -16.51
N TRP A 21 11.75 8.37 -17.83
CA TRP A 21 11.71 7.04 -18.42
C TRP A 21 13.02 6.31 -18.22
N GLU A 22 14.14 7.01 -18.12
CA GLU A 22 15.36 6.36 -17.65
C GLU A 22 15.14 5.75 -16.28
N LEU A 23 14.51 6.52 -15.39
CA LEU A 23 14.26 6.03 -14.03
C LEU A 23 13.37 4.81 -14.04
N TYR A 24 12.27 4.86 -14.81
CA TYR A 24 11.36 3.72 -14.86
C TYR A 24 12.07 2.48 -15.40
N CYS A 25 12.72 2.62 -16.56
CA CYS A 25 13.43 1.48 -17.14
C CYS A 25 14.43 0.91 -16.16
N LEU A 26 15.01 1.75 -15.30
CA LEU A 26 15.87 1.22 -14.27
C LEU A 26 15.08 0.50 -13.19
N GLU A 27 13.89 0.99 -12.85
CA GLU A 27 13.14 0.43 -11.73
C GLU A 27 12.72 -1.01 -12.03
N HIS A 28 12.08 -1.24 -13.16
CA HIS A 28 11.50 -2.55 -13.45
C HIS A 28 12.47 -3.48 -14.16
N GLY A 29 13.76 -3.16 -14.14
CA GLY A 29 14.74 -3.99 -14.81
C GLY A 29 14.51 -4.07 -16.30
N ILE A 30 14.27 -2.93 -16.94
CA ILE A 30 13.97 -2.86 -18.37
C ILE A 30 15.18 -2.31 -19.09
N GLN A 31 15.69 -3.08 -20.05
CA GLN A 31 16.78 -2.62 -20.89
C GLN A 31 16.30 -1.44 -21.74
N PRO A 32 17.23 -0.62 -22.25
CA PRO A 32 16.81 0.50 -23.10
C PRO A 32 16.03 0.07 -24.33
N ASP A 33 16.25 -1.13 -24.84
CA ASP A 33 15.54 -1.65 -26.00
C ASP A 33 14.25 -2.35 -25.62
N GLY A 34 13.72 -2.10 -24.43
CA GLY A 34 12.44 -2.67 -24.03
C GLY A 34 12.49 -4.11 -23.56
N GLN A 35 13.64 -4.76 -23.61
CA GLN A 35 13.76 -6.12 -23.14
C GLN A 35 14.05 -6.13 -21.64
N MET A 36 13.78 -7.29 -21.01
CA MET A 36 14.13 -7.48 -19.62
C MET A 36 14.67 -8.90 -19.45
N PRO A 37 15.90 -9.05 -18.97
CA PRO A 37 16.55 -10.35 -18.78
C PRO A 37 15.87 -11.21 -17.72
N HIS A 46 8.99 -8.79 -4.69
CA HIS A 46 7.91 -7.84 -4.44
C HIS A 46 7.18 -7.49 -5.73
N HIS A 47 7.87 -7.64 -6.85
CA HIS A 47 7.29 -7.30 -8.15
C HIS A 47 6.14 -8.25 -8.49
N HIS A 48 5.20 -7.75 -9.28
CA HIS A 48 4.08 -8.57 -9.73
C HIS A 48 4.36 -9.18 -11.11
N ASP A 53 -0.23 -6.62 -13.16
CA ASP A 53 1.24 -6.59 -13.10
C ASP A 53 1.72 -5.21 -12.70
N SER A 54 3.02 -5.08 -12.49
CA SER A 54 3.58 -3.80 -12.10
C SER A 54 3.76 -2.89 -13.31
N PHE A 55 4.61 -3.30 -14.25
CA PHE A 55 4.96 -2.42 -15.36
C PHE A 55 3.83 -2.21 -16.34
N ASN A 56 2.79 -3.06 -16.30
CA ASN A 56 1.71 -2.94 -17.25
C ASN A 56 1.04 -1.58 -17.21
N THR A 57 1.08 -0.91 -16.05
CA THR A 57 0.37 0.35 -15.91
C THR A 57 1.02 1.47 -16.71
N PHE A 58 2.33 1.39 -16.92
CA PHE A 58 3.03 2.37 -17.73
C PHE A 58 3.63 1.80 -19.01
N PHE A 59 3.99 0.53 -19.03
CA PHE A 59 4.57 -0.11 -20.20
C PHE A 59 3.52 -1.00 -20.85
N SER A 60 3.23 -0.74 -22.12
CA SER A 60 2.49 -1.75 -22.87
C SER A 60 3.46 -2.77 -23.42
N GLU A 61 2.96 -3.96 -23.72
CA GLU A 61 3.82 -5.05 -24.14
C GLU A 61 3.39 -5.57 -25.50
N THR A 62 4.37 -5.85 -26.34
CA THR A 62 4.15 -6.46 -27.64
C THR A 62 4.43 -7.95 -27.54
N GLY A 63 4.38 -8.64 -28.69
CA GLY A 63 4.49 -10.08 -28.68
C GLY A 63 5.81 -10.56 -28.11
N ALA A 64 6.91 -9.96 -28.56
CA ALA A 64 8.21 -10.32 -28.02
C ALA A 64 8.37 -9.76 -26.61
N GLY A 65 9.56 -9.94 -26.05
CA GLY A 65 9.86 -9.39 -24.74
C GLY A 65 10.07 -7.90 -24.73
N LYS A 66 9.59 -7.22 -25.77
CA LYS A 66 9.81 -5.79 -25.93
C LYS A 66 8.61 -5.02 -25.40
N HIS A 67 8.86 -4.14 -24.44
CA HIS A 67 7.84 -3.26 -23.88
C HIS A 67 8.05 -1.85 -24.40
N VAL A 68 6.97 -1.11 -24.58
CA VAL A 68 7.09 0.27 -25.02
C VAL A 68 6.33 1.20 -24.07
N PRO A 69 6.81 2.42 -23.89
CA PRO A 69 6.14 3.36 -22.99
C PRO A 69 4.88 3.92 -23.61
N ARG A 70 3.99 4.36 -22.73
CA ARG A 70 2.78 5.04 -23.15
C ARG A 70 2.99 6.55 -23.11
N ALA A 71 3.97 7.01 -23.88
CA ALA A 71 4.34 8.42 -23.88
C ALA A 71 4.10 9.03 -25.26
N VAL A 72 3.79 10.32 -25.26
CA VAL A 72 3.56 11.06 -26.49
C VAL A 72 4.42 12.32 -26.46
N PHE A 73 5.61 12.23 -27.03
CA PHE A 73 6.54 13.36 -27.03
C PHE A 73 6.20 14.26 -28.19
N VAL A 74 5.69 15.44 -27.90
CA VAL A 74 5.28 16.40 -28.92
C VAL A 74 6.10 17.66 -28.76
N ASP A 75 6.58 18.20 -29.89
CA ASP A 75 7.32 19.44 -29.88
C ASP A 75 7.18 20.09 -31.24
N LEU A 76 7.43 21.40 -31.29
CA LEU A 76 7.41 22.13 -32.54
C LEU A 76 8.79 22.35 -33.14
N GLU A 77 9.85 22.13 -32.36
CA GLU A 77 11.21 22.22 -32.87
C GLU A 77 11.85 20.85 -32.82
N PRO A 78 12.34 20.32 -33.95
CA PRO A 78 12.79 18.93 -33.98
C PRO A 78 14.12 18.67 -33.28
N THR A 79 14.77 19.69 -32.71
CA THR A 79 16.11 19.51 -32.17
C THR A 79 16.14 18.48 -31.05
N VAL A 80 15.38 18.73 -29.98
CA VAL A 80 15.46 17.89 -28.81
C VAL A 80 14.91 16.50 -29.10
N ILE A 81 13.83 16.42 -29.87
CA ILE A 81 13.28 15.12 -30.23
C ILE A 81 14.29 14.34 -31.05
N ASP A 82 15.04 15.02 -31.92
CA ASP A 82 16.08 14.35 -32.67
C ASP A 82 17.17 13.84 -31.74
N GLU A 83 17.51 14.64 -30.72
CA GLU A 83 18.45 14.15 -29.72
C GLU A 83 17.94 12.88 -29.07
N VAL A 84 16.64 12.82 -28.78
CA VAL A 84 16.04 11.63 -28.20
C VAL A 84 16.20 10.45 -29.15
N ARG A 85 15.86 10.66 -30.42
CA ARG A 85 15.96 9.60 -31.42
C ARG A 85 17.39 9.11 -31.58
N THR A 86 18.36 9.98 -31.32
CA THR A 86 19.76 9.62 -31.43
C THR A 86 20.35 9.14 -30.12
N GLY A 87 19.69 9.38 -29.00
CA GLY A 87 20.22 8.97 -27.71
C GLY A 87 20.22 7.47 -27.55
N THR A 88 20.72 7.04 -26.38
CA THR A 88 20.71 5.62 -26.06
C THR A 88 19.29 5.07 -25.97
N TYR A 89 18.32 5.92 -25.70
CA TYR A 89 16.92 5.50 -25.65
C TYR A 89 16.23 5.68 -27.00
N ARG A 90 16.87 5.14 -28.02
CA ARG A 90 16.34 5.18 -29.38
C ARG A 90 15.40 4.02 -29.63
N GLN A 91 15.85 2.81 -29.31
CA GLN A 91 15.05 1.62 -29.54
C GLN A 91 13.77 1.59 -28.74
N LEU A 92 13.67 2.39 -27.68
CA LEU A 92 12.57 2.21 -26.73
C LEU A 92 11.25 2.70 -27.31
N PHE A 93 11.14 3.99 -27.58
CA PHE A 93 9.85 4.61 -27.82
C PHE A 93 9.27 4.18 -29.16
N HIS A 94 7.95 4.17 -29.23
CA HIS A 94 7.27 3.86 -30.48
C HIS A 94 7.45 5.02 -31.44
N PRO A 95 8.11 4.82 -32.57
CA PRO A 95 8.56 5.96 -33.39
C PRO A 95 7.43 6.84 -33.87
N GLU A 96 6.21 6.31 -33.92
CA GLU A 96 5.10 7.13 -34.35
C GLU A 96 4.76 8.23 -33.35
N GLN A 97 5.06 8.01 -32.07
CA GLN A 97 4.69 8.99 -31.06
C GLN A 97 5.54 10.25 -31.11
N LEU A 98 6.79 10.16 -31.54
CA LEU A 98 7.72 11.28 -31.44
C LEU A 98 7.33 12.34 -32.48
N ILE A 99 6.25 13.04 -32.15
CA ILE A 99 5.70 14.05 -33.04
C ILE A 99 6.57 15.30 -32.96
N THR A 100 7.04 15.76 -34.12
CA THR A 100 7.84 16.97 -34.22
C THR A 100 7.18 17.94 -35.17
N GLY A 101 7.15 19.21 -34.79
CA GLY A 101 6.68 20.27 -35.66
C GLY A 101 7.77 20.72 -36.61
N LYS A 102 7.63 21.94 -37.09
CA LYS A 102 8.65 22.53 -37.95
C LYS A 102 9.27 23.79 -37.37
N GLU A 103 8.46 24.74 -36.91
CA GLU A 103 8.96 25.98 -36.33
C GLU A 103 8.37 26.14 -34.94
N ASP A 104 9.23 26.22 -33.93
CA ASP A 104 8.75 26.29 -32.57
C ASP A 104 8.05 27.62 -32.31
N ALA A 105 7.27 27.65 -31.23
CA ALA A 105 6.51 28.84 -30.90
C ALA A 105 7.42 30.03 -30.60
N ALA A 106 8.71 29.77 -30.36
CA ALA A 106 9.68 30.81 -30.08
C ALA A 106 9.21 31.70 -28.92
N ASN A 107 8.87 31.03 -27.82
CA ASN A 107 8.47 31.70 -26.59
C ASN A 107 7.35 32.69 -26.84
N ASN A 108 6.43 32.33 -27.73
CA ASN A 108 5.26 33.14 -28.04
C ASN A 108 4.03 32.28 -27.82
N TYR A 109 3.15 32.72 -26.93
CA TYR A 109 1.96 31.93 -26.62
C TYR A 109 1.03 31.82 -27.82
N ALA A 110 0.84 32.93 -28.55
CA ALA A 110 -0.09 32.92 -29.66
C ALA A 110 0.31 31.89 -30.71
N ARG A 111 1.61 31.83 -31.01
CA ARG A 111 2.09 30.82 -31.95
C ARG A 111 1.82 29.42 -31.43
N GLY A 112 2.02 29.21 -30.13
CA GLY A 112 1.86 27.90 -29.56
C GLY A 112 0.42 27.49 -29.31
N HIS A 113 -0.53 28.39 -29.49
CA HIS A 113 -1.92 28.07 -29.22
C HIS A 113 -2.88 28.44 -30.35
N TYR A 114 -2.48 29.28 -31.29
CA TYR A 114 -3.38 29.67 -32.36
C TYR A 114 -2.85 29.36 -33.75
N THR A 115 -1.57 29.60 -34.00
CA THR A 115 -1.05 29.54 -35.36
C THR A 115 -0.42 28.20 -35.69
N ILE A 116 0.64 27.83 -34.98
CA ILE A 116 1.43 26.66 -35.35
C ILE A 116 0.85 25.40 -34.75
N GLY A 117 0.73 25.35 -33.43
CA GLY A 117 0.24 24.16 -32.77
C GLY A 117 -1.13 23.73 -33.27
N LYS A 118 -1.87 24.68 -33.83
CA LYS A 118 -3.17 24.36 -34.41
C LYS A 118 -3.06 23.39 -35.57
N GLU A 119 -1.87 23.18 -36.10
CA GLU A 119 -1.71 22.35 -37.28
C GLU A 119 -1.19 20.96 -36.97
N ILE A 120 -0.79 20.67 -35.74
CA ILE A 120 -0.45 19.31 -35.33
C ILE A 120 -1.25 18.85 -34.13
N ILE A 121 -2.11 19.72 -33.58
CA ILE A 121 -2.94 19.31 -32.46
C ILE A 121 -3.78 18.09 -32.85
N ASP A 122 -4.21 18.02 -34.10
CA ASP A 122 -5.05 16.91 -34.54
C ASP A 122 -4.27 15.61 -34.55
N LEU A 123 -3.04 15.64 -35.05
CA LEU A 123 -2.22 14.43 -35.04
C LEU A 123 -1.93 13.98 -33.60
N VAL A 124 -1.67 14.94 -32.72
CA VAL A 124 -1.40 14.59 -31.33
C VAL A 124 -2.63 13.94 -30.72
N LEU A 125 -3.80 14.53 -30.93
CA LEU A 125 -5.03 13.95 -30.41
C LEU A 125 -5.27 12.56 -30.97
N ASP A 126 -4.94 12.35 -32.25
CA ASP A 126 -5.12 11.05 -32.86
C ASP A 126 -4.26 9.99 -32.17
N ARG A 127 -2.99 10.31 -31.94
CA ARG A 127 -2.13 9.36 -31.25
C ARG A 127 -2.61 9.12 -29.83
N ILE A 128 -3.09 10.18 -29.18
CA ILE A 128 -3.65 10.04 -27.84
C ILE A 128 -4.80 9.06 -27.86
N ARG A 129 -5.71 9.22 -28.82
CA ARG A 129 -6.88 8.35 -28.90
C ARG A 129 -6.49 6.91 -29.18
N LYS A 130 -5.51 6.69 -30.05
CA LYS A 130 -5.04 5.32 -30.28
C LYS A 130 -4.52 4.72 -28.97
N LEU A 131 -3.64 5.44 -28.28
CA LEU A 131 -3.07 4.89 -27.05
C LEU A 131 -4.14 4.64 -26.00
N ALA A 132 -5.12 5.53 -25.91
CA ALA A 132 -6.18 5.36 -24.93
C ALA A 132 -7.02 4.12 -25.24
N ASP A 133 -7.46 4.00 -26.49
CA ASP A 133 -8.30 2.87 -26.86
C ASP A 133 -7.55 1.55 -26.79
N GLN A 134 -6.22 1.57 -26.86
CA GLN A 134 -5.51 0.31 -26.65
C GLN A 134 -5.45 -0.07 -25.18
N CYS A 135 -5.82 0.83 -24.28
CA CYS A 135 -5.84 0.54 -22.84
C CYS A 135 -7.26 0.24 -22.38
N THR A 136 -7.36 -0.29 -21.17
CA THR A 136 -8.64 -0.71 -20.60
C THR A 136 -9.00 0.03 -19.33
N GLY A 137 -8.09 0.14 -18.38
CA GLY A 137 -8.37 0.79 -17.12
C GLY A 137 -7.67 2.12 -16.99
N LEU A 138 -7.73 2.92 -18.04
CA LEU A 138 -7.07 4.22 -18.08
C LEU A 138 -7.41 5.05 -16.85
N GLN A 139 -6.36 5.48 -16.13
CA GLN A 139 -6.55 6.28 -14.93
C GLN A 139 -6.61 7.76 -15.25
N GLY A 140 -5.59 8.28 -15.93
CA GLY A 140 -5.57 9.71 -16.23
C GLY A 140 -4.32 10.13 -16.96
N PHE A 141 -4.08 11.44 -16.97
CA PHE A 141 -3.07 12.06 -17.80
C PHE A 141 -1.96 12.67 -16.97
N LEU A 142 -0.73 12.58 -17.48
CA LEU A 142 0.41 13.24 -16.90
C LEU A 142 1.01 14.16 -17.96
N VAL A 143 0.75 15.44 -17.83
CA VAL A 143 1.31 16.44 -18.74
C VAL A 143 2.58 16.99 -18.11
N PHE A 144 3.70 16.83 -18.80
CA PHE A 144 4.98 17.38 -18.37
C PHE A 144 5.28 18.59 -19.24
N HIS A 145 5.12 19.78 -18.68
CA HIS A 145 5.26 20.97 -19.51
C HIS A 145 5.74 22.11 -18.64
N SER A 146 6.53 23.00 -19.24
CA SER A 146 7.02 24.18 -18.55
C SER A 146 5.93 25.24 -18.53
N PHE A 147 6.29 26.44 -18.09
CA PHE A 147 5.35 27.54 -18.02
C PHE A 147 5.78 28.76 -18.81
N GLY A 148 7.07 28.95 -19.02
CA GLY A 148 7.54 30.13 -19.72
C GLY A 148 7.62 29.94 -21.22
N GLY A 149 8.05 28.76 -21.65
CA GLY A 149 8.20 28.51 -23.06
C GLY A 149 6.89 28.69 -23.82
N GLY A 150 7.01 29.12 -25.08
CA GLY A 150 5.82 29.33 -25.88
C GLY A 150 5.10 28.05 -26.18
N THR A 151 5.83 27.03 -26.63
CA THR A 151 5.21 25.74 -26.89
C THR A 151 4.54 25.20 -25.64
N GLY A 152 5.28 25.14 -24.54
CA GLY A 152 4.73 24.70 -23.28
C GLY A 152 3.38 25.32 -23.00
N SER A 153 3.34 26.64 -22.78
CA SER A 153 2.11 27.30 -22.39
C SER A 153 1.01 27.11 -23.43
N GLY A 154 1.27 27.54 -24.67
CA GLY A 154 0.22 27.53 -25.66
C GLY A 154 -0.29 26.15 -26.00
N PHE A 155 0.63 25.27 -26.39
CA PHE A 155 0.26 23.92 -26.77
C PHE A 155 -0.38 23.17 -25.61
N THR A 156 0.11 23.35 -24.38
CA THR A 156 -0.50 22.68 -23.25
C THR A 156 -1.92 23.18 -23.02
N SER A 157 -2.14 24.50 -23.12
CA SER A 157 -3.49 25.00 -22.96
C SER A 157 -4.42 24.40 -24.01
N LEU A 158 -3.98 24.40 -25.27
CA LEU A 158 -4.79 23.83 -26.33
C LEU A 158 -5.08 22.36 -26.08
N LEU A 159 -4.05 21.61 -25.70
CA LEU A 159 -4.20 20.17 -25.52
C LEU A 159 -5.10 19.85 -24.34
N MET A 160 -4.99 20.61 -23.26
CA MET A 160 -5.86 20.39 -22.12
C MET A 160 -7.30 20.67 -22.46
N GLU A 161 -7.56 21.77 -23.19
CA GLU A 161 -8.94 22.04 -23.59
C GLU A 161 -9.47 20.91 -24.46
N ARG A 162 -8.66 20.45 -25.42
CA ARG A 162 -9.11 19.38 -26.30
C ARG A 162 -9.41 18.10 -25.52
N LEU A 163 -8.50 17.69 -24.62
CA LEU A 163 -8.71 16.46 -23.88
C LEU A 163 -9.93 16.57 -22.98
N SER A 164 -10.08 17.70 -22.28
CA SER A 164 -11.25 17.89 -21.45
C SER A 164 -12.53 17.82 -22.27
N VAL A 165 -12.50 18.31 -23.51
CA VAL A 165 -13.65 18.14 -24.39
C VAL A 165 -13.86 16.67 -24.69
N ASP A 166 -12.79 15.94 -24.97
CA ASP A 166 -12.93 14.55 -25.41
C ASP A 166 -13.21 13.62 -24.25
N TYR A 167 -12.28 13.54 -23.30
CA TYR A 167 -12.42 12.67 -22.13
C TYR A 167 -13.07 13.49 -21.04
N GLY A 168 -14.38 13.31 -20.87
CA GLY A 168 -15.16 14.14 -19.98
C GLY A 168 -14.67 14.19 -18.56
N LYS A 169 -14.66 13.05 -17.88
CA LYS A 169 -14.28 12.98 -16.47
C LYS A 169 -13.16 11.98 -16.30
N LYS A 170 -11.92 12.46 -16.36
CA LYS A 170 -10.76 11.65 -16.09
C LYS A 170 -9.67 12.52 -15.46
N SER A 171 -8.74 11.87 -14.79
CA SER A 171 -7.69 12.57 -14.07
C SER A 171 -6.76 13.28 -15.05
N LYS A 172 -6.43 14.53 -14.75
CA LYS A 172 -5.52 15.33 -15.58
C LYS A 172 -4.52 16.04 -14.68
N LEU A 173 -3.30 15.53 -14.62
CA LEU A 173 -2.27 16.06 -13.75
C LEU A 173 -1.15 16.70 -14.57
N GLU A 174 -0.73 17.88 -14.14
CA GLU A 174 0.32 18.63 -14.81
C GLU A 174 1.52 18.79 -13.89
N PHE A 175 2.70 18.92 -14.49
CA PHE A 175 3.92 19.24 -13.75
C PHE A 175 4.48 20.50 -14.34
N SER A 176 3.97 21.64 -13.90
CA SER A 176 4.41 22.90 -14.45
C SER A 176 5.75 23.29 -13.84
N ILE A 177 6.48 24.13 -14.55
CA ILE A 177 7.73 24.69 -14.07
C ILE A 177 7.44 26.16 -13.76
N TYR A 178 7.10 26.43 -12.51
CA TYR A 178 6.69 27.77 -12.12
C TYR A 178 7.83 28.76 -12.36
N PRO A 179 7.58 29.90 -12.98
CA PRO A 179 8.66 30.85 -13.24
C PRO A 179 9.23 31.42 -11.95
N ALA A 180 10.56 31.38 -11.84
CA ALA A 180 11.22 31.77 -10.60
C ALA A 180 11.04 33.26 -10.34
N PRO A 181 11.13 33.69 -9.08
CA PRO A 181 11.00 35.12 -8.79
C PRO A 181 12.15 35.97 -9.31
N GLN A 182 13.38 35.45 -9.33
CA GLN A 182 14.53 36.26 -9.68
C GLN A 182 15.34 35.74 -10.86
N VAL A 183 15.38 34.44 -11.08
CA VAL A 183 16.09 33.86 -12.22
C VAL A 183 15.05 33.57 -13.29
N SER A 184 15.12 34.32 -14.39
CA SER A 184 14.23 34.11 -15.53
C SER A 184 15.08 34.02 -16.79
N THR A 185 15.04 32.87 -17.45
CA THR A 185 15.73 32.71 -18.72
C THR A 185 15.00 33.41 -19.86
N ALA A 186 13.67 33.45 -19.80
CA ALA A 186 12.90 34.13 -20.82
C ALA A 186 12.70 35.59 -20.45
N VAL A 187 12.02 36.34 -21.33
CA VAL A 187 11.78 37.75 -21.10
C VAL A 187 10.28 38.01 -21.09
N VAL A 188 9.54 37.13 -21.73
CA VAL A 188 8.08 37.26 -21.79
C VAL A 188 7.39 36.25 -20.88
N GLU A 189 8.09 35.76 -19.86
CA GLU A 189 7.49 34.79 -18.94
C GLU A 189 6.16 35.23 -18.37
N PRO A 190 5.97 36.48 -17.92
CA PRO A 190 4.65 36.84 -17.38
C PRO A 190 3.52 36.63 -18.36
N TYR A 191 3.71 36.95 -19.63
CA TYR A 191 2.62 36.80 -20.60
C TYR A 191 2.23 35.34 -20.76
N ASN A 192 3.22 34.49 -21.04
CA ASN A 192 2.91 33.07 -21.22
C ASN A 192 2.29 32.50 -19.96
N SER A 193 2.83 32.84 -18.79
CA SER A 193 2.30 32.30 -17.55
C SER A 193 0.86 32.70 -17.34
N ILE A 194 0.55 33.99 -17.48
CA ILE A 194 -0.81 34.45 -17.23
C ILE A 194 -1.77 33.81 -18.21
N LEU A 195 -1.41 33.77 -19.49
CA LEU A 195 -2.32 33.21 -20.48
C LEU A 195 -2.56 31.72 -20.22
N THR A 196 -1.49 30.95 -20.04
CA THR A 196 -1.66 29.53 -19.83
C THR A 196 -2.39 29.24 -18.54
N THR A 197 -2.22 30.08 -17.52
CA THR A 197 -2.95 29.85 -16.28
C THR A 197 -4.43 30.15 -16.45
N HIS A 198 -4.75 31.28 -17.09
CA HIS A 198 -6.14 31.58 -17.35
C HIS A 198 -6.82 30.48 -18.15
N THR A 199 -6.08 29.84 -19.06
CA THR A 199 -6.68 28.76 -19.82
C THR A 199 -6.83 27.49 -18.99
N THR A 200 -5.72 27.00 -18.43
CA THR A 200 -5.71 25.72 -17.72
C THR A 200 -6.46 25.77 -16.40
N LEU A 201 -6.85 26.94 -15.92
CA LEU A 201 -7.53 27.03 -14.64
C LEU A 201 -8.86 26.29 -14.63
N GLU A 202 -9.45 26.05 -15.79
CA GLU A 202 -10.76 25.42 -15.87
C GLU A 202 -10.69 23.97 -16.32
N HIS A 203 -9.51 23.45 -16.55
CA HIS A 203 -9.44 22.10 -17.07
C HIS A 203 -8.53 21.19 -16.27
N SER A 204 -7.40 21.70 -15.79
CA SER A 204 -6.46 20.85 -15.07
C SER A 204 -7.03 20.45 -13.72
N ASP A 205 -7.08 19.14 -13.47
CA ASP A 205 -7.55 18.67 -12.17
C ASP A 205 -6.62 19.09 -11.06
N CYS A 206 -5.32 18.86 -11.24
CA CYS A 206 -4.34 19.16 -10.21
C CYS A 206 -3.01 19.41 -10.87
N ALA A 207 -2.47 20.62 -10.72
CA ALA A 207 -1.15 20.96 -11.20
C ALA A 207 -0.12 20.55 -10.15
N PHE A 208 1.15 20.78 -10.43
CA PHE A 208 2.22 20.42 -9.50
C PHE A 208 3.33 21.46 -9.62
N MET A 209 3.32 22.43 -8.72
CA MET A 209 4.29 23.51 -8.81
C MET A 209 5.69 23.04 -8.43
N VAL A 210 6.64 23.35 -9.31
CA VAL A 210 8.07 23.12 -9.13
C VAL A 210 8.79 24.28 -9.80
N ASP A 211 9.92 24.69 -9.22
CA ASP A 211 10.71 25.78 -9.78
C ASP A 211 12.17 25.35 -9.90
N ASN A 212 12.89 26.00 -10.80
CA ASN A 212 14.30 25.70 -10.97
C ASN A 212 15.15 26.32 -9.87
N GLU A 213 14.79 27.51 -9.40
CA GLU A 213 15.62 28.19 -8.41
C GLU A 213 15.72 27.38 -7.13
N ALA A 214 14.59 26.87 -6.64
CA ALA A 214 14.61 26.09 -5.41
C ALA A 214 15.43 24.84 -5.58
N ILE A 215 15.38 24.23 -6.76
CA ILE A 215 16.17 23.01 -6.97
C ILE A 215 17.65 23.34 -7.03
N TYR A 216 18.01 24.48 -7.61
CA TYR A 216 19.39 24.94 -7.53
C TYR A 216 19.83 25.03 -6.08
N ASP A 217 19.00 25.69 -5.27
CA ASP A 217 19.32 25.87 -3.85
C ASP A 217 19.51 24.52 -3.17
N ILE A 218 18.60 23.58 -3.42
CA ILE A 218 18.67 22.28 -2.78
C ILE A 218 19.92 21.53 -3.22
N CYS A 219 20.24 21.58 -4.50
CA CYS A 219 21.42 20.89 -5.00
C CYS A 219 22.68 21.47 -4.36
N ARG A 220 22.74 22.79 -4.21
CA ARG A 220 23.93 23.39 -3.62
C ARG A 220 24.05 23.05 -2.14
N ARG A 221 22.97 23.24 -1.38
CA ARG A 221 23.08 23.12 0.07
C ARG A 221 23.10 21.66 0.52
N ASN A 222 22.11 20.87 0.11
CA ASN A 222 21.98 19.52 0.64
C ASN A 222 22.90 18.53 -0.07
N LEU A 223 22.82 18.47 -1.40
CA LEU A 223 23.63 17.49 -2.11
C LEU A 223 25.09 17.90 -2.23
N ASP A 224 25.43 19.15 -1.90
CA ASP A 224 26.81 19.62 -1.94
C ASP A 224 27.41 19.48 -3.33
N ILE A 225 26.65 19.86 -4.35
CA ILE A 225 27.17 20.06 -5.70
C ILE A 225 26.95 21.52 -6.04
N GLU A 226 28.05 22.22 -6.34
CA GLU A 226 27.97 23.65 -6.58
C GLU A 226 27.66 24.00 -8.03
N ARG A 227 27.86 23.06 -8.96
CA ARG A 227 27.69 23.32 -10.39
C ARG A 227 26.81 22.25 -11.00
N PRO A 228 25.50 22.36 -10.85
CA PRO A 228 24.59 21.36 -11.40
C PRO A 228 24.09 21.72 -12.79
N THR A 229 23.92 20.69 -13.60
CA THR A 229 23.32 20.80 -14.92
C THR A 229 21.84 20.49 -14.84
N TYR A 230 21.13 20.76 -15.94
CA TYR A 230 19.71 20.45 -15.98
C TYR A 230 19.46 18.97 -15.76
N THR A 231 20.46 18.14 -16.02
CA THR A 231 20.33 16.72 -15.75
C THR A 231 19.95 16.46 -14.29
N ASN A 232 20.53 17.23 -13.37
CA ASN A 232 20.30 16.97 -11.95
C ASN A 232 18.89 17.37 -11.54
N LEU A 233 18.44 18.56 -11.97
CA LEU A 233 17.07 18.96 -11.69
C LEU A 233 16.09 17.96 -12.29
N ASN A 234 16.37 17.50 -13.50
CA ASN A 234 15.49 16.53 -14.13
C ASN A 234 15.46 15.23 -13.33
N ARG A 235 16.61 14.79 -12.83
CA ARG A 235 16.62 13.56 -12.03
C ARG A 235 15.78 13.73 -10.76
N LEU A 236 15.88 14.89 -10.12
CA LEU A 236 15.09 15.10 -8.91
C LEU A 236 13.59 15.09 -9.22
N ILE A 237 13.18 15.78 -10.28
CA ILE A 237 11.77 15.79 -10.59
C ILE A 237 11.30 14.41 -11.00
N SER A 238 12.14 13.64 -11.67
CA SER A 238 11.80 12.27 -12.00
C SER A 238 11.60 11.44 -10.75
N GLN A 239 12.45 11.63 -9.74
CA GLN A 239 12.27 10.92 -8.49
C GLN A 239 10.93 11.29 -7.86
N ILE A 240 10.56 12.56 -7.91
CA ILE A 240 9.27 12.96 -7.37
C ILE A 240 8.13 12.23 -8.10
N VAL A 241 8.20 12.21 -9.43
CA VAL A 241 7.14 11.56 -10.20
C VAL A 241 7.08 10.08 -9.86
N SER A 242 8.23 9.42 -9.76
CA SER A 242 8.25 8.00 -9.44
C SER A 242 7.63 7.75 -8.07
N SER A 243 7.91 8.61 -7.10
CA SER A 243 7.27 8.45 -5.80
C SER A 243 5.76 8.67 -5.90
N ILE A 244 5.32 9.53 -6.80
CA ILE A 244 3.88 9.71 -6.97
C ILE A 244 3.24 8.44 -7.49
N THR A 245 3.86 7.80 -8.48
CA THR A 245 3.24 6.66 -9.15
C THR A 245 3.58 5.32 -8.52
N ALA A 246 4.45 5.28 -7.51
CA ALA A 246 4.83 4.00 -6.92
C ALA A 246 3.63 3.25 -6.37
N SER A 247 2.57 3.96 -5.98
CA SER A 247 1.38 3.29 -5.49
C SER A 247 0.75 2.44 -6.59
N LEU A 248 0.54 3.04 -7.77
CA LEU A 248 0.01 2.26 -8.89
C LEU A 248 0.97 1.16 -9.29
N ARG A 249 2.26 1.45 -9.33
CA ARG A 249 3.21 0.55 -9.93
C ARG A 249 3.77 -0.48 -8.97
N PHE A 250 3.30 -0.52 -7.72
CA PHE A 250 3.87 -1.46 -6.77
C PHE A 250 2.87 -1.81 -5.69
N ASP A 251 3.20 -2.86 -4.95
CA ASP A 251 2.37 -3.33 -3.84
C ASP A 251 2.75 -2.59 -2.58
N GLY A 252 1.77 -1.96 -1.95
CA GLY A 252 2.02 -1.16 -0.77
C GLY A 252 1.00 -1.42 0.32
N ALA A 253 1.43 -1.19 1.56
CA ALA A 253 0.57 -1.43 2.70
C ALA A 253 -0.58 -0.45 2.78
N LEU A 254 -0.47 0.70 2.12
CA LEU A 254 -1.60 1.62 2.02
C LEU A 254 -1.44 2.38 0.70
N ASN A 255 -2.10 1.88 -0.33
CA ASN A 255 -1.95 2.43 -1.68
C ASN A 255 -2.91 3.58 -1.89
N VAL A 256 -2.71 4.30 -2.99
CA VAL A 256 -3.48 5.49 -3.30
C VAL A 256 -3.42 5.75 -4.79
N ASP A 257 -4.57 6.05 -5.38
CA ASP A 257 -4.69 6.32 -6.80
C ASP A 257 -4.91 7.81 -7.04
N LEU A 258 -4.67 8.22 -8.29
CA LEU A 258 -4.63 9.65 -8.60
C LEU A 258 -5.96 10.32 -8.31
N THR A 259 -7.06 9.60 -8.46
CA THR A 259 -8.35 10.16 -8.06
C THR A 259 -8.36 10.51 -6.58
N GLU A 260 -7.68 9.71 -5.76
CA GLU A 260 -7.54 10.08 -4.36
C GLU A 260 -6.76 11.38 -4.20
N PHE A 261 -5.73 11.57 -5.02
CA PHE A 261 -4.99 12.83 -4.99
C PHE A 261 -5.91 14.00 -5.26
N GLN A 262 -6.66 13.95 -6.36
CA GLN A 262 -7.48 15.10 -6.69
C GLN A 262 -8.60 15.29 -5.67
N THR A 263 -9.07 14.22 -5.05
CA THR A 263 -10.10 14.37 -4.03
C THR A 263 -9.55 15.00 -2.76
N ASN A 264 -8.36 14.59 -2.35
CA ASN A 264 -7.82 15.03 -1.07
C ASN A 264 -7.24 16.44 -1.14
N LEU A 265 -6.45 16.74 -2.16
CA LEU A 265 -5.68 17.98 -2.17
C LEU A 265 -6.40 19.15 -2.83
N VAL A 266 -7.64 18.98 -3.26
CA VAL A 266 -8.31 20.06 -3.98
C VAL A 266 -9.60 20.41 -3.26
N PRO A 267 -9.56 21.37 -2.33
CA PRO A 267 -10.80 21.71 -1.61
C PRO A 267 -11.83 22.39 -2.50
N TYR A 268 -11.39 23.25 -3.41
CA TYR A 268 -12.29 24.02 -4.24
C TYR A 268 -11.94 23.83 -5.71
N PRO A 269 -12.87 24.08 -6.63
CA PRO A 269 -12.58 23.82 -8.04
C PRO A 269 -11.37 24.55 -8.56
N ARG A 270 -11.11 25.78 -8.09
CA ARG A 270 -10.04 26.58 -8.68
C ARG A 270 -8.71 26.38 -7.98
N ILE A 271 -8.71 26.26 -6.65
CA ILE A 271 -7.46 26.25 -5.88
C ILE A 271 -6.92 24.82 -5.94
N HIS A 272 -6.14 24.53 -6.97
CA HIS A 272 -5.58 23.20 -7.17
C HIS A 272 -4.13 23.28 -7.61
N PHE A 273 -3.33 24.05 -6.88
CA PHE A 273 -1.91 24.24 -7.21
C PHE A 273 -1.05 23.82 -6.03
N PRO A 274 -0.89 22.52 -5.82
CA PRO A 274 0.00 22.04 -4.76
C PRO A 274 1.45 22.01 -5.21
N LEU A 275 2.34 22.36 -4.30
CA LEU A 275 3.76 22.36 -4.58
C LEU A 275 4.39 21.06 -4.09
N ALA A 276 5.46 20.67 -4.77
CA ALA A 276 6.10 19.39 -4.47
C ALA A 276 7.19 19.54 -3.41
N THR A 277 7.61 18.41 -2.87
CA THR A 277 8.76 18.35 -1.96
C THR A 277 9.17 16.90 -1.83
N TYR A 278 10.47 16.65 -1.67
CA TYR A 278 11.01 15.31 -1.58
C TYR A 278 12.05 15.23 -0.47
N ALA A 279 12.18 14.05 0.13
CA ALA A 279 13.20 13.80 1.14
C ALA A 279 13.43 12.30 1.24
N PRO A 280 14.61 11.86 1.68
CA PRO A 280 15.81 12.63 1.99
C PRO A 280 16.63 12.90 0.75
N VAL A 281 17.37 14.02 0.75
CA VAL A 281 18.28 14.37 -0.34
C VAL A 281 19.63 14.63 0.29
N ILE A 282 20.47 13.59 0.35
CA ILE A 282 21.78 13.70 0.99
C ILE A 282 22.82 13.03 0.09
N SER A 283 24.01 13.61 0.09
CA SER A 283 25.09 13.11 -0.75
C SER A 283 25.59 11.77 -0.23
N ALA A 284 26.36 11.09 -1.07
CA ALA A 284 26.87 9.77 -0.72
C ALA A 284 27.80 9.82 0.49
N GLU A 285 28.63 10.86 0.57
CA GLU A 285 29.55 10.96 1.70
C GLU A 285 28.82 11.23 3.01
N LYS A 286 27.72 11.97 2.95
CA LYS A 286 26.92 12.24 4.14
C LYS A 286 25.83 11.20 4.35
N ALA A 287 25.88 10.10 3.59
CA ALA A 287 24.87 9.05 3.76
C ALA A 287 24.92 8.47 5.15
N TYR A 288 26.13 8.25 5.67
CA TYR A 288 26.30 7.82 7.04
C TYR A 288 26.11 9.04 7.94
N HIS A 289 26.53 8.94 9.19
CA HIS A 289 26.44 10.04 10.14
C HIS A 289 25.00 10.46 10.41
N GLU A 290 24.04 9.66 9.98
CA GLU A 290 22.62 9.89 10.28
C GLU A 290 21.84 8.64 9.91
N GLN A 291 20.97 8.21 10.82
CA GLN A 291 20.21 6.99 10.63
C GLN A 291 18.95 7.18 9.80
N LEU A 292 18.58 8.43 9.49
CA LEU A 292 17.44 8.73 8.62
C LEU A 292 16.13 8.21 9.21
N SER A 293 15.78 8.74 10.37
CA SER A 293 14.51 8.39 10.99
C SER A 293 13.35 8.86 10.11
N VAL A 294 12.27 8.10 10.14
CA VAL A 294 11.09 8.51 9.39
C VAL A 294 10.52 9.80 9.97
N ALA A 295 10.62 9.97 11.30
CA ALA A 295 10.27 11.26 11.89
C ALA A 295 11.24 12.34 11.43
N GLU A 296 12.52 11.99 11.34
CA GLU A 296 13.51 12.94 10.84
C GLU A 296 13.18 13.37 9.42
N ILE A 297 12.88 12.41 8.54
CA ILE A 297 12.63 12.77 7.15
C ILE A 297 11.30 13.51 7.03
N THR A 298 10.35 13.23 7.90
CA THR A 298 9.13 14.04 7.91
C THR A 298 9.44 15.48 8.25
N ASN A 299 10.27 15.69 9.29
CA ASN A 299 10.68 17.05 9.64
C ASN A 299 11.41 17.70 8.48
N ALA A 300 12.26 16.94 7.79
CA ALA A 300 12.95 17.46 6.63
C ALA A 300 11.97 17.92 5.56
N CYS A 301 10.92 17.12 5.34
CA CYS A 301 9.89 17.49 4.37
C CYS A 301 9.22 18.79 4.76
N PHE A 302 8.96 18.98 6.05
CA PHE A 302 8.29 20.21 6.46
C PHE A 302 9.25 21.38 6.66
N GLU A 303 10.55 21.17 6.49
CA GLU A 303 11.49 22.27 6.66
C GLU A 303 11.32 23.27 5.53
N PRO A 304 11.18 24.57 5.83
CA PRO A 304 10.93 25.56 4.77
C PRO A 304 12.06 25.66 3.77
N ALA A 305 13.25 25.19 4.10
CA ALA A 305 14.37 25.24 3.18
C ALA A 305 14.41 24.05 2.24
N ASN A 306 13.54 23.06 2.43
CA ASN A 306 13.55 21.88 1.58
C ASN A 306 12.45 21.88 0.54
N GLN A 307 11.54 22.85 0.56
CA GLN A 307 10.50 22.86 -0.45
C GLN A 307 11.07 23.24 -1.80
N MET A 308 10.42 22.76 -2.86
CA MET A 308 10.91 22.94 -4.22
C MET A 308 10.20 24.08 -4.94
N VAL A 309 9.65 25.02 -4.18
CA VAL A 309 9.11 26.25 -4.73
C VAL A 309 9.56 27.40 -3.82
N LYS A 310 10.08 28.46 -4.42
CA LYS A 310 10.65 29.54 -3.62
C LYS A 310 9.51 30.31 -2.95
N CYS A 311 8.91 29.71 -1.94
CA CYS A 311 7.87 30.36 -1.16
C CYS A 311 8.00 29.86 0.28
N ASP A 312 8.05 30.79 1.22
CA ASP A 312 8.14 30.40 2.61
C ASP A 312 6.78 29.90 3.08
N PRO A 313 6.65 28.65 3.49
CA PRO A 313 5.34 28.17 3.95
C PRO A 313 4.84 28.92 5.17
N ARG A 314 5.74 29.48 5.97
CA ARG A 314 5.33 30.20 7.16
C ARG A 314 4.48 31.43 6.85
N HIS A 315 4.53 31.95 5.64
CA HIS A 315 3.71 33.08 5.28
C HIS A 315 2.29 32.68 4.90
N GLY A 316 2.01 31.39 4.83
CA GLY A 316 0.67 30.91 4.52
C GLY A 316 0.29 29.75 5.42
N LYS A 317 -0.77 29.04 5.05
CA LYS A 317 -1.26 27.91 5.83
C LYS A 317 -1.42 26.71 4.91
N TYR A 318 -1.00 25.54 5.39
CA TYR A 318 -1.17 24.30 4.64
C TYR A 318 -2.64 23.93 4.64
N MET A 319 -3.32 24.15 3.52
CA MET A 319 -4.70 23.71 3.43
C MET A 319 -4.81 22.19 3.34
N ALA A 320 -3.81 21.54 2.76
CA ALA A 320 -3.82 20.08 2.71
C ALA A 320 -2.42 19.58 2.44
N CYS A 321 -2.16 18.36 2.89
CA CYS A 321 -0.87 17.72 2.66
C CYS A 321 -1.09 16.27 2.31
N CYS A 322 -0.20 15.72 1.50
CA CYS A 322 -0.25 14.31 1.14
C CYS A 322 1.17 13.77 1.13
N LEU A 323 1.48 12.89 2.07
CA LEU A 323 2.82 12.35 2.22
C LEU A 323 2.82 10.90 1.76
N LEU A 324 3.66 10.59 0.78
CA LEU A 324 3.77 9.25 0.23
C LEU A 324 5.14 8.70 0.60
N TYR A 325 5.14 7.68 1.45
CA TYR A 325 6.37 7.06 1.92
C TYR A 325 6.63 5.79 1.14
N ARG A 326 7.89 5.37 1.11
CA ARG A 326 8.24 4.14 0.43
C ARG A 326 9.50 3.58 1.06
N GLY A 327 9.61 2.26 1.04
CA GLY A 327 10.67 1.56 1.69
C GLY A 327 10.23 0.91 2.98
N ASP A 328 11.21 0.62 3.84
CA ASP A 328 10.96 -0.01 5.12
C ASP A 328 10.35 1.02 6.07
N VAL A 329 9.03 1.15 5.98
CA VAL A 329 8.29 2.10 6.80
C VAL A 329 7.28 1.33 7.63
N VAL A 330 6.99 1.85 8.83
CA VAL A 330 6.05 1.23 9.75
C VAL A 330 5.01 2.28 10.12
N PRO A 331 3.72 1.98 10.01
CA PRO A 331 2.70 3.03 10.14
C PRO A 331 2.69 3.74 11.48
N LYS A 332 3.03 3.06 12.57
CA LYS A 332 2.98 3.70 13.87
C LYS A 332 3.93 4.89 13.93
N ASP A 333 5.12 4.74 13.37
CA ASP A 333 6.07 5.84 13.36
C ASP A 333 5.53 7.01 12.56
N VAL A 334 4.89 6.72 11.43
CA VAL A 334 4.29 7.79 10.63
C VAL A 334 3.24 8.51 11.43
N ASN A 335 2.39 7.77 12.13
CA ASN A 335 1.37 8.38 12.95
C ASN A 335 1.98 9.28 14.02
N ALA A 336 3.03 8.78 14.69
CA ALA A 336 3.67 9.56 15.73
C ALA A 336 4.27 10.84 15.17
N ALA A 337 4.98 10.73 14.04
CA ALA A 337 5.63 11.88 13.46
C ALA A 337 4.60 12.92 13.03
N ILE A 338 3.50 12.48 12.42
CA ILE A 338 2.49 13.43 11.97
C ILE A 338 1.80 14.07 13.17
N ALA A 339 1.60 13.31 14.24
CA ALA A 339 1.06 13.90 15.45
C ALA A 339 1.97 15.02 15.96
N THR A 340 3.28 14.74 16.01
CA THR A 340 4.22 15.75 16.45
C THR A 340 4.15 16.98 15.55
N ILE A 341 4.09 16.78 14.24
CA ILE A 341 4.01 17.89 13.31
C ILE A 341 2.76 18.71 13.58
N LYS A 342 1.64 18.04 13.85
CA LYS A 342 0.41 18.76 14.16
C LYS A 342 0.53 19.53 15.47
N THR A 343 1.38 19.06 16.39
CA THR A 343 1.51 19.75 17.68
C THR A 343 2.15 21.12 17.54
N LYS A 344 3.12 21.27 16.64
CA LYS A 344 3.88 22.50 16.58
C LYS A 344 3.04 23.64 16.01
N ARG A 345 3.41 24.87 16.39
CA ARG A 345 2.63 26.06 16.08
C ARG A 345 3.03 26.69 14.74
N SER A 346 4.31 26.62 14.39
CA SER A 346 4.76 27.23 13.14
C SER A 346 4.17 26.55 11.92
N ILE A 347 3.57 25.39 12.07
CA ILE A 347 2.88 24.69 10.99
C ILE A 347 1.40 24.77 11.33
N GLN A 348 0.74 25.81 10.83
CA GLN A 348 -0.63 26.12 11.24
C GLN A 348 -1.56 25.94 10.05
N PHE A 349 -2.36 24.88 10.10
CA PHE A 349 -3.34 24.65 9.05
C PHE A 349 -4.49 25.65 9.19
N VAL A 350 -5.40 25.62 8.22
CA VAL A 350 -6.61 26.41 8.33
C VAL A 350 -7.49 25.83 9.42
N ASP A 351 -8.27 26.70 10.06
CA ASP A 351 -9.18 26.25 11.10
C ASP A 351 -10.22 25.27 10.56
N TRP A 352 -10.71 25.52 9.34
CA TRP A 352 -11.85 24.78 8.83
C TRP A 352 -11.49 23.40 8.30
N CYS A 353 -10.20 23.07 8.23
CA CYS A 353 -9.78 21.72 7.83
C CYS A 353 -9.01 21.10 8.99
N PRO A 354 -9.67 20.38 9.89
CA PRO A 354 -8.96 19.79 11.05
C PRO A 354 -8.15 18.56 10.70
N THR A 355 -8.43 17.92 9.58
CA THR A 355 -7.72 16.72 9.15
C THR A 355 -6.93 17.10 7.89
N GLY A 356 -5.64 17.37 8.07
CA GLY A 356 -4.85 17.88 6.97
C GLY A 356 -3.81 16.92 6.43
N PHE A 357 -4.15 15.64 6.28
CA PHE A 357 -3.16 14.68 5.82
C PHE A 357 -3.81 13.55 5.04
N LYS A 358 -3.15 13.11 3.98
CA LYS A 358 -3.36 11.79 3.41
C LYS A 358 -2.02 11.06 3.42
N VAL A 359 -2.04 9.82 3.88
CA VAL A 359 -0.81 9.06 4.04
C VAL A 359 -0.85 7.86 3.11
N GLY A 360 0.29 7.60 2.48
CA GLY A 360 0.41 6.43 1.65
C GLY A 360 1.75 5.77 1.87
N ILE A 361 1.77 4.44 1.93
CA ILE A 361 2.98 3.69 2.18
C ILE A 361 3.17 2.69 1.06
N ASN A 362 4.39 2.59 0.57
CA ASN A 362 4.74 1.62 -0.45
C ASN A 362 5.85 0.74 0.10
N TYR A 363 5.93 -0.48 -0.41
CA TYR A 363 6.95 -1.42 0.04
C TYR A 363 8.24 -1.31 -0.73
N GLN A 364 8.22 -0.74 -1.92
CA GLN A 364 9.43 -0.68 -2.72
C GLN A 364 10.25 0.56 -2.37
N PRO A 365 11.53 0.40 -2.02
CA PRO A 365 12.38 1.55 -1.75
C PRO A 365 12.69 2.28 -3.04
N PRO A 366 13.09 3.56 -2.96
CA PRO A 366 13.57 4.25 -4.16
C PRO A 366 14.87 3.63 -4.63
N THR A 367 15.04 3.59 -5.95
CA THR A 367 16.25 3.04 -6.56
C THR A 367 17.10 4.18 -7.09
N VAL A 368 18.40 4.12 -6.83
CA VAL A 368 19.34 5.16 -7.24
C VAL A 368 19.84 4.85 -8.65
N VAL A 369 19.79 5.85 -9.51
CA VAL A 369 20.24 5.71 -10.90
C VAL A 369 21.77 5.74 -10.93
N PRO A 370 22.41 4.74 -11.51
CA PRO A 370 23.87 4.74 -11.60
C PRO A 370 24.37 5.98 -12.34
N GLY A 371 25.49 6.51 -11.88
CA GLY A 371 25.95 7.80 -12.36
C GLY A 371 25.17 8.97 -11.80
N GLY A 372 24.34 8.74 -10.80
CA GLY A 372 23.53 9.78 -10.20
C GLY A 372 24.29 10.53 -9.13
N ASP A 373 23.54 11.25 -8.29
CA ASP A 373 24.14 12.14 -7.31
C ASP A 373 23.70 11.79 -5.89
N LEU A 374 22.52 11.18 -5.76
CA LEU A 374 22.01 10.84 -4.44
C LEU A 374 22.61 9.51 -3.97
N ALA A 375 22.24 9.13 -2.76
CA ALA A 375 22.76 7.93 -2.12
C ALA A 375 21.65 6.92 -1.90
N LYS A 376 22.04 5.65 -1.91
CA LYS A 376 21.08 4.56 -1.70
C LYS A 376 20.44 4.67 -0.32
N VAL A 377 19.16 4.99 -0.28
CA VAL A 377 18.43 5.11 0.97
C VAL A 377 17.43 3.97 1.05
N GLN A 378 16.98 3.69 2.28
CA GLN A 378 15.97 2.66 2.50
C GLN A 378 14.57 3.22 2.67
N ARG A 379 14.44 4.49 3.05
CA ARG A 379 13.14 5.12 3.20
C ARG A 379 13.14 6.44 2.44
N ALA A 380 11.99 6.76 1.87
CA ALA A 380 11.85 8.01 1.14
C ALA A 380 10.42 8.51 1.30
N VAL A 381 10.24 9.81 1.15
CA VAL A 381 8.93 10.43 1.35
C VAL A 381 8.81 11.61 0.41
N CYS A 382 7.73 11.62 -0.36
CA CYS A 382 7.39 12.74 -1.23
C CYS A 382 6.15 13.42 -0.68
N MET A 383 6.23 14.73 -0.44
CA MET A 383 5.11 15.50 0.06
C MET A 383 4.55 16.36 -1.06
N LEU A 384 3.25 16.25 -1.30
CA LEU A 384 2.54 17.16 -2.17
C LEU A 384 1.66 18.01 -1.28
N SER A 385 1.94 19.30 -1.19
CA SER A 385 1.28 20.15 -0.20
C SER A 385 0.59 21.31 -0.90
N ASN A 386 -0.69 21.48 -0.63
CA ASN A 386 -1.45 22.61 -1.12
C ASN A 386 -1.58 23.61 0.02
N THR A 387 -0.94 24.77 -0.15
CA THR A 387 -0.88 25.81 0.87
C THR A 387 -1.46 27.11 0.33
N THR A 388 -1.32 28.16 1.13
CA THR A 388 -1.77 29.49 0.74
C THR A 388 -0.61 30.43 0.42
N ALA A 389 0.61 30.07 0.82
CA ALA A 389 1.76 30.91 0.51
C ALA A 389 1.91 31.13 -0.99
N ILE A 390 1.61 30.10 -1.79
CA ILE A 390 1.76 30.20 -3.24
C ILE A 390 0.99 31.39 -3.78
N ALA A 391 -0.05 31.82 -3.07
CA ALA A 391 -0.84 32.96 -3.53
C ALA A 391 0.05 34.18 -3.74
N GLU A 392 0.92 34.46 -2.78
CA GLU A 392 1.82 35.60 -2.91
C GLU A 392 2.61 35.52 -4.21
N ALA A 393 3.02 34.33 -4.60
CA ALA A 393 3.77 34.17 -5.82
C ALA A 393 2.99 34.70 -7.02
N TRP A 394 1.69 34.38 -7.09
CA TRP A 394 0.86 34.92 -8.16
C TRP A 394 0.96 36.43 -8.18
N ALA A 395 0.88 37.05 -7.00
CA ALA A 395 0.99 38.51 -6.93
C ALA A 395 2.22 38.98 -7.69
N ARG A 396 3.37 38.35 -7.42
CA ARG A 396 4.59 38.75 -8.11
C ARG A 396 4.40 38.72 -9.61
N LEU A 397 3.93 37.58 -10.12
CA LEU A 397 3.69 37.50 -11.57
C LEU A 397 2.73 38.59 -11.99
N ASP A 398 1.62 38.74 -11.26
CA ASP A 398 0.67 39.79 -11.56
C ASP A 398 1.40 41.12 -11.68
N HIS A 399 2.21 41.43 -10.66
CA HIS A 399 2.95 42.68 -10.67
C HIS A 399 3.74 42.82 -11.95
N LYS A 400 4.54 41.79 -12.27
CA LYS A 400 5.34 41.85 -13.48
C LYS A 400 4.46 42.15 -14.67
N PHE A 401 3.38 41.38 -14.82
CA PHE A 401 2.48 41.56 -15.94
C PHE A 401 2.07 43.02 -16.04
N ASP A 402 1.62 43.59 -14.93
CA ASP A 402 1.13 44.96 -14.94
C ASP A 402 2.17 45.88 -15.58
N LEU A 403 3.41 45.81 -15.10
CA LEU A 403 4.44 46.67 -15.65
C LEU A 403 4.59 46.42 -17.15
N MET A 404 4.78 45.17 -17.53
CA MET A 404 5.00 44.88 -18.94
C MET A 404 3.76 45.13 -19.76
N TYR A 405 2.60 45.34 -19.12
CA TYR A 405 1.42 45.74 -19.87
C TYR A 405 1.16 47.23 -19.80
N ALA A 406 1.69 47.91 -18.78
CA ALA A 406 1.50 49.35 -18.68
C ALA A 406 2.10 50.09 -19.87
N LYS A 407 3.17 49.55 -20.46
CA LYS A 407 3.78 50.13 -21.64
C LYS A 407 3.38 49.41 -22.91
N ARG A 408 2.50 48.42 -22.84
CA ARG A 408 2.12 47.59 -23.99
C ARG A 408 3.33 46.95 -24.64
N ALA A 409 4.33 46.61 -23.84
CA ALA A 409 5.55 46.01 -24.38
C ALA A 409 5.25 44.64 -24.98
N PHE A 410 5.93 44.34 -26.08
CA PHE A 410 5.87 43.02 -26.71
C PHE A 410 4.48 42.67 -27.20
N VAL A 411 3.53 43.59 -27.05
CA VAL A 411 2.14 43.28 -27.37
C VAL A 411 1.98 42.99 -28.86
N HIS A 412 2.79 43.61 -29.70
CA HIS A 412 2.57 43.52 -31.14
C HIS A 412 2.72 42.09 -31.65
N TRP A 413 3.66 41.32 -31.10
CA TRP A 413 3.80 39.93 -31.53
C TRP A 413 2.50 39.16 -31.30
N TYR A 414 1.98 39.21 -30.07
CA TYR A 414 0.75 38.48 -29.77
C TYR A 414 -0.42 39.00 -30.57
N VAL A 415 -0.53 40.32 -30.73
CA VAL A 415 -1.63 40.88 -31.50
C VAL A 415 -1.59 40.38 -32.94
N GLY A 416 -0.42 40.42 -33.55
CA GLY A 416 -0.31 40.00 -34.93
C GLY A 416 -0.28 38.49 -35.13
N GLU A 417 -0.33 37.72 -34.04
CA GLU A 417 -0.29 36.26 -34.14
C GLU A 417 -1.60 35.59 -33.76
N GLY A 418 -2.71 36.31 -33.77
CA GLY A 418 -4.01 35.69 -33.56
C GLY A 418 -4.56 35.87 -32.15
N MET A 419 -4.46 37.07 -31.61
CA MET A 419 -4.97 37.34 -30.28
C MET A 419 -5.29 38.83 -30.16
N GLU A 420 -6.08 39.18 -29.15
CA GLU A 420 -6.55 40.53 -28.94
C GLU A 420 -6.20 41.01 -27.54
N GLU A 421 -6.14 42.33 -27.38
CA GLU A 421 -5.81 42.94 -26.10
C GLU A 421 -6.87 42.63 -25.04
N GLY A 422 -8.14 42.61 -25.44
CA GLY A 422 -9.19 42.27 -24.50
C GLY A 422 -8.96 40.94 -23.84
N GLU A 423 -8.32 40.01 -24.54
CA GLU A 423 -7.95 38.74 -23.93
C GLU A 423 -6.93 38.95 -22.81
N PHE A 424 -5.94 39.83 -23.02
CA PHE A 424 -4.99 40.12 -21.97
C PHE A 424 -5.69 40.72 -20.75
N SER A 425 -6.61 41.66 -21.00
CA SER A 425 -7.32 42.27 -19.88
C SER A 425 -8.15 41.23 -19.14
N GLU A 426 -8.80 40.32 -19.87
CA GLU A 426 -9.60 39.28 -19.25
C GLU A 426 -8.75 38.34 -18.42
N ALA A 427 -7.58 37.96 -18.94
CA ALA A 427 -6.70 37.08 -18.17
C ALA A 427 -6.21 37.77 -16.91
N ARG A 428 -5.94 39.06 -16.99
CA ARG A 428 -5.57 39.81 -15.79
C ARG A 428 -6.70 39.81 -14.77
N GLU A 429 -7.93 40.02 -15.25
CA GLU A 429 -9.08 39.94 -14.34
C GLU A 429 -9.17 38.57 -13.69
N ASP A 430 -8.95 37.53 -14.47
CA ASP A 430 -9.03 36.17 -13.93
C ASP A 430 -7.96 35.93 -12.86
N MET A 431 -6.74 36.38 -13.11
CA MET A 431 -5.68 36.22 -12.12
C MET A 431 -6.00 37.01 -10.86
N ALA A 432 -6.54 38.22 -11.01
CA ALA A 432 -6.95 38.98 -9.84
C ALA A 432 -8.03 38.23 -9.07
N ALA A 433 -8.96 37.61 -9.77
CA ALA A 433 -10.01 36.83 -9.11
C ALA A 433 -9.42 35.66 -8.33
N LEU A 434 -8.45 34.97 -8.93
CA LEU A 434 -7.82 33.85 -8.23
C LEU A 434 -7.10 34.32 -6.97
N GLU A 435 -6.37 35.44 -7.07
CA GLU A 435 -5.72 35.97 -5.89
C GLU A 435 -6.73 36.35 -4.82
N LYS A 436 -7.85 36.93 -5.25
CA LYS A 436 -8.91 37.26 -4.31
C LYS A 436 -9.43 36.02 -3.61
N ASP A 437 -9.63 34.93 -4.37
CA ASP A 437 -10.13 33.69 -3.78
C ASP A 437 -9.14 33.14 -2.76
N TYR A 438 -7.84 33.17 -3.09
CA TYR A 438 -6.84 32.70 -2.14
C TYR A 438 -6.88 33.51 -0.85
N GLU A 439 -6.96 34.85 -0.98
CA GLU A 439 -7.03 35.69 0.20
C GLU A 439 -8.28 35.40 1.02
N GLU A 440 -9.43 35.24 0.34
CA GLU A 440 -10.67 34.99 1.04
C GLU A 440 -10.62 33.66 1.80
N VAL A 441 -10.07 32.63 1.18
CA VAL A 441 -9.96 31.34 1.87
C VAL A 441 -8.99 31.45 3.04
N GLY A 442 -7.93 32.23 2.90
CA GLY A 442 -6.94 32.32 3.97
C GLY A 442 -7.48 32.84 5.29
N VAL A 443 -8.60 33.56 5.27
CA VAL A 443 -9.14 34.15 6.50
C VAL A 443 -9.81 33.07 7.33
N ASP A 444 -10.15 33.41 8.57
CA ASP A 444 -10.80 32.48 9.49
C ASP A 444 -12.31 32.69 9.48
N SER A 445 -13.01 31.71 10.02
CA SER A 445 -14.47 31.73 10.07
C SER A 445 -14.94 32.26 11.41
N VAL A 446 -16.14 32.82 11.41
CA VAL A 446 -16.76 33.34 12.62
C VAL A 446 -17.77 32.32 13.15
N GLU A 447 -18.11 32.45 14.43
CA GLU A 447 -19.06 31.58 15.11
C GLU A 447 -18.61 30.12 15.07
N MET B 1 20.58 6.63 27.90
CA MET B 1 19.32 7.37 27.85
C MET B 1 19.39 8.63 28.70
N ARG B 2 20.60 8.99 29.12
CA ARG B 2 20.86 10.27 29.78
C ARG B 2 21.87 10.98 28.89
N GLU B 3 21.37 11.70 27.90
CA GLU B 3 22.27 12.28 26.91
C GLU B 3 22.80 13.64 27.39
N CYS B 4 23.95 14.00 26.85
CA CYS B 4 24.60 15.27 27.20
C CYS B 4 25.45 15.68 26.01
N ILE B 5 25.13 16.83 25.42
CA ILE B 5 25.85 17.27 24.23
C ILE B 5 27.03 18.15 24.64
N SER B 6 28.00 18.25 23.74
CA SER B 6 29.20 19.05 23.95
C SER B 6 29.27 20.14 22.89
N ILE B 7 29.57 21.36 23.31
CA ILE B 7 29.65 22.51 22.43
C ILE B 7 31.02 23.13 22.62
N HIS B 8 31.81 23.15 21.57
CA HIS B 8 33.18 23.67 21.63
C HIS B 8 33.24 24.99 20.87
N VAL B 9 33.52 26.07 21.57
CA VAL B 9 33.61 27.39 20.99
C VAL B 9 35.05 27.85 21.04
N GLY B 10 35.53 28.40 19.93
CA GLY B 10 36.86 28.94 19.88
C GLY B 10 37.93 27.88 19.74
N GLN B 11 39.14 28.34 19.44
CA GLN B 11 40.25 27.42 19.18
C GLN B 11 40.58 26.57 20.40
N ALA B 12 40.56 27.20 21.57
CA ALA B 12 40.82 26.45 22.80
C ALA B 12 39.81 25.33 22.96
N GLY B 13 38.53 25.66 22.81
CA GLY B 13 37.51 24.64 22.91
C GLY B 13 37.71 23.53 21.91
N VAL B 14 38.07 23.88 20.67
CA VAL B 14 38.18 22.85 19.64
C VAL B 14 39.34 21.92 19.93
N GLN B 15 40.48 22.46 20.36
CA GLN B 15 41.62 21.58 20.63
C GLN B 15 41.36 20.72 21.87
N ILE B 16 40.79 21.32 22.91
CA ILE B 16 40.44 20.53 24.09
C ILE B 16 39.49 19.42 23.69
N GLY B 17 38.56 19.71 22.78
CA GLY B 17 37.65 18.68 22.32
C GLY B 17 38.35 17.59 21.55
N ASN B 18 39.32 17.96 20.72
CA ASN B 18 40.14 16.94 20.07
C ASN B 18 40.67 15.97 21.09
N ALA B 19 41.26 16.50 22.16
CA ALA B 19 41.80 15.64 23.21
C ALA B 19 40.70 14.81 23.87
N CYS B 20 39.57 15.46 24.20
CA CYS B 20 38.52 14.78 24.95
C CYS B 20 37.93 13.63 24.15
N TRP B 21 37.67 13.86 22.87
CA TRP B 21 37.06 12.82 22.08
C TRP B 21 38.05 11.73 21.71
N GLU B 22 39.34 12.06 21.60
CA GLU B 22 40.35 11.01 21.53
C GLU B 22 40.27 10.13 22.78
N LEU B 23 40.16 10.76 23.94
CA LEU B 23 40.09 10.01 25.19
C LEU B 23 38.86 9.11 25.21
N TYR B 24 37.70 9.65 24.86
CA TYR B 24 36.48 8.85 24.87
C TYR B 24 36.59 7.68 23.92
N CYS B 25 36.96 7.95 22.66
CA CYS B 25 37.09 6.88 21.68
C CYS B 25 38.05 5.80 22.18
N LEU B 26 39.06 6.19 22.96
CA LEU B 26 39.91 5.19 23.55
C LEU B 26 39.21 4.43 24.66
N GLU B 27 38.35 5.11 25.44
CA GLU B 27 37.75 4.47 26.61
C GLU B 27 36.82 3.33 26.20
N HIS B 28 35.89 3.60 25.30
CA HIS B 28 34.85 2.64 24.95
C HIS B 28 35.28 1.71 23.82
N GLY B 29 36.57 1.67 23.49
CA GLY B 29 37.03 0.82 22.41
C GLY B 29 36.44 1.22 21.07
N ILE B 30 36.45 2.52 20.77
CA ILE B 30 35.86 3.05 19.56
C ILE B 30 36.98 3.44 18.60
N GLN B 31 36.96 2.86 17.41
CA GLN B 31 37.91 3.23 16.38
C GLN B 31 37.66 4.67 15.95
N PRO B 32 38.66 5.32 15.35
CA PRO B 32 38.45 6.71 14.89
C PRO B 32 37.31 6.86 13.91
N ASP B 33 37.00 5.83 13.14
CA ASP B 33 35.90 5.87 12.19
C ASP B 33 34.57 5.44 12.80
N GLY B 34 34.44 5.49 14.13
CA GLY B 34 33.19 5.20 14.78
C GLY B 34 32.87 3.72 14.92
N GLN B 35 33.70 2.84 14.41
CA GLN B 35 33.47 1.40 14.55
C GLN B 35 34.08 0.90 15.85
N MET B 36 33.60 -0.25 16.30
CA MET B 36 34.18 -0.91 17.45
C MET B 36 34.24 -2.41 17.16
N PRO B 37 35.43 -3.02 17.21
CA PRO B 37 35.64 -4.44 16.93
C PRO B 37 34.99 -5.34 17.98
N HIS B 46 32.58 -4.89 32.71
CA HIS B 46 31.96 -3.80 33.45
C HIS B 46 31.10 -2.92 32.54
N HIS B 47 31.42 -2.93 31.25
CA HIS B 47 30.69 -2.11 30.29
C HIS B 47 29.25 -2.59 30.16
N HIS B 48 28.37 -1.67 29.80
CA HIS B 48 26.97 -2.00 29.57
C HIS B 48 26.70 -2.26 28.08
N ASP B 53 22.88 1.88 28.07
CA ASP B 53 24.22 1.50 27.68
C ASP B 53 25.22 2.54 28.18
N SER B 54 26.50 2.26 27.99
CA SER B 54 27.53 3.20 28.43
C SER B 54 27.71 4.32 27.41
N PHE B 55 28.13 3.97 26.19
CA PHE B 55 28.48 5.01 25.21
C PHE B 55 27.29 5.77 24.70
N ASN B 56 26.08 5.24 24.89
CA ASN B 56 24.89 5.91 24.36
C ASN B 56 24.74 7.33 24.87
N THR B 57 25.27 7.62 26.06
CA THR B 57 25.07 8.92 26.66
C THR B 57 25.85 10.00 25.92
N PHE B 58 26.97 9.64 25.30
CA PHE B 58 27.75 10.59 24.51
C PHE B 58 27.81 10.27 23.03
N PHE B 59 27.70 9.00 22.66
CA PHE B 59 27.75 8.58 21.27
C PHE B 59 26.33 8.22 20.82
N SER B 60 25.85 8.88 19.77
CA SER B 60 24.67 8.34 19.12
C SER B 60 25.10 7.29 18.10
N GLU B 61 24.18 6.42 17.76
CA GLU B 61 24.50 5.30 16.89
C GLU B 61 23.62 5.31 15.65
N THR B 62 24.23 5.02 14.51
CA THR B 62 23.51 4.87 13.26
C THR B 62 23.29 3.39 12.97
N GLY B 63 22.75 3.09 11.79
CA GLY B 63 22.38 1.72 11.48
C GLY B 63 23.57 0.78 11.53
N ALA B 64 24.66 1.16 10.89
CA ALA B 64 25.84 0.33 10.91
C ALA B 64 26.51 0.43 12.28
N GLY B 65 27.67 -0.21 12.40
CA GLY B 65 28.43 -0.15 13.64
C GLY B 65 29.13 1.19 13.87
N LYS B 66 28.67 2.22 13.18
CA LYS B 66 29.30 3.53 13.23
C LYS B 66 28.59 4.41 14.24
N HIS B 67 29.33 4.90 15.23
CA HIS B 67 28.82 5.81 16.23
C HIS B 67 29.37 7.20 15.95
N VAL B 68 28.58 8.22 16.26
CA VAL B 68 29.03 9.59 16.07
C VAL B 68 28.89 10.38 17.36
N PRO B 69 29.76 11.34 17.61
CA PRO B 69 29.67 12.13 18.84
C PRO B 69 28.57 13.16 18.77
N ARG B 70 28.09 13.56 19.94
CA ARG B 70 27.11 14.63 20.06
C ARG B 70 27.82 15.95 20.32
N ALA B 71 28.69 16.34 19.38
CA ALA B 71 29.49 17.53 19.53
C ALA B 71 29.14 18.53 18.44
N VAL B 72 29.30 19.82 18.76
CA VAL B 72 29.04 20.90 17.84
C VAL B 72 30.25 21.83 17.85
N PHE B 73 31.17 21.61 16.92
CA PHE B 73 32.40 22.38 16.86
C PHE B 73 32.13 23.64 16.05
N VAL B 74 32.11 24.78 16.71
CA VAL B 74 31.80 26.05 16.06
C VAL B 74 33.01 26.96 16.19
N ASP B 75 33.36 27.64 15.11
CA ASP B 75 34.46 28.59 15.11
C ASP B 75 34.22 29.61 14.01
N LEU B 76 34.87 30.77 14.14
CA LEU B 76 34.79 31.79 13.12
C LEU B 76 35.99 31.80 12.19
N GLU B 77 37.06 31.10 12.53
CA GLU B 77 38.22 30.97 11.66
C GLU B 77 38.36 29.51 11.24
N PRO B 78 38.37 29.21 9.95
CA PRO B 78 38.32 27.81 9.51
C PRO B 78 39.62 27.03 9.70
N THR B 79 40.67 27.64 10.23
CA THR B 79 41.97 26.97 10.27
C THR B 79 41.93 25.71 11.12
N VAL B 80 41.56 25.85 12.39
CA VAL B 80 41.63 24.72 13.30
C VAL B 80 40.59 23.66 12.94
N ILE B 81 39.40 24.09 12.54
CA ILE B 81 38.39 23.12 12.12
C ILE B 81 38.86 22.36 10.90
N ASP B 82 39.56 23.04 9.99
CA ASP B 82 40.11 22.36 8.83
C ASP B 82 41.16 21.34 9.27
N GLU B 83 41.97 21.70 10.27
CA GLU B 83 42.90 20.73 10.81
C GLU B 83 42.17 19.50 11.34
N VAL B 84 41.03 19.72 12.00
CA VAL B 84 40.23 18.60 12.50
C VAL B 84 39.76 17.74 11.34
N ARG B 85 39.22 18.38 10.30
CA ARG B 85 38.72 17.64 9.14
C ARG B 85 39.84 16.86 8.46
N THR B 86 41.07 17.34 8.56
CA THR B 86 42.20 16.66 7.96
C THR B 86 42.90 15.71 8.90
N GLY B 87 42.63 15.79 10.20
CA GLY B 87 43.28 14.92 11.15
C GLY B 87 42.82 13.48 11.03
N THR B 88 43.42 12.63 11.87
CA THR B 88 43.01 11.23 11.90
C THR B 88 41.56 11.08 12.32
N TYR B 89 41.01 12.04 13.05
CA TYR B 89 39.60 12.01 13.44
C TYR B 89 38.72 12.72 12.43
N ARG B 90 38.89 12.35 11.17
CA ARG B 90 38.09 12.90 10.08
C ARG B 90 36.78 12.14 9.92
N GLN B 91 36.87 10.81 9.85
CA GLN B 91 35.69 9.98 9.65
C GLN B 91 34.70 10.08 10.79
N LEU B 92 35.12 10.55 11.97
CA LEU B 92 34.28 10.42 13.15
C LEU B 92 33.10 11.37 13.12
N PHE B 93 33.37 12.67 13.14
CA PHE B 93 32.33 13.65 13.43
C PHE B 93 31.35 13.78 12.29
N HIS B 94 30.12 14.14 12.62
CA HIS B 94 29.11 14.36 11.61
C HIS B 94 29.43 15.65 10.88
N PRO B 95 29.70 15.61 9.58
CA PRO B 95 30.29 16.77 8.90
C PRO B 95 29.43 18.03 8.96
N GLU B 96 28.14 17.86 9.19
CA GLU B 96 27.29 19.04 9.30
C GLU B 96 27.59 19.85 10.54
N GLN B 97 28.09 19.22 11.60
CA GLN B 97 28.31 19.96 12.84
C GLN B 97 29.49 20.91 12.78
N LEU B 98 30.50 20.62 11.96
CA LEU B 98 31.75 21.38 11.98
C LEU B 98 31.49 22.75 11.35
N ILE B 99 30.82 23.58 12.11
CA ILE B 99 30.44 24.92 11.65
C ILE B 99 31.67 25.81 11.68
N THR B 100 31.97 26.45 10.56
CA THR B 100 33.09 27.36 10.44
C THR B 100 32.59 28.71 9.94
N GLY B 101 33.07 29.78 10.55
CA GLY B 101 32.78 31.12 10.08
C GLY B 101 33.70 31.52 8.95
N LYS B 102 33.86 32.82 8.78
CA LYS B 102 34.80 33.32 7.78
C LYS B 102 35.91 34.16 8.36
N GLU B 103 35.59 35.13 9.21
CA GLU B 103 36.60 35.98 9.84
C GLU B 103 36.43 35.91 11.35
N ASP B 104 37.48 35.48 12.04
CA ASP B 104 37.39 35.30 13.47
C ASP B 104 37.25 36.63 14.18
N ALA B 105 36.80 36.57 15.43
CA ALA B 105 36.58 37.78 16.21
C ALA B 105 37.87 38.56 16.42
N ALA B 106 39.02 37.92 16.20
CA ALA B 106 40.33 38.54 16.36
C ALA B 106 40.46 39.15 17.74
N ASN B 107 40.18 38.33 18.75
CA ASN B 107 40.34 38.71 20.15
C ASN B 107 39.58 40.00 20.45
N ASN B 108 38.41 40.15 19.84
CA ASN B 108 37.54 41.29 20.07
C ASN B 108 36.18 40.77 20.49
N TYR B 109 35.73 41.15 21.67
CA TYR B 109 34.45 40.65 22.18
C TYR B 109 33.29 41.13 21.33
N ALA B 110 33.31 42.41 20.92
CA ALA B 110 32.19 42.95 20.17
C ALA B 110 31.97 42.18 18.88
N ARG B 111 33.06 41.86 18.18
CA ARG B 111 32.95 41.06 16.97
C ARG B 111 32.35 39.70 17.27
N GLY B 112 32.79 39.09 18.37
CA GLY B 112 32.33 37.76 18.71
C GLY B 112 30.95 37.69 19.31
N HIS B 113 30.34 38.83 19.60
CA HIS B 113 29.01 38.83 20.23
C HIS B 113 28.00 39.73 19.53
N TYR B 114 28.42 40.66 18.70
CA TYR B 114 27.47 41.56 18.05
C TYR B 114 27.53 41.50 16.54
N THR B 115 28.72 41.48 15.95
CA THR B 115 28.86 41.66 14.51
C THR B 115 28.91 40.33 13.75
N ILE B 116 29.92 39.52 14.03
CA ILE B 116 30.17 38.34 13.21
C ILE B 116 29.37 37.15 13.70
N GLY B 117 29.56 36.77 14.97
CA GLY B 117 28.87 35.61 15.50
C GLY B 117 27.36 35.73 15.38
N LYS B 118 26.85 36.95 15.26
CA LYS B 118 25.43 37.16 15.07
C LYS B 118 24.93 36.56 13.77
N GLU B 119 25.83 36.19 12.87
CA GLU B 119 25.42 35.71 11.56
C GLU B 119 25.50 34.19 11.43
N ILE B 120 26.07 33.49 12.40
CA ILE B 120 26.03 32.03 12.41
C ILE B 120 25.43 31.48 13.69
N ILE B 121 25.06 32.35 14.64
CA ILE B 121 24.42 31.89 15.86
C ILE B 121 23.16 31.09 15.53
N ASP B 122 22.45 31.49 14.48
CA ASP B 122 21.22 30.80 14.12
C ASP B 122 21.49 29.39 13.61
N LEU B 123 22.51 29.23 12.77
CA LEU B 123 22.87 27.90 12.30
C LEU B 123 23.32 27.02 13.46
N VAL B 124 24.09 27.59 14.38
CA VAL B 124 24.53 26.81 15.53
C VAL B 124 23.33 26.36 16.36
N LEU B 125 22.42 27.28 16.64
CA LEU B 125 21.23 26.91 17.40
C LEU B 125 20.41 25.86 16.67
N ASP B 126 20.34 25.93 15.35
CA ASP B 126 19.60 24.93 14.59
C ASP B 126 20.20 23.55 14.76
N ARG B 127 21.53 23.44 14.64
CA ARG B 127 22.16 22.14 14.84
C ARG B 127 21.98 21.66 16.27
N ILE B 128 22.04 22.58 17.23
CA ILE B 128 21.80 22.23 18.62
C ILE B 128 20.41 21.64 18.77
N ARG B 129 19.41 22.29 18.19
CA ARG B 129 18.04 21.82 18.31
C ARG B 129 17.86 20.46 17.66
N LYS B 130 18.47 20.24 16.50
CA LYS B 130 18.40 18.92 15.88
C LYS B 130 18.97 17.86 16.81
N LEU B 131 20.18 18.10 17.34
CA LEU B 131 20.80 17.10 18.19
C LEU B 131 20.00 16.87 19.46
N ALA B 132 19.41 17.93 20.03
CA ALA B 132 18.61 17.77 21.23
C ALA B 132 17.37 16.94 20.96
N ASP B 133 16.63 17.28 19.90
CA ASP B 133 15.40 16.56 19.61
C ASP B 133 15.66 15.12 19.19
N GLN B 134 16.87 14.81 18.71
CA GLN B 134 17.16 13.41 18.45
C GLN B 134 17.43 12.62 19.73
N CYS B 135 17.59 13.30 20.86
CA CYS B 135 17.83 12.66 22.15
C CYS B 135 16.54 12.62 22.96
N THR B 136 16.57 11.82 24.02
CA THR B 136 15.38 11.62 24.86
C THR B 136 15.60 12.05 26.30
N GLY B 137 16.69 11.64 26.92
CA GLY B 137 16.95 11.96 28.31
C GLY B 137 18.06 12.98 28.47
N LEU B 138 18.02 14.03 27.66
CA LEU B 138 19.04 15.07 27.67
C LEU B 138 19.30 15.57 29.07
N GLN B 139 20.57 15.51 29.50
CA GLN B 139 20.94 15.95 30.83
C GLN B 139 21.31 17.43 30.84
N GLY B 140 22.25 17.83 29.99
CA GLY B 140 22.67 19.23 29.97
C GLY B 140 23.78 19.50 28.98
N PHE B 141 24.43 20.64 29.16
CA PHE B 141 25.36 21.17 28.18
C PHE B 141 26.77 21.22 28.73
N LEU B 142 27.74 20.96 27.86
CA LEU B 142 29.15 21.10 28.17
C LEU B 142 29.75 22.08 27.17
N VAL B 143 29.96 23.31 27.61
CA VAL B 143 30.59 24.33 26.78
C VAL B 143 32.08 24.34 27.08
N PHE B 144 32.88 24.08 26.06
CA PHE B 144 34.34 24.13 26.17
C PHE B 144 34.81 25.40 25.50
N HIS B 145 35.19 26.40 26.29
CA HIS B 145 35.52 27.69 25.72
C HIS B 145 36.54 28.38 26.59
N SER B 146 37.42 29.15 25.95
CA SER B 146 38.42 29.92 26.67
C SER B 146 37.78 31.19 27.22
N PHE B 147 38.60 32.08 27.74
CA PHE B 147 38.13 33.33 28.32
C PHE B 147 38.74 34.56 27.68
N GLY B 148 39.94 34.46 27.12
CA GLY B 148 40.59 35.61 26.54
C GLY B 148 40.24 35.84 25.09
N GLY B 149 40.14 34.75 24.33
CA GLY B 149 39.86 34.87 22.91
C GLY B 149 38.55 35.58 22.65
N GLY B 150 38.50 36.30 21.53
CA GLY B 150 37.30 37.03 21.18
C GLY B 150 36.14 36.12 20.88
N THR B 151 36.36 35.11 20.05
CA THR B 151 35.31 34.14 19.75
C THR B 151 34.82 33.49 21.02
N GLY B 152 35.73 32.92 21.80
CA GLY B 152 35.37 32.31 23.06
C GLY B 152 34.41 33.16 23.87
N SER B 153 34.88 34.33 24.33
CA SER B 153 34.05 35.17 25.20
C SER B 153 32.75 35.57 24.54
N GLY B 154 32.82 36.23 23.39
CA GLY B 154 31.64 36.78 22.78
C GLY B 154 30.63 35.74 22.35
N PHE B 155 31.10 34.78 21.55
CA PHE B 155 30.22 33.74 21.05
C PHE B 155 29.66 32.90 22.18
N THR B 156 30.45 32.59 23.21
CA THR B 156 29.94 31.82 24.33
C THR B 156 28.87 32.60 25.08
N SER B 157 29.08 33.89 25.30
CA SER B 157 28.04 34.68 25.97
C SER B 157 26.75 34.65 25.16
N LEU B 158 26.85 34.88 23.85
CA LEU B 158 25.68 34.87 23.00
C LEU B 158 24.99 33.51 23.05
N LEU B 159 25.76 32.45 22.93
CA LEU B 159 25.20 31.10 22.87
C LEU B 159 24.54 30.72 24.19
N MET B 160 25.15 31.09 25.31
CA MET B 160 24.56 30.80 26.60
C MET B 160 23.24 31.54 26.77
N GLU B 161 23.20 32.82 26.39
CA GLU B 161 21.94 33.55 26.49
C GLU B 161 20.87 32.89 25.63
N ARG B 162 21.24 32.50 24.41
CA ARG B 162 20.26 31.87 23.53
C ARG B 162 19.75 30.56 24.09
N LEU B 163 20.65 29.70 24.57
CA LEU B 163 20.23 28.41 25.10
C LEU B 163 19.36 28.58 26.34
N SER B 164 19.77 29.48 27.24
CA SER B 164 18.95 29.73 28.42
C SER B 164 17.57 30.24 28.04
N VAL B 165 17.47 31.01 26.96
CA VAL B 165 16.15 31.41 26.47
C VAL B 165 15.40 30.18 25.98
N ASP B 166 16.07 29.30 25.24
CA ASP B 166 15.38 28.19 24.60
C ASP B 166 15.09 27.07 25.61
N TYR B 167 16.13 26.49 26.19
CA TYR B 167 16.00 25.40 27.15
C TYR B 167 15.93 26.02 28.54
N GLY B 168 14.71 26.15 29.05
CA GLY B 168 14.48 26.89 30.28
C GLY B 168 15.29 26.42 31.47
N LYS B 169 15.08 25.17 31.88
CA LYS B 169 15.73 24.62 33.06
C LYS B 169 16.47 23.34 32.69
N LYS B 170 17.74 23.49 32.32
CA LYS B 170 18.61 22.34 32.07
C LYS B 170 20.03 22.70 32.49
N SER B 171 20.83 21.65 32.71
CA SER B 171 22.19 21.84 33.18
C SER B 171 23.04 22.51 32.12
N LYS B 172 23.84 23.50 32.52
CA LYS B 172 24.73 24.23 31.62
C LYS B 172 26.08 24.38 32.29
N LEU B 173 27.05 23.57 31.87
CA LEU B 173 28.37 23.54 32.46
C LEU B 173 29.41 24.07 31.48
N GLU B 174 30.29 24.93 31.96
CA GLU B 174 31.33 25.53 31.16
C GLU B 174 32.70 25.11 31.68
N PHE B 175 33.68 25.08 30.79
CA PHE B 175 35.08 24.85 31.16
C PHE B 175 35.88 26.04 30.67
N SER B 176 35.87 27.10 31.46
CA SER B 176 36.58 28.29 31.04
C SER B 176 38.07 28.14 31.28
N ILE B 177 38.85 28.92 30.55
CA ILE B 177 40.30 28.99 30.72
C ILE B 177 40.59 30.32 31.37
N TYR B 178 40.66 30.32 32.70
CA TYR B 178 40.81 31.57 33.44
C TYR B 178 42.13 32.23 33.05
N PRO B 179 42.13 33.53 32.78
CA PRO B 179 43.38 34.20 32.37
C PRO B 179 44.39 34.22 33.51
N ALA B 180 45.61 33.80 33.20
CA ALA B 180 46.64 33.64 34.21
C ALA B 180 47.04 35.00 34.79
N PRO B 181 47.54 35.02 36.03
CA PRO B 181 47.97 36.30 36.61
C PRO B 181 49.18 36.92 35.93
N GLN B 182 50.12 36.12 35.43
CA GLN B 182 51.36 36.66 34.90
C GLN B 182 51.65 36.30 33.46
N VAL B 183 51.20 35.14 33.00
CA VAL B 183 51.40 34.73 31.60
C VAL B 183 50.10 35.04 30.87
N SER B 184 50.15 36.02 29.97
CA SER B 184 49.01 36.37 29.14
C SER B 184 49.45 36.42 27.68
N THR B 185 48.87 35.54 26.86
CA THR B 185 49.17 35.56 25.44
C THR B 185 48.45 36.72 24.73
N ALA B 186 47.27 37.09 25.21
CA ALA B 186 46.54 38.20 24.62
C ALA B 186 46.93 39.50 25.31
N VAL B 187 46.36 40.61 24.84
CA VAL B 187 46.67 41.92 25.39
C VAL B 187 45.37 42.55 25.92
N VAL B 188 44.25 42.12 25.38
CA VAL B 188 42.96 42.63 25.80
C VAL B 188 42.21 41.62 26.67
N GLU B 189 42.92 40.70 27.31
CA GLU B 189 42.27 39.72 28.17
C GLU B 189 41.33 40.32 29.20
N PRO B 190 41.67 41.40 29.92
CA PRO B 190 40.71 41.93 30.90
C PRO B 190 39.38 42.30 30.30
N TYR B 191 39.37 42.90 29.11
CA TYR B 191 38.10 43.32 28.52
C TYR B 191 37.21 42.11 28.21
N ASN B 192 37.76 41.15 27.48
CA ASN B 192 36.98 39.96 27.14
C ASN B 192 36.51 39.25 28.40
N SER B 193 37.40 39.11 29.38
CA SER B 193 37.03 38.39 30.59
C SER B 193 35.89 39.09 31.32
N ILE B 194 36.00 40.41 31.52
CA ILE B 194 34.97 41.11 32.27
C ILE B 194 33.65 41.06 31.53
N LEU B 195 33.66 41.27 30.21
CA LEU B 195 32.41 41.27 29.48
C LEU B 195 31.76 39.89 29.50
N THR B 196 32.53 38.85 29.19
CA THR B 196 31.95 37.51 29.17
C THR B 196 31.48 37.08 30.54
N THR B 197 32.16 37.53 31.60
CA THR B 197 31.72 37.16 32.94
C THR B 197 30.42 37.88 33.29
N HIS B 198 30.35 39.18 33.02
CA HIS B 198 29.11 39.91 33.26
C HIS B 198 27.96 39.28 32.51
N THR B 199 28.20 38.75 31.31
CA THR B 199 27.10 38.12 30.59
C THR B 199 26.76 36.75 31.17
N THR B 200 27.73 35.86 31.25
CA THR B 200 27.49 34.48 31.67
C THR B 200 27.14 34.35 33.14
N LEU B 201 27.28 35.41 33.93
CA LEU B 201 26.99 35.31 35.35
C LEU B 201 25.53 34.98 35.63
N GLU B 202 24.64 35.24 34.68
CA GLU B 202 23.22 35.02 34.90
C GLU B 202 22.69 33.79 34.19
N HIS B 203 23.55 33.06 33.50
CA HIS B 203 23.03 31.93 32.73
C HIS B 203 23.75 30.64 33.03
N SER B 204 25.07 30.67 33.22
CA SER B 204 25.81 29.44 33.44
C SER B 204 25.47 28.85 34.79
N ASP B 205 25.07 27.58 34.80
CA ASP B 205 24.77 26.91 36.06
C ASP B 205 26.05 26.75 36.89
N CYS B 206 27.10 26.25 36.28
CA CYS B 206 28.33 25.98 36.99
C CYS B 206 29.49 26.04 36.01
N ALA B 207 30.41 26.98 36.22
CA ALA B 207 31.62 27.07 35.43
C ALA B 207 32.66 26.14 36.01
N PHE B 208 33.84 26.10 35.39
CA PHE B 208 34.92 25.22 35.87
C PHE B 208 36.25 25.91 35.61
N MET B 209 36.77 26.58 36.63
CA MET B 209 38.00 27.35 36.45
C MET B 209 39.20 26.43 36.29
N VAL B 210 39.97 26.70 35.24
CA VAL B 210 41.24 26.07 34.91
C VAL B 210 42.12 27.13 34.29
N ASP B 211 43.42 27.06 34.55
CA ASP B 211 44.38 28.01 34.00
C ASP B 211 45.54 27.27 33.36
N ASN B 212 46.20 27.92 32.41
CA ASN B 212 47.36 27.32 31.77
C ASN B 212 48.60 27.36 32.64
N GLU B 213 48.77 28.43 33.42
CA GLU B 213 49.99 28.57 34.22
C GLU B 213 50.12 27.43 35.23
N ALA B 214 49.03 27.14 35.93
CA ALA B 214 49.07 26.07 36.92
C ALA B 214 49.37 24.73 36.27
N ILE B 215 48.85 24.51 35.07
CA ILE B 215 49.11 23.24 34.40
C ILE B 215 50.56 23.17 33.95
N TYR B 216 51.13 24.29 33.51
CA TYR B 216 52.57 24.32 33.26
C TYR B 216 53.34 23.90 34.49
N ASP B 217 53.00 24.51 35.63
CA ASP B 217 53.67 24.19 36.88
C ASP B 217 53.56 22.71 37.20
N ILE B 218 52.37 22.14 37.07
CA ILE B 218 52.15 20.74 37.40
C ILE B 218 52.94 19.84 36.46
N CYS B 219 52.94 20.16 35.17
CA CYS B 219 53.68 19.36 34.22
C CYS B 219 55.18 19.38 34.52
N ARG B 220 55.70 20.54 34.90
CA ARG B 220 57.12 20.61 35.20
C ARG B 220 57.47 19.85 36.47
N ARG B 221 56.72 20.10 37.55
CA ARG B 221 57.13 19.57 38.84
C ARG B 221 56.78 18.09 38.98
N ASN B 222 55.52 17.74 38.76
CA ASN B 222 55.06 16.38 39.04
C ASN B 222 55.41 15.43 37.91
N LEU B 223 55.00 15.74 36.68
CA LEU B 223 55.25 14.83 35.57
C LEU B 223 56.69 14.85 35.09
N ASP B 224 57.50 15.83 35.53
CA ASP B 224 58.91 15.91 35.16
C ASP B 224 59.08 16.01 33.65
N ILE B 225 58.27 16.84 33.01
CA ILE B 225 58.49 17.25 31.63
C ILE B 225 58.70 18.76 31.65
N GLU B 226 59.86 19.21 31.17
CA GLU B 226 60.21 20.62 31.24
C GLU B 226 59.70 21.41 30.05
N ARG B 227 59.35 20.76 28.94
CA ARG B 227 58.94 21.43 27.71
C ARG B 227 57.64 20.84 27.21
N PRO B 228 56.51 21.25 27.78
CA PRO B 228 55.21 20.72 27.36
C PRO B 228 54.55 21.56 26.29
N THR B 229 53.87 20.87 25.39
CA THR B 229 53.05 21.51 24.36
C THR B 229 51.61 21.60 24.84
N TYR B 230 50.80 22.33 24.09
CA TYR B 230 49.39 22.43 24.43
C TYR B 230 48.71 21.07 24.43
N THR B 231 49.29 20.10 23.71
CA THR B 231 48.76 18.75 23.74
C THR B 231 48.68 18.22 25.16
N ASN B 232 49.68 18.51 25.99
CA ASN B 232 49.71 17.94 27.33
C ASN B 232 48.65 18.57 28.23
N LEU B 233 48.54 19.91 28.20
CA LEU B 233 47.48 20.56 28.96
C LEU B 233 46.11 20.06 28.52
N ASN B 234 45.94 19.89 27.21
CA ASN B 234 44.67 19.40 26.71
C ASN B 234 44.39 17.99 27.22
N ARG B 235 45.42 17.13 27.24
CA ARG B 235 45.21 15.78 27.76
C ARG B 235 44.80 15.81 29.21
N LEU B 236 45.42 16.67 30.01
CA LEU B 236 45.06 16.75 31.42
C LEU B 236 43.62 17.21 31.60
N ILE B 237 43.22 18.26 30.87
CA ILE B 237 41.85 18.72 31.03
C ILE B 237 40.87 17.68 30.52
N SER B 238 41.24 16.93 29.49
CA SER B 238 40.38 15.85 29.02
C SER B 238 40.23 14.78 30.09
N GLN B 239 41.30 14.47 30.81
CA GLN B 239 41.19 13.51 31.90
C GLN B 239 40.24 14.02 32.96
N ILE B 240 40.31 15.32 33.28
CA ILE B 240 39.39 15.88 34.25
C ILE B 240 37.95 15.71 33.79
N VAL B 241 37.68 16.03 32.53
CA VAL B 241 36.32 15.92 32.01
C VAL B 241 35.83 14.48 32.06
N SER B 242 36.71 13.54 31.68
CA SER B 242 36.32 12.14 31.71
C SER B 242 36.00 11.69 33.12
N SER B 243 36.77 12.15 34.11
CA SER B 243 36.44 11.81 35.48
C SER B 243 35.12 12.43 35.89
N ILE B 244 34.78 13.59 35.36
CA ILE B 244 33.49 14.19 35.68
C ILE B 244 32.35 13.33 35.14
N THR B 245 32.48 12.84 33.91
CA THR B 245 31.38 12.13 33.27
C THR B 245 31.39 10.63 33.49
N ALA B 246 32.41 10.09 34.16
CA ALA B 246 32.48 8.64 34.34
C ALA B 246 31.25 8.12 35.08
N SER B 247 30.63 8.95 35.91
CA SER B 247 29.43 8.50 36.61
C SER B 247 28.31 8.19 35.61
N LEU B 248 28.04 9.11 34.69
CA LEU B 248 27.03 8.85 33.67
C LEU B 248 27.45 7.69 32.78
N ARG B 249 28.72 7.63 32.40
CA ARG B 249 29.15 6.71 31.38
C ARG B 249 29.55 5.34 31.92
N PHE B 250 29.40 5.09 33.20
CA PHE B 250 29.83 3.81 33.74
C PHE B 250 29.05 3.45 35.00
N ASP B 251 29.17 2.19 35.38
CA ASP B 251 28.53 1.66 36.57
C ASP B 251 29.42 1.90 37.79
N GLY B 252 28.88 2.57 38.79
CA GLY B 252 29.66 2.92 39.96
C GLY B 252 28.89 2.65 41.25
N ALA B 253 29.65 2.41 42.31
CA ALA B 253 29.06 2.09 43.60
C ALA B 253 28.34 3.28 44.21
N LEU B 254 28.67 4.49 43.78
CA LEU B 254 27.92 5.67 44.21
C LEU B 254 28.01 6.69 43.07
N ASN B 255 26.99 6.69 42.22
CA ASN B 255 26.99 7.53 41.04
C ASN B 255 26.44 8.91 41.34
N VAL B 256 26.61 9.82 40.39
CA VAL B 256 26.22 11.21 40.58
C VAL B 256 26.02 11.85 39.21
N ASP B 257 24.93 12.59 39.07
CA ASP B 257 24.57 13.26 37.84
C ASP B 257 24.81 14.76 37.97
N LEU B 258 24.87 15.43 36.81
CA LEU B 258 25.30 16.82 36.77
C LEU B 258 24.38 17.72 37.59
N THR B 259 23.09 17.38 37.65
CA THR B 259 22.21 18.13 38.53
C THR B 259 22.66 18.05 39.97
N GLU B 260 23.21 16.90 40.37
CA GLU B 260 23.77 16.81 41.70
C GLU B 260 24.97 17.76 41.86
N PHE B 261 25.78 17.91 40.82
CA PHE B 261 26.87 18.86 40.86
C PHE B 261 26.36 20.25 41.12
N GLN B 262 25.40 20.72 40.31
CA GLN B 262 24.96 22.09 40.48
C GLN B 262 24.23 22.28 41.80
N THR B 263 23.60 21.24 42.33
CA THR B 263 22.94 21.37 43.63
C THR B 263 23.95 21.45 44.75
N ASN B 264 25.01 20.64 44.69
CA ASN B 264 25.95 20.56 45.80
C ASN B 264 26.93 21.72 45.82
N LEU B 265 27.50 22.09 44.68
CA LEU B 265 28.62 23.02 44.68
C LEU B 265 28.20 24.47 44.50
N VAL B 266 26.91 24.76 44.45
CA VAL B 266 26.47 26.13 44.20
C VAL B 266 25.59 26.62 45.34
N PRO B 267 26.16 27.23 46.38
CA PRO B 267 25.31 27.67 47.49
C PRO B 267 24.39 28.81 47.11
N TYR B 268 24.85 29.74 46.29
CA TYR B 268 24.08 30.92 45.94
C TYR B 268 24.01 31.06 44.42
N PRO B 269 23.02 31.78 43.91
CA PRO B 269 22.86 31.86 42.45
C PRO B 269 24.10 32.37 41.73
N ARG B 270 24.85 33.30 42.32
CA ARG B 270 25.94 33.92 41.59
C ARG B 270 27.27 33.19 41.80
N ILE B 271 27.53 32.70 43.01
CA ILE B 271 28.85 32.16 43.35
C ILE B 271 28.85 30.71 42.85
N HIS B 272 29.23 30.53 41.59
CA HIS B 272 29.25 29.20 40.98
C HIS B 272 30.51 29.01 40.15
N PHE B 273 31.67 29.32 40.72
CA PHE B 273 32.95 29.21 40.01
C PHE B 273 33.88 28.26 40.76
N PRO B 274 33.64 26.96 40.65
CA PRO B 274 34.55 26.00 41.29
C PRO B 274 35.75 25.71 40.41
N LEU B 275 36.89 25.54 41.05
CA LEU B 275 38.13 25.24 40.34
C LEU B 275 38.39 23.74 40.36
N ALA B 276 39.08 23.29 39.33
CA ALA B 276 39.31 21.86 39.16
C ALA B 276 40.60 21.42 39.84
N THR B 277 40.75 20.11 40.00
CA THR B 277 41.98 19.50 40.48
C THR B 277 41.91 18.00 40.19
N TYR B 278 43.06 17.41 39.90
CA TYR B 278 43.12 15.99 39.56
C TYR B 278 44.31 15.34 40.26
N ALA B 279 44.17 14.05 40.55
CA ALA B 279 45.27 13.27 41.12
C ALA B 279 45.00 11.80 40.87
N PRO B 280 46.04 10.96 40.83
CA PRO B 280 47.47 11.27 40.89
C PRO B 280 48.02 11.65 39.53
N VAL B 281 49.06 12.47 39.52
CA VAL B 281 49.75 12.87 38.29
C VAL B 281 51.22 12.57 38.51
N ILE B 282 51.66 11.38 38.10
CA ILE B 282 53.03 10.95 38.31
C ILE B 282 53.55 10.31 37.04
N SER B 283 54.84 10.53 36.77
CA SER B 283 55.46 10.02 35.56
C SER B 283 55.59 8.50 35.63
N ALA B 284 55.88 7.90 34.48
CA ALA B 284 55.98 6.44 34.41
C ALA B 284 57.13 5.92 35.25
N GLU B 285 58.26 6.64 35.28
CA GLU B 285 59.40 6.18 36.05
C GLU B 285 59.13 6.26 37.54
N LYS B 286 58.36 7.24 37.98
CA LYS B 286 58.00 7.39 39.38
C LYS B 286 56.71 6.65 39.71
N ALA B 287 56.20 5.83 38.79
CA ALA B 287 54.98 5.09 39.06
C ALA B 287 55.17 4.15 40.23
N TYR B 288 56.31 3.48 40.30
CA TYR B 288 56.64 2.66 41.45
C TYR B 288 57.10 3.59 42.57
N HIS B 289 57.73 3.05 43.59
CA HIS B 289 58.24 3.82 44.71
C HIS B 289 57.13 4.51 45.48
N GLU B 290 55.87 4.16 45.23
CA GLU B 290 54.74 4.65 45.99
C GLU B 290 53.52 3.81 45.65
N GLN B 291 52.79 3.39 46.69
CA GLN B 291 51.65 2.51 46.50
C GLN B 291 50.37 3.25 46.17
N LEU B 292 50.37 4.58 46.23
CA LEU B 292 49.23 5.40 45.82
C LEU B 292 48.00 5.10 46.67
N SER B 293 48.13 5.36 47.97
CA SER B 293 46.99 5.20 48.87
C SER B 293 45.89 6.18 48.51
N VAL B 294 44.65 5.76 48.72
CA VAL B 294 43.53 6.66 48.47
C VAL B 294 43.58 7.84 49.43
N ALA B 295 44.03 7.61 50.67
CA ALA B 295 44.28 8.72 51.57
C ALA B 295 45.41 9.59 51.05
N GLU B 296 46.45 8.96 50.50
CA GLU B 296 47.55 9.71 49.91
C GLU B 296 47.06 10.58 48.76
N ILE B 297 46.26 10.02 47.86
CA ILE B 297 45.82 10.81 46.72
C ILE B 297 44.84 11.88 47.15
N THR B 298 44.06 11.63 48.20
CA THR B 298 43.22 12.70 48.75
C THR B 298 44.07 13.85 49.24
N ASN B 299 45.14 13.54 49.98
CA ASN B 299 46.04 14.59 50.44
C ASN B 299 46.66 15.32 49.26
N ALA B 300 47.01 14.59 48.21
CA ALA B 300 47.55 15.21 47.01
C ALA B 300 46.54 16.18 46.41
N CYS B 301 45.27 15.78 46.38
CA CYS B 301 44.24 16.66 45.87
C CYS B 301 44.14 17.93 46.69
N PHE B 302 44.27 17.82 48.00
CA PHE B 302 44.15 19.02 48.82
C PHE B 302 45.46 19.79 48.93
N GLU B 303 46.54 19.31 48.33
CA GLU B 303 47.80 20.03 48.42
C GLU B 303 47.73 21.31 47.60
N PRO B 304 48.10 22.46 48.17
CA PRO B 304 47.94 23.73 47.45
C PRO B 304 48.77 23.81 46.19
N ALA B 305 49.78 22.98 46.04
CA ALA B 305 50.60 22.96 44.84
C ALA B 305 50.03 22.12 43.72
N ASN B 306 48.95 21.38 43.99
CA ASN B 306 48.35 20.52 42.97
C ASN B 306 47.11 21.10 42.34
N GLN B 307 46.62 22.23 42.82
CA GLN B 307 45.42 22.80 42.21
C GLN B 307 45.75 23.38 40.83
N MET B 308 44.75 23.38 39.96
CA MET B 308 44.94 23.79 38.59
C MET B 308 44.49 25.24 38.35
N VAL B 309 44.49 26.05 39.40
CA VAL B 309 44.28 27.48 39.29
C VAL B 309 45.27 28.17 40.22
N LYS B 310 45.96 29.18 39.70
CA LYS B 310 47.01 29.81 40.48
C LYS B 310 46.40 30.64 41.60
N CYS B 311 45.88 29.96 42.61
CA CYS B 311 45.33 30.61 43.78
C CYS B 311 45.63 29.73 44.98
N ASP B 312 46.21 30.31 46.02
CA ASP B 312 46.48 29.53 47.22
C ASP B 312 45.19 29.31 47.99
N PRO B 313 44.74 28.07 48.16
CA PRO B 313 43.50 27.85 48.91
C PRO B 313 43.58 28.34 50.34
N ARG B 314 44.78 28.40 50.91
CA ARG B 314 44.92 28.85 52.29
C ARG B 314 44.49 30.28 52.50
N HIS B 315 44.42 31.09 51.44
CA HIS B 315 43.95 32.46 51.58
C HIS B 315 42.43 32.56 51.59
N GLY B 316 41.73 31.46 51.37
CA GLY B 316 40.28 31.45 51.41
C GLY B 316 39.75 30.23 52.13
N LYS B 317 38.46 29.96 51.99
CA LYS B 317 37.83 28.83 52.64
C LYS B 317 37.07 28.01 51.62
N TYR B 318 37.18 26.69 51.71
CA TYR B 318 36.43 25.79 50.84
C TYR B 318 34.97 25.84 51.21
N MET B 319 34.16 26.53 50.42
CA MET B 319 32.73 26.51 50.68
C MET B 319 32.11 25.17 50.34
N ALA B 320 32.66 24.46 49.37
CA ALA B 320 32.15 23.13 49.05
C ALA B 320 33.21 22.37 48.27
N CYS B 321 33.16 21.05 48.37
CA CYS B 321 34.07 20.19 47.64
C CYS B 321 33.30 18.99 47.11
N CYS B 322 33.75 18.47 45.97
CA CYS B 322 33.14 17.29 45.38
C CYS B 322 34.27 16.42 44.83
N LEU B 323 34.47 15.26 45.44
CA LEU B 323 35.56 14.37 45.06
C LEU B 323 34.97 13.16 44.36
N LEU B 324 35.41 12.91 43.14
CA LEU B 324 34.93 11.80 42.33
C LEU B 324 36.08 10.83 42.15
N TYR B 325 35.96 9.65 42.75
CA TYR B 325 36.98 8.62 42.69
C TYR B 325 36.61 7.60 41.63
N ARG B 326 37.61 6.88 41.15
CA ARG B 326 37.37 5.84 40.17
C ARG B 326 38.49 4.82 40.26
N GLY B 327 38.14 3.58 39.94
CA GLY B 327 39.04 2.46 40.09
C GLY B 327 38.72 1.63 41.32
N ASP B 328 39.73 0.87 41.75
CA ASP B 328 39.59 -0.01 42.91
C ASP B 328 39.59 0.85 44.17
N VAL B 329 38.42 1.34 44.53
CA VAL B 329 38.24 2.19 45.70
C VAL B 329 37.26 1.51 46.64
N VAL B 330 37.45 1.74 47.93
CA VAL B 330 36.61 1.16 48.97
C VAL B 330 36.09 2.31 49.84
N PRO B 331 34.78 2.39 50.08
CA PRO B 331 34.23 3.59 50.72
C PRO B 331 34.77 3.89 52.11
N LYS B 332 35.11 2.86 52.88
CA LYS B 332 35.59 3.10 54.23
C LYS B 332 36.85 3.95 54.22
N ASP B 333 37.77 3.65 53.30
CA ASP B 333 39.00 4.42 53.20
C ASP B 333 38.70 5.86 52.85
N VAL B 334 37.75 6.08 51.93
CA VAL B 334 37.38 7.44 51.58
C VAL B 334 36.85 8.17 52.80
N ASN B 335 35.99 7.51 53.57
CA ASN B 335 35.45 8.13 54.77
C ASN B 335 36.56 8.49 55.74
N ALA B 336 37.51 7.57 55.95
CA ALA B 336 38.60 7.84 56.87
C ALA B 336 39.44 9.01 56.40
N ALA B 337 39.78 9.03 55.11
CA ALA B 337 40.62 10.10 54.59
C ALA B 337 39.92 11.45 54.70
N ILE B 338 38.63 11.49 54.38
CA ILE B 338 37.91 12.76 54.47
C ILE B 338 37.78 13.20 55.91
N ALA B 339 37.59 12.25 56.83
CA ALA B 339 37.58 12.61 58.24
C ALA B 339 38.91 13.26 58.64
N THR B 340 40.02 12.65 58.23
CA THR B 340 41.32 13.22 58.54
C THR B 340 41.46 14.62 57.96
N ILE B 341 41.02 14.80 56.72
CA ILE B 341 41.10 16.12 56.09
C ILE B 341 40.28 17.13 56.89
N LYS B 342 39.10 16.73 57.36
CA LYS B 342 38.30 17.63 58.16
C LYS B 342 38.97 17.95 59.49
N THR B 343 39.80 17.04 59.99
CA THR B 343 40.45 17.29 61.28
C THR B 343 41.46 18.42 61.22
N LYS B 344 42.18 18.56 60.11
CA LYS B 344 43.27 19.51 60.05
C LYS B 344 42.74 20.95 60.01
N ARG B 345 43.58 21.87 60.47
CA ARG B 345 43.18 23.26 60.65
C ARG B 345 43.44 24.11 59.40
N SER B 346 44.51 23.81 58.66
CA SER B 346 44.83 24.60 57.48
C SER B 346 43.78 24.46 56.39
N ILE B 347 42.87 23.50 56.50
CA ILE B 347 41.77 23.33 55.57
C ILE B 347 40.52 23.71 56.35
N GLN B 348 40.13 24.98 56.29
CA GLN B 348 39.09 25.52 57.15
C GLN B 348 37.91 25.92 56.30
N PHE B 349 36.83 25.15 56.39
CA PHE B 349 35.62 25.48 55.68
C PHE B 349 34.93 26.66 56.35
N VAL B 350 33.86 27.14 55.72
CA VAL B 350 33.04 28.16 56.35
C VAL B 350 32.29 27.55 57.53
N ASP B 351 32.02 28.39 58.52
CA ASP B 351 31.28 27.93 59.70
C ASP B 351 29.88 27.45 59.32
N TRP B 352 29.23 28.14 58.39
CA TRP B 352 27.82 27.90 58.13
C TRP B 352 27.58 26.67 57.26
N CYS B 353 28.62 26.04 56.73
CA CYS B 353 28.46 24.80 55.98
C CYS B 353 29.24 23.71 56.70
N PRO B 354 28.61 22.96 57.61
CA PRO B 354 29.33 21.92 58.35
C PRO B 354 29.59 20.66 57.55
N THR B 355 28.86 20.45 56.46
CA THR B 355 29.01 19.28 55.61
C THR B 355 29.56 19.76 54.27
N GLY B 356 30.87 19.63 54.09
CA GLY B 356 31.50 20.19 52.92
C GLY B 356 32.02 19.17 51.92
N PHE B 357 31.24 18.13 51.63
CA PHE B 357 31.72 17.11 50.71
C PHE B 357 30.57 16.45 49.98
N LYS B 358 30.77 16.16 48.70
CA LYS B 358 30.01 15.15 47.98
C LYS B 358 30.99 14.12 47.44
N VAL B 359 30.68 12.85 47.63
CA VAL B 359 31.58 11.78 47.27
C VAL B 359 30.93 10.94 46.18
N GLY B 360 31.73 10.57 45.19
CA GLY B 360 31.26 9.69 44.15
C GLY B 360 32.31 8.66 43.83
N ILE B 361 31.91 7.42 43.62
CA ILE B 361 32.83 6.33 43.34
C ILE B 361 32.40 5.67 42.04
N ASN B 362 33.37 5.38 41.19
CA ASN B 362 33.14 4.67 39.95
C ASN B 362 33.98 3.42 39.94
N TYR B 363 33.53 2.41 39.21
CA TYR B 363 34.25 1.15 39.15
C TYR B 363 35.30 1.13 38.05
N GLN B 364 35.18 1.98 37.06
CA GLN B 364 36.12 1.94 35.94
C GLN B 364 37.37 2.77 36.25
N PRO B 365 38.56 2.19 36.16
CA PRO B 365 39.78 2.96 36.35
C PRO B 365 40.01 3.91 35.20
N PRO B 366 40.81 4.96 35.40
CA PRO B 366 41.19 5.81 34.26
C PRO B 366 42.07 5.03 33.30
N THR B 367 41.91 5.31 32.02
CA THR B 367 42.68 4.65 30.98
C THR B 367 43.71 5.62 30.42
N VAL B 368 44.94 5.15 30.26
CA VAL B 368 46.04 5.98 29.78
C VAL B 368 46.06 5.94 28.26
N VAL B 369 46.14 7.13 27.65
CA VAL B 369 46.19 7.26 26.20
C VAL B 369 47.58 6.89 25.70
N PRO B 370 47.70 5.95 24.77
CA PRO B 370 49.02 5.60 24.24
C PRO B 370 49.70 6.81 23.63
N GLY B 371 51.02 6.89 23.81
CA GLY B 371 51.74 8.08 23.46
C GLY B 371 51.56 9.22 24.45
N GLY B 372 50.95 8.95 25.59
CA GLY B 372 50.71 9.96 26.60
C GLY B 372 51.90 10.16 27.51
N ASP B 373 51.65 10.79 28.65
CA ASP B 373 52.72 11.18 29.56
C ASP B 373 52.53 10.59 30.95
N LEU B 374 51.29 10.30 31.32
CA LEU B 374 51.02 9.75 32.64
C LEU B 374 51.25 8.25 32.64
N ALA B 375 51.06 7.65 33.81
CA ALA B 375 51.30 6.23 34.02
C ALA B 375 50.00 5.53 34.36
N LYS B 376 49.93 4.25 34.02
CA LYS B 376 48.75 3.44 34.29
C LYS B 376 48.52 3.32 35.79
N VAL B 377 47.46 3.94 36.29
CA VAL B 377 47.13 3.90 37.70
C VAL B 377 45.85 3.10 37.87
N GLN B 378 45.64 2.62 39.10
CA GLN B 378 44.44 1.87 39.42
C GLN B 378 43.38 2.71 40.12
N ARG B 379 43.77 3.81 40.76
CA ARG B 379 42.83 4.70 41.41
C ARG B 379 43.07 6.12 40.96
N ALA B 380 42.00 6.88 40.84
CA ALA B 380 42.12 8.28 40.46
C ALA B 380 41.02 9.06 41.14
N VAL B 381 41.24 10.36 41.30
CA VAL B 381 40.30 11.23 42.00
C VAL B 381 40.36 12.60 41.39
N CYS B 382 39.19 13.11 41.01
CA CYS B 382 39.05 14.48 40.53
C CYS B 382 38.26 15.28 41.55
N MET B 383 38.83 16.40 41.98
CA MET B 383 38.18 17.27 42.95
C MET B 383 37.69 18.52 42.23
N LEU B 384 36.42 18.83 42.40
CA LEU B 384 35.86 20.10 41.98
C LEU B 384 35.54 20.87 43.24
N SER B 385 36.25 21.96 43.48
CA SER B 385 36.17 22.65 44.77
C SER B 385 35.76 24.09 44.55
N ASN B 386 34.70 24.52 45.23
CA ASN B 386 34.26 25.90 45.23
C ASN B 386 34.75 26.54 46.52
N THR B 387 35.67 27.49 46.39
CA THR B 387 36.30 28.16 47.51
C THR B 387 36.09 29.66 47.44
N THR B 388 36.74 30.38 48.34
CA THR B 388 36.69 31.83 48.37
C THR B 388 37.98 32.48 47.89
N ALA B 389 39.08 31.71 47.81
CA ALA B 389 40.32 32.28 47.33
C ALA B 389 40.18 32.85 45.93
N ILE B 390 39.38 32.20 45.08
CA ILE B 390 39.21 32.65 43.71
C ILE B 390 38.78 34.10 43.66
N ALA B 391 38.12 34.58 44.72
CA ALA B 391 37.68 35.97 44.76
C ALA B 391 38.84 36.92 44.52
N GLU B 392 39.96 36.68 45.21
CA GLU B 392 41.13 37.54 45.02
C GLU B 392 41.51 37.63 43.55
N ALA B 393 41.40 36.51 42.83
CA ALA B 393 41.75 36.50 41.42
C ALA B 393 40.94 37.53 40.66
N TRP B 394 39.63 37.59 40.93
CA TRP B 394 38.80 38.60 40.30
C TRP B 394 39.37 39.99 40.53
N ALA B 395 39.79 40.27 41.77
CA ALA B 395 40.39 41.55 42.08
C ALA B 395 41.49 41.88 41.09
N ARG B 396 42.39 40.92 40.86
CA ARG B 396 43.48 41.16 39.92
C ARG B 396 42.94 41.59 38.57
N LEU B 397 42.01 40.81 38.02
CA LEU B 397 41.42 41.19 36.74
C LEU B 397 40.81 42.57 36.84
N ASP B 398 40.03 42.80 37.89
CA ASP B 398 39.42 44.11 38.11
C ASP B 398 40.51 45.16 38.03
N HIS B 399 41.59 44.96 38.78
CA HIS B 399 42.67 45.92 38.79
C HIS B 399 43.14 46.19 37.37
N LYS B 400 43.46 45.13 36.63
CA LYS B 400 43.93 45.30 35.26
C LYS B 400 42.94 46.14 34.49
N PHE B 401 41.67 45.75 34.54
CA PHE B 401 40.64 46.47 33.81
C PHE B 401 40.72 47.95 34.11
N ASP B 402 40.75 48.28 35.40
CA ASP B 402 40.77 49.69 35.80
C ASP B 402 41.86 50.44 35.06
N LEU B 403 43.08 49.92 35.11
CA LEU B 403 44.18 50.60 34.44
C LEU B 403 43.88 50.74 32.95
N MET B 404 43.55 49.64 32.29
CA MET B 404 43.33 49.70 30.86
C MET B 404 42.08 50.49 30.52
N TYR B 405 41.25 50.82 31.51
CA TYR B 405 40.13 51.69 31.27
C TYR B 405 40.40 53.12 31.69
N ALA B 406 41.35 53.33 32.61
CA ALA B 406 41.66 54.69 33.03
C ALA B 406 42.19 55.54 31.88
N LYS B 407 42.84 54.92 30.90
CA LYS B 407 43.31 55.61 29.72
C LYS B 407 42.42 55.41 28.51
N ARG B 408 41.29 54.71 28.67
CA ARG B 408 40.41 54.36 27.57
C ARG B 408 41.15 53.64 26.46
N ALA B 409 42.13 52.83 26.83
CA ALA B 409 42.92 52.11 25.84
C ALA B 409 42.06 51.09 25.11
N PHE B 410 42.32 50.93 23.81
CA PHE B 410 41.67 49.90 22.99
C PHE B 410 40.17 50.08 22.91
N VAL B 411 39.64 51.13 23.51
CA VAL B 411 38.20 51.29 23.59
C VAL B 411 37.60 51.49 22.20
N HIS B 412 38.36 52.09 21.27
CA HIS B 412 37.78 52.45 19.99
C HIS B 412 37.33 51.24 19.19
N TRP B 413 38.06 50.12 19.27
CA TRP B 413 37.62 48.91 18.56
C TRP B 413 36.24 48.48 19.03
N TYR B 414 36.07 48.33 20.35
CA TYR B 414 34.78 47.89 20.87
C TYR B 414 33.68 48.90 20.58
N VAL B 415 33.98 50.19 20.71
CA VAL B 415 32.99 51.23 20.44
C VAL B 415 32.52 51.13 19.00
N GLY B 416 33.45 51.05 18.07
CA GLY B 416 33.09 50.99 16.67
C GLY B 416 32.58 49.65 16.20
N GLU B 417 32.53 48.65 17.09
CA GLU B 417 32.06 47.33 16.68
C GLU B 417 30.72 46.94 17.32
N GLY B 418 29.94 47.90 17.79
CA GLY B 418 28.61 47.62 18.28
C GLY B 418 28.49 47.53 19.79
N MET B 419 29.11 48.47 20.50
CA MET B 419 29.04 48.50 21.95
C MET B 419 29.29 49.92 22.43
N GLU B 420 28.91 50.17 23.69
CA GLU B 420 28.98 51.49 24.29
C GLU B 420 29.79 51.45 25.58
N GLU B 421 30.32 52.61 25.95
CA GLU B 421 31.12 52.73 27.17
C GLU B 421 30.29 52.44 28.42
N GLY B 422 29.04 52.86 28.44
CA GLY B 422 28.19 52.57 29.57
C GLY B 422 28.12 51.08 29.87
N GLU B 423 28.22 50.25 28.83
CA GLU B 423 28.30 48.81 29.05
C GLU B 423 29.55 48.43 29.81
N PHE B 424 30.70 49.04 29.47
CA PHE B 424 31.92 48.77 30.23
C PHE B 424 31.75 49.17 31.69
N SER B 425 31.18 50.35 31.92
CA SER B 425 30.98 50.80 33.29
C SER B 425 30.06 49.85 34.05
N GLU B 426 29.00 49.39 33.39
CA GLU B 426 28.06 48.47 34.03
C GLU B 426 28.72 47.13 34.36
N ALA B 427 29.54 46.62 33.44
CA ALA B 427 30.24 45.36 33.72
C ALA B 427 31.21 45.52 34.86
N ARG B 428 31.87 46.68 34.95
CA ARG B 428 32.74 46.93 36.09
C ARG B 428 31.95 46.95 37.40
N GLU B 429 30.77 47.59 37.38
CA GLU B 429 29.91 47.58 38.56
C GLU B 429 29.53 46.16 38.94
N ASP B 430 29.20 45.34 37.94
CA ASP B 430 28.81 43.96 38.21
C ASP B 430 29.95 43.17 38.83
N MET B 431 31.16 43.33 38.30
CA MET B 431 32.31 42.63 38.88
C MET B 431 32.58 43.09 40.30
N ALA B 432 32.45 44.39 40.55
CA ALA B 432 32.59 44.89 41.92
C ALA B 432 31.55 44.26 42.83
N ALA B 433 30.32 44.13 42.34
CA ALA B 433 29.27 43.51 43.14
C ALA B 433 29.60 42.06 43.45
N LEU B 434 30.12 41.32 42.46
CA LEU B 434 30.49 39.93 42.71
C LEU B 434 31.59 39.83 43.75
N GLU B 435 32.61 40.69 43.65
CA GLU B 435 33.67 40.69 44.64
C GLU B 435 33.12 41.01 46.02
N LYS B 436 32.18 41.96 46.09
CA LYS B 436 31.54 42.28 47.34
C LYS B 436 30.81 41.09 47.92
N ASP B 437 30.11 40.34 47.07
CA ASP B 437 29.38 39.17 47.54
C ASP B 437 30.34 38.10 48.07
N TYR B 438 31.45 37.89 47.37
CA TYR B 438 32.44 36.93 47.86
C TYR B 438 32.97 37.34 49.23
N GLU B 439 33.31 38.62 49.39
CA GLU B 439 33.81 39.09 50.67
C GLU B 439 32.76 38.92 51.75
N GLU B 440 31.51 39.27 51.45
CA GLU B 440 30.44 39.17 52.44
C GLU B 440 30.23 37.74 52.89
N VAL B 441 30.25 36.80 51.93
CA VAL B 441 30.09 35.40 52.30
C VAL B 441 31.27 34.91 53.12
N GLY B 442 32.49 35.39 52.81
CA GLY B 442 33.66 34.92 53.51
C GLY B 442 33.65 35.17 55.01
N VAL B 443 32.87 36.13 55.48
CA VAL B 443 32.85 36.48 56.90
C VAL B 443 32.08 35.44 57.67
N ASP B 444 32.17 35.49 58.99
CA ASP B 444 31.49 34.56 59.89
C ASP B 444 30.18 35.15 60.38
N SER B 445 29.32 34.27 60.91
CA SER B 445 28.03 34.68 61.41
C SER B 445 28.08 34.92 62.91
N VAL B 446 27.17 35.75 63.38
CA VAL B 446 27.06 36.05 64.80
C VAL B 446 25.93 35.24 65.42
N GLU B 447 25.96 35.09 66.74
CA GLU B 447 24.97 34.35 67.50
C GLU B 447 24.89 32.89 67.05
N MET C 1 -10.16 -28.16 -57.89
CA MET C 1 -11.26 -28.47 -58.77
C MET C 1 -12.26 -27.31 -58.83
N ARG C 2 -11.85 -26.16 -58.32
CA ARG C 2 -12.57 -24.90 -58.48
C ARG C 2 -11.63 -23.96 -59.21
N GLU C 3 -11.63 -24.03 -60.53
CA GLU C 3 -10.66 -23.28 -61.30
C GLU C 3 -11.14 -21.85 -61.54
N CYS C 4 -10.16 -20.97 -61.75
CA CYS C 4 -10.45 -19.56 -62.00
C CYS C 4 -9.30 -19.01 -62.83
N ILE C 5 -9.60 -18.54 -64.05
CA ILE C 5 -8.56 -18.06 -64.93
C ILE C 5 -8.36 -16.56 -64.74
N SER C 6 -7.19 -16.09 -65.13
CA SER C 6 -6.82 -14.68 -65.03
C SER C 6 -6.56 -14.12 -66.42
N ILE C 7 -7.10 -12.95 -66.70
CA ILE C 7 -6.96 -12.31 -67.99
C ILE C 7 -6.39 -10.91 -67.74
N HIS C 8 -5.21 -10.65 -68.28
CA HIS C 8 -4.53 -9.38 -68.06
C HIS C 8 -4.55 -8.59 -69.36
N VAL C 9 -5.22 -7.45 -69.35
CA VAL C 9 -5.33 -6.60 -70.53
C VAL C 9 -4.56 -5.32 -70.26
N GLY C 10 -3.78 -4.90 -71.24
CA GLY C 10 -3.05 -3.65 -71.13
C GLY C 10 -1.82 -3.75 -70.26
N GLN C 11 -1.00 -2.71 -70.34
CA GLN C 11 0.28 -2.70 -69.63
C GLN C 11 0.08 -2.79 -68.13
N ALA C 12 -0.90 -2.05 -67.61
CA ALA C 12 -1.18 -2.11 -66.18
C ALA C 12 -1.52 -3.53 -65.76
N GLY C 13 -2.43 -4.17 -66.50
CA GLY C 13 -2.77 -5.53 -66.19
C GLY C 13 -1.57 -6.45 -66.23
N VAL C 14 -0.70 -6.28 -67.22
CA VAL C 14 0.41 -7.20 -67.37
C VAL C 14 1.39 -7.05 -66.22
N GLN C 15 1.69 -5.81 -65.83
CA GLN C 15 2.63 -5.63 -64.73
C GLN C 15 2.05 -6.09 -63.40
N ILE C 16 0.77 -5.77 -63.16
CA ILE C 16 0.12 -6.25 -61.96
C ILE C 16 0.16 -7.78 -61.93
N GLY C 17 -0.02 -8.40 -63.10
CA GLY C 17 0.06 -9.85 -63.15
C GLY C 17 1.45 -10.37 -62.87
N ASN C 18 2.47 -9.68 -63.36
CA ASN C 18 3.83 -10.05 -62.99
C ASN C 18 3.94 -10.14 -61.47
N ALA C 19 3.47 -9.09 -60.80
CA ALA C 19 3.54 -9.09 -59.34
C ALA C 19 2.71 -10.23 -58.74
N CYS C 20 1.49 -10.42 -59.25
CA CYS C 20 0.58 -11.40 -58.67
C CYS C 20 1.13 -12.81 -58.80
N TRP C 21 1.66 -13.14 -59.97
CA TRP C 21 2.15 -14.49 -60.17
C TRP C 21 3.47 -14.71 -59.47
N GLU C 22 4.29 -13.66 -59.30
CA GLU C 22 5.42 -13.78 -58.41
C GLU C 22 4.97 -14.14 -57.01
N LEU C 23 3.92 -13.47 -56.54
CA LEU C 23 3.40 -13.73 -55.20
C LEU C 23 2.91 -15.17 -55.08
N TYR C 24 2.13 -15.62 -56.06
CA TYR C 24 1.61 -16.99 -56.01
C TYR C 24 2.75 -18.00 -56.00
N CYS C 25 3.66 -17.89 -56.97
CA CYS C 25 4.77 -18.82 -57.03
C CYS C 25 5.55 -18.84 -55.73
N LEU C 26 5.59 -17.70 -55.03
CA LEU C 26 6.21 -17.71 -53.71
C LEU C 26 5.34 -18.43 -52.70
N GLU C 27 4.02 -18.29 -52.79
CA GLU C 27 3.14 -18.85 -51.77
C GLU C 27 3.22 -20.37 -51.73
N HIS C 28 3.04 -21.02 -52.87
CA HIS C 28 2.94 -22.47 -52.92
C HIS C 28 4.29 -23.14 -53.10
N GLY C 29 5.38 -22.42 -52.88
CA GLY C 29 6.71 -23.00 -53.03
C GLY C 29 6.98 -23.44 -54.46
N ILE C 30 6.65 -22.58 -55.42
CA ILE C 30 6.78 -22.90 -56.84
C ILE C 30 7.98 -22.12 -57.39
N GLN C 31 8.93 -22.86 -57.95
CA GLN C 31 10.06 -22.23 -58.61
C GLN C 31 9.59 -21.47 -59.83
N PRO C 32 10.38 -20.51 -60.32
CA PRO C 32 9.96 -19.77 -61.53
C PRO C 32 9.73 -20.65 -62.74
N ASP C 33 10.41 -21.80 -62.82
CA ASP C 33 10.24 -22.73 -63.93
C ASP C 33 9.12 -23.74 -63.68
N GLY C 34 8.20 -23.45 -62.76
CA GLY C 34 7.07 -24.32 -62.53
C GLY C 34 7.34 -25.53 -61.69
N GLN C 35 8.58 -25.76 -61.28
CA GLN C 35 8.91 -26.90 -60.43
C GLN C 35 8.71 -26.53 -58.96
N MET C 36 8.58 -27.55 -58.12
CA MET C 36 8.53 -27.35 -56.69
C MET C 36 9.34 -28.45 -56.03
N PRO C 37 10.36 -28.11 -55.24
CA PRO C 37 11.24 -29.06 -54.56
C PRO C 37 10.50 -29.85 -53.48
N HIS C 46 -0.40 -27.37 -43.61
CA HIS C 46 -1.72 -26.81 -43.88
C HIS C 46 -2.09 -26.97 -45.36
N HIS C 47 -1.06 -27.08 -46.21
CA HIS C 47 -1.29 -27.22 -47.64
C HIS C 47 -1.99 -28.54 -47.95
N HIS C 48 -2.74 -28.54 -49.05
CA HIS C 48 -3.41 -29.76 -49.51
C HIS C 48 -2.58 -30.49 -50.56
N ASP C 53 -6.81 -30.03 -54.24
CA ASP C 53 -5.50 -29.52 -53.86
C ASP C 53 -5.55 -28.00 -53.75
N SER C 54 -4.46 -27.41 -53.29
CA SER C 54 -4.40 -25.96 -53.15
C SER C 54 -4.10 -25.30 -54.49
N PHE C 55 -2.92 -25.57 -55.06
CA PHE C 55 -2.49 -24.85 -56.26
C PHE C 55 -3.29 -25.23 -57.49
N ASN C 56 -4.02 -26.34 -57.45
CA ASN C 56 -4.76 -26.78 -58.63
C ASN C 56 -5.73 -25.72 -59.12
N THR C 57 -6.23 -24.88 -58.21
CA THR C 57 -7.26 -23.91 -58.60
C THR C 57 -6.71 -22.83 -59.51
N PHE C 58 -5.42 -22.51 -59.38
CA PHE C 58 -4.79 -21.53 -60.24
C PHE C 58 -3.70 -22.10 -61.14
N PHE C 59 -3.04 -23.17 -60.72
CA PHE C 59 -1.98 -23.80 -61.50
C PHE C 59 -2.51 -25.08 -62.10
N SER C 60 -2.46 -25.19 -63.43
CA SER C 60 -2.64 -26.50 -64.01
C SER C 60 -1.32 -27.24 -64.02
N GLU C 61 -1.37 -28.56 -64.09
CA GLU C 61 -0.17 -29.37 -63.98
C GLU C 61 -0.01 -30.24 -65.20
N THR C 62 1.22 -30.34 -65.68
CA THR C 62 1.57 -31.23 -66.77
C THR C 62 2.19 -32.51 -66.21
N GLY C 63 2.67 -33.37 -67.10
CA GLY C 63 3.16 -34.68 -66.66
C GLY C 63 4.31 -34.57 -65.69
N ALA C 64 5.29 -33.74 -66.01
CA ALA C 64 6.41 -33.56 -65.11
C ALA C 64 5.98 -32.70 -63.92
N GLY C 65 6.94 -32.37 -63.07
CA GLY C 65 6.67 -31.51 -61.92
C GLY C 65 6.48 -30.06 -62.29
N LYS C 66 6.18 -29.80 -63.55
CA LYS C 66 6.06 -28.42 -64.04
C LYS C 66 4.60 -28.01 -64.05
N HIS C 67 4.29 -26.92 -63.34
CA HIS C 67 2.96 -26.35 -63.30
C HIS C 67 2.95 -25.07 -64.11
N VAL C 68 1.82 -24.78 -64.74
CA VAL C 68 1.70 -23.54 -65.51
C VAL C 68 0.48 -22.75 -65.06
N PRO C 69 0.54 -21.43 -65.12
CA PRO C 69 -0.59 -20.61 -64.69
C PRO C 69 -1.71 -20.61 -65.72
N ARG C 70 -2.90 -20.34 -65.23
CA ARG C 70 -4.07 -20.19 -66.10
C ARG C 70 -4.28 -18.71 -66.42
N ALA C 71 -3.27 -18.11 -67.04
CA ALA C 71 -3.29 -16.69 -67.35
C ALA C 71 -3.25 -16.48 -68.85
N VAL C 72 -3.86 -15.39 -69.29
CA VAL C 72 -3.89 -15.00 -70.70
C VAL C 72 -3.45 -13.57 -70.80
N PHE C 73 -2.17 -13.35 -71.05
CA PHE C 73 -1.60 -12.01 -71.14
C PHE C 73 -1.79 -11.50 -72.55
N VAL C 74 -2.67 -10.53 -72.73
CA VAL C 74 -2.98 -9.98 -74.04
C VAL C 74 -2.60 -8.51 -74.05
N ASP C 75 -1.97 -8.08 -75.14
CA ASP C 75 -1.60 -6.68 -75.30
C ASP C 75 -1.49 -6.39 -76.80
N LEU C 76 -1.59 -5.10 -77.13
CA LEU C 76 -1.42 -4.68 -78.51
C LEU C 76 -0.03 -4.13 -78.80
N GLU C 77 0.76 -3.84 -77.78
CA GLU C 77 2.14 -3.41 -77.95
C GLU C 77 3.08 -4.46 -77.39
N PRO C 78 4.00 -5.01 -78.17
CA PRO C 78 4.79 -6.14 -77.71
C PRO C 78 5.85 -5.81 -76.69
N THR C 79 6.01 -4.55 -76.28
CA THR C 79 7.13 -4.17 -75.42
C THR C 79 7.08 -4.90 -74.07
N VAL C 80 5.99 -4.71 -73.34
CA VAL C 80 5.93 -5.24 -71.98
C VAL C 80 5.87 -6.76 -72.00
N ILE C 81 5.14 -7.33 -72.95
CA ILE C 81 5.09 -8.79 -73.04
C ILE C 81 6.47 -9.34 -73.35
N ASP C 82 7.23 -8.63 -74.19
CA ASP C 82 8.60 -9.04 -74.46
C ASP C 82 9.45 -8.98 -73.20
N GLU C 83 9.24 -7.95 -72.40
CA GLU C 83 9.92 -7.89 -71.11
C GLU C 83 9.58 -9.11 -70.27
N VAL C 84 8.32 -9.53 -70.28
CA VAL C 84 7.91 -10.71 -69.54
C VAL C 84 8.64 -11.94 -70.06
N ARG C 85 8.67 -12.10 -71.39
CA ARG C 85 9.35 -13.24 -72.00
C ARG C 85 10.82 -13.25 -71.69
N THR C 86 11.41 -12.08 -71.47
CA THR C 86 12.82 -11.98 -71.14
C THR C 86 13.10 -11.97 -69.65
N GLY C 87 12.08 -11.75 -68.82
CA GLY C 87 12.28 -11.71 -67.39
C GLY C 87 12.61 -13.07 -66.81
N THR C 88 12.84 -13.07 -65.49
CA THR C 88 13.10 -14.33 -64.81
C THR C 88 11.92 -15.28 -64.90
N TYR C 89 10.71 -14.76 -65.10
CA TYR C 89 9.53 -15.61 -65.27
C TYR C 89 9.27 -15.92 -66.73
N ARG C 90 10.31 -16.41 -67.40
CA ARG C 90 10.22 -16.80 -68.79
C ARG C 90 9.74 -18.24 -68.91
N GLN C 91 10.37 -19.15 -68.18
CA GLN C 91 10.03 -20.57 -68.25
C GLN C 91 8.61 -20.85 -67.79
N LEU C 92 7.99 -19.95 -67.04
CA LEU C 92 6.73 -20.28 -66.38
C LEU C 92 5.57 -20.38 -67.36
N PHE C 93 5.22 -19.26 -67.99
CA PHE C 93 3.95 -19.17 -68.69
C PHE C 93 3.95 -20.01 -69.95
N HIS C 94 2.75 -20.47 -70.32
CA HIS C 94 2.60 -21.22 -71.55
C HIS C 94 2.76 -20.28 -72.72
N PRO C 95 3.77 -20.46 -73.57
CA PRO C 95 4.12 -19.42 -74.55
C PRO C 95 3.01 -19.08 -75.51
N GLU C 96 2.04 -19.96 -75.69
CA GLU C 96 0.94 -19.65 -76.57
C GLU C 96 0.04 -18.56 -76.02
N GLN C 97 -0.01 -18.42 -74.69
CA GLN C 97 -0.93 -17.43 -74.11
C GLN C 97 -0.46 -16.00 -74.32
N LEU C 98 0.84 -15.76 -74.40
CA LEU C 98 1.36 -14.39 -74.41
C LEU C 98 1.04 -13.74 -75.75
N ILE C 99 -0.22 -13.39 -75.90
CA ILE C 99 -0.72 -12.80 -77.13
C ILE C 99 -0.26 -11.35 -77.21
N THR C 100 0.39 -10.99 -78.31
CA THR C 100 0.85 -9.64 -78.54
C THR C 100 0.27 -9.13 -79.86
N GLY C 101 -0.20 -7.90 -79.86
CA GLY C 101 -0.64 -7.24 -81.07
C GLY C 101 0.53 -6.65 -81.83
N LYS C 102 0.23 -5.65 -82.66
CA LYS C 102 1.28 -4.94 -83.37
C LYS C 102 1.34 -3.46 -83.04
N GLU C 103 0.20 -2.76 -83.06
CA GLU C 103 0.17 -1.34 -82.74
C GLU C 103 -0.85 -1.12 -81.64
N ASP C 104 -0.39 -0.58 -80.52
CA ASP C 104 -1.26 -0.39 -79.38
C ASP C 104 -2.34 0.65 -79.67
N ALA C 105 -3.39 0.63 -78.85
CA ALA C 105 -4.49 1.55 -79.06
C ALA C 105 -4.06 3.00 -78.89
N ALA C 106 -2.89 3.23 -78.29
CA ALA C 106 -2.36 4.57 -78.10
C ALA C 106 -3.37 5.45 -77.37
N ASN C 107 -3.85 4.94 -76.24
CA ASN C 107 -4.76 5.67 -75.37
C ASN C 107 -5.97 6.17 -76.14
N ASN C 108 -6.45 5.36 -77.08
CA ASN C 108 -7.63 5.66 -77.87
C ASN C 108 -8.61 4.51 -77.71
N TYR C 109 -9.80 4.80 -77.20
CA TYR C 109 -10.79 3.74 -76.97
C TYR C 109 -11.23 3.10 -78.28
N ALA C 110 -11.47 3.92 -79.31
CA ALA C 110 -11.98 3.39 -80.55
C ALA C 110 -11.02 2.38 -81.16
N ARG C 111 -9.73 2.68 -81.12
CA ARG C 111 -8.73 1.72 -81.61
C ARG C 111 -8.78 0.44 -80.80
N GLY C 112 -8.93 0.57 -79.48
CA GLY C 112 -8.91 -0.60 -78.61
C GLY C 112 -10.19 -1.39 -78.60
N HIS C 113 -11.25 -0.91 -79.24
CA HIS C 113 -12.53 -1.60 -79.24
C HIS C 113 -13.15 -1.81 -80.60
N TYR C 114 -12.72 -1.08 -81.62
CA TYR C 114 -13.32 -1.22 -82.94
C TYR C 114 -12.33 -1.60 -84.02
N THR C 115 -11.14 -0.99 -84.03
CA THR C 115 -10.24 -1.15 -85.16
C THR C 115 -9.20 -2.24 -84.95
N ILE C 116 -8.37 -2.10 -83.93
CA ILE C 116 -7.22 -2.99 -83.78
C ILE C 116 -7.60 -4.24 -83.00
N GLY C 117 -8.10 -4.06 -81.78
CA GLY C 117 -8.43 -5.20 -80.95
C GLY C 117 -9.42 -6.14 -81.62
N LYS C 118 -10.18 -5.62 -82.57
CA LYS C 118 -11.12 -6.44 -83.33
C LYS C 118 -10.41 -7.54 -84.11
N GLU C 119 -9.10 -7.44 -84.28
CA GLU C 119 -8.37 -8.38 -85.11
C GLU C 119 -7.63 -9.45 -84.31
N ILE C 120 -7.57 -9.34 -82.99
CA ILE C 120 -7.02 -10.40 -82.15
C ILE C 120 -7.99 -10.85 -81.09
N ILE C 121 -9.18 -10.24 -81.01
CA ILE C 121 -10.19 -10.68 -80.06
C ILE C 121 -10.51 -12.14 -80.27
N ASP C 122 -10.50 -12.59 -81.52
CA ASP C 122 -10.85 -13.97 -81.82
C ASP C 122 -9.78 -14.93 -81.29
N LEU C 123 -8.51 -14.60 -81.48
CA LEU C 123 -7.46 -15.44 -80.94
C LEU C 123 -7.52 -15.48 -79.42
N VAL C 124 -7.79 -14.34 -78.79
CA VAL C 124 -7.88 -14.31 -77.34
C VAL C 124 -9.02 -15.20 -76.87
N LEU C 125 -10.19 -15.08 -77.51
CA LEU C 125 -11.32 -15.91 -77.14
C LEU C 125 -11.01 -17.39 -77.35
N ASP C 126 -10.25 -17.71 -78.39
CA ASP C 126 -9.90 -19.10 -78.65
C ASP C 126 -9.05 -19.66 -77.51
N ARG C 127 -8.03 -18.90 -77.09
CA ARG C 127 -7.21 -19.37 -75.98
C ARG C 127 -8.01 -19.47 -74.70
N ILE C 128 -8.93 -18.52 -74.50
CA ILE C 128 -9.81 -18.58 -73.34
C ILE C 128 -10.62 -19.88 -73.36
N ARG C 129 -11.19 -20.20 -74.51
CA ARG C 129 -12.01 -21.41 -74.62
C ARG C 129 -11.19 -22.67 -74.38
N LYS C 130 -9.96 -22.71 -74.91
CA LYS C 130 -9.11 -23.86 -74.62
C LYS C 130 -8.87 -24.01 -73.13
N LEU C 131 -8.48 -22.92 -72.48
CA LEU C 131 -8.18 -23.01 -71.06
C LEU C 131 -9.42 -23.37 -70.25
N ALA C 132 -10.59 -22.85 -70.64
CA ALA C 132 -11.81 -23.18 -69.91
C ALA C 132 -12.16 -24.65 -70.07
N ASP C 133 -12.14 -25.15 -71.30
CA ASP C 133 -12.50 -26.54 -71.52
C ASP C 133 -11.50 -27.51 -70.92
N GLN C 134 -10.26 -27.08 -70.68
CA GLN C 134 -9.34 -27.96 -69.97
C GLN C 134 -9.63 -28.01 -68.47
N CYS C 135 -10.48 -27.13 -67.97
CA CYS C 135 -10.87 -27.11 -66.56
C CYS C 135 -12.23 -27.77 -66.38
N THR C 136 -12.56 -28.07 -65.12
CA THR C 136 -13.79 -28.76 -64.78
C THR C 136 -14.71 -27.94 -63.89
N GLY C 137 -14.19 -27.36 -62.82
CA GLY C 137 -15.00 -26.61 -61.88
C GLY C 137 -14.75 -25.12 -61.97
N LEU C 138 -14.69 -24.60 -63.19
CA LEU C 138 -14.42 -23.20 -63.43
C LEU C 138 -15.31 -22.30 -62.58
N GLN C 139 -14.69 -21.43 -61.80
CA GLN C 139 -15.43 -20.51 -60.94
C GLN C 139 -15.77 -19.22 -61.66
N GLY C 140 -14.77 -18.54 -62.21
CA GLY C 140 -15.05 -17.27 -62.87
C GLY C 140 -13.78 -16.61 -63.38
N PHE C 141 -13.90 -15.33 -63.68
CA PHE C 141 -12.88 -14.59 -64.41
C PHE C 141 -12.28 -13.49 -63.54
N LEU C 142 -10.99 -13.28 -63.71
CA LEU C 142 -10.28 -12.18 -63.08
C LEU C 142 -9.65 -11.33 -64.19
N VAL C 143 -10.27 -10.20 -64.49
CA VAL C 143 -9.73 -9.29 -65.48
C VAL C 143 -8.91 -8.23 -64.76
N PHE C 144 -7.63 -8.14 -65.10
CA PHE C 144 -6.73 -7.13 -64.55
C PHE C 144 -6.50 -6.09 -65.62
N HIS C 145 -7.13 -4.93 -65.47
CA HIS C 145 -7.07 -3.93 -66.54
C HIS C 145 -7.19 -2.55 -65.92
N SER C 146 -6.52 -1.59 -66.55
CA SER C 146 -6.58 -0.21 -66.12
C SER C 146 -7.87 0.42 -66.65
N PHE C 147 -7.98 1.73 -66.49
CA PHE C 147 -9.16 2.46 -66.95
C PHE C 147 -8.84 3.57 -67.92
N GLY C 148 -7.63 4.13 -67.88
CA GLY C 148 -7.30 5.23 -68.74
C GLY C 148 -6.72 4.79 -70.07
N GLY C 149 -5.90 3.76 -70.05
CA GLY C 149 -5.26 3.32 -71.26
C GLY C 149 -6.26 2.91 -72.32
N GLY C 150 -5.88 3.10 -73.59
CA GLY C 150 -6.78 2.75 -74.67
C GLY C 150 -7.02 1.26 -74.76
N THR C 151 -5.95 0.47 -74.72
CA THR C 151 -6.09 -0.97 -74.76
C THR C 151 -6.95 -1.44 -73.59
N GLY C 152 -6.60 -1.04 -72.38
CA GLY C 152 -7.37 -1.40 -71.22
C GLY C 152 -8.86 -1.20 -71.43
N SER C 153 -9.30 0.04 -71.60
CA SER C 153 -10.72 0.32 -71.71
C SER C 153 -11.36 -0.41 -72.88
N GLY C 154 -10.85 -0.17 -74.09
CA GLY C 154 -11.51 -0.72 -75.26
C GLY C 154 -11.52 -2.22 -75.32
N PHE C 155 -10.32 -2.81 -75.22
CA PHE C 155 -10.19 -4.25 -75.28
C PHE C 155 -10.94 -4.93 -74.14
N THR C 156 -10.91 -4.37 -72.94
CA THR C 156 -11.65 -4.97 -71.84
C THR C 156 -13.14 -4.92 -72.09
N SER C 157 -13.66 -3.80 -72.60
CA SER C 157 -15.08 -3.75 -72.92
C SER C 157 -15.45 -4.82 -73.93
N LEU C 158 -14.66 -4.92 -75.00
CA LEU C 158 -14.93 -5.91 -76.03
C LEU C 158 -14.88 -7.31 -75.45
N LEU C 159 -13.86 -7.61 -74.65
CA LEU C 159 -13.67 -8.95 -74.12
C LEU C 159 -14.78 -9.31 -73.15
N MET C 160 -15.20 -8.36 -72.32
CA MET C 160 -16.29 -8.64 -71.39
C MET C 160 -17.59 -8.90 -72.12
N GLU C 161 -17.89 -8.12 -73.16
CA GLU C 161 -19.09 -8.41 -73.94
C GLU C 161 -19.01 -9.79 -74.56
N ARG C 162 -17.87 -10.14 -75.13
CA ARG C 162 -17.73 -11.44 -75.76
C ARG C 162 -17.90 -12.57 -74.75
N LEU C 163 -17.24 -12.47 -73.59
CA LEU C 163 -17.34 -13.55 -72.61
C LEU C 163 -18.75 -13.66 -72.07
N SER C 164 -19.40 -12.53 -71.78
CA SER C 164 -20.79 -12.59 -71.32
C SER C 164 -21.70 -13.22 -72.37
N VAL C 165 -21.41 -13.00 -73.65
CA VAL C 165 -22.14 -13.71 -74.69
C VAL C 165 -21.87 -15.21 -74.61
N ASP C 166 -20.60 -15.58 -74.44
CA ASP C 166 -20.24 -16.98 -74.49
C ASP C 166 -20.61 -17.71 -73.21
N TYR C 167 -20.03 -17.30 -72.09
CA TYR C 167 -20.28 -17.92 -70.79
C TYR C 167 -21.44 -17.17 -70.14
N GLY C 168 -22.63 -17.73 -70.24
CA GLY C 168 -23.83 -17.05 -69.83
C GLY C 168 -23.84 -16.56 -68.40
N LYS C 169 -23.73 -17.48 -67.45
CA LYS C 169 -23.80 -17.16 -66.02
C LYS C 169 -22.56 -17.68 -65.32
N LYS C 170 -21.53 -16.84 -65.24
CA LYS C 170 -20.34 -17.16 -64.47
C LYS C 170 -19.77 -15.88 -63.89
N SER C 171 -18.94 -16.04 -62.86
CA SER C 171 -18.39 -14.90 -62.15
C SER C 171 -17.42 -14.14 -63.04
N LYS C 172 -17.54 -12.81 -63.03
CA LYS C 172 -16.66 -11.94 -63.82
C LYS C 172 -16.22 -10.78 -62.94
N LEU C 173 -14.98 -10.84 -62.46
CA LEU C 173 -14.43 -9.85 -61.55
C LEU C 173 -13.33 -9.04 -62.24
N GLU C 174 -13.38 -7.73 -62.07
CA GLU C 174 -12.41 -6.82 -62.65
C GLU C 174 -11.64 -6.11 -61.57
N PHE C 175 -10.42 -5.71 -61.88
CA PHE C 175 -9.61 -4.87 -61.00
C PHE C 175 -9.23 -3.62 -61.77
N SER C 176 -10.15 -2.66 -61.80
CA SER C 176 -9.89 -1.46 -62.55
C SER C 176 -8.96 -0.54 -61.78
N ILE C 177 -8.28 0.34 -62.51
CA ILE C 177 -7.44 1.37 -61.92
C ILE C 177 -8.17 2.69 -62.10
N TYR C 178 -8.95 3.07 -61.09
CA TYR C 178 -9.79 4.24 -61.21
C TYR C 178 -8.92 5.48 -61.43
N PRO C 179 -9.28 6.34 -62.38
CA PRO C 179 -8.44 7.53 -62.65
C PRO C 179 -8.47 8.49 -61.46
N ALA C 180 -7.28 8.91 -61.03
CA ALA C 180 -7.15 9.73 -59.84
C ALA C 180 -7.78 11.10 -60.06
N PRO C 181 -8.20 11.76 -58.97
CA PRO C 181 -8.79 13.10 -59.13
C PRO C 181 -7.79 14.16 -59.59
N GLN C 182 -6.53 14.08 -59.18
CA GLN C 182 -5.58 15.14 -59.46
C GLN C 182 -4.35 14.70 -60.22
N VAL C 183 -3.90 13.46 -60.06
CA VAL C 183 -2.75 12.94 -60.79
C VAL C 183 -3.30 12.13 -61.96
N SER C 184 -3.10 12.63 -63.17
CA SER C 184 -3.50 11.92 -64.39
C SER C 184 -2.31 11.88 -65.34
N THR C 185 -1.86 10.67 -65.65
CA THR C 185 -0.79 10.51 -66.62
C THR C 185 -1.29 10.69 -68.05
N ALA C 186 -2.54 10.31 -68.31
CA ALA C 186 -3.11 10.49 -69.64
C ALA C 186 -3.79 11.84 -69.74
N VAL C 187 -4.33 12.14 -70.93
CA VAL C 187 -4.99 13.42 -71.16
C VAL C 187 -6.43 13.16 -71.56
N VAL C 188 -6.69 11.97 -72.10
CA VAL C 188 -8.03 11.61 -72.52
C VAL C 188 -8.68 10.62 -71.55
N GLU C 189 -8.22 10.59 -70.31
CA GLU C 189 -8.80 9.68 -69.32
C GLU C 189 -10.31 9.77 -69.22
N PRO C 190 -10.96 10.94 -69.19
CA PRO C 190 -12.42 10.95 -69.09
C PRO C 190 -13.11 10.19 -70.21
N TYR C 191 -12.62 10.31 -71.44
CA TYR C 191 -13.28 9.63 -72.55
C TYR C 191 -13.21 8.11 -72.39
N ASN C 192 -12.00 7.59 -72.19
CA ASN C 192 -11.86 6.15 -72.03
C ASN C 192 -12.66 5.65 -70.84
N SER C 193 -12.61 6.38 -69.73
CA SER C 193 -13.32 5.94 -68.53
C SER C 193 -14.82 5.88 -68.79
N ILE C 194 -15.39 6.94 -69.35
CA ILE C 194 -16.83 6.97 -69.55
C ILE C 194 -17.26 5.87 -70.53
N LEU C 195 -16.52 5.71 -71.61
CA LEU C 195 -16.90 4.69 -72.59
C LEU C 195 -16.82 3.30 -72.00
N THR C 196 -15.68 2.97 -71.36
CA THR C 196 -15.54 1.64 -70.82
C THR C 196 -16.53 1.37 -69.71
N THR C 197 -16.91 2.40 -68.95
CA THR C 197 -17.89 2.19 -67.90
C THR C 197 -19.26 1.96 -68.48
N HIS C 198 -19.66 2.77 -69.46
CA HIS C 198 -20.94 2.54 -70.12
C HIS C 198 -21.02 1.15 -70.71
N THR C 199 -19.90 0.63 -71.21
CA THR C 199 -19.94 -0.72 -71.77
C THR C 199 -20.00 -1.78 -70.66
N THR C 200 -19.02 -1.77 -69.75
CA THR C 200 -18.90 -2.80 -68.73
C THR C 200 -19.99 -2.75 -67.68
N LEU C 201 -20.81 -1.70 -67.66
CA LEU C 201 -21.84 -1.60 -66.64
C LEU C 201 -22.87 -2.72 -66.74
N GLU C 202 -23.00 -3.35 -67.89
CA GLU C 202 -24.00 -4.38 -68.10
C GLU C 202 -23.43 -5.78 -68.09
N HIS C 203 -22.13 -5.92 -67.90
CA HIS C 203 -21.56 -7.26 -67.99
C HIS C 203 -20.74 -7.63 -66.78
N SER C 204 -19.98 -6.70 -66.21
CA SER C 204 -19.12 -7.05 -65.09
C SER C 204 -19.95 -7.34 -63.85
N ASP C 205 -19.73 -8.52 -63.26
CA ASP C 205 -20.44 -8.86 -62.04
C ASP C 205 -20.02 -7.94 -60.90
N CYS C 206 -18.72 -7.77 -60.70
CA CYS C 206 -18.23 -6.97 -59.59
C CYS C 206 -16.86 -6.43 -59.97
N ALA C 207 -16.74 -5.11 -60.04
CA ALA C 207 -15.47 -4.45 -60.28
C ALA C 207 -14.75 -4.29 -58.95
N PHE C 208 -13.56 -3.71 -58.98
CA PHE C 208 -12.77 -3.51 -57.76
C PHE C 208 -11.98 -2.21 -57.90
N MET C 209 -12.52 -1.14 -57.34
CA MET C 209 -11.88 0.16 -57.50
C MET C 209 -10.60 0.25 -56.68
N VAL C 210 -9.53 0.68 -57.36
CA VAL C 210 -8.23 0.97 -56.80
C VAL C 210 -7.66 2.16 -57.58
N ASP C 211 -6.91 3.01 -56.89
CA ASP C 211 -6.30 4.17 -57.53
C ASP C 211 -4.83 4.24 -57.18
N ASN C 212 -4.06 4.89 -58.04
CA ASN C 212 -2.63 5.04 -57.79
C ASN C 212 -2.34 6.12 -56.74
N GLU C 213 -3.13 7.19 -56.71
CA GLU C 213 -2.86 8.28 -55.78
C GLU C 213 -2.95 7.81 -54.33
N ALA C 214 -4.00 7.07 -54.01
CA ALA C 214 -4.16 6.59 -52.65
C ALA C 214 -3.02 5.66 -52.26
N ILE C 215 -2.54 4.85 -53.20
CA ILE C 215 -1.45 3.95 -52.88
C ILE C 215 -0.16 4.73 -52.69
N TYR C 216 0.06 5.79 -53.46
CA TYR C 216 1.18 6.67 -53.18
C TYR C 216 1.11 7.20 -51.75
N ASP C 217 -0.07 7.69 -51.37
CA ASP C 217 -0.26 8.22 -50.03
C ASP C 217 0.06 7.18 -48.98
N ILE C 218 -0.44 5.97 -49.17
CA ILE C 218 -0.24 4.91 -48.18
C ILE C 218 1.23 4.54 -48.10
N CYS C 219 1.90 4.44 -49.24
CA CYS C 219 3.31 4.10 -49.23
C CYS C 219 4.13 5.17 -48.51
N ARG C 220 3.79 6.44 -48.72
CA ARG C 220 4.54 7.49 -48.06
C ARG C 220 4.29 7.50 -46.56
N ARG C 221 3.03 7.46 -46.16
CA ARG C 221 2.70 7.67 -44.74
C ARG C 221 2.97 6.42 -43.92
N ASN C 222 2.40 5.29 -44.30
CA ASN C 222 2.46 4.11 -43.47
C ASN C 222 3.78 3.35 -43.64
N LEU C 223 4.13 3.01 -44.88
CA LEU C 223 5.34 2.23 -45.09
C LEU C 223 6.61 3.06 -44.97
N ASP C 224 6.50 4.39 -44.93
CA ASP C 224 7.65 5.28 -44.78
C ASP C 224 8.67 5.09 -45.90
N ILE C 225 8.18 4.99 -47.13
CA ILE C 225 9.01 5.07 -48.32
C ILE C 225 8.54 6.29 -49.10
N GLU C 226 9.44 7.24 -49.31
CA GLU C 226 9.07 8.49 -49.95
C GLU C 226 9.15 8.44 -51.48
N ARG C 227 9.86 7.46 -52.03
CA ARG C 227 10.07 7.36 -53.49
C ARG C 227 9.73 5.96 -53.95
N PRO C 228 8.45 5.67 -54.15
CA PRO C 228 8.05 4.34 -54.60
C PRO C 228 7.92 4.23 -56.11
N THR C 229 8.29 3.06 -56.62
CA THR C 229 8.12 2.73 -58.02
C THR C 229 6.81 1.96 -58.20
N TYR C 230 6.43 1.78 -59.47
CA TYR C 230 5.22 1.01 -59.75
C TYR C 230 5.31 -0.40 -59.19
N THR C 231 6.53 -0.89 -58.97
CA THR C 231 6.69 -2.21 -58.35
C THR C 231 5.96 -2.28 -57.02
N ASN C 232 6.02 -1.21 -56.23
CA ASN C 232 5.43 -1.24 -54.89
C ASN C 232 3.92 -1.26 -54.96
N LEU C 233 3.33 -0.38 -55.77
CA LEU C 233 1.88 -0.42 -55.94
C LEU C 233 1.42 -1.77 -56.46
N ASN C 234 2.17 -2.34 -57.39
CA ASN C 234 1.82 -3.64 -57.91
C ASN C 234 1.89 -4.70 -56.82
N ARG C 235 2.90 -4.65 -55.96
CA ARG C 235 2.99 -5.61 -54.87
C ARG C 235 1.79 -5.49 -53.93
N LEU C 236 1.39 -4.26 -53.63
CA LEU C 236 0.24 -4.09 -52.75
C LEU C 236 -1.04 -4.66 -53.37
N ILE C 237 -1.27 -4.36 -54.65
CA ILE C 237 -2.48 -4.87 -55.28
C ILE C 237 -2.43 -6.39 -55.37
N SER C 238 -1.23 -6.94 -55.60
CA SER C 238 -1.10 -8.39 -55.61
C SER C 238 -1.44 -8.99 -54.25
N GLN C 239 -1.02 -8.32 -53.17
CA GLN C 239 -1.39 -8.80 -51.85
C GLN C 239 -2.90 -8.79 -51.68
N ILE C 240 -3.57 -7.74 -52.16
CA ILE C 240 -5.02 -7.68 -52.07
C ILE C 240 -5.64 -8.87 -52.81
N VAL C 241 -5.17 -9.13 -54.02
CA VAL C 241 -5.73 -10.23 -54.81
C VAL C 241 -5.50 -11.56 -54.11
N SER C 242 -4.31 -11.77 -53.56
CA SER C 242 -4.03 -13.00 -52.86
C SER C 242 -4.94 -13.18 -51.66
N SER C 243 -5.20 -12.10 -50.92
CA SER C 243 -6.14 -12.21 -49.82
C SER C 243 -7.55 -12.52 -50.32
N ILE C 244 -7.91 -12.04 -51.50
CA ILE C 244 -9.22 -12.38 -52.05
C ILE C 244 -9.32 -13.88 -52.34
N THR C 245 -8.27 -14.44 -52.92
CA THR C 245 -8.34 -15.83 -53.38
C THR C 245 -7.87 -16.84 -52.35
N ALA C 246 -7.38 -16.39 -51.19
CA ALA C 246 -6.87 -17.34 -50.20
C ALA C 246 -7.95 -18.32 -49.76
N SER C 247 -9.22 -17.93 -49.83
CA SER C 247 -10.28 -18.85 -49.48
C SER C 247 -10.31 -20.06 -50.40
N LEU C 248 -10.29 -19.81 -51.72
CA LEU C 248 -10.23 -20.91 -52.67
C LEU C 248 -8.94 -21.69 -52.51
N ARG C 249 -7.83 -21.01 -52.34
CA ARG C 249 -6.53 -21.65 -52.43
C ARG C 249 -6.04 -22.22 -51.11
N PHE C 250 -6.85 -22.18 -50.05
CA PHE C 250 -6.37 -22.67 -48.77
C PHE C 250 -7.53 -23.12 -47.90
N ASP C 251 -7.18 -23.84 -46.84
CA ASP C 251 -8.14 -24.33 -45.87
C ASP C 251 -8.39 -23.28 -44.80
N GLY C 252 -9.64 -22.90 -44.62
CA GLY C 252 -9.98 -21.84 -43.68
C GLY C 252 -11.17 -22.21 -42.83
N ALA C 253 -11.22 -21.61 -41.64
CA ALA C 253 -12.30 -21.91 -40.70
C ALA C 253 -13.63 -21.36 -41.18
N LEU C 254 -13.63 -20.38 -42.08
CA LEU C 254 -14.87 -19.92 -42.70
C LEU C 254 -14.52 -19.42 -44.10
N ASN C 255 -14.67 -20.30 -45.08
CA ASN C 255 -14.27 -20.01 -46.44
C ASN C 255 -15.39 -19.30 -47.19
N VAL C 256 -15.05 -18.78 -48.37
CA VAL C 256 -15.99 -17.99 -49.16
C VAL C 256 -15.53 -18.02 -50.61
N ASP C 257 -16.49 -18.24 -51.51
CA ASP C 257 -16.22 -18.30 -52.94
C ASP C 257 -16.74 -17.05 -53.62
N LEU C 258 -16.26 -16.82 -54.85
CA LEU C 258 -16.50 -15.56 -55.53
C LEU C 258 -17.98 -15.31 -55.75
N THR C 259 -18.76 -16.37 -55.95
CA THR C 259 -20.21 -16.19 -56.03
C THR C 259 -20.75 -15.58 -54.75
N GLU C 260 -20.17 -15.93 -53.60
CA GLU C 260 -20.57 -15.27 -52.37
C GLU C 260 -20.24 -13.79 -52.39
N PHE C 261 -19.10 -13.44 -52.98
CA PHE C 261 -18.76 -12.03 -53.13
C PHE C 261 -19.83 -11.30 -53.92
N GLN C 262 -20.16 -11.81 -55.10
CA GLN C 262 -21.12 -11.07 -55.92
C GLN C 262 -22.50 -11.07 -55.29
N THR C 263 -22.84 -12.09 -54.51
CA THR C 263 -24.13 -12.10 -53.85
C THR C 263 -24.19 -11.09 -52.71
N ASN C 264 -23.10 -11.00 -51.93
CA ASN C 264 -23.12 -10.16 -50.74
C ASN C 264 -22.93 -8.69 -51.06
N LEU C 265 -21.99 -8.34 -51.92
CA LEU C 265 -21.60 -6.95 -52.09
C LEU C 265 -22.35 -6.24 -53.19
N VAL C 266 -23.32 -6.87 -53.83
CA VAL C 266 -24.00 -6.25 -54.96
C VAL C 266 -25.49 -6.19 -54.68
N PRO C 267 -25.99 -5.12 -54.07
CA PRO C 267 -27.44 -5.06 -53.78
C PRO C 267 -28.28 -4.94 -55.03
N TYR C 268 -27.83 -4.19 -56.02
CA TYR C 268 -28.60 -3.94 -57.22
C TYR C 268 -27.78 -4.28 -58.45
N PRO C 269 -28.42 -4.53 -59.59
CA PRO C 269 -27.65 -4.95 -60.77
C PRO C 269 -26.57 -3.96 -61.19
N ARG C 270 -26.81 -2.67 -61.02
CA ARG C 270 -25.86 -1.69 -61.55
C ARG C 270 -24.79 -1.30 -60.52
N ILE C 271 -25.16 -1.16 -59.26
CA ILE C 271 -24.26 -0.61 -58.24
C ILE C 271 -23.37 -1.76 -57.78
N HIS C 272 -22.27 -1.97 -58.49
CA HIS C 272 -21.35 -3.06 -58.17
C HIS C 272 -19.90 -2.59 -58.25
N PHE C 273 -19.59 -1.47 -57.61
CA PHE C 273 -18.25 -0.89 -57.64
C PHE C 273 -17.70 -0.77 -56.22
N PRO C 274 -17.28 -1.88 -55.63
CA PRO C 274 -16.66 -1.82 -54.30
C PRO C 274 -15.19 -1.47 -54.38
N LEU C 275 -14.76 -0.68 -53.42
CA LEU C 275 -13.36 -0.27 -53.35
C LEU C 275 -12.60 -1.16 -52.39
N ALA C 276 -11.30 -1.29 -52.66
CA ALA C 276 -10.48 -2.22 -51.88
C ALA C 276 -9.85 -1.52 -50.69
N THR C 277 -9.32 -2.32 -49.76
CA THR C 277 -8.54 -1.82 -48.63
C THR C 277 -7.82 -3.00 -48.02
N TYR C 278 -6.62 -2.77 -47.50
CA TYR C 278 -5.81 -3.83 -46.91
C TYR C 278 -5.17 -3.34 -45.62
N ALA C 279 -4.93 -4.27 -44.70
CA ALA C 279 -4.23 -3.97 -43.46
C ALA C 279 -3.67 -5.27 -42.89
N PRO C 280 -2.60 -5.20 -42.08
CA PRO C 280 -1.80 -4.04 -41.73
C PRO C 280 -0.74 -3.74 -42.77
N VAL C 281 -0.35 -2.48 -42.90
CA VAL C 281 0.71 -2.07 -43.81
C VAL C 281 1.70 -1.27 -42.97
N ILE C 282 2.72 -1.93 -42.45
CA ILE C 282 3.70 -1.29 -41.58
C ILE C 282 5.09 -1.73 -41.98
N SER C 283 6.04 -0.80 -41.87
CA SER C 283 7.41 -1.08 -42.26
C SER C 283 8.06 -2.06 -41.29
N ALA C 284 9.21 -2.59 -41.71
CA ALA C 284 9.90 -3.58 -40.89
C ALA C 284 10.38 -2.99 -39.57
N GLU C 285 10.84 -1.74 -39.58
CA GLU C 285 11.31 -1.12 -38.35
C GLU C 285 10.17 -0.86 -37.37
N LYS C 286 8.98 -0.55 -37.88
CA LYS C 286 7.82 -0.34 -37.04
C LYS C 286 7.03 -1.61 -36.81
N ALA C 287 7.58 -2.76 -37.21
CA ALA C 287 6.89 -4.03 -36.99
C ALA C 287 6.67 -4.28 -35.51
N TYR C 288 7.67 -3.98 -34.69
CA TYR C 288 7.52 -4.06 -33.24
C TYR C 288 6.77 -2.82 -32.80
N HIS C 289 6.77 -2.54 -31.50
CA HIS C 289 6.11 -1.36 -30.95
C HIS C 289 4.61 -1.40 -31.14
N GLU C 290 4.06 -2.54 -31.55
CA GLU C 290 2.62 -2.73 -31.67
C GLU C 290 2.34 -4.21 -31.83
N GLN C 291 1.37 -4.72 -31.07
CA GLN C 291 1.06 -6.14 -31.09
C GLN C 291 0.11 -6.53 -32.21
N LEU C 292 -0.46 -5.56 -32.93
CA LEU C 292 -1.31 -5.82 -34.09
C LEU C 292 -2.55 -6.63 -33.70
N SER C 293 -3.37 -6.03 -32.84
CA SER C 293 -4.63 -6.64 -32.47
C SER C 293 -5.55 -6.76 -33.68
N VAL C 294 -6.35 -7.82 -33.70
CA VAL C 294 -7.31 -7.96 -34.78
C VAL C 294 -8.34 -6.84 -34.73
N ALA C 295 -8.71 -6.40 -33.51
CA ALA C 295 -9.55 -5.21 -33.41
C ALA C 295 -8.80 -3.99 -33.91
N GLU C 296 -7.50 -3.90 -33.60
CA GLU C 296 -6.69 -2.81 -34.09
C GLU C 296 -6.66 -2.78 -35.62
N ILE C 297 -6.43 -3.94 -36.24
CA ILE C 297 -6.33 -3.95 -37.69
C ILE C 297 -7.69 -3.72 -38.32
N THR C 298 -8.77 -4.13 -37.65
CA THR C 298 -10.10 -3.79 -38.15
C THR C 298 -10.28 -2.28 -38.16
N ASN C 299 -9.90 -1.62 -37.07
CA ASN C 299 -9.99 -0.16 -37.01
C ASN C 299 -9.14 0.47 -38.10
N ALA C 300 -7.95 -0.10 -38.34
CA ALA C 300 -7.09 0.39 -39.41
C ALA C 300 -7.80 0.28 -40.76
N CYS C 301 -8.47 -0.84 -40.99
CA CYS C 301 -9.22 -1.02 -42.23
C CYS C 301 -10.29 0.03 -42.38
N PHE C 302 -10.97 0.37 -41.30
CA PHE C 302 -12.02 1.37 -41.41
C PHE C 302 -11.52 2.80 -41.32
N GLU C 303 -10.23 3.01 -41.13
CA GLU C 303 -9.70 4.36 -41.05
C GLU C 303 -9.77 5.02 -42.42
N PRO C 304 -10.33 6.23 -42.53
CA PRO C 304 -10.50 6.85 -43.85
C PRO C 304 -9.18 7.12 -44.56
N ALA C 305 -8.07 7.15 -43.84
CA ALA C 305 -6.76 7.38 -44.45
C ALA C 305 -6.14 6.11 -44.99
N ASN C 306 -6.73 4.94 -44.74
CA ASN C 306 -6.16 3.69 -45.20
C ASN C 306 -6.85 3.13 -46.42
N GLN C 307 -7.94 3.74 -46.89
CA GLN C 307 -8.60 3.21 -48.07
C GLN C 307 -7.75 3.49 -49.31
N MET C 308 -7.90 2.62 -50.31
CA MET C 308 -7.08 2.69 -51.52
C MET C 308 -7.81 3.37 -52.66
N VAL C 309 -8.79 4.21 -52.35
CA VAL C 309 -9.44 5.07 -53.33
C VAL C 309 -9.61 6.44 -52.70
N LYS C 310 -9.22 7.49 -53.43
CA LYS C 310 -9.23 8.82 -52.85
C LYS C 310 -10.68 9.30 -52.70
N CYS C 311 -11.38 8.73 -51.74
CA CYS C 311 -12.73 9.14 -51.42
C CYS C 311 -12.93 9.01 -49.92
N ASP C 312 -13.41 10.06 -49.29
CA ASP C 312 -13.65 9.99 -47.86
C ASP C 312 -14.91 9.19 -47.59
N PRO C 313 -14.83 8.06 -46.90
CA PRO C 313 -16.05 7.28 -46.64
C PRO C 313 -17.07 8.04 -45.83
N ARG C 314 -16.64 9.01 -45.03
CA ARG C 314 -17.57 9.77 -44.21
C ARG C 314 -18.57 10.57 -45.04
N HIS C 315 -18.27 10.83 -46.31
CA HIS C 315 -19.24 11.54 -47.14
C HIS C 315 -20.30 10.63 -47.71
N GLY C 316 -20.19 9.32 -47.49
CA GLY C 316 -21.20 8.39 -47.95
C GLY C 316 -21.53 7.36 -46.89
N LYS C 317 -22.20 6.28 -47.28
CA LYS C 317 -22.59 5.23 -46.35
C LYS C 317 -22.15 3.89 -46.91
N TYR C 318 -21.61 3.04 -46.05
CA TYR C 318 -21.21 1.69 -46.43
C TYR C 318 -22.45 0.86 -46.67
N MET C 319 -22.79 0.63 -47.94
CA MET C 319 -23.91 -0.25 -48.23
C MET C 319 -23.59 -1.70 -47.91
N ALA C 320 -22.32 -2.10 -48.04
CA ALA C 320 -21.94 -3.45 -47.68
C ALA C 320 -20.44 -3.51 -47.47
N CYS C 321 -20.01 -4.46 -46.65
CA CYS C 321 -18.60 -4.67 -46.40
C CYS C 321 -18.31 -6.16 -46.37
N CYS C 322 -17.11 -6.53 -46.77
CA CYS C 322 -16.68 -7.92 -46.72
C CYS C 322 -15.24 -7.95 -46.25
N LEU C 323 -15.01 -8.49 -45.06
CA LEU C 323 -13.68 -8.52 -44.46
C LEU C 323 -13.17 -9.94 -44.49
N LEU C 324 -12.01 -10.13 -45.11
CA LEU C 324 -11.40 -11.45 -45.23
C LEU C 324 -10.12 -11.45 -44.41
N TYR C 325 -10.11 -12.21 -43.34
CA TYR C 325 -8.96 -12.30 -42.45
C TYR C 325 -8.16 -13.54 -42.76
N ARG C 326 -6.89 -13.52 -42.38
CA ARG C 326 -6.03 -14.67 -42.58
C ARG C 326 -4.93 -14.65 -41.55
N GLY C 327 -4.47 -15.85 -41.19
CA GLY C 327 -3.51 -16.02 -40.13
C GLY C 327 -4.15 -16.51 -38.85
N ASP C 328 -3.44 -16.29 -37.75
CA ASP C 328 -3.89 -16.72 -36.43
C ASP C 328 -5.01 -15.77 -35.98
N VAL C 329 -6.22 -16.10 -36.40
CA VAL C 329 -7.40 -15.31 -36.08
C VAL C 329 -8.38 -16.19 -35.32
N VAL C 330 -9.14 -15.59 -34.42
CA VAL C 330 -10.13 -16.28 -33.60
C VAL C 330 -11.47 -15.58 -33.79
N PRO C 331 -12.54 -16.31 -34.10
CA PRO C 331 -13.79 -15.64 -34.52
C PRO C 331 -14.39 -14.73 -33.47
N LYS C 332 -14.24 -15.04 -32.18
CA LYS C 332 -14.84 -14.22 -31.15
C LYS C 332 -14.31 -12.79 -31.21
N ASP C 333 -13.01 -12.64 -31.42
CA ASP C 333 -12.42 -11.31 -31.51
C ASP C 333 -12.97 -10.56 -32.70
N VAL C 334 -13.13 -11.26 -33.83
CA VAL C 334 -13.71 -10.63 -35.01
C VAL C 334 -15.12 -10.14 -34.70
N ASN C 335 -15.91 -10.98 -34.04
CA ASN C 335 -17.27 -10.58 -33.69
C ASN C 335 -17.25 -9.35 -32.79
N ALA C 336 -16.38 -9.34 -31.80
CA ALA C 336 -16.32 -8.20 -30.89
C ALA C 336 -15.92 -6.93 -31.63
N ALA C 337 -14.89 -7.03 -32.48
CA ALA C 337 -14.44 -5.85 -33.20
C ALA C 337 -15.51 -5.32 -34.12
N ILE C 338 -16.21 -6.20 -34.82
CA ILE C 338 -17.25 -5.73 -35.73
C ILE C 338 -18.42 -5.14 -34.96
N ALA C 339 -18.73 -5.71 -33.80
CA ALA C 339 -19.75 -5.10 -32.95
C ALA C 339 -19.36 -3.68 -32.58
N THR C 340 -18.11 -3.49 -32.15
CA THR C 340 -17.65 -2.15 -31.81
C THR C 340 -17.75 -1.21 -33.00
N ILE C 341 -17.35 -1.69 -34.18
CA ILE C 341 -17.44 -0.85 -35.37
C ILE C 341 -18.88 -0.46 -35.64
N LYS C 342 -19.82 -1.39 -35.46
CA LYS C 342 -21.22 -1.07 -35.66
C LYS C 342 -21.70 -0.07 -34.62
N THR C 343 -21.09 -0.04 -33.44
CA THR C 343 -21.55 0.87 -32.40
C THR C 343 -21.28 2.34 -32.76
N LYS C 344 -20.16 2.61 -33.41
CA LYS C 344 -19.76 3.99 -33.64
C LYS C 344 -20.66 4.67 -34.68
N ARG C 345 -20.75 5.99 -34.57
CA ARG C 345 -21.68 6.78 -35.38
C ARG C 345 -21.08 7.23 -36.70
N SER C 346 -19.78 7.52 -36.72
CA SER C 346 -19.14 7.99 -37.94
C SER C 346 -19.13 6.94 -39.04
N ILE C 347 -19.42 5.69 -38.70
CA ILE C 347 -19.54 4.61 -39.68
C ILE C 347 -21.02 4.26 -39.73
N GLN C 348 -21.74 4.91 -40.64
CA GLN C 348 -23.20 4.83 -40.66
C GLN C 348 -23.64 4.13 -41.93
N PHE C 349 -24.11 2.90 -41.79
CA PHE C 349 -24.63 2.16 -42.93
C PHE C 349 -25.98 2.73 -43.35
N VAL C 350 -26.51 2.21 -44.45
CA VAL C 350 -27.86 2.57 -44.85
C VAL C 350 -28.85 1.95 -43.87
N ASP C 351 -29.99 2.62 -43.70
CA ASP C 351 -31.03 2.11 -42.82
C ASP C 351 -31.55 0.76 -43.29
N TRP C 352 -31.70 0.60 -44.60
CA TRP C 352 -32.39 -0.57 -45.15
C TRP C 352 -31.53 -1.82 -45.17
N CYS C 353 -30.24 -1.72 -44.85
CA CYS C 353 -29.40 -2.90 -44.74
C CYS C 353 -28.88 -2.99 -43.32
N PRO C 354 -29.57 -3.71 -42.42
CA PRO C 354 -29.12 -3.80 -41.03
C PRO C 354 -27.95 -4.73 -40.82
N THR C 355 -27.69 -5.63 -41.76
CA THR C 355 -26.59 -6.59 -41.66
C THR C 355 -25.59 -6.23 -42.74
N GLY C 356 -24.54 -5.52 -42.35
CA GLY C 356 -23.61 -5.01 -43.34
C GLY C 356 -22.24 -5.65 -43.33
N PHE C 357 -22.17 -6.97 -43.19
CA PHE C 357 -20.87 -7.63 -43.14
C PHE C 357 -20.94 -9.03 -43.70
N LYS C 358 -19.89 -9.43 -44.41
CA LYS C 358 -19.55 -10.83 -44.62
C LYS C 358 -18.15 -11.07 -44.11
N VAL C 359 -17.98 -12.12 -43.33
CA VAL C 359 -16.71 -12.39 -42.69
C VAL C 359 -16.14 -13.69 -43.24
N GLY C 360 -14.85 -13.69 -43.48
CA GLY C 360 -14.17 -14.89 -43.91
C GLY C 360 -12.84 -15.02 -43.21
N ILE C 361 -12.50 -16.23 -42.79
CA ILE C 361 -11.27 -16.48 -42.05
C ILE C 361 -10.49 -17.56 -42.77
N ASN C 362 -9.20 -17.34 -42.93
CA ASN C 362 -8.30 -18.32 -43.52
C ASN C 362 -7.23 -18.67 -42.51
N TYR C 363 -6.69 -19.87 -42.63
CA TYR C 363 -5.65 -20.31 -41.71
C TYR C 363 -4.25 -19.93 -42.16
N GLN C 364 -4.06 -19.64 -43.43
CA GLN C 364 -2.72 -19.35 -43.92
C GLN C 364 -2.39 -17.87 -43.74
N PRO C 365 -1.30 -17.53 -43.08
CA PRO C 365 -0.90 -16.13 -42.95
C PRO C 365 -0.40 -15.60 -44.27
N PRO C 366 -0.41 -14.28 -44.46
CA PRO C 366 0.22 -13.72 -45.66
C PRO C 366 1.72 -13.94 -45.63
N THR C 367 2.29 -14.18 -46.80
CA THR C 367 3.72 -14.41 -46.94
C THR C 367 4.37 -13.17 -47.56
N VAL C 368 5.49 -12.76 -46.98
CA VAL C 368 6.20 -11.58 -47.44
C VAL C 368 7.17 -11.96 -48.55
N VAL C 369 7.13 -11.22 -49.65
CA VAL C 369 8.01 -11.47 -50.79
C VAL C 369 9.41 -10.95 -50.49
N PRO C 370 10.43 -11.78 -50.60
CA PRO C 370 11.80 -11.30 -50.34
C PRO C 370 12.16 -10.14 -51.26
N GLY C 371 12.92 -9.19 -50.72
CA GLY C 371 13.13 -7.95 -51.42
C GLY C 371 11.95 -7.01 -51.40
N GLY C 372 10.93 -7.31 -50.60
CA GLY C 372 9.74 -6.48 -50.51
C GLY C 372 9.91 -5.34 -49.54
N ASP C 373 8.78 -4.76 -49.14
CA ASP C 373 8.79 -3.55 -48.33
C ASP C 373 8.05 -3.74 -47.02
N LEU C 374 7.09 -4.66 -47.00
CA LEU C 374 6.32 -4.90 -45.79
C LEU C 374 7.07 -5.83 -44.85
N ALA C 375 6.46 -6.08 -43.70
CA ALA C 375 7.05 -6.88 -42.65
C ALA C 375 6.23 -8.14 -42.42
N LYS C 376 6.92 -9.19 -41.98
CA LYS C 376 6.27 -10.47 -41.71
C LYS C 376 5.23 -10.32 -40.60
N VAL C 377 3.96 -10.44 -40.95
CA VAL C 377 2.87 -10.33 -39.99
C VAL C 377 2.22 -11.69 -39.83
N GLN C 378 1.52 -11.86 -38.72
CA GLN C 378 0.80 -13.10 -38.46
C GLN C 378 -0.68 -13.00 -38.78
N ARG C 379 -1.25 -11.80 -38.80
CA ARG C 379 -2.64 -11.62 -39.15
C ARG C 379 -2.76 -10.55 -40.22
N ALA C 380 -3.72 -10.74 -41.11
CA ALA C 380 -3.97 -9.77 -42.16
C ALA C 380 -5.45 -9.75 -42.48
N VAL C 381 -5.91 -8.64 -43.02
CA VAL C 381 -7.32 -8.45 -43.32
C VAL C 381 -7.46 -7.59 -44.55
N CYS C 382 -8.21 -8.07 -45.52
CA CYS C 382 -8.55 -7.31 -46.71
C CYS C 382 -10.03 -6.99 -46.68
N MET C 383 -10.37 -5.72 -46.81
CA MET C 383 -11.76 -5.27 -46.82
C MET C 383 -12.14 -4.88 -48.23
N LEU C 384 -13.23 -5.45 -48.71
CA LEU C 384 -13.86 -5.00 -49.94
C LEU C 384 -15.16 -4.34 -49.56
N SER C 385 -15.27 -3.04 -49.77
CA SER C 385 -16.38 -2.28 -49.23
C SER C 385 -17.11 -1.56 -50.36
N ASN C 386 -18.41 -1.77 -50.45
CA ASN C 386 -19.26 -1.08 -51.40
C ASN C 386 -19.99 0.03 -50.65
N THR C 387 -19.65 1.27 -50.97
CA THR C 387 -20.19 2.45 -50.31
C THR C 387 -20.88 3.36 -51.31
N THR C 388 -21.28 4.54 -50.82
CA THR C 388 -21.91 5.54 -51.65
C THR C 388 -21.00 6.72 -51.94
N ALA C 389 -19.91 6.88 -51.19
CA ALA C 389 -18.99 7.96 -51.44
C ALA C 389 -18.45 7.93 -52.87
N ILE C 390 -18.21 6.73 -53.40
CA ILE C 390 -17.66 6.59 -54.74
C ILE C 390 -18.50 7.33 -55.75
N ALA C 391 -19.79 7.52 -55.46
CA ALA C 391 -20.66 8.23 -56.38
C ALA C 391 -20.11 9.61 -56.71
N GLU C 392 -19.68 10.34 -55.68
CA GLU C 392 -19.11 11.67 -55.91
C GLU C 392 -17.98 11.60 -56.92
N ALA C 393 -17.16 10.55 -56.86
CA ALA C 393 -16.05 10.41 -57.79
C ALA C 393 -16.55 10.43 -59.23
N TRP C 394 -17.63 9.69 -59.50
CA TRP C 394 -18.21 9.70 -60.84
C TRP C 394 -18.51 11.13 -61.27
N ALA C 395 -19.11 11.91 -60.35
CA ALA C 395 -19.40 13.30 -60.66
C ALA C 395 -18.16 14.00 -61.21
N ARG C 396 -17.03 13.84 -60.52
CA ARG C 396 -15.80 14.48 -60.99
C ARG C 396 -15.53 14.10 -62.43
N LEU C 397 -15.49 12.79 -62.71
CA LEU C 397 -15.25 12.36 -64.08
C LEU C 397 -16.28 12.97 -65.00
N ASP C 398 -17.56 12.89 -64.61
CA ASP C 398 -18.62 13.50 -65.41
C ASP C 398 -18.26 14.93 -65.72
N HIS C 399 -17.90 15.68 -64.67
CA HIS C 399 -17.56 17.08 -64.85
C HIS C 399 -16.47 17.22 -65.90
N LYS C 400 -15.37 16.48 -65.72
CA LYS C 400 -14.28 16.56 -66.69
C LYS C 400 -14.80 16.32 -68.08
N PHE C 401 -15.55 15.22 -68.25
CA PHE C 401 -16.08 14.87 -69.56
C PHE C 401 -16.80 16.06 -70.17
N ASP C 402 -17.71 16.66 -69.37
CA ASP C 402 -18.50 17.77 -69.89
C ASP C 402 -17.61 18.83 -70.50
N LEU C 403 -16.60 19.27 -69.74
CA LEU C 403 -15.71 20.30 -70.26
C LEU C 403 -15.05 19.83 -71.55
N MET C 404 -14.43 18.65 -71.51
CA MET C 404 -13.73 18.19 -72.69
C MET C 404 -14.68 17.86 -73.82
N TYR C 405 -15.98 17.80 -73.54
CA TYR C 405 -16.94 17.63 -74.63
C TYR C 405 -17.59 18.94 -75.04
N ALA C 406 -17.59 19.95 -74.15
CA ALA C 406 -18.18 21.22 -74.51
C ALA C 406 -17.45 21.88 -75.67
N LYS C 407 -16.16 21.62 -75.83
CA LYS C 407 -15.38 22.12 -76.95
C LYS C 407 -15.17 21.08 -78.03
N ARG C 408 -15.75 19.89 -77.90
CA ARG C 408 -15.53 18.78 -78.82
C ARG C 408 -14.05 18.46 -78.98
N ALA C 409 -13.29 18.62 -77.90
CA ALA C 409 -11.86 18.37 -77.95
C ALA C 409 -11.59 16.90 -78.20
N PHE C 410 -10.54 16.62 -78.99
CA PHE C 410 -10.06 15.26 -79.22
C PHE C 410 -11.10 14.38 -79.91
N VAL C 411 -12.26 14.95 -80.24
CA VAL C 411 -13.35 14.15 -80.77
C VAL C 411 -12.97 13.54 -82.12
N HIS C 412 -12.12 14.23 -82.89
CA HIS C 412 -11.86 13.78 -84.26
C HIS C 412 -11.19 12.41 -84.30
N TRP C 413 -10.30 12.11 -83.35
CA TRP C 413 -9.68 10.78 -83.33
C TRP C 413 -10.74 9.69 -83.21
N TYR C 414 -11.61 9.81 -82.21
CA TYR C 414 -12.63 8.79 -82.00
C TYR C 414 -13.60 8.72 -83.17
N VAL C 415 -13.99 9.88 -83.71
CA VAL C 415 -14.91 9.90 -84.84
C VAL C 415 -14.30 9.16 -86.02
N GLY C 416 -13.05 9.46 -86.35
CA GLY C 416 -12.42 8.84 -87.48
C GLY C 416 -11.95 7.42 -87.24
N GLU C 417 -12.12 6.90 -86.02
CA GLU C 417 -11.66 5.55 -85.71
C GLU C 417 -12.81 4.56 -85.47
N GLY C 418 -14.01 4.86 -85.94
CA GLY C 418 -15.10 3.91 -85.86
C GLY C 418 -16.08 4.17 -84.73
N MET C 419 -16.47 5.42 -84.54
CA MET C 419 -17.42 5.76 -83.49
C MET C 419 -18.12 7.05 -83.86
N GLU C 420 -19.25 7.30 -83.20
CA GLU C 420 -20.10 8.45 -83.49
C GLU C 420 -20.34 9.28 -82.24
N GLU C 421 -20.68 10.55 -82.44
CA GLU C 421 -20.93 11.46 -81.34
C GLU C 421 -22.14 11.04 -80.52
N GLY C 422 -23.17 10.52 -81.18
CA GLY C 422 -24.34 10.05 -80.45
C GLY C 422 -23.97 9.02 -79.40
N GLU C 423 -22.94 8.23 -79.66
CA GLU C 423 -22.44 7.30 -78.65
C GLU C 423 -21.91 8.04 -77.43
N PHE C 424 -21.18 9.13 -77.64
CA PHE C 424 -20.70 9.93 -76.52
C PHE C 424 -21.87 10.48 -75.72
N SER C 425 -22.88 11.01 -76.41
CA SER C 425 -24.03 11.55 -75.71
C SER C 425 -24.74 10.46 -74.92
N GLU C 426 -24.88 9.27 -75.51
CA GLU C 426 -25.54 8.17 -74.82
C GLU C 426 -24.76 7.73 -73.58
N ALA C 427 -23.44 7.67 -73.69
CA ALA C 427 -22.63 7.28 -72.53
C ALA C 427 -22.75 8.32 -71.44
N ARG C 428 -22.81 9.61 -71.81
CA ARG C 428 -23.03 10.65 -70.81
C ARG C 428 -24.38 10.47 -70.13
N GLU C 429 -25.42 10.16 -70.90
CA GLU C 429 -26.73 9.90 -70.31
C GLU C 429 -26.66 8.72 -69.34
N ASP C 430 -25.93 7.67 -69.72
CA ASP C 430 -25.82 6.50 -68.87
C ASP C 430 -25.12 6.83 -67.56
N MET C 431 -24.03 7.60 -67.64
CA MET C 431 -23.33 7.99 -66.41
C MET C 431 -24.20 8.86 -65.53
N ALA C 432 -24.97 9.77 -66.13
CA ALA C 432 -25.91 10.57 -65.35
C ALA C 432 -26.93 9.68 -64.66
N ALA C 433 -27.42 8.66 -65.37
CA ALA C 433 -28.37 7.73 -64.77
C ALA C 433 -27.76 6.99 -63.59
N LEU C 434 -26.50 6.55 -63.73
CA LEU C 434 -25.84 5.86 -62.63
C LEU C 434 -25.71 6.76 -61.42
N GLU C 435 -25.29 8.01 -61.65
CA GLU C 435 -25.19 8.96 -60.55
C GLU C 435 -26.55 9.19 -59.89
N LYS C 436 -27.60 9.27 -60.71
CA LYS C 436 -28.94 9.40 -60.18
C LYS C 436 -29.31 8.21 -59.30
N ASP C 437 -28.97 7.01 -59.75
CA ASP C 437 -29.28 5.81 -58.97
C ASP C 437 -28.54 5.81 -57.64
N TYR C 438 -27.27 6.21 -57.65
CA TYR C 438 -26.52 6.30 -56.41
C TYR C 438 -27.16 7.28 -55.44
N GLU C 439 -27.54 8.45 -55.96
CA GLU C 439 -28.19 9.44 -55.09
C GLU C 439 -29.50 8.92 -54.54
N GLU C 440 -30.31 8.26 -55.39
CA GLU C 440 -31.60 7.76 -54.97
C GLU C 440 -31.44 6.70 -53.88
N VAL C 441 -30.46 5.80 -54.03
CA VAL C 441 -30.24 4.79 -53.01
C VAL C 441 -29.74 5.42 -51.73
N GLY C 442 -28.93 6.47 -51.82
CA GLY C 442 -28.37 7.09 -50.63
C GLY C 442 -29.41 7.64 -49.66
N VAL C 443 -30.62 7.94 -50.14
CA VAL C 443 -31.64 8.53 -49.29
C VAL C 443 -32.23 7.48 -48.37
N ASP C 444 -33.00 7.92 -47.38
CA ASP C 444 -33.63 7.03 -46.42
C ASP C 444 -35.08 6.73 -46.83
N SER C 445 -35.62 5.68 -46.23
CA SER C 445 -36.98 5.24 -46.53
C SER C 445 -37.96 5.83 -45.53
N VAL C 446 -39.21 5.96 -45.96
CA VAL C 446 -40.28 6.47 -45.12
C VAL C 446 -41.09 5.30 -44.58
N GLU C 447 -41.83 5.56 -43.50
CA GLU C 447 -42.69 4.57 -42.85
C GLU C 447 -41.88 3.36 -42.38
N MET D 1 -51.42 -75.47 -6.02
CA MET D 1 -52.54 -75.77 -6.91
C MET D 1 -53.53 -74.61 -6.97
N ARG D 2 -53.11 -73.45 -6.46
CA ARG D 2 -53.84 -72.19 -6.61
C ARG D 2 -52.88 -71.26 -7.34
N GLU D 3 -52.89 -71.33 -8.67
CA GLU D 3 -51.91 -70.57 -9.43
C GLU D 3 -52.37 -69.15 -9.67
N CYS D 4 -51.41 -68.26 -9.88
CA CYS D 4 -51.68 -66.85 -10.12
C CYS D 4 -50.54 -66.31 -10.96
N ILE D 5 -50.84 -65.84 -12.16
CA ILE D 5 -49.79 -65.36 -13.06
C ILE D 5 -49.59 -63.86 -12.85
N SER D 6 -48.41 -63.39 -13.24
CA SER D 6 -48.04 -61.98 -13.15
C SER D 6 -47.77 -61.43 -14.52
N ILE D 7 -48.31 -60.24 -14.81
CA ILE D 7 -48.17 -59.60 -16.10
C ILE D 7 -47.60 -58.22 -15.85
N HIS D 8 -46.42 -57.95 -16.38
CA HIS D 8 -45.73 -56.68 -16.17
C HIS D 8 -45.74 -55.90 -17.46
N VAL D 9 -46.41 -54.76 -17.45
CA VAL D 9 -46.51 -53.90 -18.62
C VAL D 9 -45.75 -52.62 -18.35
N GLY D 10 -44.96 -52.20 -19.33
CA GLY D 10 -44.23 -50.95 -19.22
C GLY D 10 -42.99 -51.07 -18.35
N GLN D 11 -42.17 -50.03 -18.42
CA GLN D 11 -40.90 -50.03 -17.72
C GLN D 11 -41.10 -50.11 -16.21
N ALA D 12 -42.07 -49.37 -15.69
CA ALA D 12 -42.36 -49.43 -14.27
C ALA D 12 -42.71 -50.85 -13.85
N GLY D 13 -43.62 -51.48 -14.59
CA GLY D 13 -43.96 -52.85 -14.28
C GLY D 13 -42.76 -53.77 -14.32
N VAL D 14 -41.90 -53.60 -15.31
CA VAL D 14 -40.78 -54.52 -15.45
C VAL D 14 -39.80 -54.37 -14.31
N GLN D 15 -39.50 -53.13 -13.90
CA GLN D 15 -38.56 -52.96 -12.81
C GLN D 15 -39.15 -53.42 -11.49
N ILE D 16 -40.43 -53.09 -11.24
CA ILE D 16 -41.08 -53.59 -10.04
C ILE D 16 -41.05 -55.11 -10.02
N GLY D 17 -41.21 -55.73 -11.18
CA GLY D 17 -41.15 -57.18 -11.24
C GLY D 17 -39.76 -57.70 -10.96
N ASN D 18 -38.74 -57.01 -11.45
CA ASN D 18 -37.38 -57.38 -11.07
C ASN D 18 -37.26 -57.48 -9.56
N ALA D 19 -37.74 -56.44 -8.88
CA ALA D 19 -37.68 -56.43 -7.41
C ALA D 19 -38.51 -57.57 -6.83
N CYS D 20 -39.73 -57.75 -7.34
CA CYS D 20 -40.64 -58.74 -6.76
C CYS D 20 -40.10 -60.14 -6.90
N TRP D 21 -39.57 -60.48 -8.06
CA TRP D 21 -39.08 -61.82 -8.27
C TRP D 21 -37.75 -62.04 -7.56
N GLU D 22 -36.94 -61.01 -7.40
CA GLU D 22 -35.80 -61.13 -6.50
C GLU D 22 -36.27 -61.49 -5.10
N LEU D 23 -37.31 -60.81 -4.63
CA LEU D 23 -37.83 -61.08 -3.29
C LEU D 23 -38.34 -62.51 -3.18
N TYR D 24 -39.11 -62.97 -4.15
CA TYR D 24 -39.63 -64.33 -4.11
C TYR D 24 -38.50 -65.34 -4.10
N CYS D 25 -37.59 -65.24 -5.06
CA CYS D 25 -36.47 -66.17 -5.13
C CYS D 25 -35.70 -66.18 -3.82
N LEU D 26 -35.65 -65.05 -3.12
CA LEU D 26 -35.04 -65.07 -1.80
C LEU D 26 -35.90 -65.78 -0.78
N GLU D 27 -37.23 -65.65 -0.89
CA GLU D 27 -38.11 -66.20 0.14
C GLU D 27 -38.04 -67.71 0.17
N HIS D 28 -38.23 -68.36 -0.97
CA HIS D 28 -38.32 -69.81 -1.03
C HIS D 28 -36.98 -70.50 -1.19
N GLY D 29 -35.88 -69.78 -0.97
CA GLY D 29 -34.56 -70.35 -1.13
C GLY D 29 -34.29 -70.79 -2.55
N ILE D 30 -34.61 -69.94 -3.52
CA ILE D 30 -34.48 -70.25 -4.94
C ILE D 30 -33.28 -69.48 -5.48
N GLN D 31 -32.32 -70.22 -6.04
CA GLN D 31 -31.19 -69.60 -6.70
C GLN D 31 -31.66 -68.83 -7.92
N PRO D 32 -30.87 -67.87 -8.41
CA PRO D 32 -31.28 -67.13 -9.62
C PRO D 32 -31.51 -68.01 -10.82
N ASP D 33 -30.84 -69.16 -10.91
CA ASP D 33 -31.00 -70.08 -12.01
C ASP D 33 -32.12 -71.09 -11.77
N GLY D 34 -33.04 -70.80 -10.85
CA GLY D 34 -34.18 -71.66 -10.63
C GLY D 34 -33.92 -72.89 -9.78
N GLN D 35 -32.67 -73.12 -9.38
CA GLN D 35 -32.36 -74.25 -8.53
C GLN D 35 -32.55 -73.89 -7.06
N MET D 36 -32.70 -74.92 -6.23
CA MET D 36 -32.74 -74.71 -4.79
C MET D 36 -31.94 -75.82 -4.13
N PRO D 37 -30.92 -75.47 -3.33
CA PRO D 37 -30.05 -76.43 -2.65
C PRO D 37 -30.78 -77.22 -1.58
N HIS D 46 -41.70 -74.72 8.29
CA HIS D 46 -43.01 -74.15 8.00
C HIS D 46 -43.38 -74.30 6.53
N HIS D 47 -42.36 -74.43 5.68
CA HIS D 47 -42.58 -74.56 4.24
C HIS D 47 -43.28 -75.87 3.93
N HIS D 48 -44.03 -75.88 2.83
CA HIS D 48 -44.70 -77.09 2.38
C HIS D 48 -43.88 -77.82 1.32
N ASP D 53 -48.10 -77.34 -2.36
CA ASP D 53 -46.79 -76.84 -1.99
C ASP D 53 -46.83 -75.32 -1.88
N SER D 54 -45.73 -74.73 -1.41
CA SER D 54 -45.67 -73.28 -1.27
C SER D 54 -45.37 -72.62 -2.61
N PHE D 55 -44.19 -72.90 -3.18
CA PHE D 55 -43.76 -72.19 -4.37
C PHE D 55 -44.55 -72.55 -5.61
N ASN D 56 -45.29 -73.66 -5.57
CA ASN D 56 -46.02 -74.10 -6.75
C ASN D 56 -47.00 -73.04 -7.24
N THR D 57 -47.50 -72.20 -6.34
CA THR D 57 -48.52 -71.22 -6.72
C THR D 57 -47.96 -70.14 -7.62
N PHE D 58 -46.68 -69.83 -7.50
CA PHE D 58 -46.04 -68.84 -8.35
C PHE D 58 -44.95 -69.42 -9.25
N PHE D 59 -44.29 -70.49 -8.83
CA PHE D 59 -43.24 -71.11 -9.61
C PHE D 59 -43.76 -72.40 -10.22
N SER D 60 -43.70 -72.51 -11.54
CA SER D 60 -43.90 -73.82 -12.13
C SER D 60 -42.56 -74.56 -12.14
N GLU D 61 -42.63 -75.88 -12.21
CA GLU D 61 -41.44 -76.69 -12.09
C GLU D 61 -41.27 -77.57 -13.32
N THR D 62 -40.04 -77.67 -13.80
CA THR D 62 -39.70 -78.56 -14.89
C THR D 62 -39.08 -79.83 -14.33
N GLY D 63 -38.60 -80.71 -15.22
CA GLY D 63 -38.12 -82.00 -14.78
C GLY D 63 -36.97 -81.91 -13.80
N ALA D 64 -35.97 -81.08 -14.12
CA ALA D 64 -34.86 -80.90 -13.22
C ALA D 64 -35.29 -80.05 -12.03
N GLY D 65 -34.33 -79.71 -11.17
CA GLY D 65 -34.60 -78.87 -10.03
C GLY D 65 -34.79 -77.40 -10.39
N LYS D 66 -35.09 -77.14 -11.66
CA LYS D 66 -35.20 -75.77 -12.15
C LYS D 66 -36.67 -75.35 -12.15
N HIS D 67 -36.96 -74.26 -11.44
CA HIS D 67 -38.30 -73.68 -11.40
C HIS D 67 -38.30 -72.40 -12.22
N VAL D 68 -39.43 -72.11 -12.85
CA VAL D 68 -39.54 -70.88 -13.61
C VAL D 68 -40.76 -70.08 -13.17
N PRO D 69 -40.70 -68.76 -13.22
CA PRO D 69 -41.82 -67.94 -12.80
C PRO D 69 -42.94 -67.94 -13.83
N ARG D 70 -44.14 -67.66 -13.34
CA ARG D 70 -45.30 -67.50 -14.21
C ARG D 70 -45.51 -66.03 -14.53
N ALA D 71 -44.50 -65.43 -15.15
CA ALA D 71 -44.51 -64.01 -15.46
C ALA D 71 -44.46 -63.79 -16.96
N VAL D 72 -45.07 -62.69 -17.40
CA VAL D 72 -45.10 -62.31 -18.81
C VAL D 72 -44.65 -60.88 -18.91
N PHE D 73 -43.36 -60.66 -19.15
CA PHE D 73 -42.79 -59.32 -19.23
C PHE D 73 -42.99 -58.82 -20.65
N VAL D 74 -43.86 -57.83 -20.83
CA VAL D 74 -44.16 -57.28 -22.14
C VAL D 74 -43.78 -55.82 -22.14
N ASP D 75 -43.15 -55.39 -23.22
CA ASP D 75 -42.78 -53.99 -23.40
C ASP D 75 -42.66 -53.69 -24.89
N LEU D 76 -42.76 -52.41 -25.22
CA LEU D 76 -42.58 -51.98 -26.60
C LEU D 76 -41.19 -51.44 -26.89
N GLU D 77 -40.40 -51.15 -25.86
CA GLU D 77 -39.02 -50.72 -26.04
C GLU D 77 -38.10 -51.78 -25.47
N PRO D 78 -37.17 -52.33 -26.26
CA PRO D 78 -36.38 -53.47 -25.78
C PRO D 78 -35.31 -53.14 -24.76
N THR D 79 -35.16 -51.88 -24.36
CA THR D 79 -34.04 -51.50 -23.49
C THR D 79 -34.09 -52.23 -22.15
N VAL D 80 -35.19 -52.04 -21.42
CA VAL D 80 -35.25 -52.56 -20.06
C VAL D 80 -35.32 -54.09 -20.07
N ILE D 81 -36.05 -54.66 -21.03
CA ILE D 81 -36.09 -56.12 -21.12
C ILE D 81 -34.72 -56.67 -21.43
N ASP D 82 -33.95 -55.97 -22.27
CA ASP D 82 -32.59 -56.39 -22.54
C ASP D 82 -31.75 -56.32 -21.28
N GLU D 83 -31.95 -55.29 -20.46
CA GLU D 83 -31.27 -55.24 -19.17
C GLU D 83 -31.61 -56.46 -18.34
N VAL D 84 -32.87 -56.87 -18.36
CA VAL D 84 -33.29 -58.06 -17.62
C VAL D 84 -32.55 -59.28 -18.15
N ARG D 85 -32.53 -59.43 -19.47
CA ARG D 85 -31.86 -60.59 -20.07
C ARG D 85 -30.38 -60.60 -19.76
N THR D 86 -29.79 -59.43 -19.53
CA THR D 86 -28.38 -59.33 -19.21
C THR D 86 -28.11 -59.33 -17.72
N GLY D 87 -29.13 -59.11 -16.89
CA GLY D 87 -28.93 -59.06 -15.46
C GLY D 87 -28.59 -60.43 -14.88
N THR D 88 -28.38 -60.44 -13.57
CA THR D 88 -28.12 -61.70 -12.88
C THR D 88 -29.31 -62.64 -12.97
N TYR D 89 -30.51 -62.12 -13.18
CA TYR D 89 -31.69 -62.96 -13.34
C TYR D 89 -31.95 -63.27 -14.81
N ARG D 90 -30.90 -63.76 -15.47
CA ARG D 90 -31.01 -64.16 -16.87
C ARG D 90 -31.48 -65.59 -17.00
N GLN D 91 -30.85 -66.51 -16.26
CA GLN D 91 -31.20 -67.91 -16.34
C GLN D 91 -32.62 -68.20 -15.88
N LEU D 92 -33.25 -67.29 -15.14
CA LEU D 92 -34.50 -67.62 -14.47
C LEU D 92 -35.65 -67.71 -15.45
N PHE D 93 -36.00 -66.60 -16.08
CA PHE D 93 -37.27 -66.50 -16.78
C PHE D 93 -37.29 -67.34 -18.05
N HIS D 94 -38.47 -67.80 -18.43
CA HIS D 94 -38.62 -68.55 -19.65
C HIS D 94 -38.46 -67.60 -20.82
N PRO D 95 -37.45 -67.78 -21.67
CA PRO D 95 -37.10 -66.74 -22.65
C PRO D 95 -38.21 -66.39 -23.61
N GLU D 96 -39.17 -67.28 -23.79
CA GLU D 96 -40.27 -66.96 -24.68
C GLU D 96 -41.17 -65.88 -24.12
N GLN D 97 -41.22 -65.73 -22.80
CA GLN D 97 -42.13 -64.75 -22.22
C GLN D 97 -41.67 -63.32 -22.41
N LEU D 98 -40.37 -63.07 -22.51
CA LEU D 98 -39.84 -61.71 -22.50
C LEU D 98 -40.15 -61.06 -23.84
N ILE D 99 -41.42 -60.70 -23.99
CA ILE D 99 -41.91 -60.11 -25.23
C ILE D 99 -41.45 -58.66 -25.30
N THR D 100 -40.80 -58.31 -26.40
CA THR D 100 -40.34 -56.95 -26.63
C THR D 100 -40.90 -56.44 -27.95
N GLY D 101 -41.37 -55.20 -27.95
CA GLY D 101 -41.81 -54.55 -29.16
C GLY D 101 -40.63 -53.95 -29.91
N LYS D 102 -40.94 -52.96 -30.74
CA LYS D 102 -39.88 -52.25 -31.45
C LYS D 102 -39.82 -50.77 -31.12
N GLU D 103 -40.95 -50.06 -31.15
CA GLU D 103 -40.98 -48.65 -30.82
C GLU D 103 -41.99 -48.42 -29.72
N ASP D 104 -41.54 -47.88 -28.60
CA ASP D 104 -42.42 -47.70 -27.45
C ASP D 104 -43.48 -46.65 -27.75
N ALA D 105 -44.54 -46.67 -26.94
CA ALA D 105 -45.64 -45.75 -27.14
C ALA D 105 -45.20 -44.29 -26.97
N ALA D 106 -44.04 -44.07 -26.38
CA ALA D 106 -43.50 -42.74 -26.18
C ALA D 106 -44.51 -41.84 -25.45
N ASN D 107 -44.98 -42.35 -24.32
CA ASN D 107 -45.90 -41.64 -23.45
C ASN D 107 -47.11 -41.12 -24.22
N ASN D 108 -47.58 -41.93 -25.17
CA ASN D 108 -48.77 -41.62 -25.95
C ASN D 108 -49.74 -42.78 -25.80
N TYR D 109 -50.94 -42.49 -25.30
CA TYR D 109 -51.92 -43.55 -25.08
C TYR D 109 -52.37 -44.17 -26.38
N ALA D 110 -52.61 -43.36 -27.41
CA ALA D 110 -53.12 -43.88 -28.66
C ALA D 110 -52.16 -44.90 -29.26
N ARG D 111 -50.87 -44.60 -29.22
CA ARG D 111 -49.88 -45.56 -29.70
C ARG D 111 -49.93 -46.84 -28.89
N GLY D 112 -50.08 -46.72 -27.58
CA GLY D 112 -50.06 -47.88 -26.71
C GLY D 112 -51.35 -48.68 -26.70
N HIS D 113 -52.40 -48.18 -27.34
CA HIS D 113 -53.69 -48.88 -27.34
C HIS D 113 -54.30 -49.07 -28.72
N TYR D 114 -53.87 -48.34 -29.73
CA TYR D 114 -54.46 -48.48 -31.05
C TYR D 114 -53.47 -48.87 -32.12
N THR D 115 -52.29 -48.26 -32.13
CA THR D 115 -51.38 -48.41 -33.26
C THR D 115 -50.35 -49.51 -33.05
N ILE D 116 -49.51 -49.38 -32.03
CA ILE D 116 -48.36 -50.27 -31.88
C ILE D 116 -48.75 -51.52 -31.10
N GLY D 117 -49.25 -51.35 -29.88
CA GLY D 117 -49.59 -52.49 -29.06
C GLY D 117 -50.59 -53.42 -29.72
N LYS D 118 -51.34 -52.90 -30.69
CA LYS D 118 -52.28 -53.72 -31.44
C LYS D 118 -51.57 -54.81 -32.22
N GLU D 119 -50.26 -54.71 -32.39
CA GLU D 119 -49.53 -55.66 -33.22
C GLU D 119 -48.80 -56.73 -32.42
N ILE D 120 -48.73 -56.62 -31.09
CA ILE D 120 -48.19 -57.69 -30.26
C ILE D 120 -49.18 -58.13 -29.20
N ILE D 121 -50.36 -57.51 -29.12
CA ILE D 121 -51.36 -57.95 -28.17
C ILE D 121 -51.69 -59.42 -28.39
N ASP D 122 -51.69 -59.87 -29.64
CA ASP D 122 -52.03 -61.25 -29.93
C ASP D 122 -50.98 -62.21 -29.40
N LEU D 123 -49.70 -61.88 -29.59
CA LEU D 123 -48.64 -62.73 -29.05
C LEU D 123 -48.71 -62.76 -27.53
N VAL D 124 -48.98 -61.62 -26.91
CA VAL D 124 -49.08 -61.60 -25.45
C VAL D 124 -50.22 -62.49 -24.98
N LEU D 125 -51.39 -62.36 -25.63
CA LEU D 125 -52.51 -63.20 -25.26
C LEU D 125 -52.21 -64.67 -25.47
N ASP D 126 -51.45 -65.00 -26.52
CA ASP D 126 -51.09 -66.38 -26.77
C ASP D 126 -50.25 -66.94 -25.63
N ARG D 127 -49.24 -66.19 -25.21
CA ARG D 127 -48.41 -66.66 -24.10
C ARG D 127 -49.23 -66.75 -22.82
N ILE D 128 -50.14 -65.81 -22.62
CA ILE D 128 -51.03 -65.87 -21.47
C ILE D 128 -51.84 -67.16 -21.48
N ARG D 129 -52.41 -67.48 -22.63
CA ARG D 129 -53.23 -68.68 -22.75
C ARG D 129 -52.41 -69.94 -22.51
N LYS D 130 -51.19 -70.00 -23.04
CA LYS D 130 -50.34 -71.14 -22.75
C LYS D 130 -50.10 -71.30 -21.26
N LEU D 131 -49.71 -70.21 -20.60
CA LEU D 131 -49.41 -70.30 -19.18
C LEU D 131 -50.65 -70.66 -18.38
N ALA D 132 -51.82 -70.15 -18.76
CA ALA D 132 -53.05 -70.46 -18.05
C ALA D 132 -53.39 -71.93 -18.20
N ASP D 133 -53.38 -72.44 -19.44
CA ASP D 133 -53.75 -73.83 -19.66
C ASP D 133 -52.74 -74.80 -19.05
N GLN D 134 -51.50 -74.36 -18.81
CA GLN D 134 -50.59 -75.25 -18.11
C GLN D 134 -50.89 -75.30 -16.60
N CYS D 135 -51.73 -74.42 -16.11
CA CYS D 135 -52.13 -74.40 -14.69
C CYS D 135 -53.49 -75.06 -14.52
N THR D 136 -53.81 -75.36 -13.26
CA THR D 136 -55.05 -76.05 -12.92
C THR D 136 -55.97 -75.23 -12.03
N GLY D 137 -55.44 -74.65 -10.95
CA GLY D 137 -56.26 -73.90 -10.02
C GLY D 137 -56.00 -72.41 -10.10
N LEU D 138 -55.94 -71.89 -11.33
CA LEU D 138 -55.66 -70.49 -11.56
C LEU D 138 -56.56 -69.59 -10.72
N GLN D 139 -55.94 -68.71 -9.93
CA GLN D 139 -56.68 -67.80 -9.07
C GLN D 139 -57.02 -66.51 -9.79
N GLY D 140 -56.02 -65.83 -10.33
CA GLY D 140 -56.28 -64.56 -11.00
C GLY D 140 -55.01 -63.91 -11.50
N PHE D 141 -55.13 -62.62 -11.81
CA PHE D 141 -54.10 -61.87 -12.53
C PHE D 141 -53.50 -60.79 -11.66
N LEU D 142 -52.20 -60.58 -11.84
CA LEU D 142 -51.49 -59.47 -11.19
C LEU D 142 -50.86 -58.64 -12.30
N VAL D 143 -51.46 -57.50 -12.60
CA VAL D 143 -50.94 -56.58 -13.59
C VAL D 143 -50.11 -55.53 -12.87
N PHE D 144 -48.83 -55.45 -13.20
CA PHE D 144 -47.93 -54.44 -12.64
C PHE D 144 -47.70 -53.39 -13.72
N HIS D 145 -48.33 -52.23 -13.58
CA HIS D 145 -48.25 -51.24 -14.63
C HIS D 145 -48.37 -49.85 -14.03
N SER D 146 -47.69 -48.90 -14.64
CA SER D 146 -47.76 -47.51 -14.22
C SER D 146 -49.04 -46.87 -14.75
N PHE D 147 -49.15 -45.57 -14.59
CA PHE D 147 -50.33 -44.84 -15.04
C PHE D 147 -49.99 -43.72 -16.01
N GLY D 148 -48.80 -43.16 -15.97
CA GLY D 148 -48.45 -42.05 -16.84
C GLY D 148 -47.89 -42.50 -18.16
N GLY D 149 -47.05 -43.54 -18.13
CA GLY D 149 -46.41 -43.99 -19.35
C GLY D 149 -47.41 -44.40 -20.41
N GLY D 150 -47.03 -44.20 -21.67
CA GLY D 150 -47.94 -44.54 -22.76
C GLY D 150 -48.18 -46.03 -22.85
N THR D 151 -47.10 -46.82 -22.82
CA THR D 151 -47.25 -48.27 -22.84
C THR D 151 -48.12 -48.74 -21.70
N GLY D 152 -47.77 -48.34 -20.48
CA GLY D 152 -48.54 -48.70 -19.31
C GLY D 152 -50.03 -48.50 -19.52
N SER D 153 -50.46 -47.26 -19.70
CA SER D 153 -51.88 -46.96 -19.80
C SER D 153 -52.53 -47.69 -20.98
N GLY D 154 -52.02 -47.46 -22.19
CA GLY D 154 -52.68 -47.99 -23.37
C GLY D 154 -52.68 -49.50 -23.43
N PHE D 155 -51.49 -50.09 -23.32
CA PHE D 155 -51.37 -51.53 -23.39
C PHE D 155 -52.11 -52.21 -22.26
N THR D 156 -52.08 -51.65 -21.05
CA THR D 156 -52.82 -52.25 -19.95
C THR D 156 -54.32 -52.21 -20.20
N SER D 157 -54.83 -51.08 -20.71
CA SER D 157 -56.25 -51.02 -21.03
C SER D 157 -56.62 -52.08 -22.05
N LEU D 158 -55.83 -52.19 -23.11
CA LEU D 158 -56.11 -53.18 -24.14
C LEU D 158 -56.06 -54.59 -23.56
N LEU D 159 -55.03 -54.88 -22.76
CA LEU D 159 -54.86 -56.22 -22.24
C LEU D 159 -55.96 -56.59 -21.26
N MET D 160 -56.40 -55.63 -20.44
CA MET D 160 -57.49 -55.90 -19.51
C MET D 160 -58.77 -56.17 -20.26
N GLU D 161 -59.07 -55.39 -21.29
CA GLU D 161 -60.27 -55.66 -22.07
C GLU D 161 -60.20 -57.05 -22.69
N ARG D 162 -59.05 -57.40 -23.25
CA ARG D 162 -58.92 -58.70 -23.89
C ARG D 162 -59.09 -59.84 -22.88
N LEU D 163 -58.44 -59.74 -21.73
CA LEU D 163 -58.55 -60.80 -20.74
C LEU D 163 -59.96 -60.93 -20.20
N SER D 164 -60.60 -59.80 -19.91
CA SER D 164 -61.99 -59.84 -19.46
C SER D 164 -62.89 -60.48 -20.51
N VAL D 165 -62.61 -60.26 -21.79
CA VAL D 165 -63.34 -60.95 -22.83
C VAL D 165 -63.07 -62.46 -22.75
N ASP D 166 -61.81 -62.83 -22.57
CA ASP D 166 -61.44 -64.24 -22.62
C ASP D 166 -61.82 -64.97 -21.35
N TYR D 167 -61.24 -64.56 -20.22
CA TYR D 167 -61.49 -65.18 -18.93
C TYR D 167 -62.65 -64.42 -18.28
N GLY D 168 -63.85 -64.99 -18.39
CA GLY D 168 -65.05 -64.30 -17.98
C GLY D 168 -65.05 -63.82 -16.54
N LYS D 169 -64.95 -64.74 -15.60
CA LYS D 169 -65.03 -64.42 -14.17
C LYS D 169 -63.79 -64.94 -13.47
N LYS D 170 -62.76 -64.10 -13.38
CA LYS D 170 -61.56 -64.43 -12.62
C LYS D 170 -60.99 -63.15 -12.03
N SER D 171 -60.18 -63.32 -11.00
CA SER D 171 -59.62 -62.18 -10.28
C SER D 171 -58.64 -61.41 -11.17
N LYS D 172 -58.75 -60.09 -11.16
CA LYS D 172 -57.87 -59.22 -11.95
C LYS D 172 -57.42 -58.06 -11.06
N LEU D 173 -56.18 -58.12 -10.58
CA LEU D 173 -55.64 -57.13 -9.67
C LEU D 173 -54.53 -56.33 -10.35
N GLU D 174 -54.58 -55.02 -10.18
CA GLU D 174 -53.61 -54.12 -10.77
C GLU D 174 -52.84 -53.39 -9.68
N PHE D 175 -51.60 -53.00 -9.99
CA PHE D 175 -50.80 -52.17 -9.10
C PHE D 175 -50.43 -50.92 -9.87
N SER D 176 -51.33 -49.97 -9.91
CA SER D 176 -51.07 -48.75 -10.65
C SER D 176 -50.14 -47.84 -9.87
N ILE D 177 -49.46 -46.96 -10.60
CA ILE D 177 -48.61 -45.94 -10.02
C ILE D 177 -49.35 -44.62 -10.20
N TYR D 178 -50.13 -44.23 -9.19
CA TYR D 178 -50.96 -43.06 -9.31
C TYR D 178 -50.10 -41.82 -9.52
N PRO D 179 -50.43 -40.96 -10.47
CA PRO D 179 -49.60 -39.78 -10.73
C PRO D 179 -49.63 -38.81 -9.55
N ALA D 180 -48.44 -38.41 -9.12
CA ALA D 180 -48.31 -37.58 -7.92
C ALA D 180 -48.94 -36.21 -8.14
N PRO D 181 -49.35 -35.54 -7.06
CA PRO D 181 -49.93 -34.20 -7.22
C PRO D 181 -48.93 -33.15 -7.66
N GLN D 182 -47.68 -33.24 -7.26
CA GLN D 182 -46.72 -32.18 -7.53
C GLN D 182 -45.48 -32.62 -8.30
N VAL D 183 -45.05 -33.86 -8.14
CA VAL D 183 -43.89 -34.38 -8.86
C VAL D 183 -44.44 -35.20 -10.03
N SER D 184 -44.24 -34.69 -11.24
CA SER D 184 -44.64 -35.39 -12.46
C SER D 184 -43.46 -35.44 -13.41
N THR D 185 -43.00 -36.65 -13.72
CA THR D 185 -41.92 -36.81 -14.70
C THR D 185 -42.43 -36.62 -16.12
N ALA D 186 -43.67 -37.01 -16.39
CA ALA D 186 -44.24 -36.83 -17.72
C ALA D 186 -44.92 -35.47 -17.81
N VAL D 187 -45.46 -35.16 -19.00
CA VAL D 187 -46.11 -33.89 -19.24
C VAL D 187 -47.55 -34.14 -19.64
N VAL D 188 -47.82 -35.32 -20.18
CA VAL D 188 -49.16 -35.68 -20.61
C VAL D 188 -49.81 -36.67 -19.64
N GLU D 189 -49.36 -36.70 -18.39
CA GLU D 189 -49.94 -37.61 -17.41
C GLU D 189 -51.46 -37.53 -17.31
N PRO D 190 -52.09 -36.35 -17.28
CA PRO D 190 -53.56 -36.34 -17.18
C PRO D 190 -54.24 -37.10 -18.30
N TYR D 191 -53.76 -36.98 -19.53
CA TYR D 191 -54.42 -37.65 -20.64
C TYR D 191 -54.35 -39.16 -20.49
N ASN D 192 -53.14 -39.69 -20.28
CA ASN D 192 -53.00 -41.14 -20.12
C ASN D 192 -53.81 -41.63 -18.93
N SER D 193 -53.75 -40.90 -17.83
CA SER D 193 -54.48 -41.34 -16.64
C SER D 193 -55.98 -41.40 -16.90
N ILE D 194 -56.54 -40.33 -17.46
CA ILE D 194 -57.98 -40.30 -17.66
C ILE D 194 -58.40 -41.39 -18.62
N LEU D 195 -57.66 -41.56 -19.72
CA LEU D 195 -58.05 -42.57 -20.70
C LEU D 195 -57.97 -43.97 -20.11
N THR D 196 -56.84 -44.30 -19.48
CA THR D 196 -56.70 -45.63 -18.94
C THR D 196 -57.70 -45.89 -17.81
N THR D 197 -58.07 -44.87 -17.06
CA THR D 197 -59.05 -45.07 -16.01
C THR D 197 -60.43 -45.30 -16.60
N HIS D 198 -60.83 -44.49 -17.58
CA HIS D 198 -62.10 -44.72 -18.24
C HIS D 198 -62.18 -46.10 -18.82
N THR D 199 -61.06 -46.63 -19.33
CA THR D 199 -61.11 -47.98 -19.87
C THR D 199 -61.16 -49.04 -18.79
N THR D 200 -60.19 -49.03 -17.87
CA THR D 200 -60.07 -50.06 -16.86
C THR D 200 -61.17 -50.02 -15.81
N LEU D 201 -61.99 -48.97 -15.78
CA LEU D 201 -63.02 -48.86 -14.76
C LEU D 201 -64.05 -49.97 -14.86
N GLU D 202 -64.19 -50.61 -16.02
CA GLU D 202 -65.19 -51.63 -16.23
C GLU D 202 -64.61 -53.04 -16.23
N HIS D 203 -63.33 -53.18 -16.03
CA HIS D 203 -62.75 -54.51 -16.13
C HIS D 203 -61.94 -54.90 -14.91
N SER D 204 -61.18 -53.97 -14.34
CA SER D 204 -60.32 -54.32 -13.21
C SER D 204 -61.15 -54.61 -11.98
N ASP D 205 -60.93 -55.79 -11.39
CA ASP D 205 -61.65 -56.13 -10.17
C ASP D 205 -61.24 -55.22 -9.03
N CYS D 206 -59.94 -55.05 -8.83
CA CYS D 206 -59.43 -54.25 -7.72
C CYS D 206 -58.06 -53.71 -8.09
N ALA D 207 -57.94 -52.38 -8.16
CA ALA D 207 -56.67 -51.74 -8.39
C ALA D 207 -55.95 -51.58 -7.06
N PHE D 208 -54.75 -51.00 -7.09
CA PHE D 208 -53.96 -50.81 -5.87
C PHE D 208 -53.18 -49.51 -6.01
N MET D 209 -53.71 -48.44 -5.44
CA MET D 209 -53.08 -47.14 -5.60
C MET D 209 -51.80 -47.06 -4.78
N VAL D 210 -50.73 -46.63 -5.46
CA VAL D 210 -49.42 -46.34 -4.89
C VAL D 210 -48.85 -45.16 -5.67
N ASP D 211 -48.10 -44.30 -4.98
CA ASP D 211 -47.49 -43.14 -5.62
C ASP D 211 -46.01 -43.08 -5.28
N ASN D 212 -45.23 -42.42 -6.13
CA ASN D 212 -43.81 -42.28 -5.86
C ASN D 212 -43.52 -41.21 -4.82
N GLU D 213 -44.31 -40.13 -4.79
CA GLU D 213 -44.03 -39.05 -3.86
C GLU D 213 -44.12 -39.52 -2.42
N ALA D 214 -45.18 -40.26 -2.09
CA ALA D 214 -45.33 -40.74 -0.73
C ALA D 214 -44.20 -41.67 -0.34
N ILE D 215 -43.73 -42.48 -1.28
CA ILE D 215 -42.64 -43.38 -0.96
C ILE D 215 -41.34 -42.61 -0.75
N TYR D 216 -41.12 -41.55 -1.53
CA TYR D 216 -40.00 -40.66 -1.25
C TYR D 216 -40.08 -40.15 0.17
N ASP D 217 -41.25 -39.65 0.55
CA ASP D 217 -41.44 -39.11 1.89
C ASP D 217 -41.13 -40.17 2.95
N ILE D 218 -41.64 -41.38 2.76
CA ILE D 218 -41.43 -42.44 3.74
C ILE D 218 -39.96 -42.81 3.83
N CYS D 219 -39.30 -42.91 2.69
CA CYS D 219 -37.87 -43.26 2.70
C CYS D 219 -37.06 -42.19 3.42
N ARG D 220 -37.40 -40.92 3.21
CA ARG D 220 -36.65 -39.86 3.88
C ARG D 220 -36.90 -39.86 5.38
N ARG D 221 -38.17 -39.89 5.78
CA ARG D 221 -38.48 -39.68 7.18
C ARG D 221 -38.22 -40.93 8.02
N ASN D 222 -38.80 -42.06 7.62
CA ASN D 222 -38.74 -43.25 8.46
C ASN D 222 -37.43 -44.01 8.29
N LEU D 223 -37.08 -44.35 7.06
CA LEU D 223 -35.87 -45.13 6.84
C LEU D 223 -34.60 -44.30 6.96
N ASP D 224 -34.71 -42.98 7.00
CA ASP D 224 -33.55 -42.09 7.16
C ASP D 224 -32.54 -42.29 6.05
N ILE D 225 -33.02 -42.39 4.81
CA ILE D 225 -32.18 -42.29 3.62
C ILE D 225 -32.65 -41.08 2.85
N GLU D 226 -31.75 -40.13 2.63
CA GLU D 226 -32.11 -38.87 1.99
C GLU D 226 -32.03 -38.94 0.48
N ARG D 227 -31.32 -39.91 -0.09
CA ARG D 227 -31.11 -40.00 -1.53
C ARG D 227 -31.45 -41.40 -2.01
N PRO D 228 -32.73 -41.70 -2.21
CA PRO D 228 -33.14 -43.02 -2.66
C PRO D 228 -33.26 -43.13 -4.17
N THR D 229 -32.89 -44.30 -4.67
CA THR D 229 -33.07 -44.63 -6.08
C THR D 229 -34.37 -45.39 -6.27
N TYR D 230 -34.75 -45.58 -7.53
CA TYR D 230 -35.96 -46.34 -7.82
C TYR D 230 -35.88 -47.74 -7.27
N THR D 231 -34.66 -48.24 -7.04
CA THR D 231 -34.51 -49.56 -6.43
C THR D 231 -35.23 -49.63 -5.09
N ASN D 232 -35.17 -48.56 -4.30
CA ASN D 232 -35.77 -48.59 -2.97
C ASN D 232 -37.29 -48.60 -3.03
N LEU D 233 -37.87 -47.73 -3.86
CA LEU D 233 -39.32 -47.75 -4.02
C LEU D 233 -39.78 -49.11 -4.54
N ASN D 234 -39.02 -49.67 -5.47
CA ASN D 234 -39.38 -50.98 -6.00
C ASN D 234 -39.33 -52.05 -4.90
N ARG D 235 -38.30 -51.99 -4.05
CA ARG D 235 -38.23 -52.96 -2.95
C ARG D 235 -39.42 -52.83 -2.03
N LEU D 236 -39.83 -51.61 -1.72
CA LEU D 236 -40.98 -51.43 -0.83
C LEU D 236 -42.25 -51.99 -1.46
N ILE D 237 -42.48 -51.69 -2.74
CA ILE D 237 -43.70 -52.21 -3.36
C ILE D 237 -43.64 -53.72 -3.47
N SER D 238 -42.45 -54.28 -3.69
CA SER D 238 -42.32 -55.72 -3.71
C SER D 238 -42.66 -56.32 -2.35
N GLN D 239 -42.24 -55.66 -1.27
CA GLN D 239 -42.62 -56.14 0.06
C GLN D 239 -44.13 -56.12 0.22
N ILE D 240 -44.78 -55.07 -0.26
CA ILE D 240 -46.24 -55.01 -0.17
C ILE D 240 -46.86 -56.19 -0.91
N VAL D 241 -46.39 -56.45 -2.12
CA VAL D 241 -46.95 -57.55 -2.92
C VAL D 241 -46.74 -58.88 -2.21
N SER D 242 -45.54 -59.08 -1.66
CA SER D 242 -45.26 -60.33 -0.96
C SER D 242 -46.18 -60.51 0.24
N SER D 243 -46.44 -59.42 0.97
CA SER D 243 -47.39 -59.53 2.07
C SER D 243 -48.79 -59.84 1.58
N ILE D 244 -49.15 -59.35 0.39
CA ILE D 244 -50.46 -59.70 -0.16
C ILE D 244 -50.56 -61.18 -0.45
N THR D 245 -49.51 -61.76 -1.04
CA THR D 245 -49.59 -63.15 -1.49
C THR D 245 -49.12 -64.16 -0.46
N ALA D 246 -48.63 -63.71 0.70
CA ALA D 246 -48.13 -64.66 1.68
C ALA D 246 -49.21 -65.65 2.12
N SER D 247 -50.48 -65.25 2.05
CA SER D 247 -51.55 -66.16 2.41
C SER D 247 -51.56 -67.37 1.47
N LEU D 248 -51.55 -67.11 0.16
CA LEU D 248 -51.49 -68.22 -0.79
C LEU D 248 -50.20 -69.01 -0.63
N ARG D 249 -49.09 -68.32 -0.46
CA ARG D 249 -47.79 -68.97 -0.54
C ARG D 249 -47.31 -69.54 0.78
N PHE D 250 -48.12 -69.50 1.83
CA PHE D 250 -47.64 -69.99 3.12
C PHE D 250 -48.80 -70.44 3.98
N ASP D 251 -48.46 -71.17 5.04
CA ASP D 251 -49.43 -71.66 6.00
C ASP D 251 -49.67 -70.59 7.07
N GLY D 252 -50.93 -70.21 7.26
CA GLY D 252 -51.26 -69.16 8.19
C GLY D 252 -52.45 -69.53 9.04
N ALA D 253 -52.51 -68.93 10.23
CA ALA D 253 -53.58 -69.23 11.17
C ALA D 253 -54.92 -68.67 10.69
N LEU D 254 -54.91 -67.70 9.79
CA LEU D 254 -56.15 -67.23 9.17
C LEU D 254 -55.79 -66.73 7.77
N ASN D 255 -55.95 -67.61 6.79
CA ASN D 255 -55.55 -67.32 5.43
C ASN D 255 -56.66 -66.60 4.68
N VAL D 256 -56.32 -66.09 3.50
CA VAL D 256 -57.24 -65.28 2.71
C VAL D 256 -56.79 -65.32 1.25
N ASP D 257 -57.75 -65.53 0.36
CA ASP D 257 -57.48 -65.60 -1.07
C ASP D 257 -58.00 -64.33 -1.76
N LEU D 258 -57.50 -64.11 -2.98
CA LEU D 258 -57.74 -62.85 -3.66
C LEU D 258 -59.22 -62.59 -3.89
N THR D 259 -60.01 -63.64 -4.08
CA THR D 259 -61.45 -63.47 -4.16
C THR D 259 -61.99 -62.85 -2.89
N GLU D 260 -61.42 -63.22 -1.74
CA GLU D 260 -61.82 -62.56 -0.51
C GLU D 260 -61.48 -61.09 -0.53
N PHE D 261 -60.34 -60.73 -1.12
CA PHE D 261 -60.00 -59.32 -1.25
C PHE D 261 -61.06 -58.58 -2.04
N GLN D 262 -61.39 -59.08 -3.23
CA GLN D 262 -62.35 -58.34 -4.05
C GLN D 262 -63.73 -58.33 -3.42
N THR D 263 -64.07 -59.36 -2.65
CA THR D 263 -65.37 -59.37 -1.99
C THR D 263 -65.42 -58.37 -0.85
N ASN D 264 -64.34 -58.27 -0.07
CA ASN D 264 -64.36 -57.43 1.12
C ASN D 264 -64.16 -55.96 0.81
N LEU D 265 -63.22 -55.62 -0.05
CA LEU D 265 -62.82 -54.22 -0.21
C LEU D 265 -63.57 -53.51 -1.32
N VAL D 266 -64.54 -54.15 -1.96
CA VAL D 266 -65.22 -53.51 -3.09
C VAL D 266 -66.71 -53.46 -2.82
N PRO D 267 -67.20 -52.39 -2.20
CA PRO D 267 -68.64 -52.32 -1.92
C PRO D 267 -69.49 -52.20 -3.17
N TYR D 268 -69.04 -51.45 -4.16
CA TYR D 268 -69.81 -51.19 -5.37
C TYR D 268 -68.98 -51.53 -6.59
N PRO D 269 -69.61 -51.78 -7.74
CA PRO D 269 -68.85 -52.20 -8.91
C PRO D 269 -67.76 -51.21 -9.32
N ARG D 270 -67.99 -49.91 -9.16
CA ARG D 270 -67.05 -48.94 -9.68
C ARG D 270 -65.98 -48.55 -8.65
N ILE D 271 -66.36 -48.42 -7.38
CA ILE D 271 -65.45 -47.88 -6.37
C ILE D 271 -64.57 -49.02 -5.91
N HIS D 272 -63.46 -49.24 -6.61
CA HIS D 272 -62.55 -50.33 -6.29
C HIS D 272 -61.10 -49.86 -6.38
N PHE D 273 -60.79 -48.74 -5.74
CA PHE D 273 -59.44 -48.17 -5.76
C PHE D 273 -58.90 -48.06 -4.33
N PRO D 274 -58.48 -49.17 -3.74
CA PRO D 274 -57.87 -49.12 -2.41
C PRO D 274 -56.39 -48.76 -2.49
N LEU D 275 -55.95 -47.97 -1.53
CA LEU D 275 -54.56 -47.57 -1.46
C LEU D 275 -53.80 -48.46 -0.50
N ALA D 276 -52.51 -48.60 -0.77
CA ALA D 276 -51.69 -49.53 0.01
C ALA D 276 -51.05 -48.83 1.21
N THR D 277 -50.54 -49.64 2.13
CA THR D 277 -49.76 -49.14 3.27
C THR D 277 -49.03 -50.33 3.88
N TYR D 278 -47.83 -50.10 4.40
CA TYR D 278 -47.03 -51.16 4.98
C TYR D 278 -46.40 -50.68 6.28
N ALA D 279 -46.16 -51.61 7.20
CA ALA D 279 -45.46 -51.31 8.44
C ALA D 279 -44.91 -52.61 9.02
N PRO D 280 -43.85 -52.54 9.82
CA PRO D 280 -43.03 -51.38 10.18
C PRO D 280 -41.97 -51.09 9.14
N VAL D 281 -41.57 -49.83 9.02
CA VAL D 281 -40.51 -49.42 8.11
C VAL D 281 -39.52 -48.62 8.95
N ILE D 282 -38.50 -49.29 9.47
CA ILE D 282 -37.52 -48.64 10.35
C ILE D 282 -36.14 -49.10 9.94
N SER D 283 -35.19 -48.17 10.07
CA SER D 283 -33.81 -48.45 9.68
C SER D 283 -33.17 -49.44 10.64
N ALA D 284 -32.02 -49.97 10.23
CA ALA D 284 -31.33 -50.96 11.04
C ALA D 284 -30.86 -50.37 12.36
N GLU D 285 -30.39 -49.12 12.35
CA GLU D 285 -29.93 -48.51 13.59
C GLU D 285 -31.06 -48.25 14.56
N LYS D 286 -32.24 -47.94 14.06
CA LYS D 286 -33.41 -47.71 14.89
C LYS D 286 -34.20 -48.99 15.12
N ALA D 287 -33.65 -50.14 14.72
CA ALA D 287 -34.36 -51.40 14.94
C ALA D 287 -34.58 -51.65 16.41
N TYR D 288 -33.57 -51.37 17.24
CA TYR D 288 -33.73 -51.45 18.68
C TYR D 288 -34.49 -50.20 19.13
N HIS D 289 -34.47 -49.92 20.42
CA HIS D 289 -35.13 -48.75 20.99
C HIS D 289 -36.64 -48.77 20.79
N GLU D 290 -37.18 -49.91 20.37
CA GLU D 290 -38.63 -50.10 20.26
C GLU D 290 -38.91 -51.58 20.09
N GLN D 291 -39.88 -52.09 20.84
CA GLN D 291 -40.20 -53.51 20.82
C GLN D 291 -41.15 -53.90 19.70
N LEU D 292 -41.71 -52.92 18.98
CA LEU D 292 -42.57 -53.18 17.82
C LEU D 292 -43.80 -53.98 18.20
N SER D 293 -44.62 -53.38 19.06
CA SER D 293 -45.90 -53.99 19.43
C SER D 293 -46.80 -54.10 18.22
N VAL D 294 -47.61 -55.16 18.20
CA VAL D 294 -48.57 -55.30 17.11
C VAL D 294 -49.60 -54.18 17.17
N ALA D 295 -49.96 -53.74 18.37
CA ALA D 295 -50.79 -52.55 18.48
C ALA D 295 -50.05 -51.31 17.99
N GLU D 296 -48.76 -51.24 18.30
CA GLU D 296 -47.94 -50.15 17.80
C GLU D 296 -47.91 -50.12 16.29
N ILE D 297 -47.67 -51.28 15.67
CA ILE D 297 -47.57 -51.29 14.21
C ILE D 297 -48.93 -51.06 13.58
N THR D 298 -50.00 -51.46 14.25
CA THR D 298 -51.34 -51.11 13.75
C THR D 298 -51.52 -49.60 13.74
N ASN D 299 -51.14 -48.95 14.83
CA ASN D 299 -51.23 -47.49 14.88
C ASN D 299 -50.36 -46.87 13.80
N ALA D 300 -49.18 -47.43 13.56
CA ALA D 300 -48.32 -46.94 12.49
C ALA D 300 -49.02 -47.04 11.15
N CYS D 301 -49.69 -48.17 10.91
CA CYS D 301 -50.44 -48.34 9.67
C CYS D 301 -51.51 -47.29 9.52
N PHE D 302 -52.19 -46.95 10.60
CA PHE D 302 -53.24 -45.95 10.48
C PHE D 302 -52.73 -44.52 10.57
N GLU D 303 -51.44 -44.32 10.77
CA GLU D 303 -50.91 -42.96 10.85
C GLU D 303 -50.98 -42.30 9.48
N PRO D 304 -51.53 -41.09 9.37
CA PRO D 304 -51.69 -40.47 8.06
C PRO D 304 -50.38 -40.20 7.35
N ALA D 305 -49.27 -40.18 8.07
CA ALA D 305 -47.96 -39.95 7.46
C ALA D 305 -47.33 -41.23 6.92
N ASN D 306 -47.93 -42.39 7.18
CA ASN D 306 -47.36 -43.64 6.72
C ASN D 306 -48.06 -44.20 5.49
N GLN D 307 -49.13 -43.59 5.02
CA GLN D 307 -49.80 -44.11 3.83
C GLN D 307 -48.95 -43.83 2.59
N MET D 308 -49.09 -44.69 1.60
CA MET D 308 -48.27 -44.63 0.39
C MET D 308 -49.00 -43.95 -0.75
N VAL D 309 -49.97 -43.11 -0.44
CA VAL D 309 -50.62 -42.24 -1.42
C VAL D 309 -50.79 -40.88 -0.79
N LYS D 310 -50.40 -39.83 -1.51
CA LYS D 310 -50.41 -38.49 -0.94
C LYS D 310 -51.84 -38.01 -0.80
N CYS D 311 -52.55 -38.59 0.18
CA CYS D 311 -53.91 -38.17 0.48
C CYS D 311 -54.11 -38.30 1.99
N ASP D 312 -54.59 -37.24 2.61
CA ASP D 312 -54.83 -37.31 4.05
C ASP D 312 -56.10 -38.12 4.31
N PRO D 313 -56.02 -39.25 4.99
CA PRO D 313 -57.23 -40.03 5.25
C PRO D 313 -58.26 -39.27 6.06
N ARG D 314 -57.83 -38.29 6.86
CA ARG D 314 -58.76 -37.53 7.68
C ARG D 314 -59.75 -36.73 6.86
N HIS D 315 -59.45 -36.46 5.59
CA HIS D 315 -60.41 -35.76 4.75
C HIS D 315 -61.49 -36.66 4.18
N GLY D 316 -61.39 -37.96 4.41
CA GLY D 316 -62.39 -38.89 3.94
C GLY D 316 -62.72 -39.93 4.99
N LYS D 317 -63.40 -41.00 4.60
CA LYS D 317 -63.79 -42.05 5.54
C LYS D 317 -63.35 -43.40 4.97
N TYR D 318 -62.80 -44.24 5.83
CA TYR D 318 -62.41 -45.59 5.45
C TYR D 318 -63.66 -46.42 5.21
N MET D 319 -63.99 -46.65 3.93
CA MET D 319 -65.13 -47.52 3.65
C MET D 319 -64.80 -48.98 3.96
N ALA D 320 -63.54 -49.37 3.83
CA ALA D 320 -63.16 -50.74 4.18
C ALA D 320 -61.66 -50.80 4.41
N CYS D 321 -61.24 -51.76 5.22
CA CYS D 321 -59.83 -51.96 5.48
C CYS D 321 -59.55 -53.46 5.52
N CYS D 322 -58.33 -53.83 5.12
CA CYS D 322 -57.92 -55.22 5.16
C CYS D 322 -56.47 -55.25 5.63
N LEU D 323 -56.25 -55.80 6.82
CA LEU D 323 -54.92 -55.82 7.43
C LEU D 323 -54.42 -57.25 7.39
N LEU D 324 -53.26 -57.45 6.77
CA LEU D 324 -52.65 -58.77 6.65
C LEU D 324 -51.37 -58.76 7.48
N TYR D 325 -51.36 -59.54 8.55
CA TYR D 325 -50.21 -59.62 9.44
C TYR D 325 -49.41 -60.87 9.13
N ARG D 326 -48.15 -60.85 9.52
CA ARG D 326 -47.30 -62.01 9.31
C ARG D 326 -46.20 -62.00 10.34
N GLY D 327 -45.74 -63.18 10.70
CA GLY D 327 -44.78 -63.36 11.77
C GLY D 327 -45.43 -63.85 13.05
N ASP D 328 -44.71 -63.64 14.14
CA ASP D 328 -45.17 -64.05 15.46
C ASP D 328 -46.29 -63.12 15.91
N VAL D 329 -47.51 -63.44 15.49
CA VAL D 329 -48.69 -62.64 15.81
C VAL D 329 -49.67 -63.52 16.57
N VAL D 330 -50.42 -62.91 17.47
CA VAL D 330 -51.41 -63.61 18.28
C VAL D 330 -52.75 -62.91 18.09
N PRO D 331 -53.82 -63.63 17.78
CA PRO D 331 -55.07 -62.96 17.36
C PRO D 331 -55.67 -62.05 18.40
N LYS D 332 -55.51 -62.37 19.69
CA LYS D 332 -56.12 -61.53 20.73
C LYS D 332 -55.58 -60.11 20.66
N ASP D 333 -54.28 -59.97 20.46
CA ASP D 333 -53.70 -58.64 20.38
C ASP D 333 -54.24 -57.89 19.18
N VAL D 334 -54.40 -58.59 18.05
CA VAL D 334 -54.98 -57.95 16.88
C VAL D 334 -56.38 -57.46 17.17
N ASN D 335 -57.18 -58.30 17.83
CA ASN D 335 -58.53 -57.90 18.19
C ASN D 335 -58.52 -56.67 19.08
N ALA D 336 -57.64 -56.66 20.09
CA ALA D 336 -57.58 -55.52 20.99
C ALA D 336 -57.18 -54.25 20.25
N ALA D 337 -56.16 -54.35 19.40
CA ALA D 337 -55.68 -53.17 18.69
C ALA D 337 -56.76 -52.63 17.76
N ILE D 338 -57.47 -53.52 17.06
CA ILE D 338 -58.51 -53.05 16.15
C ILE D 338 -59.67 -52.45 16.92
N ALA D 339 -59.99 -53.01 18.08
CA ALA D 339 -61.00 -52.41 18.93
C ALA D 339 -60.61 -50.98 19.30
N THR D 340 -59.37 -50.80 19.73
CA THR D 340 -58.90 -49.46 20.07
C THR D 340 -59.00 -48.52 18.88
N ILE D 341 -58.60 -48.99 17.70
CA ILE D 341 -58.67 -48.16 16.51
C ILE D 341 -60.12 -47.76 16.24
N LYS D 342 -61.05 -48.70 16.42
CA LYS D 342 -62.45 -48.37 16.22
C LYS D 342 -62.95 -47.36 17.26
N THR D 343 -62.33 -47.34 18.44
CA THR D 343 -62.78 -46.42 19.48
C THR D 343 -62.51 -44.97 19.12
N LYS D 344 -61.38 -44.69 18.47
CA LYS D 344 -60.99 -43.30 18.25
C LYS D 344 -61.88 -42.63 17.20
N ARG D 345 -61.97 -41.32 17.31
CA ARG D 345 -62.90 -40.52 16.50
C ARG D 345 -62.29 -40.07 15.19
N SER D 346 -60.99 -39.77 15.17
CA SER D 346 -60.35 -39.32 13.95
C SER D 346 -60.33 -40.36 12.85
N ILE D 347 -60.63 -41.62 13.17
CA ILE D 347 -60.75 -42.69 12.21
C ILE D 347 -62.22 -43.03 12.15
N GLN D 348 -62.95 -42.39 11.25
CA GLN D 348 -64.41 -42.46 11.22
C GLN D 348 -64.85 -43.15 9.94
N PHE D 349 -65.32 -44.39 10.09
CA PHE D 349 -65.84 -45.12 8.95
C PHE D 349 -67.19 -44.55 8.53
N VAL D 350 -67.72 -45.06 7.43
CA VAL D 350 -69.07 -44.69 7.02
C VAL D 350 -70.07 -45.31 7.99
N ASP D 351 -71.20 -44.64 8.16
CA ASP D 351 -72.24 -45.16 9.05
C ASP D 351 -72.77 -46.50 8.57
N TRP D 352 -72.91 -46.66 7.25
CA TRP D 352 -73.61 -47.82 6.71
C TRP D 352 -72.75 -49.08 6.69
N CYS D 353 -71.46 -48.99 7.01
CA CYS D 353 -70.62 -50.17 7.12
C CYS D 353 -70.10 -50.27 8.55
N PRO D 354 -70.80 -50.98 9.43
CA PRO D 354 -70.36 -51.07 10.83
C PRO D 354 -69.19 -52.01 11.04
N THR D 355 -68.93 -52.90 10.10
CA THR D 355 -67.84 -53.87 10.20
C THR D 355 -66.83 -53.51 9.12
N GLY D 356 -65.77 -52.79 9.51
CA GLY D 356 -64.84 -52.28 8.53
C GLY D 356 -63.47 -52.94 8.55
N PHE D 357 -63.41 -54.26 8.68
CA PHE D 357 -62.11 -54.92 8.73
C PHE D 357 -62.18 -56.32 8.17
N LYS D 358 -61.13 -56.72 7.46
CA LYS D 358 -60.80 -58.12 7.25
C LYS D 358 -59.40 -58.37 7.77
N VAL D 359 -59.23 -59.42 8.54
CA VAL D 359 -57.97 -59.70 9.18
C VAL D 359 -57.40 -60.99 8.64
N GLY D 360 -56.11 -61.00 8.39
CA GLY D 360 -55.43 -62.20 7.96
C GLY D 360 -54.11 -62.33 8.68
N ILE D 361 -53.77 -63.54 9.09
CA ILE D 361 -52.53 -63.79 9.82
C ILE D 361 -51.76 -64.88 9.10
N ASN D 362 -50.47 -64.66 8.95
CA ASN D 362 -49.58 -65.65 8.36
C ASN D 362 -48.50 -66.01 9.37
N TYR D 363 -47.96 -67.21 9.25
CA TYR D 363 -46.93 -67.65 10.18
C TYR D 363 -45.53 -67.27 9.74
N GLN D 364 -45.34 -66.99 8.46
CA GLN D 364 -44.00 -66.68 7.97
C GLN D 364 -43.67 -65.21 8.15
N PRO D 365 -42.57 -64.87 8.83
CA PRO D 365 -42.16 -63.48 8.95
C PRO D 365 -41.67 -62.94 7.63
N PRO D 366 -41.67 -61.62 7.44
CA PRO D 366 -41.04 -61.06 6.24
C PRO D 366 -39.54 -61.29 6.28
N THR D 367 -38.96 -61.53 5.10
CA THR D 367 -37.53 -61.76 4.97
C THR D 367 -36.88 -60.53 4.36
N VAL D 368 -35.76 -60.12 4.93
CA VAL D 368 -35.04 -58.93 4.48
C VAL D 368 -34.08 -59.33 3.36
N VAL D 369 -34.11 -58.58 2.27
CA VAL D 369 -33.23 -58.84 1.13
C VAL D 369 -31.83 -58.32 1.44
N PRO D 370 -30.80 -59.14 1.33
CA PRO D 370 -29.44 -58.68 1.59
C PRO D 370 -29.08 -57.52 0.68
N GLY D 371 -28.32 -56.57 1.21
CA GLY D 371 -28.09 -55.33 0.52
C GLY D 371 -29.27 -54.38 0.54
N GLY D 372 -30.30 -54.68 1.33
CA GLY D 372 -31.48 -53.85 1.42
C GLY D 372 -31.31 -52.71 2.38
N ASP D 373 -32.43 -52.13 2.79
CA ASP D 373 -32.42 -50.92 3.60
C ASP D 373 -33.17 -51.11 4.91
N LEU D 374 -34.13 -52.03 4.94
CA LEU D 374 -34.91 -52.26 6.13
C LEU D 374 -34.17 -53.20 7.09
N ALA D 375 -34.78 -53.44 8.23
CA ALA D 375 -34.18 -54.26 9.27
C ALA D 375 -35.01 -55.51 9.50
N LYS D 376 -34.33 -56.57 9.94
CA LYS D 376 -34.99 -57.84 10.21
C LYS D 376 -36.02 -57.70 11.32
N VAL D 377 -37.29 -57.81 10.96
CA VAL D 377 -38.38 -57.69 11.92
C VAL D 377 -39.03 -59.05 12.07
N GLN D 378 -39.74 -59.22 13.19
CA GLN D 378 -40.47 -60.46 13.45
C GLN D 378 -41.94 -60.35 13.13
N ARG D 379 -42.51 -59.15 13.11
CA ARG D 379 -43.90 -58.97 12.75
C ARG D 379 -44.02 -57.90 11.68
N ALA D 380 -44.97 -58.08 10.79
CA ALA D 380 -45.21 -57.10 9.74
C ALA D 380 -46.70 -57.08 9.41
N VAL D 381 -47.15 -55.97 8.88
CA VAL D 381 -48.56 -55.78 8.58
C VAL D 381 -48.70 -54.91 7.34
N CYS D 382 -49.45 -55.40 6.37
CA CYS D 382 -49.79 -54.64 5.18
C CYS D 382 -51.27 -54.31 5.21
N MET D 383 -51.60 -53.03 5.09
CA MET D 383 -52.98 -52.58 5.07
C MET D 383 -53.37 -52.19 3.67
N LEU D 384 -54.45 -52.76 3.17
CA LEU D 384 -55.08 -52.31 1.94
C LEU D 384 -56.39 -51.65 2.33
N SER D 385 -56.48 -50.34 2.12
CA SER D 385 -57.60 -49.57 2.65
C SER D 385 -58.32 -48.86 1.52
N ASN D 386 -59.62 -49.07 1.43
CA ASN D 386 -60.47 -48.35 0.48
C ASN D 386 -61.19 -47.25 1.23
N THR D 387 -60.85 -46.01 0.92
CA THR D 387 -61.38 -44.83 1.57
C THR D 387 -62.07 -43.92 0.58
N THR D 388 -62.47 -42.74 1.07
CA THR D 388 -63.09 -41.73 0.23
C THR D 388 -62.18 -40.56 -0.05
N ALA D 389 -61.09 -40.41 0.70
CA ALA D 389 -60.16 -39.32 0.45
C ALA D 389 -59.62 -39.36 -0.98
N ILE D 390 -59.39 -40.56 -1.50
CA ILE D 390 -58.83 -40.70 -2.84
C ILE D 390 -59.67 -39.95 -3.86
N ALA D 391 -60.96 -39.76 -3.57
CA ALA D 391 -61.84 -39.04 -4.49
C ALA D 391 -61.28 -37.67 -4.82
N GLU D 392 -60.84 -36.94 -3.79
CA GLU D 392 -60.27 -35.62 -4.02
C GLU D 392 -59.13 -35.68 -5.02
N ALA D 393 -58.33 -36.74 -4.96
CA ALA D 393 -57.21 -36.87 -5.89
C ALA D 393 -57.71 -36.86 -7.32
N TRP D 394 -58.78 -37.59 -7.60
CA TRP D 394 -59.36 -37.57 -8.94
C TRP D 394 -59.67 -36.15 -9.36
N ALA D 395 -60.25 -35.37 -8.46
CA ALA D 395 -60.54 -33.97 -8.76
C ALA D 395 -59.31 -33.28 -9.31
N ARG D 396 -58.18 -33.44 -8.61
CA ARG D 396 -56.95 -32.80 -9.08
C ARG D 396 -56.66 -33.19 -10.53
N LEU D 397 -56.64 -34.49 -10.80
CA LEU D 397 -56.40 -34.92 -12.17
C LEU D 397 -57.42 -34.30 -13.10
N ASP D 398 -58.70 -34.39 -12.71
CA ASP D 398 -59.76 -33.78 -13.51
C ASP D 398 -59.39 -32.33 -13.82
N HIS D 399 -59.04 -31.59 -12.76
CA HIS D 399 -58.69 -30.20 -12.95
C HIS D 399 -57.59 -30.06 -13.99
N LYS D 400 -56.50 -30.80 -13.82
CA LYS D 400 -55.41 -30.72 -14.78
C LYS D 400 -55.93 -30.96 -16.18
N PHE D 401 -56.67 -32.05 -16.35
CA PHE D 401 -57.20 -32.40 -17.65
C PHE D 401 -57.93 -31.20 -18.26
N ASP D 402 -58.83 -30.61 -17.48
CA ASP D 402 -59.62 -29.50 -17.98
C ASP D 402 -58.72 -28.44 -18.59
N LEU D 403 -57.70 -28.01 -17.83
CA LEU D 403 -56.81 -26.98 -18.35
C LEU D 403 -56.15 -27.44 -19.63
N MET D 404 -55.54 -28.62 -19.59
CA MET D 404 -54.84 -29.08 -20.78
C MET D 404 -55.79 -29.42 -21.90
N TYR D 405 -57.09 -29.47 -21.65
CA TYR D 405 -58.05 -29.63 -22.72
C TYR D 405 -58.69 -28.32 -23.13
N ALA D 406 -58.69 -27.32 -22.25
CA ALA D 406 -59.28 -26.04 -22.61
C ALA D 406 -58.55 -25.38 -23.76
N LYS D 407 -57.25 -25.65 -23.92
CA LYS D 407 -56.48 -25.15 -25.04
C LYS D 407 -56.27 -26.19 -26.12
N ARG D 408 -56.84 -27.37 -25.98
CA ARG D 408 -56.63 -28.48 -26.91
C ARG D 408 -55.15 -28.80 -27.06
N ALA D 409 -54.39 -28.65 -25.99
CA ALA D 409 -52.95 -28.90 -26.04
C ALA D 409 -52.69 -30.38 -26.29
N PHE D 410 -51.64 -30.66 -27.08
CA PHE D 410 -51.16 -32.01 -27.31
C PHE D 410 -52.21 -32.89 -27.99
N VAL D 411 -53.36 -32.32 -28.32
CA VAL D 411 -54.45 -33.13 -28.86
C VAL D 411 -54.08 -33.72 -30.20
N HIS D 412 -53.22 -33.05 -30.97
CA HIS D 412 -52.96 -33.48 -32.34
C HIS D 412 -52.30 -34.86 -32.38
N TRP D 413 -51.41 -35.16 -31.44
CA TRP D 413 -50.79 -36.49 -31.42
C TRP D 413 -51.85 -37.58 -31.30
N TYR D 414 -52.72 -37.46 -30.30
CA TYR D 414 -53.74 -38.48 -30.09
C TYR D 414 -54.71 -38.54 -31.27
N VAL D 415 -55.10 -37.38 -31.80
CA VAL D 415 -56.02 -37.36 -32.94
C VAL D 415 -55.42 -38.10 -34.12
N GLY D 416 -54.16 -37.80 -34.44
CA GLY D 416 -53.53 -38.42 -35.57
C GLY D 416 -53.05 -39.84 -35.33
N GLU D 417 -53.24 -40.36 -34.12
CA GLU D 417 -52.79 -41.71 -33.81
C GLU D 417 -53.93 -42.70 -33.57
N GLY D 418 -55.14 -42.39 -34.04
CA GLY D 418 -56.22 -43.35 -33.97
C GLY D 418 -57.20 -43.09 -32.85
N MET D 419 -57.59 -41.84 -32.65
CA MET D 419 -58.55 -41.49 -31.60
C MET D 419 -59.25 -40.19 -31.97
N GLU D 420 -60.37 -39.94 -31.32
CA GLU D 420 -61.22 -38.80 -31.60
C GLU D 420 -61.45 -37.97 -30.34
N GLU D 421 -61.78 -36.70 -30.55
CA GLU D 421 -62.04 -35.78 -29.45
C GLU D 421 -63.25 -36.20 -28.63
N GLY D 422 -64.29 -36.72 -29.29
CA GLY D 422 -65.45 -37.19 -28.57
C GLY D 422 -65.10 -38.22 -27.53
N GLU D 423 -64.05 -39.01 -27.78
CA GLU D 423 -63.57 -39.94 -26.77
C GLU D 423 -63.04 -39.21 -25.54
N PHE D 424 -62.30 -38.12 -25.75
CA PHE D 424 -61.83 -37.32 -24.62
C PHE D 424 -62.99 -36.77 -23.83
N SER D 425 -64.00 -36.24 -24.53
CA SER D 425 -65.16 -35.70 -23.83
C SER D 425 -65.87 -36.78 -23.04
N GLU D 426 -66.01 -37.97 -23.63
CA GLU D 426 -66.67 -39.07 -22.95
C GLU D 426 -65.90 -39.51 -21.71
N ALA D 427 -64.57 -39.58 -21.81
CA ALA D 427 -63.77 -39.96 -20.65
C ALA D 427 -63.89 -38.92 -19.55
N ARG D 428 -63.95 -37.65 -19.92
CA ARG D 428 -64.17 -36.61 -18.92
C ARG D 428 -65.52 -36.78 -18.24
N GLU D 429 -66.56 -37.08 -19.02
CA GLU D 429 -67.87 -37.35 -18.43
C GLU D 429 -67.80 -38.52 -17.46
N ASP D 430 -67.08 -39.57 -17.85
CA ASP D 430 -66.98 -40.75 -16.99
C ASP D 430 -66.26 -40.42 -15.68
N MET D 431 -65.18 -39.65 -15.75
CA MET D 431 -64.48 -39.26 -14.53
C MET D 431 -65.35 -38.39 -13.64
N ALA D 432 -66.11 -37.48 -14.25
CA ALA D 432 -67.05 -36.68 -13.47
C ALA D 432 -68.09 -37.57 -12.79
N ALA D 433 -68.57 -38.59 -13.50
CA ALA D 433 -69.53 -39.51 -12.91
C ALA D 433 -68.92 -40.26 -11.73
N LEU D 434 -67.67 -40.70 -11.86
CA LEU D 434 -67.01 -41.39 -10.75
C LEU D 434 -66.87 -40.48 -9.54
N GLU D 435 -66.46 -39.23 -9.77
CA GLU D 435 -66.35 -38.30 -8.66
C GLU D 435 -67.71 -38.07 -8.01
N LYS D 436 -68.76 -37.98 -8.83
CA LYS D 436 -70.10 -37.84 -8.30
C LYS D 436 -70.48 -39.04 -7.43
N ASP D 437 -70.13 -40.24 -7.87
CA ASP D 437 -70.45 -41.44 -7.10
C ASP D 437 -69.71 -41.44 -5.77
N TYR D 438 -68.44 -41.05 -5.78
CA TYR D 438 -67.69 -40.97 -4.54
C TYR D 438 -68.34 -39.98 -3.57
N GLU D 439 -68.71 -38.80 -4.08
CA GLU D 439 -69.35 -37.81 -3.22
C GLU D 439 -70.68 -38.33 -2.67
N GLU D 440 -71.47 -38.98 -3.52
CA GLU D 440 -72.77 -39.49 -3.10
C GLU D 440 -72.62 -40.54 -2.01
N VAL D 441 -71.64 -41.45 -2.17
CA VAL D 441 -71.43 -42.46 -1.15
C VAL D 441 -70.93 -41.83 0.14
N GLY D 442 -70.11 -40.78 0.05
CA GLY D 442 -69.56 -40.17 1.24
C GLY D 442 -70.59 -39.62 2.21
N VAL D 443 -71.80 -39.32 1.73
CA VAL D 443 -72.83 -38.72 2.58
C VAL D 443 -73.42 -39.78 3.50
N ASP D 444 -74.19 -39.33 4.49
CA ASP D 444 -74.83 -40.22 5.44
C ASP D 444 -76.26 -40.51 5.03
N SER D 445 -76.82 -41.56 5.62
CA SER D 445 -78.17 -41.99 5.32
C SER D 445 -79.17 -41.41 6.32
N VAL D 446 -80.41 -41.28 5.88
CA VAL D 446 -81.48 -40.76 6.73
C VAL D 446 -82.30 -41.92 7.26
N GLU D 447 -83.03 -41.67 8.34
CA GLU D 447 -83.89 -42.66 8.99
C GLU D 447 -83.09 -43.87 9.46
N MET E 1 -44.77 -50.38 36.90
CA MET E 1 -46.10 -50.12 36.35
C MET E 1 -46.64 -48.77 36.81
N ARG E 2 -45.76 -47.96 37.40
CA ARG E 2 -46.05 -46.56 37.71
C ARG E 2 -45.03 -45.73 36.93
N GLU E 3 -45.37 -45.43 35.69
CA GLU E 3 -44.41 -44.78 34.82
C GLU E 3 -44.43 -43.27 35.01
N CYS E 4 -43.29 -42.65 34.69
CA CYS E 4 -43.14 -41.20 34.82
C CYS E 4 -42.11 -40.76 33.79
N ILE E 5 -42.52 -39.92 32.86
CA ILE E 5 -41.61 -39.50 31.80
C ILE E 5 -40.89 -38.22 32.21
N SER E 6 -39.75 -37.98 31.57
CA SER E 6 -38.93 -36.80 31.83
C SER E 6 -38.82 -35.98 30.56
N ILE E 7 -39.00 -34.67 30.70
CA ILE E 7 -38.95 -33.74 29.57
C ILE E 7 -37.92 -32.68 29.90
N HIS E 8 -36.87 -32.59 29.09
CA HIS E 8 -35.79 -31.66 29.33
C HIS E 8 -35.85 -30.57 28.28
N VAL E 9 -36.08 -29.35 28.71
CA VAL E 9 -36.17 -28.20 27.82
C VAL E 9 -34.98 -27.29 28.08
N GLY E 10 -34.35 -26.83 27.01
CA GLY E 10 -33.25 -25.90 27.12
C GLY E 10 -31.96 -26.57 27.53
N GLN E 11 -30.87 -25.80 27.42
CA GLN E 11 -29.55 -26.33 27.69
C GLN E 11 -29.40 -26.77 29.14
N ALA E 12 -29.94 -25.98 30.06
CA ALA E 12 -29.90 -26.35 31.47
C ALA E 12 -30.57 -27.69 31.68
N GLY E 13 -31.78 -27.84 31.16
CA GLY E 13 -32.47 -29.10 31.28
C GLY E 13 -31.67 -30.25 30.70
N VAL E 14 -31.07 -30.04 29.54
CA VAL E 14 -30.38 -31.14 28.89
C VAL E 14 -29.17 -31.57 29.69
N GLN E 15 -28.40 -30.62 30.21
CA GLN E 15 -27.21 -31.01 30.98
C GLN E 15 -27.60 -31.64 32.30
N ILE E 16 -28.60 -31.08 32.98
CA ILE E 16 -29.09 -31.70 34.21
C ILE E 16 -29.54 -33.12 33.92
N GLY E 17 -30.17 -33.33 32.77
CA GLY E 17 -30.59 -34.67 32.41
C GLY E 17 -29.43 -35.60 32.15
N ASN E 18 -28.38 -35.09 31.52
CA ASN E 18 -27.18 -35.89 31.37
C ASN E 18 -26.75 -36.42 32.74
N ALA E 19 -26.68 -35.53 33.72
CA ALA E 19 -26.29 -35.95 35.06
C ALA E 19 -27.28 -36.95 35.63
N CYS E 20 -28.58 -36.67 35.51
CA CYS E 20 -29.59 -37.49 36.15
C CYS E 20 -29.59 -38.90 35.58
N TRP E 21 -29.49 -39.02 34.26
CA TRP E 21 -29.53 -40.34 33.66
C TRP E 21 -28.23 -41.08 33.86
N GLU E 22 -27.10 -40.37 33.96
CA GLU E 22 -25.89 -41.04 34.43
C GLU E 22 -26.11 -41.64 35.81
N LEU E 23 -26.73 -40.86 36.70
CA LEU E 23 -26.98 -41.35 38.05
C LEU E 23 -27.88 -42.57 38.04
N TYR E 24 -28.97 -42.52 37.27
CA TYR E 24 -29.88 -43.66 37.22
C TYR E 24 -29.18 -44.89 36.68
N CYS E 25 -28.54 -44.76 35.52
CA CYS E 25 -27.83 -45.90 34.94
C CYS E 25 -26.82 -46.48 35.92
N LEU E 26 -26.24 -45.64 36.77
CA LEU E 26 -25.38 -46.17 37.82
C LEU E 26 -26.17 -46.89 38.89
N GLU E 27 -27.36 -46.40 39.22
CA GLU E 27 -28.11 -46.96 40.34
C GLU E 27 -28.53 -48.40 40.06
N HIS E 28 -29.18 -48.64 38.92
CA HIS E 28 -29.76 -49.93 38.63
C HIS E 28 -28.79 -50.86 37.92
N GLY E 29 -27.50 -50.54 37.93
CA GLY E 29 -26.52 -51.38 37.27
C GLY E 29 -26.74 -51.46 35.78
N ILE E 30 -26.99 -50.31 35.14
CA ILE E 30 -27.29 -50.24 33.72
C ILE E 30 -26.07 -49.70 32.98
N GLN E 31 -25.57 -50.47 32.03
CA GLN E 31 -24.47 -50.01 31.19
C GLN E 31 -24.95 -48.84 30.34
N PRO E 32 -24.03 -48.02 29.83
CA PRO E 32 -24.44 -46.89 28.98
C PRO E 32 -25.23 -47.31 27.75
N ASP E 33 -24.99 -48.52 27.24
CA ASP E 33 -25.71 -49.03 26.09
C ASP E 33 -27.01 -49.74 26.47
N GLY E 34 -27.54 -49.49 27.65
CA GLY E 34 -28.81 -50.05 28.05
C GLY E 34 -28.77 -51.49 28.51
N GLN E 35 -27.62 -52.13 28.47
CA GLN E 35 -27.50 -53.50 28.95
C GLN E 35 -27.21 -53.52 30.44
N MET E 36 -27.49 -54.66 31.06
CA MET E 36 -27.13 -54.86 32.46
C MET E 36 -26.60 -56.28 32.62
N PRO E 37 -25.36 -56.44 33.11
CA PRO E 37 -24.72 -57.74 33.29
C PRO E 37 -25.41 -58.59 34.36
N HIS E 46 -32.28 -56.17 47.39
CA HIS E 46 -33.36 -55.23 47.63
C HIS E 46 -34.09 -54.87 46.34
N HIS E 47 -33.39 -55.01 45.22
CA HIS E 47 -33.98 -54.68 43.93
C HIS E 47 -35.13 -55.62 43.59
N HIS E 48 -36.07 -55.13 42.80
CA HIS E 48 -37.19 -55.94 42.34
C HIS E 48 -36.91 -56.55 40.97
N ASP E 53 -41.48 -53.99 38.91
CA ASP E 53 -40.03 -53.97 38.97
C ASP E 53 -39.55 -52.58 39.37
N SER E 54 -38.24 -52.45 39.59
CA SER E 54 -37.68 -51.17 39.98
C SER E 54 -37.50 -50.26 38.77
N PHE E 55 -36.64 -50.67 37.82
CA PHE E 55 -36.30 -49.79 36.72
C PHE E 55 -37.43 -49.57 35.74
N ASN E 56 -38.45 -50.42 35.78
CA ASN E 56 -39.54 -50.31 34.82
C ASN E 56 -40.21 -48.94 34.87
N THR E 57 -40.18 -48.27 36.02
CA THR E 57 -40.88 -47.01 36.17
C THR E 57 -40.23 -45.90 35.37
N PHE E 58 -38.92 -45.98 35.16
CA PHE E 58 -38.22 -45.00 34.35
C PHE E 58 -37.62 -45.56 33.07
N PHE E 59 -37.26 -46.84 33.05
CA PHE E 59 -36.69 -47.47 31.87
C PHE E 59 -37.73 -48.36 31.23
N SER E 60 -38.03 -48.11 29.95
CA SER E 60 -38.77 -49.10 29.22
C SER E 60 -37.79 -50.13 28.66
N GLU E 61 -38.30 -51.32 28.36
CA GLU E 61 -37.44 -52.41 27.94
C GLU E 61 -37.87 -52.92 26.58
N THR E 62 -36.89 -53.21 25.73
CA THR E 62 -37.11 -53.81 24.44
C THR E 62 -36.84 -55.31 24.52
N GLY E 63 -36.89 -56.00 23.37
CA GLY E 63 -36.78 -57.44 23.38
C GLY E 63 -35.46 -57.93 23.97
N ALA E 64 -34.35 -57.33 23.52
CA ALA E 64 -33.06 -57.70 24.05
C ALA E 64 -32.90 -57.13 25.46
N GLY E 65 -31.71 -57.31 26.02
CA GLY E 65 -31.41 -56.77 27.34
C GLY E 65 -31.19 -55.27 27.35
N LYS E 66 -31.67 -54.59 26.30
CA LYS E 66 -31.45 -53.17 26.15
C LYS E 66 -32.65 -52.39 26.67
N HIS E 67 -32.40 -51.51 27.64
CA HIS E 67 -33.42 -50.63 28.20
C HIS E 67 -33.20 -49.22 27.69
N VAL E 68 -34.28 -48.48 27.50
CA VAL E 68 -34.17 -47.10 27.06
C VAL E 68 -34.91 -46.17 28.01
N PRO E 69 -34.43 -44.95 28.19
CA PRO E 69 -35.10 -44.01 29.09
C PRO E 69 -36.36 -43.44 28.47
N ARG E 70 -37.26 -43.01 29.35
CA ARG E 70 -38.47 -42.32 28.93
C ARG E 70 -38.26 -40.81 28.97
N ALA E 71 -37.28 -40.35 28.21
CA ALA E 71 -36.90 -38.95 28.20
C ALA E 71 -37.13 -38.34 26.83
N VAL E 72 -37.44 -37.05 26.81
CA VAL E 72 -37.67 -36.30 25.59
C VAL E 72 -36.81 -35.05 25.63
N PHE E 73 -35.62 -35.13 25.05
CA PHE E 73 -34.68 -34.02 25.06
C PHE E 73 -35.02 -33.10 23.90
N VAL E 74 -35.53 -31.92 24.19
CA VAL E 74 -35.94 -30.97 23.16
C VAL E 74 -35.12 -29.71 23.32
N ASP E 75 -34.65 -29.17 22.21
CA ASP E 75 -33.89 -27.93 22.21
C ASP E 75 -34.03 -27.28 20.85
N LEU E 76 -33.78 -25.96 20.80
CA LEU E 76 -33.80 -25.23 19.55
C LEU E 76 -32.42 -25.01 18.95
N GLU E 77 -31.36 -25.24 19.73
CA GLU E 77 -30.00 -25.14 19.22
C GLU E 77 -29.36 -26.52 19.27
N PRO E 78 -28.88 -27.05 18.15
CA PRO E 78 -28.42 -28.45 18.12
C PRO E 78 -27.09 -28.70 18.81
N THR E 79 -26.44 -27.69 19.39
CA THR E 79 -25.10 -27.87 19.92
C THR E 79 -25.07 -28.89 21.05
N VAL E 80 -25.84 -28.65 22.10
CA VAL E 80 -25.76 -29.49 23.28
C VAL E 80 -26.31 -30.88 22.99
N ILE E 81 -27.40 -30.96 22.22
CA ILE E 81 -27.94 -32.26 21.86
C ILE E 81 -26.93 -33.05 21.04
N ASP E 82 -26.19 -32.36 20.16
CA ASP E 82 -25.14 -33.03 19.41
C ASP E 82 -24.05 -33.53 20.35
N GLU E 83 -23.72 -32.75 21.36
CA GLU E 83 -22.77 -33.24 22.36
C GLU E 83 -23.29 -34.51 23.02
N VAL E 84 -24.59 -34.55 23.30
CA VAL E 84 -25.18 -35.75 23.89
C VAL E 84 -25.03 -36.93 22.94
N ARG E 85 -25.37 -36.72 21.67
CA ARG E 85 -25.27 -37.78 20.67
C ARG E 85 -23.85 -38.27 20.51
N THR E 86 -22.87 -37.41 20.77
CA THR E 86 -21.47 -37.76 20.65
C THR E 86 -20.88 -38.25 21.97
N GLY E 87 -21.54 -38.01 23.09
CA GLY E 87 -21.01 -38.42 24.37
C GLY E 87 -21.02 -39.92 24.55
N THR E 88 -20.51 -40.35 25.70
CA THR E 88 -20.53 -41.77 26.02
C THR E 88 -21.94 -42.32 26.11
N TYR E 89 -22.92 -41.47 26.39
CA TYR E 89 -24.32 -41.89 26.44
C TYR E 89 -25.00 -41.70 25.09
N ARG E 90 -24.37 -42.25 24.06
CA ARG E 90 -24.90 -42.19 22.71
C ARG E 90 -25.84 -43.36 22.46
N GLN E 91 -25.40 -44.58 22.77
CA GLN E 91 -26.19 -45.77 22.54
C GLN E 91 -27.48 -45.79 23.35
N LEU E 92 -27.58 -44.99 24.40
CA LEU E 92 -28.68 -45.17 25.35
C LEU E 92 -30.00 -44.68 24.77
N PHE E 93 -30.10 -43.38 24.51
CA PHE E 93 -31.40 -42.77 24.27
C PHE E 93 -31.97 -43.19 22.92
N HIS E 94 -33.30 -43.20 22.85
CA HIS E 94 -33.97 -43.51 21.60
C HIS E 94 -33.78 -42.35 20.64
N PRO E 95 -33.13 -42.55 19.51
CA PRO E 95 -32.68 -41.41 18.69
C PRO E 95 -33.81 -40.53 18.20
N GLU E 96 -35.03 -41.05 18.16
CA GLU E 96 -36.14 -40.23 17.73
C GLU E 96 -36.47 -39.14 18.74
N GLN E 97 -36.17 -39.36 20.02
CA GLN E 97 -36.55 -38.37 21.02
C GLN E 97 -35.69 -37.11 20.97
N LEU E 98 -34.44 -37.20 20.54
CA LEU E 98 -33.52 -36.08 20.64
C LEU E 98 -33.90 -35.03 19.62
N ILE E 99 -34.98 -34.33 19.94
CA ILE E 99 -35.53 -33.31 19.05
C ILE E 99 -34.65 -32.07 19.12
N THR E 100 -34.19 -31.60 17.97
CA THR E 100 -33.37 -30.40 17.88
C THR E 100 -34.04 -29.42 16.92
N GLY E 101 -34.06 -28.15 17.30
CA GLY E 101 -34.53 -27.09 16.42
C GLY E 101 -33.44 -26.64 15.48
N LYS E 102 -33.58 -25.42 15.00
CA LYS E 102 -32.55 -24.84 14.15
C LYS E 102 -31.93 -23.57 14.73
N GLU E 103 -32.74 -22.62 15.19
CA GLU E 103 -32.24 -21.39 15.77
C GLU E 103 -32.83 -21.23 17.15
N ASP E 104 -31.98 -21.15 18.15
CA ASP E 104 -32.46 -21.07 19.53
C ASP E 104 -33.16 -19.75 19.79
N ALA E 105 -33.94 -19.71 20.86
CA ALA E 105 -34.69 -18.51 21.19
C ALA E 105 -33.78 -17.34 21.49
N ALA E 106 -32.50 -17.60 21.74
CA ALA E 106 -31.52 -16.56 22.02
C ALA E 106 -31.98 -15.68 23.18
N ASN E 107 -32.33 -16.34 24.27
CA ASN E 107 -32.73 -15.67 25.51
C ASN E 107 -33.84 -14.68 25.25
N ASN E 108 -34.76 -15.03 24.36
CA ASN E 108 -35.93 -14.22 24.05
C ASN E 108 -37.17 -15.08 24.27
N TYR E 109 -38.05 -14.64 25.17
CA TYR E 109 -39.24 -15.43 25.47
C TYR E 109 -40.16 -15.53 24.27
N ALA E 110 -40.35 -14.43 23.55
CA ALA E 110 -41.28 -14.43 22.43
C ALA E 110 -40.89 -15.46 21.39
N ARG E 111 -39.59 -15.52 21.08
CA ARG E 111 -39.10 -16.54 20.15
C ARG E 111 -39.38 -17.93 20.66
N GLY E 112 -39.17 -18.15 21.97
CA GLY E 112 -39.34 -19.46 22.53
C GLY E 112 -40.77 -19.87 22.79
N HIS E 113 -41.73 -18.96 22.60
CA HIS E 113 -43.12 -19.27 22.87
C HIS E 113 -44.07 -18.91 21.74
N TYR E 114 -43.68 -18.06 20.80
CA TYR E 114 -44.58 -17.67 19.72
C TYR E 114 -44.05 -17.99 18.35
N THR E 115 -42.76 -17.74 18.09
CA THR E 115 -42.25 -17.80 16.73
C THR E 115 -41.62 -19.15 16.39
N ILE E 116 -40.57 -19.53 17.12
CA ILE E 116 -39.78 -20.69 16.74
C ILE E 116 -40.35 -21.96 17.34
N GLY E 117 -40.47 -22.00 18.66
CA GLY E 117 -40.96 -23.20 19.32
C GLY E 117 -42.33 -23.62 18.82
N LYS E 118 -43.08 -22.67 18.25
CA LYS E 118 -44.37 -22.98 17.68
C LYS E 118 -44.28 -23.95 16.52
N GLU E 119 -43.07 -24.16 15.98
CA GLU E 119 -42.92 -25.00 14.81
C GLU E 119 -42.40 -26.40 15.12
N ILE E 120 -42.00 -26.68 16.36
CA ILE E 120 -41.66 -28.04 16.76
C ILE E 120 -42.47 -28.50 17.96
N ILE E 121 -43.32 -27.63 18.51
CA ILE E 121 -44.16 -28.04 19.63
C ILE E 121 -45.00 -29.25 19.24
N ASP E 122 -45.43 -29.32 17.99
CA ASP E 122 -46.27 -30.43 17.55
C ASP E 122 -45.49 -31.74 17.54
N LEU E 123 -44.25 -31.71 17.04
CA LEU E 123 -43.44 -32.92 17.04
C LEU E 123 -43.16 -33.36 18.48
N VAL E 124 -42.88 -32.40 19.37
CA VAL E 124 -42.62 -32.76 20.75
C VAL E 124 -43.86 -33.42 21.37
N LEU E 125 -45.03 -32.82 21.15
CA LEU E 125 -46.25 -33.40 21.68
C LEU E 125 -46.50 -34.78 21.11
N ASP E 126 -46.16 -34.99 19.83
CA ASP E 126 -46.35 -36.30 19.23
C ASP E 126 -45.49 -37.35 19.91
N ARG E 127 -44.22 -37.04 20.13
CA ARG E 127 -43.36 -38.00 20.83
C ARG E 127 -43.84 -38.22 22.25
N ILE E 128 -44.32 -37.17 22.91
CA ILE E 128 -44.88 -37.31 24.25
C ILE E 128 -46.05 -38.29 24.22
N ARG E 129 -46.94 -38.12 23.26
CA ARG E 129 -48.11 -38.99 23.18
C ARG E 129 -47.72 -40.43 22.91
N LYS E 130 -46.74 -40.65 22.03
CA LYS E 130 -46.27 -42.02 21.80
C LYS E 130 -45.75 -42.63 23.10
N LEU E 131 -44.88 -41.91 23.80
CA LEU E 131 -44.31 -42.47 25.03
C LEU E 131 -45.39 -42.71 26.07
N ALA E 132 -46.36 -41.81 26.17
CA ALA E 132 -47.42 -41.99 27.16
C ALA E 132 -48.26 -43.22 26.83
N ASP E 133 -48.70 -43.34 25.58
CA ASP E 133 -49.54 -44.47 25.22
C ASP E 133 -48.81 -45.79 25.29
N GLN E 134 -47.47 -45.78 25.21
CA GLN E 134 -46.76 -47.03 25.42
C GLN E 134 -46.69 -47.42 26.90
N CYS E 135 -47.07 -46.52 27.80
CA CYS E 135 -47.09 -46.79 29.23
C CYS E 135 -48.51 -47.11 29.70
N THR E 136 -48.61 -47.64 30.91
CA THR E 136 -49.89 -48.05 31.47
C THR E 136 -50.26 -47.31 32.74
N GLY E 137 -49.33 -47.21 33.69
CA GLY E 137 -49.61 -46.56 34.96
C GLY E 137 -48.91 -45.22 35.09
N LEU E 138 -48.98 -44.43 34.03
CA LEU E 138 -48.32 -43.13 34.00
C LEU E 138 -48.65 -42.30 35.23
N GLN E 139 -47.61 -41.87 35.94
CA GLN E 139 -47.78 -41.08 37.15
C GLN E 139 -47.84 -39.59 36.83
N GLY E 140 -46.83 -39.07 36.15
CA GLY E 140 -46.81 -37.64 35.86
C GLY E 140 -45.56 -37.23 35.12
N PHE E 141 -45.31 -35.92 35.12
CA PHE E 141 -44.30 -35.31 34.28
C PHE E 141 -43.18 -34.69 35.11
N LEU E 142 -41.97 -34.79 34.60
CA LEU E 142 -40.81 -34.12 35.19
C LEU E 142 -40.22 -33.20 34.13
N VAL E 143 -40.47 -31.92 34.25
CA VAL E 143 -39.91 -30.92 33.35
C VAL E 143 -38.65 -30.37 33.97
N PHE E 144 -37.52 -30.54 33.29
CA PHE E 144 -36.24 -29.99 33.72
C PHE E 144 -35.94 -28.78 32.84
N HIS E 145 -36.10 -27.58 33.40
CA HIS E 145 -35.96 -26.40 32.59
C HIS E 145 -35.47 -25.25 33.45
N SER E 146 -34.69 -24.37 32.85
CA SER E 146 -34.19 -23.19 33.54
C SER E 146 -35.28 -22.12 33.56
N PHE E 147 -34.91 -20.93 34.00
CA PHE E 147 -35.85 -19.83 34.08
C PHE E 147 -35.42 -18.61 33.29
N GLY E 148 -34.13 -18.42 33.07
CA GLY E 148 -33.66 -17.24 32.37
C GLY E 148 -33.58 -17.43 30.87
N GLY E 149 -33.15 -18.62 30.45
CA GLY E 149 -33.00 -18.86 29.03
C GLY E 149 -34.31 -18.68 28.27
N GLY E 150 -34.19 -18.25 27.02
CA GLY E 150 -35.37 -18.03 26.20
C GLY E 150 -36.10 -19.32 25.92
N THR E 151 -35.37 -20.34 25.46
CA THR E 151 -35.99 -21.63 25.20
C THR E 151 -36.67 -22.16 26.45
N GLY E 152 -35.93 -22.22 27.55
CA GLY E 152 -36.48 -22.67 28.81
C GLY E 152 -37.83 -22.04 29.09
N SER E 153 -37.86 -20.72 29.31
CA SER E 153 -39.09 -20.06 29.70
C SER E 153 -40.20 -20.24 28.67
N GLY E 154 -39.94 -19.83 27.43
CA GLY E 154 -40.98 -19.82 26.44
C GLY E 154 -41.49 -21.20 26.09
N PHE E 155 -40.58 -22.09 25.71
CA PHE E 155 -40.95 -23.43 25.33
C PHE E 155 -41.59 -24.18 26.48
N THR E 156 -41.10 -24.00 27.70
CA THR E 156 -41.72 -24.67 28.83
C THR E 156 -43.12 -24.17 29.07
N SER E 157 -43.35 -22.86 28.97
CA SER E 157 -44.70 -22.35 29.13
C SER E 157 -45.63 -22.95 28.08
N LEU E 158 -45.18 -22.95 26.83
CA LEU E 158 -46.01 -23.51 25.76
C LEU E 158 -46.28 -24.99 26.01
N LEU E 159 -45.26 -25.74 26.39
CA LEU E 159 -45.41 -27.18 26.57
C LEU E 159 -46.32 -27.50 27.74
N MET E 160 -46.21 -26.73 28.83
CA MET E 160 -47.07 -26.96 29.97
C MET E 160 -48.52 -26.67 29.62
N GLU E 161 -48.78 -25.57 28.90
CA GLU E 161 -50.15 -25.30 28.49
C GLU E 161 -50.68 -26.43 27.62
N ARG E 162 -49.88 -26.90 26.67
CA ARG E 162 -50.33 -27.97 25.79
C ARG E 162 -50.62 -29.24 26.56
N LEU E 163 -49.72 -29.65 27.46
CA LEU E 163 -49.94 -30.88 28.20
C LEU E 163 -51.15 -30.77 29.11
N SER E 164 -51.30 -29.64 29.80
CA SER E 164 -52.48 -29.45 30.64
C SER E 164 -53.76 -29.51 29.82
N VAL E 165 -53.72 -29.02 28.58
CA VAL E 165 -54.87 -29.19 27.70
C VAL E 165 -55.09 -30.67 27.40
N ASP E 166 -54.01 -31.39 27.10
CA ASP E 166 -54.15 -32.78 26.67
C ASP E 166 -54.43 -33.71 27.84
N TYR E 167 -53.51 -33.80 28.78
CA TYR E 167 -53.65 -34.67 29.95
C TYR E 167 -54.30 -33.85 31.05
N GLY E 168 -55.61 -34.03 31.21
CA GLY E 168 -56.40 -33.19 32.10
C GLY E 168 -55.89 -33.14 33.53
N LYS E 169 -55.88 -34.28 34.20
CA LYS E 169 -55.52 -34.35 35.61
C LYS E 169 -54.39 -35.36 35.79
N LYS E 170 -53.16 -34.88 35.71
CA LYS E 170 -51.99 -35.70 36.00
C LYS E 170 -50.90 -34.83 36.61
N SER E 171 -49.97 -35.49 37.30
CA SER E 171 -48.92 -34.77 38.01
C SER E 171 -47.99 -34.07 37.04
N LYS E 172 -47.65 -32.82 37.33
CA LYS E 172 -46.74 -32.03 36.50
C LYS E 172 -45.75 -31.31 37.41
N LEU E 173 -44.52 -31.83 37.46
CA LEU E 173 -43.49 -31.30 38.33
C LEU E 173 -42.38 -30.66 37.51
N GLU E 174 -41.95 -29.48 37.94
CA GLU E 174 -40.90 -28.74 37.27
C GLU E 174 -39.71 -28.58 38.20
N PHE E 175 -38.52 -28.45 37.60
CA PHE E 175 -37.31 -28.14 38.34
C PHE E 175 -36.73 -26.86 37.75
N SER E 176 -37.25 -25.73 38.18
CA SER E 176 -36.80 -24.47 37.64
C SER E 176 -35.46 -24.07 38.25
N ILE E 177 -34.73 -23.24 37.54
CA ILE E 177 -33.48 -22.68 38.02
C ILE E 177 -33.76 -21.22 38.34
N TYR E 178 -34.10 -20.94 39.58
CA TYR E 178 -34.51 -19.60 39.96
C TYR E 178 -33.37 -18.63 39.73
N PRO E 179 -33.62 -17.47 39.12
CA PRO E 179 -32.54 -16.52 38.85
C PRO E 179 -31.96 -15.95 40.15
N ALA E 180 -30.64 -16.01 40.27
CA ALA E 180 -29.98 -15.61 41.50
C ALA E 180 -30.15 -14.12 41.75
N PRO E 181 -30.07 -13.69 43.02
CA PRO E 181 -30.19 -12.26 43.31
C PRO E 181 -29.04 -11.42 42.79
N GLN E 182 -27.82 -11.94 42.76
CA GLN E 182 -26.66 -11.13 42.42
C GLN E 182 -25.85 -11.65 41.24
N VAL E 183 -25.82 -12.95 41.02
CA VAL E 183 -25.11 -13.54 39.88
C VAL E 183 -26.15 -13.82 38.81
N SER E 184 -26.08 -13.07 37.71
CA SER E 184 -26.96 -13.28 36.58
C SER E 184 -26.12 -13.37 35.31
N THR E 185 -26.16 -14.52 34.65
CA THR E 185 -25.46 -14.68 33.38
C THR E 185 -26.20 -13.98 32.24
N ALA E 186 -27.52 -13.92 32.30
CA ALA E 186 -28.29 -13.25 31.27
C ALA E 186 -28.49 -11.78 31.65
N VAL E 187 -29.16 -11.05 30.77
CA VAL E 187 -29.40 -9.62 31.00
C VAL E 187 -30.90 -9.37 31.01
N VAL E 188 -31.65 -10.25 30.37
CA VAL E 188 -33.09 -10.11 30.31
C VAL E 188 -33.79 -11.12 31.22
N GLU E 189 -33.09 -11.62 32.24
CA GLU E 189 -33.70 -12.59 33.15
C GLU E 189 -35.03 -12.14 33.73
N PRO E 190 -35.22 -10.89 34.19
CA PRO E 190 -36.54 -10.53 34.73
C PRO E 190 -37.67 -10.74 33.75
N TYR E 191 -37.48 -10.42 32.47
CA TYR E 191 -38.56 -10.56 31.51
C TYR E 191 -38.96 -12.02 31.33
N ASN E 192 -37.98 -12.88 31.05
CA ASN E 192 -38.28 -14.29 30.88
C ASN E 192 -38.91 -14.87 32.14
N SER E 193 -38.36 -14.52 33.30
CA SER E 193 -38.89 -15.07 34.54
C SER E 193 -40.34 -14.67 34.75
N ILE E 194 -40.64 -13.38 34.61
CA ILE E 194 -41.99 -12.91 34.86
C ILE E 194 -42.96 -13.54 33.88
N LEU E 195 -42.60 -13.58 32.61
CA LEU E 195 -43.51 -14.15 31.62
C LEU E 195 -43.75 -15.63 31.87
N THR E 196 -42.69 -16.40 32.05
CA THR E 196 -42.86 -17.83 32.26
C THR E 196 -43.59 -18.12 33.55
N THR E 197 -43.43 -17.29 34.58
CA THR E 197 -44.15 -17.51 35.81
C THR E 197 -45.63 -17.21 35.64
N HIS E 198 -45.95 -16.07 35.00
CA HIS E 198 -47.35 -15.77 34.74
C HIS E 198 -48.01 -16.87 33.94
N THR E 199 -47.28 -17.51 33.04
CA THR E 199 -47.89 -18.59 32.27
C THR E 199 -48.03 -19.86 33.11
N THR E 200 -46.92 -20.35 33.66
CA THR E 200 -46.91 -21.63 34.37
C THR E 200 -47.66 -21.58 35.70
N LEU E 201 -48.06 -20.41 36.18
CA LEU E 201 -48.74 -20.32 37.46
C LEU E 201 -50.07 -21.06 37.46
N GLU E 202 -50.66 -21.30 36.30
CA GLU E 202 -51.97 -21.92 36.22
C GLU E 202 -51.90 -23.37 35.78
N HIS E 203 -50.72 -23.89 35.54
CA HIS E 203 -50.66 -25.24 35.01
C HIS E 203 -49.74 -26.16 35.82
N SER E 204 -48.61 -25.65 36.30
CA SER E 204 -47.67 -26.50 37.02
C SER E 204 -48.25 -26.90 38.37
N ASP E 205 -48.29 -28.21 38.62
CA ASP E 205 -48.78 -28.68 39.91
C ASP E 205 -47.83 -28.26 41.02
N CYS E 206 -46.54 -28.50 40.84
CA CYS E 206 -45.56 -28.20 41.88
C CYS E 206 -44.21 -27.95 41.22
N ALA E 207 -43.69 -26.74 41.37
CA ALA E 207 -42.37 -26.41 40.89
C ALA E 207 -41.34 -26.81 41.94
N PHE E 208 -40.06 -26.58 41.65
CA PHE E 208 -39.00 -26.95 42.59
C PHE E 208 -37.88 -25.92 42.47
N MET E 209 -37.89 -24.93 43.37
CA MET E 209 -36.92 -23.87 43.28
C MET E 209 -35.52 -24.34 43.67
N VAL E 210 -34.57 -24.03 42.78
CA VAL E 210 -33.15 -24.26 42.96
C VAL E 210 -32.43 -23.11 42.30
N ASP E 211 -31.29 -22.69 42.87
CA ASP E 211 -30.50 -21.61 42.32
C ASP E 211 -29.05 -22.03 42.20
N ASN E 212 -28.32 -21.38 41.29
CA ASN E 212 -26.91 -21.69 41.12
C ASN E 212 -26.05 -21.07 42.22
N GLU E 213 -26.41 -19.89 42.70
CA GLU E 213 -25.59 -19.20 43.69
C GLU E 213 -25.49 -20.02 44.97
N ALA E 214 -26.62 -20.52 45.45
CA ALA E 214 -26.60 -21.30 46.68
C ALA E 214 -25.78 -22.56 46.52
N ILE E 215 -25.83 -23.16 45.33
CA ILE E 215 -25.05 -24.38 45.12
C ILE E 215 -23.57 -24.06 45.06
N TYR E 216 -23.20 -22.92 44.48
CA TYR E 216 -21.82 -22.47 44.57
C TYR E 216 -21.38 -22.36 46.02
N ASP E 217 -22.20 -21.71 46.83
CA ASP E 217 -21.89 -21.53 48.24
C ASP E 217 -21.70 -22.88 48.93
N ILE E 218 -22.61 -23.82 48.67
CA ILE E 218 -22.54 -25.13 49.32
C ILE E 218 -21.29 -25.88 48.88
N CYS E 219 -20.98 -25.82 47.59
CA CYS E 219 -19.79 -26.51 47.09
C CYS E 219 -18.54 -25.94 47.73
N ARG E 220 -18.48 -24.62 47.88
CA ARG E 220 -17.29 -24.02 48.48
C ARG E 220 -17.17 -24.36 49.95
N ARG E 221 -18.24 -24.18 50.71
CA ARG E 221 -18.13 -24.30 52.16
C ARG E 221 -18.11 -25.75 52.61
N ASN E 222 -19.10 -26.53 52.21
CA ASN E 222 -19.24 -27.89 52.73
C ASN E 222 -18.32 -28.88 52.02
N LEU E 223 -18.41 -28.94 50.70
CA LEU E 223 -17.60 -29.92 49.98
C LEU E 223 -16.13 -29.51 49.86
N ASP E 224 -15.80 -28.27 50.19
CA ASP E 224 -14.41 -27.80 50.15
C ASP E 224 -13.80 -27.93 48.76
N ILE E 225 -14.57 -27.55 47.75
CA ILE E 225 -14.05 -27.36 46.40
C ILE E 225 -14.27 -25.89 46.05
N GLU E 226 -13.17 -25.19 45.75
CA GLU E 226 -13.25 -23.76 45.51
C GLU E 226 -13.54 -23.42 44.07
N ARG E 227 -13.35 -24.35 43.14
CA ARG E 227 -13.52 -24.09 41.70
C ARG E 227 -14.41 -25.16 41.09
N PRO E 228 -15.72 -25.05 41.24
CA PRO E 228 -16.63 -26.05 40.69
C PRO E 228 -17.13 -25.69 39.30
N THR E 229 -17.30 -26.72 38.49
CA THR E 229 -17.88 -26.60 37.17
C THR E 229 -19.37 -26.90 37.26
N TYR E 230 -20.08 -26.63 36.15
CA TYR E 230 -21.51 -26.94 36.12
C TYR E 230 -21.76 -28.42 36.33
N THR E 231 -20.76 -29.26 36.07
CA THR E 231 -20.90 -30.68 36.34
C THR E 231 -21.27 -30.94 37.79
N ASN E 232 -20.69 -30.17 38.71
CA ASN E 232 -20.93 -30.43 40.13
C ASN E 232 -22.34 -30.03 40.54
N LEU E 233 -22.78 -28.83 40.12
CA LEU E 233 -24.16 -28.43 40.40
C LEU E 233 -25.14 -29.42 39.80
N ASN E 234 -24.86 -29.88 38.59
CA ASN E 234 -25.73 -30.87 37.96
C ASN E 234 -25.77 -32.15 38.76
N ARG E 235 -24.62 -32.61 39.26
CA ARG E 235 -24.61 -33.83 40.06
C ARG E 235 -25.44 -33.67 41.32
N LEU E 236 -25.35 -32.51 41.96
CA LEU E 236 -26.14 -32.29 43.17
C LEU E 236 -27.63 -32.30 42.87
N ILE E 237 -28.04 -31.61 41.81
CA ILE E 237 -29.46 -31.60 41.50
C ILE E 237 -29.93 -32.98 41.09
N SER E 238 -29.07 -33.74 40.42
CA SER E 238 -29.43 -35.12 40.08
C SER E 238 -29.63 -35.95 41.33
N GLN E 239 -28.78 -35.76 42.34
CA GLN E 239 -28.97 -36.46 43.60
C GLN E 239 -30.30 -36.10 44.23
N ILE E 240 -30.67 -34.82 44.17
CA ILE E 240 -31.97 -34.42 44.72
C ILE E 240 -33.10 -35.14 43.99
N VAL E 241 -33.03 -35.17 42.66
CA VAL E 241 -34.09 -35.82 41.89
C VAL E 241 -34.17 -37.31 42.22
N SER E 242 -33.01 -37.95 42.33
CA SER E 242 -32.99 -39.37 42.65
C SER E 242 -33.61 -39.63 44.01
N SER E 243 -33.32 -38.76 44.99
CA SER E 243 -33.97 -38.93 46.28
C SER E 243 -35.47 -38.72 46.19
N ILE E 244 -35.92 -37.84 45.29
CA ILE E 244 -37.35 -37.66 45.12
C ILE E 244 -38.00 -38.93 44.58
N THR E 245 -37.37 -39.57 43.61
CA THR E 245 -37.99 -40.71 42.94
C THR E 245 -37.66 -42.05 43.56
N ALA E 246 -36.79 -42.09 44.57
CA ALA E 246 -36.41 -43.37 45.16
C ALA E 246 -37.62 -44.12 45.70
N SER E 247 -38.67 -43.41 46.10
CA SER E 247 -39.87 -44.08 46.58
C SER E 247 -40.50 -44.92 45.49
N LEU E 248 -40.70 -44.33 44.31
CA LEU E 248 -41.24 -45.10 43.18
C LEU E 248 -40.28 -46.21 42.79
N ARG E 249 -39.00 -45.91 42.74
CA ARG E 249 -38.03 -46.83 42.14
C ARG E 249 -37.47 -47.85 43.12
N PHE E 250 -37.95 -47.89 44.35
CA PHE E 250 -37.39 -48.83 45.31
C PHE E 250 -38.39 -49.18 46.39
N ASP E 251 -38.06 -50.23 47.13
CA ASP E 251 -38.88 -50.71 48.23
C ASP E 251 -38.51 -49.96 49.50
N GLY E 252 -39.49 -49.33 50.13
CA GLY E 252 -39.23 -48.53 51.32
C GLY E 252 -40.26 -48.79 52.39
N ALA E 253 -39.83 -48.56 53.63
CA ALA E 253 -40.69 -48.80 54.78
C ALA E 253 -41.84 -47.82 54.86
N LEU E 254 -41.73 -46.68 54.20
CA LEU E 254 -42.85 -45.74 54.10
C LEU E 254 -42.69 -44.99 52.78
N ASN E 255 -43.36 -45.49 51.74
CA ASN E 255 -43.20 -44.94 50.40
C ASN E 255 -44.16 -43.78 50.19
N VAL E 256 -43.95 -43.07 49.08
CA VAL E 256 -44.73 -41.87 48.78
C VAL E 256 -44.66 -41.62 47.29
N ASP E 257 -45.82 -41.31 46.69
CA ASP E 257 -45.93 -41.04 45.27
C ASP E 257 -46.15 -39.55 45.04
N LEU E 258 -45.91 -39.14 43.79
CA LEU E 258 -45.87 -37.71 43.48
C LEU E 258 -47.20 -37.03 43.77
N THR E 259 -48.31 -37.74 43.62
CA THR E 259 -49.59 -37.18 44.02
C THR E 259 -49.59 -36.83 45.51
N GLU E 260 -48.95 -37.63 46.36
CA GLU E 260 -48.83 -37.22 47.76
C GLU E 260 -48.00 -35.95 47.91
N PHE E 261 -46.97 -35.79 47.06
CA PHE E 261 -46.22 -34.53 47.09
C PHE E 261 -47.14 -33.35 46.83
N GLN E 262 -47.89 -33.40 45.72
CA GLN E 262 -48.71 -32.25 45.40
C GLN E 262 -49.83 -32.05 46.41
N THR E 263 -50.30 -33.14 47.04
CA THR E 263 -51.33 -32.99 48.05
C THR E 263 -50.78 -32.36 49.33
N ASN E 264 -49.58 -32.77 49.74
CA ASN E 264 -49.05 -32.32 51.01
C ASN E 264 -48.46 -30.92 50.95
N LEU E 265 -47.68 -30.61 49.92
CA LEU E 265 -46.91 -29.38 49.92
C LEU E 265 -47.61 -28.21 49.26
N VAL E 266 -48.85 -28.37 48.83
CA VAL E 266 -49.53 -27.30 48.11
C VAL E 266 -50.82 -26.93 48.83
N PRO E 267 -50.78 -25.99 49.76
CA PRO E 267 -52.02 -25.63 50.48
C PRO E 267 -53.04 -24.96 49.59
N TYR E 268 -52.61 -24.10 48.68
CA TYR E 268 -53.51 -23.34 47.85
C TYR E 268 -53.15 -23.52 46.38
N PRO E 269 -54.09 -23.27 45.46
CA PRO E 269 -53.80 -23.52 44.05
C PRO E 269 -52.57 -22.79 43.53
N ARG E 270 -52.32 -21.57 44.00
CA ARG E 270 -51.25 -20.77 43.42
C ARG E 270 -49.91 -20.97 44.11
N ILE E 271 -49.91 -21.10 45.44
CA ILE E 271 -48.67 -21.11 46.21
C ILE E 271 -48.14 -22.54 46.14
N HIS E 272 -47.35 -22.82 45.11
CA HIS E 272 -46.80 -24.15 44.93
C HIS E 272 -45.35 -24.07 44.49
N PHE E 273 -44.54 -23.30 45.20
CA PHE E 273 -43.13 -23.12 44.88
C PHE E 273 -42.26 -23.55 46.07
N PRO E 274 -42.10 -24.85 46.28
CA PRO E 274 -41.21 -25.32 47.33
C PRO E 274 -39.76 -25.36 46.88
N LEU E 275 -38.88 -25.01 47.80
CA LEU E 275 -37.45 -25.02 47.51
C LEU E 275 -36.82 -26.31 48.00
N ALA E 276 -35.75 -26.71 47.33
CA ALA E 276 -35.12 -27.98 47.62
C ALA E 276 -34.03 -27.83 48.68
N THR E 277 -33.61 -28.98 49.22
CA THR E 277 -32.47 -29.03 50.14
C THR E 277 -32.05 -30.49 50.26
N TYR E 278 -30.75 -30.73 50.42
CA TYR E 278 -30.22 -32.08 50.51
C TYR E 278 -29.18 -32.16 51.62
N ALA E 279 -29.05 -33.34 52.22
CA ALA E 279 -28.03 -33.58 53.22
C ALA E 279 -27.82 -35.09 53.33
N PRO E 280 -26.63 -35.54 53.77
CA PRO E 280 -25.42 -34.76 54.08
C PRO E 280 -24.60 -34.49 52.83
N VAL E 281 -23.86 -33.39 52.84
CA VAL E 281 -22.95 -33.03 51.75
C VAL E 281 -21.60 -32.77 52.38
N ILE E 282 -20.76 -33.81 52.44
CA ILE E 282 -19.45 -33.72 53.07
C ILE E 282 -18.41 -34.38 52.19
N SER E 283 -17.21 -33.80 52.18
CA SER E 283 -16.14 -34.30 51.35
C SER E 283 -15.65 -35.65 51.85
N ALA E 284 -14.87 -36.33 51.01
CA ALA E 284 -14.37 -37.66 51.38
C ALA E 284 -13.44 -37.60 52.58
N GLU E 285 -12.60 -36.56 52.66
CA GLU E 285 -11.69 -36.46 53.79
C GLU E 285 -12.41 -36.19 55.09
N LYS E 286 -13.51 -35.46 55.05
CA LYS E 286 -14.31 -35.18 56.22
C LYS E 286 -15.41 -36.21 56.43
N ALA E 287 -15.37 -37.31 55.67
CA ALA E 287 -16.37 -38.36 55.85
C ALA E 287 -16.32 -38.94 57.24
N TYR E 288 -15.11 -39.16 57.76
CA TYR E 288 -14.95 -39.60 59.13
C TYR E 288 -15.12 -38.37 60.02
N HIS E 289 -14.72 -38.47 61.28
CA HIS E 289 -14.80 -37.38 62.23
C HIS E 289 -16.24 -36.95 62.50
N GLU E 290 -17.22 -37.76 62.06
CA GLU E 290 -18.62 -37.52 62.37
C GLU E 290 -19.40 -38.77 62.00
N GLN E 291 -20.27 -39.20 62.91
CA GLN E 291 -21.03 -40.43 62.71
C GLN E 291 -22.30 -40.22 61.89
N LEU E 292 -22.66 -38.98 61.58
CA LEU E 292 -23.79 -38.67 60.70
C LEU E 292 -25.10 -39.20 61.29
N SER E 293 -25.46 -38.67 62.46
CA SER E 293 -26.73 -39.01 63.07
C SER E 293 -27.89 -38.54 62.20
N VAL E 294 -28.98 -39.30 62.23
CA VAL E 294 -30.15 -38.88 61.48
C VAL E 294 -30.72 -37.59 62.07
N ALA E 295 -30.63 -37.42 63.39
CA ALA E 295 -30.97 -36.14 63.97
C ALA E 295 -30.00 -35.06 63.51
N GLU E 296 -28.72 -35.41 63.42
CA GLU E 296 -27.72 -34.46 62.93
C GLU E 296 -28.04 -34.04 61.51
N ILE E 297 -28.35 -34.99 60.64
CA ILE E 297 -28.61 -34.63 59.24
C ILE E 297 -29.92 -33.88 59.12
N THR E 298 -30.89 -34.16 59.99
CA THR E 298 -32.10 -33.36 60.01
C THR E 298 -31.78 -31.91 60.34
N ASN E 299 -30.97 -31.70 61.38
CA ASN E 299 -30.55 -30.36 61.73
C ASN E 299 -29.82 -29.69 60.58
N ALA E 300 -28.97 -30.45 59.88
CA ALA E 300 -28.27 -29.93 58.72
C ALA E 300 -29.26 -29.48 57.66
N CYS E 301 -30.31 -30.27 57.43
CA CYS E 301 -31.33 -29.90 56.47
C CYS E 301 -32.01 -28.60 56.86
N PHE E 302 -32.26 -28.41 58.14
CA PHE E 302 -32.92 -27.17 58.55
C PHE E 302 -31.98 -26.01 58.75
N GLU E 303 -30.67 -26.21 58.58
CA GLU E 303 -29.73 -25.12 58.75
C GLU E 303 -29.89 -24.11 57.62
N PRO E 304 -30.03 -22.82 57.93
CA PRO E 304 -30.28 -21.84 56.86
C PRO E 304 -29.15 -21.73 55.86
N ALA E 305 -27.96 -22.19 56.19
CA ALA E 305 -26.84 -22.17 55.27
C ALA E 305 -26.80 -23.36 54.32
N ASN E 306 -27.67 -24.34 54.52
CA ASN E 306 -27.67 -25.52 53.68
C ASN E 306 -28.77 -25.52 52.63
N GLN E 307 -29.67 -24.54 52.65
CA GLN E 307 -30.72 -24.53 51.65
C GLN E 307 -30.14 -24.15 50.29
N MET E 308 -30.80 -24.63 49.23
CA MET E 308 -30.31 -24.45 47.88
C MET E 308 -31.02 -23.31 47.16
N VAL E 309 -31.55 -22.36 47.91
CA VAL E 309 -32.10 -21.12 47.36
C VAL E 309 -31.65 -19.99 48.27
N LYS E 310 -31.13 -18.92 47.68
CA LYS E 310 -30.56 -17.85 48.47
C LYS E 310 -31.69 -17.07 49.14
N CYS E 311 -32.30 -17.68 50.15
CA CYS E 311 -33.33 -17.03 50.94
C CYS E 311 -33.20 -17.52 52.38
N ASP E 312 -33.15 -16.59 53.31
CA ASP E 312 -33.06 -16.99 54.70
C ASP E 312 -34.42 -17.47 55.18
N PRO E 313 -34.56 -18.74 55.58
CA PRO E 313 -35.87 -19.21 56.05
C PRO E 313 -36.37 -18.46 57.26
N ARG E 314 -35.47 -17.90 58.07
CA ARG E 314 -35.88 -17.18 59.26
C ARG E 314 -36.72 -15.95 58.95
N HIS E 315 -36.66 -15.43 57.73
CA HIS E 315 -37.50 -14.30 57.38
C HIS E 315 -38.91 -14.70 57.00
N GLY E 316 -39.19 -16.00 56.92
CA GLY E 316 -40.53 -16.46 56.62
C GLY E 316 -40.92 -17.63 57.50
N LYS E 317 -41.98 -18.34 57.14
CA LYS E 317 -42.47 -19.46 57.92
C LYS E 317 -42.63 -20.66 57.00
N TYR E 318 -42.21 -21.82 57.48
CA TYR E 318 -42.38 -23.08 56.74
C TYR E 318 -43.86 -23.45 56.74
N MET E 319 -44.53 -23.22 55.61
CA MET E 319 -45.92 -23.65 55.52
C MET E 319 -46.03 -25.17 55.43
N ALA E 320 -45.03 -25.83 54.84
CA ALA E 320 -45.05 -27.28 54.80
C ALA E 320 -43.64 -27.79 54.53
N CYS E 321 -43.38 -29.01 54.97
CA CYS E 321 -42.10 -29.64 54.75
C CYS E 321 -42.32 -31.11 54.40
N CYS E 322 -41.42 -31.65 53.58
CA CYS E 322 -41.48 -33.06 53.23
C CYS E 322 -40.06 -33.60 53.21
N LEU E 323 -39.75 -34.49 54.15
CA LEU E 323 -38.42 -35.03 54.30
C LEU E 323 -38.41 -36.47 53.84
N LEU E 324 -37.57 -36.78 52.86
CA LEU E 324 -37.47 -38.13 52.31
C LEU E 324 -36.11 -38.68 52.69
N TYR E 325 -36.10 -39.70 53.54
CA TYR E 325 -34.87 -40.33 54.00
C TYR E 325 -34.62 -41.59 53.21
N ARG E 326 -33.37 -42.01 53.20
CA ARG E 326 -33.01 -43.24 52.52
C ARG E 326 -31.75 -43.81 53.15
N GLY E 327 -31.64 -45.13 53.11
CA GLY E 327 -30.58 -45.83 53.77
C GLY E 327 -31.02 -46.48 55.06
N ASP E 328 -30.04 -46.76 55.92
CA ASP E 328 -30.29 -47.41 57.20
C ASP E 328 -30.90 -46.38 58.15
N VAL E 329 -32.22 -46.24 58.06
CA VAL E 329 -32.97 -45.29 58.88
C VAL E 329 -33.98 -46.05 59.71
N VAL E 330 -34.26 -45.55 60.91
CA VAL E 330 -35.20 -46.16 61.83
C VAL E 330 -36.25 -45.11 62.20
N PRO E 331 -37.53 -45.41 62.10
CA PRO E 331 -38.56 -44.35 62.22
C PRO E 331 -38.56 -43.64 63.56
N LYS E 332 -38.22 -44.33 64.65
CA LYS E 332 -38.27 -43.69 65.96
C LYS E 332 -37.33 -42.49 66.01
N ASP E 333 -36.13 -42.65 65.45
CA ASP E 333 -35.18 -41.55 65.45
C ASP E 333 -35.71 -40.38 64.64
N VAL E 334 -36.35 -40.67 63.51
CA VAL E 334 -36.94 -39.60 62.71
C VAL E 334 -38.00 -38.87 63.52
N ASN E 335 -38.85 -39.62 64.22
CA ASN E 335 -39.88 -38.99 65.03
C ASN E 335 -39.26 -38.11 66.10
N ALA E 336 -38.22 -38.60 66.77
CA ALA E 336 -37.57 -37.82 67.82
C ALA E 336 -36.96 -36.55 67.26
N ALA E 337 -36.26 -36.67 66.12
CA ALA E 337 -35.61 -35.50 65.54
C ALA E 337 -36.64 -34.46 65.12
N ILE E 338 -37.73 -34.90 64.50
CA ILE E 338 -38.74 -33.95 64.06
C ILE E 338 -39.43 -33.32 65.26
N ALA E 339 -39.63 -34.08 66.33
CA ALA E 339 -40.17 -33.48 67.54
C ALA E 339 -39.26 -32.37 68.04
N THR E 340 -37.95 -32.65 68.10
CA THR E 340 -37.01 -31.62 68.53
C THR E 340 -37.08 -30.39 67.64
N ILE E 341 -37.13 -30.61 66.33
CA ILE E 341 -37.22 -29.49 65.40
C ILE E 341 -38.47 -28.66 65.67
N LYS E 342 -39.59 -29.34 65.94
CA LYS E 342 -40.81 -28.61 66.25
C LYS E 342 -40.69 -27.85 67.56
N THR E 343 -39.84 -28.32 68.48
CA THR E 343 -39.71 -27.63 69.76
C THR E 343 -39.07 -26.26 69.62
N LYS E 344 -38.10 -26.12 68.73
CA LYS E 344 -37.34 -24.87 68.67
C LYS E 344 -38.18 -23.74 68.10
N ARG E 345 -37.81 -22.52 68.49
CA ARG E 345 -38.59 -21.32 68.17
C ARG E 345 -38.19 -20.70 66.84
N SER E 346 -36.90 -20.76 66.49
CA SER E 346 -36.45 -20.15 65.24
C SER E 346 -37.04 -20.83 64.01
N ILE E 347 -37.65 -21.99 64.16
CA ILE E 347 -38.33 -22.69 63.09
C ILE E 347 -39.82 -22.61 63.42
N GLN E 348 -40.47 -21.57 62.92
CA GLN E 348 -41.83 -21.25 63.33
C GLN E 348 -42.77 -21.43 62.15
N PHE E 349 -43.57 -22.48 62.19
CA PHE E 349 -44.55 -22.71 61.14
C PHE E 349 -45.70 -21.72 61.28
N VAL E 350 -46.61 -21.75 60.31
CA VAL E 350 -47.81 -20.95 60.41
C VAL E 350 -48.70 -21.53 61.51
N ASP E 351 -49.49 -20.66 62.15
CA ASP E 351 -50.40 -21.12 63.19
C ASP E 351 -51.43 -22.09 62.65
N TRP E 352 -51.93 -21.84 61.44
CA TRP E 352 -53.06 -22.58 60.92
C TRP E 352 -52.71 -23.96 60.39
N CYS E 353 -51.42 -24.29 60.32
CA CYS E 353 -51.00 -25.64 59.92
C CYS E 353 -50.23 -26.26 61.08
N PRO E 354 -50.89 -26.98 61.98
CA PRO E 354 -50.19 -27.57 63.13
C PRO E 354 -49.38 -28.80 62.79
N THR E 355 -49.65 -29.44 61.66
CA THR E 355 -48.94 -30.64 61.24
C THR E 355 -48.16 -30.27 59.98
N GLY E 356 -46.87 -29.99 60.16
CA GLY E 356 -46.07 -29.49 59.06
C GLY E 356 -45.03 -30.45 58.52
N PHE E 357 -45.37 -31.73 58.38
CA PHE E 357 -44.38 -32.69 57.89
C PHE E 357 -45.04 -33.81 57.13
N LYS E 358 -44.38 -34.26 56.07
CA LYS E 358 -44.59 -35.57 55.50
C LYS E 358 -43.26 -36.31 55.50
N VAL E 359 -43.27 -37.55 55.96
CA VAL E 359 -42.05 -38.31 56.12
C VAL E 359 -42.09 -39.50 55.19
N GLY E 360 -40.95 -39.77 54.56
CA GLY E 360 -40.83 -40.95 53.73
C GLY E 360 -39.50 -41.61 53.95
N ILE E 361 -39.48 -42.93 54.00
CA ILE E 361 -38.27 -43.69 54.26
C ILE E 361 -38.09 -44.69 53.14
N ASN E 362 -36.86 -44.80 52.65
CA ASN E 362 -36.51 -45.76 51.63
C ASN E 362 -35.40 -46.65 52.17
N TYR E 363 -35.33 -47.87 51.66
CA TYR E 363 -34.31 -48.81 52.13
C TYR E 363 -33.01 -48.69 51.35
N GLN E 364 -33.04 -48.13 50.16
CA GLN E 364 -31.83 -48.06 49.36
C GLN E 364 -31.00 -46.84 49.71
N PRO E 365 -29.73 -47.00 50.06
CA PRO E 365 -28.87 -45.84 50.32
C PRO E 365 -28.55 -45.10 49.04
N PRO E 366 -28.16 -43.84 49.12
CA PRO E 366 -27.68 -43.14 47.93
C PRO E 366 -26.38 -43.77 47.45
N THR E 367 -26.20 -43.80 46.14
CA THR E 367 -25.00 -44.35 45.53
C THR E 367 -24.15 -43.21 44.99
N VAL E 368 -22.84 -43.28 45.26
CA VAL E 368 -21.91 -42.24 44.85
C VAL E 368 -21.41 -42.56 43.44
N VAL E 369 -21.46 -41.55 42.57
CA VAL E 369 -21.00 -41.69 41.19
C VAL E 369 -19.48 -41.66 41.16
N PRO E 370 -18.83 -42.67 40.57
CA PRO E 370 -17.37 -42.66 40.48
C PRO E 370 -16.88 -41.43 39.75
N GLY E 371 -15.74 -40.90 40.21
CA GLY E 371 -15.29 -39.61 39.73
C GLY E 371 -16.05 -38.44 40.29
N GLY E 372 -16.91 -38.67 41.29
CA GLY E 372 -17.70 -37.62 41.89
C GLY E 372 -16.94 -36.87 42.96
N ASP E 373 -17.69 -36.16 43.79
CA ASP E 373 -17.09 -35.27 44.78
C ASP E 373 -17.53 -35.62 46.20
N LEU E 374 -18.71 -36.22 46.33
CA LEU E 374 -19.23 -36.57 47.64
C LEU E 374 -18.63 -37.88 48.12
N ALA E 375 -19.00 -38.27 49.33
CA ALA E 375 -18.47 -39.47 49.96
C ALA E 375 -19.59 -40.48 50.18
N LYS E 376 -19.20 -41.76 50.18
CA LYS E 376 -20.16 -42.84 50.39
C LYS E 376 -20.80 -42.73 51.76
N VAL E 377 -22.09 -42.41 51.80
CA VAL E 377 -22.82 -42.29 53.06
C VAL E 377 -23.83 -43.43 53.14
N GLN E 378 -24.27 -43.71 54.35
CA GLN E 378 -25.28 -44.73 54.58
C GLN E 378 -26.68 -44.17 54.75
N ARG E 379 -26.80 -42.90 55.14
CA ARG E 379 -28.10 -42.27 55.28
C ARG E 379 -28.10 -40.96 54.52
N ALA E 380 -29.25 -40.63 53.95
CA ALA E 380 -29.40 -39.38 53.23
C ALA E 380 -30.82 -38.89 53.39
N VAL E 381 -31.01 -37.58 53.24
CA VAL E 381 -32.30 -36.95 53.43
C VAL E 381 -32.43 -35.77 52.48
N CYS E 382 -33.50 -35.76 51.72
CA CYS E 382 -33.85 -34.64 50.86
C CYS E 382 -35.09 -33.96 51.41
N MET E 383 -35.00 -32.66 51.64
CA MET E 383 -36.12 -31.88 52.14
C MET E 383 -36.67 -31.02 51.02
N LEU E 384 -37.97 -31.12 50.79
CA LEU E 384 -38.68 -30.22 49.92
C LEU E 384 -39.57 -29.37 50.81
N SER E 385 -39.28 -28.07 50.90
CA SER E 385 -39.93 -27.23 51.89
C SER E 385 -40.62 -26.06 51.19
N ASN E 386 -41.90 -25.89 51.47
CA ASN E 386 -42.67 -24.76 50.98
C ASN E 386 -42.79 -23.76 52.11
N THR E 387 -42.16 -22.60 51.94
CA THR E 387 -42.09 -21.56 52.96
C THR E 387 -42.67 -20.26 52.42
N THR E 388 -42.53 -19.20 53.22
CA THR E 388 -42.97 -17.88 52.83
C THR E 388 -41.81 -16.94 52.52
N ALA E 389 -40.60 -17.31 52.91
CA ALA E 389 -39.45 -16.46 52.60
C ALA E 389 -39.29 -16.25 51.11
N ILE E 390 -39.59 -17.27 50.30
CA ILE E 390 -39.44 -17.17 48.86
C ILE E 390 -40.21 -15.98 48.31
N ALA E 391 -41.25 -15.55 49.01
CA ALA E 391 -42.04 -14.41 48.57
C ALA E 391 -41.16 -13.19 48.36
N GLU E 392 -40.27 -12.91 49.32
CA GLU E 392 -39.38 -11.77 49.19
C GLU E 392 -38.59 -11.85 47.89
N ALA E 393 -38.18 -13.05 47.49
CA ALA E 393 -37.42 -13.21 46.27
C ALA E 393 -38.20 -12.67 45.08
N TRP E 394 -39.49 -12.99 45.01
CA TRP E 394 -40.33 -12.45 43.95
C TRP E 394 -40.24 -10.94 43.91
N ALA E 395 -40.31 -10.31 45.10
CA ALA E 395 -40.20 -8.86 45.17
C ALA E 395 -38.96 -8.39 44.42
N ARG E 396 -37.82 -9.02 44.68
CA ARG E 396 -36.59 -8.63 43.99
C ARG E 396 -36.79 -8.66 42.49
N LEU E 397 -37.27 -9.79 41.98
CA LEU E 397 -37.50 -9.87 40.54
C LEU E 397 -38.46 -8.78 40.11
N ASP E 398 -39.56 -8.62 40.84
CA ASP E 398 -40.51 -7.57 40.54
C ASP E 398 -39.78 -6.25 40.42
N HIS E 399 -38.97 -5.95 41.43
CA HIS E 399 -38.23 -4.69 41.43
C HIS E 399 -37.44 -4.55 40.15
N LYS E 400 -36.64 -5.57 39.83
CA LYS E 400 -35.83 -5.52 38.62
C LYS E 400 -36.72 -5.22 37.43
N PHE E 401 -37.79 -5.99 37.28
CA PHE E 401 -38.70 -5.81 36.17
C PHE E 401 -39.10 -4.35 36.05
N ASP E 402 -39.56 -3.78 37.17
CA ASP E 402 -40.04 -2.41 37.16
C ASP E 402 -39.01 -1.48 36.53
N LEU E 403 -37.77 -1.56 37.00
CA LEU E 403 -36.73 -0.70 36.45
C LEU E 403 -36.58 -0.94 34.96
N MET E 404 -36.39 -2.20 34.58
CA MET E 404 -36.18 -2.49 33.16
C MET E 404 -37.42 -2.24 32.34
N TYR E 405 -38.56 -2.02 32.98
CA TYR E 405 -39.75 -1.63 32.24
C TYR E 405 -40.01 -0.13 32.31
N ALA E 406 -39.47 0.55 33.32
CA ALA E 406 -39.67 1.99 33.42
C ALA E 406 -39.06 2.73 32.24
N LYS E 407 -38.00 2.19 31.65
CA LYS E 407 -37.39 2.76 30.47
C LYS E 407 -37.79 2.05 29.19
N ARG E 408 -38.67 1.06 29.27
CA ARG E 408 -39.05 0.24 28.12
C ARG E 408 -37.84 -0.40 27.47
N ALA E 409 -36.84 -0.75 28.26
CA ALA E 409 -35.63 -1.36 27.72
C ALA E 409 -35.92 -2.71 27.13
N PHE E 410 -35.24 -3.02 26.02
CA PHE E 410 -35.30 -4.34 25.39
C PHE E 410 -36.71 -4.69 24.90
N VAL E 411 -37.65 -3.77 25.05
CA VAL E 411 -39.03 -4.08 24.74
C VAL E 411 -39.20 -4.37 23.25
N HIS E 412 -38.38 -3.74 22.40
CA HIS E 412 -38.60 -3.84 20.96
C HIS E 412 -38.46 -5.27 20.46
N TRP E 413 -37.52 -6.04 21.00
CA TRP E 413 -37.38 -7.43 20.57
C TRP E 413 -38.68 -8.20 20.81
N TYR E 414 -39.21 -8.15 22.02
CA TYR E 414 -40.43 -8.87 22.33
C TYR E 414 -41.61 -8.35 21.53
N VAL E 415 -41.71 -7.04 21.37
CA VAL E 415 -42.81 -6.46 20.60
C VAL E 415 -42.77 -6.98 19.17
N GLY E 416 -41.60 -6.93 18.54
CA GLY E 416 -41.49 -7.36 17.17
C GLY E 416 -41.47 -8.86 16.98
N GLU E 417 -41.51 -9.63 18.06
CA GLU E 417 -41.47 -11.09 17.95
C GLU E 417 -42.79 -11.76 18.33
N GLY E 418 -43.90 -11.04 18.32
CA GLY E 418 -45.19 -11.66 18.54
C GLY E 418 -45.75 -11.48 19.94
N MET E 419 -45.64 -10.28 20.49
CA MET E 419 -46.17 -10.00 21.82
C MET E 419 -46.46 -8.52 21.94
N GLU E 420 -47.26 -8.17 22.96
CA GLU E 420 -47.73 -6.81 23.16
C GLU E 420 -47.38 -6.34 24.56
N GLU E 421 -47.31 -5.01 24.72
CA GLU E 421 -46.99 -4.41 26.01
C GLU E 421 -48.05 -4.71 27.06
N GLY E 422 -49.32 -4.73 26.65
CA GLY E 422 -50.37 -5.07 27.59
C GLY E 422 -50.14 -6.41 28.26
N GLU E 423 -49.49 -7.33 27.56
CA GLU E 423 -49.13 -8.60 28.17
C GLU E 423 -48.11 -8.40 29.29
N PHE E 424 -47.13 -7.52 29.08
CA PHE E 424 -46.17 -7.23 30.13
C PHE E 424 -46.87 -6.63 31.35
N SER E 425 -47.78 -5.68 31.10
CA SER E 425 -48.50 -5.08 32.21
C SER E 425 -49.33 -6.12 32.96
N GLU E 426 -49.98 -7.02 32.22
CA GLU E 426 -50.79 -8.05 32.85
C GLU E 426 -49.94 -9.01 33.68
N ALA E 427 -48.76 -9.39 33.16
CA ALA E 427 -47.89 -10.27 33.93
C ALA E 427 -47.40 -9.59 35.19
N ARG E 428 -47.12 -8.28 35.11
CA ARG E 428 -46.74 -7.54 36.30
C ARG E 428 -47.88 -7.53 37.33
N GLU E 429 -49.12 -7.34 36.86
CA GLU E 429 -50.26 -7.40 37.76
C GLU E 429 -50.36 -8.77 38.41
N ASP E 430 -50.13 -9.82 37.63
CA ASP E 430 -50.22 -11.18 38.17
C ASP E 430 -49.15 -11.42 39.23
N MET E 431 -47.93 -10.97 38.98
CA MET E 431 -46.87 -11.14 39.97
C MET E 431 -47.18 -10.34 41.24
N ALA E 432 -47.73 -9.14 41.09
CA ALA E 432 -48.15 -8.37 42.26
C ALA E 432 -49.21 -9.12 43.04
N ALA E 433 -50.15 -9.74 42.32
CA ALA E 433 -51.20 -10.51 43.00
C ALA E 433 -50.61 -11.69 43.76
N LEU E 434 -49.64 -12.38 43.17
CA LEU E 434 -49.01 -13.49 43.86
C LEU E 434 -48.30 -13.03 45.13
N GLU E 435 -47.56 -11.92 45.03
CA GLU E 435 -46.91 -11.39 46.21
C GLU E 435 -47.92 -11.00 47.28
N LYS E 436 -49.04 -10.43 46.85
CA LYS E 436 -50.11 -10.10 47.79
C LYS E 436 -50.63 -11.34 48.48
N ASP E 437 -50.82 -12.42 47.72
CA ASP E 437 -51.32 -13.66 48.32
C ASP E 437 -50.33 -14.22 49.33
N TYR E 438 -49.04 -14.18 49.00
CA TYR E 438 -48.03 -14.66 49.95
C TYR E 438 -48.08 -13.84 51.24
N GLU E 439 -48.16 -12.51 51.11
CA GLU E 439 -48.22 -11.67 52.30
C GLU E 439 -49.47 -11.96 53.11
N GLU E 440 -50.62 -12.12 52.44
CA GLU E 440 -51.87 -12.37 53.13
C GLU E 440 -51.82 -13.68 53.90
N VAL E 441 -51.27 -14.72 53.28
CA VAL E 441 -51.16 -16.01 53.96
C VAL E 441 -50.19 -15.90 55.13
N GLY E 442 -49.12 -15.12 55.00
CA GLY E 442 -48.14 -15.04 56.06
C GLY E 442 -48.68 -14.53 57.38
N VAL E 443 -49.79 -13.80 57.37
CA VAL E 443 -50.34 -13.21 58.59
C VAL E 443 -51.01 -14.29 59.43
N ASP E 444 -51.35 -13.95 60.66
CA ASP E 444 -52.00 -14.87 61.58
C ASP E 444 -53.50 -14.66 61.58
N SER E 445 -54.21 -15.65 62.11
CA SER E 445 -55.67 -15.61 62.16
C SER E 445 -56.15 -15.09 63.51
N VAL E 446 -57.35 -14.53 63.50
CA VAL E 446 -57.96 -14.02 64.72
C VAL E 446 -58.97 -15.03 65.24
N GLU E 447 -59.31 -14.90 66.52
CA GLU E 447 -60.27 -15.77 67.20
C GLU E 447 -59.82 -17.23 67.16
N MET F 1 -20.42 -40.87 79.70
CA MET F 1 -21.68 -40.14 79.64
C MET F 1 -21.62 -38.89 80.50
N ARG F 2 -20.41 -38.53 80.92
CA ARG F 2 -20.14 -37.25 81.58
C ARG F 2 -19.15 -36.53 80.69
N GLU F 3 -19.64 -35.81 79.69
CA GLU F 3 -18.75 -35.22 78.71
C GLU F 3 -18.22 -33.88 79.18
N CYS F 4 -17.06 -33.50 78.65
CA CYS F 4 -16.42 -32.23 79.00
C CYS F 4 -15.57 -31.82 77.81
N ILE F 5 -15.89 -30.67 77.22
CA ILE F 5 -15.17 -30.24 76.04
C ILE F 5 -13.99 -29.35 76.45
N SER F 6 -13.02 -29.25 75.55
CA SER F 6 -11.82 -28.44 75.76
C SER F 6 -11.75 -27.36 74.71
N ILE F 7 -11.45 -26.14 75.13
CA ILE F 7 -11.38 -24.99 74.25
C ILE F 7 -10.00 -24.37 74.45
N HIS F 8 -9.21 -24.33 73.38
CA HIS F 8 -7.85 -23.82 73.45
C HIS F 8 -7.79 -22.50 72.69
N VAL F 9 -7.50 -21.43 73.40
CA VAL F 9 -7.42 -20.10 72.82
C VAL F 9 -5.98 -19.64 72.86
N GLY F 10 -5.50 -19.09 71.76
CA GLY F 10 -4.16 -18.54 71.71
C GLY F 10 -3.10 -19.61 71.56
N GLN F 11 -1.88 -19.14 71.27
CA GLN F 11 -0.78 -20.05 71.00
C GLN F 11 -0.45 -20.90 72.22
N ALA F 12 -0.46 -20.28 73.41
CA ALA F 12 -0.21 -21.04 74.63
C ALA F 12 -1.22 -22.16 74.79
N GLY F 13 -2.50 -21.83 74.64
CA GLY F 13 -3.51 -22.85 74.74
C GLY F 13 -3.30 -23.97 73.73
N VAL F 14 -2.96 -23.60 72.50
CA VAL F 14 -2.84 -24.63 71.46
C VAL F 14 -1.68 -25.56 71.75
N GLN F 15 -0.54 -25.03 72.18
CA GLN F 15 0.60 -25.90 72.45
C GLN F 15 0.34 -26.77 73.69
N ILE F 16 -0.22 -26.16 74.74
CA ILE F 16 -0.59 -26.95 75.91
C ILE F 16 -1.53 -28.06 75.51
N GLY F 17 -2.46 -27.78 74.60
CA GLY F 17 -3.37 -28.80 74.14
C GLY F 17 -2.66 -29.89 73.36
N ASN F 18 -1.68 -29.52 72.54
CA ASN F 18 -0.88 -30.54 71.89
C ASN F 18 -0.35 -31.53 72.91
N ALA F 19 0.24 -30.98 73.97
CA ALA F 19 0.78 -31.84 75.02
C ALA F 19 -0.32 -32.67 75.68
N CYS F 20 -1.44 -32.02 76.01
CA CYS F 20 -2.49 -32.71 76.76
C CYS F 20 -3.09 -33.85 75.96
N TRP F 21 -3.34 -33.63 74.68
CA TRP F 21 -3.96 -34.68 73.88
C TRP F 21 -2.96 -35.75 73.52
N GLU F 22 -1.67 -35.42 73.40
CA GLU F 22 -0.67 -36.48 73.34
C GLU F 22 -0.74 -37.36 74.58
N LEU F 23 -0.85 -36.73 75.74
CA LEU F 23 -0.92 -37.49 76.99
C LEU F 23 -2.14 -38.39 77.02
N TYR F 24 -3.31 -37.84 76.66
CA TYR F 24 -4.53 -38.64 76.67
C TYR F 24 -4.42 -39.81 75.71
N CYS F 25 -4.05 -39.54 74.46
CA CYS F 25 -3.92 -40.62 73.49
C CYS F 25 -2.96 -41.69 73.97
N LEU F 26 -1.95 -41.30 74.75
CA LEU F 26 -1.10 -42.30 75.34
C LEU F 26 -1.80 -43.06 76.46
N GLU F 27 -2.64 -42.38 77.24
CA GLU F 27 -3.26 -43.02 78.40
C GLU F 27 -4.18 -44.16 77.99
N HIS F 28 -5.11 -43.90 77.09
CA HIS F 28 -6.15 -44.86 76.74
C HIS F 28 -5.72 -45.78 75.61
N GLY F 29 -4.44 -45.83 75.28
CA GLY F 29 -3.97 -46.67 74.19
C GLY F 29 -4.56 -46.27 72.86
N ILE F 30 -4.56 -44.98 72.56
CA ILE F 30 -5.15 -44.43 71.34
C ILE F 30 -4.03 -44.05 70.39
N GLN F 31 -4.04 -44.62 69.20
CA GLN F 31 -3.09 -44.24 68.17
C GLN F 31 -3.34 -42.81 67.75
N PRO F 32 -2.34 -42.15 67.14
CA PRO F 32 -2.55 -40.76 66.69
C PRO F 32 -3.70 -40.61 65.71
N ASP F 33 -4.01 -41.65 64.93
CA ASP F 33 -5.10 -41.61 63.98
C ASP F 33 -6.44 -42.03 64.60
N GLY F 34 -6.56 -41.99 65.92
CA GLY F 34 -7.82 -42.29 66.58
C GLY F 34 -8.13 -43.76 66.71
N GLN F 35 -7.30 -44.65 66.20
CA GLN F 35 -7.53 -46.08 66.34
C GLN F 35 -6.93 -46.58 67.64
N MET F 36 -7.40 -47.74 68.09
CA MET F 36 -6.82 -48.40 69.23
C MET F 36 -6.75 -49.90 68.96
N PRO F 37 -5.56 -50.50 69.00
CA PRO F 37 -5.36 -51.92 68.73
C PRO F 37 -6.01 -52.82 69.76
N HIS F 46 -8.43 -52.40 84.49
CA HIS F 46 -9.04 -51.31 85.23
C HIS F 46 -9.90 -50.43 84.32
N HIS F 47 -9.58 -50.43 83.03
CA HIS F 47 -10.31 -49.62 82.07
C HIS F 47 -11.75 -50.11 81.93
N HIS F 48 -12.63 -49.18 81.58
CA HIS F 48 -14.03 -49.52 81.34
C HIS F 48 -14.30 -49.76 79.87
N ASP F 53 -18.13 -45.63 79.86
CA ASP F 53 -16.78 -46.00 79.46
C ASP F 53 -15.79 -44.96 79.96
N SER F 54 -14.51 -45.24 79.77
CA SER F 54 -13.48 -44.31 80.21
C SER F 54 -13.29 -43.18 79.20
N PHE F 55 -12.87 -43.52 77.98
CA PHE F 55 -12.52 -42.49 77.01
C PHE F 55 -13.73 -41.73 76.49
N ASN F 56 -14.93 -42.26 76.69
CA ASN F 56 -16.11 -41.60 76.15
C ASN F 56 -16.26 -40.18 76.66
N THR F 57 -15.73 -39.89 77.85
CA THR F 57 -15.94 -38.58 78.45
C THR F 57 -15.16 -37.50 77.72
N PHE F 58 -14.04 -37.86 77.10
CA PHE F 58 -13.27 -36.91 76.32
C PHE F 58 -13.20 -37.24 74.83
N PHE F 59 -13.31 -38.51 74.45
CA PHE F 59 -13.26 -38.91 73.06
C PHE F 59 -14.67 -39.28 72.61
N SER F 60 -15.15 -38.62 71.56
CA SER F 60 -16.33 -39.14 70.91
C SER F 60 -15.91 -40.19 69.90
N GLU F 61 -16.83 -41.08 69.55
CA GLU F 61 -16.50 -42.20 68.68
C GLU F 61 -17.39 -42.18 67.45
N THR F 62 -16.78 -42.47 66.31
CA THR F 62 -17.50 -42.61 65.05
C THR F 62 -17.71 -44.09 64.77
N GLY F 63 -18.25 -44.39 63.58
CA GLY F 63 -18.61 -45.77 63.27
C GLY F 63 -17.44 -46.71 63.31
N ALA F 64 -16.34 -46.32 62.67
CA ALA F 64 -15.14 -47.15 62.70
C ALA F 64 -14.49 -47.06 64.07
N GLY F 65 -13.32 -47.68 64.19
CA GLY F 65 -12.56 -47.63 65.43
C GLY F 65 -11.87 -46.30 65.65
N LYS F 66 -12.33 -45.27 64.96
CA LYS F 66 -11.69 -43.95 65.02
C LYS F 66 -12.41 -43.07 66.03
N HIS F 67 -11.67 -42.59 67.02
CA HIS F 67 -12.18 -41.67 68.02
C HIS F 67 -11.63 -40.28 67.75
N VAL F 68 -12.43 -39.26 68.05
CA VAL F 68 -11.97 -37.89 67.87
C VAL F 68 -12.12 -37.11 69.16
N PRO F 69 -11.24 -36.14 69.41
CA PRO F 69 -11.33 -35.36 70.64
C PRO F 69 -12.45 -34.33 70.57
N ARG F 70 -12.92 -33.93 71.74
CA ARG F 70 -13.90 -32.87 71.86
C ARG F 70 -13.19 -31.53 72.13
N ALA F 71 -12.33 -31.16 71.20
CA ALA F 71 -11.53 -29.96 71.34
C ALA F 71 -11.87 -28.95 70.25
N VAL F 72 -11.72 -27.67 70.58
CA VAL F 72 -11.98 -26.59 69.65
C VAL F 72 -10.77 -25.66 69.67
N PHE F 73 -9.84 -25.88 68.74
CA PHE F 73 -8.62 -25.10 68.68
C PHE F 73 -8.90 -23.85 67.86
N VAL F 74 -8.92 -22.70 68.53
CA VAL F 74 -9.22 -21.43 67.89
C VAL F 74 -8.01 -20.53 68.02
N ASP F 75 -7.67 -19.83 66.93
CA ASP F 75 -6.57 -18.89 66.94
C ASP F 75 -6.81 -17.87 65.84
N LEU F 76 -6.16 -16.71 65.98
CA LEU F 76 -6.24 -15.69 64.95
C LEU F 76 -5.03 -15.68 64.02
N GLU F 77 -3.96 -16.37 64.36
CA GLU F 77 -2.81 -16.51 63.49
C GLU F 77 -2.67 -17.95 63.07
N PRO F 78 -2.66 -18.26 61.78
CA PRO F 78 -2.70 -19.66 61.34
C PRO F 78 -1.41 -20.43 61.53
N THR F 79 -0.35 -19.82 62.05
CA THR F 79 0.95 -20.50 62.10
C THR F 79 0.90 -21.77 62.95
N VAL F 80 0.54 -21.62 64.21
CA VAL F 80 0.60 -22.75 65.13
C VAL F 80 -0.43 -23.81 64.76
N ILE F 81 -1.62 -23.39 64.36
CA ILE F 81 -2.63 -24.35 63.95
C ILE F 81 -2.16 -25.12 62.72
N ASP F 82 -1.46 -24.43 61.81
CA ASP F 82 -0.90 -25.12 60.65
C ASP F 82 0.14 -26.12 61.09
N GLU F 83 0.95 -25.77 62.09
CA GLU F 83 1.89 -26.75 62.63
C GLU F 83 1.16 -27.97 63.15
N VAL F 84 0.02 -27.75 63.81
CA VAL F 84 -0.78 -28.86 64.31
C VAL F 84 -1.26 -29.72 63.16
N ARG F 85 -1.79 -29.09 62.11
CA ARG F 85 -2.29 -29.83 60.95
C ARG F 85 -1.18 -30.60 60.27
N THR F 86 0.05 -30.13 60.38
CA THR F 86 1.19 -30.80 59.77
C THR F 86 1.89 -31.76 60.72
N GLY F 87 1.62 -31.68 62.01
CA GLY F 87 2.27 -32.54 62.97
C GLY F 87 1.81 -33.99 62.84
N THR F 88 2.41 -34.84 63.68
CA THR F 88 2.01 -36.23 63.71
C THR F 88 0.55 -36.39 64.13
N TYR F 89 0.00 -35.43 64.85
CA TYR F 89 -1.41 -35.46 65.25
C TYR F 89 -2.29 -34.74 64.23
N ARG F 90 -2.12 -35.13 62.97
CA ARG F 90 -2.92 -34.56 61.90
C ARG F 90 -4.22 -35.33 61.72
N GLN F 91 -4.14 -36.66 61.65
CA GLN F 91 -5.31 -37.49 61.45
C GLN F 91 -6.31 -37.40 62.59
N LEU F 92 -5.88 -36.93 63.77
CA LEU F 92 -6.72 -37.06 64.95
C LEU F 92 -7.90 -36.10 64.91
N PHE F 93 -7.64 -34.81 64.94
CA PHE F 93 -8.68 -33.83 65.24
C PHE F 93 -9.66 -33.71 64.10
N HIS F 94 -10.89 -33.34 64.43
CA HIS F 94 -11.90 -33.11 63.41
C HIS F 94 -11.58 -31.82 62.69
N PRO F 95 -11.30 -31.87 61.39
CA PRO F 95 -10.73 -30.70 60.71
C PRO F 95 -11.57 -29.46 60.77
N GLU F 96 -12.87 -29.61 61.01
CA GLU F 96 -13.72 -28.44 61.10
C GLU F 96 -13.43 -27.63 62.35
N GLN F 97 -12.93 -28.26 63.41
CA GLN F 97 -12.70 -27.53 64.66
C GLN F 97 -11.52 -26.57 64.59
N LEU F 98 -10.51 -26.87 63.79
CA LEU F 98 -9.27 -26.10 63.81
C LEU F 98 -9.52 -24.73 63.16
N ILE F 99 -10.20 -23.90 63.94
CA ILE F 99 -10.58 -22.57 63.47
C ILE F 99 -9.36 -21.66 63.51
N THR F 100 -9.05 -21.04 62.37
CA THR F 100 -7.94 -20.11 62.27
C THR F 100 -8.44 -18.77 61.77
N GLY F 101 -7.96 -17.69 62.38
CA GLY F 101 -8.24 -16.36 61.91
C GLY F 101 -7.32 -15.96 60.77
N LYS F 102 -7.16 -14.65 60.60
CA LYS F 102 -6.23 -14.14 59.61
C LYS F 102 -5.12 -13.30 60.19
N GLU F 103 -5.43 -12.34 61.06
CA GLU F 103 -4.43 -11.49 61.68
C GLU F 103 -4.60 -11.57 63.19
N ASP F 104 -3.55 -12.00 63.87
CA ASP F 104 -3.64 -12.18 65.31
C ASP F 104 -3.78 -10.85 66.02
N ALA F 105 -4.24 -10.91 67.27
CA ALA F 105 -4.45 -9.70 68.05
C ALA F 105 -3.16 -8.93 68.26
N ALA F 106 -2.01 -9.57 68.04
CA ALA F 106 -0.71 -8.94 68.20
C ALA F 106 -0.57 -8.32 69.60
N ASN F 107 -0.84 -9.15 70.60
CA ASN F 107 -0.70 -8.77 72.00
C ASN F 107 -1.46 -7.49 72.30
N ASN F 108 -2.62 -7.33 71.69
CA ASN F 108 -3.50 -6.18 71.91
C ASN F 108 -4.86 -6.72 72.34
N TYR F 109 -5.31 -6.34 73.52
CA TYR F 109 -6.59 -6.84 74.03
C TYR F 109 -7.75 -6.36 73.17
N ALA F 110 -7.73 -5.09 72.78
CA ALA F 110 -8.85 -4.54 72.02
C ALA F 110 -9.06 -5.31 70.73
N ARG F 111 -7.97 -5.62 70.02
CA ARG F 111 -8.08 -6.42 68.81
C ARG F 111 -8.68 -7.79 69.12
N GLY F 112 -8.25 -8.40 70.22
CA GLY F 112 -8.70 -9.73 70.55
C GLY F 112 -10.09 -9.81 71.15
N HIS F 113 -10.70 -8.66 71.45
CA HIS F 113 -12.01 -8.66 72.07
C HIS F 113 -13.04 -7.77 71.38
N TYR F 114 -12.62 -6.83 70.54
CA TYR F 114 -13.56 -5.93 69.89
C TYR F 114 -13.51 -5.99 68.38
N THR F 115 -12.32 -6.01 67.80
CA THR F 115 -12.19 -5.83 66.36
C THR F 115 -12.13 -7.15 65.59
N ILE F 116 -11.12 -7.97 65.87
CA ILE F 116 -10.87 -9.14 65.06
C ILE F 116 -11.67 -10.33 65.55
N GLY F 117 -11.48 -10.71 66.81
CA GLY F 117 -12.17 -11.87 67.34
C GLY F 117 -13.67 -11.77 67.21
N LYS F 118 -14.18 -10.54 67.10
CA LYS F 118 -15.61 -10.32 66.91
C LYS F 118 -16.10 -10.94 65.61
N GLU F 119 -15.21 -11.29 64.70
CA GLU F 119 -15.61 -11.78 63.40
C GLU F 119 -15.53 -13.30 63.25
N ILE F 120 -14.96 -13.99 64.23
CA ILE F 120 -15.00 -15.45 64.25
C ILE F 120 -15.60 -16.00 65.53
N ILE F 121 -15.97 -15.13 66.47
CA ILE F 121 -16.62 -15.60 67.69
C ILE F 121 -17.86 -16.41 67.35
N ASP F 122 -18.58 -16.01 66.31
CA ASP F 122 -19.81 -16.69 65.95
C ASP F 122 -19.53 -18.10 65.45
N LEU F 123 -18.52 -18.25 64.60
CA LEU F 123 -18.16 -19.59 64.13
C LEU F 123 -17.71 -20.46 65.29
N VAL F 124 -16.94 -19.90 66.21
CA VAL F 124 -16.49 -20.68 67.36
C VAL F 124 -17.69 -21.14 68.19
N LEU F 125 -18.62 -20.22 68.46
CA LEU F 125 -19.80 -20.58 69.21
C LEU F 125 -20.62 -21.63 68.49
N ASP F 126 -20.67 -21.56 67.17
CA ASP F 126 -21.42 -22.56 66.41
C ASP F 126 -20.81 -23.94 66.58
N ARG F 127 -19.49 -24.05 66.46
CA ARG F 127 -18.86 -25.35 66.65
C ARG F 127 -19.04 -25.84 68.08
N ILE F 128 -18.98 -24.91 69.04
CA ILE F 128 -19.22 -25.26 70.44
C ILE F 128 -20.61 -25.87 70.59
N ARG F 129 -21.60 -25.21 70.00
CA ARG F 129 -22.98 -25.69 70.12
C ARG F 129 -23.16 -27.04 69.46
N LYS F 130 -22.54 -27.26 68.31
CA LYS F 130 -22.62 -28.58 67.69
C LYS F 130 -22.04 -29.64 68.62
N LEU F 131 -20.84 -29.39 69.14
CA LEU F 131 -20.22 -30.40 70.00
C LEU F 131 -21.02 -30.63 71.27
N ALA F 132 -21.60 -29.58 71.83
CA ALA F 132 -22.39 -29.73 73.04
C ALA F 132 -23.65 -30.56 72.77
N ASP F 133 -24.38 -30.22 71.71
CA ASP F 133 -25.61 -30.94 71.41
C ASP F 133 -25.35 -32.38 71.00
N GLN F 134 -24.14 -32.70 70.52
CA GLN F 134 -23.85 -34.10 70.25
C GLN F 134 -23.57 -34.88 71.53
N CYS F 135 -23.41 -34.20 72.66
CA CYS F 135 -23.18 -34.84 73.95
C CYS F 135 -24.47 -34.89 74.76
N THR F 136 -24.45 -35.69 75.82
CA THR F 136 -25.63 -35.90 76.66
C THR F 136 -25.42 -35.46 78.10
N GLY F 137 -24.31 -35.87 78.72
CA GLY F 137 -24.06 -35.55 80.11
C GLY F 137 -22.95 -34.54 80.27
N LEU F 138 -22.99 -33.48 79.46
CA LEU F 138 -21.97 -32.45 79.47
C LEU F 138 -21.71 -31.93 80.88
N GLN F 139 -20.46 -32.01 81.30
CA GLN F 139 -20.07 -31.56 82.64
C GLN F 139 -19.71 -30.08 82.65
N GLY F 140 -18.77 -29.68 81.80
CA GLY F 140 -18.36 -28.28 81.78
C GLY F 140 -17.24 -28.02 80.80
N PHE F 141 -16.59 -26.88 80.97
CA PHE F 141 -15.67 -26.34 79.99
C PHE F 141 -14.25 -26.29 80.54
N LEU F 142 -13.29 -26.55 79.67
CA LEU F 142 -11.87 -26.41 79.98
C LEU F 142 -11.27 -25.42 78.99
N VAL F 143 -11.05 -24.20 79.43
CA VAL F 143 -10.44 -23.17 78.61
C VAL F 143 -8.94 -23.16 78.90
N PHE F 144 -8.13 -23.42 77.88
CA PHE F 144 -6.68 -23.37 78.00
C PHE F 144 -6.21 -22.09 77.32
N HIS F 145 -5.84 -21.09 78.12
CA HIS F 145 -5.51 -19.80 77.54
C HIS F 145 -4.48 -19.11 78.42
N SER F 146 -3.62 -18.34 77.78
CA SER F 146 -2.61 -17.58 78.50
C SER F 146 -3.25 -16.31 79.06
N PHE F 147 -2.43 -15.41 79.59
CA PHE F 147 -2.90 -14.17 80.15
C PHE F 147 -2.29 -12.93 79.51
N GLY F 148 -1.10 -13.04 78.95
CA GLY F 148 -0.44 -11.87 78.38
C GLY F 148 -0.81 -11.66 76.93
N GLY F 149 -0.90 -12.74 76.16
CA GLY F 149 -1.17 -12.62 74.75
C GLY F 149 -2.48 -11.90 74.49
N GLY F 150 -2.53 -11.19 73.37
CA GLY F 150 -3.73 -10.46 73.02
C GLY F 150 -4.90 -11.38 72.73
N THR F 151 -4.67 -12.38 71.89
CA THR F 151 -5.72 -13.35 71.59
C THR F 151 -6.21 -14.01 72.85
N GLY F 152 -5.30 -14.56 73.64
CA GLY F 152 -5.66 -15.18 74.90
C GLY F 152 -6.61 -14.33 75.70
N SER F 153 -6.16 -13.16 76.16
CA SER F 153 -6.98 -12.33 77.04
C SER F 153 -8.29 -11.92 76.37
N GLY F 154 -8.20 -11.26 75.23
CA GLY F 154 -9.41 -10.71 74.62
C GLY F 154 -10.40 -11.76 74.19
N PHE F 155 -9.94 -12.70 73.38
CA PHE F 155 -10.82 -13.76 72.89
C PHE F 155 -11.38 -14.60 74.01
N THR F 156 -10.57 -14.90 75.05
CA THR F 156 -11.10 -15.67 76.16
C THR F 156 -12.17 -14.90 76.91
N SER F 157 -11.96 -13.61 77.13
CA SER F 157 -12.99 -12.82 77.80
C SER F 157 -14.28 -12.85 77.00
N LEU F 158 -14.17 -12.62 75.69
CA LEU F 158 -15.36 -12.63 74.84
C LEU F 158 -16.05 -13.99 74.88
N LEU F 159 -15.27 -15.06 74.76
CA LEU F 159 -15.83 -16.40 74.70
C LEU F 159 -16.49 -16.78 76.02
N MET F 160 -15.88 -16.41 77.14
CA MET F 160 -16.48 -16.71 78.43
C MET F 160 -17.79 -15.97 78.61
N GLU F 161 -17.83 -14.69 78.23
CA GLU F 161 -19.09 -13.97 78.32
C GLU F 161 -20.16 -14.63 77.46
N ARG F 162 -19.80 -15.01 76.23
CA ARG F 162 -20.78 -15.63 75.35
C ARG F 162 -21.28 -16.95 75.91
N LEU F 163 -20.38 -17.81 76.39
CA LEU F 163 -20.80 -19.10 76.92
C LEU F 163 -21.66 -18.93 78.16
N SER F 164 -21.27 -18.04 79.06
CA SER F 164 -22.08 -17.79 80.25
C SER F 164 -23.46 -17.28 79.87
N VAL F 165 -23.56 -16.50 78.80
CA VAL F 165 -24.88 -16.11 78.30
C VAL F 165 -25.64 -17.34 77.80
N ASP F 166 -24.95 -18.21 77.06
CA ASP F 166 -25.65 -19.33 76.44
C ASP F 166 -25.93 -20.44 77.43
N TYR F 167 -24.89 -21.02 78.01
CA TYR F 167 -25.03 -22.11 78.97
C TYR F 167 -25.10 -21.49 80.35
N GLY F 168 -26.31 -21.36 80.87
CA GLY F 168 -26.55 -20.62 82.10
C GLY F 168 -25.74 -21.10 83.29
N LYS F 169 -25.95 -22.35 83.69
CA LYS F 169 -25.30 -22.91 84.88
C LYS F 169 -24.55 -24.18 84.50
N LYS F 170 -23.28 -24.03 84.14
CA LYS F 170 -22.42 -25.18 83.89
C LYS F 170 -20.99 -24.82 84.30
N SER F 171 -20.20 -25.86 84.53
CA SER F 171 -18.84 -25.68 85.00
C SER F 171 -17.98 -25.01 83.93
N LYS F 172 -17.19 -24.01 84.34
CA LYS F 172 -16.30 -23.29 83.44
C LYS F 172 -14.94 -23.13 84.11
N LEU F 173 -13.98 -23.95 83.69
CA LEU F 173 -12.65 -23.97 84.28
C LEU F 173 -11.62 -23.45 83.30
N GLU F 174 -10.74 -22.57 83.79
CA GLU F 174 -9.69 -21.98 82.98
C GLU F 174 -8.33 -22.40 83.50
N PHE F 175 -7.35 -22.42 82.61
CA PHE F 175 -5.96 -22.66 82.98
C PHE F 175 -5.15 -21.46 82.50
N SER F 176 -5.15 -20.40 83.28
CA SER F 176 -4.45 -19.20 82.87
C SER F 176 -2.96 -19.36 83.11
N ILE F 177 -2.18 -18.59 82.38
CA ILE F 177 -0.73 -18.52 82.55
C ILE F 177 -0.44 -17.18 83.21
N TYR F 178 -0.37 -17.17 84.53
CA TYR F 178 -0.21 -15.94 85.27
C TYR F 178 1.09 -15.27 84.89
N PRO F 179 1.10 -13.96 84.61
CA PRO F 179 2.34 -13.30 84.20
C PRO F 179 3.35 -13.28 85.35
N ALA F 180 4.58 -13.70 85.04
CA ALA F 180 5.60 -13.85 86.06
C ALA F 180 6.00 -12.50 86.65
N PRO F 181 6.51 -12.48 87.87
CA PRO F 181 6.94 -11.20 88.45
C PRO F 181 8.14 -10.58 87.77
N GLN F 182 9.08 -11.37 87.28
CA GLN F 182 10.33 -10.83 86.75
C GLN F 182 10.61 -11.19 85.31
N VAL F 183 10.17 -12.36 84.84
CA VAL F 183 10.36 -12.76 83.44
C VAL F 183 9.06 -12.45 82.72
N SER F 184 9.11 -11.47 81.81
CA SER F 184 7.97 -11.12 80.99
C SER F 184 8.42 -11.07 79.53
N THR F 185 7.83 -11.94 78.70
CA THR F 185 8.13 -11.92 77.28
C THR F 185 7.42 -10.77 76.58
N ALA F 186 6.23 -10.40 77.06
CA ALA F 186 5.51 -9.27 76.46
C ALA F 186 5.89 -7.98 77.16
N VAL F 187 5.32 -6.87 76.69
CA VAL F 187 5.62 -5.57 77.25
C VAL F 187 4.34 -4.94 77.77
N VAL F 188 3.20 -5.38 77.24
CA VAL F 188 1.91 -4.85 77.65
C VAL F 188 1.16 -5.86 78.52
N GLU F 189 1.87 -6.79 79.16
CA GLU F 189 1.24 -7.77 80.02
C GLU F 189 0.29 -7.17 81.06
N PRO F 190 0.63 -6.10 81.76
CA PRO F 190 -0.33 -5.57 82.75
C PRO F 190 -1.66 -5.19 82.15
N TYR F 191 -1.68 -4.60 80.96
CA TYR F 191 -2.95 -4.18 80.37
C TYR F 191 -3.83 -5.38 80.05
N ASN F 192 -3.28 -6.35 79.33
CA ASN F 192 -4.06 -7.53 78.99
C ASN F 192 -4.52 -8.25 80.24
N SER F 193 -3.64 -8.39 81.22
CA SER F 193 -4.01 -9.11 82.44
C SER F 193 -5.16 -8.42 83.16
N ILE F 194 -5.04 -7.10 83.37
CA ILE F 194 -6.07 -6.39 84.12
C ILE F 194 -7.39 -6.45 83.38
N LEU F 195 -7.38 -6.23 82.07
CA LEU F 195 -8.63 -6.24 81.32
C LEU F 195 -9.28 -7.61 81.34
N THR F 196 -8.51 -8.66 81.04
CA THR F 196 -9.09 -9.99 81.01
C THR F 196 -9.55 -10.42 82.39
N THR F 197 -8.88 -9.98 83.45
CA THR F 197 -9.33 -10.34 84.78
C THR F 197 -10.62 -9.63 85.14
N HIS F 198 -10.69 -8.33 84.86
CA HIS F 198 -11.93 -7.61 85.10
C HIS F 198 -13.09 -8.22 84.36
N THR F 199 -12.84 -8.75 83.16
CA THR F 199 -13.93 -9.39 82.43
C THR F 199 -14.29 -10.75 83.00
N THR F 200 -13.30 -11.65 83.09
CA THR F 200 -13.55 -13.03 83.50
C THR F 200 -13.91 -13.17 84.97
N LEU F 201 -13.77 -12.10 85.77
CA LEU F 201 -14.05 -12.20 87.19
C LEU F 201 -15.51 -12.54 87.47
N GLU F 202 -16.40 -12.28 86.51
CA GLU F 202 -17.83 -12.50 86.73
C GLU F 202 -18.35 -13.73 86.01
N HIS F 203 -17.49 -14.46 85.33
CA HIS F 203 -18.00 -15.59 84.56
C HIS F 203 -17.28 -16.88 84.85
N SER F 204 -15.97 -16.84 85.05
CA SER F 204 -15.22 -18.08 85.27
C SER F 204 -15.55 -18.67 86.62
N ASP F 205 -15.97 -19.94 86.63
CA ASP F 205 -16.26 -20.60 87.89
C ASP F 205 -14.99 -20.77 88.71
N CYS F 206 -13.93 -21.28 88.10
CA CYS F 206 -12.69 -21.54 88.82
C CYS F 206 -11.54 -21.48 87.83
N ALA F 207 -10.63 -20.54 88.04
CA ALA F 207 -9.42 -20.44 87.25
C ALA F 207 -8.37 -21.38 87.84
N PHE F 208 -7.19 -21.42 87.23
CA PHE F 208 -6.11 -22.29 87.69
C PHE F 208 -4.78 -21.59 87.44
N MET F 209 -4.25 -20.94 88.47
CA MET F 209 -3.03 -20.17 88.28
C MET F 209 -1.83 -21.08 88.12
N VAL F 210 -1.06 -20.80 87.07
CA VAL F 210 0.21 -21.43 86.74
C VAL F 210 1.09 -20.37 86.12
N ASP F 211 2.39 -20.44 86.38
CA ASP F 211 3.35 -19.49 85.83
C ASP F 211 4.51 -20.23 85.19
N ASN F 212 5.17 -19.57 84.24
CA ASN F 212 6.33 -20.18 83.60
C ASN F 212 7.57 -20.13 84.48
N GLU F 213 7.75 -19.06 85.26
CA GLU F 213 8.96 -18.93 86.06
C GLU F 213 9.08 -20.06 87.06
N ALA F 214 8.00 -20.37 87.76
CA ALA F 214 8.05 -21.43 88.76
C ALA F 214 8.34 -22.77 88.10
N ILE F 215 7.82 -22.99 86.90
CA ILE F 215 8.09 -24.25 86.23
C ILE F 215 9.53 -24.33 85.78
N TYR F 216 10.11 -23.21 85.35
CA TYR F 216 11.54 -23.17 85.08
C TYR F 216 12.31 -23.59 86.32
N ASP F 217 11.97 -22.99 87.45
CA ASP F 217 12.64 -23.30 88.70
C ASP F 217 12.55 -24.79 89.03
N ILE F 218 11.34 -25.35 88.89
CA ILE F 218 11.13 -26.76 89.23
C ILE F 218 11.92 -27.65 88.28
N CYS F 219 11.91 -27.32 86.99
CA CYS F 219 12.66 -28.14 86.04
C CYS F 219 14.15 -28.11 86.35
N ARG F 220 14.67 -26.95 86.73
CA ARG F 220 16.10 -26.87 87.02
C ARG F 220 16.44 -27.63 88.30
N ARG F 221 15.69 -27.39 89.37
CA ARG F 221 16.10 -27.92 90.67
C ARG F 221 15.75 -29.40 90.80
N ASN F 222 14.49 -29.75 90.58
CA ASN F 222 14.05 -31.11 90.85
C ASN F 222 14.38 -32.07 89.72
N LEU F 223 13.99 -31.75 88.50
CA LEU F 223 14.23 -32.66 87.39
C LEU F 223 15.68 -32.64 86.91
N ASP F 224 16.47 -31.66 87.35
CA ASP F 224 17.88 -31.57 86.97
C ASP F 224 18.07 -31.48 85.47
N ILE F 225 17.25 -30.65 84.82
CA ILE F 225 17.47 -30.23 83.45
C ILE F 225 17.68 -28.72 83.47
N GLU F 226 18.84 -28.27 83.00
CA GLU F 226 19.18 -26.87 83.06
C GLU F 226 18.67 -26.06 81.87
N ARG F 227 18.33 -26.72 80.77
CA ARG F 227 17.92 -26.04 79.54
C ARG F 227 16.62 -26.63 79.04
N PRO F 228 15.49 -26.22 79.60
CA PRO F 228 14.20 -26.76 79.19
C PRO F 228 13.52 -25.91 78.11
N THR F 229 12.85 -26.61 77.21
CA THR F 229 12.03 -25.97 76.19
C THR F 229 10.58 -25.89 76.66
N TYR F 230 9.77 -25.15 75.91
CA TYR F 230 8.37 -25.05 76.25
C TYR F 230 7.69 -26.41 76.25
N THR F 231 8.27 -27.38 75.54
CA THR F 231 7.74 -28.73 75.56
C THR F 231 7.66 -29.27 76.99
N ASN F 232 8.66 -28.98 77.81
CA ASN F 232 8.70 -29.54 79.16
C ASN F 232 7.63 -28.91 80.05
N LEU F 233 7.52 -27.59 80.02
CA LEU F 233 6.46 -26.93 80.79
C LEU F 233 5.10 -27.43 80.34
N ASN F 234 4.92 -27.59 79.03
CA ASN F 234 3.65 -28.09 78.52
C ASN F 234 3.37 -29.49 79.03
N ARG F 235 4.39 -30.35 79.06
CA ARG F 235 4.20 -31.70 79.57
C ARG F 235 3.78 -31.68 81.03
N LEU F 236 4.40 -30.82 81.83
CA LEU F 236 4.04 -30.74 83.24
C LEU F 236 2.59 -30.29 83.42
N ILE F 237 2.19 -29.24 82.69
CA ILE F 237 0.83 -28.77 82.84
C ILE F 237 -0.16 -29.82 82.33
N SER F 238 0.22 -30.56 81.30
CA SER F 238 -0.64 -31.64 80.84
C SER F 238 -0.80 -32.72 81.90
N GLN F 239 0.29 -33.03 82.61
CA GLN F 239 0.17 -33.99 83.71
C GLN F 239 -0.78 -33.47 84.77
N ILE F 240 -0.71 -32.18 85.08
CA ILE F 240 -1.63 -31.63 86.07
C ILE F 240 -3.08 -31.80 85.60
N VAL F 241 -3.34 -31.47 84.34
CA VAL F 241 -4.70 -31.58 83.83
C VAL F 241 -5.17 -33.03 83.87
N SER F 242 -4.31 -33.96 83.48
CA SER F 242 -4.68 -35.37 83.52
C SER F 242 -5.01 -35.82 84.92
N SER F 243 -4.24 -35.36 85.91
CA SER F 243 -4.58 -35.70 87.28
C SER F 243 -5.90 -35.09 87.70
N ILE F 244 -6.23 -33.91 87.16
CA ILE F 244 -7.53 -33.33 87.49
C ILE F 244 -8.66 -34.19 86.95
N THR F 245 -8.54 -34.67 85.72
CA THR F 245 -9.63 -35.38 85.07
C THR F 245 -9.62 -36.88 85.29
N ALA F 246 -8.60 -37.43 85.96
CA ALA F 246 -8.54 -38.86 86.14
C ALA F 246 -9.75 -39.40 86.88
N SER F 247 -10.39 -38.56 87.71
CA SER F 247 -11.59 -39.01 88.40
C SER F 247 -12.70 -39.32 87.41
N LEU F 248 -12.98 -38.40 86.49
CA LEU F 248 -13.98 -38.67 85.47
C LEU F 248 -13.56 -39.83 84.58
N ARG F 249 -12.30 -39.87 84.21
CA ARG F 249 -11.87 -40.80 83.17
C ARG F 249 -11.46 -42.16 83.71
N PHE F 250 -11.62 -42.42 85.00
CA PHE F 250 -11.17 -43.70 85.54
C PHE F 250 -11.96 -44.06 86.78
N ASP F 251 -11.83 -45.33 87.17
CA ASP F 251 -12.47 -45.86 88.36
C ASP F 251 -11.59 -45.62 89.57
N GLY F 252 -12.14 -44.94 90.58
CA GLY F 252 -11.35 -44.60 91.75
C GLY F 252 -12.12 -44.88 93.03
N ALA F 253 -11.35 -45.12 94.10
CA ALA F 253 -11.96 -45.44 95.38
C ALA F 253 -12.67 -44.25 96.00
N LEU F 254 -12.34 -43.03 95.57
CA LEU F 254 -13.09 -41.86 96.00
C LEU F 254 -13.00 -40.84 94.87
N ASN F 255 -14.02 -40.83 94.01
CA ASN F 255 -14.02 -40.00 92.83
C ASN F 255 -14.57 -38.61 93.14
N VAL F 256 -14.40 -37.70 92.19
CA VAL F 256 -14.79 -36.32 92.38
C VAL F 256 -15.00 -35.68 91.01
N ASP F 257 -16.09 -34.93 90.87
CA ASP F 257 -16.45 -34.26 89.64
C ASP F 257 -16.21 -32.76 89.77
N LEU F 258 -16.15 -32.10 88.62
CA LEU F 258 -15.72 -30.70 88.58
C LEU F 258 -16.64 -29.80 89.40
N THR F 259 -17.93 -30.14 89.47
CA THR F 259 -18.82 -29.39 90.34
C THR F 259 -18.36 -29.48 91.79
N GLU F 260 -17.85 -30.63 92.19
CA GLU F 260 -17.27 -30.72 93.52
C GLU F 260 -16.07 -29.78 93.68
N PHE F 261 -15.25 -29.62 92.62
CA PHE F 261 -14.15 -28.67 92.66
C PHE F 261 -14.66 -27.27 92.93
N GLN F 262 -15.62 -26.81 92.12
CA GLN F 262 -16.08 -25.44 92.29
C GLN F 262 -16.79 -25.25 93.62
N THR F 263 -17.43 -26.30 94.14
CA THR F 263 -18.08 -26.16 95.43
C THR F 263 -17.07 -26.09 96.57
N ASN F 264 -16.02 -26.90 96.50
CA ASN F 264 -15.09 -26.97 97.62
C ASN F 264 -14.09 -25.81 97.64
N LEU F 265 -13.52 -25.44 96.50
CA LEU F 265 -12.41 -24.51 96.49
C LEU F 265 -12.83 -23.06 96.32
N VAL F 266 -14.13 -22.77 96.28
CA VAL F 266 -14.56 -21.40 96.02
C VAL F 266 -15.45 -20.93 97.16
N PRO F 267 -14.88 -20.31 98.20
CA PRO F 267 -15.73 -19.86 99.32
C PRO F 267 -16.65 -18.72 98.94
N TYR F 268 -16.19 -17.79 98.11
CA TYR F 268 -16.96 -16.62 97.77
C TYR F 268 -17.03 -16.48 96.26
N PRO F 269 -18.02 -15.75 95.73
CA PRO F 269 -18.17 -15.67 94.28
C PRO F 269 -16.94 -15.16 93.56
N ARG F 270 -16.19 -14.24 94.16
CA ARG F 270 -15.10 -13.62 93.43
C ARG F 270 -13.78 -14.34 93.63
N ILE F 271 -13.51 -14.82 94.84
CA ILE F 271 -12.19 -15.38 95.17
C ILE F 271 -12.18 -16.82 94.68
N HIS F 272 -11.80 -17.00 93.42
CA HIS F 272 -11.78 -18.32 92.81
C HIS F 272 -10.53 -18.50 91.97
N PHE F 273 -9.36 -18.20 92.54
CA PHE F 273 -8.09 -18.31 91.84
C PHE F 273 -7.16 -19.26 92.59
N PRO F 274 -7.40 -20.56 92.48
CA PRO F 274 -6.48 -21.53 93.11
C PRO F 274 -5.29 -21.81 92.23
N LEU F 275 -4.13 -21.97 92.87
CA LEU F 275 -2.91 -22.27 92.17
C LEU F 275 -2.63 -23.77 92.18
N ALA F 276 -1.95 -24.22 91.14
CA ALA F 276 -1.72 -25.65 90.98
C ALA F 276 -0.43 -26.09 91.66
N THR F 277 -0.28 -27.41 91.82
CA THR F 277 0.96 -28.02 92.30
C THR F 277 0.89 -29.50 92.00
N TYR F 278 2.04 -30.11 91.71
CA TYR F 278 2.10 -31.51 91.37
C TYR F 278 3.28 -32.17 92.07
N ALA F 279 3.15 -33.46 92.36
CA ALA F 279 4.25 -34.23 92.93
C ALA F 279 3.98 -35.71 92.69
N PRO F 280 5.03 -36.54 92.64
CA PRO F 280 6.44 -36.24 92.70
C PRO F 280 7.00 -35.85 91.35
N VAL F 281 8.05 -35.03 91.33
CA VAL F 281 8.72 -34.63 90.10
C VAL F 281 10.21 -34.93 90.32
N ILE F 282 10.64 -36.12 89.91
CA ILE F 282 12.02 -36.55 90.12
C ILE F 282 12.54 -37.19 88.85
N SER F 283 13.82 -36.97 88.58
CA SER F 283 14.44 -37.47 87.38
C SER F 283 14.58 -38.99 87.44
N ALA F 284 14.86 -39.59 86.28
CA ALA F 284 14.97 -41.04 86.21
C ALA F 284 16.12 -41.56 87.05
N GLU F 285 17.25 -40.85 87.07
CA GLU F 285 18.39 -41.31 87.86
C GLU F 285 18.12 -41.23 89.35
N LYS F 286 17.34 -40.25 89.79
CA LYS F 286 16.98 -40.11 91.18
C LYS F 286 15.69 -40.84 91.52
N ALA F 287 15.19 -41.66 90.59
CA ALA F 287 13.96 -42.41 90.86
C ALA F 287 14.15 -43.36 92.03
N TYR F 288 15.30 -44.02 92.09
CA TYR F 288 15.64 -44.84 93.25
C TYR F 288 16.09 -43.91 94.36
N HIS F 289 16.72 -44.45 95.39
CA HIS F 289 17.23 -43.67 96.51
C HIS F 289 16.11 -42.99 97.29
N GLU F 290 14.85 -43.35 97.03
CA GLU F 290 13.73 -42.85 97.79
C GLU F 290 12.51 -43.70 97.46
N GLN F 291 11.79 -44.13 98.49
CA GLN F 291 10.64 -45.00 98.31
C GLN F 291 9.36 -44.26 97.96
N LEU F 292 9.35 -42.93 98.02
CA LEU F 292 8.22 -42.11 97.63
C LEU F 292 6.99 -42.41 98.47
N SER F 293 7.11 -42.15 99.77
CA SER F 293 5.98 -42.31 100.67
C SER F 293 4.87 -41.33 100.30
N VAL F 294 3.63 -41.76 100.52
CA VAL F 294 2.52 -40.86 100.27
C VAL F 294 2.56 -39.68 101.23
N ALA F 295 3.01 -39.92 102.47
CA ALA F 295 3.26 -38.80 103.37
C ALA F 295 4.39 -37.93 102.85
N GLU F 296 5.43 -38.56 102.31
CA GLU F 296 6.53 -37.81 101.72
C GLU F 296 6.04 -36.93 100.57
N ILE F 297 5.24 -37.50 99.66
CA ILE F 297 4.80 -36.71 98.52
C ILE F 297 3.82 -35.64 98.96
N THR F 298 3.05 -35.89 100.01
CA THR F 298 2.20 -34.83 100.55
C THR F 298 3.05 -33.67 101.05
N ASN F 299 4.11 -33.98 101.80
CA ASN F 299 5.01 -32.93 102.26
C ASN F 299 5.63 -32.20 101.08
N ALA F 300 5.98 -32.93 100.03
CA ALA F 300 6.53 -32.31 98.83
C ALA F 300 5.52 -31.34 98.23
N CYS F 301 4.25 -31.74 98.18
CA CYS F 301 3.21 -30.86 97.67
C CYS F 301 3.11 -29.59 98.51
N PHE F 302 3.24 -29.70 99.82
CA PHE F 302 3.13 -28.50 100.63
C PHE F 302 4.44 -27.73 100.75
N GLU F 303 5.51 -28.21 100.16
CA GLU F 303 6.78 -27.49 100.23
C GLU F 303 6.69 -26.21 99.42
N PRO F 304 7.06 -25.05 100.00
CA PRO F 304 6.90 -23.79 99.27
C PRO F 304 7.74 -23.70 98.01
N ALA F 305 8.75 -24.54 97.86
CA ALA F 305 9.57 -24.54 96.66
C ALA F 305 9.00 -25.39 95.54
N ASN F 306 7.92 -26.14 95.80
CA ASN F 306 7.33 -26.99 94.79
C ASN F 306 6.08 -26.41 94.16
N GLN F 307 5.59 -25.28 94.64
CA GLN F 307 4.39 -24.71 94.03
C GLN F 307 4.72 -24.14 92.67
N MET F 308 3.72 -24.12 91.79
CA MET F 308 3.90 -23.71 90.41
C MET F 308 3.46 -22.27 90.18
N VAL F 309 3.46 -21.46 91.23
CA VAL F 309 3.24 -20.03 91.13
C VAL F 309 4.23 -19.34 92.05
N LYS F 310 4.93 -18.33 91.53
CA LYS F 310 5.98 -17.69 92.30
C LYS F 310 5.37 -16.87 93.43
N CYS F 311 4.84 -17.56 94.44
CA CYS F 311 4.30 -16.91 95.62
C CYS F 311 4.59 -17.79 96.82
N ASP F 312 5.17 -17.20 97.86
CA ASP F 312 5.44 -17.98 99.05
C ASP F 312 4.15 -18.20 99.83
N PRO F 313 3.71 -19.44 99.99
CA PRO F 313 2.47 -19.67 100.75
C PRO F 313 2.54 -19.18 102.17
N ARG F 314 3.74 -19.12 102.74
CA ARG F 314 3.88 -18.68 104.12
C ARG F 314 3.45 -17.24 104.33
N HIS F 315 3.37 -16.44 103.28
CA HIS F 315 2.91 -15.07 103.42
C HIS F 315 1.40 -14.97 103.44
N GLY F 316 0.69 -16.07 103.21
CA GLY F 316 -0.76 -16.08 103.24
C GLY F 316 -1.28 -17.30 103.96
N LYS F 317 -2.58 -17.57 103.82
CA LYS F 317 -3.21 -18.70 104.48
C LYS F 317 -3.97 -19.52 103.45
N TYR F 318 -3.86 -20.84 103.54
CA TYR F 318 -4.60 -21.73 102.66
C TYR F 318 -6.07 -21.70 103.03
N MET F 319 -6.87 -21.00 102.24
CA MET F 319 -8.31 -21.02 102.51
C MET F 319 -8.93 -22.36 102.16
N ALA F 320 -8.37 -23.07 101.18
CA ALA F 320 -8.87 -24.40 100.87
C ALA F 320 -7.82 -25.16 100.09
N CYS F 321 -7.87 -26.49 100.18
CA CYS F 321 -6.96 -27.34 99.45
C CYS F 321 -7.72 -28.54 98.91
N CYS F 322 -7.28 -29.05 97.79
CA CYS F 322 -7.88 -30.25 97.20
C CYS F 322 -6.76 -31.11 96.64
N LEU F 323 -6.55 -32.27 97.25
CA LEU F 323 -5.46 -33.16 96.88
C LEU F 323 -6.05 -34.36 96.17
N LEU F 324 -5.61 -34.60 94.94
CA LEU F 324 -6.09 -35.72 94.13
C LEU F 324 -4.93 -36.70 93.96
N TYR F 325 -5.05 -37.87 94.55
CA TYR F 325 -4.04 -38.89 94.48
C TYR F 325 -4.41 -39.92 93.44
N ARG F 326 -3.41 -40.63 92.94
CA ARG F 326 -3.65 -41.67 91.97
C ARG F 326 -2.52 -42.69 92.05
N GLY F 327 -2.88 -43.93 91.74
CA GLY F 327 -1.97 -45.05 91.89
C GLY F 327 -2.29 -45.88 93.11
N ASP F 328 -1.28 -46.64 93.54
CA ASP F 328 -1.42 -47.53 94.71
C ASP F 328 -1.41 -46.67 95.96
N VAL F 329 -2.59 -46.18 96.32
CA VAL F 329 -2.77 -45.33 97.49
C VAL F 329 -3.75 -46.01 98.43
N VAL F 330 -3.56 -45.80 99.73
CA VAL F 330 -4.40 -46.37 100.77
C VAL F 330 -4.92 -45.23 101.64
N PRO F 331 -6.23 -45.14 101.87
CA PRO F 331 -6.78 -43.94 102.51
C PRO F 331 -6.25 -43.65 103.90
N LYS F 332 -5.91 -44.67 104.67
CA LYS F 332 -5.43 -44.43 106.03
C LYS F 332 -4.15 -43.59 106.01
N ASP F 333 -3.25 -43.89 105.09
CA ASP F 333 -2.02 -43.11 105.00
C ASP F 333 -2.31 -41.67 104.64
N VAL F 334 -3.26 -41.45 103.73
CA VAL F 334 -3.64 -40.09 103.38
C VAL F 334 -4.18 -39.36 104.59
N ASN F 335 -5.03 -40.03 105.37
CA ASN F 335 -5.57 -39.41 106.57
C ASN F 335 -4.46 -39.05 107.54
N ALA F 336 -3.51 -39.97 107.74
CA ALA F 336 -2.42 -39.70 108.67
C ALA F 336 -1.59 -38.52 108.20
N ALA F 337 -1.24 -38.50 106.91
CA ALA F 337 -0.41 -37.43 106.39
C ALA F 337 -1.10 -36.09 106.51
N ILE F 338 -2.39 -36.04 106.19
CA ILE F 338 -3.11 -34.78 106.27
C ILE F 338 -3.25 -34.34 107.72
N ALA F 339 -3.44 -35.28 108.64
CA ALA F 339 -3.44 -34.93 110.05
C ALA F 339 -2.13 -34.28 110.45
N THR F 340 -1.00 -34.89 110.04
CA THR F 340 0.29 -34.31 110.35
C THR F 340 0.43 -32.92 109.78
N ILE F 341 0.00 -32.73 108.53
CA ILE F 341 0.07 -31.41 107.91
C ILE F 341 -0.75 -30.40 108.70
N LYS F 342 -1.93 -30.81 109.17
CA LYS F 342 -2.73 -29.91 109.98
C LYS F 342 -2.07 -29.60 111.31
N THR F 343 -1.23 -30.50 111.80
CA THR F 343 -0.59 -30.26 113.10
C THR F 343 0.42 -29.12 113.03
N LYS F 344 1.15 -28.99 111.93
CA LYS F 344 2.23 -28.03 111.87
C LYS F 344 1.71 -26.59 111.82
N ARG F 345 2.54 -25.67 112.29
CA ARG F 345 2.15 -24.28 112.47
C ARG F 345 2.41 -23.43 111.24
N SER F 346 3.47 -23.72 110.49
CA SER F 346 3.79 -22.93 109.30
C SER F 346 2.74 -23.07 108.21
N ILE F 347 1.84 -24.03 108.33
CA ILE F 347 0.74 -24.20 107.40
C ILE F 347 -0.52 -23.82 108.17
N GLN F 348 -0.89 -22.56 108.12
CA GLN F 348 -1.94 -22.03 108.99
C GLN F 348 -3.13 -21.62 108.14
N PHE F 349 -4.21 -22.39 108.21
CA PHE F 349 -5.42 -22.05 107.50
C PHE F 349 -6.11 -20.88 108.18
N VAL F 350 -7.19 -20.40 107.55
CA VAL F 350 -8.01 -19.38 108.18
C VAL F 350 -8.75 -19.99 109.36
N ASP F 351 -9.02 -19.15 110.36
CA ASP F 351 -9.76 -19.62 111.52
C ASP F 351 -11.15 -20.10 111.14
N TRP F 352 -11.81 -19.41 110.22
CA TRP F 352 -13.22 -19.65 109.96
C TRP F 352 -13.46 -20.88 109.08
N CYS F 353 -12.42 -21.50 108.55
CA CYS F 353 -12.57 -22.74 107.80
C CYS F 353 -11.80 -23.85 108.52
N PRO F 354 -12.43 -24.59 109.43
CA PRO F 354 -11.70 -25.63 110.17
C PRO F 354 -11.44 -26.89 109.37
N THR F 355 -12.17 -27.09 108.27
CA THR F 355 -12.03 -28.27 107.42
C THR F 355 -11.47 -27.79 106.09
N GLY F 356 -10.16 -27.91 105.91
CA GLY F 356 -9.54 -27.36 104.74
C GLY F 356 -9.02 -28.36 103.74
N PHE F 357 -9.78 -29.42 103.45
CA PHE F 357 -9.31 -30.43 102.52
C PHE F 357 -10.46 -31.09 101.79
N LYS F 358 -10.25 -31.37 100.51
CA LYS F 358 -11.01 -32.39 99.80
C LYS F 358 -10.03 -33.41 99.24
N VAL F 359 -10.35 -34.68 99.44
CA VAL F 359 -9.44 -35.75 99.07
C VAL F 359 -10.09 -36.59 97.98
N GLY F 360 -9.29 -36.95 96.99
CA GLY F 360 -9.76 -37.84 95.95
C GLY F 360 -8.70 -38.86 95.62
N ILE F 361 -9.11 -40.11 95.42
CA ILE F 361 -8.19 -41.19 95.14
C ILE F 361 -8.60 -41.86 93.84
N ASN F 362 -7.64 -42.14 92.98
CA ASN F 362 -7.88 -42.85 91.74
C ASN F 362 -7.03 -44.10 91.74
N TYR F 363 -7.49 -45.11 91.01
CA TYR F 363 -6.76 -46.36 90.94
C TYR F 363 -5.71 -46.38 89.84
N GLN F 364 -5.83 -45.53 88.84
CA GLN F 364 -4.89 -45.56 87.73
C GLN F 364 -3.64 -44.74 88.05
N PRO F 365 -2.45 -45.31 87.95
CA PRO F 365 -1.23 -44.55 88.15
C PRO F 365 -1.00 -43.60 86.99
N PRO F 366 -0.21 -42.54 87.19
CA PRO F 366 0.18 -41.70 86.06
C PRO F 366 1.06 -42.48 85.10
N THR F 367 0.90 -42.20 83.82
CA THR F 367 1.67 -42.84 82.77
C THR F 367 2.70 -41.87 82.23
N VAL F 368 3.93 -42.35 82.06
CA VAL F 368 5.03 -41.52 81.58
C VAL F 368 5.05 -41.55 80.06
N VAL F 369 5.13 -40.36 79.46
CA VAL F 369 5.18 -40.23 78.00
C VAL F 369 6.57 -40.59 77.50
N PRO F 370 6.69 -41.53 76.57
CA PRO F 370 8.01 -41.88 76.04
C PRO F 370 8.70 -40.67 75.43
N GLY F 371 10.01 -40.59 75.61
CA GLY F 371 10.73 -39.39 75.27
C GLY F 371 10.56 -38.26 76.26
N GLY F 372 9.93 -38.53 77.40
CA GLY F 372 9.70 -37.51 78.41
C GLY F 372 10.89 -37.33 79.32
N ASP F 373 10.64 -36.69 80.46
CA ASP F 373 11.71 -36.30 81.37
C ASP F 373 11.52 -36.90 82.76
N LEU F 374 10.28 -37.19 83.13
CA LEU F 374 10.00 -37.74 84.45
C LEU F 374 10.24 -39.25 84.45
N ALA F 375 10.05 -39.84 85.62
CA ALA F 375 10.29 -41.26 85.81
C ALA F 375 8.99 -41.97 86.17
N LYS F 376 8.92 -43.25 85.81
CA LYS F 376 7.75 -44.06 86.08
C LYS F 376 7.51 -44.18 87.59
N VAL F 377 6.45 -43.55 88.08
CA VAL F 377 6.11 -43.59 89.50
C VAL F 377 4.84 -44.40 89.67
N GLN F 378 4.63 -44.89 90.89
CA GLN F 378 3.42 -45.64 91.21
C GLN F 378 2.38 -44.80 91.92
N ARG F 379 2.76 -43.70 92.55
CA ARG F 379 1.82 -42.82 93.21
C ARG F 379 2.07 -41.40 92.76
N ALA F 380 0.98 -40.63 92.63
CA ALA F 380 1.10 -39.24 92.26
C ALA F 380 0.00 -38.45 92.93
N VAL F 381 0.23 -37.15 93.11
CA VAL F 381 -0.72 -36.29 93.81
C VAL F 381 -0.67 -34.91 93.19
N CYS F 382 -1.82 -34.40 92.81
CA CYS F 382 -1.97 -33.04 92.34
C CYS F 382 -2.75 -32.23 93.36
N MET F 383 -2.19 -31.12 93.80
CA MET F 383 -2.84 -30.25 94.76
C MET F 383 -3.34 -29.00 94.05
N LEU F 384 -4.61 -28.69 94.22
CA LEU F 384 -5.17 -27.42 93.79
C LEU F 384 -5.49 -26.65 95.06
N SER F 385 -4.78 -25.55 95.30
CA SER F 385 -4.86 -24.88 96.59
C SER F 385 -5.27 -23.43 96.38
N ASN F 386 -6.33 -23.02 97.06
CA ASN F 386 -6.77 -21.63 97.05
C ASN F 386 -6.29 -20.97 98.35
N THR F 387 -5.37 -20.04 98.22
CA THR F 387 -4.73 -19.37 99.34
C THR F 387 -4.95 -17.86 99.27
N THR F 388 -4.29 -17.15 100.17
CA THR F 388 -4.35 -15.70 100.20
C THR F 388 -3.06 -15.05 99.72
N ALA F 389 -1.97 -15.82 99.64
CA ALA F 389 -0.72 -15.25 99.16
C ALA F 389 -0.86 -14.67 97.77
N ILE F 390 -1.66 -15.32 96.91
CA ILE F 390 -1.83 -14.88 95.54
C ILE F 390 -2.26 -13.42 95.49
N ALA F 391 -2.91 -12.94 96.56
CA ALA F 391 -3.36 -11.56 96.61
C ALA F 391 -2.20 -10.60 96.37
N GLU F 392 -1.08 -10.84 97.05
CA GLU F 392 0.08 -9.98 96.86
C GLU F 392 0.47 -9.89 95.40
N ALA F 393 0.36 -11.01 94.68
CA ALA F 393 0.71 -11.01 93.27
C ALA F 393 -0.11 -9.98 92.50
N TRP F 394 -1.41 -9.92 92.77
CA TRP F 394 -2.25 -8.90 92.14
C TRP F 394 -1.67 -7.53 92.38
N ALA F 395 -1.26 -7.25 93.62
CA ALA F 395 -0.66 -5.96 93.93
C ALA F 395 0.44 -5.64 92.93
N ARG F 396 1.35 -6.59 92.71
CA ARG F 396 2.43 -6.36 91.77
C ARG F 396 1.88 -5.91 90.42
N LEU F 397 0.96 -6.70 89.87
CA LEU F 397 0.38 -6.32 88.59
C LEU F 397 -0.24 -4.94 88.69
N ASP F 398 -1.02 -4.71 89.74
CA ASP F 398 -1.62 -3.40 89.96
C ASP F 398 -0.55 -2.34 89.88
N HIS F 399 0.54 -2.55 90.63
CA HIS F 399 1.62 -1.58 90.65
C HIS F 399 2.09 -1.31 89.23
N LYS F 400 2.42 -2.37 88.49
CA LYS F 400 2.88 -2.19 87.12
C LYS F 400 1.89 -1.36 86.34
N PHE F 401 0.62 -1.75 86.40
CA PHE F 401 -0.41 -1.03 85.67
C PHE F 401 -0.34 0.45 85.96
N ASP F 402 -0.29 0.78 87.26
CA ASP F 402 -0.29 2.19 87.65
C ASP F 402 0.81 2.94 86.93
N LEU F 403 2.03 2.42 86.97
CA LEU F 403 3.14 3.10 86.30
C LEU F 403 2.84 3.24 84.82
N MET F 404 2.51 2.14 84.15
CA MET F 404 2.27 2.21 82.72
C MET F 404 1.03 2.99 82.39
N TYR F 405 0.20 3.32 83.38
CA TYR F 405 -0.93 4.19 83.13
C TYR F 405 -0.65 5.62 83.56
N ALA F 406 0.29 5.83 84.47
CA ALA F 406 0.60 7.19 84.90
C ALA F 406 1.13 8.04 83.75
N LYS F 407 1.78 7.42 82.77
CA LYS F 407 2.26 8.13 81.59
C LYS F 407 1.35 7.92 80.39
N ARG F 408 0.24 7.21 80.55
CA ARG F 408 -0.65 6.86 79.44
C ARG F 408 0.10 6.15 78.33
N ALA F 409 1.08 5.34 78.69
CA ALA F 409 1.87 4.62 77.71
C ALA F 409 1.01 3.60 76.97
N PHE F 410 1.27 3.45 75.67
CA PHE F 410 0.63 2.42 74.86
C PHE F 410 -0.88 2.59 74.77
N VAL F 411 -1.40 3.65 75.38
CA VAL F 411 -2.85 3.81 75.45
C VAL F 411 -3.45 4.00 74.07
N HIS F 412 -2.69 4.60 73.14
CA HIS F 412 -3.26 4.97 71.85
C HIS F 412 -3.72 3.75 71.06
N TRP F 413 -2.98 2.64 71.12
CA TRP F 413 -3.42 1.43 70.42
C TRP F 413 -4.81 0.99 70.89
N TYR F 414 -4.98 0.84 72.20
CA TYR F 414 -6.27 0.40 72.73
C TYR F 414 -7.36 1.42 72.44
N VAL F 415 -7.06 2.71 72.57
CA VAL F 415 -8.06 3.74 72.31
C VAL F 415 -8.54 3.65 70.87
N GLY F 416 -7.60 3.56 69.93
CA GLY F 416 -7.95 3.51 68.54
C GLY F 416 -8.47 2.18 68.06
N GLU F 417 -8.51 1.17 68.94
CA GLU F 417 -8.99 -0.16 68.55
C GLU F 417 -10.31 -0.55 69.18
N GLY F 418 -11.09 0.41 69.65
CA GLY F 418 -12.44 0.12 70.13
C GLY F 418 -12.55 0.04 71.65
N MET F 419 -11.93 0.98 72.35
CA MET F 419 -12.00 1.00 73.81
C MET F 419 -11.76 2.41 74.29
N GLU F 420 -12.14 2.67 75.55
CA GLU F 420 -12.07 3.99 76.15
C GLU F 420 -11.26 3.94 77.44
N GLU F 421 -10.73 5.11 77.81
CA GLU F 421 -9.93 5.23 79.03
C GLU F 421 -10.76 4.93 80.28
N GLY F 422 -12.02 5.36 80.29
CA GLY F 422 -12.87 5.06 81.43
C GLY F 422 -12.93 3.58 81.73
N GLU F 423 -12.82 2.75 80.69
CA GLU F 423 -12.76 1.31 80.90
C GLU F 423 -11.50 0.93 81.67
N PHE F 424 -10.36 1.53 81.34
CA PHE F 424 -9.14 1.27 82.08
C PHE F 424 -9.30 1.67 83.54
N SER F 425 -9.87 2.84 83.78
CA SER F 425 -10.07 3.28 85.15
C SER F 425 -10.99 2.33 85.91
N GLU F 426 -12.05 1.87 85.25
CA GLU F 426 -12.99 0.95 85.88
C GLU F 426 -12.33 -0.38 86.21
N ALA F 427 -11.50 -0.89 85.29
CA ALA F 427 -10.81 -2.15 85.57
C ALA F 427 -9.84 -1.99 86.72
N ARG F 428 -9.18 -0.84 86.80
CA ARG F 428 -8.31 -0.58 87.95
C ARG F 428 -9.10 -0.56 89.25
N GLU F 429 -10.27 0.07 89.23
CA GLU F 429 -11.13 0.06 90.42
C GLU F 429 -11.52 -1.36 90.79
N ASP F 430 -11.84 -2.18 89.79
CA ASP F 430 -12.24 -3.56 90.06
C ASP F 430 -11.10 -4.36 90.67
N MET F 431 -9.88 -4.19 90.15
CA MET F 431 -8.74 -4.89 90.73
C MET F 431 -8.47 -4.43 92.15
N ALA F 432 -8.60 -3.12 92.40
CA ALA F 432 -8.45 -2.63 93.77
C ALA F 432 -9.49 -3.26 94.69
N ALA F 433 -10.73 -3.39 94.19
CA ALA F 433 -11.77 -4.02 94.99
C ALA F 433 -11.44 -5.47 95.30
N LEU F 434 -10.92 -6.20 94.31
CA LEU F 434 -10.55 -7.60 94.55
C LEU F 434 -9.44 -7.70 95.60
N GLU F 435 -8.44 -6.83 95.49
CA GLU F 435 -7.38 -6.83 96.49
C GLU F 435 -7.93 -6.52 97.87
N LYS F 436 -8.87 -5.57 97.93
CA LYS F 436 -9.51 -5.24 99.20
C LYS F 436 -10.24 -6.45 99.76
N ASP F 437 -10.94 -7.20 98.92
CA ASP F 437 -11.67 -8.37 99.39
C ASP F 437 -10.71 -9.43 99.91
N TYR F 438 -9.60 -9.64 99.22
CA TYR F 438 -8.61 -10.60 99.70
C TYR F 438 -8.08 -10.19 101.07
N GLU F 439 -7.73 -8.91 101.22
CA GLU F 439 -7.24 -8.44 102.51
C GLU F 439 -8.29 -8.61 103.59
N GLU F 440 -9.54 -8.27 103.30
CA GLU F 440 -10.61 -8.37 104.29
C GLU F 440 -10.82 -9.81 104.72
N VAL F 441 -10.80 -10.74 103.78
CA VAL F 441 -10.96 -12.14 104.14
C VAL F 441 -9.77 -12.63 104.95
N GLY F 442 -8.57 -12.15 104.64
CA GLY F 442 -7.37 -12.62 105.35
C GLY F 442 -7.39 -12.37 106.85
N VAL F 443 -8.19 -11.40 107.32
CA VAL F 443 -8.20 -11.06 108.74
C VAL F 443 -8.97 -12.11 109.52
N ASP F 444 -8.87 -12.06 110.84
CA ASP F 444 -9.56 -12.99 111.72
C ASP F 444 -10.87 -12.40 112.22
N SER F 445 -11.72 -13.28 112.74
CA SER F 445 -13.02 -12.88 113.25
C SER F 445 -12.97 -12.64 114.74
N VAL F 446 -13.88 -11.81 115.22
CA VAL F 446 -13.99 -11.51 116.64
C VAL F 446 -15.12 -12.33 117.25
N GLU F 447 -15.08 -12.47 118.57
CA GLU F 447 -16.08 -13.21 119.33
C GLU F 447 -16.17 -14.68 118.87
N MET G 1 -31.39 -51.59 -32.67
CA MET G 1 -32.71 -51.17 -33.11
C MET G 1 -32.87 -49.66 -32.97
N ARG G 2 -33.92 -49.12 -33.59
CA ARG G 2 -34.20 -47.69 -33.58
C ARG G 2 -33.02 -46.89 -34.13
N GLU G 3 -32.48 -47.34 -35.27
CA GLU G 3 -31.33 -46.69 -35.86
C GLU G 3 -31.68 -45.28 -36.32
N ILE G 4 -30.72 -44.37 -36.18
CA ILE G 4 -30.89 -42.98 -36.57
C ILE G 4 -29.93 -42.65 -37.70
N VAL G 5 -30.41 -41.90 -38.68
CA VAL G 5 -29.63 -41.49 -39.84
C VAL G 5 -29.20 -40.05 -39.66
N HIS G 6 -27.93 -39.77 -39.92
CA HIS G 6 -27.37 -38.44 -39.73
C HIS G 6 -27.13 -37.78 -41.09
N ILE G 7 -27.66 -36.58 -41.26
CA ILE G 7 -27.46 -35.79 -42.47
C ILE G 7 -26.73 -34.51 -42.08
N GLN G 8 -25.79 -34.10 -42.92
CA GLN G 8 -24.98 -32.91 -42.66
C GLN G 8 -24.99 -32.04 -43.92
N ALA G 9 -25.65 -30.89 -43.84
CA ALA G 9 -25.72 -29.96 -44.96
C ALA G 9 -25.00 -28.68 -44.59
N GLY G 10 -24.43 -28.01 -45.59
CA GLY G 10 -23.73 -26.76 -45.37
C GLY G 10 -22.41 -26.96 -44.65
N GLN G 11 -21.56 -25.95 -44.77
CA GLN G 11 -20.22 -26.03 -44.17
C GLN G 11 -20.29 -26.16 -42.66
N CYS G 12 -21.14 -25.35 -42.03
CA CYS G 12 -21.30 -25.43 -40.59
C CYS G 12 -21.81 -26.80 -40.19
N GLY G 13 -22.80 -27.31 -40.92
CA GLY G 13 -23.31 -28.62 -40.61
C GLY G 13 -22.23 -29.67 -40.68
N ASN G 14 -21.36 -29.59 -41.69
CA ASN G 14 -20.34 -30.60 -41.85
C ASN G 14 -19.28 -30.52 -40.76
N GLN G 15 -18.87 -29.30 -40.37
CA GLN G 15 -17.89 -29.20 -39.30
C GLN G 15 -18.48 -29.68 -37.97
N ILE G 16 -19.71 -29.25 -37.67
CA ILE G 16 -20.38 -29.72 -36.47
C ILE G 16 -20.46 -31.24 -36.48
N GLY G 17 -20.76 -31.82 -37.64
CA GLY G 17 -20.84 -33.25 -37.73
C GLY G 17 -19.51 -33.92 -37.49
N ALA G 18 -18.43 -33.34 -37.98
CA ALA G 18 -17.12 -33.92 -37.74
C ALA G 18 -16.84 -33.96 -36.25
N LYS G 19 -17.06 -32.85 -35.55
CA LYS G 19 -16.85 -32.85 -34.11
C LYS G 19 -17.81 -33.81 -33.41
N PHE G 20 -19.05 -33.89 -33.91
CA PHE G 20 -20.07 -34.74 -33.31
C PHE G 20 -19.67 -36.20 -33.39
N TRP G 21 -19.20 -36.64 -34.55
CA TRP G 21 -18.77 -38.02 -34.69
C TRP G 21 -17.51 -38.29 -33.89
N GLU G 22 -16.63 -37.29 -33.76
CA GLU G 22 -15.52 -37.47 -32.84
C GLU G 22 -16.02 -37.76 -31.43
N VAL G 23 -17.01 -36.98 -30.97
CA VAL G 23 -17.54 -37.17 -29.63
C VAL G 23 -18.17 -38.55 -29.48
N ILE G 24 -18.99 -38.94 -30.44
CA ILE G 24 -19.68 -40.23 -30.34
C ILE G 24 -18.68 -41.36 -30.31
N SER G 25 -17.69 -41.32 -31.20
CA SER G 25 -16.67 -42.36 -31.22
C SER G 25 -15.93 -42.41 -29.90
N ASP G 26 -15.64 -41.25 -29.32
CA ASP G 26 -15.03 -41.25 -27.99
C ASP G 26 -15.95 -41.92 -26.98
N GLU G 27 -17.26 -41.73 -27.11
CA GLU G 27 -18.19 -42.34 -26.19
C GLU G 27 -18.15 -43.86 -26.28
N HIS G 28 -18.25 -44.39 -27.49
CA HIS G 28 -18.35 -45.84 -27.66
C HIS G 28 -16.99 -46.52 -27.74
N GLY G 29 -15.90 -45.80 -27.57
CA GLY G 29 -14.58 -46.40 -27.65
C GLY G 29 -14.27 -46.94 -29.04
N ILE G 30 -14.30 -46.06 -30.03
CA ILE G 30 -14.09 -46.44 -31.42
C ILE G 30 -12.81 -45.79 -31.89
N ASP G 31 -11.89 -46.61 -32.38
CA ASP G 31 -10.64 -46.09 -32.90
C ASP G 31 -10.89 -45.26 -34.15
N PRO G 32 -9.94 -44.38 -34.52
CA PRO G 32 -10.12 -43.62 -35.76
C PRO G 32 -10.28 -44.48 -36.99
N SER G 33 -9.68 -45.68 -36.99
CA SER G 33 -9.82 -46.58 -38.13
C SER G 33 -11.25 -47.09 -38.29
N GLY G 34 -12.08 -46.99 -37.26
CA GLY G 34 -13.43 -47.48 -37.31
C GLY G 34 -13.66 -48.81 -36.64
N ASN G 35 -12.64 -49.39 -36.02
CA ASN G 35 -12.78 -50.64 -35.29
C ASN G 35 -12.91 -50.34 -33.79
N TYR G 36 -13.64 -51.21 -33.11
CA TYR G 36 -13.94 -51.03 -31.70
C TYR G 36 -12.76 -51.52 -30.86
N VAL G 37 -12.29 -50.66 -29.95
CA VAL G 37 -11.22 -51.03 -29.03
C VAL G 37 -11.67 -50.72 -27.61
N GLY G 38 -12.98 -50.60 -27.42
CA GLY G 38 -13.51 -50.20 -26.13
C GLY G 38 -13.34 -51.29 -25.08
N ASP G 39 -13.98 -51.05 -23.93
CA ASP G 39 -13.84 -51.92 -22.79
C ASP G 39 -15.16 -52.31 -22.13
N SER G 40 -16.27 -51.65 -22.48
CA SER G 40 -17.55 -51.90 -21.84
C SER G 40 -18.57 -52.35 -22.88
N ASP G 41 -19.17 -53.51 -22.64
CA ASP G 41 -20.06 -54.10 -23.63
C ASP G 41 -21.26 -53.20 -23.93
N LEU G 42 -21.67 -52.38 -22.96
CA LEU G 42 -22.82 -51.52 -23.16
C LEU G 42 -22.59 -50.55 -24.31
N GLN G 43 -21.32 -50.26 -24.62
CA GLN G 43 -21.01 -49.47 -25.80
C GLN G 43 -21.53 -50.14 -27.05
N LEU G 44 -21.38 -51.46 -27.15
CA LEU G 44 -21.79 -52.20 -28.33
C LEU G 44 -23.21 -52.72 -28.26
N GLU G 45 -23.81 -52.74 -27.07
CA GLU G 45 -25.18 -53.24 -26.96
C GLU G 45 -26.15 -52.39 -27.79
N ARG G 46 -25.83 -51.12 -28.02
CA ARG G 46 -26.64 -50.28 -28.88
C ARG G 46 -25.79 -49.57 -29.93
N ILE G 47 -24.61 -50.13 -30.24
CA ILE G 47 -23.73 -49.49 -31.20
C ILE G 47 -24.41 -49.32 -32.54
N SER G 48 -25.43 -50.15 -32.82
CA SER G 48 -26.08 -50.12 -34.12
C SER G 48 -26.92 -48.89 -34.34
N VAL G 49 -27.29 -48.15 -33.29
CA VAL G 49 -28.25 -47.07 -33.47
C VAL G 49 -27.67 -45.96 -34.34
N TYR G 50 -26.37 -45.71 -34.23
CA TYR G 50 -25.69 -44.73 -35.05
C TYR G 50 -24.69 -45.34 -36.01
N TYR G 51 -24.14 -46.50 -35.70
CA TYR G 51 -23.15 -47.15 -36.54
C TYR G 51 -23.77 -48.32 -37.28
N ASN G 52 -23.08 -48.74 -38.33
CA ASN G 52 -23.35 -50.01 -38.99
C ASN G 52 -22.11 -50.87 -38.87
N GLU G 53 -22.31 -52.12 -38.45
CA GLU G 53 -21.20 -53.05 -38.33
C GLU G 53 -20.86 -53.57 -39.71
N ALA G 54 -19.86 -52.96 -40.34
CA ALA G 54 -19.36 -53.48 -41.59
C ALA G 54 -18.49 -54.72 -41.35
N SER G 55 -18.37 -55.53 -42.39
CA SER G 55 -17.71 -56.81 -42.30
C SER G 55 -16.26 -56.64 -41.86
N SER G 56 -15.64 -57.78 -41.52
CA SER G 56 -14.33 -57.81 -40.88
C SER G 56 -14.33 -57.09 -39.54
N HIS G 57 -15.52 -56.95 -38.95
CA HIS G 57 -15.68 -56.35 -37.63
C HIS G 57 -15.18 -54.91 -37.59
N LYS G 58 -15.76 -54.06 -38.45
CA LYS G 58 -15.51 -52.63 -38.40
C LYS G 58 -16.83 -51.91 -38.21
N TYR G 59 -16.76 -50.61 -37.96
CA TYR G 59 -17.96 -49.81 -37.75
C TYR G 59 -17.89 -48.58 -38.61
N VAL G 60 -18.99 -48.27 -39.29
CA VAL G 60 -19.05 -47.06 -40.11
C VAL G 60 -20.23 -46.20 -39.64
N PRO G 61 -20.03 -44.91 -39.46
CA PRO G 61 -21.14 -44.06 -39.04
C PRO G 61 -22.20 -43.97 -40.12
N ARG G 62 -23.45 -43.87 -39.68
CA ARG G 62 -24.58 -43.73 -40.59
C ARG G 62 -24.73 -42.28 -41.03
N ALA G 63 -23.67 -41.75 -41.62
CA ALA G 63 -23.60 -40.35 -41.99
C ALA G 63 -23.86 -40.17 -43.48
N ILE G 64 -24.42 -39.02 -43.83
CA ILE G 64 -24.66 -38.65 -45.22
C ILE G 64 -24.22 -37.20 -45.36
N LEU G 65 -23.00 -37.01 -45.82
CA LEU G 65 -22.39 -35.68 -45.86
C LEU G 65 -22.68 -35.03 -47.20
N VAL G 66 -23.29 -33.86 -47.16
CA VAL G 66 -23.77 -33.17 -48.35
C VAL G 66 -23.16 -31.78 -48.40
N ASP G 67 -22.80 -31.34 -49.60
CA ASP G 67 -22.28 -30.00 -49.81
C ASP G 67 -22.32 -29.70 -51.30
N LEU G 68 -22.04 -28.45 -51.64
CA LEU G 68 -21.92 -28.03 -53.03
C LEU G 68 -20.53 -27.55 -53.40
N GLU G 69 -19.58 -27.57 -52.47
CA GLU G 69 -18.20 -27.22 -52.77
C GLU G 69 -17.29 -28.23 -52.09
N PRO G 70 -16.36 -28.81 -52.83
CA PRO G 70 -15.54 -29.90 -52.28
C PRO G 70 -14.52 -29.47 -51.24
N GLY G 71 -14.43 -28.19 -50.92
CA GLY G 71 -13.41 -27.71 -50.00
C GLY G 71 -13.49 -28.30 -48.61
N THR G 72 -14.57 -28.00 -47.89
CA THR G 72 -14.70 -28.50 -46.53
C THR G 72 -14.82 -30.02 -46.51
N MET G 73 -15.44 -30.60 -47.54
CA MET G 73 -15.47 -32.05 -47.65
C MET G 73 -14.06 -32.63 -47.63
N ASP G 74 -13.19 -32.09 -48.48
CA ASP G 74 -11.83 -32.60 -48.52
C ASP G 74 -11.10 -32.33 -47.22
N SER G 75 -11.40 -31.20 -46.57
CA SER G 75 -10.79 -30.94 -45.28
C SER G 75 -11.16 -32.01 -44.27
N VAL G 76 -12.44 -32.39 -44.25
CA VAL G 76 -12.89 -33.47 -43.39
C VAL G 76 -12.21 -34.77 -43.76
N ARG G 77 -12.13 -35.05 -45.06
CA ARG G 77 -11.58 -36.31 -45.53
C ARG G 77 -10.12 -36.47 -45.11
N SER G 78 -9.33 -35.41 -45.24
CA SER G 78 -7.92 -35.51 -44.91
C SER G 78 -7.70 -35.61 -43.41
N GLY G 79 -8.46 -34.87 -42.62
CA GLY G 79 -8.24 -34.85 -41.19
C GLY G 79 -8.58 -36.17 -40.53
N ALA G 80 -7.98 -36.40 -39.37
CA ALA G 80 -8.27 -37.60 -38.61
C ALA G 80 -9.75 -37.66 -38.26
N PHE G 81 -10.22 -38.85 -37.92
CA PHE G 81 -11.64 -39.13 -37.74
C PHE G 81 -12.43 -38.80 -39.00
N GLY G 82 -11.77 -38.83 -40.15
CA GLY G 82 -12.44 -38.73 -41.42
C GLY G 82 -12.27 -40.01 -42.19
N HIS G 83 -11.21 -40.76 -41.89
CA HIS G 83 -10.93 -42.02 -42.54
C HIS G 83 -11.89 -43.11 -42.17
N LEU G 84 -12.95 -42.90 -41.40
CA LEU G 84 -13.89 -43.98 -41.14
C LEU G 84 -15.27 -43.75 -41.74
N PHE G 85 -15.56 -42.55 -42.23
CA PHE G 85 -16.78 -42.37 -43.00
C PHE G 85 -16.74 -43.25 -44.24
N ARG G 86 -17.88 -43.76 -44.65
CA ARG G 86 -17.89 -44.61 -45.84
C ARG G 86 -17.73 -43.73 -47.07
N PRO G 87 -16.66 -43.92 -47.86
CA PRO G 87 -16.29 -42.91 -48.85
C PRO G 87 -17.35 -42.66 -49.90
N ASP G 88 -18.26 -43.60 -50.13
CA ASP G 88 -19.31 -43.38 -51.10
C ASP G 88 -20.31 -42.33 -50.64
N ASN G 89 -20.28 -41.96 -49.36
CA ASN G 89 -21.27 -41.02 -48.84
C ASN G 89 -21.02 -39.58 -49.25
N PHE G 90 -19.78 -39.20 -49.52
CA PHE G 90 -19.42 -37.79 -49.66
C PHE G 90 -19.99 -37.27 -50.97
N ILE G 91 -21.23 -36.81 -50.90
CA ILE G 91 -21.88 -36.20 -52.05
C ILE G 91 -21.52 -34.72 -52.08
N PHE G 92 -21.00 -34.25 -53.21
CA PHE G 92 -20.69 -32.84 -53.34
C PHE G 92 -20.81 -32.40 -54.79
N GLY G 93 -21.11 -31.13 -54.98
CA GLY G 93 -21.20 -30.53 -56.29
C GLY G 93 -20.00 -29.67 -56.63
N GLN G 94 -20.10 -28.97 -57.75
CA GLN G 94 -19.02 -28.11 -58.21
C GLN G 94 -19.36 -26.63 -58.24
N SER G 95 -20.62 -26.28 -58.49
CA SER G 95 -20.96 -24.87 -58.66
C SER G 95 -20.86 -24.13 -57.33
N GLY G 96 -21.26 -24.76 -56.23
CA GLY G 96 -21.31 -24.07 -54.96
C GLY G 96 -22.53 -23.19 -54.86
N ALA G 97 -23.16 -23.13 -53.68
CA ALA G 97 -24.38 -22.36 -53.55
C ALA G 97 -24.16 -20.87 -53.64
N GLY G 98 -22.92 -20.41 -53.48
CA GLY G 98 -22.66 -18.98 -53.56
C GLY G 98 -23.42 -18.19 -52.53
N ASN G 99 -23.65 -18.78 -51.36
CA ASN G 99 -24.33 -18.12 -50.25
C ASN G 99 -25.71 -17.62 -50.66
N ASN G 100 -26.32 -18.29 -51.63
CA ASN G 100 -27.64 -17.96 -52.12
C ASN G 100 -28.60 -19.09 -51.78
N TRP G 101 -29.83 -18.74 -51.42
CA TRP G 101 -30.82 -19.77 -51.11
C TRP G 101 -31.48 -20.27 -52.39
N ALA G 102 -31.69 -19.38 -53.36
CA ALA G 102 -32.30 -19.79 -54.62
C ALA G 102 -31.46 -20.88 -55.28
N LYS G 103 -30.15 -20.71 -55.31
CA LYS G 103 -29.27 -21.77 -55.80
C LYS G 103 -29.39 -23.02 -54.96
N GLY G 104 -29.44 -22.86 -53.64
CA GLY G 104 -29.41 -24.01 -52.77
C GLY G 104 -30.70 -24.78 -52.71
N HIS G 105 -31.78 -24.26 -53.28
CA HIS G 105 -33.07 -24.94 -53.22
C HIS G 105 -33.74 -25.14 -54.57
N TYR G 106 -33.38 -24.38 -55.60
CA TYR G 106 -34.02 -24.52 -56.89
C TYR G 106 -33.06 -24.99 -57.98
N THR G 107 -31.94 -24.32 -58.16
CA THR G 107 -31.12 -24.56 -59.34
C THR G 107 -30.03 -25.61 -59.09
N GLU G 108 -29.12 -25.34 -58.16
CA GLU G 108 -28.03 -26.27 -57.94
C GLU G 108 -28.48 -27.49 -57.16
N GLY G 109 -29.32 -27.30 -56.14
CA GLY G 109 -29.73 -28.40 -55.31
C GLY G 109 -30.55 -29.44 -56.05
N ALA G 110 -31.28 -29.01 -57.07
CA ALA G 110 -32.11 -29.94 -57.83
C ALA G 110 -31.28 -30.99 -58.57
N GLU G 111 -29.98 -30.80 -58.67
CA GLU G 111 -29.13 -31.75 -59.39
C GLU G 111 -28.50 -32.78 -58.47
N LEU G 112 -28.31 -32.46 -57.19
CA LEU G 112 -27.73 -33.42 -56.26
C LEU G 112 -28.74 -34.05 -55.31
N VAL G 113 -29.92 -33.42 -55.15
CA VAL G 113 -30.89 -33.93 -54.19
C VAL G 113 -31.30 -35.36 -54.55
N ASP G 114 -31.27 -35.70 -55.83
CA ASP G 114 -31.63 -37.05 -56.24
C ASP G 114 -30.63 -38.08 -55.73
N SER G 115 -29.34 -37.81 -55.92
CA SER G 115 -28.33 -38.73 -55.41
C SER G 115 -28.39 -38.80 -53.90
N VAL G 116 -28.64 -37.66 -53.25
CA VAL G 116 -28.72 -37.67 -51.79
C VAL G 116 -29.87 -38.54 -51.33
N LEU G 117 -31.04 -38.37 -51.95
CA LEU G 117 -32.19 -39.19 -51.59
C LEU G 117 -31.94 -40.66 -51.86
N ASP G 118 -31.18 -40.97 -52.91
CA ASP G 118 -30.88 -42.37 -53.20
C ASP G 118 -30.02 -42.99 -52.11
N VAL G 119 -28.99 -42.27 -51.67
CA VAL G 119 -28.17 -42.81 -50.59
C VAL G 119 -28.97 -42.88 -49.30
N VAL G 120 -29.86 -41.91 -49.09
CA VAL G 120 -30.76 -41.95 -47.94
C VAL G 120 -31.59 -43.22 -47.96
N ARG G 121 -32.16 -43.52 -49.13
CA ARG G 121 -33.02 -44.70 -49.26
C ARG G 121 -32.23 -45.98 -49.02
N LYS G 122 -31.00 -46.04 -49.55
CA LYS G 122 -30.16 -47.21 -49.29
C LYS G 122 -29.94 -47.40 -47.80
N GLU G 123 -29.59 -46.32 -47.10
CA GLU G 123 -29.36 -46.44 -45.67
C GLU G 123 -30.62 -46.82 -44.92
N CYS G 124 -31.77 -46.26 -45.32
CA CYS G 124 -33.03 -46.60 -44.67
C CYS G 124 -33.34 -48.07 -44.82
N GLU G 125 -33.20 -48.61 -46.03
CA GLU G 125 -33.47 -50.03 -46.22
C GLU G 125 -32.45 -50.89 -45.48
N ASN G 126 -31.23 -50.37 -45.28
CA ASN G 126 -30.24 -51.12 -44.54
C ASN G 126 -30.63 -51.28 -43.07
N CYS G 127 -31.27 -50.28 -42.49
CA CYS G 127 -31.60 -50.32 -41.07
C CYS G 127 -32.72 -51.30 -40.77
N ASP G 128 -32.78 -51.74 -39.53
CA ASP G 128 -33.82 -52.68 -39.11
C ASP G 128 -35.14 -51.96 -38.87
N CYS G 129 -35.16 -51.03 -37.91
CA CYS G 129 -36.34 -50.22 -37.61
C CYS G 129 -35.88 -48.77 -37.49
N LEU G 130 -36.15 -47.98 -38.52
CA LEU G 130 -35.73 -46.59 -38.52
C LEU G 130 -36.41 -45.81 -37.42
N GLN G 131 -35.65 -45.02 -36.67
CA GLN G 131 -36.18 -44.22 -35.59
C GLN G 131 -36.50 -42.80 -36.06
N GLY G 132 -35.54 -42.14 -36.68
CA GLY G 132 -35.77 -40.80 -37.17
C GLY G 132 -34.52 -40.21 -37.78
N PHE G 133 -34.66 -38.97 -38.24
CA PHE G 133 -33.61 -38.26 -38.93
C PHE G 133 -33.18 -37.04 -38.12
N GLN G 134 -31.88 -36.80 -38.10
CA GLN G 134 -31.34 -35.58 -37.50
C GLN G 134 -30.53 -34.85 -38.55
N LEU G 135 -30.91 -33.62 -38.84
CA LEU G 135 -30.24 -32.81 -39.85
C LEU G 135 -29.46 -31.71 -39.16
N THR G 136 -28.18 -31.59 -39.50
CA THR G 136 -27.29 -30.59 -38.92
C THR G 136 -26.95 -29.59 -40.00
N HIS G 137 -27.43 -28.35 -39.87
CA HIS G 137 -27.24 -27.37 -40.92
C HIS G 137 -27.27 -25.98 -40.31
N SER G 138 -27.07 -24.98 -41.16
CA SER G 138 -27.10 -23.58 -40.78
C SER G 138 -28.46 -23.00 -41.15
N LEU G 139 -28.58 -21.69 -41.01
CA LEU G 139 -29.69 -20.95 -41.58
C LEU G 139 -29.25 -19.78 -42.44
N GLY G 140 -27.98 -19.39 -42.38
CA GLY G 140 -27.49 -18.32 -43.21
C GLY G 140 -26.90 -18.81 -44.52
N GLY G 141 -25.98 -19.77 -44.45
CA GLY G 141 -25.32 -20.24 -45.65
C GLY G 141 -26.31 -20.82 -46.65
N GLY G 142 -26.02 -20.59 -47.92
CA GLY G 142 -26.97 -20.97 -48.97
C GLY G 142 -27.16 -22.47 -49.05
N THR G 143 -26.06 -23.22 -49.05
CA THR G 143 -26.14 -24.67 -49.13
C THR G 143 -26.98 -25.22 -48.00
N GLY G 144 -26.56 -24.99 -46.76
CA GLY G 144 -27.28 -25.44 -45.59
C GLY G 144 -28.76 -25.16 -45.70
N SER G 145 -29.13 -23.88 -45.75
CA SER G 145 -30.53 -23.51 -45.77
C SER G 145 -31.29 -24.18 -46.91
N GLY G 146 -30.93 -23.85 -48.14
CA GLY G 146 -31.68 -24.34 -49.28
C GLY G 146 -31.73 -25.85 -49.40
N MET G 147 -30.56 -26.48 -49.46
CA MET G 147 -30.53 -27.91 -49.66
C MET G 147 -31.12 -28.66 -48.48
N GLY G 148 -30.92 -28.19 -47.25
CA GLY G 148 -31.53 -28.86 -46.11
C GLY G 148 -33.04 -28.78 -46.16
N THR G 149 -33.59 -27.61 -46.51
CA THR G 149 -35.04 -27.52 -46.64
C THR G 149 -35.56 -28.44 -47.72
N LEU G 150 -34.86 -28.50 -48.86
CA LEU G 150 -35.28 -29.39 -49.93
C LEU G 150 -35.25 -30.85 -49.49
N LEU G 151 -34.17 -31.25 -48.82
CA LEU G 151 -34.06 -32.62 -48.35
C LEU G 151 -35.15 -32.93 -47.35
N ILE G 152 -35.46 -31.99 -46.46
CA ILE G 152 -36.50 -32.22 -45.47
C ILE G 152 -37.84 -32.41 -46.15
N SER G 153 -38.15 -31.56 -47.13
CA SER G 153 -39.43 -31.71 -47.83
C SER G 153 -39.51 -33.06 -48.52
N LYS G 154 -38.44 -33.44 -49.22
CA LYS G 154 -38.47 -34.72 -49.94
C LYS G 154 -38.59 -35.90 -48.99
N VAL G 155 -37.82 -35.89 -47.90
CA VAL G 155 -37.85 -36.99 -46.95
C VAL G 155 -39.23 -37.09 -46.32
N ARG G 156 -39.80 -35.96 -45.89
CA ARG G 156 -41.14 -35.98 -45.34
C ARG G 156 -42.15 -36.49 -46.36
N GLU G 157 -41.91 -36.25 -47.64
CA GLU G 157 -42.74 -36.91 -48.66
C GLU G 157 -42.57 -38.42 -48.60
N GLU G 158 -41.34 -38.90 -48.47
CA GLU G 158 -41.11 -40.34 -48.53
C GLU G 158 -41.19 -41.04 -47.18
N TYR G 159 -41.26 -40.31 -46.07
CA TYR G 159 -41.35 -40.93 -44.75
C TYR G 159 -42.18 -40.04 -43.84
N PRO G 160 -43.49 -39.97 -44.07
CA PRO G 160 -44.33 -39.07 -43.26
C PRO G 160 -44.53 -39.55 -41.84
N ASP G 161 -43.95 -40.68 -41.46
CA ASP G 161 -44.14 -41.24 -40.13
C ASP G 161 -42.92 -41.10 -39.23
N ARG G 162 -41.73 -41.06 -39.79
CA ARG G 162 -40.53 -40.93 -38.98
C ARG G 162 -40.50 -39.58 -38.30
N ILE G 163 -39.54 -39.42 -37.40
CA ILE G 163 -39.39 -38.20 -36.62
C ILE G 163 -38.21 -37.41 -37.16
N MET G 164 -38.28 -36.09 -37.04
CA MET G 164 -37.35 -35.20 -37.70
C MET G 164 -36.70 -34.27 -36.69
N ASN G 165 -35.38 -34.26 -36.65
CA ASN G 165 -34.61 -33.37 -35.79
C ASN G 165 -33.71 -32.47 -36.63
N THR G 166 -33.63 -31.21 -36.26
CA THR G 166 -32.75 -30.26 -36.95
C THR G 166 -31.97 -29.48 -35.93
N PHE G 167 -30.69 -29.28 -36.18
CA PHE G 167 -29.85 -28.41 -35.35
C PHE G 167 -29.46 -27.23 -36.22
N SER G 168 -30.33 -26.23 -36.27
CA SER G 168 -30.12 -25.08 -37.15
C SER G 168 -29.45 -23.96 -36.37
N VAL G 169 -28.30 -23.51 -36.87
CA VAL G 169 -27.55 -22.42 -36.24
C VAL G 169 -28.22 -21.11 -36.68
N VAL G 170 -29.02 -20.54 -35.80
CA VAL G 170 -29.77 -19.31 -36.09
C VAL G 170 -28.80 -18.15 -36.17
N PRO G 171 -29.03 -17.17 -37.03
CA PRO G 171 -28.17 -15.99 -37.04
C PRO G 171 -28.20 -15.23 -35.71
N SER G 172 -27.04 -14.73 -35.31
CA SER G 172 -26.92 -13.98 -34.08
C SER G 172 -27.60 -12.62 -34.20
N PRO G 173 -28.09 -12.07 -33.09
CA PRO G 173 -28.77 -10.76 -33.15
C PRO G 173 -27.84 -9.58 -33.39
N LYS G 174 -26.71 -9.54 -32.70
CA LYS G 174 -25.84 -8.37 -32.78
C LYS G 174 -25.03 -8.38 -34.08
N VAL G 175 -24.16 -9.38 -34.22
CA VAL G 175 -23.34 -9.47 -35.42
C VAL G 175 -24.16 -10.10 -36.55
N SER G 176 -23.65 -9.99 -37.76
CA SER G 176 -24.25 -10.63 -38.92
C SER G 176 -23.11 -11.15 -39.79
N ASP G 177 -22.87 -12.45 -39.76
CA ASP G 177 -21.76 -13.02 -40.50
C ASP G 177 -21.97 -12.90 -42.01
N THR G 178 -23.21 -12.86 -42.46
CA THR G 178 -23.52 -12.65 -43.87
C THR G 178 -24.34 -11.38 -44.02
N VAL G 179 -24.72 -11.08 -45.26
CA VAL G 179 -25.43 -9.86 -45.59
C VAL G 179 -26.88 -10.14 -45.96
N VAL G 180 -27.14 -11.27 -46.61
CA VAL G 180 -28.48 -11.62 -47.04
C VAL G 180 -29.12 -12.64 -46.11
N GLU G 181 -28.58 -12.82 -44.91
CA GLU G 181 -29.08 -13.86 -44.04
C GLU G 181 -30.55 -13.71 -43.63
N PRO G 182 -31.16 -12.52 -43.59
CA PRO G 182 -32.61 -12.49 -43.34
C PRO G 182 -33.41 -13.27 -44.37
N TYR G 183 -33.05 -13.19 -45.65
CA TYR G 183 -33.79 -13.90 -46.68
C TYR G 183 -33.67 -15.41 -46.49
N ASN G 184 -32.44 -15.91 -46.32
CA ASN G 184 -32.25 -17.33 -46.10
C ASN G 184 -32.99 -17.79 -44.86
N ALA G 185 -32.91 -17.01 -43.78
CA ALA G 185 -33.59 -17.40 -42.55
C ALA G 185 -35.09 -17.49 -42.77
N THR G 186 -35.68 -16.50 -43.43
CA THR G 186 -37.12 -16.52 -43.61
C THR G 186 -37.57 -17.70 -44.45
N LEU G 187 -36.89 -17.94 -45.57
CA LEU G 187 -37.30 -19.05 -46.42
C LEU G 187 -37.11 -20.39 -45.72
N SER G 188 -35.97 -20.56 -45.04
CA SER G 188 -35.72 -21.81 -44.34
C SER G 188 -36.74 -22.04 -43.25
N ILE G 189 -37.10 -20.98 -42.51
CA ILE G 189 -38.07 -21.13 -41.44
C ILE G 189 -39.44 -21.47 -42.01
N HIS G 190 -39.78 -20.88 -43.15
CA HIS G 190 -41.02 -21.25 -43.83
C HIS G 190 -41.05 -22.76 -44.07
N GLN G 191 -39.99 -23.29 -44.71
CA GLN G 191 -39.97 -24.72 -44.96
C GLN G 191 -39.99 -25.55 -43.68
N LEU G 192 -39.28 -25.11 -42.65
CA LEU G 192 -39.19 -25.89 -41.42
C LEU G 192 -40.53 -25.96 -40.71
N VAL G 193 -41.17 -24.80 -40.48
CA VAL G 193 -42.49 -24.82 -39.86
C VAL G 193 -43.49 -25.54 -40.73
N GLU G 194 -43.20 -25.69 -42.03
CA GLU G 194 -44.01 -26.60 -42.82
C GLU G 194 -43.80 -28.04 -42.39
N ASN G 195 -42.56 -28.53 -42.44
CA ASN G 195 -42.35 -29.97 -42.43
C ASN G 195 -41.24 -30.41 -41.47
N THR G 196 -41.25 -29.94 -40.23
CA THR G 196 -40.32 -30.45 -39.24
C THR G 196 -41.01 -30.71 -37.91
N ASP G 197 -40.52 -31.72 -37.19
CA ASP G 197 -41.08 -32.05 -35.89
C ASP G 197 -40.45 -31.25 -34.76
N GLU G 198 -39.18 -30.91 -34.88
CA GLU G 198 -38.52 -30.17 -33.81
C GLU G 198 -37.27 -29.51 -34.37
N THR G 199 -36.96 -28.32 -33.85
CA THR G 199 -35.88 -27.50 -34.38
C THR G 199 -35.11 -26.90 -33.22
N TYR G 200 -33.83 -27.21 -33.14
CA TYR G 200 -33.01 -26.83 -32.00
C TYR G 200 -32.27 -25.55 -32.36
N CYS G 201 -32.89 -24.41 -32.05
CA CYS G 201 -32.30 -23.13 -32.39
C CYS G 201 -31.01 -22.91 -31.60
N ILE G 202 -29.98 -22.41 -32.28
CA ILE G 202 -28.69 -22.10 -31.67
C ILE G 202 -28.17 -20.80 -32.27
N ASP G 203 -27.53 -19.98 -31.45
CA ASP G 203 -26.85 -18.78 -31.91
C ASP G 203 -25.38 -18.89 -31.57
N ASN G 204 -24.53 -18.35 -32.45
CA ASN G 204 -23.11 -18.30 -32.14
C ASN G 204 -22.82 -17.28 -31.07
N GLU G 205 -23.68 -16.26 -30.92
CA GLU G 205 -23.46 -15.24 -29.91
C GLU G 205 -23.48 -15.85 -28.51
N ALA G 206 -24.48 -16.69 -28.25
CA ALA G 206 -24.59 -17.29 -26.92
C ALA G 206 -23.41 -18.21 -26.65
N LEU G 207 -22.95 -18.94 -27.66
CA LEU G 207 -21.79 -19.81 -27.46
C LEU G 207 -20.54 -18.99 -27.19
N TYR G 208 -20.36 -17.88 -27.91
CA TYR G 208 -19.28 -16.96 -27.60
C TYR G 208 -19.34 -16.51 -26.16
N ASP G 209 -20.53 -16.10 -25.72
CA ASP G 209 -20.68 -15.59 -24.36
C ASP G 209 -20.35 -16.67 -23.34
N ILE G 210 -20.77 -17.90 -23.60
CA ILE G 210 -20.51 -18.98 -22.66
C ILE G 210 -19.02 -19.30 -22.61
N CYS G 211 -18.38 -19.42 -23.77
CA CYS G 211 -16.96 -19.72 -23.80
C CYS G 211 -16.15 -18.61 -23.16
N PHE G 212 -16.66 -17.37 -23.24
CA PHE G 212 -15.94 -16.24 -22.66
C PHE G 212 -16.12 -16.20 -21.15
N ARG G 213 -17.35 -16.01 -20.69
CA ARG G 213 -17.59 -15.81 -19.26
C ARG G 213 -17.47 -17.11 -18.49
N THR G 214 -18.35 -18.07 -18.79
CA THR G 214 -18.49 -19.25 -17.94
C THR G 214 -17.25 -20.13 -17.99
N LEU G 215 -16.76 -20.42 -19.20
CA LEU G 215 -15.58 -21.27 -19.31
C LEU G 215 -14.27 -20.51 -19.11
N LYS G 216 -14.30 -19.19 -19.07
CA LYS G 216 -13.10 -18.38 -18.92
C LYS G 216 -12.08 -18.70 -20.00
N LEU G 217 -12.52 -18.59 -21.26
CA LEU G 217 -11.64 -18.77 -22.41
C LEU G 217 -11.68 -17.50 -23.24
N ALA G 218 -10.50 -16.90 -23.47
CA ALA G 218 -10.39 -15.73 -24.31
C ALA G 218 -10.12 -16.06 -25.77
N THR G 219 -9.87 -17.34 -26.09
CA THR G 219 -9.51 -17.76 -27.44
C THR G 219 -10.44 -18.87 -27.88
N PRO G 220 -11.73 -18.58 -28.08
CA PRO G 220 -12.67 -19.62 -28.50
C PRO G 220 -12.58 -19.85 -30.00
N THR G 221 -11.95 -20.96 -30.39
CA THR G 221 -11.93 -21.37 -31.78
C THR G 221 -13.18 -22.16 -32.09
N TYR G 222 -13.53 -22.22 -33.38
CA TYR G 222 -14.76 -22.90 -33.77
C TYR G 222 -14.78 -24.35 -33.31
N GLY G 223 -13.61 -24.95 -33.11
CA GLY G 223 -13.57 -26.29 -32.55
C GLY G 223 -14.31 -26.38 -31.24
N ASP G 224 -14.16 -25.37 -30.39
CA ASP G 224 -14.78 -25.43 -29.06
C ASP G 224 -16.30 -25.27 -29.16
N LEU G 225 -16.78 -24.33 -29.96
CA LEU G 225 -18.21 -24.16 -30.12
C LEU G 225 -18.85 -25.43 -30.68
N ASN G 226 -18.23 -26.00 -31.71
CA ASN G 226 -18.74 -27.25 -32.25
C ASN G 226 -18.68 -28.36 -31.21
N HIS G 227 -17.66 -28.34 -30.35
CA HIS G 227 -17.57 -29.31 -29.28
C HIS G 227 -18.75 -29.20 -28.33
N LEU G 228 -19.15 -27.97 -28.01
CA LEU G 228 -20.30 -27.76 -27.13
C LEU G 228 -21.58 -28.27 -27.78
N VAL G 229 -21.79 -27.93 -29.05
CA VAL G 229 -23.02 -28.40 -29.70
C VAL G 229 -23.03 -29.91 -29.80
N SER G 230 -21.86 -30.50 -30.04
CA SER G 230 -21.77 -31.96 -30.09
C SER G 230 -22.12 -32.59 -28.75
N ALA G 231 -21.63 -31.99 -27.67
CA ALA G 231 -21.97 -32.51 -26.35
C ALA G 231 -23.47 -32.45 -26.12
N THR G 232 -24.10 -31.36 -26.57
CA THR G 232 -25.56 -31.26 -26.43
C THR G 232 -26.26 -32.37 -27.19
N MET G 233 -25.86 -32.60 -28.43
CA MET G 233 -26.52 -33.64 -29.24
C MET G 233 -26.31 -35.02 -28.63
N SER G 234 -25.09 -35.31 -28.17
CA SER G 234 -24.84 -36.59 -27.52
C SER G 234 -25.71 -36.76 -26.29
N GLY G 235 -25.85 -35.70 -25.50
CA GLY G 235 -26.76 -35.76 -24.36
C GLY G 235 -28.19 -36.02 -24.77
N VAL G 236 -28.61 -35.47 -25.92
CA VAL G 236 -29.98 -35.72 -26.36
C VAL G 236 -30.18 -37.18 -26.70
N THR G 237 -29.20 -37.80 -27.36
CA THR G 237 -29.40 -39.17 -27.83
C THR G 237 -29.03 -40.24 -26.80
N THR G 238 -28.27 -39.90 -25.77
CA THR G 238 -27.84 -40.94 -24.85
C THR G 238 -29.01 -41.60 -24.14
N SER G 239 -30.17 -40.93 -24.13
CA SER G 239 -31.33 -41.51 -23.47
C SER G 239 -31.77 -42.82 -24.11
N LEU G 240 -31.44 -43.03 -25.38
CA LEU G 240 -31.74 -44.28 -26.06
C LEU G 240 -30.51 -45.06 -26.45
N ARG G 241 -29.37 -44.40 -26.61
CA ARG G 241 -28.16 -45.17 -26.87
C ARG G 241 -27.60 -45.85 -25.64
N PHE G 242 -28.25 -45.71 -24.49
CA PHE G 242 -27.68 -46.24 -23.25
C PHE G 242 -28.81 -46.59 -22.30
N PRO G 243 -28.58 -47.53 -21.38
CA PRO G 243 -29.61 -47.85 -20.39
C PRO G 243 -29.81 -46.70 -19.43
N GLY G 244 -30.97 -46.68 -18.79
CA GLY G 244 -31.26 -45.62 -17.85
C GLY G 244 -32.41 -45.91 -16.93
N GLN G 245 -32.36 -45.39 -15.71
CA GLN G 245 -33.42 -45.65 -14.75
C GLN G 245 -34.75 -45.08 -15.23
N LEU G 246 -34.72 -44.02 -16.03
CA LEU G 246 -35.93 -43.52 -16.68
C LEU G 246 -35.49 -43.08 -18.08
N ASN G 247 -35.63 -43.98 -19.04
CA ASN G 247 -35.08 -43.76 -20.37
C ASN G 247 -36.02 -42.89 -21.20
N ALA G 248 -35.46 -42.29 -22.26
CA ALA G 248 -36.21 -41.47 -23.16
C ALA G 248 -35.78 -41.76 -24.59
N ASP G 249 -36.67 -41.46 -25.53
CA ASP G 249 -36.38 -41.56 -26.96
C ASP G 249 -36.77 -40.26 -27.63
N LEU G 250 -36.41 -40.13 -28.90
CA LEU G 250 -36.71 -38.88 -29.62
C LEU G 250 -38.21 -38.66 -29.70
N ARG G 251 -38.98 -39.72 -29.92
CA ARG G 251 -40.43 -39.57 -29.99
C ARG G 251 -40.99 -39.08 -28.65
N LYS G 252 -40.41 -39.53 -27.54
CA LYS G 252 -40.86 -39.04 -26.24
C LYS G 252 -40.67 -37.54 -26.13
N LEU G 253 -39.50 -37.04 -26.52
CA LEU G 253 -39.25 -35.61 -26.47
C LEU G 253 -40.20 -34.88 -27.40
N ALA G 254 -40.44 -35.42 -28.59
CA ALA G 254 -41.34 -34.75 -29.52
C ALA G 254 -42.74 -34.64 -28.94
N VAL G 255 -43.23 -35.72 -28.32
CA VAL G 255 -44.59 -35.67 -27.77
C VAL G 255 -44.65 -34.70 -26.61
N ASN G 256 -43.64 -34.72 -25.74
CA ASN G 256 -43.70 -33.89 -24.54
C ASN G 256 -43.51 -32.42 -24.83
N MET G 257 -42.65 -32.08 -25.79
CA MET G 257 -42.23 -30.70 -25.97
C MET G 257 -43.03 -29.95 -27.02
N VAL G 258 -43.93 -30.59 -27.75
CA VAL G 258 -44.56 -29.94 -28.88
C VAL G 258 -46.07 -29.93 -28.70
N PRO G 259 -46.62 -29.01 -27.92
CA PRO G 259 -48.05 -29.00 -27.68
C PRO G 259 -48.89 -28.76 -28.93
N PHE G 260 -48.34 -28.06 -29.92
CA PHE G 260 -49.09 -27.71 -31.11
C PHE G 260 -48.20 -27.97 -32.32
N PRO G 261 -48.78 -28.24 -33.49
CA PRO G 261 -47.95 -28.67 -34.62
C PRO G 261 -46.85 -27.70 -34.98
N ARG G 262 -47.12 -26.40 -34.91
CA ARG G 262 -46.16 -25.42 -35.41
C ARG G 262 -45.11 -25.06 -34.36
N LEU G 263 -45.50 -24.92 -33.10
CA LEU G 263 -44.63 -24.36 -32.07
C LEU G 263 -43.66 -25.42 -31.56
N HIS G 264 -42.64 -25.69 -32.36
CA HIS G 264 -41.68 -26.75 -32.03
C HIS G 264 -40.25 -26.27 -32.19
N PHE G 265 -39.93 -25.11 -31.60
CA PHE G 265 -38.58 -24.57 -31.62
C PHE G 265 -38.04 -24.54 -30.21
N PHE G 266 -36.91 -25.20 -30.00
CA PHE G 266 -36.36 -25.42 -28.67
C PHE G 266 -35.03 -24.71 -28.53
N MET G 267 -34.80 -24.14 -27.37
CA MET G 267 -33.46 -23.67 -27.06
C MET G 267 -32.79 -24.67 -26.14
N PRO G 268 -31.58 -25.11 -26.46
CA PRO G 268 -30.89 -26.08 -25.62
C PRO G 268 -30.06 -25.40 -24.54
N GLY G 269 -29.48 -26.24 -23.69
CA GLY G 269 -28.57 -25.77 -22.67
C GLY G 269 -27.84 -26.97 -22.10
N PHE G 270 -26.66 -26.73 -21.57
CA PHE G 270 -25.83 -27.81 -21.06
C PHE G 270 -25.33 -27.42 -19.68
N ALA G 271 -25.04 -28.45 -18.87
CA ALA G 271 -24.42 -28.22 -17.57
C ALA G 271 -23.76 -29.51 -17.14
N PRO G 272 -22.70 -29.45 -16.33
CA PRO G 272 -22.02 -28.29 -15.79
C PRO G 272 -21.04 -27.67 -16.76
N LEU G 273 -20.73 -26.39 -16.58
CA LEU G 273 -19.72 -25.70 -17.38
C LEU G 273 -18.76 -25.02 -16.41
N THR G 274 -17.60 -25.63 -16.22
CA THR G 274 -16.63 -25.14 -15.26
C THR G 274 -15.31 -24.88 -15.97
N ALA G 275 -14.67 -23.77 -15.60
CA ALA G 275 -13.36 -23.47 -16.14
C ALA G 275 -12.35 -24.52 -15.67
N ARG G 276 -11.12 -24.41 -16.18
CA ARG G 276 -10.09 -25.38 -15.80
C ARG G 276 -9.73 -25.28 -14.34
N GLY G 277 -9.70 -24.07 -13.79
CA GLY G 277 -9.31 -23.89 -12.40
C GLY G 277 -10.47 -23.90 -11.44
N SER G 278 -11.59 -23.33 -11.85
CA SER G 278 -12.74 -23.14 -10.97
C SER G 278 -13.57 -24.39 -10.81
N GLN G 279 -13.01 -25.56 -11.09
CA GLN G 279 -13.78 -26.80 -11.00
C GLN G 279 -13.74 -27.40 -9.60
N GLN G 280 -12.55 -27.60 -9.04
CA GLN G 280 -12.44 -28.23 -7.73
C GLN G 280 -13.03 -27.37 -6.63
N TYR G 281 -13.29 -26.09 -6.90
CA TYR G 281 -13.90 -25.20 -5.92
C TYR G 281 -15.41 -25.15 -6.05
N ARG G 282 -16.04 -26.20 -6.57
CA ARG G 282 -17.49 -26.25 -6.63
C ARG G 282 -17.96 -27.68 -6.50
N ALA G 283 -19.11 -27.86 -5.84
CA ALA G 283 -19.67 -29.18 -5.62
C ALA G 283 -20.56 -29.59 -6.79
N LEU G 284 -20.41 -30.83 -7.24
CA LEU G 284 -21.19 -31.35 -8.37
C LEU G 284 -22.38 -32.14 -7.83
N THR G 285 -23.43 -31.41 -7.48
CA THR G 285 -24.66 -32.01 -7.01
C THR G 285 -25.81 -31.61 -7.91
N VAL G 286 -26.83 -32.46 -7.94
CA VAL G 286 -28.02 -32.25 -8.75
C VAL G 286 -28.62 -30.86 -8.53
N PRO G 287 -28.72 -30.34 -7.30
CA PRO G 287 -29.19 -28.96 -7.16
C PRO G 287 -28.34 -27.96 -7.91
N GLU G 288 -27.02 -28.17 -7.91
CA GLU G 288 -26.13 -27.25 -8.61
C GLU G 288 -26.39 -27.25 -10.10
N LEU G 289 -26.49 -28.43 -10.71
CA LEU G 289 -26.81 -28.52 -12.12
C LEU G 289 -28.14 -27.86 -12.41
N THR G 290 -29.16 -28.19 -11.62
CA THR G 290 -30.50 -27.68 -11.90
C THR G 290 -30.53 -26.17 -11.84
N GLN G 291 -29.91 -25.59 -10.82
CA GLN G 291 -29.89 -24.13 -10.72
C GLN G 291 -29.04 -23.52 -11.82
N GLN G 292 -28.01 -24.22 -12.30
CA GLN G 292 -27.23 -23.69 -13.41
C GLN G 292 -28.06 -23.61 -14.68
N MET G 293 -28.89 -24.62 -14.93
CA MET G 293 -29.54 -24.71 -16.22
C MET G 293 -30.62 -23.65 -16.44
N PHE G 294 -31.07 -22.96 -15.39
CA PHE G 294 -32.15 -21.98 -15.54
C PHE G 294 -31.60 -20.57 -15.31
N ASP G 295 -31.05 -19.99 -16.37
CA ASP G 295 -30.65 -18.58 -16.37
C ASP G 295 -30.28 -18.19 -17.79
N ALA G 296 -30.46 -16.92 -18.11
CA ALA G 296 -30.15 -16.44 -19.46
C ALA G 296 -28.67 -16.66 -19.78
N LYS G 297 -27.81 -16.56 -18.77
CA LYS G 297 -26.38 -16.69 -19.03
C LYS G 297 -25.94 -18.11 -19.31
N ASN G 298 -26.86 -19.06 -19.46
CA ASN G 298 -26.49 -20.41 -19.87
C ASN G 298 -27.49 -21.00 -20.87
N MET G 299 -28.16 -20.15 -21.64
CA MET G 299 -29.02 -20.61 -22.72
C MET G 299 -28.29 -20.43 -24.04
N MET G 300 -28.19 -21.50 -24.81
CA MET G 300 -27.48 -21.39 -26.09
C MET G 300 -28.27 -20.65 -27.13
N ALA G 301 -29.38 -19.99 -26.80
CA ALA G 301 -30.09 -19.13 -27.72
C ALA G 301 -30.13 -17.73 -27.14
N ALA G 302 -29.74 -16.74 -27.93
CA ALA G 302 -29.58 -15.39 -27.43
C ALA G 302 -30.92 -14.72 -27.21
N CYS G 303 -31.61 -15.08 -26.13
CA CYS G 303 -32.86 -14.43 -25.76
C CYS G 303 -33.15 -14.76 -24.30
N ASP G 304 -33.38 -13.74 -23.50
CA ASP G 304 -33.66 -13.94 -22.08
C ASP G 304 -34.97 -14.69 -21.91
N PRO G 305 -34.98 -15.83 -21.23
CA PRO G 305 -36.27 -16.50 -20.96
C PRO G 305 -37.23 -15.65 -20.17
N ARG G 306 -36.72 -14.74 -19.34
CA ARG G 306 -37.58 -13.94 -18.49
C ARG G 306 -38.52 -13.05 -19.30
N HIS G 307 -38.17 -12.72 -20.54
CA HIS G 307 -39.07 -11.92 -21.36
C HIS G 307 -40.33 -12.67 -21.74
N GLY G 308 -40.33 -13.99 -21.63
CA GLY G 308 -41.51 -14.77 -21.91
C GLY G 308 -41.74 -15.86 -20.89
N ARG G 309 -42.41 -16.94 -21.29
CA ARG G 309 -42.66 -18.06 -20.41
C ARG G 309 -42.19 -19.35 -21.08
N TYR G 310 -41.78 -20.30 -20.26
CA TYR G 310 -41.46 -21.65 -20.74
C TYR G 310 -42.76 -22.37 -21.01
N LEU G 311 -43.05 -22.63 -22.29
CA LEU G 311 -44.21 -23.45 -22.60
C LEU G 311 -44.03 -24.86 -22.04
N THR G 312 -42.90 -25.50 -22.36
CA THR G 312 -42.54 -26.78 -21.76
C THR G 312 -41.03 -26.82 -21.60
N VAL G 313 -40.57 -27.80 -20.82
CA VAL G 313 -39.16 -27.96 -20.52
C VAL G 313 -38.86 -29.45 -20.40
N ALA G 314 -37.79 -29.90 -21.05
CA ALA G 314 -37.31 -31.26 -20.90
C ALA G 314 -35.89 -31.23 -20.33
N THR G 315 -35.56 -32.25 -19.56
CA THR G 315 -34.29 -32.28 -18.86
C THR G 315 -33.76 -33.70 -18.83
N VAL G 316 -32.60 -33.91 -19.44
CA VAL G 316 -32.01 -35.23 -19.57
C VAL G 316 -30.72 -35.26 -18.77
N PHE G 317 -30.69 -36.05 -17.72
CA PHE G 317 -29.51 -36.17 -16.89
C PHE G 317 -28.68 -37.36 -17.32
N ARG G 318 -27.47 -37.45 -16.76
CA ARG G 318 -26.57 -38.55 -17.04
C ARG G 318 -25.84 -38.89 -15.74
N GLY G 319 -25.14 -40.02 -15.76
CA GLY G 319 -24.40 -40.44 -14.59
C GLY G 319 -25.30 -40.89 -13.45
N ARG G 320 -24.72 -41.57 -12.45
CA ARG G 320 -25.53 -42.11 -11.37
C ARG G 320 -25.97 -40.99 -10.42
N MET G 321 -27.27 -40.95 -10.15
CA MET G 321 -27.84 -39.95 -9.26
C MET G 321 -29.07 -40.55 -8.59
N SER G 322 -29.70 -39.75 -7.74
CA SER G 322 -30.87 -40.18 -7.00
C SER G 322 -32.10 -39.48 -7.57
N MET G 323 -33.12 -40.27 -7.91
CA MET G 323 -34.31 -39.72 -8.54
C MET G 323 -35.03 -38.73 -7.63
N LYS G 324 -35.11 -39.04 -6.34
CA LYS G 324 -35.79 -38.16 -5.41
C LYS G 324 -35.15 -36.78 -5.39
N GLU G 325 -33.83 -36.73 -5.48
CA GLU G 325 -33.13 -35.44 -5.50
C GLU G 325 -33.56 -34.63 -6.71
N VAL G 326 -33.60 -35.26 -7.87
CA VAL G 326 -34.01 -34.57 -9.10
C VAL G 326 -35.43 -34.07 -8.97
N ASP G 327 -36.32 -34.91 -8.43
CA ASP G 327 -37.71 -34.52 -8.28
C ASP G 327 -37.85 -33.31 -7.36
N GLU G 328 -37.11 -33.34 -6.24
CA GLU G 328 -37.15 -32.22 -5.32
C GLU G 328 -36.65 -30.94 -5.98
N GLN G 329 -35.56 -31.04 -6.72
CA GLN G 329 -35.02 -29.86 -7.40
C GLN G 329 -36.01 -29.30 -8.40
N MET G 330 -36.62 -30.16 -9.21
CA MET G 330 -37.59 -29.70 -10.19
C MET G 330 -38.78 -29.06 -9.50
N LEU G 331 -39.22 -29.64 -8.39
CA LEU G 331 -40.33 -29.05 -7.64
C LEU G 331 -39.97 -27.64 -7.18
N ALA G 332 -38.79 -27.49 -6.58
CA ALA G 332 -38.39 -26.17 -6.08
C ALA G 332 -38.30 -25.16 -7.21
N ILE G 333 -37.70 -25.56 -8.34
CA ILE G 333 -37.46 -24.62 -9.42
C ILE G 333 -38.76 -24.29 -10.13
N GLN G 334 -39.74 -25.19 -10.10
CA GLN G 334 -41.05 -24.87 -10.63
C GLN G 334 -41.84 -24.01 -9.68
N SER G 335 -41.54 -24.11 -8.38
CA SER G 335 -42.25 -23.30 -7.39
C SER G 335 -41.79 -21.86 -7.43
N LYS G 336 -40.48 -21.63 -7.30
CA LYS G 336 -40.01 -20.26 -7.11
C LYS G 336 -40.14 -19.41 -8.36
N ASN G 337 -40.15 -20.01 -9.56
CA ASN G 337 -40.26 -19.28 -10.80
C ASN G 337 -41.66 -19.38 -11.40
N SER G 338 -42.68 -19.34 -10.52
CA SER G 338 -44.05 -19.60 -10.95
C SER G 338 -44.48 -18.68 -12.09
N SER G 339 -44.03 -17.43 -12.08
CA SER G 339 -44.37 -16.51 -13.15
C SER G 339 -43.63 -16.83 -14.44
N TYR G 340 -42.64 -17.70 -14.39
CA TYR G 340 -41.85 -18.04 -15.57
C TYR G 340 -42.41 -19.22 -16.35
N PHE G 341 -43.50 -19.82 -15.89
CA PHE G 341 -44.12 -20.94 -16.57
C PHE G 341 -45.54 -20.61 -16.96
N VAL G 342 -46.03 -21.29 -17.99
CA VAL G 342 -47.39 -21.05 -18.46
C VAL G 342 -48.38 -21.65 -17.47
N GLU G 343 -49.47 -20.92 -17.22
CA GLU G 343 -50.44 -21.33 -16.22
C GLU G 343 -51.08 -22.66 -16.60
N TRP G 344 -51.55 -22.79 -17.83
CA TRP G 344 -52.40 -23.90 -18.21
C TRP G 344 -51.64 -25.17 -18.60
N ILE G 345 -50.37 -25.29 -18.22
CA ILE G 345 -49.68 -26.58 -18.37
C ILE G 345 -49.12 -26.96 -17.01
N PRO G 346 -49.89 -27.65 -16.18
CA PRO G 346 -49.37 -28.07 -14.88
C PRO G 346 -48.34 -29.16 -15.04
N ASN G 347 -47.33 -29.12 -14.16
CA ASN G 347 -46.26 -30.11 -14.13
C ASN G 347 -45.58 -30.21 -15.50
N ASN G 348 -44.98 -29.10 -15.91
CA ASN G 348 -44.44 -28.97 -17.26
C ASN G 348 -42.96 -29.26 -17.34
N VAL G 349 -42.45 -30.23 -16.60
CA VAL G 349 -41.04 -30.59 -16.67
C VAL G 349 -40.95 -32.08 -16.97
N LYS G 350 -40.54 -32.39 -18.19
CA LYS G 350 -40.24 -33.76 -18.58
C LYS G 350 -38.84 -34.11 -18.12
N VAL G 351 -38.69 -35.29 -17.54
CA VAL G 351 -37.44 -35.70 -16.92
C VAL G 351 -37.00 -37.03 -17.49
N ALA G 352 -35.71 -37.15 -17.77
CA ALA G 352 -35.12 -38.42 -18.17
C ALA G 352 -33.77 -38.57 -17.50
N VAL G 353 -33.39 -39.81 -17.20
CA VAL G 353 -32.15 -40.07 -16.48
C VAL G 353 -31.43 -41.21 -17.16
N CYS G 354 -30.18 -40.99 -17.56
CA CYS G 354 -29.32 -42.04 -18.07
C CYS G 354 -28.47 -42.59 -16.94
N ASP G 355 -27.55 -43.48 -17.30
CA ASP G 355 -26.70 -44.13 -16.31
C ASP G 355 -25.21 -43.95 -16.56
N ILE G 356 -24.82 -43.33 -17.66
CA ILE G 356 -23.41 -43.18 -18.04
C ILE G 356 -23.07 -41.71 -18.09
N PRO G 357 -21.96 -41.28 -17.48
CA PRO G 357 -21.54 -39.89 -17.62
C PRO G 357 -20.95 -39.63 -19.00
N PRO G 358 -20.98 -38.37 -19.43
CA PRO G 358 -20.21 -38.05 -20.63
C PRO G 358 -18.75 -38.13 -20.16
N ARG G 359 -17.82 -38.64 -20.97
CA ARG G 359 -16.46 -38.87 -20.45
C ARG G 359 -15.66 -37.78 -19.74
N GLY G 360 -15.24 -38.11 -18.52
CA GLY G 360 -14.52 -37.22 -17.65
C GLY G 360 -15.28 -36.48 -16.56
N LEU G 361 -16.52 -36.87 -16.27
CA LEU G 361 -17.31 -36.20 -15.26
C LEU G 361 -18.08 -37.21 -14.40
N LYS G 362 -18.65 -36.70 -13.31
CA LYS G 362 -19.51 -37.52 -12.47
C LYS G 362 -20.96 -37.50 -12.94
N MET G 363 -21.49 -36.33 -13.29
CA MET G 363 -22.87 -36.24 -13.70
C MET G 363 -23.06 -34.96 -14.50
N SER G 364 -23.84 -35.05 -15.57
CA SER G 364 -24.11 -33.92 -16.43
C SER G 364 -25.61 -33.78 -16.61
N SER G 365 -26.00 -32.81 -17.44
CA SER G 365 -27.41 -32.53 -17.67
C SER G 365 -27.57 -31.70 -18.92
N THR G 366 -28.68 -31.94 -19.61
CA THR G 366 -29.02 -31.22 -20.83
C THR G 366 -30.44 -30.70 -20.71
N PHE G 367 -30.63 -29.44 -21.06
CA PHE G 367 -31.91 -28.76 -20.94
C PHE G 367 -32.43 -28.47 -22.33
N ILE G 368 -33.72 -28.68 -22.54
CA ILE G 368 -34.37 -28.43 -23.82
C ILE G 368 -35.64 -27.66 -23.52
N GLY G 369 -35.60 -26.33 -23.63
CA GLY G 369 -36.72 -25.49 -23.25
C GLY G 369 -37.46 -24.99 -24.48
N ASN G 370 -38.75 -25.29 -24.53
CA ASN G 370 -39.63 -24.72 -25.54
C ASN G 370 -40.34 -23.55 -24.86
N SER G 371 -39.90 -22.34 -25.16
CA SER G 371 -40.41 -21.14 -24.51
C SER G 371 -41.07 -20.21 -25.52
N THR G 372 -41.62 -19.12 -25.01
CA THR G 372 -42.18 -18.08 -25.86
C THR G 372 -41.20 -16.95 -26.12
N ALA G 373 -40.11 -16.89 -25.37
CA ALA G 373 -39.13 -15.82 -25.56
C ALA G 373 -38.59 -15.80 -26.98
N ILE G 374 -38.44 -16.97 -27.60
CA ILE G 374 -37.85 -17.05 -28.93
C ILE G 374 -38.59 -16.21 -29.95
N GLN G 375 -39.85 -15.86 -29.66
CA GLN G 375 -40.59 -15.00 -30.59
C GLN G 375 -39.78 -13.74 -30.91
N GLU G 376 -39.11 -13.19 -29.90
CA GLU G 376 -38.27 -12.01 -30.12
C GLU G 376 -37.32 -12.25 -31.29
N LEU G 377 -36.59 -13.37 -31.24
CA LEU G 377 -35.72 -13.76 -32.34
C LEU G 377 -36.42 -13.56 -33.67
N PHE G 378 -37.54 -14.27 -33.86
CA PHE G 378 -38.24 -14.17 -35.13
C PHE G 378 -38.64 -12.74 -35.39
N LYS G 379 -39.22 -12.08 -34.39
CA LYS G 379 -39.51 -10.66 -34.49
C LYS G 379 -38.35 -9.93 -35.13
N ARG G 380 -37.19 -10.01 -34.48
CA ARG G 380 -35.99 -9.35 -34.99
C ARG G 380 -35.82 -9.67 -36.47
N ILE G 381 -35.66 -10.97 -36.78
CA ILE G 381 -35.39 -11.35 -38.16
C ILE G 381 -36.47 -10.80 -39.07
N SER G 382 -37.73 -10.96 -38.66
CA SER G 382 -38.82 -10.49 -39.51
C SER G 382 -38.61 -9.05 -39.87
N GLU G 383 -38.37 -8.20 -38.86
CA GLU G 383 -38.17 -6.79 -39.13
C GLU G 383 -37.06 -6.59 -40.13
N GLN G 384 -35.90 -7.22 -39.88
CA GLN G 384 -34.78 -7.08 -40.80
C GLN G 384 -35.22 -7.45 -42.21
N PHE G 385 -35.86 -8.61 -42.36
CA PHE G 385 -36.33 -9.03 -43.66
C PHE G 385 -37.17 -7.93 -44.29
N THR G 386 -38.15 -7.43 -43.53
CA THR G 386 -39.02 -6.39 -44.04
C THR G 386 -38.21 -5.22 -44.59
N ALA G 387 -37.23 -4.74 -43.80
CA ALA G 387 -36.41 -3.63 -44.27
C ALA G 387 -35.76 -3.98 -45.59
N MET G 388 -35.06 -5.11 -45.63
CA MET G 388 -34.33 -5.46 -46.85
C MET G 388 -35.27 -5.82 -47.98
N PHE G 389 -36.55 -6.02 -47.69
CA PHE G 389 -37.51 -6.22 -48.76
C PHE G 389 -38.21 -4.94 -49.17
N ARG G 390 -38.26 -3.94 -48.29
CA ARG G 390 -38.96 -2.71 -48.63
C ARG G 390 -38.29 -2.01 -49.81
N ARG G 391 -36.96 -2.01 -49.84
CA ARG G 391 -36.21 -1.49 -50.97
C ARG G 391 -35.95 -2.56 -52.03
N LYS G 392 -36.34 -3.80 -51.78
CA LYS G 392 -36.07 -4.91 -52.69
C LYS G 392 -34.58 -5.05 -52.96
N ALA G 393 -33.78 -4.79 -51.93
CA ALA G 393 -32.34 -4.94 -52.04
C ALA G 393 -31.98 -6.40 -52.23
N PHE G 394 -30.96 -6.65 -53.05
CA PHE G 394 -30.44 -8.01 -53.28
C PHE G 394 -31.50 -8.89 -53.92
N LEU G 395 -32.63 -8.30 -54.32
CA LEU G 395 -33.73 -9.12 -54.81
C LEU G 395 -33.37 -9.81 -56.12
N HIS G 396 -32.52 -9.18 -56.94
CA HIS G 396 -32.30 -9.72 -58.28
C HIS G 396 -31.62 -11.08 -58.25
N TRP G 397 -30.71 -11.31 -57.29
CA TRP G 397 -30.05 -12.61 -57.22
C TRP G 397 -31.07 -13.72 -57.01
N TYR G 398 -32.04 -13.51 -56.13
CA TYR G 398 -33.05 -14.54 -55.89
C TYR G 398 -34.07 -14.60 -57.02
N THR G 399 -34.40 -13.47 -57.63
CA THR G 399 -35.36 -13.49 -58.72
C THR G 399 -34.82 -14.23 -59.93
N GLY G 400 -33.51 -14.13 -60.16
CA GLY G 400 -32.92 -14.70 -61.36
C GLY G 400 -32.91 -16.21 -61.40
N GLU G 401 -33.28 -16.89 -60.32
CA GLU G 401 -33.29 -18.34 -60.29
C GLU G 401 -34.69 -18.94 -60.34
N GLY G 402 -35.69 -18.16 -60.75
CA GLY G 402 -37.06 -18.61 -60.90
C GLY G 402 -37.98 -18.17 -59.78
N MET G 403 -37.44 -17.94 -58.59
CA MET G 403 -38.25 -17.44 -57.50
C MET G 403 -38.72 -16.02 -57.78
N ASP G 404 -39.86 -15.66 -57.20
CA ASP G 404 -40.44 -14.34 -57.41
C ASP G 404 -40.83 -13.72 -56.08
N GLU G 405 -41.34 -12.50 -56.14
CA GLU G 405 -41.66 -11.76 -54.92
C GLU G 405 -42.71 -12.46 -54.09
N MET G 406 -43.73 -13.02 -54.73
CA MET G 406 -44.85 -13.58 -53.98
C MET G 406 -44.38 -14.67 -53.03
N GLU G 407 -43.29 -15.35 -53.38
CA GLU G 407 -42.66 -16.26 -52.43
C GLU G 407 -42.30 -15.53 -51.14
N PHE G 408 -41.62 -14.39 -51.27
CA PHE G 408 -41.21 -13.64 -50.09
C PHE G 408 -42.41 -13.11 -49.33
N THR G 409 -43.43 -12.64 -50.06
CA THR G 409 -44.63 -12.14 -49.39
C THR G 409 -45.27 -13.23 -48.54
N GLU G 410 -45.45 -14.42 -49.12
CA GLU G 410 -46.07 -15.52 -48.39
C GLU G 410 -45.21 -15.95 -47.21
N ALA G 411 -43.89 -16.03 -47.40
CA ALA G 411 -43.02 -16.46 -46.31
C ALA G 411 -43.06 -15.48 -45.15
N GLU G 412 -43.01 -14.18 -45.45
CA GLU G 412 -43.07 -13.19 -44.38
C GLU G 412 -44.41 -13.24 -43.66
N SER G 413 -45.50 -13.39 -44.42
CA SER G 413 -46.81 -13.50 -43.79
C SER G 413 -46.86 -14.71 -42.87
N ASN G 414 -46.30 -15.83 -43.32
CA ASN G 414 -46.29 -17.05 -42.51
C ASN G 414 -45.51 -16.85 -41.23
N MET G 415 -44.33 -16.22 -41.32
CA MET G 415 -43.55 -15.98 -40.11
C MET G 415 -44.28 -15.04 -39.16
N ASN G 416 -44.92 -14.01 -39.69
CA ASN G 416 -45.69 -13.13 -38.81
C ASN G 416 -46.84 -13.86 -38.14
N ASP G 417 -47.50 -14.77 -38.87
CA ASP G 417 -48.54 -15.58 -38.25
C ASP G 417 -47.98 -16.43 -37.12
N LEU G 418 -46.80 -17.02 -37.34
CA LEU G 418 -46.19 -17.81 -36.28
C LEU G 418 -45.91 -16.96 -35.05
N VAL G 419 -45.37 -15.76 -35.26
CA VAL G 419 -45.09 -14.89 -34.13
C VAL G 419 -46.39 -14.52 -33.42
N SER G 420 -47.45 -14.30 -34.19
CA SER G 420 -48.75 -14.00 -33.59
C SER G 420 -49.23 -15.15 -32.73
N GLU G 421 -49.05 -16.39 -33.20
CA GLU G 421 -49.43 -17.54 -32.41
C GLU G 421 -48.64 -17.62 -31.11
N TYR G 422 -47.33 -17.38 -31.19
CA TYR G 422 -46.50 -17.40 -29.99
C TYR G 422 -46.97 -16.34 -29.00
N GLN G 423 -47.26 -15.14 -29.50
CA GLN G 423 -47.74 -14.08 -28.63
C GLN G 423 -49.07 -14.45 -28.00
N GLN G 424 -49.98 -15.02 -28.79
CA GLN G 424 -51.29 -15.41 -28.28
C GLN G 424 -51.16 -16.41 -27.15
N TYR G 425 -50.34 -17.44 -27.34
CA TYR G 425 -50.22 -18.45 -26.30
C TYR G 425 -49.39 -17.96 -25.12
N GLN G 426 -48.53 -16.96 -25.32
CA GLN G 426 -47.76 -16.43 -24.20
C GLN G 426 -48.68 -15.76 -23.18
N ASP G 427 -49.67 -15.00 -23.66
CA ASP G 427 -50.60 -14.30 -22.78
C ASP G 427 -51.95 -14.99 -22.70
N ALA G 428 -51.99 -16.30 -22.90
CA ALA G 428 -53.24 -17.02 -22.76
C ALA G 428 -53.65 -17.11 -21.29
N THR G 429 -54.95 -17.28 -21.07
CA THR G 429 -55.48 -17.38 -19.72
C THR G 429 -56.80 -18.14 -19.70
N MET H 1 -0.51 -16.37 53.56
CA MET H 1 -1.28 -15.30 54.16
C MET H 1 -0.37 -14.24 54.75
N ARG H 2 -0.94 -13.08 55.08
CA ARG H 2 -0.19 -11.94 55.62
C ARG H 2 0.94 -11.52 54.68
N GLU H 3 0.63 -11.40 53.40
CA GLU H 3 1.63 -11.07 52.40
C GLU H 3 2.15 -9.65 52.64
N ILE H 4 3.45 -9.46 52.39
CA ILE H 4 4.11 -8.17 52.57
C ILE H 4 4.59 -7.68 51.22
N VAL H 5 4.42 -6.38 50.97
CA VAL H 5 4.82 -5.74 49.73
C VAL H 5 6.11 -4.97 49.97
N HIS H 6 7.08 -5.13 49.07
CA HIS H 6 8.39 -4.51 49.20
C HIS H 6 8.52 -3.36 48.22
N ILE H 7 8.89 -2.20 48.72
CA ILE H 7 9.12 -1.01 47.90
C ILE H 7 10.58 -0.61 48.06
N GLN H 8 11.21 -0.22 46.96
CA GLN H 8 12.62 0.18 46.96
C GLN H 8 12.76 1.51 46.26
N ALA H 9 13.07 2.56 47.01
CA ALA H 9 13.25 3.89 46.46
C ALA H 9 14.71 4.32 46.62
N GLY H 10 15.18 5.15 45.69
CA GLY H 10 16.54 5.62 45.75
C GLY H 10 17.56 4.55 45.43
N GLN H 11 18.77 5.00 45.07
CA GLN H 11 19.81 4.06 44.66
C GLN H 11 20.19 3.13 45.81
N CYS H 12 20.36 3.69 47.00
CA CYS H 12 20.69 2.86 48.15
C CYS H 12 19.58 1.86 48.41
N GLY H 13 18.33 2.31 48.36
CA GLY H 13 17.23 1.39 48.56
C GLY H 13 17.26 0.25 47.57
N ASN H 14 17.56 0.55 46.31
CA ASN H 14 17.56 -0.49 45.29
C ASN H 14 18.69 -1.48 45.49
N GLN H 15 19.88 -1.00 45.83
CA GLN H 15 20.99 -1.93 46.05
C GLN H 15 20.73 -2.80 47.28
N ILE H 16 20.27 -2.18 48.37
CA ILE H 16 19.92 -2.94 49.56
C ILE H 16 18.87 -3.98 49.22
N GLY H 17 17.90 -3.61 48.39
CA GLY H 17 16.87 -4.56 48.00
C GLY H 17 17.43 -5.70 47.19
N ALA H 18 18.38 -5.43 46.30
CA ALA H 18 18.98 -6.51 45.53
C ALA H 18 19.64 -7.51 46.46
N LYS H 19 20.44 -7.03 47.39
CA LYS H 19 21.08 -7.94 48.34
C LYS H 19 20.04 -8.64 49.21
N PHE H 20 18.98 -7.92 49.57
CA PHE H 20 17.94 -8.47 50.43
C PHE H 20 17.23 -9.63 49.76
N TRP H 21 16.87 -9.45 48.49
CA TRP H 21 16.21 -10.53 47.76
C TRP H 21 17.16 -11.69 47.52
N GLU H 22 18.46 -11.41 47.33
CA GLU H 22 19.42 -12.50 47.29
C GLU H 22 19.35 -13.32 48.57
N VAL H 23 19.34 -12.63 49.72
CA VAL H 23 19.32 -13.32 51.00
C VAL H 23 18.04 -14.14 51.15
N ILE H 24 16.90 -13.55 50.83
CA ILE H 24 15.63 -14.25 51.01
C ILE H 24 15.59 -15.49 50.12
N SER H 25 15.99 -15.33 48.85
CA SER H 25 15.99 -16.47 47.95
C SER H 25 16.90 -17.57 48.46
N ASP H 26 18.06 -17.19 49.01
CA ASP H 26 18.92 -18.18 49.63
C ASP H 26 18.21 -18.88 50.78
N GLU H 27 17.39 -18.14 51.53
CA GLU H 27 16.67 -18.74 52.64
C GLU H 27 15.68 -19.79 52.16
N HIS H 28 14.85 -19.44 51.17
CA HIS H 28 13.80 -20.34 50.75
C HIS H 28 14.24 -21.32 49.67
N GLY H 29 15.51 -21.33 49.31
CA GLY H 29 15.98 -22.24 48.28
C GLY H 29 15.38 -21.96 46.92
N ILE H 30 15.60 -20.74 46.43
CA ILE H 30 15.03 -20.29 45.17
C ILE H 30 16.16 -20.07 44.19
N ASP H 31 16.09 -20.73 43.04
CA ASP H 31 17.10 -20.57 42.02
C ASP H 31 17.05 -19.16 41.45
N PRO H 32 18.13 -18.69 40.82
CA PRO H 32 18.08 -17.36 40.21
C PRO H 32 17.00 -17.22 39.17
N SER H 33 16.63 -18.30 38.50
CA SER H 33 15.56 -18.24 37.51
C SER H 33 14.21 -17.95 38.13
N GLY H 34 14.06 -18.14 39.44
CA GLY H 34 12.79 -17.91 40.10
C GLY H 34 12.00 -19.17 40.40
N ASN H 35 12.53 -20.34 40.08
CA ASN H 35 11.88 -21.60 40.40
C ASN H 35 12.48 -22.19 41.66
N TYR H 36 11.65 -22.92 42.41
CA TYR H 36 12.05 -23.48 43.68
C TYR H 36 12.81 -24.78 43.46
N VAL H 37 13.99 -24.87 44.07
CA VAL H 37 14.80 -26.09 44.00
C VAL H 37 15.17 -26.50 45.41
N GLY H 38 14.43 -26.01 46.39
CA GLY H 38 14.76 -26.26 47.78
C GLY H 38 14.52 -27.70 48.18
N ASP H 39 14.63 -27.94 49.49
CA ASP H 39 14.55 -29.28 50.04
C ASP H 39 13.62 -29.40 51.24
N SER H 40 13.18 -28.30 51.84
CA SER H 40 12.36 -28.32 53.04
C SER H 40 11.03 -27.65 52.77
N ASP H 41 9.94 -28.37 53.02
CA ASP H 41 8.61 -27.86 52.69
C ASP H 41 8.28 -26.59 53.43
N LEU H 42 8.87 -26.40 54.62
CA LEU H 42 8.57 -25.20 55.40
C LEU H 42 8.97 -23.94 54.64
N GLN H 43 9.92 -24.06 53.71
CA GLN H 43 10.25 -22.94 52.85
C GLN H 43 9.03 -22.49 52.06
N LEU H 44 8.25 -23.44 51.55
CA LEU H 44 7.09 -23.13 50.73
C LEU H 44 5.81 -22.98 51.52
N GLU H 45 5.78 -23.43 52.78
CA GLU H 45 4.56 -23.30 53.58
C GLU H 45 4.18 -21.84 53.77
N ARG H 46 5.14 -20.93 53.73
CA ARG H 46 4.86 -19.51 53.80
C ARG H 46 5.54 -18.74 52.67
N ILE H 47 5.88 -19.42 51.59
CA ILE H 47 6.56 -18.76 50.48
C ILE H 47 5.75 -17.61 49.94
N SER H 48 4.43 -17.64 50.16
CA SER H 48 3.57 -16.61 49.60
C SER H 48 3.72 -15.26 50.26
N VAL H 49 4.30 -15.19 51.47
CA VAL H 49 4.30 -13.93 52.20
C VAL H 49 5.11 -12.88 51.48
N TYR H 50 6.21 -13.27 50.83
CA TYR H 50 7.03 -12.37 50.04
C TYR H 50 6.98 -12.65 48.55
N TYR H 51 6.71 -13.89 48.15
CA TYR H 51 6.67 -14.26 46.75
C TYR H 51 5.24 -14.41 46.28
N ASN H 52 5.07 -14.39 44.96
CA ASN H 52 3.84 -14.80 44.32
C ASN H 52 4.16 -16.00 43.42
N GLU H 53 3.36 -17.05 43.53
CA GLU H 53 3.55 -18.23 42.70
C GLU H 53 2.98 -17.93 41.33
N ALA H 54 3.84 -17.54 40.40
CA ALA H 54 3.41 -17.38 39.02
C ALA H 54 3.28 -18.76 38.37
N SER H 55 2.48 -18.78 37.30
CA SER H 55 2.13 -20.01 36.62
C SER H 55 3.37 -20.73 36.11
N SER H 56 3.18 -21.98 35.69
CA SER H 56 4.26 -22.90 35.35
C SER H 56 5.18 -23.15 36.54
N HIS H 57 4.67 -22.91 37.74
CA HIS H 57 5.38 -23.18 38.99
C HIS H 57 6.68 -22.37 39.07
N LYS H 58 6.55 -21.04 39.00
CA LYS H 58 7.66 -20.14 39.25
C LYS H 58 7.29 -19.21 40.39
N TYR H 59 8.28 -18.46 40.88
CA TYR H 59 8.05 -17.52 41.96
C TYR H 59 8.62 -16.17 41.60
N VAL H 60 7.84 -15.13 41.85
CA VAL H 60 8.30 -13.77 41.59
C VAL H 60 8.21 -12.96 42.88
N PRO H 61 9.26 -12.22 43.22
CA PRO H 61 9.20 -11.40 44.44
C PRO H 61 8.17 -10.31 44.31
N ARG H 62 7.53 -9.99 45.43
CA ARG H 62 6.55 -8.92 45.49
C ARG H 62 7.24 -7.57 45.62
N ALA H 63 8.10 -7.27 44.67
CA ALA H 63 8.94 -6.07 44.71
C ALA H 63 8.38 -5.00 43.80
N ILE H 64 8.62 -3.74 44.18
CA ILE H 64 8.23 -2.59 43.39
C ILE H 64 9.43 -1.65 43.38
N LEU H 65 10.24 -1.74 42.34
CA LEU H 65 11.49 -1.00 42.28
C LEU H 65 11.27 0.35 41.63
N VAL H 66 11.64 1.40 42.33
CA VAL H 66 11.35 2.77 41.91
C VAL H 66 12.64 3.55 41.85
N ASP H 67 12.76 4.42 40.85
CA ASP H 67 13.92 5.29 40.72
C ASP H 67 13.59 6.37 39.71
N LEU H 68 14.48 7.36 39.60
CA LEU H 68 14.35 8.40 38.60
C LEU H 68 15.49 8.41 37.59
N GLU H 69 16.45 7.48 37.69
CA GLU H 69 17.50 7.36 36.72
C GLU H 69 17.70 5.88 36.40
N PRO H 70 17.69 5.52 35.12
CA PRO H 70 17.74 4.10 34.75
C PRO H 70 19.05 3.40 35.01
N GLY H 71 20.06 4.10 35.53
CA GLY H 71 21.38 3.51 35.71
C GLY H 71 21.41 2.31 36.63
N THR H 72 21.12 2.55 37.91
CA THR H 72 21.16 1.45 38.88
C THR H 72 20.10 0.42 38.57
N MET H 73 18.96 0.83 38.04
CA MET H 73 17.94 -0.13 37.61
C MET H 73 18.54 -1.12 36.61
N ASP H 74 19.20 -0.59 35.57
CA ASP H 74 19.78 -1.47 34.57
C ASP H 74 20.88 -2.32 35.17
N SER H 75 21.63 -1.76 36.11
CA SER H 75 22.66 -2.56 36.78
C SER H 75 22.05 -3.76 37.48
N VAL H 76 20.94 -3.53 38.19
CA VAL H 76 20.22 -4.62 38.84
C VAL H 76 19.71 -5.61 37.80
N ARG H 77 19.15 -5.09 36.72
CA ARG H 77 18.54 -5.94 35.71
C ARG H 77 19.57 -6.88 35.08
N SER H 78 20.75 -6.35 34.76
CA SER H 78 21.76 -7.18 34.11
C SER H 78 22.35 -8.21 35.06
N GLY H 79 22.59 -7.83 36.32
CA GLY H 79 23.23 -8.73 37.25
C GLY H 79 22.36 -9.91 37.61
N ALA H 80 23.01 -10.98 38.05
CA ALA H 80 22.30 -12.16 38.49
C ALA H 80 21.37 -11.81 39.64
N PHE H 81 20.39 -12.68 39.88
CA PHE H 81 19.31 -12.41 40.82
C PHE H 81 18.55 -11.15 40.45
N GLY H 82 18.59 -10.76 39.19
CA GLY H 82 17.78 -9.69 38.67
C GLY H 82 16.79 -10.24 37.66
N HIS H 83 17.13 -11.36 37.05
CA HIS H 83 16.29 -12.01 36.06
C HIS H 83 15.05 -12.62 36.65
N LEU H 84 14.73 -12.48 37.93
CA LEU H 84 13.47 -13.03 38.43
C LEU H 84 12.48 -11.98 38.89
N PHE H 85 12.89 -10.72 39.02
CA PHE H 85 11.92 -9.66 39.24
C PHE H 85 10.96 -9.59 38.07
N ARG H 86 9.71 -9.27 38.33
CA ARG H 86 8.75 -9.19 37.24
C ARG H 86 9.02 -7.91 36.44
N PRO H 87 9.35 -8.02 35.15
CA PRO H 87 9.92 -6.87 34.43
C PRO H 87 9.01 -5.67 34.38
N ASP H 88 7.70 -5.86 34.52
CA ASP H 88 6.80 -4.71 34.50
C ASP H 88 6.96 -3.83 35.72
N ASN H 89 7.66 -4.32 36.75
CA ASN H 89 7.77 -3.56 38.01
C ASN H 89 8.73 -2.39 37.90
N PHE H 90 9.74 -2.46 37.04
CA PHE H 90 10.84 -1.50 37.08
C PHE H 90 10.35 -0.16 36.58
N ILE H 91 9.84 0.63 37.51
CA ILE H 91 9.40 1.99 37.22
C ILE H 91 10.60 2.91 37.35
N PHE H 92 10.88 3.70 36.32
CA PHE H 92 11.96 4.66 36.38
C PHE H 92 11.68 5.85 35.48
N GLY H 93 12.24 7.00 35.86
CA GLY H 93 12.11 8.21 35.09
C GLY H 93 13.39 8.53 34.33
N GLN H 94 13.39 9.72 33.72
CA GLN H 94 14.53 10.16 32.94
C GLN H 94 15.25 11.38 33.50
N SER H 95 14.53 12.28 34.18
CA SER H 95 15.17 13.51 34.63
C SER H 95 16.16 13.25 35.76
N GLY H 96 15.85 12.32 36.65
CA GLY H 96 16.70 12.10 37.80
C GLY H 96 16.48 13.16 38.85
N ALA H 97 16.49 12.77 40.12
CA ALA H 97 16.19 13.74 41.18
C ALA H 97 17.29 14.77 41.36
N GLY H 98 18.48 14.50 40.84
CA GLY H 98 19.56 15.47 40.98
C GLY H 98 19.91 15.74 42.42
N ASN H 99 19.76 14.74 43.29
CA ASN H 99 20.10 14.84 44.70
C ASN H 99 19.36 16.00 45.37
N ASN H 100 18.18 16.31 44.85
CA ASN H 100 17.33 17.36 45.39
C ASN H 100 16.06 16.73 45.94
N TRP H 101 15.57 17.26 47.06
CA TRP H 101 14.33 16.75 47.62
C TRP H 101 13.12 17.39 46.96
N ALA H 102 13.24 18.67 46.59
CA ALA H 102 12.13 19.34 45.92
C ALA H 102 11.76 18.61 44.63
N LYS H 103 12.76 18.22 43.85
CA LYS H 103 12.50 17.41 42.67
C LYS H 103 11.89 16.07 43.05
N GLY H 104 12.41 15.44 44.11
CA GLY H 104 11.98 14.11 44.44
C GLY H 104 10.61 14.04 45.08
N HIS H 105 10.03 15.17 45.45
CA HIS H 105 8.73 15.16 46.11
C HIS H 105 7.69 16.05 45.48
N TYR H 106 8.08 17.05 44.69
CA TYR H 106 7.11 17.95 44.07
C TYR H 106 7.08 17.85 42.56
N THR H 107 8.23 17.99 41.90
CA THR H 107 8.23 18.17 40.46
C THR H 107 8.37 16.85 39.70
N GLU H 108 9.47 16.15 39.91
CA GLU H 108 9.68 14.92 39.15
C GLU H 108 8.85 13.78 39.71
N GLY H 109 8.75 13.67 41.04
CA GLY H 109 8.04 12.55 41.62
C GLY H 109 6.56 12.57 41.31
N ALA H 110 5.98 13.75 41.10
CA ALA H 110 4.56 13.85 40.81
C ALA H 110 4.20 13.20 39.49
N GLU H 111 5.18 12.88 38.66
CA GLU H 111 4.90 12.27 37.36
C GLU H 111 4.96 10.75 37.39
N LEU H 112 5.73 10.17 38.31
CA LEU H 112 5.80 8.72 38.39
C LEU H 112 5.03 8.13 39.57
N VAL H 113 4.70 8.95 40.56
CA VAL H 113 4.03 8.42 41.75
C VAL H 113 2.71 7.77 41.37
N ASP H 114 2.06 8.25 40.31
CA ASP H 114 0.80 7.67 39.89
C ASP H 114 0.99 6.24 39.38
N SER H 115 1.97 6.03 38.51
CA SER H 115 2.24 4.68 38.03
C SER H 115 2.65 3.78 39.19
N VAL H 116 3.45 4.32 40.11
CA VAL H 116 3.89 3.50 41.24
C VAL H 116 2.69 3.07 42.07
N LEU H 117 1.80 4.02 42.38
CA LEU H 117 0.60 3.69 43.15
C LEU H 117 -0.26 2.69 42.41
N ASP H 118 -0.32 2.77 41.07
CA ASP H 118 -1.13 1.81 40.33
C ASP H 118 -0.57 0.40 40.46
N VAL H 119 0.75 0.25 40.33
CA VAL H 119 1.33 -1.08 40.49
C VAL H 119 1.17 -1.55 41.93
N VAL H 120 1.27 -0.63 42.88
CA VAL H 120 1.02 -0.95 44.28
C VAL H 120 -0.38 -1.51 44.44
N ARG H 121 -1.36 -0.84 43.85
CA ARG H 121 -2.75 -1.27 43.98
C ARG H 121 -2.97 -2.63 43.34
N LYS H 122 -2.35 -2.87 42.18
CA LYS H 122 -2.46 -4.17 41.55
C LYS H 122 -1.92 -5.26 42.48
N GLU H 123 -0.75 -5.02 43.06
CA GLU H 123 -0.18 -6.04 43.95
C GLU H 123 -1.04 -6.23 45.20
N CYS H 124 -1.58 -5.14 45.74
CA CYS H 124 -2.44 -5.25 46.91
C CYS H 124 -3.66 -6.10 46.62
N GLU H 125 -4.33 -5.85 45.50
CA GLU H 125 -5.49 -6.64 45.15
C GLU H 125 -5.11 -8.08 44.86
N ASN H 126 -3.88 -8.31 44.39
CA ASN H 126 -3.43 -9.67 44.14
C ASN H 126 -3.32 -10.47 45.43
N CYS H 127 -2.90 -9.84 46.52
CA CYS H 127 -2.67 -10.55 47.77
C CYS H 127 -3.97 -10.97 48.42
N ASP H 128 -3.87 -11.99 49.28
CA ASP H 128 -5.05 -12.49 50.00
C ASP H 128 -5.40 -11.59 51.17
N CYS H 129 -4.49 -11.47 52.14
CA CYS H 129 -4.65 -10.58 53.29
C CYS H 129 -3.36 -9.81 53.47
N LEU H 130 -3.38 -8.54 53.07
CA LEU H 130 -2.19 -7.71 53.16
C LEU H 130 -1.78 -7.52 54.61
N GLN H 131 -0.48 -7.68 54.89
CA GLN H 131 0.04 -7.52 56.23
C GLN H 131 0.59 -6.11 56.45
N GLY H 132 1.46 -5.66 55.56
CA GLY H 132 2.01 -4.33 55.68
C GLY H 132 3.03 -4.06 54.61
N PHE H 133 3.59 -2.85 54.67
CA PHE H 133 4.54 -2.36 53.69
C PHE H 133 5.89 -2.14 54.34
N GLN H 134 6.95 -2.48 53.62
CA GLN H 134 8.30 -2.17 54.05
C GLN H 134 8.97 -1.38 52.94
N LEU H 135 9.42 -0.17 53.28
CA LEU H 135 10.05 0.72 52.32
C LEU H 135 11.54 0.81 52.64
N THR H 136 12.36 0.57 51.63
CA THR H 136 13.82 0.61 51.77
C THR H 136 14.35 1.81 51.00
N HIS H 137 14.85 2.80 51.71
CA HIS H 137 15.28 4.03 51.07
C HIS H 137 16.36 4.69 51.90
N SER H 138 16.86 5.80 51.40
CA SER H 138 17.88 6.60 52.07
C SER H 138 17.22 7.77 52.77
N LEU H 139 18.03 8.68 53.28
CA LEU H 139 17.55 9.97 53.72
C LEU H 139 18.32 11.13 53.12
N GLY H 140 19.46 10.87 52.48
CA GLY H 140 20.21 11.92 51.83
C GLY H 140 19.85 12.09 50.38
N GLY H 141 19.88 10.99 49.61
CA GLY H 141 19.61 11.08 48.20
C GLY H 141 18.23 11.64 47.91
N GLY H 142 18.15 12.43 46.84
CA GLY H 142 16.90 13.12 46.55
C GLY H 142 15.77 12.17 46.22
N THR H 143 16.03 11.19 45.35
CA THR H 143 14.99 10.24 44.97
C THR H 143 14.45 9.53 46.19
N GLY H 144 15.32 8.82 46.91
CA GLY H 144 14.93 8.11 48.10
C GLY H 144 14.06 8.97 49.02
N SER H 145 14.63 10.05 49.53
CA SER H 145 13.91 10.89 50.48
C SER H 145 12.57 11.36 49.92
N GLY H 146 12.60 12.16 48.87
CA GLY H 146 11.39 12.78 48.36
C GLY H 146 10.34 11.78 47.91
N MET H 147 10.70 10.90 46.98
CA MET H 147 9.72 9.97 46.44
C MET H 147 9.23 8.99 47.50
N GLY H 148 10.10 8.54 48.41
CA GLY H 148 9.63 7.67 49.46
C GLY H 148 8.64 8.34 50.38
N THR H 149 8.91 9.60 50.75
CA THR H 149 7.94 10.31 51.58
C THR H 149 6.62 10.48 50.85
N LEU H 150 6.68 10.81 49.56
CA LEU H 150 5.45 10.97 48.79
C LEU H 150 4.67 9.67 48.73
N LEU H 151 5.37 8.57 48.46
CA LEU H 151 4.71 7.26 48.39
C LEU H 151 4.10 6.89 49.73
N ILE H 152 4.80 7.19 50.81
CA ILE H 152 4.29 6.87 52.14
C ILE H 152 3.02 7.66 52.42
N SER H 153 3.03 8.95 52.10
CA SER H 153 1.83 9.75 52.31
C SER H 153 0.66 9.21 51.51
N LYS H 154 0.89 8.92 50.23
CA LYS H 154 -0.19 8.43 49.38
C LYS H 154 -0.72 7.09 49.87
N VAL H 155 0.18 6.17 50.20
CA VAL H 155 -0.24 4.85 50.65
C VAL H 155 -1.04 4.96 51.94
N ARG H 156 -0.53 5.75 52.90
CA ARG H 156 -1.27 5.96 54.14
C ARG H 156 -2.64 6.57 53.87
N GLU H 157 -2.75 7.38 52.82
CA GLU H 157 -4.09 7.82 52.41
C GLU H 157 -4.94 6.65 51.96
N GLU H 158 -4.37 5.74 51.18
CA GLU H 158 -5.17 4.65 50.62
C GLU H 158 -5.23 3.41 51.49
N TYR H 159 -4.42 3.32 52.55
CA TYR H 159 -4.43 2.16 53.44
C TYR H 159 -4.11 2.59 54.86
N PRO H 160 -5.03 3.31 55.51
CA PRO H 160 -4.75 3.81 56.85
C PRO H 160 -4.71 2.74 57.92
N ASP H 161 -4.93 1.48 57.56
CA ASP H 161 -4.98 0.39 58.51
C ASP H 161 -3.75 -0.51 58.48
N ARG H 162 -3.10 -0.64 57.33
CA ARG H 162 -1.93 -1.49 57.23
C ARG H 162 -0.79 -0.93 58.07
N ILE H 163 0.27 -1.71 58.18
CA ILE H 163 1.42 -1.36 58.98
C ILE H 163 2.56 -0.95 58.06
N MET H 164 3.40 -0.04 58.54
CA MET H 164 4.40 0.62 57.69
C MET H 164 5.78 0.43 58.29
N ASN H 165 6.71 -0.12 57.50
CA ASN H 165 8.10 -0.27 57.90
C ASN H 165 9.00 0.49 56.94
N THR H 166 10.01 1.16 57.50
CA THR H 166 10.99 1.88 56.69
C THR H 166 12.38 1.54 57.18
N PHE H 167 13.29 1.31 56.25
CA PHE H 167 14.71 1.13 56.56
C PHE H 167 15.45 2.32 55.97
N SER H 168 15.49 3.41 56.73
CA SER H 168 16.08 4.65 56.25
C SER H 168 17.53 4.73 56.70
N VAL H 169 18.44 4.88 55.73
CA VAL H 169 19.87 5.01 56.01
C VAL H 169 20.12 6.46 56.43
N VAL H 170 20.24 6.68 57.73
CA VAL H 170 20.42 8.02 58.29
C VAL H 170 21.82 8.51 57.93
N PRO H 171 22.01 9.81 57.68
CA PRO H 171 23.37 10.30 57.45
C PRO H 171 24.27 10.09 58.65
N SER H 172 25.53 9.77 58.36
CA SER H 172 26.52 9.54 59.40
C SER H 172 26.90 10.86 60.08
N PRO H 173 27.30 10.81 61.35
CA PRO H 173 27.66 12.05 62.06
C PRO H 173 28.98 12.66 61.60
N LYS H 174 30.02 11.84 61.44
CA LYS H 174 31.34 12.38 61.14
C LYS H 174 31.45 12.79 59.67
N VAL H 175 31.34 11.82 58.77
CA VAL H 175 31.42 12.11 57.34
C VAL H 175 30.08 12.63 56.85
N SER H 176 30.09 13.21 55.67
CA SER H 176 28.86 13.66 55.00
C SER H 176 29.02 13.34 53.52
N ASP H 177 28.35 12.29 53.07
CA ASP H 177 28.48 11.87 51.68
C ASP H 177 27.90 12.90 50.72
N THR H 178 26.93 13.69 51.16
CA THR H 178 26.38 14.76 50.35
C THR H 178 26.60 16.09 51.06
N VAL H 179 26.12 17.17 50.46
CA VAL H 179 26.32 18.51 50.97
C VAL H 179 25.02 19.10 51.51
N VAL H 180 23.89 18.77 50.89
CA VAL H 180 22.60 19.30 51.30
C VAL H 180 21.82 18.30 52.13
N GLU H 181 22.48 17.26 52.65
CA GLU H 181 21.75 16.21 53.35
C GLU H 181 21.00 16.68 54.59
N PRO H 182 21.37 17.75 55.30
CA PRO H 182 20.48 18.20 56.38
C PRO H 182 19.08 18.55 55.92
N TYR H 183 18.95 19.20 54.75
CA TYR H 183 17.63 19.57 54.26
C TYR H 183 16.79 18.34 53.94
N ASN H 184 17.37 17.40 53.19
CA ASN H 184 16.65 16.18 52.87
C ASN H 184 16.26 15.43 54.13
N ALA H 185 17.19 15.33 55.08
CA ALA H 185 16.89 14.62 56.32
C ALA H 185 15.74 15.28 57.06
N THR H 186 15.75 16.60 57.18
CA THR H 186 14.71 17.28 57.94
C THR H 186 13.35 17.08 57.28
N LEU H 187 13.27 17.29 55.97
CA LEU H 187 11.98 17.14 55.30
C LEU H 187 11.48 15.70 55.36
N SER H 188 12.37 14.74 55.12
CA SER H 188 11.97 13.35 55.17
C SER H 188 11.50 12.96 56.55
N ILE H 189 12.19 13.43 57.59
CA ILE H 189 11.79 13.10 58.96
C ILE H 189 10.45 13.74 59.28
N HIS H 190 10.21 14.95 58.78
CA HIS H 190 8.91 15.56 58.95
C HIS H 190 7.82 14.64 58.41
N GLN H 191 7.98 14.20 57.16
CA GLN H 191 6.98 13.31 56.58
C GLN H 191 6.86 12.00 57.35
N LEU H 192 7.98 11.44 57.78
CA LEU H 192 7.94 10.13 58.44
C LEU H 192 7.22 10.21 59.77
N VAL H 193 7.62 11.15 60.64
CA VAL H 193 6.93 11.32 61.91
C VAL H 193 5.48 11.70 61.69
N GLU H 194 5.15 12.22 60.51
CA GLU H 194 3.74 12.35 60.17
C GLU H 194 3.08 10.99 59.99
N ASN H 195 3.59 10.17 59.08
CA ASN H 195 2.79 9.05 58.59
C ASN H 195 3.58 7.74 58.50
N THR H 196 4.31 7.38 59.55
CA THR H 196 4.95 6.06 59.59
C THR H 196 4.76 5.39 60.94
N ASP H 197 4.68 4.06 60.92
CA ASP H 197 4.52 3.31 62.14
C ASP H 197 5.85 2.96 62.80
N GLU H 198 6.91 2.78 62.02
CA GLU H 198 8.20 2.44 62.60
C GLU H 198 9.29 2.73 61.58
N THR H 199 10.44 3.15 62.09
CA THR H 199 11.53 3.62 61.24
C THR H 199 12.84 3.08 61.78
N TYR H 200 13.53 2.29 60.97
CA TYR H 200 14.73 1.58 61.40
C TYR H 200 15.94 2.41 61.01
N CYS H 201 16.36 3.29 61.92
CA CYS H 201 17.48 4.17 61.62
C CYS H 201 18.76 3.37 61.48
N ILE H 202 19.56 3.70 60.46
CA ILE H 202 20.85 3.06 60.21
C ILE H 202 21.83 4.13 59.78
N ASP H 203 23.09 3.98 60.20
CA ASP H 203 24.18 4.83 59.74
C ASP H 203 25.23 3.98 59.06
N ASN H 204 25.86 4.53 58.02
CA ASN H 204 26.95 3.83 57.39
C ASN H 204 28.19 3.82 58.27
N GLU H 205 28.30 4.81 59.17
CA GLU H 205 29.46 4.87 60.05
C GLU H 205 29.53 3.64 60.95
N ALA H 206 28.39 3.28 61.55
CA ALA H 206 28.37 2.14 62.44
C ALA H 206 28.67 0.85 61.68
N LEU H 207 28.17 0.73 60.47
CA LEU H 207 28.45 -0.46 59.67
C LEU H 207 29.93 -0.53 59.31
N TYR H 208 30.53 0.61 58.96
CA TYR H 208 31.97 0.65 58.75
C TYR H 208 32.70 0.16 59.99
N ASP H 209 32.31 0.68 61.14
CA ASP H 209 33.00 0.32 62.38
C ASP H 209 32.87 -1.16 62.66
N ILE H 210 31.70 -1.74 62.42
CA ILE H 210 31.48 -3.15 62.68
C ILE H 210 32.30 -3.99 61.71
N CYS H 211 32.27 -3.66 60.43
CA CYS H 211 33.03 -4.43 59.45
C CYS H 211 34.53 -4.31 59.71
N PHE H 212 34.96 -3.20 60.29
CA PHE H 212 36.38 -3.01 60.56
C PHE H 212 36.80 -3.78 61.81
N ARG H 213 36.24 -3.41 62.96
CA ARG H 213 36.69 -3.99 64.22
C ARG H 213 36.18 -5.42 64.39
N THR H 214 34.86 -5.58 64.46
CA THR H 214 34.29 -6.87 64.88
C THR H 214 34.54 -7.95 63.85
N LEU H 215 34.28 -7.66 62.58
CA LEU H 215 34.49 -8.67 61.54
C LEU H 215 35.94 -8.77 61.09
N LYS H 216 36.79 -7.82 61.48
CA LYS H 216 38.19 -7.82 61.05
C LYS H 216 38.30 -7.82 59.53
N LEU H 217 37.65 -6.85 58.89
CA LEU H 217 37.73 -6.67 57.45
C LEU H 217 38.26 -5.26 57.19
N ALA H 218 39.36 -5.18 56.44
CA ALA H 218 39.93 -3.90 56.05
C ALA H 218 39.40 -3.41 54.70
N THR H 219 38.63 -4.23 53.99
CA THR H 219 38.14 -3.90 52.65
C THR H 219 36.63 -4.08 52.61
N PRO H 220 35.89 -3.24 53.33
CA PRO H 220 34.42 -3.36 53.32
C PRO H 220 33.83 -2.71 52.09
N THR H 221 33.40 -3.53 51.14
CA THR H 221 32.69 -3.03 49.98
C THR H 221 31.20 -2.92 50.32
N TYR H 222 30.49 -2.08 49.56
CA TYR H 222 29.08 -1.85 49.85
C TYR H 222 28.28 -3.14 49.84
N GLY H 223 28.76 -4.16 49.12
CA GLY H 223 28.10 -5.45 49.15
C GLY H 223 27.98 -5.98 50.57
N ASP H 224 29.03 -5.80 51.38
CA ASP H 224 29.01 -6.35 52.73
C ASP H 224 28.06 -5.59 53.63
N LEU H 225 28.07 -4.25 53.57
CA LEU H 225 27.15 -3.48 54.38
C LEU H 225 25.70 -3.80 54.02
N ASN H 226 25.41 -3.88 52.73
CA ASN H 226 24.07 -4.25 52.32
C ASN H 226 23.74 -5.67 52.78
N HIS H 227 24.74 -6.55 52.80
CA HIS H 227 24.51 -7.90 53.29
C HIS H 227 24.11 -7.89 54.76
N LEU H 228 24.75 -7.04 55.55
CA LEU H 228 24.40 -6.94 56.96
C LEU H 228 22.98 -6.42 57.15
N VAL H 229 22.62 -5.37 56.42
CA VAL H 229 21.28 -4.83 56.57
C VAL H 229 20.24 -5.85 56.11
N SER H 230 20.57 -6.60 55.06
CA SER H 230 19.67 -7.65 54.59
C SER H 230 19.48 -8.73 55.64
N ALA H 231 20.57 -9.13 56.29
CA ALA H 231 20.44 -10.12 57.36
C ALA H 231 19.54 -9.60 58.47
N THR H 232 19.67 -8.32 58.81
CA THR H 232 18.80 -7.75 59.83
C THR H 232 17.33 -7.83 59.41
N MET H 233 17.03 -7.44 58.18
CA MET H 233 15.64 -7.46 57.72
C MET H 233 15.09 -8.87 57.70
N SER H 234 15.88 -9.82 57.21
CA SER H 234 15.45 -11.22 57.21
C SER H 234 15.16 -11.70 58.62
N GLY H 235 16.01 -11.34 59.57
CA GLY H 235 15.75 -11.67 60.95
C GLY H 235 14.47 -11.05 61.48
N VAL H 236 14.15 -9.84 61.02
CA VAL H 236 12.91 -9.22 61.47
C VAL H 236 11.71 -9.99 60.96
N THR H 237 11.74 -10.43 59.70
CA THR H 237 10.56 -11.07 59.13
C THR H 237 10.46 -12.56 59.39
N THR H 238 11.56 -13.23 59.78
CA THR H 238 11.48 -14.67 59.94
C THR H 238 10.49 -15.08 61.01
N SER H 239 10.13 -14.16 61.91
CA SER H 239 9.19 -14.49 62.97
C SER H 239 7.83 -14.87 62.42
N LEU H 240 7.49 -14.43 61.22
CA LEU H 240 6.24 -14.81 60.59
C LEU H 240 6.44 -15.64 59.33
N ARG H 241 7.59 -15.52 58.68
CA ARG H 241 7.82 -16.40 57.54
C ARG H 241 8.17 -17.82 57.94
N PHE H 242 8.23 -18.13 59.23
CA PHE H 242 8.67 -19.44 59.67
C PHE H 242 8.00 -19.78 60.99
N PRO H 243 7.87 -21.07 61.29
CA PRO H 243 7.29 -21.47 62.57
C PRO H 243 8.23 -21.12 63.71
N GLY H 244 7.66 -21.01 64.91
CA GLY H 244 8.48 -20.68 66.06
C GLY H 244 7.80 -20.95 67.38
N GLN H 245 8.60 -21.30 68.39
CA GLN H 245 8.04 -21.62 69.69
C GLN H 245 7.34 -20.42 70.30
N LEU H 246 7.77 -19.21 69.95
CA LEU H 246 7.06 -18.00 70.34
C LEU H 246 7.17 -17.04 69.15
N ASN H 247 6.17 -17.09 68.29
CA ASN H 247 6.23 -16.37 67.02
C ASN H 247 5.88 -14.91 67.20
N ALA H 248 6.30 -14.11 66.22
CA ALA H 248 6.01 -12.68 66.21
C ALA H 248 5.63 -12.25 64.81
N ASP H 249 4.90 -11.13 64.73
CA ASP H 249 4.55 -10.51 63.47
C ASP H 249 4.91 -9.03 63.55
N LEU H 250 4.82 -8.35 62.40
CA LEU H 250 5.17 -6.93 62.37
C LEU H 250 4.27 -6.13 63.29
N ARG H 251 2.98 -6.45 63.34
CA ARG H 251 2.07 -5.73 64.22
C ARG H 251 2.46 -5.92 65.67
N LYS H 252 2.94 -7.12 66.04
CA LYS H 252 3.39 -7.33 67.41
C LYS H 252 4.53 -6.39 67.76
N LEU H 253 5.52 -6.29 66.87
CA LEU H 253 6.63 -5.38 67.12
C LEU H 253 6.15 -3.95 67.20
N ALA H 254 5.24 -3.56 66.32
CA ALA H 254 4.74 -2.18 66.35
C ALA H 254 4.06 -1.89 67.68
N VAL H 255 3.23 -2.81 68.16
CA VAL H 255 2.53 -2.56 69.42
C VAL H 255 3.52 -2.51 70.58
N ASN H 256 4.49 -3.43 70.60
CA ASN H 256 5.38 -3.50 71.74
C ASN H 256 6.37 -2.35 71.78
N MET H 257 6.86 -1.90 70.64
CA MET H 257 7.98 -0.98 70.59
C MET H 257 7.57 0.49 70.49
N VAL H 258 6.29 0.79 70.34
CA VAL H 258 5.90 2.17 70.05
C VAL H 258 4.94 2.66 71.10
N PRO H 259 5.44 3.09 72.26
CA PRO H 259 4.54 3.54 73.34
C PRO H 259 3.71 4.76 72.97
N PHE H 260 4.20 5.61 72.08
CA PHE H 260 3.52 6.85 71.75
C PHE H 260 3.55 7.00 70.23
N PRO H 261 2.58 7.71 69.65
CA PRO H 261 2.48 7.71 68.18
C PRO H 261 3.74 8.19 67.48
N ARG H 262 4.43 9.18 68.04
CA ARG H 262 5.55 9.78 67.33
C ARG H 262 6.85 9.02 67.55
N LEU H 263 7.10 8.56 68.77
CA LEU H 263 8.41 8.01 69.14
C LEU H 263 8.54 6.58 68.66
N HIS H 264 8.80 6.43 67.36
CA HIS H 264 8.87 5.11 66.74
C HIS H 264 10.11 4.97 65.87
N PHE H 265 11.27 5.34 66.41
CA PHE H 265 12.53 5.20 65.70
C PHE H 265 13.40 4.19 66.42
N PHE H 266 13.80 3.15 65.71
CA PHE H 266 14.48 2.02 66.31
C PHE H 266 15.91 1.91 65.78
N MET H 267 16.82 1.56 66.65
CA MET H 267 18.14 1.18 66.18
C MET H 267 18.26 -0.33 66.19
N PRO H 268 18.69 -0.94 65.09
CA PRO H 268 18.81 -2.38 65.04
C PRO H 268 20.17 -2.85 65.52
N GLY H 269 20.32 -4.16 65.59
CA GLY H 269 21.58 -4.80 65.89
C GLY H 269 21.49 -6.27 65.56
N PHE H 270 22.63 -6.87 65.29
CA PHE H 270 22.67 -8.25 64.88
C PHE H 270 23.73 -8.98 65.70
N ALA H 271 23.54 -10.29 65.86
CA ALA H 271 24.55 -11.12 66.51
C ALA H 271 24.30 -12.56 66.10
N PRO H 272 25.33 -13.40 66.05
CA PRO H 272 26.74 -13.15 66.35
C PRO H 272 27.47 -12.54 65.17
N LEU H 273 28.57 -11.85 65.44
CA LEU H 273 29.44 -11.30 64.41
C LEU H 273 30.86 -11.75 64.71
N THR H 274 31.32 -12.75 63.98
CA THR H 274 32.63 -13.35 64.22
C THR H 274 33.44 -13.28 62.95
N ALA H 275 34.73 -12.95 63.11
CA ALA H 275 35.64 -12.95 61.97
C ALA H 275 35.80 -14.37 61.43
N ARG H 276 36.53 -14.50 60.33
CA ARG H 276 36.73 -15.80 59.73
C ARG H 276 37.53 -16.73 60.62
N GLY H 277 38.53 -16.19 61.32
CA GLY H 277 39.39 -17.00 62.16
C GLY H 277 38.91 -17.12 63.59
N SER H 278 38.39 -16.03 64.13
CA SER H 278 38.02 -15.94 65.53
C SER H 278 36.69 -16.59 65.85
N GLN H 279 36.22 -17.49 65.00
CA GLN H 279 34.92 -18.12 65.22
C GLN H 279 35.03 -19.37 66.08
N GLN H 280 35.90 -20.30 65.71
CA GLN H 280 36.01 -21.54 66.46
C GLN H 280 36.55 -21.33 67.86
N TYR H 281 37.11 -20.17 68.15
CA TYR H 281 37.60 -19.85 69.49
C TYR H 281 36.56 -19.14 70.33
N ARG H 282 35.28 -19.33 70.06
CA ARG H 282 34.24 -18.76 70.90
C ARG H 282 33.03 -19.68 70.92
N ALA H 283 32.36 -19.71 72.07
CA ALA H 283 31.19 -20.57 72.24
C ALA H 283 29.93 -19.83 71.82
N LEU H 284 29.07 -20.52 71.07
CA LEU H 284 27.82 -19.93 70.57
C LEU H 284 26.67 -20.33 71.50
N THR H 285 26.55 -19.60 72.60
CA THR H 285 25.49 -19.81 73.56
C THR H 285 24.66 -18.55 73.70
N VAL H 286 23.41 -18.73 74.09
CA VAL H 286 22.46 -17.64 74.27
C VAL H 286 23.03 -16.53 75.14
N PRO H 287 23.71 -16.83 76.26
CA PRO H 287 24.34 -15.73 77.02
C PRO H 287 25.32 -14.93 76.18
N GLU H 288 26.07 -15.60 75.32
CA GLU H 288 27.05 -14.91 74.50
C GLU H 288 26.36 -13.93 73.54
N LEU H 289 25.32 -14.41 72.84
CA LEU H 289 24.57 -13.52 71.96
C LEU H 289 24.00 -12.35 72.73
N THR H 290 23.35 -12.64 73.87
CA THR H 290 22.68 -11.59 74.61
C THR H 290 23.66 -10.51 75.06
N GLN H 291 24.81 -10.94 75.60
CA GLN H 291 25.80 -9.97 76.03
C GLN H 291 26.41 -9.23 74.85
N GLN H 292 26.49 -9.86 73.67
CA GLN H 292 26.98 -9.15 72.50
C GLN H 292 26.05 -8.04 72.09
N MET H 293 24.74 -8.30 72.16
CA MET H 293 23.80 -7.35 71.57
C MET H 293 23.68 -6.04 72.34
N PHE H 294 24.18 -5.97 73.57
CA PHE H 294 24.04 -4.75 74.38
C PHE H 294 25.40 -4.10 74.56
N ASP H 295 25.79 -3.28 73.60
CA ASP H 295 26.98 -2.43 73.71
C ASP H 295 27.01 -1.49 72.52
N ALA H 296 27.60 -0.32 72.73
CA ALA H 296 27.67 0.66 71.66
C ALA H 296 28.42 0.11 70.44
N LYS H 297 29.41 -0.75 70.69
CA LYS H 297 30.22 -1.26 69.59
C LYS H 297 29.50 -2.30 68.74
N ASN H 298 28.20 -2.52 68.95
CA ASN H 298 27.43 -3.39 68.07
C ASN H 298 26.04 -2.84 67.79
N MET H 299 25.86 -1.53 67.85
CA MET H 299 24.62 -0.89 67.46
C MET H 299 24.78 -0.29 66.06
N MET H 300 23.90 -0.65 65.16
CA MET H 300 24.01 -0.12 63.80
C MET H 300 23.61 1.33 63.70
N ALA H 301 23.39 2.04 64.80
CA ALA H 301 23.16 3.46 64.77
C ALA H 301 24.24 4.15 65.60
N ALA H 302 24.88 5.16 65.00
CA ALA H 302 26.04 5.78 65.63
C ALA H 302 25.64 6.66 66.80
N CYS H 303 25.30 6.06 67.92
CA CYS H 303 25.00 6.80 69.14
C CYS H 303 25.08 5.85 70.32
N ASP H 304 25.86 6.21 71.33
CA ASP H 304 26.02 5.35 72.49
C ASP H 304 24.71 5.24 73.24
N PRO H 305 24.18 4.04 73.46
CA PRO H 305 22.96 3.92 74.28
C PRO H 305 23.13 4.46 75.68
N ARG H 306 24.35 4.42 76.23
CA ARG H 306 24.57 4.86 77.59
C ARG H 306 24.24 6.33 77.80
N HIS H 307 24.27 7.14 76.74
CA HIS H 307 23.91 8.54 76.89
C HIS H 307 22.43 8.73 77.19
N GLY H 308 21.61 7.71 76.94
CA GLY H 308 20.20 7.79 77.26
C GLY H 308 19.69 6.51 77.87
N ARG H 309 18.40 6.24 77.71
CA ARG H 309 17.79 5.04 78.23
C ARG H 309 17.03 4.31 77.12
N TYR H 310 16.97 2.99 77.23
CA TYR H 310 16.16 2.18 76.33
C TYR H 310 14.71 2.35 76.75
N LEU H 311 13.92 3.00 75.90
CA LEU H 311 12.49 3.06 76.18
C LEU H 311 11.89 1.66 76.12
N THR H 312 12.12 0.93 75.03
CA THR H 312 11.75 -0.47 74.91
C THR H 312 12.79 -1.20 74.10
N VAL H 313 12.74 -2.52 74.15
CA VAL H 313 13.69 -3.37 73.45
C VAL H 313 12.96 -4.62 72.98
N ALA H 314 13.19 -5.00 71.73
CA ALA H 314 12.68 -6.26 71.20
C ALA H 314 13.84 -7.12 70.76
N THR H 315 13.67 -8.43 70.85
CA THR H 315 14.76 -9.36 70.59
C THR H 315 14.19 -10.59 69.93
N VAL H 316 14.65 -10.86 68.71
CA VAL H 316 14.14 -11.96 67.91
C VAL H 316 15.26 -12.95 67.69
N PHE H 317 15.13 -14.14 68.26
CA PHE H 317 16.15 -15.17 68.12
C PHE H 317 15.79 -16.11 66.98
N ARG H 318 16.74 -16.97 66.63
CA ARG H 318 16.54 -17.96 65.59
C ARG H 318 17.25 -19.23 66.01
N GLY H 319 16.99 -20.31 65.27
CA GLY H 319 17.61 -21.58 65.59
C GLY H 319 17.10 -22.20 66.88
N ARG H 320 17.39 -23.48 67.09
CA ARG H 320 16.86 -24.17 68.26
C ARG H 320 17.59 -23.74 69.51
N MET H 321 16.83 -23.36 70.53
CA MET H 321 17.39 -22.92 71.80
C MET H 321 16.40 -23.24 72.91
N SER H 322 16.78 -22.92 74.12
CA SER H 322 15.95 -23.17 75.30
C SER H 322 15.37 -21.87 75.81
N MET H 323 14.06 -21.83 75.98
CA MET H 323 13.40 -20.59 76.38
C MET H 323 13.86 -20.13 77.76
N LYS H 324 14.03 -21.07 78.69
CA LYS H 324 14.46 -20.70 80.03
C LYS H 324 15.79 -19.97 80.00
N GLU H 325 16.70 -20.42 79.13
CA GLU H 325 18.00 -19.76 79.02
C GLU H 325 17.84 -18.30 78.59
N VAL H 326 17.00 -18.07 77.59
CA VAL H 326 16.76 -16.71 77.11
C VAL H 326 16.16 -15.87 78.21
N ASP H 327 15.19 -16.42 78.94
CA ASP H 327 14.55 -15.67 80.00
C ASP H 327 15.55 -15.30 81.08
N GLU H 328 16.41 -16.24 81.46
CA GLU H 328 17.43 -15.96 82.46
C GLU H 328 18.37 -14.86 81.98
N GLN H 329 18.81 -14.93 80.73
CA GLN H 329 19.71 -13.92 80.20
C GLN H 329 19.06 -12.54 80.20
N MET H 330 17.81 -12.47 79.76
CA MET H 330 17.13 -11.18 79.75
C MET H 330 16.96 -10.64 81.16
N LEU H 331 16.66 -11.52 82.11
CA LEU H 331 16.55 -11.09 83.49
C LEU H 331 17.86 -10.49 83.98
N ALA H 332 18.97 -11.20 83.74
CA ALA H 332 20.26 -10.71 84.20
C ALA H 332 20.60 -9.36 83.55
N ILE H 333 20.37 -9.25 82.25
CA ILE H 333 20.77 -8.05 81.53
C ILE H 333 19.87 -6.88 81.89
N GLN H 334 18.63 -7.16 82.29
CA GLN H 334 17.76 -6.09 82.77
C GLN H 334 18.11 -5.71 84.21
N SER H 335 18.69 -6.65 84.96
CA SER H 335 19.06 -6.37 86.33
C SER H 335 20.31 -5.49 86.40
N LYS H 336 21.39 -5.92 85.75
CA LYS H 336 22.66 -5.24 85.94
C LYS H 336 22.71 -3.86 85.31
N ASN H 337 21.90 -3.60 84.28
CA ASN H 337 21.88 -2.31 83.60
C ASN H 337 20.67 -1.49 84.00
N SER H 338 20.30 -1.56 85.28
CA SER H 338 19.05 -0.95 85.74
C SER H 338 18.96 0.53 85.39
N SER H 339 20.10 1.24 85.45
CA SER H 339 20.09 2.65 85.10
C SER H 339 19.95 2.88 83.60
N TYR H 340 20.08 1.82 82.79
CA TYR H 340 20.00 1.95 81.34
C TYR H 340 18.58 1.76 80.81
N PHE H 341 17.60 1.51 81.67
CA PHE H 341 16.23 1.34 81.25
C PHE H 341 15.34 2.38 81.93
N VAL H 342 14.21 2.68 81.28
CA VAL H 342 13.29 3.65 81.83
C VAL H 342 12.57 3.06 83.02
N GLU H 343 12.38 3.86 84.07
CA GLU H 343 11.79 3.38 85.31
C GLU H 343 10.36 2.91 85.09
N TRP H 344 9.55 3.71 84.42
CA TRP H 344 8.11 3.48 84.37
C TRP H 344 7.68 2.49 83.30
N ILE H 345 8.58 1.68 82.75
CA ILE H 345 8.17 0.57 81.90
C ILE H 345 8.75 -0.71 82.46
N PRO H 346 8.06 -1.37 83.38
CA PRO H 346 8.58 -2.63 83.92
C PRO H 346 8.52 -3.74 82.88
N ASN H 347 9.53 -4.61 82.94
CA ASN H 347 9.63 -5.76 82.05
C ASN H 347 9.57 -5.32 80.58
N ASN H 348 10.56 -4.53 80.19
CA ASN H 348 10.54 -3.86 78.88
C ASN H 348 11.34 -4.62 77.83
N VAL H 349 11.30 -5.94 77.83
CA VAL H 349 12.01 -6.73 76.82
C VAL H 349 11.01 -7.65 76.15
N LYS H 350 10.65 -7.34 74.91
CA LYS H 350 9.84 -8.21 74.08
C LYS H 350 10.72 -9.28 73.47
N VAL H 351 10.25 -10.52 73.51
CA VAL H 351 11.05 -11.66 73.10
C VAL H 351 10.29 -12.46 72.06
N ALA H 352 10.99 -12.90 71.03
CA ALA H 352 10.42 -13.82 70.04
C ALA H 352 11.48 -14.84 69.68
N VAL H 353 11.04 -16.05 69.35
CA VAL H 353 11.95 -17.14 69.05
C VAL H 353 11.46 -17.85 67.81
N CYS H 354 12.32 -17.96 66.80
CA CYS H 354 12.05 -18.76 65.62
C CYS H 354 12.66 -20.15 65.79
N ASP H 355 12.57 -20.95 64.73
CA ASP H 355 13.06 -22.31 64.78
C ASP H 355 14.11 -22.63 63.72
N ILE H 356 14.41 -21.71 62.82
CA ILE H 356 15.33 -21.96 61.71
C ILE H 356 16.51 -21.01 61.83
N PRO H 357 17.74 -21.48 61.71
CA PRO H 357 18.89 -20.58 61.70
C PRO H 357 18.99 -19.84 60.39
N PRO H 358 19.58 -18.64 60.41
CA PRO H 358 19.74 -17.81 59.21
C PRO H 358 20.71 -18.38 58.17
N ARG H 359 20.77 -19.71 58.06
CA ARG H 359 21.63 -20.46 57.11
C ARG H 359 23.15 -20.34 57.28
N GLY H 360 23.76 -21.40 57.80
CA GLY H 360 25.20 -21.43 58.03
C GLY H 360 25.66 -21.21 59.46
N LEU H 361 24.72 -21.20 60.40
CA LEU H 361 24.97 -20.99 61.82
C LEU H 361 24.08 -21.89 62.67
N LYS H 362 24.39 -21.93 63.96
CA LYS H 362 23.55 -22.65 64.91
C LYS H 362 22.42 -21.80 65.45
N MET H 363 22.70 -20.56 65.81
CA MET H 363 21.69 -19.70 66.38
C MET H 363 22.12 -18.25 66.24
N SER H 364 21.17 -17.39 65.90
CA SER H 364 21.43 -15.97 65.71
C SER H 364 20.44 -15.17 66.53
N SER H 365 20.53 -13.85 66.41
CA SER H 365 19.67 -12.97 67.18
C SER H 365 19.68 -11.58 66.55
N THR H 366 18.54 -10.91 66.66
CA THR H 366 18.35 -9.57 66.15
C THR H 366 17.77 -8.69 67.24
N PHE H 367 18.33 -7.52 67.43
CA PHE H 367 17.96 -6.60 68.48
C PHE H 367 17.32 -5.38 67.83
N ILE H 368 16.24 -4.89 68.42
CA ILE H 368 15.53 -3.72 67.93
C ILE H 368 15.26 -2.84 69.13
N GLY H 369 16.12 -1.84 69.36
CA GLY H 369 16.03 -1.02 70.55
C GLY H 369 15.44 0.34 70.23
N ASN H 370 14.35 0.68 70.90
CA ASN H 370 13.78 2.02 70.84
C ASN H 370 14.28 2.74 72.09
N SER H 371 15.28 3.60 71.90
CA SER H 371 15.93 4.30 73.00
C SER H 371 15.74 5.81 72.89
N THR H 372 16.24 6.51 73.89
CA THR H 372 16.26 7.97 73.87
C THR H 372 17.57 8.53 73.37
N ALA H 373 18.62 7.71 73.27
CA ALA H 373 19.90 8.19 72.80
C ALA H 373 19.80 8.81 71.41
N ILE H 374 18.93 8.27 70.55
CA ILE H 374 18.83 8.74 69.18
C ILE H 374 18.53 10.22 69.10
N GLN H 375 18.00 10.82 70.18
CA GLN H 375 17.75 12.24 70.16
C GLN H 375 19.00 13.01 69.74
N GLU H 376 20.17 12.55 70.22
CA GLU H 376 21.42 13.20 69.84
C GLU H 376 21.52 13.32 68.33
N LEU H 377 21.31 12.20 67.63
CA LEU H 377 21.27 12.20 66.18
C LEU H 377 20.47 13.39 65.67
N PHE H 378 19.19 13.44 66.03
CA PHE H 378 18.34 14.52 65.55
C PHE H 378 18.92 15.86 65.96
N LYS H 379 19.29 15.98 67.23
CA LYS H 379 19.98 17.18 67.70
C LYS H 379 21.02 17.59 66.69
N ARG H 380 21.99 16.70 66.44
CA ARG H 380 23.05 16.99 65.49
C ARG H 380 22.47 17.53 64.19
N ILE H 381 21.62 16.73 63.55
CA ILE H 381 21.09 17.14 62.25
C ILE H 381 20.40 18.48 62.38
N SER H 382 19.58 18.64 63.42
CA SER H 382 18.86 19.89 63.58
C SER H 382 19.82 21.05 63.55
N GLU H 383 20.87 20.98 64.37
CA GLU H 383 21.84 22.06 64.41
C GLU H 383 22.38 22.34 63.03
N GLN H 384 22.84 21.29 62.34
CA GLN H 384 23.38 21.47 61.00
C GLN H 384 22.37 22.19 60.13
N PHE H 385 21.14 21.71 60.12
CA PHE H 385 20.10 22.34 59.32
C PHE H 385 20.03 23.82 59.65
N THR H 386 19.94 24.13 60.95
CA THR H 386 19.86 25.52 61.38
C THR H 386 20.98 26.33 60.77
N ALA H 387 22.22 25.85 60.87
CA ALA H 387 23.34 26.58 60.30
C ALA H 387 23.12 26.83 58.82
N MET H 388 22.85 25.77 58.07
CA MET H 388 22.70 25.93 56.64
C MET H 388 21.45 26.69 56.28
N PHE H 389 20.54 26.90 57.24
CA PHE H 389 19.40 27.75 56.98
C PHE H 389 19.62 29.18 57.42
N ARG H 390 20.53 29.40 58.37
CA ARG H 390 20.74 30.76 58.86
C ARG H 390 21.24 31.67 57.76
N ARG H 391 22.13 31.15 56.91
CA ARG H 391 22.60 31.88 55.73
C ARG H 391 21.74 31.63 54.52
N LYS H 392 20.74 30.75 54.63
CA LYS H 392 19.90 30.37 53.49
C LYS H 392 20.73 29.83 52.34
N ALA H 393 21.79 29.11 52.67
CA ALA H 393 22.64 28.49 51.66
C ALA H 393 21.86 27.41 50.94
N PHE H 394 22.12 27.30 49.63
CA PHE H 394 21.51 26.26 48.80
C PHE H 394 20.00 26.41 48.74
N LEU H 395 19.48 27.51 49.29
CA LEU H 395 18.03 27.65 49.39
C LEU H 395 17.38 27.77 48.03
N HIS H 396 18.08 28.34 47.05
CA HIS H 396 17.45 28.64 45.77
C HIS H 396 17.04 27.38 45.02
N TRP H 397 17.81 26.31 45.13
CA TRP H 397 17.45 25.07 44.44
C TRP H 397 16.10 24.56 44.93
N TYR H 398 15.88 24.59 46.24
CA TYR H 398 14.61 24.12 46.79
C TYR H 398 13.48 25.13 46.55
N THR H 399 13.79 26.43 46.59
CA THR H 399 12.76 27.42 46.38
C THR H 399 12.23 27.37 44.94
N GLY H 400 13.11 27.05 43.99
CA GLY H 400 12.74 27.09 42.58
C GLY H 400 11.75 26.03 42.16
N GLU H 401 11.42 25.08 43.03
CA GLU H 401 10.48 24.03 42.69
C GLU H 401 9.12 24.19 43.35
N GLY H 402 8.80 25.39 43.87
CA GLY H 402 7.53 25.68 44.48
C GLY H 402 7.58 25.73 45.99
N MET H 403 8.49 24.99 46.60
CA MET H 403 8.64 25.03 48.05
C MET H 403 9.14 26.40 48.48
N ASP H 404 8.80 26.79 49.71
CA ASP H 404 9.20 28.08 50.25
C ASP H 404 9.78 27.91 51.65
N GLU H 405 10.22 29.03 52.23
CA GLU H 405 10.89 28.98 53.52
C GLU H 405 10.00 28.42 54.62
N MET H 406 8.72 28.80 54.62
CA MET H 406 7.84 28.40 55.71
C MET H 406 7.79 26.89 55.86
N GLU H 407 7.96 26.17 54.76
CA GLU H 407 8.12 24.73 54.83
C GLU H 407 9.28 24.37 55.76
N PHE H 408 10.44 24.98 55.55
CA PHE H 408 11.61 24.68 56.37
C PHE H 408 11.39 25.10 57.80
N THR H 409 10.75 26.26 58.01
CA THR H 409 10.49 26.71 59.38
C THR H 409 9.64 25.69 60.12
N GLU H 410 8.54 25.24 59.49
CA GLU H 410 7.66 24.29 60.13
C GLU H 410 8.36 22.96 60.38
N ALA H 411 9.14 22.49 59.41
CA ALA H 411 9.81 21.21 59.57
C ALA H 411 10.82 21.26 60.71
N GLU H 412 11.60 22.34 60.79
CA GLU H 412 12.57 22.46 61.87
C GLU H 412 11.87 22.55 63.22
N SER H 413 10.77 23.31 63.29
CA SER H 413 10.02 23.39 64.54
C SER H 413 9.51 22.01 64.95
N ASN H 414 9.01 21.25 63.97
CA ASN H 414 8.49 19.91 64.26
C ASN H 414 9.60 19.00 64.78
N MET H 415 10.77 19.04 64.16
CA MET H 415 11.87 18.20 64.63
C MET H 415 12.31 18.61 66.03
N ASN H 416 12.36 19.91 66.31
CA ASN H 416 12.71 20.34 67.65
C ASN H 416 11.68 19.90 68.67
N ASP H 417 10.39 19.91 68.30
CA ASP H 417 9.36 19.40 69.19
C ASP H 417 9.58 17.92 69.47
N LEU H 418 9.92 17.15 68.43
CA LEU H 418 10.18 15.74 68.65
C LEU H 418 11.34 15.53 69.61
N VAL H 419 12.41 16.29 69.43
CA VAL H 419 13.56 16.15 70.33
C VAL H 419 13.16 16.53 71.74
N SER H 420 12.31 17.55 71.88
CA SER H 420 11.83 17.94 73.20
C SER H 420 11.04 16.81 73.85
N GLU H 421 10.21 16.12 73.06
CA GLU H 421 9.45 15.00 73.60
C GLU H 421 10.39 13.88 74.05
N TYR H 422 11.41 13.58 73.24
CA TYR H 422 12.36 12.55 73.63
C TYR H 422 13.07 12.92 74.92
N GLN H 423 13.49 14.17 75.04
CA GLN H 423 14.14 14.63 76.25
C GLN H 423 13.21 14.53 77.45
N GLN H 424 11.95 14.93 77.28
CA GLN H 424 10.98 14.89 78.37
C GLN H 424 10.80 13.47 78.87
N TYR H 425 10.62 12.52 77.96
CA TYR H 425 10.40 11.15 78.40
C TYR H 425 11.69 10.49 78.90
N GLN H 426 12.86 10.97 78.47
CA GLN H 426 14.10 10.41 78.98
C GLN H 426 14.26 10.67 80.46
N ASP H 427 13.91 11.87 80.91
CA ASP H 427 14.04 12.24 82.31
C ASP H 427 12.69 12.24 83.04
N ALA H 428 11.74 11.44 82.57
CA ALA H 428 10.48 11.33 83.27
C ALA H 428 10.64 10.60 84.58
N THR H 429 9.72 10.86 85.51
CA THR H 429 9.75 10.23 86.83
C THR H 429 8.37 10.19 87.46
N MET I 1 9.75 -4.17 -84.71
CA MET I 1 8.42 -3.74 -85.14
C MET I 1 8.26 -2.24 -85.01
N ARG I 2 7.22 -1.70 -85.63
CA ARG I 2 6.94 -0.26 -85.61
C ARG I 2 8.12 0.53 -86.16
N GLU I 3 8.65 0.09 -87.29
CA GLU I 3 9.81 0.73 -87.89
C GLU I 3 9.47 2.14 -88.35
N ILE I 4 10.42 3.05 -88.21
CA ILE I 4 10.26 4.44 -88.59
C ILE I 4 11.22 4.77 -89.72
N VAL I 5 10.74 5.53 -90.70
CA VAL I 5 11.53 5.93 -91.86
C VAL I 5 11.95 7.37 -91.68
N HIS I 6 13.23 7.66 -91.93
CA HIS I 6 13.80 8.98 -91.75
C HIS I 6 14.05 9.64 -93.09
N ILE I 7 13.51 10.85 -93.26
CA ILE I 7 13.71 11.64 -94.47
C ILE I 7 14.45 12.91 -94.09
N GLN I 8 15.40 13.32 -94.92
CA GLN I 8 16.19 14.51 -94.67
C GLN I 8 16.20 15.38 -95.92
N ALA I 9 15.53 16.53 -95.84
CA ALA I 9 15.46 17.46 -96.96
C ALA I 9 16.19 18.74 -96.59
N GLY I 10 16.76 19.41 -97.58
CA GLY I 10 17.47 20.65 -97.37
C GLY I 10 18.78 20.46 -96.63
N GLN I 11 19.64 21.47 -96.75
CA GLN I 11 20.97 21.38 -96.16
C GLN I 11 20.89 21.25 -94.64
N CYS I 12 20.05 22.07 -94.02
CA CYS I 12 19.89 21.98 -92.58
C CYS I 12 19.37 20.61 -92.18
N GLY I 13 18.38 20.11 -92.91
CA GLY I 13 17.87 18.79 -92.61
C GLY I 13 18.95 17.74 -92.67
N ASN I 14 19.82 17.83 -93.68
CA ASN I 14 20.85 16.81 -93.84
C ASN I 14 21.89 16.89 -92.74
N GLN I 15 22.31 18.10 -92.36
CA GLN I 15 23.29 18.21 -91.28
C GLN I 15 22.70 17.73 -89.96
N ILE I 16 21.47 18.15 -89.67
CA ILE I 16 20.80 17.69 -88.46
C ILE I 16 20.72 16.18 -88.47
N GLY I 17 20.41 15.60 -89.63
CA GLY I 17 20.33 14.15 -89.72
C GLY I 17 21.66 13.48 -89.48
N ALA I 18 22.75 14.07 -89.98
CA ALA I 18 24.06 13.49 -89.73
C ALA I 18 24.33 13.43 -88.24
N LYS I 19 24.11 14.55 -87.55
CA LYS I 19 24.32 14.54 -86.10
C LYS I 19 23.35 13.59 -85.40
N PHE I 20 22.12 13.52 -85.90
CA PHE I 20 21.10 12.67 -85.31
C PHE I 20 21.49 11.20 -85.38
N TRP I 21 21.96 10.76 -86.55
CA TRP I 21 22.39 9.38 -86.69
C TRP I 21 23.64 9.12 -85.88
N GLU I 22 24.53 10.10 -85.75
CA GLU I 22 25.64 9.92 -84.82
C GLU I 22 25.13 9.63 -83.43
N VAL I 23 24.14 10.41 -82.97
CA VAL I 23 23.61 10.22 -81.62
C VAL I 23 22.99 8.85 -81.47
N ILE I 24 22.15 8.46 -82.44
CA ILE I 24 21.47 7.17 -82.34
C ILE I 24 22.47 6.03 -82.30
N SER I 25 23.46 6.08 -83.20
CA SER I 25 24.47 5.03 -83.21
C SER I 25 25.21 4.97 -81.90
N ASP I 26 25.50 6.14 -81.31
CA ASP I 26 26.10 6.13 -79.98
C ASP I 26 25.20 5.47 -78.97
N GLU I 27 23.88 5.66 -79.11
CA GLU I 27 22.94 5.05 -78.19
C GLU I 27 22.99 3.53 -78.29
N HIS I 28 22.89 2.99 -79.50
CA HIS I 28 22.79 1.56 -79.66
C HIS I 28 24.15 0.86 -79.74
N GLY I 29 25.24 1.59 -79.57
CA GLY I 29 26.54 0.98 -79.64
C GLY I 29 26.86 0.45 -81.03
N ILE I 30 26.83 1.33 -82.02
CA ILE I 30 27.04 0.96 -83.42
C ILE I 30 28.34 1.60 -83.89
N ASP I 31 29.25 0.78 -84.39
CA ASP I 31 30.51 1.30 -84.89
C ASP I 31 30.26 2.13 -86.15
N PRO I 32 31.20 3.01 -86.52
CA PRO I 32 31.03 3.77 -87.76
C PRO I 32 30.87 2.91 -88.98
N SER I 33 31.46 1.71 -88.98
CA SER I 33 31.32 0.81 -90.12
C SER I 33 29.90 0.30 -90.28
N GLY I 34 29.07 0.41 -89.26
CA GLY I 34 27.70 -0.09 -89.31
C GLY I 34 27.48 -1.42 -88.64
N ASN I 35 28.50 -2.00 -88.03
CA ASN I 35 28.36 -3.24 -87.29
C ASN I 35 28.23 -2.96 -85.80
N TYR I 36 27.49 -3.83 -85.12
CA TYR I 36 27.19 -3.64 -83.70
C TYR I 36 28.36 -4.13 -82.86
N VAL I 37 28.83 -3.27 -81.96
CA VAL I 37 29.91 -3.65 -81.03
C VAL I 37 29.45 -3.34 -79.62
N GLY I 38 28.14 -3.21 -79.42
CA GLY I 38 27.61 -2.82 -78.13
C GLY I 38 27.77 -3.91 -77.09
N ASP I 39 27.14 -3.67 -75.95
CA ASP I 39 27.27 -4.54 -74.79
C ASP I 39 25.95 -4.93 -74.15
N SER I 40 24.85 -4.26 -74.49
CA SER I 40 23.56 -4.51 -73.85
C SER I 40 22.55 -4.95 -74.89
N ASP I 41 21.93 -6.12 -74.66
CA ASP I 41 21.04 -6.71 -75.65
C ASP I 41 19.85 -5.81 -75.94
N LEU I 42 19.44 -4.99 -74.97
CA LEU I 42 18.30 -4.12 -75.18
C LEU I 42 18.53 -3.15 -76.32
N GLN I 43 19.79 -2.86 -76.63
CA GLN I 43 20.11 -2.07 -77.82
C GLN I 43 19.59 -2.74 -79.07
N LEU I 44 19.74 -4.06 -79.17
CA LEU I 44 19.34 -4.80 -80.35
C LEU I 44 17.91 -5.32 -80.27
N GLU I 45 17.30 -5.33 -79.09
CA GLU I 45 15.94 -5.83 -78.99
C GLU I 45 14.97 -4.99 -79.82
N ARG I 46 15.29 -3.72 -80.03
CA ARG I 46 14.49 -2.87 -80.90
C ARG I 46 15.35 -2.17 -81.95
N ILE I 47 16.52 -2.71 -82.26
CA ILE I 47 17.41 -2.08 -83.22
C ILE I 47 16.73 -1.92 -84.56
N SER I 48 15.71 -2.73 -84.84
CA SER I 48 15.05 -2.71 -86.14
C SER I 48 14.21 -1.47 -86.36
N VAL I 49 13.84 -0.74 -85.31
CA VAL I 49 12.90 0.35 -85.49
C VAL I 49 13.48 1.45 -86.36
N TYR I 50 14.77 1.71 -86.24
CA TYR I 50 15.46 2.68 -87.07
C TYR I 50 16.46 2.07 -88.03
N TYR I 51 17.01 0.91 -87.71
CA TYR I 51 18.00 0.27 -88.56
C TYR I 51 17.38 -0.91 -89.30
N ASN I 52 18.06 -1.32 -90.35
CA ASN I 52 17.79 -2.59 -91.02
C ASN I 52 19.02 -3.46 -90.88
N GLU I 53 18.83 -4.71 -90.46
CA GLU I 53 19.95 -5.65 -90.34
C GLU I 53 20.28 -6.17 -91.73
N ALA I 54 21.28 -5.56 -92.36
CA ALA I 54 21.78 -6.08 -93.62
C ALA I 54 22.63 -7.31 -93.36
N SER I 55 22.76 -8.12 -94.41
CA SER I 55 23.43 -9.41 -94.32
C SER I 55 24.88 -9.24 -93.88
N SER I 56 25.50 -10.37 -93.53
CA SER I 56 26.81 -10.41 -92.89
C SER I 56 26.79 -9.69 -91.55
N HIS I 57 25.62 -9.55 -90.96
CA HIS I 57 25.44 -8.95 -89.64
C HIS I 57 25.94 -7.50 -89.60
N LYS I 58 25.38 -6.66 -90.46
CA LYS I 58 25.62 -5.23 -90.42
C LYS I 58 24.30 -4.51 -90.23
N TYR I 59 24.38 -3.21 -89.96
CA TYR I 59 23.18 -2.41 -89.76
C TYR I 59 23.25 -1.17 -90.62
N VAL I 60 22.16 -0.86 -91.30
CA VAL I 60 22.09 0.35 -92.12
C VAL I 60 20.92 1.20 -91.65
N PRO I 61 21.12 2.50 -91.47
CA PRO I 61 20.01 3.35 -91.05
C PRO I 61 18.96 3.44 -92.12
N ARG I 62 17.70 3.53 -91.69
CA ARG I 62 16.58 3.68 -92.60
C ARG I 62 16.43 5.13 -93.03
N ALA I 63 17.49 5.67 -93.63
CA ALA I 63 17.56 7.07 -94.00
C ALA I 63 17.31 7.25 -95.49
N ILE I 64 16.75 8.40 -95.84
CA ILE I 64 16.51 8.77 -97.22
C ILE I 64 16.96 10.21 -97.37
N LEU I 65 18.19 10.41 -97.82
CA LEU I 65 18.79 11.73 -97.86
C LEU I 65 18.50 12.40 -99.19
N VAL I 66 17.89 13.57 -99.15
CA VAL I 66 17.43 14.25 -100.34
C VAL I 66 18.03 15.64 -100.40
N ASP I 67 18.39 16.08 -101.60
CA ASP I 67 18.91 17.42 -101.80
C ASP I 67 18.88 17.73 -103.29
N LEU I 68 19.16 18.98 -103.63
CA LEU I 68 19.28 19.39 -105.02
C LEU I 68 20.68 19.87 -105.39
N GLU I 69 21.63 19.86 -104.46
CA GLU I 69 22.99 20.21 -104.75
C GLU I 69 23.91 19.20 -104.07
N PRO I 70 24.84 18.60 -104.82
CA PRO I 70 25.67 17.51 -104.27
C PRO I 70 26.68 17.94 -103.22
N GLY I 71 26.77 19.23 -102.90
CA GLY I 71 27.79 19.70 -101.98
C GLY I 71 27.70 19.10 -100.59
N THR I 72 26.63 19.41 -99.87
CA THR I 72 26.49 18.90 -98.52
C THR I 72 26.37 17.39 -98.50
N MET I 73 25.76 16.81 -99.53
CA MET I 73 25.71 15.36 -99.63
C MET I 73 27.12 14.78 -99.61
N ASP I 74 28.00 15.32 -100.47
CA ASP I 74 29.36 14.80 -100.50
C ASP I 74 30.09 15.07 -99.20
N SER I 75 29.79 16.20 -98.56
CA SER I 75 30.40 16.47 -97.25
C SER I 75 30.02 15.39 -96.25
N VAL I 76 28.73 15.01 -96.23
CA VAL I 76 28.28 13.93 -95.36
C VAL I 76 28.96 12.63 -95.74
N ARG I 77 29.05 12.35 -97.04
CA ARG I 77 29.59 11.09 -97.51
C ARG I 77 31.05 10.93 -97.09
N SER I 78 31.84 11.99 -97.22
CA SER I 78 33.26 11.88 -96.89
C SER I 78 33.47 11.77 -95.39
N GLY I 79 32.72 12.52 -94.60
CA GLY I 79 32.94 12.54 -93.17
C GLY I 79 32.58 11.22 -92.52
N ALA I 80 33.19 10.99 -91.35
CA ALA I 80 32.89 9.79 -90.59
C ALA I 80 31.41 9.74 -90.25
N PHE I 81 30.94 8.54 -89.90
CA PHE I 81 29.53 8.26 -89.73
C PHE I 81 28.73 8.59 -90.98
N GLY I 82 29.39 8.57 -92.14
CA GLY I 82 28.73 8.67 -93.41
C GLY I 82 28.89 7.38 -94.18
N HIS I 83 29.95 6.64 -93.88
CA HIS I 83 30.23 5.37 -94.53
C HIS I 83 29.27 4.29 -94.16
N LEU I 84 28.20 4.49 -93.39
CA LEU I 84 27.26 3.43 -93.13
C LEU I 84 25.89 3.65 -93.74
N PHE I 85 25.60 4.85 -94.23
CA PHE I 85 24.38 5.04 -94.99
C PHE I 85 24.42 4.16 -96.24
N ARG I 86 23.28 3.65 -96.65
CA ARG I 86 23.27 2.81 -97.84
C ARG I 86 23.45 3.68 -99.07
N PRO I 87 24.51 3.50 -99.85
CA PRO I 87 24.87 4.50 -100.86
C PRO I 87 23.82 4.76 -101.90
N ASP I 88 22.91 3.82 -102.13
CA ASP I 88 21.86 4.04 -103.11
C ASP I 88 20.87 5.09 -102.65
N ASN I 89 20.90 5.47 -101.37
CA ASN I 89 19.90 6.40 -100.83
C ASN I 89 20.16 7.84 -101.26
N PHE I 90 21.40 8.22 -101.51
CA PHE I 90 21.76 9.62 -101.66
C PHE I 90 21.19 10.15 -102.97
N ILE I 91 19.96 10.62 -102.91
CA ILE I 91 19.31 11.22 -104.06
C ILE I 91 19.67 12.70 -104.08
N PHE I 92 20.19 13.17 -105.21
CA PHE I 92 20.51 14.59 -105.33
C PHE I 92 20.39 15.02 -106.79
N GLY I 93 20.08 16.31 -106.97
CA GLY I 93 20.00 16.90 -108.29
C GLY I 93 21.21 17.76 -108.61
N GLN I 94 21.11 18.46 -109.73
CA GLN I 94 22.20 19.31 -110.20
C GLN I 94 21.86 20.79 -110.23
N SER I 95 20.60 21.16 -110.48
CA SER I 95 20.26 22.56 -110.63
C SER I 95 20.35 23.31 -109.31
N GLY I 96 19.95 22.67 -108.22
CA GLY I 96 19.90 23.36 -106.94
C GLY I 96 18.68 24.24 -106.85
N ALA I 97 18.06 24.29 -105.67
CA ALA I 97 16.83 25.06 -105.54
C ALA I 97 17.06 26.56 -105.64
N GLY I 98 18.29 27.02 -105.47
CA GLY I 98 18.56 28.44 -105.54
C GLY I 98 17.79 29.24 -104.51
N ASN I 99 17.56 28.65 -103.34
CA ASN I 99 16.88 29.31 -102.24
C ASN I 99 15.51 29.82 -102.65
N ASN I 100 14.90 29.14 -103.61
CA ASN I 100 13.58 29.48 -104.11
C ASN I 100 12.62 28.35 -103.76
N TRP I 101 11.38 28.70 -103.41
CA TRP I 101 10.40 27.67 -103.12
C TRP I 101 9.73 27.17 -104.38
N ALA I 102 9.53 28.07 -105.35
CA ALA I 102 8.92 27.66 -106.61
C ALA I 102 9.75 26.57 -107.28
N LYS I 103 11.07 26.74 -107.30
CA LYS I 103 11.94 25.69 -107.80
C LYS I 103 11.83 24.42 -106.95
N GLY I 104 11.77 24.59 -105.64
CA GLY I 104 11.80 23.44 -104.76
C GLY I 104 10.50 22.66 -104.71
N HIS I 105 9.43 23.18 -105.28
CA HIS I 105 8.15 22.51 -105.23
C HIS I 105 7.48 22.30 -106.58
N TYR I 106 7.83 23.07 -107.60
CA TYR I 106 7.19 22.93 -108.90
C TYR I 106 8.15 22.45 -109.98
N THR I 107 9.28 23.13 -110.16
CA THR I 107 10.11 22.89 -111.34
C THR I 107 11.18 21.84 -111.10
N GLU I 108 12.09 22.11 -110.16
CA GLU I 108 13.19 21.17 -109.95
C GLU I 108 12.72 19.95 -109.16
N GLY I 109 11.89 20.15 -108.14
CA GLY I 109 11.47 19.03 -107.31
C GLY I 109 10.65 18.00 -108.06
N ALA I 110 9.92 18.43 -109.09
CA ALA I 110 9.09 17.51 -109.84
C ALA I 110 9.92 16.46 -110.58
N GLU I 111 11.23 16.65 -110.67
CA GLU I 111 12.08 15.71 -111.39
C GLU I 111 12.70 14.67 -110.48
N LEU I 112 12.89 14.98 -109.20
CA LEU I 112 13.47 14.02 -108.27
C LEU I 112 12.46 13.39 -107.32
N VAL I 113 11.29 14.02 -107.15
CA VAL I 113 10.30 13.51 -106.20
C VAL I 113 9.90 12.09 -106.55
N ASP I 114 9.92 11.75 -107.85
CA ASP I 114 9.56 10.40 -108.25
C ASP I 114 10.56 9.37 -107.74
N SER I 115 11.85 9.63 -107.94
CA SER I 115 12.86 8.71 -107.43
C SER I 115 12.79 8.63 -105.91
N VAL I 116 12.55 9.77 -105.25
CA VAL I 116 12.46 9.77 -103.80
C VAL I 116 11.31 8.90 -103.35
N LEU I 117 10.14 9.07 -103.96
CA LEU I 117 8.99 8.26 -103.61
C LEU I 117 9.25 6.78 -103.88
N ASP I 118 10.00 6.47 -104.93
CA ASP I 118 10.29 5.07 -105.22
C ASP I 118 11.15 4.46 -104.13
N VAL I 119 12.19 5.17 -103.69
CA VAL I 119 13.01 4.62 -102.60
C VAL I 119 12.20 4.56 -101.31
N VAL I 120 11.31 5.53 -101.10
CA VAL I 120 10.41 5.49 -99.96
C VAL I 120 9.58 4.22 -99.99
N ARG I 121 9.01 3.92 -101.15
CA ARG I 121 8.15 2.74 -101.29
C ARG I 121 8.94 1.46 -101.05
N LYS I 122 10.16 1.40 -101.57
CA LYS I 122 11.00 0.23 -101.32
C LYS I 122 11.22 0.04 -99.83
N GLU I 123 11.57 1.12 -99.13
CA GLU I 123 11.80 0.99 -97.69
C GLU I 123 10.53 0.61 -96.95
N CYS I 124 9.40 1.18 -97.35
CA CYS I 124 8.13 0.85 -96.70
C CYS I 124 7.82 -0.64 -96.85
N GLU I 125 7.95 -1.18 -98.06
CA GLU I 125 7.69 -2.59 -98.26
C GLU I 125 8.70 -3.45 -97.52
N ASN I 126 9.92 -2.94 -97.31
CA ASN I 126 10.92 -3.68 -96.57
C ASN I 126 10.52 -3.84 -95.10
N CYS I 127 9.87 -2.84 -94.52
CA CYS I 127 9.55 -2.88 -93.10
C CYS I 127 8.42 -3.86 -92.81
N ASP I 128 8.36 -4.31 -91.56
CA ASP I 128 7.32 -5.24 -91.14
C ASP I 128 6.00 -4.52 -90.90
N CYS I 129 5.98 -3.59 -89.94
CA CYS I 129 4.80 -2.78 -89.65
C CYS I 129 5.27 -1.34 -89.53
N LEU I 130 5.00 -0.55 -90.55
CA LEU I 130 5.42 0.85 -90.55
C LEU I 130 4.73 1.62 -89.45
N GLN I 131 5.51 2.41 -88.71
CA GLN I 131 4.97 3.21 -87.62
C GLN I 131 4.65 4.64 -88.08
N GLY I 132 5.61 5.29 -88.71
CA GLY I 132 5.38 6.64 -89.20
C GLY I 132 6.64 7.22 -89.80
N PHE I 133 6.50 8.46 -90.26
CA PHE I 133 7.55 9.18 -90.95
C PHE I 133 7.99 10.38 -90.13
N GLN I 134 9.29 10.64 -90.11
CA GLN I 134 9.82 11.85 -89.51
C GLN I 134 10.65 12.57 -90.56
N LEU I 135 10.27 13.81 -90.85
CA LEU I 135 10.94 14.62 -91.86
C LEU I 135 11.72 15.72 -91.17
N THR I 136 12.99 15.84 -91.51
CA THR I 136 13.88 16.84 -90.92
C THR I 136 14.24 17.83 -92.00
N HIS I 137 13.75 19.06 -91.88
CA HIS I 137 13.95 20.05 -92.92
C HIS I 137 13.91 21.44 -92.31
N SER I 138 14.13 22.45 -93.15
CA SER I 138 14.09 23.84 -92.77
C SER I 138 12.74 24.42 -93.15
N LEU I 139 12.62 25.73 -93.00
CA LEU I 139 11.51 26.47 -93.57
C LEU I 139 11.95 27.65 -94.43
N GLY I 140 13.22 28.02 -94.38
CA GLY I 140 13.72 29.11 -95.20
C GLY I 140 14.30 28.62 -96.51
N GLY I 141 15.22 27.66 -96.43
CA GLY I 141 15.88 27.18 -97.63
C GLY I 141 14.90 26.61 -98.63
N GLY I 142 15.19 26.84 -99.92
CA GLY I 142 14.24 26.46 -100.95
C GLY I 142 14.05 24.96 -101.04
N THR I 143 15.15 24.21 -101.04
CA THR I 143 15.07 22.76 -101.12
C THR I 143 14.22 22.21 -99.99
N GLY I 144 14.64 22.44 -98.75
CA GLY I 144 13.92 21.99 -97.59
C GLY I 144 12.44 22.27 -97.70
N SER I 145 12.07 23.55 -97.75
CA SER I 145 10.67 23.93 -97.76
C SER I 145 9.91 23.26 -98.90
N GLY I 146 10.27 23.58 -100.14
CA GLY I 146 9.52 23.10 -101.27
C GLY I 146 9.47 21.59 -101.40
N MET I 147 10.64 20.96 -101.46
CA MET I 147 10.67 19.53 -101.67
C MET I 147 10.08 18.78 -100.48
N GLY I 148 10.27 19.25 -99.26
CA GLY I 148 9.66 18.58 -98.12
C GLY I 148 8.15 18.66 -98.17
N THR I 149 7.60 19.83 -98.52
CA THR I 149 6.16 19.92 -98.64
C THR I 149 5.64 19.01 -99.73
N LEU I 150 6.34 18.95 -100.86
CA LEU I 150 5.92 18.06 -101.94
C LEU I 150 5.94 16.60 -101.50
N LEU I 151 7.03 16.20 -100.84
CA LEU I 151 7.12 14.82 -100.36
C LEU I 151 6.03 14.51 -99.36
N ILE I 152 5.73 15.45 -98.49
CA ILE I 152 4.68 15.23 -97.49
C ILE I 152 3.34 15.04 -98.17
N SER I 153 3.04 15.89 -99.15
CA SER I 153 1.77 15.75 -99.85
C SER I 153 1.68 14.40 -100.55
N LYS I 154 2.74 14.00 -101.24
CA LYS I 154 2.72 12.73 -101.97
C LYS I 154 2.59 11.55 -101.01
N VAL I 155 3.36 11.56 -99.93
CA VAL I 155 3.32 10.46 -98.97
C VAL I 155 1.94 10.36 -98.35
N ARG I 156 1.38 11.50 -97.93
CA ARG I 156 0.03 11.49 -97.37
C ARG I 156 -0.97 10.97 -98.39
N GLU I 157 -0.73 11.20 -99.68
CA GLU I 157 -1.55 10.55 -100.69
C GLU I 157 -1.40 9.04 -100.64
N GLU I 158 -0.15 8.55 -100.51
CA GLU I 158 0.06 7.12 -100.57
C GLU I 158 -0.02 6.41 -99.22
N TYR I 159 -0.10 7.14 -98.11
CA TYR I 159 -0.18 6.53 -96.78
C TYR I 159 -1.01 7.41 -95.87
N PRO I 160 -2.32 7.49 -96.11
CA PRO I 160 -3.16 8.38 -95.30
C PRO I 160 -3.36 7.91 -93.87
N ASP I 161 -2.79 6.78 -93.49
CA ASP I 161 -2.98 6.21 -92.17
C ASP I 161 -1.77 6.35 -91.27
N ARG I 162 -0.57 6.39 -91.83
CA ARG I 162 0.63 6.50 -91.01
C ARG I 162 0.66 7.87 -90.32
N ILE I 163 1.63 8.03 -89.44
CA ILE I 163 1.77 9.24 -88.65
C ILE I 163 2.95 10.03 -89.18
N MET I 164 2.88 11.35 -89.06
CA MET I 164 3.82 12.24 -89.73
C MET I 164 4.46 13.17 -88.71
N ASN I 165 5.79 13.17 -88.67
CA ASN I 165 6.56 14.07 -87.81
C ASN I 165 7.46 14.95 -88.64
N THR I 166 7.55 16.22 -88.27
CA THR I 166 8.41 17.16 -88.96
C THR I 166 9.20 17.95 -87.93
N PHE I 167 10.49 18.14 -88.18
CA PHE I 167 11.32 19.01 -87.35
C PHE I 167 11.72 20.19 -88.22
N SER I 168 10.85 21.20 -88.27
CA SER I 168 11.06 22.35 -89.15
C SER I 168 11.73 23.46 -88.36
N VAL I 169 12.89 23.91 -88.86
CA VAL I 169 13.63 24.99 -88.24
C VAL I 169 12.98 26.31 -88.67
N VAL I 170 12.17 26.88 -87.79
CA VAL I 170 11.42 28.11 -88.08
C VAL I 170 12.40 29.28 -88.16
N PRO I 171 12.17 30.26 -89.02
CA PRO I 171 13.03 31.44 -89.02
C PRO I 171 13.00 32.18 -87.70
N SER I 172 14.17 32.69 -87.30
CA SER I 172 14.28 33.43 -86.06
C SER I 172 13.60 34.80 -86.18
N PRO I 173 13.11 35.36 -85.07
CA PRO I 173 12.43 36.65 -85.13
C PRO I 173 13.36 37.83 -85.38
N LYS I 174 14.50 37.87 -84.67
CA LYS I 174 15.37 39.04 -84.76
C LYS I 174 16.18 39.03 -86.05
N VAL I 175 17.05 38.03 -86.19
CA VAL I 175 17.87 37.93 -87.40
C VAL I 175 17.05 37.31 -88.52
N SER I 176 17.56 37.43 -89.74
CA SER I 176 16.95 36.78 -90.90
C SER I 176 18.11 36.27 -91.76
N ASP I 177 18.33 34.96 -91.73
CA ASP I 177 19.46 34.40 -92.48
C ASP I 177 19.25 34.50 -93.98
N THR I 178 18.00 34.56 -94.43
CA THR I 178 17.70 34.77 -95.84
C THR I 178 16.88 36.04 -96.00
N VAL I 179 16.51 36.35 -97.23
CA VAL I 179 15.79 37.56 -97.56
C VAL I 179 14.35 37.28 -97.93
N VAL I 180 14.08 36.15 -98.59
CA VAL I 180 12.74 35.81 -99.02
C VAL I 180 12.09 34.79 -98.10
N GLU I 181 12.64 34.61 -96.89
CA GLU I 181 12.13 33.57 -96.02
C GLU I 181 10.67 33.73 -95.62
N PRO I 182 10.05 34.92 -95.58
CA PRO I 182 8.60 34.95 -95.34
C PRO I 182 7.81 34.17 -96.36
N TYR I 183 8.17 34.25 -97.64
CA TYR I 183 7.43 33.54 -98.67
C TYR I 183 7.54 32.03 -98.48
N ASN I 184 8.77 31.53 -98.31
CA ASN I 184 8.96 30.11 -98.09
C ASN I 184 8.22 29.65 -96.86
N ALA I 185 8.30 30.42 -95.78
CA ALA I 185 7.62 30.04 -94.55
C ALA I 185 6.12 29.94 -94.77
N THR I 186 5.53 30.95 -95.43
CA THR I 186 4.08 30.93 -95.60
C THR I 186 3.64 29.74 -96.45
N LEU I 187 4.31 29.51 -97.56
CA LEU I 187 3.91 28.40 -98.42
C LEU I 187 4.10 27.06 -97.73
N SER I 188 5.23 26.88 -97.05
CA SER I 188 5.48 25.64 -96.35
C SER I 188 4.46 25.40 -95.25
N ILE I 189 4.10 26.46 -94.52
CA ILE I 189 3.13 26.32 -93.45
C ILE I 189 1.76 25.98 -94.02
N HIS I 190 1.43 26.57 -95.17
CA HIS I 190 0.19 26.20 -95.85
C HIS I 190 0.14 24.70 -96.09
N GLN I 191 1.20 24.17 -96.71
CA GLN I 191 1.23 22.72 -96.97
C GLN I 191 1.20 21.91 -95.69
N LEU I 192 1.91 22.35 -94.66
CA LEU I 192 2.00 21.56 -93.43
C LEU I 192 0.65 21.48 -92.73
N VAL I 193 0.03 22.64 -92.50
CA VAL I 193 -1.29 22.63 -91.88
C VAL I 193 -2.29 21.91 -92.75
N GLU I 194 -2.01 21.76 -94.04
CA GLU I 194 -2.81 20.86 -94.84
C GLU I 194 -2.61 19.42 -94.42
N ASN I 195 -1.37 18.92 -94.46
CA ASN I 195 -1.17 17.48 -94.46
C ASN I 195 -0.06 17.03 -93.50
N THR I 196 -0.07 17.51 -92.25
CA THR I 196 0.86 16.99 -91.26
C THR I 196 0.17 16.74 -89.94
N ASP I 197 0.65 15.72 -89.21
CA ASP I 197 0.09 15.39 -87.92
C ASP I 197 0.73 16.19 -86.78
N GLU I 198 2.00 16.53 -86.90
CA GLU I 198 2.65 17.28 -85.84
C GLU I 198 3.91 17.94 -86.39
N THR I 199 4.22 19.11 -85.86
CA THR I 199 5.30 19.93 -86.39
C THR I 199 6.06 20.53 -85.23
N TYR I 200 7.34 20.21 -85.14
CA TYR I 200 8.17 20.59 -84.00
C TYR I 200 8.91 21.88 -84.35
N CYS I 201 8.29 23.01 -84.05
CA CYS I 201 8.89 24.29 -84.39
C CYS I 201 10.17 24.51 -83.60
N ILE I 202 11.20 25.01 -84.28
CA ILE I 202 12.49 25.32 -83.66
C ILE I 202 13.01 26.61 -84.26
N ASP I 203 13.67 27.43 -83.44
CA ASP I 203 14.33 28.63 -83.89
C ASP I 203 15.81 28.53 -83.56
N ASN I 204 16.66 29.06 -84.44
CA ASN I 204 18.08 29.11 -84.12
C ASN I 204 18.37 30.14 -83.04
N GLU I 205 17.51 31.14 -82.90
CA GLU I 205 17.73 32.16 -81.89
C GLU I 205 17.70 31.55 -80.49
N ALA I 206 16.70 30.72 -80.23
CA ALA I 206 16.60 30.11 -78.91
C ALA I 206 17.77 29.19 -78.63
N LEU I 207 18.23 28.47 -79.65
CA LEU I 207 19.38 27.60 -79.45
C LEU I 207 20.64 28.41 -79.18
N TYR I 208 20.82 29.52 -79.88
CA TYR I 208 21.91 30.43 -79.58
C TYR I 208 21.83 30.88 -78.13
N ASP I 209 20.65 31.29 -77.69
CA ASP I 209 20.51 31.81 -76.34
C ASP I 209 20.84 30.72 -75.31
N ILE I 210 20.41 29.49 -75.57
CA ILE I 210 20.66 28.41 -74.63
C ILE I 210 22.15 28.08 -74.58
N CYS I 211 22.78 27.98 -75.75
CA CYS I 211 24.21 27.67 -75.78
C CYS I 211 25.03 28.78 -75.13
N PHE I 212 24.53 30.01 -75.21
CA PHE I 212 25.24 31.14 -74.63
C PHE I 212 25.06 31.19 -73.12
N ARG I 213 23.82 31.38 -72.65
CA ARG I 213 23.58 31.58 -71.24
C ARG I 213 23.69 30.27 -70.46
N THR I 214 22.82 29.30 -70.76
CA THR I 214 22.69 28.13 -69.91
C THR I 214 23.92 27.25 -69.96
N LEU I 215 24.41 26.97 -71.17
CA LEU I 215 25.58 26.11 -71.28
C LEU I 215 26.89 26.86 -71.08
N LYS I 216 26.86 28.19 -71.04
CA LYS I 216 28.07 29.00 -70.89
C LYS I 216 29.09 28.68 -71.97
N LEU I 217 28.66 28.78 -73.22
CA LEU I 217 29.53 28.61 -74.38
C LEU I 217 29.50 29.88 -75.21
N ALA I 218 30.67 30.47 -75.43
CA ALA I 218 30.79 31.65 -76.27
C ALA I 218 31.06 31.32 -77.72
N THR I 219 31.31 30.04 -78.05
CA THR I 219 31.67 29.62 -79.40
C THR I 219 30.74 28.50 -79.85
N PRO I 220 29.46 28.81 -80.05
CA PRO I 220 28.52 27.76 -80.47
C PRO I 220 28.61 27.53 -81.98
N THR I 221 29.23 26.42 -82.36
CA THR I 221 29.26 26.02 -83.75
C THR I 221 28.00 25.23 -84.06
N TYR I 222 27.65 25.16 -85.35
CA TYR I 222 26.42 24.49 -85.74
C TYR I 222 26.39 23.04 -85.28
N GLY I 223 27.57 22.44 -85.08
CA GLY I 223 27.61 21.10 -84.52
C GLY I 223 26.86 21.00 -83.21
N ASP I 224 27.01 22.01 -82.36
CA ASP I 224 26.39 21.96 -81.04
C ASP I 224 24.87 22.12 -81.13
N LEU I 225 24.40 23.06 -81.95
CA LEU I 225 22.96 23.23 -82.10
C LEU I 225 22.32 21.96 -82.67
N ASN I 226 22.94 21.40 -83.69
CA ASN I 226 22.44 20.15 -84.24
C ASN I 226 22.49 19.04 -83.19
N HIS I 227 23.52 19.06 -82.33
CA HIS I 227 23.59 18.08 -81.26
C HIS I 227 22.40 18.19 -80.32
N LEU I 228 22.02 19.43 -79.99
CA LEU I 228 20.87 19.63 -79.12
C LEU I 228 19.58 19.13 -79.77
N VAL I 229 19.37 19.47 -81.04
CA VAL I 229 18.14 19.02 -81.70
C VAL I 229 18.13 17.49 -81.80
N SER I 230 19.30 16.90 -82.04
CA SER I 230 19.39 15.44 -82.09
C SER I 230 19.04 14.82 -80.76
N ALA I 231 19.54 15.40 -79.66
CA ALA I 231 19.18 14.88 -78.34
C ALA I 231 17.68 14.96 -78.12
N THR I 232 17.05 16.05 -78.56
CA THR I 232 15.61 16.15 -78.43
C THR I 232 14.89 15.04 -79.20
N MET I 233 15.30 14.80 -80.44
CA MET I 233 14.64 13.77 -81.24
C MET I 233 14.84 12.38 -80.64
N SER I 234 16.06 12.09 -80.18
CA SER I 234 16.32 10.82 -79.52
C SER I 234 15.44 10.65 -78.30
N GLY I 235 15.30 11.71 -77.50
CA GLY I 235 14.39 11.64 -76.37
C GLY I 235 12.96 11.38 -76.78
N VAL I 236 12.54 11.94 -77.92
CA VAL I 236 11.17 11.69 -78.37
C VAL I 236 10.97 10.23 -78.72
N THR I 237 11.95 9.61 -79.38
CA THR I 237 11.75 8.24 -79.84
C THR I 237 12.11 7.17 -78.83
N THR I 238 12.88 7.52 -77.79
CA THR I 238 13.30 6.47 -76.86
C THR I 238 12.13 5.82 -76.16
N SER I 239 10.97 6.47 -76.15
CA SER I 239 9.80 5.90 -75.49
C SER I 239 9.36 4.60 -76.13
N LEU I 240 9.69 4.38 -77.40
CA LEU I 240 9.38 3.13 -78.08
C LEU I 240 10.63 2.35 -78.47
N ARG I 241 11.77 3.01 -78.63
CA ARG I 241 12.98 2.25 -78.90
C ARG I 241 13.52 1.56 -77.66
N PHE I 242 12.89 1.70 -76.50
CA PHE I 242 13.45 1.17 -75.28
C PHE I 242 12.31 0.82 -74.33
N PRO I 243 12.54 -0.12 -73.41
CA PRO I 243 11.51 -0.45 -72.42
C PRO I 243 11.30 0.70 -71.46
N GLY I 244 10.15 0.72 -70.82
CA GLY I 244 9.86 1.79 -69.88
C GLY I 244 8.70 1.49 -68.96
N GLN I 245 8.76 2.02 -67.74
CA GLN I 245 7.69 1.76 -66.78
C GLN I 245 6.37 2.32 -67.25
N LEU I 246 6.40 3.38 -68.06
CA LEU I 246 5.19 3.89 -68.71
C LEU I 246 5.63 4.34 -70.10
N ASN I 247 5.49 3.43 -71.07
CA ASN I 247 6.04 3.66 -72.40
C ASN I 247 5.11 4.53 -73.23
N ALA I 248 5.68 5.13 -74.28
CA ALA I 248 4.92 5.95 -75.19
C ALA I 248 5.35 5.66 -76.63
N ASP I 249 4.46 5.96 -77.57
CA ASP I 249 4.75 5.86 -78.98
C ASP I 249 4.37 7.17 -79.66
N LEU I 250 4.75 7.30 -80.93
CA LEU I 250 4.44 8.54 -81.64
C LEU I 250 2.94 8.78 -81.73
N ARG I 251 2.17 7.72 -81.94
CA ARG I 251 0.72 7.87 -82.01
C ARG I 251 0.16 8.35 -80.69
N LYS I 252 0.73 7.90 -79.57
CA LYS I 252 0.28 8.39 -78.27
C LYS I 252 0.47 9.90 -78.16
N LEU I 253 1.65 10.39 -78.54
CA LEU I 253 1.90 11.82 -78.50
C LEU I 253 0.95 12.56 -79.43
N ALA I 254 0.71 12.01 -80.62
CA ALA I 254 -0.19 12.68 -81.55
C ALA I 254 -1.59 12.79 -80.97
N VAL I 255 -2.08 11.73 -80.36
CA VAL I 255 -3.43 11.77 -79.80
C VAL I 255 -3.50 12.74 -78.64
N ASN I 256 -2.49 12.72 -77.77
CA ASN I 256 -2.55 13.54 -76.57
C ASN I 256 -2.35 15.01 -76.86
N MET I 257 -1.49 15.36 -77.81
CA MET I 257 -1.07 16.74 -78.00
C MET I 257 -1.87 17.50 -79.05
N VAL I 258 -2.77 16.84 -79.77
CA VAL I 258 -3.39 17.50 -80.91
C VAL I 258 -4.90 17.51 -80.73
N PRO I 259 -5.45 18.44 -79.95
CA PRO I 259 -6.90 18.44 -79.72
C PRO I 259 -7.72 18.69 -80.97
N PHE I 260 -7.18 19.39 -81.95
CA PHE I 260 -7.92 19.74 -83.15
C PHE I 260 -7.02 19.49 -84.35
N PRO I 261 -7.61 19.20 -85.52
CA PRO I 261 -6.77 18.77 -86.65
C PRO I 261 -5.67 19.76 -87.01
N ARG I 262 -5.94 21.05 -86.94
CA ARG I 262 -4.97 22.03 -87.43
C ARG I 262 -3.93 22.39 -86.38
N LEU I 263 -4.33 22.53 -85.13
CA LEU I 263 -3.44 23.09 -84.09
C LEU I 263 -2.49 22.02 -83.58
N HIS I 264 -1.45 21.75 -84.37
CA HIS I 264 -0.51 20.70 -84.05
C HIS I 264 0.93 21.18 -84.20
N PHE I 265 1.25 22.32 -83.61
CA PHE I 265 2.59 22.87 -83.63
C PHE I 265 3.14 22.89 -82.22
N PHE I 266 4.27 22.23 -82.01
CA PHE I 266 4.81 22.01 -80.69
C PHE I 266 6.14 22.73 -80.54
N MET I 267 6.37 23.28 -79.38
CA MET I 267 7.71 23.75 -79.06
C MET I 267 8.38 22.74 -78.14
N PRO I 268 9.59 22.31 -78.46
CA PRO I 268 10.28 21.33 -77.63
C PRO I 268 11.10 22.01 -76.54
N GLY I 269 11.67 21.17 -75.68
CA GLY I 269 12.59 21.63 -74.67
C GLY I 269 13.31 20.43 -74.10
N PHE I 270 14.50 20.67 -73.57
CA PHE I 270 15.33 19.59 -73.06
C PHE I 270 15.83 19.97 -71.68
N ALA I 271 16.11 18.96 -70.86
CA ALA I 271 16.73 19.17 -69.56
C ALA I 271 17.38 17.88 -69.13
N PRO I 272 18.45 17.93 -68.32
CA PRO I 272 19.13 19.10 -67.77
C PRO I 272 20.12 19.71 -68.75
N LEU I 273 20.42 20.99 -68.56
CA LEU I 273 21.43 21.69 -69.36
C LEU I 273 22.39 22.36 -68.39
N THR I 274 23.55 21.75 -68.20
CA THR I 274 24.53 22.23 -67.24
C THR I 274 25.84 22.49 -67.94
N ALA I 275 26.49 23.60 -67.58
CA ALA I 275 27.80 23.90 -68.12
C ALA I 275 28.80 22.85 -67.65
N ARG I 276 30.04 22.95 -68.14
CA ARG I 276 31.05 21.99 -67.78
C ARG I 276 31.43 22.08 -66.30
N GLY I 277 31.45 23.30 -65.75
CA GLY I 277 31.85 23.47 -64.37
C GLY I 277 30.68 23.46 -63.41
N SER I 278 29.56 24.03 -63.81
CA SER I 278 28.41 24.22 -62.94
C SER I 278 27.58 22.97 -62.78
N GLN I 279 28.13 21.80 -63.07
CA GLN I 279 27.36 20.56 -62.97
C GLN I 279 27.40 19.96 -61.58
N GLN I 280 28.59 19.77 -61.02
CA GLN I 280 28.69 19.13 -59.71
C GLN I 280 28.10 19.99 -58.61
N TYR I 281 27.85 21.27 -58.87
CA TYR I 281 27.23 22.15 -57.89
C TYR I 281 25.73 22.21 -58.02
N ARG I 282 25.10 21.16 -58.55
CA ARG I 282 23.64 21.12 -58.61
C ARG I 282 23.17 19.69 -58.48
N ALA I 283 22.03 19.51 -57.83
CA ALA I 283 21.46 18.19 -57.61
C ALA I 283 20.57 17.79 -58.78
N LEU I 284 20.71 16.55 -59.24
CA LEU I 284 19.95 16.03 -60.36
C LEU I 284 18.75 15.24 -59.84
N THR I 285 17.71 15.97 -59.47
CA THR I 285 16.47 15.38 -59.00
C THR I 285 15.32 15.77 -59.91
N VAL I 286 14.30 14.92 -59.94
CA VAL I 286 13.11 15.15 -60.75
C VAL I 286 12.51 16.53 -60.54
N PRO I 287 12.41 17.04 -59.31
CA PRO I 287 11.94 18.43 -59.17
C PRO I 287 12.80 19.43 -59.92
N GLU I 288 14.12 19.22 -59.91
CA GLU I 288 15.01 20.13 -60.60
C GLU I 288 14.74 20.14 -62.10
N LEU I 289 14.66 18.95 -62.70
CA LEU I 289 14.34 18.87 -64.13
C LEU I 289 13.00 19.54 -64.42
N THR I 290 11.99 19.21 -63.62
CA THR I 290 10.65 19.72 -63.90
C THR I 290 10.61 21.22 -63.85
N GLN I 291 11.23 21.81 -62.82
CA GLN I 291 11.26 23.26 -62.72
C GLN I 291 12.11 23.87 -63.82
N GLN I 292 13.13 23.17 -64.29
CA GLN I 292 13.91 23.71 -65.39
C GLN I 292 13.10 23.78 -66.68
N MET I 293 12.26 22.77 -66.93
CA MET I 293 11.61 22.69 -68.22
C MET I 293 10.54 23.75 -68.44
N PHE I 294 10.08 24.44 -67.40
CA PHE I 294 9.01 25.43 -67.54
C PHE I 294 9.57 26.83 -67.31
N ASP I 295 10.10 27.42 -68.37
CA ASP I 295 10.51 28.82 -68.37
C ASP I 295 10.89 29.21 -69.79
N ALA I 296 10.70 30.49 -70.10
CA ALA I 296 11.02 30.96 -71.44
C ALA I 296 12.50 30.75 -71.77
N LYS I 297 13.37 30.83 -70.76
CA LYS I 297 14.79 30.71 -71.01
C LYS I 297 15.24 29.28 -71.29
N ASN I 298 14.31 28.33 -71.45
CA ASN I 298 14.68 26.98 -71.86
C ASN I 298 13.68 26.41 -72.87
N MET I 299 13.01 27.25 -73.63
CA MET I 299 12.15 26.80 -74.72
C MET I 299 12.88 26.98 -76.03
N MET I 300 12.98 25.91 -76.81
CA MET I 300 13.68 26.01 -78.08
C MET I 300 12.91 26.76 -79.13
N ALA I 301 11.79 27.41 -78.78
CA ALA I 301 11.09 28.28 -79.71
C ALA I 301 11.05 29.68 -79.13
N ALA I 302 11.44 30.67 -79.93
CA ALA I 302 11.61 32.03 -79.42
C ALA I 302 10.26 32.69 -79.20
N CYS I 303 9.58 32.34 -78.12
CA CYS I 303 8.33 32.99 -77.75
C CYS I 303 8.03 32.66 -76.30
N ASP I 304 7.80 33.67 -75.49
CA ASP I 304 7.53 33.47 -74.07
C ASP I 304 6.21 32.73 -73.91
N PRO I 305 6.19 31.58 -73.23
CA PRO I 305 4.91 30.92 -72.97
C PRO I 305 3.95 31.77 -72.18
N ARG I 306 4.46 32.67 -71.33
CA ARG I 306 3.59 33.48 -70.49
C ARG I 306 2.65 34.37 -71.29
N HIS I 307 3.01 34.70 -72.54
CA HIS I 307 2.12 35.51 -73.35
C HIS I 307 0.85 34.77 -73.74
N GLY I 308 0.85 33.44 -73.62
CA GLY I 308 -0.34 32.65 -73.91
C GLY I 308 -0.56 31.57 -72.89
N ARG I 309 -1.23 30.49 -73.30
CA ARG I 309 -1.49 29.36 -72.42
C ARG I 309 -1.03 28.08 -73.09
N TYR I 310 -0.61 27.12 -72.27
CA TYR I 310 -0.29 25.78 -72.75
C TYR I 310 -1.59 25.06 -73.03
N LEU I 311 -1.88 24.80 -74.30
CA LEU I 311 -3.04 23.99 -74.62
C LEU I 311 -2.87 22.58 -74.06
N THR I 312 -1.74 21.94 -74.38
CA THR I 312 -1.38 20.66 -73.78
C THR I 312 0.14 20.60 -73.62
N VAL I 313 0.58 19.63 -72.83
CA VAL I 313 2.00 19.46 -72.54
C VAL I 313 2.29 17.98 -72.43
N ALA I 314 3.37 17.53 -73.06
CA ALA I 314 3.84 16.16 -72.90
C ALA I 314 5.24 16.18 -72.34
N THR I 315 5.59 15.16 -71.58
CA THR I 315 6.85 15.13 -70.87
C THR I 315 7.38 13.71 -70.84
N VAL I 316 8.54 13.50 -71.45
CA VAL I 316 9.12 12.17 -71.59
C VAL I 316 10.42 12.15 -70.79
N PHE I 317 10.45 11.35 -69.73
CA PHE I 317 11.63 11.23 -68.90
C PHE I 317 12.46 10.04 -69.33
N ARG I 318 13.66 9.95 -68.78
CA ARG I 318 14.56 8.85 -69.04
C ARG I 318 15.28 8.50 -67.75
N GLY I 319 15.99 7.37 -67.77
CA GLY I 319 16.72 6.94 -66.59
C GLY I 319 15.82 6.50 -65.47
N ARG I 320 16.40 5.82 -64.47
CA ARG I 320 15.60 5.28 -63.38
C ARG I 320 15.15 6.39 -62.43
N MET I 321 13.85 6.43 -62.15
CA MET I 321 13.28 7.44 -61.28
C MET I 321 12.04 6.85 -60.61
N SER I 322 11.42 7.64 -59.75
CA SER I 322 10.24 7.21 -59.02
C SER I 322 9.01 7.92 -59.59
N MET I 323 7.99 7.13 -59.93
CA MET I 323 6.81 7.69 -60.56
C MET I 323 6.09 8.67 -59.66
N LYS I 324 6.01 8.35 -58.36
CA LYS I 324 5.32 9.23 -57.43
C LYS I 324 5.96 10.62 -57.42
N GLU I 325 7.29 10.67 -57.49
CA GLU I 325 7.98 11.95 -57.52
C GLU I 325 7.56 12.78 -58.73
N VAL I 326 7.52 12.14 -59.89
CA VAL I 326 7.11 12.83 -61.11
C VAL I 326 5.69 13.33 -60.98
N ASP I 327 4.80 12.49 -60.45
CA ASP I 327 3.41 12.88 -60.30
C ASP I 327 3.28 14.09 -59.37
N GLU I 328 4.01 14.06 -58.26
CA GLU I 328 3.98 15.18 -57.33
C GLU I 328 4.47 16.46 -58.00
N GLN I 329 5.57 16.36 -58.75
CA GLN I 329 6.11 17.55 -59.40
C GLN I 329 5.12 18.11 -60.42
N MET I 330 4.51 17.24 -61.22
CA MET I 330 3.55 17.72 -62.21
C MET I 330 2.35 18.35 -61.52
N LEU I 331 1.91 17.77 -60.40
CA LEU I 331 0.80 18.36 -59.66
C LEU I 331 1.16 19.77 -59.19
N ALA I 332 2.34 19.92 -58.59
CA ALA I 332 2.75 21.23 -58.10
C ALA I 332 2.84 22.24 -59.22
N ILE I 333 3.44 21.84 -60.34
CA ILE I 333 3.69 22.78 -61.43
C ILE I 333 2.38 23.13 -62.15
N GLN I 334 1.41 22.22 -62.11
CA GLN I 334 0.10 22.54 -62.65
C GLN I 334 -0.70 23.40 -61.69
N SER I 335 -0.40 23.30 -60.40
CA SER I 335 -1.10 24.10 -59.41
C SER I 335 -0.64 25.55 -59.44
N LYS I 336 0.67 25.79 -59.31
CA LYS I 336 1.14 27.15 -59.12
C LYS I 336 1.02 28.01 -60.38
N ASN I 337 0.99 27.40 -61.56
CA ASN I 337 0.89 28.14 -62.81
C ASN I 337 -0.50 28.03 -63.40
N SER I 338 -1.53 28.09 -62.53
CA SER I 338 -2.90 27.83 -62.96
C SER I 338 -3.32 28.74 -64.10
N SER I 339 -2.87 29.99 -64.08
CA SER I 339 -3.21 30.91 -65.16
C SER I 339 -2.47 30.60 -66.46
N TYR I 340 -1.47 29.72 -66.40
CA TYR I 340 -0.69 29.39 -67.57
C TYR I 340 -1.24 28.21 -68.36
N PHE I 341 -2.34 27.61 -67.90
CA PHE I 341 -2.94 26.49 -68.59
C PHE I 341 -4.38 26.82 -68.98
N VAL I 342 -4.87 26.15 -70.01
CA VAL I 342 -6.22 26.39 -70.47
C VAL I 342 -7.21 25.79 -69.49
N GLU I 343 -8.30 26.52 -69.25
CA GLU I 343 -9.28 26.10 -68.25
C GLU I 343 -9.94 24.78 -68.62
N TRP I 344 -10.39 24.65 -69.86
CA TRP I 344 -11.24 23.54 -70.25
C TRP I 344 -10.49 22.28 -70.63
N ILE I 345 -9.21 22.15 -70.26
CA ILE I 345 -8.53 20.87 -70.40
C ILE I 345 -7.98 20.47 -69.04
N PRO I 346 -8.75 19.78 -68.21
CA PRO I 346 -8.23 19.36 -66.92
C PRO I 346 -7.19 18.26 -67.07
N ASN I 347 -6.19 18.30 -66.20
CA ASN I 347 -5.12 17.32 -66.16
C ASN I 347 -4.44 17.22 -67.52
N ASN I 348 -3.83 18.33 -67.93
CA ASN I 348 -3.30 18.46 -69.28
C ASN I 348 -1.81 18.16 -69.37
N VAL I 349 -1.30 17.19 -68.62
CA VAL I 349 0.10 16.82 -68.68
C VAL I 349 0.20 15.35 -69.00
N LYS I 350 0.60 15.02 -70.22
CA LYS I 350 0.89 13.66 -70.61
C LYS I 350 2.30 13.30 -70.15
N VAL I 351 2.45 12.13 -69.56
CA VAL I 351 3.71 11.72 -68.94
C VAL I 351 4.13 10.39 -69.52
N ALA I 352 5.43 10.26 -69.79
CA ALA I 352 6.01 8.99 -70.19
C ALA I 352 7.36 8.84 -69.51
N VAL I 353 7.74 7.61 -69.21
CA VAL I 353 8.98 7.34 -68.51
C VAL I 353 9.70 6.19 -69.19
N CYS I 354 10.94 6.42 -69.59
CA CYS I 354 11.80 5.36 -70.09
C CYS I 354 12.66 4.81 -68.96
N ASP I 355 13.57 3.91 -69.31
CA ASP I 355 14.42 3.26 -68.32
C ASP I 355 15.91 3.44 -68.58
N ILE I 356 16.30 4.07 -69.67
CA ILE I 356 17.71 4.21 -70.04
C ILE I 356 18.06 5.68 -70.10
N PRO I 357 19.16 6.11 -69.50
CA PRO I 357 19.60 7.50 -69.63
C PRO I 357 20.18 7.75 -71.01
N PRO I 358 20.15 9.01 -71.46
CA PRO I 358 20.76 9.31 -72.76
C PRO I 358 22.29 9.31 -72.87
N ARG I 359 22.94 8.44 -72.08
CA ARG I 359 24.40 8.23 -71.98
C ARG I 359 25.18 9.19 -71.10
N GLY I 360 25.97 8.71 -70.14
CA GLY I 360 26.64 9.67 -69.29
C GLY I 360 25.92 10.33 -68.15
N LEU I 361 24.61 10.50 -68.26
CA LEU I 361 23.82 11.18 -67.25
C LEU I 361 23.05 10.18 -66.40
N LYS I 362 22.47 10.68 -65.31
CA LYS I 362 21.62 9.86 -64.47
C LYS I 362 20.17 9.87 -64.94
N MET I 363 19.65 11.05 -65.29
CA MET I 363 18.26 11.15 -65.70
C MET I 363 18.07 12.43 -66.50
N SER I 364 17.29 12.34 -67.57
CA SER I 364 17.03 13.47 -68.43
C SER I 364 15.53 13.62 -68.62
N SER I 365 15.14 14.58 -69.45
CA SER I 365 13.73 14.86 -69.66
C SER I 365 13.58 15.70 -70.92
N THR I 366 12.47 15.46 -71.61
CA THR I 366 12.13 16.18 -72.83
C THR I 366 10.71 16.70 -72.72
N PHE I 367 10.52 17.96 -73.07
CA PHE I 367 9.25 18.64 -72.94
C PHE I 367 8.73 18.94 -74.33
N ILE I 368 7.43 18.74 -74.55
CA ILE I 368 6.79 18.99 -75.83
C ILE I 368 5.52 19.76 -75.53
N GLY I 369 5.56 21.08 -75.65
CA GLY I 369 4.44 21.92 -75.26
C GLY I 369 3.70 22.44 -76.49
N ASN I 370 2.42 22.13 -76.55
CA ASN I 370 1.53 22.71 -77.55
C ASN I 370 0.82 23.87 -76.87
N SER I 371 1.27 25.09 -77.16
CA SER I 371 0.77 26.29 -76.52
C SER I 371 0.11 27.22 -77.53
N THR I 372 -0.44 28.31 -77.02
CA THR I 372 -1.00 29.35 -77.87
C THR I 372 -0.02 30.48 -78.13
N ALA I 373 1.08 30.54 -77.37
CA ALA I 373 2.05 31.60 -77.56
C ALA I 373 2.60 31.63 -78.99
N ILE I 374 2.74 30.45 -79.62
CA ILE I 374 3.34 30.38 -80.94
C ILE I 374 2.59 31.22 -81.95
N GLN I 375 1.34 31.58 -81.67
CA GLN I 375 0.61 32.44 -82.59
C GLN I 375 1.41 33.69 -82.91
N GLU I 376 2.10 34.25 -81.90
CA GLU I 376 2.92 35.42 -82.12
C GLU I 376 3.88 35.18 -83.28
N LEU I 377 4.61 34.06 -83.24
CA LEU I 377 5.48 33.68 -84.33
C LEU I 377 4.78 33.87 -85.67
N PHE I 378 3.66 33.17 -85.85
CA PHE I 378 2.96 33.26 -87.13
C PHE I 378 2.56 34.70 -87.39
N LYS I 379 1.98 35.36 -86.38
CA LYS I 379 1.68 36.79 -86.49
C LYS I 379 2.86 37.51 -87.13
N ARG I 380 4.03 37.43 -86.47
CA ARG I 380 5.22 38.08 -86.99
C ARG I 380 5.39 37.76 -88.46
N ILE I 381 5.55 36.46 -88.77
CA ILE I 381 5.82 36.08 -90.15
C ILE I 381 4.75 36.64 -91.06
N SER I 382 3.48 36.48 -90.66
CA SER I 382 2.39 36.94 -91.50
C SER I 382 2.61 38.40 -91.86
N GLU I 383 2.84 39.23 -90.85
CA GLU I 383 3.05 40.65 -91.12
C GLU I 383 4.16 40.85 -92.13
N GLN I 384 5.32 40.22 -91.87
CA GLN I 384 6.44 40.36 -92.79
C GLN I 384 6.01 40.00 -94.20
N PHE I 385 5.36 38.83 -94.34
CA PHE I 385 4.89 38.41 -95.65
C PHE I 385 4.05 39.52 -96.28
N THR I 386 3.07 40.01 -95.53
CA THR I 386 2.21 41.06 -96.03
C THR I 386 3.02 42.22 -96.58
N ALA I 387 3.99 42.70 -95.79
CA ALA I 387 4.82 43.82 -96.25
C ALA I 387 5.48 43.46 -97.58
N MET I 388 6.18 42.33 -97.62
CA MET I 388 6.89 41.98 -98.83
C MET I 388 5.96 41.63 -99.97
N PHE I 389 4.68 41.43 -99.68
CA PHE I 389 3.72 41.23 -100.75
C PHE I 389 3.03 42.52 -101.16
N ARG I 390 2.98 43.51 -100.28
CA ARG I 390 2.28 44.74 -100.62
C ARG I 390 2.95 45.44 -101.80
N ARG I 391 4.28 45.43 -101.83
CA ARG I 391 5.04 45.95 -102.96
C ARG I 391 5.30 44.90 -104.01
N LYS I 392 4.90 43.65 -103.77
CA LYS I 392 5.18 42.54 -104.68
C LYS I 392 6.67 42.40 -104.94
N ALA I 393 7.47 42.66 -103.92
CA ALA I 393 8.90 42.51 -104.02
C ALA I 393 9.26 41.04 -104.21
N PHE I 394 10.29 40.79 -105.03
CA PHE I 394 10.79 39.44 -105.26
C PHE I 394 9.74 38.55 -105.90
N LEU I 395 8.61 39.14 -106.30
CA LEU I 395 7.51 38.33 -106.80
C LEU I 395 7.87 37.64 -108.10
N HIS I 396 8.72 38.27 -108.93
CA HIS I 396 8.95 37.74 -110.27
C HIS I 396 9.62 36.37 -110.24
N TRP I 397 10.52 36.14 -109.27
CA TRP I 397 11.18 34.84 -109.20
C TRP I 397 10.17 33.72 -109.00
N TYR I 398 9.19 33.93 -108.12
CA TYR I 398 8.18 32.92 -107.89
C TYR I 398 7.16 32.85 -109.01
N THR I 399 6.83 33.99 -109.62
CA THR I 399 5.87 33.97 -110.72
C THR I 399 6.42 33.23 -111.92
N GLY I 400 7.73 33.32 -112.16
CA GLY I 400 8.32 32.75 -113.35
C GLY I 400 8.33 31.24 -113.39
N GLU I 401 7.95 30.57 -112.31
CA GLU I 401 7.94 29.11 -112.28
C GLU I 401 6.54 28.52 -112.34
N GLY I 402 5.54 29.30 -112.75
CA GLY I 402 4.17 28.85 -112.90
C GLY I 402 3.24 29.30 -111.78
N MET I 403 3.79 29.52 -110.60
CA MET I 403 2.98 30.02 -109.50
C MET I 403 2.51 31.43 -109.79
N ASP I 404 1.37 31.81 -109.22
CA ASP I 404 0.80 33.13 -109.42
C ASP I 404 0.41 33.73 -108.08
N GLU I 405 -0.10 34.97 -108.14
CA GLU I 405 -0.42 35.71 -106.92
C GLU I 405 -1.48 35.01 -106.09
N MET I 406 -2.50 34.45 -106.75
CA MET I 406 -3.62 33.89 -105.99
C MET I 406 -3.15 32.80 -105.04
N GLU I 407 -2.07 32.11 -105.38
CA GLU I 407 -1.43 31.20 -104.44
C GLU I 407 -1.08 31.93 -103.15
N PHE I 408 -0.39 33.07 -103.28
CA PHE I 408 0.01 33.83 -102.10
C PHE I 408 -1.19 34.35 -101.33
N THR I 409 -2.20 34.82 -102.06
CA THR I 409 -3.40 35.32 -101.40
C THR I 409 -4.04 34.23 -100.55
N GLU I 410 -4.23 33.05 -101.13
CA GLU I 410 -4.84 31.95 -100.41
C GLU I 410 -3.99 31.51 -99.22
N ALA I 411 -2.67 31.43 -99.41
CA ALA I 411 -1.81 30.99 -98.32
C ALA I 411 -1.85 31.98 -97.15
N GLU I 412 -1.80 33.28 -97.46
CA GLU I 412 -1.85 34.27 -96.38
C GLU I 412 -3.19 34.23 -95.67
N SER I 413 -4.28 34.08 -96.42
CA SER I 413 -5.60 33.96 -95.80
C SER I 413 -5.65 32.74 -94.88
N ASN I 414 -5.09 31.62 -95.34
CA ASN I 414 -5.08 30.41 -94.54
C ASN I 414 -4.30 30.60 -93.24
N MET I 415 -3.12 31.24 -93.33
CA MET I 415 -2.34 31.47 -92.13
C MET I 415 -3.07 32.41 -91.16
N ASN I 416 -3.72 33.45 -91.69
CA ASN I 416 -4.48 34.33 -90.82
C ASN I 416 -5.64 33.60 -90.16
N ASP I 417 -6.28 32.68 -90.88
CA ASP I 417 -7.33 31.87 -90.27
C ASP I 417 -6.78 31.02 -89.15
N LEU I 418 -5.59 30.44 -89.35
CA LEU I 418 -4.99 29.63 -88.30
C LEU I 418 -4.71 30.48 -87.07
N VAL I 419 -4.18 31.68 -87.27
CA VAL I 419 -3.89 32.56 -86.13
C VAL I 419 -5.19 32.94 -85.43
N SER I 420 -6.25 33.16 -86.20
CA SER I 420 -7.55 33.46 -85.61
C SER I 420 -8.04 32.30 -84.75
N GLU I 421 -7.85 31.07 -85.22
CA GLU I 421 -8.25 29.91 -84.43
C GLU I 421 -7.45 29.82 -83.13
N TYR I 422 -6.14 30.07 -83.21
CA TYR I 422 -5.32 30.04 -82.01
C TYR I 422 -5.77 31.10 -81.02
N GLN I 423 -6.06 32.31 -81.51
CA GLN I 423 -6.55 33.37 -80.65
C GLN I 423 -7.89 33.00 -80.02
N GLN I 424 -8.79 32.43 -80.80
CA GLN I 424 -10.10 32.05 -80.30
C GLN I 424 -9.98 31.04 -79.17
N TYR I 425 -9.16 30.01 -79.37
CA TYR I 425 -9.03 29.00 -78.32
C TYR I 425 -8.21 29.49 -77.14
N GLN I 426 -7.34 30.49 -77.34
CA GLN I 426 -6.58 31.01 -76.21
C GLN I 426 -7.49 31.69 -75.20
N ASP I 427 -8.49 32.44 -75.68
CA ASP I 427 -9.41 33.15 -74.80
C ASP I 427 -10.77 32.46 -74.72
N ALA I 428 -10.81 31.15 -74.93
CA ALA I 428 -12.06 30.42 -74.79
C ALA I 428 -12.47 30.33 -73.32
N THR I 429 -13.77 30.16 -73.10
CA THR I 429 -14.31 30.08 -71.74
C THR I 429 -15.63 29.32 -71.72
N MET J 1 16.12 21.30 -41.57
CA MET J 1 14.95 22.16 -41.49
C MET J 1 15.34 23.56 -41.02
N ARG J 2 14.40 24.50 -41.17
CA ARG J 2 14.62 25.90 -40.80
C ARG J 2 15.83 26.48 -41.53
N GLU J 3 15.91 26.24 -42.82
CA GLU J 3 17.04 26.70 -43.61
C GLU J 3 17.08 28.22 -43.66
N ILE J 4 18.29 28.78 -43.64
CA ILE J 4 18.50 30.22 -43.68
C ILE J 4 19.23 30.58 -44.96
N VAL J 5 18.81 31.68 -45.58
CA VAL J 5 19.39 32.17 -46.82
C VAL J 5 20.30 33.35 -46.51
N HIS J 6 21.49 33.35 -47.07
CA HIS J 6 22.49 34.37 -46.82
C HIS J 6 22.62 35.30 -48.02
N ILE J 7 22.48 36.60 -47.79
CA ILE J 7 22.64 37.62 -48.82
C ILE J 7 23.83 38.49 -48.43
N GLN J 8 24.64 38.86 -49.42
CA GLN J 8 25.82 39.68 -49.19
C GLN J 8 25.81 40.83 -50.20
N ALA J 9 25.59 42.04 -49.70
CA ALA J 9 25.58 43.24 -50.54
C ALA J 9 26.74 44.13 -50.17
N GLY J 10 27.25 44.88 -51.14
CA GLY J 10 28.36 45.78 -50.91
C GLY J 10 29.66 45.06 -50.67
N GLN J 11 30.75 45.81 -50.84
CA GLN J 11 32.08 45.21 -50.72
C GLN J 11 32.33 44.70 -49.30
N CYS J 12 31.96 45.50 -48.31
CA CYS J 12 32.12 45.06 -46.93
C CYS J 12 31.30 43.81 -46.67
N GLY J 13 30.05 43.81 -47.14
CA GLY J 13 29.22 42.63 -46.96
C GLY J 13 29.86 41.40 -47.56
N ASN J 14 30.45 41.54 -48.74
CA ASN J 14 31.02 40.37 -49.40
C ASN J 14 32.25 39.87 -48.68
N GLN J 15 33.12 40.78 -48.21
CA GLN J 15 34.30 40.33 -47.49
C GLN J 15 33.91 39.67 -46.17
N ILE J 16 32.99 40.29 -45.44
CA ILE J 16 32.51 39.70 -44.20
C ILE J 16 31.94 38.33 -44.48
N GLY J 17 31.20 38.19 -45.58
CA GLY J 17 30.63 36.91 -45.92
C GLY J 17 31.68 35.87 -46.23
N ALA J 18 32.76 36.28 -46.91
CA ALA J 18 33.83 35.33 -47.19
C ALA J 18 34.41 34.79 -45.89
N LYS J 19 34.73 35.69 -44.96
CA LYS J 19 35.25 35.23 -43.68
C LYS J 19 34.23 34.40 -42.93
N PHE J 20 32.95 34.79 -43.03
CA PHE J 20 31.88 34.11 -42.32
C PHE J 20 31.74 32.67 -42.80
N TRP J 21 31.76 32.47 -44.12
CA TRP J 21 31.66 31.12 -44.64
C TRP J 21 32.92 30.32 -44.33
N GLU J 22 34.08 30.97 -44.28
CA GLU J 22 35.25 30.27 -43.79
C GLU J 22 35.01 29.73 -42.38
N VAL J 23 34.47 30.58 -41.52
CA VAL J 23 34.24 30.17 -40.13
C VAL J 23 33.25 29.02 -40.07
N ILE J 24 32.13 29.14 -40.79
CA ILE J 24 31.11 28.11 -40.74
C ILE J 24 31.67 26.78 -41.23
N SER J 25 32.38 26.81 -42.36
CA SER J 25 32.96 25.59 -42.89
C SER J 25 33.94 24.98 -41.89
N ASP J 26 34.71 25.81 -41.21
CA ASP J 26 35.57 25.29 -40.16
C ASP J 26 34.75 24.63 -39.06
N GLU J 27 33.58 25.19 -38.75
CA GLU J 27 32.73 24.60 -37.73
C GLU J 27 32.25 23.22 -38.13
N HIS J 28 31.71 23.08 -39.33
CA HIS J 28 31.11 21.82 -39.73
C HIS J 28 32.11 20.85 -40.35
N GLY J 29 33.39 21.21 -40.39
CA GLY J 29 34.37 20.32 -40.98
C GLY J 29 34.17 20.13 -42.47
N ILE J 30 34.19 21.22 -43.22
CA ILE J 30 33.95 21.21 -44.65
C ILE J 30 35.24 21.60 -45.36
N ASP J 31 35.69 20.75 -46.26
CA ASP J 31 36.89 21.03 -47.02
C ASP J 31 36.65 22.22 -47.95
N PRO J 32 37.71 22.88 -48.41
CA PRO J 32 37.51 23.98 -49.37
C PRO J 32 36.80 23.56 -50.63
N SER J 33 36.95 22.31 -51.04
CA SER J 33 36.26 21.82 -52.23
C SER J 33 34.76 21.77 -52.05
N GLY J 34 34.26 21.79 -50.82
CA GLY J 34 32.85 21.71 -50.55
C GLY J 34 32.36 20.34 -50.11
N ASN J 35 33.24 19.37 -49.97
CA ASN J 35 32.88 18.06 -49.48
C ASN J 35 33.20 17.94 -48.00
N TYR J 36 32.40 17.14 -47.30
CA TYR J 36 32.52 16.99 -45.85
C TYR J 36 33.63 16.01 -45.52
N VAL J 37 34.55 16.43 -44.65
CA VAL J 37 35.61 15.55 -44.19
C VAL J 37 35.63 15.56 -42.68
N GLY J 38 34.53 15.96 -42.07
CA GLY J 38 34.46 16.10 -40.63
C GLY J 38 34.50 14.76 -39.91
N ASP J 39 34.26 14.83 -38.61
CA ASP J 39 34.36 13.67 -37.74
C ASP J 39 33.18 13.48 -36.81
N SER J 40 32.30 14.47 -36.66
CA SER J 40 31.19 14.40 -35.72
C SER J 40 29.88 14.54 -36.48
N ASP J 41 28.99 13.56 -36.30
CA ASP J 41 27.75 13.52 -37.07
C ASP J 41 26.88 14.74 -36.80
N LEU J 42 27.00 15.33 -35.61
CA LEU J 42 26.18 16.49 -35.28
C LEU J 42 26.45 17.64 -36.24
N GLN J 43 27.63 17.67 -36.85
CA GLN J 43 27.90 18.64 -37.90
C GLN J 43 26.92 18.51 -39.04
N LEU J 44 26.61 17.27 -39.44
CA LEU J 44 25.73 17.03 -40.56
C LEU J 44 24.26 16.89 -40.16
N GLU J 45 23.97 16.71 -38.86
CA GLU J 45 22.58 16.58 -38.45
C GLU J 45 21.78 17.84 -38.76
N ARG J 46 22.44 18.99 -38.82
CA ARG J 46 21.78 20.22 -39.22
C ARG J 46 22.54 20.94 -40.32
N ILE J 47 23.37 20.21 -41.07
CA ILE J 47 24.17 20.84 -42.12
C ILE J 47 23.29 21.54 -43.12
N SER J 48 22.03 21.12 -43.24
CA SER J 48 21.13 21.67 -44.24
C SER J 48 20.72 23.10 -43.96
N VAL J 49 20.86 23.58 -42.72
CA VAL J 49 20.29 24.89 -42.38
C VAL J 49 20.99 26.00 -43.15
N TYR J 50 22.29 25.86 -43.40
CA TYR J 50 23.04 26.82 -44.18
C TYR J 50 23.54 26.26 -45.51
N TYR J 51 23.73 24.96 -45.60
CA TYR J 51 24.24 24.34 -46.80
C TYR J 51 23.12 23.62 -47.54
N ASN J 52 23.36 23.34 -48.82
CA ASN J 52 22.55 22.43 -49.60
C ASN J 52 23.44 21.27 -50.02
N GLU J 53 22.94 20.05 -49.81
CA GLU J 53 23.68 18.86 -50.23
C GLU J 53 23.50 18.68 -51.72
N ALA J 54 24.47 19.15 -52.50
CA ALA J 54 24.46 18.89 -53.92
C ALA J 54 24.90 17.46 -54.18
N SER J 55 24.51 16.96 -55.36
CA SER J 55 24.73 15.58 -55.73
C SER J 55 26.21 15.24 -55.71
N SER J 56 26.49 13.94 -55.81
CA SER J 56 27.82 13.38 -55.62
C SER J 56 28.37 13.68 -54.23
N HIS J 57 27.47 13.96 -53.29
CA HIS J 57 27.80 14.18 -51.89
C HIS J 57 28.75 15.38 -51.73
N LYS J 58 28.30 16.54 -52.19
CA LYS J 58 29.01 17.79 -51.94
C LYS J 58 28.07 18.75 -51.22
N TYR J 59 28.63 19.86 -50.74
CA TYR J 59 27.84 20.85 -50.04
C TYR J 59 28.11 22.23 -50.62
N VAL J 60 27.04 22.98 -50.86
CA VAL J 60 27.19 24.34 -51.36
C VAL J 60 26.51 25.31 -50.41
N PRO J 61 27.16 26.40 -50.04
CA PRO J 61 26.51 27.37 -49.16
C PRO J 61 25.32 28.01 -49.82
N ARG J 62 24.31 28.31 -49.02
CA ARG J 62 23.11 28.99 -49.50
C ARG J 62 23.35 30.49 -49.57
N ALA J 63 24.36 30.88 -50.35
CA ALA J 63 24.79 32.26 -50.44
C ALA J 63 24.27 32.90 -51.71
N ILE J 64 24.05 34.21 -51.64
CA ILE J 64 23.63 35.00 -52.79
C ILE J 64 24.49 36.25 -52.79
N LEU J 65 25.57 36.24 -53.54
CA LEU J 65 26.55 37.33 -53.50
C LEU J 65 26.19 38.38 -54.54
N VAL J 66 26.02 39.62 -54.09
CA VAL J 66 25.54 40.70 -54.92
C VAL J 66 26.54 41.84 -54.88
N ASP J 67 26.73 42.48 -56.03
CA ASP J 67 27.60 43.65 -56.12
C ASP J 67 27.32 44.35 -57.44
N LEU J 68 27.91 45.53 -57.59
CA LEU J 68 27.83 46.27 -58.85
C LEU J 68 29.18 46.45 -59.53
N GLU J 69 30.26 45.93 -58.94
CA GLU J 69 31.57 45.99 -59.57
C GLU J 69 32.23 44.62 -59.42
N PRO J 70 32.72 44.04 -60.50
CA PRO J 70 33.24 42.67 -60.45
C PRO J 70 34.56 42.51 -59.70
N GLY J 71 35.13 43.58 -59.18
CA GLY J 71 36.43 43.50 -58.54
C GLY J 71 36.49 42.59 -57.34
N THR J 72 35.76 42.96 -56.27
CA THR J 72 35.79 42.14 -55.07
C THR J 72 35.18 40.77 -55.31
N MET J 73 34.20 40.68 -56.20
CA MET J 73 33.66 39.38 -56.57
C MET J 73 34.77 38.47 -57.09
N ASP J 74 35.55 38.97 -58.05
CA ASP J 74 36.63 38.16 -58.61
C ASP J 74 37.68 37.86 -57.55
N SER J 75 37.92 38.79 -56.64
CA SER J 75 38.86 38.53 -55.56
C SER J 75 38.40 37.34 -54.72
N VAL J 76 37.11 37.33 -54.39
CA VAL J 76 36.54 36.21 -53.65
C VAL J 76 36.65 34.93 -54.46
N ARG J 77 36.34 35.01 -55.75
CA ARG J 77 36.32 33.84 -56.60
C ARG J 77 37.70 33.19 -56.68
N SER J 78 38.74 34.01 -56.84
CA SER J 78 40.07 33.45 -56.98
C SER J 78 40.59 32.88 -55.67
N GLY J 79 40.32 33.55 -54.55
CA GLY J 79 40.85 33.11 -53.29
C GLY J 79 40.26 31.79 -52.83
N ALA J 80 41.01 31.11 -51.97
CA ALA J 80 40.53 29.86 -51.40
C ALA J 80 39.23 30.10 -50.64
N PHE J 81 38.49 29.01 -50.42
CA PHE J 81 37.14 29.07 -49.87
C PHE J 81 36.22 29.93 -50.74
N GLY J 82 36.56 30.06 -52.02
CA GLY J 82 35.69 30.68 -52.99
C GLY J 82 35.24 29.66 -54.00
N HIS J 83 36.04 28.62 -54.19
CA HIS J 83 35.74 27.56 -55.13
C HIS J 83 34.58 26.69 -54.70
N LEU J 84 33.85 26.96 -53.62
CA LEU J 84 32.70 26.13 -53.30
C LEU J 84 31.37 26.86 -53.39
N PHE J 85 31.38 28.18 -53.53
CA PHE J 85 30.15 28.88 -53.84
C PHE J 85 29.61 28.41 -55.19
N ARG J 86 28.30 28.34 -55.32
CA ARG J 86 27.75 27.89 -56.59
C ARG J 86 27.90 29.01 -57.62
N PRO J 87 28.64 28.78 -58.71
CA PRO J 87 29.07 29.89 -59.56
C PRO J 87 27.94 30.69 -60.16
N ASP J 88 26.75 30.11 -60.28
CA ASP J 88 25.64 30.86 -60.84
C ASP J 88 25.17 31.97 -59.89
N ASN J 89 25.62 31.95 -58.63
CA ASN J 89 25.14 32.92 -57.65
C ASN J 89 25.73 34.30 -57.85
N PHE J 90 26.95 34.41 -58.39
CA PHE J 90 27.70 35.66 -58.36
C PHE J 90 27.04 36.65 -59.31
N ILE J 91 26.08 37.39 -58.78
CA ILE J 91 25.42 38.44 -59.54
C ILE J 91 26.22 39.71 -59.39
N PHE J 92 26.59 40.33 -60.51
CA PHE J 92 27.31 41.59 -60.45
C PHE J 92 27.01 42.43 -61.67
N GLY J 93 27.11 43.74 -61.51
CA GLY J 93 26.91 44.69 -62.60
C GLY J 93 28.23 45.26 -63.10
N GLN J 94 28.10 46.25 -63.98
CA GLN J 94 29.28 46.88 -64.58
C GLN J 94 29.43 48.34 -64.21
N SER J 95 28.35 49.07 -64.00
CA SER J 95 28.46 50.51 -63.76
C SER J 95 29.09 50.80 -62.41
N GLY J 96 28.77 50.02 -61.39
CA GLY J 96 29.25 50.31 -60.06
C GLY J 96 28.43 51.41 -59.43
N ALA J 97 28.16 51.30 -58.13
CA ALA J 97 27.31 52.30 -57.49
C ALA J 97 27.99 53.64 -57.35
N GLY J 98 29.31 53.71 -57.48
CA GLY J 98 30.00 54.97 -57.35
C GLY J 98 29.79 55.62 -56.00
N ASN J 99 29.65 54.81 -54.96
CA ASN J 99 29.50 55.29 -53.59
C ASN J 99 28.32 56.23 -53.46
N ASN J 100 27.32 56.03 -54.30
CA ASN J 100 26.10 56.82 -54.30
C ASN J 100 24.94 55.92 -53.91
N TRP J 101 24.00 56.47 -53.13
CA TRP J 101 22.83 55.70 -52.75
C TRP J 101 21.76 55.77 -53.83
N ALA J 102 21.64 56.91 -54.50
CA ALA J 102 20.66 57.03 -55.57
C ALA J 102 20.91 56.01 -56.65
N LYS J 103 22.17 55.83 -57.04
CA LYS J 103 22.51 54.76 -57.98
C LYS J 103 22.20 53.39 -57.40
N GLY J 104 22.50 53.19 -56.13
CA GLY J 104 22.35 51.87 -55.54
C GLY J 104 20.92 51.48 -55.24
N HIS J 105 19.98 52.40 -55.35
CA HIS J 105 18.59 52.09 -55.03
C HIS J 105 17.60 52.45 -56.13
N TYR J 106 17.94 53.35 -57.05
CA TYR J 106 17.01 53.75 -58.09
C TYR J 106 17.48 53.36 -59.48
N THR J 107 18.69 53.74 -59.86
CA THR J 107 19.09 53.63 -61.26
C THR J 107 19.80 52.31 -61.56
N GLU J 108 20.93 52.06 -60.92
CA GLU J 108 21.68 50.86 -61.23
C GLU J 108 21.05 49.63 -60.59
N GLY J 109 20.58 49.75 -59.36
CA GLY J 109 20.03 48.60 -58.67
C GLY J 109 18.77 48.06 -59.31
N ALA J 110 18.00 48.93 -59.97
CA ALA J 110 16.77 48.50 -60.60
C ALA J 110 17.01 47.52 -61.74
N GLU J 111 18.25 47.39 -62.20
CA GLU J 111 18.55 46.49 -63.30
C GLU J 111 19.00 45.11 -62.84
N LEU J 112 19.56 45.00 -61.64
CA LEU J 112 20.00 43.70 -61.14
C LEU J 112 19.08 43.13 -60.07
N VAL J 113 18.26 43.96 -59.44
CA VAL J 113 17.41 43.48 -58.35
C VAL J 113 16.49 42.37 -58.84
N ASP J 114 16.10 42.41 -60.11
CA ASP J 114 15.23 41.36 -60.64
C ASP J 114 15.93 40.01 -60.67
N SER J 115 17.16 39.96 -61.19
CA SER J 115 17.91 38.72 -61.20
C SER J 115 18.17 38.25 -59.78
N VAL J 116 18.47 39.18 -58.88
CA VAL J 116 18.73 38.79 -57.50
C VAL J 116 17.50 38.16 -56.89
N LEU J 117 16.33 38.80 -57.07
CA LEU J 117 15.09 38.23 -56.56
C LEU J 117 14.79 36.89 -57.16
N ASP J 118 15.12 36.69 -58.44
CA ASP J 118 14.87 35.40 -59.06
C ASP J 118 15.72 34.30 -58.43
N VAL J 119 17.00 34.58 -58.20
CA VAL J 119 17.82 33.56 -57.55
C VAL J 119 17.36 33.35 -56.11
N VAL J 120 16.92 34.42 -55.45
CA VAL J 120 16.34 34.29 -54.12
C VAL J 120 15.16 33.35 -54.14
N ARG J 121 14.27 33.54 -55.11
CA ARG J 121 13.07 32.71 -55.20
C ARG J 121 13.43 31.26 -55.47
N LYS J 122 14.41 31.03 -56.34
CA LYS J 122 14.86 29.66 -56.59
C LYS J 122 15.33 29.00 -55.30
N GLU J 123 16.18 29.72 -54.55
CA GLU J 123 16.68 29.15 -53.30
C GLU J 123 15.57 28.92 -52.29
N CYS J 124 14.62 29.85 -52.21
CA CYS J 124 13.50 29.68 -51.29
C CYS J 124 12.70 28.44 -51.62
N GLU J 125 12.36 28.24 -52.89
CA GLU J 125 11.61 27.06 -53.27
C GLU J 125 12.43 25.79 -53.05
N ASN J 126 13.76 25.90 -53.14
CA ASN J 126 14.61 24.74 -52.89
C ASN J 126 14.52 24.29 -51.44
N CYS J 127 14.40 25.22 -50.50
CA CYS J 127 14.42 24.88 -49.09
C CYS J 127 13.12 24.18 -48.66
N ASP J 128 13.22 23.43 -47.56
CA ASP J 128 12.06 22.72 -47.04
C ASP J 128 11.14 23.66 -46.27
N CYS J 129 11.64 24.26 -45.20
CA CYS J 129 10.90 25.24 -44.41
C CYS J 129 11.83 26.42 -44.15
N LEU J 130 11.60 27.51 -44.87
CA LEU J 130 12.45 28.68 -44.73
C LEU J 130 12.31 29.28 -43.33
N GLN J 131 13.45 29.60 -42.73
CA GLN J 131 13.48 30.18 -41.39
C GLN J 131 13.54 31.70 -41.45
N GLY J 132 14.49 32.24 -42.20
CA GLY J 132 14.61 33.68 -42.33
C GLY J 132 15.81 34.06 -43.17
N PHE J 133 15.98 35.37 -43.30
CA PHE J 133 17.02 35.94 -44.13
C PHE J 133 17.99 36.73 -43.27
N GLN J 134 19.27 36.62 -43.60
CA GLN J 134 20.30 37.43 -42.97
C GLN J 134 21.05 38.18 -44.06
N LEU J 135 21.04 39.50 -43.97
CA LEU J 135 21.67 40.36 -44.95
C LEU J 135 22.92 40.99 -44.33
N THR J 136 24.04 40.86 -45.02
CA THR J 136 25.31 41.39 -44.55
C THR J 136 25.73 42.53 -45.47
N HIS J 137 25.71 43.75 -44.97
CA HIS J 137 25.96 44.90 -45.81
C HIS J 137 26.53 46.04 -44.96
N SER J 138 26.85 47.13 -45.62
CA SER J 138 27.37 48.33 -44.98
C SER J 138 26.23 49.33 -44.80
N LEU J 139 26.58 50.53 -44.38
CA LEU J 139 25.67 51.65 -44.44
C LEU J 139 26.26 52.87 -45.13
N GLY J 140 27.56 52.88 -45.40
CA GLY J 140 28.18 53.97 -46.10
C GLY J 140 28.24 53.74 -47.60
N GLY J 141 28.80 52.58 -47.99
CA GLY J 141 28.97 52.31 -49.41
C GLY J 141 27.65 52.31 -50.15
N GLY J 142 27.69 52.80 -51.39
CA GLY J 142 26.46 52.98 -52.14
C GLY J 142 25.77 51.67 -52.46
N THR J 143 26.54 50.68 -52.94
CA THR J 143 25.96 49.39 -53.27
C THR J 143 25.27 48.79 -52.07
N GLY J 144 26.02 48.55 -51.00
CA GLY J 144 25.49 48.00 -49.77
C GLY J 144 24.20 48.68 -49.38
N SER J 145 24.27 49.96 -49.06
CA SER J 145 23.10 50.69 -48.57
C SER J 145 21.93 50.58 -49.53
N GLY J 146 22.07 51.13 -50.73
CA GLY J 146 20.96 51.18 -51.66
C GLY J 146 20.39 49.84 -52.05
N MET J 147 21.25 48.97 -52.59
CA MET J 147 20.76 47.69 -53.06
C MET J 147 20.24 46.82 -51.93
N GLY J 148 20.86 46.86 -50.75
CA GLY J 148 20.34 46.09 -49.64
C GLY J 148 18.98 46.57 -49.20
N THR J 149 18.78 47.89 -49.14
CA THR J 149 17.45 48.39 -48.79
C THR J 149 16.43 47.98 -49.83
N LEU J 150 16.80 48.05 -51.11
CA LEU J 150 15.86 47.64 -52.16
C LEU J 150 15.51 46.17 -52.04
N LEU J 151 16.52 45.32 -51.83
CA LEU J 151 16.28 43.90 -51.68
C LEU J 151 15.40 43.61 -50.47
N ILE J 152 15.64 44.32 -49.38
CA ILE J 152 14.85 44.11 -48.18
C ILE J 152 13.39 44.46 -48.44
N SER J 153 13.16 45.61 -49.09
CA SER J 153 11.79 46.00 -49.39
C SER J 153 11.11 44.96 -50.27
N LYS J 154 11.79 44.52 -51.32
CA LYS J 154 11.19 43.55 -52.24
C LYS J 154 10.91 42.23 -51.54
N VAL J 155 11.87 41.74 -50.76
CA VAL J 155 11.69 40.46 -50.07
C VAL J 155 10.54 40.55 -49.09
N ARG J 156 10.50 41.62 -48.30
CA ARG J 156 9.38 41.81 -47.38
C ARG J 156 8.06 41.88 -48.11
N GLU J 157 8.07 42.39 -49.35
CA GLU J 157 6.86 42.28 -50.16
C GLU J 157 6.52 40.83 -50.46
N GLU J 158 7.52 40.02 -50.81
CA GLU J 158 7.25 38.65 -51.21
C GLU J 158 7.25 37.65 -50.07
N TYR J 159 7.68 38.03 -48.87
CA TYR J 159 7.71 37.12 -47.73
C TYR J 159 7.45 37.90 -46.45
N PRO J 160 6.22 38.38 -46.25
CA PRO J 160 5.93 39.20 -45.08
C PRO J 160 5.92 38.42 -43.77
N ASP J 161 6.17 37.11 -43.82
CA ASP J 161 6.11 36.27 -42.63
C ASP J 161 7.47 35.84 -42.13
N ARG J 162 8.46 35.71 -43.02
CA ARG J 162 9.78 35.29 -42.59
C ARG J 162 10.42 36.35 -41.70
N ILE J 163 11.56 36.00 -41.13
CA ILE J 163 12.27 36.87 -40.21
C ILE J 163 13.49 37.44 -40.91
N MET J 164 13.87 38.65 -40.53
CA MET J 164 14.88 39.41 -41.26
C MET J 164 16.00 39.82 -40.33
N ASN J 165 17.23 39.47 -40.69
CA ASN J 165 18.42 39.85 -39.95
C ASN J 165 19.34 40.68 -40.84
N THR J 166 19.93 41.73 -40.27
CA THR J 166 20.87 42.57 -40.98
C THR J 166 22.10 42.80 -40.11
N PHE J 167 23.27 42.72 -40.70
CA PHE J 167 24.51 43.08 -40.02
C PHE J 167 25.06 44.31 -40.72
N SER J 168 24.58 45.47 -40.32
CA SER J 168 24.94 46.72 -40.97
C SER J 168 26.10 47.37 -40.23
N VAL J 169 27.19 47.63 -40.95
CA VAL J 169 28.38 48.26 -40.39
C VAL J 169 28.10 49.76 -40.34
N VAL J 170 27.75 50.26 -39.15
CA VAL J 170 27.39 51.67 -38.97
C VAL J 170 28.65 52.51 -39.11
N PRO J 171 28.56 53.72 -39.65
CA PRO J 171 29.74 54.59 -39.69
C PRO J 171 30.26 54.93 -38.29
N SER J 172 31.58 54.98 -38.18
CA SER J 172 32.22 55.30 -36.92
C SER J 172 32.01 56.77 -36.56
N PRO J 173 32.00 57.10 -35.26
CA PRO J 173 31.79 58.49 -34.86
C PRO J 173 32.98 59.42 -35.14
N LYS J 174 34.19 58.96 -34.83
CA LYS J 174 35.34 59.84 -34.94
C LYS J 174 35.79 59.98 -36.40
N VAL J 175 36.23 58.87 -37.00
CA VAL J 175 36.66 58.90 -38.38
C VAL J 175 35.45 58.84 -39.30
N SER J 176 35.68 59.16 -40.57
CA SER J 176 34.64 59.04 -41.59
C SER J 176 35.33 58.51 -42.85
N ASP J 177 35.12 57.23 -43.14
CA ASP J 177 35.79 56.63 -44.29
C ASP J 177 35.29 57.20 -45.61
N THR J 178 34.06 57.70 -45.64
CA THR J 178 33.51 58.36 -46.82
C THR J 178 33.15 59.80 -46.47
N VAL J 179 32.62 60.52 -47.45
CA VAL J 179 32.29 61.92 -47.30
C VAL J 179 30.78 62.14 -47.26
N VAL J 180 30.02 61.34 -48.01
CA VAL J 180 28.58 61.48 -48.07
C VAL J 180 27.87 60.46 -47.21
N GLU J 181 28.59 59.82 -46.29
CA GLU J 181 27.99 58.74 -45.53
C GLU J 181 26.78 59.15 -44.67
N PRO J 182 26.63 60.40 -44.22
CA PRO J 182 25.36 60.74 -43.54
C PRO J 182 24.14 60.51 -44.40
N TYR J 183 24.21 60.85 -45.69
CA TYR J 183 23.05 60.67 -46.57
C TYR J 183 22.71 59.19 -46.72
N ASN J 184 23.71 58.37 -47.03
CA ASN J 184 23.48 56.93 -47.16
C ASN J 184 22.93 56.35 -45.87
N ALA J 185 23.51 56.75 -44.73
CA ALA J 185 23.04 56.23 -43.46
C ALA J 185 21.59 56.60 -43.22
N THR J 186 21.21 57.86 -43.47
CA THR J 186 19.84 58.27 -43.19
C THR J 186 18.86 57.52 -44.07
N LEU J 187 19.14 57.43 -45.37
CA LEU J 187 18.21 56.75 -46.26
C LEU J 187 18.10 55.26 -45.93
N SER J 188 19.25 54.62 -45.67
CA SER J 188 19.24 53.21 -45.34
C SER J 188 18.47 52.96 -44.05
N ILE J 189 18.66 53.83 -43.05
CA ILE J 189 17.97 53.65 -41.79
C ILE J 189 16.47 53.85 -41.97
N HIS J 190 16.09 54.80 -42.82
CA HIS J 190 14.68 54.96 -43.14
C HIS J 190 14.10 53.65 -43.65
N GLN J 191 14.75 53.07 -44.66
CA GLN J 191 14.24 51.79 -45.19
C GLN J 191 14.24 50.69 -44.14
N LEU J 192 15.28 50.62 -43.32
CA LEU J 192 15.38 49.53 -42.35
C LEU J 192 14.30 49.61 -41.30
N VAL J 193 14.14 50.79 -40.67
CA VAL J 193 13.08 50.94 -39.68
C VAL J 193 11.72 50.78 -40.34
N GLU J 194 11.64 50.94 -41.66
CA GLU J 194 10.42 50.53 -42.34
C GLU J 194 10.23 49.01 -42.28
N ASN J 195 11.20 48.26 -42.79
CA ASN J 195 10.91 46.86 -43.13
C ASN J 195 12.01 45.90 -42.65
N THR J 196 12.44 46.00 -41.41
CA THR J 196 13.35 45.00 -40.86
C THR J 196 12.95 44.58 -39.46
N ASP J 197 13.23 43.32 -39.14
CA ASP J 197 12.90 42.80 -37.82
C ASP J 197 14.00 43.05 -36.80
N GLU J 198 15.27 43.07 -37.24
CA GLU J 198 16.35 43.29 -36.29
C GLU J 198 17.58 43.73 -37.07
N THR J 199 18.37 44.59 -36.44
CA THR J 199 19.51 45.22 -37.10
C THR J 199 20.68 45.26 -36.14
N TYR J 200 21.78 44.61 -36.51
CA TYR J 200 22.92 44.43 -35.63
C TYR J 200 23.93 45.52 -35.93
N CYS J 201 23.80 46.64 -35.24
CA CYS J 201 24.69 47.77 -35.49
C CYS J 201 26.12 47.42 -35.10
N ILE J 202 27.07 47.80 -35.95
CA ILE J 202 28.49 47.59 -35.70
C ILE J 202 29.25 48.82 -36.17
N ASP J 203 30.31 49.17 -35.45
CA ASP J 203 31.21 50.24 -35.84
C ASP J 203 32.61 49.67 -36.00
N ASN J 204 33.35 50.18 -36.98
CA ASN J 204 34.74 49.77 -37.12
C ASN J 204 35.60 50.35 -36.00
N GLU J 205 35.17 51.46 -35.41
CA GLU J 205 35.94 52.07 -34.33
C GLU J 205 36.03 51.13 -33.14
N ALA J 206 34.91 50.54 -32.74
CA ALA J 206 34.92 49.64 -31.60
C ALA J 206 35.77 48.41 -31.87
N LEU J 207 35.72 47.89 -33.11
CA LEU J 207 36.53 46.74 -33.44
C LEU J 207 38.02 47.09 -33.42
N TYR J 208 38.37 48.27 -33.91
CA TYR J 208 39.74 48.74 -33.78
C TYR J 208 40.16 48.77 -32.32
N ASP J 209 39.31 49.35 -31.48
CA ASP J 209 39.65 49.47 -30.07
C ASP J 209 39.84 48.11 -29.42
N ILE J 210 38.99 47.15 -29.78
CA ILE J 210 39.08 45.82 -29.19
C ILE J 210 40.35 45.13 -29.66
N CYS J 211 40.63 45.18 -30.96
CA CYS J 211 41.83 44.54 -31.48
C CYS J 211 43.09 45.18 -30.92
N PHE J 212 43.01 46.47 -30.59
CA PHE J 212 44.17 47.16 -30.04
C PHE J 212 44.38 46.84 -28.58
N ARG J 213 43.41 47.21 -27.74
CA ARG J 213 43.58 47.05 -26.30
C ARG J 213 43.43 45.60 -25.86
N THR J 214 42.26 45.02 -26.06
CA THR J 214 41.93 43.74 -25.45
C THR J 214 42.78 42.62 -26.05
N LEU J 215 42.85 42.55 -27.38
CA LEU J 215 43.62 41.50 -28.01
C LEU J 215 45.11 41.79 -28.07
N LYS J 216 45.53 43.03 -27.77
CA LYS J 216 46.93 43.41 -27.83
C LYS J 216 47.51 43.15 -29.23
N LEU J 217 46.86 43.72 -30.23
CA LEU J 217 47.33 43.64 -31.62
C LEU J 217 47.53 45.06 -32.13
N ALA J 218 48.74 45.35 -32.58
CA ALA J 218 49.05 46.66 -33.17
C ALA J 218 48.84 46.68 -34.68
N THR J 219 48.58 45.53 -35.30
CA THR J 219 48.47 45.42 -36.75
C THR J 219 47.14 44.75 -37.10
N PRO J 220 46.02 45.41 -36.84
CA PRO J 220 44.72 44.81 -37.15
C PRO J 220 44.37 44.99 -38.62
N THR J 221 44.50 43.92 -39.39
CA THR J 221 44.06 43.91 -40.77
C THR J 221 42.58 43.59 -40.83
N TYR J 222 41.95 43.98 -41.94
CA TYR J 222 40.51 43.79 -42.06
C TYR J 222 40.12 42.33 -41.90
N GLY J 223 41.05 41.41 -42.19
CA GLY J 223 40.77 40.01 -41.95
C GLY J 223 40.36 39.75 -40.52
N ASP J 224 41.03 40.41 -39.57
CA ASP J 224 40.74 40.16 -38.16
C ASP J 224 39.38 40.72 -37.74
N LEU J 225 39.07 41.94 -38.18
CA LEU J 225 37.77 42.51 -37.86
C LEU J 225 36.64 41.67 -38.43
N ASN J 226 36.80 41.26 -39.69
CA ASN J 226 35.79 40.39 -40.29
C ASN J 226 35.72 39.06 -39.55
N HIS J 227 36.86 38.57 -39.05
CA HIS J 227 36.86 37.35 -38.26
C HIS J 227 36.03 37.50 -37.00
N LEU J 228 36.14 38.65 -36.34
CA LEU J 228 35.37 38.90 -35.14
C LEU J 228 33.88 38.94 -35.44
N VAL J 229 33.50 39.67 -36.49
CA VAL J 229 32.08 39.74 -36.82
C VAL J 229 31.55 38.37 -37.21
N SER J 230 32.37 37.58 -37.91
CA SER J 230 31.96 36.23 -38.27
C SER J 230 31.75 35.36 -37.03
N ALA J 231 32.64 35.47 -36.05
CA ALA J 231 32.46 34.72 -34.82
C ALA J 231 31.16 35.12 -34.13
N THR J 232 30.83 36.41 -34.15
CA THR J 232 29.57 36.85 -33.56
C THR J 232 28.38 36.21 -34.27
N MET J 233 28.38 36.23 -35.61
CA MET J 233 27.27 35.67 -36.36
C MET J 233 27.13 34.17 -36.11
N SER J 234 28.26 33.46 -36.12
CA SER J 234 28.23 32.03 -35.83
C SER J 234 27.65 31.76 -34.45
N GLY J 235 28.06 32.56 -33.46
CA GLY J 235 27.47 32.42 -32.14
C GLY J 235 25.97 32.67 -32.14
N VAL J 236 25.51 33.61 -32.97
CA VAL J 236 24.07 33.85 -33.02
C VAL J 236 23.32 32.65 -33.57
N THR J 237 23.87 32.01 -34.61
CA THR J 237 23.13 30.92 -35.24
C THR J 237 23.35 29.56 -34.61
N THR J 238 24.41 29.38 -33.81
CA THR J 238 24.67 28.05 -33.28
C THR J 238 23.54 27.55 -32.39
N SER J 239 22.69 28.46 -31.90
CA SER J 239 21.59 28.05 -31.04
C SER J 239 20.61 27.13 -31.76
N LEU J 240 20.55 27.21 -33.09
CA LEU J 240 19.71 26.31 -33.87
C LEU J 240 20.50 25.38 -34.77
N ARG J 241 21.72 25.74 -35.13
CA ARG J 241 22.52 24.79 -35.90
C ARG J 241 23.09 23.67 -35.04
N PHE J 242 22.82 23.65 -33.74
CA PHE J 242 23.45 22.67 -32.87
C PHE J 242 22.50 22.38 -31.70
N PRO J 243 22.62 21.19 -31.11
CA PRO J 243 21.81 20.89 -29.93
C PRO J 243 22.22 21.74 -28.75
N GLY J 244 21.31 21.87 -27.80
CA GLY J 244 21.61 22.67 -26.62
C GLY J 244 20.66 22.44 -25.47
N GLN J 245 21.18 22.57 -24.25
CA GLN J 245 20.33 22.35 -23.09
C GLN J 245 19.20 23.34 -23.01
N LEU J 246 19.38 24.54 -23.57
CA LEU J 246 18.29 25.51 -23.70
C LEU J 246 18.51 26.19 -25.05
N ASN J 247 17.87 25.65 -26.09
CA ASN J 247 18.14 26.09 -27.44
C ASN J 247 17.37 27.36 -27.78
N ALA J 248 17.84 28.06 -28.81
CA ALA J 248 17.20 29.29 -29.27
C ALA J 248 17.18 29.29 -30.78
N ASP J 249 16.24 30.07 -31.34
CA ASP J 249 16.15 30.28 -32.77
C ASP J 249 16.06 31.78 -33.02
N LEU J 250 16.15 32.17 -34.29
CA LEU J 250 16.12 33.58 -34.63
C LEU J 250 14.80 34.21 -34.21
N ARG J 251 13.69 33.49 -34.39
CA ARG J 251 12.40 34.03 -33.97
C ARG J 251 12.36 34.26 -32.47
N LYS J 252 12.99 33.38 -31.69
CA LYS J 252 13.04 33.59 -30.24
C LYS J 252 13.73 34.90 -29.91
N LEU J 253 14.87 35.16 -30.52
CA LEU J 253 15.58 36.41 -30.29
C LEU J 253 14.73 37.59 -30.71
N ALA J 254 14.07 37.49 -31.87
CA ALA J 254 13.24 38.59 -32.33
C ALA J 254 12.13 38.90 -31.34
N VAL J 255 11.47 37.87 -30.83
CA VAL J 255 10.38 38.10 -29.89
C VAL J 255 10.91 38.70 -28.59
N ASN J 256 12.02 38.17 -28.09
CA ASN J 256 12.51 38.61 -26.79
C ASN J 256 13.11 40.01 -26.84
N MET J 257 13.79 40.37 -27.93
CA MET J 257 14.58 41.59 -27.96
C MET J 257 13.86 42.78 -28.55
N VAL J 258 12.64 42.62 -29.07
CA VAL J 258 12.03 43.70 -29.81
C VAL J 258 10.68 44.04 -29.19
N PRO J 259 10.67 44.83 -28.12
CA PRO J 259 9.40 45.15 -27.46
C PRO J 259 8.44 45.94 -28.32
N PHE J 260 8.93 46.72 -29.27
CA PHE J 260 8.09 47.56 -30.09
C PHE J 260 8.55 47.43 -31.53
N PRO J 261 7.65 47.65 -32.49
CA PRO J 261 8.01 47.35 -33.90
C PRO J 261 9.26 48.07 -34.37
N ARG J 262 9.46 49.32 -33.97
CA ARG J 262 10.54 50.12 -34.53
C ARG J 262 11.87 49.87 -33.81
N LEU J 263 11.84 49.76 -32.49
CA LEU J 263 13.06 49.76 -31.68
C LEU J 263 13.71 48.38 -31.71
N HIS J 264 14.38 48.09 -32.81
CA HIS J 264 14.98 46.77 -33.00
C HIS J 264 16.42 46.89 -33.49
N PHE J 265 17.22 47.72 -32.82
CA PHE J 265 18.63 47.87 -33.15
C PHE J 265 19.47 47.35 -31.99
N PHE J 266 20.34 46.40 -32.26
CA PHE J 266 21.07 45.69 -31.24
C PHE J 266 22.55 45.96 -31.37
N MET J 267 23.22 46.10 -30.24
CA MET J 267 24.67 46.10 -30.26
C MET J 267 25.17 44.73 -29.81
N PRO J 268 26.05 44.10 -30.57
CA PRO J 268 26.56 42.79 -30.18
C PRO J 268 27.79 42.91 -29.29
N GLY J 269 28.25 41.75 -28.83
CA GLY J 269 29.47 41.65 -28.08
C GLY J 269 29.87 40.20 -27.99
N PHE J 270 31.16 39.97 -27.81
CA PHE J 270 31.68 38.62 -27.80
C PHE J 270 32.59 38.45 -26.59
N ALA J 271 32.71 37.21 -26.12
CA ALA J 271 33.65 36.90 -25.05
C ALA J 271 33.92 35.41 -25.10
N PRO J 272 35.10 34.96 -24.66
CA PRO J 272 36.23 35.71 -24.13
C PRO J 272 37.12 36.29 -25.22
N LEU J 273 37.85 37.34 -24.89
CA LEU J 273 38.82 37.94 -25.81
C LEU J 273 40.14 38.05 -25.07
N THR J 274 41.05 37.14 -25.37
CA THR J 274 42.33 37.07 -24.67
C THR J 274 43.46 37.15 -25.68
N ALA J 275 44.49 37.91 -25.32
CA ALA J 275 45.67 38.00 -26.15
C ALA J 275 46.35 36.63 -26.24
N ARG J 276 47.41 36.55 -27.06
CA ARG J 276 48.10 35.29 -27.20
C ARG J 276 48.81 34.87 -25.93
N GLY J 277 49.37 35.83 -25.19
CA GLY J 277 50.11 35.52 -23.98
C GLY J 277 49.26 35.53 -22.73
N SER J 278 48.32 36.47 -22.66
CA SER J 278 47.53 36.70 -21.46
C SER J 278 46.39 35.72 -21.30
N GLN J 279 46.45 34.57 -21.96
CA GLN J 279 45.37 33.60 -21.88
C GLN J 279 45.53 32.64 -20.71
N GLN J 280 46.69 32.00 -20.59
CA GLN J 280 46.88 31.03 -19.52
C GLN J 280 46.87 31.67 -18.15
N TYR J 281 47.00 32.99 -18.07
CA TYR J 281 46.95 33.69 -16.80
C TYR J 281 45.55 34.17 -16.45
N ARG J 282 44.52 33.52 -16.95
CA ARG J 282 43.16 33.87 -16.57
C ARG J 282 42.29 32.62 -16.58
N ALA J 283 41.33 32.59 -15.67
CA ALA J 283 40.43 31.44 -15.54
C ALA J 283 39.21 31.63 -16.44
N LEU J 284 38.84 30.56 -17.15
CA LEU J 284 37.69 30.59 -18.07
C LEU J 284 36.47 30.03 -17.36
N THR J 285 35.84 30.88 -16.56
CA THR J 285 34.62 30.51 -15.86
C THR J 285 33.49 31.43 -16.28
N VAL J 286 32.26 30.93 -16.16
CA VAL J 286 31.05 31.65 -16.52
C VAL J 286 31.01 33.03 -15.87
N PRO J 287 31.37 33.20 -14.58
CA PRO J 287 31.43 34.56 -14.04
C PRO J 287 32.37 35.47 -14.80
N GLU J 288 33.50 34.93 -15.25
CA GLU J 288 34.46 35.74 -15.99
C GLU J 288 33.87 36.23 -17.29
N LEU J 289 33.26 35.32 -18.07
CA LEU J 289 32.62 35.72 -19.31
C LEU J 289 31.54 36.76 -19.04
N THR J 290 30.68 36.50 -18.06
CA THR J 290 29.56 37.40 -17.82
C THR J 290 30.04 38.79 -17.45
N GLN J 291 31.02 38.88 -16.57
CA GLN J 291 31.55 40.19 -16.21
C GLN J 291 32.27 40.85 -17.37
N GLN J 292 32.87 40.06 -18.27
CA GLN J 292 33.51 40.66 -19.43
C GLN J 292 32.49 41.30 -20.36
N MET J 293 31.34 40.64 -20.54
CA MET J 293 30.41 41.10 -21.56
C MET J 293 29.72 42.42 -21.22
N PHE J 294 29.78 42.88 -19.97
CA PHE J 294 29.08 44.11 -19.59
C PHE J 294 30.09 45.21 -19.28
N ASP J 295 30.54 45.91 -20.31
CA ASP J 295 31.37 47.10 -20.17
C ASP J 295 31.52 47.75 -21.53
N ALA J 296 31.69 49.07 -21.52
CA ALA J 296 31.82 49.80 -22.77
C ALA J 296 33.03 49.31 -23.56
N LYS J 297 34.08 48.88 -22.87
CA LYS J 297 35.30 48.47 -23.57
C LYS J 297 35.16 47.11 -24.24
N ASN J 298 33.97 46.52 -24.30
CA ASN J 298 33.77 45.29 -25.06
C ASN J 298 32.45 45.28 -25.80
N MET J 299 31.92 46.45 -26.14
CA MET J 299 30.73 46.56 -26.97
C MET J 299 31.16 46.90 -28.40
N MET J 300 30.73 46.10 -29.36
CA MET J 300 31.11 46.37 -30.74
C MET J 300 30.40 47.55 -31.32
N ALA J 301 29.67 48.35 -30.55
CA ALA J 301 29.09 49.59 -31.03
C ALA J 301 29.64 50.74 -30.20
N ALA J 302 30.15 51.77 -30.87
CA ALA J 302 30.85 52.84 -30.18
C ALA J 302 29.89 53.76 -29.44
N CYS J 303 29.40 53.30 -28.29
CA CYS J 303 28.54 54.12 -27.44
C CYS J 303 28.51 53.49 -26.06
N ASP J 304 28.81 54.26 -25.04
CA ASP J 304 28.83 53.75 -23.68
C ASP J 304 27.43 53.36 -23.26
N PRO J 305 27.18 52.11 -22.85
CA PRO J 305 25.86 51.76 -22.34
C PRO J 305 25.44 52.58 -21.14
N ARG J 306 26.39 53.06 -20.34
CA ARG J 306 26.05 53.79 -19.13
C ARG J 306 25.30 55.08 -19.42
N HIS J 307 25.44 55.64 -20.62
CA HIS J 307 24.70 56.84 -20.96
C HIS J 307 23.21 56.58 -21.08
N GLY J 308 22.80 55.34 -21.22
CA GLY J 308 21.40 54.99 -21.28
C GLY J 308 21.07 53.76 -20.47
N ARG J 309 20.01 53.06 -20.86
CA ARG J 309 19.61 51.83 -20.18
C ARG J 309 19.45 50.71 -21.20
N TYR J 310 19.71 49.48 -20.74
CA TYR J 310 19.46 48.29 -21.54
C TYR J 310 17.97 48.05 -21.55
N LEU J 311 17.33 48.24 -22.70
CA LEU J 311 15.92 47.87 -22.80
C LEU J 311 15.75 46.37 -22.61
N THR J 312 16.49 45.57 -23.36
CA THR J 312 16.55 44.12 -23.18
C THR J 312 17.95 43.63 -23.49
N VAL J 313 18.24 42.41 -23.08
CA VAL J 313 19.55 41.80 -23.27
C VAL J 313 19.36 40.32 -23.55
N ALA J 314 20.05 39.80 -24.55
CA ALA J 314 20.08 38.37 -24.82
C ALA J 314 21.50 37.87 -24.72
N THR J 315 21.65 36.62 -24.31
CA THR J 315 22.97 36.07 -24.04
C THR J 315 23.00 34.61 -24.46
N VAL J 316 23.85 34.29 -25.41
CA VAL J 316 23.92 32.94 -25.97
C VAL J 316 25.28 32.36 -25.63
N PHE J 317 25.30 31.33 -24.81
CA PHE J 317 26.53 30.68 -24.42
C PHE J 317 26.80 29.48 -25.31
N ARG J 318 28.01 28.93 -25.17
CA ARG J 318 28.41 27.75 -25.91
C ARG J 318 29.26 26.89 -25.00
N GLY J 319 29.53 25.67 -25.45
CA GLY J 319 30.34 24.76 -24.65
C GLY J 319 29.64 24.26 -23.41
N ARG J 320 30.17 23.21 -22.78
CA ARG J 320 29.51 22.62 -21.64
C ARG J 320 29.68 23.50 -20.40
N MET J 321 28.57 23.80 -19.74
CA MET J 321 28.57 24.63 -18.55
C MET J 321 27.41 24.22 -17.67
N SER J 322 27.29 24.87 -16.52
CA SER J 322 26.24 24.58 -15.56
C SER J 322 25.22 25.71 -15.58
N MET J 323 23.95 25.34 -15.74
CA MET J 323 22.89 26.34 -15.87
C MET J 323 22.78 27.18 -14.60
N LYS J 324 22.89 26.55 -13.44
CA LYS J 324 22.77 27.29 -12.18
C LYS J 324 23.80 28.39 -12.10
N GLU J 325 25.02 28.12 -12.58
CA GLU J 325 26.07 29.13 -12.56
C GLU J 325 25.67 30.34 -13.39
N VAL J 326 25.15 30.09 -14.59
CA VAL J 326 24.72 31.17 -15.47
C VAL J 326 23.62 31.96 -14.82
N ASP J 327 22.65 31.27 -14.21
CA ASP J 327 21.54 31.95 -13.57
C ASP J 327 22.03 32.84 -12.44
N GLU J 328 22.94 32.32 -11.63
CA GLU J 328 23.49 33.11 -10.53
C GLU J 328 24.21 34.34 -11.05
N GLN J 329 25.01 34.18 -12.10
CA GLN J 329 25.73 35.32 -12.66
C GLN J 329 24.78 36.38 -13.18
N MET J 330 23.75 35.96 -13.92
CA MET J 330 22.80 36.91 -14.45
C MET J 330 22.07 37.62 -13.33
N LEU J 331 21.73 36.89 -12.27
CA LEU J 331 21.08 37.52 -11.12
C LEU J 331 21.97 38.60 -10.52
N ALA J 332 23.24 38.27 -10.29
CA ALA J 332 24.16 39.24 -9.69
C ALA J 332 24.32 40.46 -10.58
N ILE J 333 24.48 40.24 -11.89
CA ILE J 333 24.75 41.35 -12.79
C ILE J 333 23.51 42.21 -12.99
N GLN J 334 22.32 41.61 -12.84
CA GLN J 334 21.10 42.40 -12.88
C GLN J 334 20.88 43.13 -11.57
N SER J 335 21.42 42.61 -10.48
CA SER J 335 21.27 43.26 -9.19
C SER J 335 22.15 44.49 -9.07
N LYS J 336 23.46 44.33 -9.31
CA LYS J 336 24.39 45.41 -9.01
C LYS J 336 24.25 46.58 -9.98
N ASN J 337 23.76 46.36 -11.19
CA ASN J 337 23.62 47.41 -12.19
C ASN J 337 22.17 47.85 -12.33
N SER J 338 21.45 47.91 -11.21
CA SER J 338 20.02 48.15 -11.23
C SER J 338 19.66 49.42 -11.99
N SER J 339 20.48 50.45 -11.87
CA SER J 339 20.22 51.70 -12.59
C SER J 339 20.49 51.57 -14.08
N TYR J 340 21.13 50.49 -14.51
CA TYR J 340 21.47 50.30 -15.91
C TYR J 340 20.40 49.57 -16.69
N PHE J 341 19.30 49.17 -16.05
CA PHE J 341 18.22 48.48 -16.72
C PHE J 341 16.93 49.27 -16.58
N VAL J 342 16.01 49.06 -17.53
CA VAL J 342 14.75 49.76 -17.50
C VAL J 342 13.88 49.20 -16.40
N GLU J 343 13.17 50.08 -15.69
CA GLU J 343 12.37 49.67 -14.55
C GLU J 343 11.25 48.72 -14.96
N TRP J 344 10.51 49.06 -16.00
CA TRP J 344 9.27 48.36 -16.31
C TRP J 344 9.47 47.11 -17.14
N ILE J 345 10.68 46.55 -17.22
CA ILE J 345 10.86 45.23 -17.80
C ILE J 345 11.55 44.34 -16.78
N PRO J 346 10.81 43.68 -15.91
CA PRO J 346 11.45 42.79 -14.93
C PRO J 346 12.00 41.56 -15.60
N ASN J 347 13.14 41.09 -15.08
CA ASN J 347 13.81 39.89 -15.57
C ASN J 347 14.09 39.99 -17.07
N ASN J 348 14.90 40.98 -17.43
CA ASN J 348 15.13 41.34 -18.82
C ASN J 348 16.37 40.71 -19.41
N VAL J 349 16.69 39.47 -19.06
CA VAL J 349 17.85 38.78 -19.61
C VAL J 349 17.37 37.48 -20.22
N LYS J 350 17.36 37.41 -21.55
CA LYS J 350 17.10 36.18 -22.27
C LYS J 350 18.37 35.36 -22.34
N VAL J 351 18.26 34.07 -22.07
CA VAL J 351 19.42 33.20 -21.94
C VAL J 351 19.25 32.01 -22.88
N ALA J 352 20.33 31.64 -23.55
CA ALA J 352 20.36 30.42 -24.35
C ALA J 352 21.70 29.75 -24.15
N VAL J 353 21.72 28.42 -24.23
CA VAL J 353 22.93 27.66 -23.99
C VAL J 353 23.06 26.60 -25.07
N CYS J 354 24.18 26.59 -25.78
CA CYS J 354 24.50 25.54 -26.71
C CYS J 354 25.37 24.49 -26.04
N ASP J 355 25.83 23.51 -26.82
CA ASP J 355 26.63 22.43 -26.28
C ASP J 355 28.00 22.28 -26.93
N ILE J 356 28.31 23.06 -27.95
CA ILE J 356 29.55 22.93 -28.71
C ILE J 356 30.35 24.21 -28.58
N PRO J 357 31.63 24.16 -28.27
CA PRO J 357 32.44 25.37 -28.25
C PRO J 357 32.75 25.83 -29.66
N PRO J 358 33.06 27.14 -29.81
CA PRO J 358 33.43 27.81 -31.06
C PRO J 358 34.72 27.35 -31.73
N ARG J 359 35.13 26.12 -31.42
CA ARG J 359 36.31 25.43 -31.94
C ARG J 359 37.69 25.93 -31.56
N GLY J 360 38.16 25.55 -30.38
CA GLY J 360 39.50 25.94 -29.96
C GLY J 360 39.48 26.59 -28.58
N LEU J 361 38.34 26.46 -27.92
CA LEU J 361 38.08 27.02 -26.61
C LEU J 361 37.24 26.05 -25.77
N LYS J 362 37.13 26.36 -24.49
CA LYS J 362 36.26 25.59 -23.61
C LYS J 362 34.84 26.12 -23.59
N MET J 363 34.66 27.43 -23.53
CA MET J 363 33.33 28.00 -23.47
C MET J 363 33.38 29.45 -23.91
N SER J 364 32.40 29.87 -24.69
CA SER J 364 32.32 31.23 -25.19
C SER J 364 30.95 31.80 -24.88
N SER J 365 30.72 33.02 -25.35
CA SER J 365 29.46 33.71 -25.07
C SER J 365 29.31 34.87 -26.03
N THR J 366 28.05 35.13 -26.39
CA THR J 366 27.69 36.22 -27.28
C THR J 366 26.59 37.04 -26.64
N PHE J 367 26.75 38.35 -26.66
CA PHE J 367 25.83 39.28 -26.02
C PHE J 367 25.13 40.07 -27.11
N ILE J 368 23.83 40.28 -26.95
CA ILE J 368 23.03 41.03 -27.91
C ILE J 368 22.18 42.00 -27.09
N GLY J 369 22.63 43.24 -26.94
CA GLY J 369 21.95 44.20 -26.08
C GLY J 369 21.17 45.21 -26.90
N ASN J 370 19.87 45.28 -26.62
CA ASN J 370 19.02 46.32 -27.18
C ASN J 370 18.91 47.39 -26.10
N SER J 371 19.64 48.48 -26.28
CA SER J 371 19.72 49.55 -25.29
C SER J 371 19.19 50.85 -25.85
N THR J 372 19.15 51.86 -24.99
CA THR J 372 18.79 53.20 -25.42
C THR J 372 19.99 54.07 -25.73
N ALA J 373 21.20 53.63 -25.35
CA ALA J 373 22.39 54.41 -25.62
C ALA J 373 22.57 54.69 -27.11
N ILE J 374 22.17 53.74 -27.96
CA ILE J 374 22.39 53.88 -29.40
C ILE J 374 21.75 55.13 -29.95
N GLN J 375 20.78 55.71 -29.23
CA GLN J 375 20.18 56.95 -29.71
C GLN J 375 21.24 57.99 -30.00
N GLU J 376 22.28 58.05 -29.16
CA GLU J 376 23.38 58.98 -29.40
C GLU J 376 23.90 58.84 -30.81
N LEU J 377 24.21 57.59 -31.21
CA LEU J 377 24.63 57.31 -32.58
C LEU J 377 23.75 58.05 -33.56
N PHE J 378 22.45 57.74 -33.54
CA PHE J 378 21.55 58.37 -34.49
C PHE J 378 21.59 59.88 -34.34
N LYS J 379 21.50 60.35 -33.09
CA LYS J 379 21.67 61.77 -32.83
C LYS J 379 22.84 62.31 -33.63
N ARG J 380 24.02 61.76 -33.39
CA ARG J 380 25.21 62.20 -34.12
C ARG J 380 24.94 62.26 -35.60
N ILE J 381 24.57 61.12 -36.19
CA ILE J 381 24.38 61.08 -37.63
C ILE J 381 23.36 62.12 -38.05
N SER J 382 22.25 62.19 -37.32
CA SER J 382 21.21 63.13 -37.67
C SER J 382 21.80 64.52 -37.80
N GLU J 383 22.52 64.95 -36.78
CA GLU J 383 23.11 66.29 -36.80
C GLU J 383 23.96 66.46 -38.04
N GLN J 384 24.87 65.51 -38.28
CA GLN J 384 25.73 65.59 -39.46
C GLN J 384 24.89 65.76 -40.70
N PHE J 385 23.89 64.90 -40.87
CA PHE J 385 23.02 65.00 -42.03
C PHE J 385 22.46 66.40 -42.15
N THR J 386 21.90 66.91 -41.04
CA THR J 386 21.33 68.24 -41.04
C THR J 386 22.33 69.26 -41.59
N ALA J 387 23.56 69.24 -41.06
CA ALA J 387 24.57 70.17 -41.52
C ALA J 387 24.75 70.05 -43.02
N MET J 388 25.01 68.83 -43.49
CA MET J 388 25.28 68.65 -44.91
C MET J 388 24.04 68.88 -45.75
N PHE J 389 22.87 68.96 -45.13
CA PHE J 389 21.68 69.31 -45.88
C PHE J 389 21.37 70.80 -45.80
N ARG J 390 21.86 71.49 -44.77
CA ARG J 390 21.54 72.90 -44.64
C ARG J 390 22.10 73.71 -45.80
N ARG J 391 23.31 73.36 -46.24
CA ARG J 391 23.92 73.96 -47.41
C ARG J 391 23.57 73.20 -48.69
N LYS J 392 22.85 72.09 -48.58
CA LYS J 392 22.53 71.25 -49.73
C LYS J 392 23.79 70.80 -50.45
N ALA J 393 24.85 70.55 -49.69
CA ALA J 393 26.08 70.06 -50.27
C ALA J 393 25.89 68.67 -50.83
N PHE J 394 26.56 68.39 -51.95
CA PHE J 394 26.52 67.09 -52.59
C PHE J 394 25.13 66.71 -53.04
N LEU J 395 24.20 67.66 -52.95
CA LEU J 395 22.81 67.33 -53.23
C LEU J 395 22.60 66.97 -54.70
N HIS J 396 23.39 67.55 -55.60
CA HIS J 396 23.12 67.37 -57.03
C HIS J 396 23.31 65.93 -57.47
N TRP J 397 24.28 65.21 -56.89
CA TRP J 397 24.47 63.81 -57.28
C TRP J 397 23.22 62.99 -56.99
N TYR J 398 22.61 63.19 -55.83
CA TYR J 398 21.40 62.46 -55.50
C TYR J 398 20.18 62.97 -56.25
N THR J 399 20.12 64.27 -56.51
CA THR J 399 18.97 64.81 -57.23
C THR J 399 18.95 64.32 -58.68
N GLY J 400 20.13 64.13 -59.26
CA GLY J 400 20.22 63.78 -60.67
C GLY J 400 19.72 62.39 -61.02
N GLU J 401 19.40 61.56 -60.02
CA GLU J 401 18.92 60.21 -60.27
C GLU J 401 17.43 60.04 -60.01
N GLY J 402 16.67 61.14 -59.94
CA GLY J 402 15.23 61.11 -59.75
C GLY J 402 14.79 61.46 -58.34
N MET J 403 15.64 61.20 -57.35
CA MET J 403 15.32 61.56 -55.98
C MET J 403 15.28 63.08 -55.84
N ASP J 404 14.49 63.55 -54.89
CA ASP J 404 14.35 64.98 -54.64
C ASP J 404 14.50 65.27 -53.15
N GLU J 405 14.42 66.56 -52.82
CA GLU J 405 14.65 67.00 -51.44
C GLU J 405 13.64 66.39 -50.48
N MET J 406 12.38 66.32 -50.88
CA MET J 406 11.34 65.87 -49.96
C MET J 406 11.64 64.49 -49.42
N GLU J 407 12.33 63.66 -50.21
CA GLU J 407 12.83 62.39 -49.69
C GLU J 407 13.69 62.62 -48.46
N PHE J 408 14.66 63.54 -48.56
CA PHE J 408 15.55 63.80 -47.44
C PHE J 408 14.80 64.39 -46.26
N THR J 409 13.85 65.29 -46.53
CA THR J 409 13.07 65.87 -45.46
C THR J 409 12.33 64.79 -44.68
N GLU J 410 11.64 63.90 -45.40
CA GLU J 410 10.88 62.85 -44.74
C GLU J 410 11.80 61.90 -43.99
N ALA J 411 12.94 61.53 -44.58
CA ALA J 411 13.84 60.60 -43.91
C ALA J 411 14.40 61.20 -42.62
N GLU J 412 14.80 62.47 -42.67
CA GLU J 412 15.31 63.10 -41.46
C GLU J 412 14.24 63.22 -40.39
N SER J 413 13.02 63.57 -40.80
CA SER J 413 11.93 63.63 -39.83
C SER J 413 11.68 62.27 -39.20
N ASN J 414 11.72 61.21 -40.01
CA ASN J 414 11.53 59.87 -39.49
C ASN J 414 12.61 59.49 -38.50
N MET J 415 13.87 59.79 -38.81
CA MET J 415 14.94 59.47 -37.88
C MET J 415 14.81 60.25 -36.58
N ASN J 416 14.42 61.53 -36.68
CA ASN J 416 14.21 62.30 -35.46
C ASN J 416 13.07 61.73 -34.62
N ASP J 417 12.01 61.26 -35.28
CA ASP J 417 10.93 60.61 -34.55
C ASP J 417 11.42 59.37 -33.83
N LEU J 418 12.26 58.58 -34.50
CA LEU J 418 12.81 57.39 -33.86
C LEU J 418 13.62 57.76 -32.64
N VAL J 419 14.46 58.79 -32.75
CA VAL J 419 15.26 59.22 -31.62
C VAL J 419 14.37 59.70 -30.49
N SER J 420 13.28 60.39 -30.85
CA SER J 420 12.33 60.84 -29.83
C SER J 420 11.70 59.66 -29.10
N GLU J 421 11.36 58.61 -29.85
CA GLU J 421 10.81 57.41 -29.21
C GLU J 421 11.81 56.77 -28.26
N TYR J 422 13.07 56.68 -28.69
CA TYR J 422 14.10 56.11 -27.82
C TYR J 422 14.25 56.93 -26.55
N GLN J 423 14.26 58.26 -26.70
CA GLN J 423 14.36 59.13 -25.53
C GLN J 423 13.17 58.95 -24.60
N GLN J 424 11.97 58.88 -25.18
CA GLN J 424 10.76 58.73 -24.38
C GLN J 424 10.80 57.45 -23.55
N TYR J 425 11.18 56.34 -24.19
CA TYR J 425 11.21 55.08 -23.45
C TYR J 425 12.39 54.99 -22.50
N GLN J 426 13.46 55.74 -22.76
CA GLN J 426 14.60 55.73 -21.84
C GLN J 426 14.21 56.31 -20.49
N ASP J 427 13.44 57.39 -20.48
CA ASP J 427 13.03 58.04 -19.25
C ASP J 427 11.57 57.74 -18.89
N ALA J 428 11.06 56.59 -19.33
CA ALA J 428 9.71 56.20 -18.96
C ALA J 428 9.65 55.82 -17.48
N THR J 429 8.45 55.94 -16.91
CA THR J 429 8.25 55.62 -15.50
C THR J 429 6.80 55.26 -15.23
N MET K 1 40.55 31.28 1.70
CA MET K 1 39.79 32.36 2.30
C MET K 1 40.70 33.43 2.89
N ARG K 2 40.13 34.58 3.21
CA ARG K 2 40.87 35.71 3.76
C ARG K 2 42.00 36.13 2.82
N GLU K 3 41.70 36.25 1.54
CA GLU K 3 42.70 36.60 0.56
C GLU K 3 43.22 38.00 0.79
N ILE K 4 44.52 38.21 0.54
CA ILE K 4 45.18 39.49 0.71
C ILE K 4 45.66 39.98 -0.63
N VAL K 5 45.49 41.29 -0.86
CA VAL K 5 45.90 41.93 -2.12
C VAL K 5 47.19 42.69 -1.87
N HIS K 6 48.15 42.54 -2.77
CA HIS K 6 49.46 43.15 -2.64
C HIS K 6 49.60 44.31 -3.63
N ILE K 7 49.96 45.48 -3.10
CA ILE K 7 50.20 46.66 -3.92
C ILE K 7 51.66 47.06 -3.77
N GLN K 8 52.29 47.46 -4.86
CA GLN K 8 53.69 47.85 -4.85
C GLN K 8 53.84 49.19 -5.56
N ALA K 9 54.15 50.24 -4.80
CA ALA K 9 54.33 51.57 -5.34
C ALA K 9 55.78 51.99 -5.19
N GLY K 10 56.26 52.82 -6.11
CA GLY K 10 57.62 53.30 -6.06
C GLY K 10 58.64 52.22 -6.38
N GLN K 11 59.84 52.68 -6.73
CA GLN K 11 60.89 51.74 -7.13
C GLN K 11 61.27 50.81 -5.99
N CYS K 12 61.45 51.37 -4.80
CA CYS K 12 61.76 50.54 -3.65
C CYS K 12 60.65 49.53 -3.39
N GLY K 13 59.41 49.98 -3.45
CA GLY K 13 58.30 49.06 -3.25
C GLY K 13 58.34 47.92 -4.24
N ASN K 14 58.65 48.23 -5.50
CA ASN K 14 58.64 47.19 -6.52
C ASN K 14 59.77 46.20 -6.33
N GLN K 15 60.96 46.68 -5.98
CA GLN K 15 62.07 45.75 -5.75
C GLN K 15 61.80 44.87 -4.53
N ILE K 16 61.34 45.49 -3.44
CA ILE K 16 60.99 44.73 -2.25
C ILE K 16 59.95 43.70 -2.60
N GLY K 17 58.98 44.06 -3.43
CA GLY K 17 57.95 43.12 -3.82
C GLY K 17 58.51 41.97 -4.63
N ALA K 18 59.45 42.25 -5.53
CA ALA K 18 60.06 41.17 -6.29
C ALA K 18 60.71 40.16 -5.37
N LYS K 19 61.52 40.65 -4.43
CA LYS K 19 62.15 39.73 -3.48
C LYS K 19 61.11 39.03 -2.62
N PHE K 20 60.06 39.74 -2.25
CA PHE K 20 59.00 39.20 -1.40
C PHE K 20 58.30 38.05 -2.07
N TRP K 21 57.94 38.22 -3.34
CA TRP K 21 57.29 37.13 -4.06
C TRP K 21 58.24 35.99 -4.31
N GLU K 22 59.53 36.27 -4.50
CA GLU K 22 60.49 35.18 -4.54
C GLU K 22 60.42 34.36 -3.26
N VAL K 23 60.41 35.04 -2.11
CA VAL K 23 60.39 34.34 -0.84
C VAL K 23 59.12 33.52 -0.69
N ILE K 24 57.97 34.12 -1.01
CA ILE K 24 56.70 33.42 -0.83
C ILE K 24 56.65 32.19 -1.73
N SER K 25 57.06 32.34 -2.99
CA SER K 25 57.07 31.20 -3.89
C SER K 25 57.98 30.11 -3.39
N ASP K 26 59.13 30.49 -2.83
CA ASP K 26 59.99 29.49 -2.21
C ASP K 26 59.28 28.78 -1.07
N GLU K 27 58.47 29.53 -0.31
CA GLU K 27 57.74 28.92 0.80
C GLU K 27 56.74 27.88 0.30
N HIS K 28 55.92 28.23 -0.68
CA HIS K 28 54.87 27.33 -1.11
C HIS K 28 55.32 26.34 -2.18
N GLY K 29 56.59 26.34 -2.55
CA GLY K 29 57.06 25.43 -3.57
C GLY K 29 56.47 25.72 -4.92
N ILE K 30 56.67 26.93 -5.42
CA ILE K 30 56.10 27.39 -6.69
C ILE K 30 57.24 27.61 -7.66
N ASP K 31 57.17 26.95 -8.81
CA ASP K 31 58.19 27.11 -9.83
C ASP K 31 58.13 28.53 -10.40
N PRO K 32 59.22 28.99 -11.02
CA PRO K 32 59.18 30.32 -11.63
C PRO K 32 58.09 30.48 -12.68
N SER K 33 57.72 29.38 -13.35
CA SER K 33 56.66 29.45 -14.35
C SER K 33 55.30 29.75 -13.72
N GLY K 34 55.15 29.56 -12.42
CA GLY K 34 53.89 29.77 -11.74
C GLY K 34 53.10 28.52 -11.45
N ASN K 35 53.62 27.35 -11.78
CA ASN K 35 52.96 26.09 -11.46
C ASN K 35 53.56 25.49 -10.20
N TYR K 36 52.73 24.77 -9.46
CA TYR K 36 53.13 24.20 -8.18
C TYR K 36 53.90 22.91 -8.40
N VAL K 37 55.07 22.81 -7.80
CA VAL K 37 55.88 21.59 -7.87
C VAL K 37 56.25 21.17 -6.45
N GLY K 38 55.51 21.67 -5.47
CA GLY K 38 55.84 21.42 -4.08
C GLY K 38 55.60 19.97 -3.69
N ASP K 39 55.71 19.73 -2.38
CA ASP K 39 55.62 18.39 -1.84
C ASP K 39 54.70 18.26 -0.63
N SER K 40 54.25 19.37 -0.04
CA SER K 40 53.43 19.34 1.17
C SER K 40 52.10 20.02 0.89
N ASP K 41 51.01 19.29 1.14
CA ASP K 41 49.69 19.79 0.80
C ASP K 41 49.35 21.07 1.56
N LEU K 42 49.94 21.27 2.74
CA LEU K 42 49.65 22.45 3.53
C LEU K 42 50.04 23.72 2.77
N GLN K 43 50.99 23.60 1.84
CA GLN K 43 51.31 24.72 0.97
C GLN K 43 50.10 25.17 0.19
N LEU K 44 49.32 24.22 -0.32
CA LEU K 44 48.16 24.54 -1.15
C LEU K 44 46.88 24.68 -0.35
N GLU K 45 46.85 24.24 0.91
CA GLU K 45 45.63 24.36 1.70
C GLU K 45 45.25 25.81 1.89
N ARG K 46 46.21 26.73 1.86
CA ARG K 46 45.92 28.16 1.93
C ARG K 46 46.60 28.92 0.81
N ILE K 47 46.94 28.24 -0.29
CA ILE K 47 47.64 28.90 -1.38
C ILE K 47 46.82 30.06 -1.92
N SER K 48 45.51 30.03 -1.72
CA SER K 48 44.64 31.06 -2.26
C SER K 48 44.79 32.42 -1.60
N VAL K 49 45.37 32.47 -0.40
CA VAL K 49 45.37 33.73 0.34
C VAL K 49 46.18 34.79 -0.38
N TYR K 50 47.27 34.39 -1.03
CA TYR K 50 48.10 35.30 -1.81
C TYR K 50 48.06 35.02 -3.30
N TYR K 51 47.78 33.79 -3.70
CA TYR K 51 47.76 33.43 -5.10
C TYR K 51 46.32 33.26 -5.58
N ASN K 52 46.16 33.29 -6.90
CA ASN K 52 44.92 32.88 -7.55
C ASN K 52 45.25 31.69 -8.44
N GLU K 53 44.45 30.63 -8.33
CA GLU K 53 44.64 29.45 -9.17
C GLU K 53 44.06 29.76 -10.54
N ALA K 54 44.92 30.14 -11.47
CA ALA K 54 44.50 30.30 -12.84
C ALA K 54 44.37 28.93 -13.51
N SER K 55 43.57 28.91 -14.57
CA SER K 55 43.22 27.68 -15.24
C SER K 55 44.48 26.97 -15.76
N SER K 56 44.28 25.72 -16.19
CA SER K 56 45.36 24.80 -16.53
C SER K 56 46.28 24.55 -15.34
N HIS K 57 45.76 24.78 -14.13
CA HIS K 57 46.47 24.51 -12.89
C HIS K 57 47.77 25.32 -12.80
N LYS K 58 47.64 26.65 -12.87
CA LYS K 58 48.75 27.54 -12.62
C LYS K 58 48.39 28.48 -11.47
N TYR K 59 49.37 29.22 -10.99
CA TYR K 59 49.14 30.16 -9.89
C TYR K 59 49.70 31.51 -10.25
N VAL K 60 48.92 32.56 -10.00
CA VAL K 60 49.39 33.91 -10.25
C VAL K 60 49.31 34.72 -8.97
N PRO K 61 50.35 35.46 -8.62
CA PRO K 61 50.28 36.27 -7.41
C PRO K 61 49.25 37.37 -7.53
N ARG K 62 48.61 37.68 -6.42
CA ARG K 62 47.63 38.75 -6.36
C ARG K 62 48.32 40.11 -6.22
N ALA K 63 49.19 40.42 -7.17
CA ALA K 63 50.02 41.60 -7.12
C ALA K 63 49.46 42.69 -8.03
N ILE K 64 49.70 43.93 -7.65
CA ILE K 64 49.31 45.09 -8.44
C ILE K 64 50.51 46.03 -8.45
N LEU K 65 51.32 45.94 -9.48
CA LEU K 65 52.57 46.68 -9.55
C LEU K 65 52.35 48.03 -10.20
N VAL K 66 52.71 49.09 -9.48
CA VAL K 66 52.43 50.45 -9.90
C VAL K 66 53.74 51.24 -9.96
N ASP K 67 53.86 52.10 -10.96
CA ASP K 67 55.01 52.98 -11.08
C ASP K 67 54.67 54.06 -12.09
N LEU K 68 55.57 55.04 -12.20
CA LEU K 68 55.45 56.10 -13.20
C LEU K 68 56.58 56.10 -14.21
N GLU K 69 57.53 55.18 -14.10
CA GLU K 69 58.60 55.06 -15.08
C GLU K 69 58.80 53.58 -15.39
N PRO K 70 58.79 53.21 -16.67
CA PRO K 70 58.83 51.79 -17.05
C PRO K 70 60.15 51.10 -16.79
N GLY K 71 61.16 51.80 -16.27
CA GLY K 71 62.47 51.20 -16.09
C GLY K 71 62.50 50.01 -15.17
N THR K 72 62.22 50.24 -13.89
CA THR K 72 62.25 49.15 -12.92
C THR K 72 61.19 48.11 -13.23
N MET K 73 60.05 48.53 -13.77
CA MET K 73 59.04 47.57 -14.20
C MET K 73 59.63 46.58 -15.20
N ASP K 74 60.29 47.10 -16.23
CA ASP K 74 60.87 46.23 -17.24
C ASP K 74 61.98 45.38 -16.65
N SER K 75 62.73 45.93 -15.69
CA SER K 75 63.76 45.14 -15.03
C SER K 75 63.14 43.94 -14.33
N VAL K 76 62.03 44.16 -13.62
CA VAL K 76 61.31 43.06 -12.98
C VAL K 76 60.82 42.08 -14.02
N ARG K 77 60.24 42.60 -15.10
CA ARG K 77 59.64 41.75 -16.12
C ARG K 77 60.67 40.82 -16.74
N SER K 78 61.85 41.34 -17.06
CA SER K 78 62.86 40.52 -17.70
C SER K 78 63.45 39.49 -16.75
N GLY K 79 63.68 39.87 -15.50
CA GLY K 79 64.32 38.97 -14.57
C GLY K 79 63.45 37.79 -14.21
N ALA K 80 64.11 36.71 -13.78
CA ALA K 80 63.39 35.53 -13.34
C ALA K 80 62.47 35.88 -12.18
N PHE K 81 61.48 35.01 -11.95
CA PHE K 81 60.39 35.27 -11.02
C PHE K 81 59.64 36.54 -11.38
N GLY K 82 59.68 36.92 -12.64
CA GLY K 82 58.87 38.00 -13.17
C GLY K 82 57.89 37.46 -14.17
N HIS K 83 58.23 36.34 -14.78
CA HIS K 83 57.37 35.70 -15.78
C HIS K 83 56.14 35.07 -15.19
N LEU K 84 55.81 35.21 -13.90
CA LEU K 84 54.56 34.66 -13.41
C LEU K 84 53.57 35.72 -12.95
N PHE K 85 53.98 36.97 -12.83
CA PHE K 85 53.00 38.03 -12.60
C PHE K 85 52.05 38.10 -13.78
N ARG K 86 50.80 38.42 -13.52
CA ARG K 86 49.85 38.51 -14.61
C ARG K 86 50.12 39.78 -15.40
N PRO K 87 50.45 39.68 -16.69
CA PRO K 87 51.02 40.83 -17.40
C PRO K 87 50.11 42.03 -17.46
N ASP K 88 48.80 41.85 -17.31
CA ASP K 88 47.90 42.98 -17.34
C ASP K 88 48.05 43.87 -16.11
N ASN K 89 48.75 43.38 -15.07
CA ASN K 89 48.86 44.13 -13.83
C ASN K 89 49.83 45.31 -13.92
N PHE K 90 50.83 45.24 -14.80
CA PHE K 90 51.94 46.19 -14.75
C PHE K 90 51.44 47.55 -15.24
N ILE K 91 50.93 48.33 -14.31
CA ILE K 91 50.50 49.68 -14.61
C ILE K 91 51.69 50.60 -14.47
N PHE K 92 51.97 51.40 -15.50
CA PHE K 92 53.05 52.35 -15.43
C PHE K 92 52.77 53.54 -16.33
N GLY K 93 53.34 54.69 -15.94
CA GLY K 93 53.21 55.91 -16.71
C GLY K 93 54.48 56.24 -17.47
N GLN K 94 54.49 57.42 -18.06
CA GLN K 94 55.62 57.87 -18.86
C GLN K 94 56.34 59.08 -18.29
N SER K 95 55.63 59.98 -17.62
CA SER K 95 56.26 61.21 -17.15
C SER K 95 57.26 60.94 -16.04
N GLY K 96 56.95 60.01 -15.13
CA GLY K 96 57.79 59.79 -13.98
C GLY K 96 57.56 60.85 -12.93
N ALA K 97 57.57 60.46 -11.66
CA ALA K 97 57.27 61.42 -10.60
C ALA K 97 58.38 62.45 -10.43
N GLY K 98 59.57 62.20 -10.94
CA GLY K 98 60.64 63.16 -10.79
C GLY K 98 60.99 63.43 -9.35
N ASN K 99 60.85 62.42 -8.49
CA ASN K 99 61.19 62.53 -7.07
C ASN K 99 60.45 63.68 -6.41
N ASN K 100 59.26 63.99 -6.92
CA ASN K 100 58.41 65.04 -6.38
C ASN K 100 57.14 64.41 -5.84
N TRP K 101 56.65 64.94 -4.72
CA TRP K 101 55.41 64.42 -4.16
C TRP K 101 54.20 65.07 -4.82
N ALA K 102 54.32 66.34 -5.19
CA ALA K 102 53.21 67.02 -5.85
C ALA K 102 52.84 66.29 -7.15
N LYS K 103 53.85 65.90 -7.93
CA LYS K 103 53.58 65.10 -9.11
C LYS K 103 52.98 63.76 -8.74
N GLY K 104 53.49 63.13 -7.69
CA GLY K 104 53.06 61.79 -7.35
C GLY K 104 51.68 61.71 -6.71
N HIS K 105 51.10 62.85 -6.33
CA HIS K 105 49.81 62.84 -5.67
C HIS K 105 48.77 63.73 -6.32
N TYR K 106 49.16 64.73 -7.11
CA TYR K 106 48.19 65.63 -7.71
C TYR K 106 48.16 65.54 -9.23
N THR K 107 49.32 65.67 -9.89
CA THR K 107 49.32 65.86 -11.33
C THR K 107 49.45 64.54 -12.08
N GLU K 108 50.57 63.84 -11.89
CA GLU K 108 50.77 62.60 -12.64
C GLU K 108 49.94 61.46 -12.09
N GLY K 109 49.84 61.35 -10.77
CA GLY K 109 49.12 60.23 -10.18
C GLY K 109 47.64 60.25 -10.48
N ALA K 110 47.08 61.44 -10.69
CA ALA K 110 45.65 61.54 -10.99
C ALA K 110 45.28 60.89 -12.32
N GLU K 111 46.27 60.57 -13.15
CA GLU K 111 45.99 59.96 -14.45
C GLU K 111 46.05 58.45 -14.42
N LEU K 112 46.82 57.86 -13.50
CA LEU K 112 46.90 56.41 -13.42
C LEU K 112 46.12 55.82 -12.25
N VAL K 113 45.79 56.63 -11.24
CA VAL K 113 45.11 56.11 -10.06
C VAL K 113 43.80 55.46 -10.45
N ASP K 114 43.15 55.93 -11.51
CA ASP K 114 41.88 55.35 -11.93
C ASP K 114 42.08 53.93 -12.43
N SER K 115 43.06 53.72 -13.31
CA SER K 115 43.33 52.37 -13.79
C SER K 115 43.75 51.47 -12.64
N VAL K 116 44.54 52.00 -11.71
CA VAL K 116 44.98 51.19 -10.58
C VAL K 116 43.77 50.76 -9.76
N LEU K 117 42.88 51.70 -9.44
CA LEU K 117 41.69 51.37 -8.68
C LEU K 117 40.82 50.37 -9.42
N ASP K 118 40.77 50.45 -10.75
CA ASP K 118 39.97 49.51 -11.50
C ASP K 118 40.53 48.09 -11.38
N VAL K 119 41.84 47.95 -11.51
CA VAL K 119 42.41 46.60 -11.35
C VAL K 119 42.25 46.13 -9.91
N VAL K 120 42.35 47.06 -8.96
CA VAL K 120 42.10 46.72 -7.56
C VAL K 120 40.70 46.16 -7.40
N ARG K 121 39.72 46.84 -7.99
CA ARG K 121 38.33 46.41 -7.86
C ARG K 121 38.12 45.05 -8.50
N LYS K 122 38.74 44.83 -9.66
CA LYS K 122 38.63 43.52 -10.30
C LYS K 122 39.16 42.43 -9.37
N GLU K 123 40.33 42.65 -8.79
CA GLU K 123 40.91 41.65 -7.90
C GLU K 123 40.05 41.45 -6.66
N CYS K 124 39.50 42.53 -6.10
CA CYS K 124 38.64 42.43 -4.94
C CYS K 124 37.41 41.57 -5.23
N GLU K 125 36.75 41.83 -6.36
CA GLU K 125 35.58 41.03 -6.70
C GLU K 125 35.97 39.60 -7.00
N ASN K 126 37.20 39.37 -7.47
CA ASN K 126 37.65 38.01 -7.72
C ASN K 126 37.76 37.20 -6.43
N CYS K 127 38.18 37.84 -5.34
CA CYS K 127 38.42 37.12 -4.10
C CYS K 127 37.10 36.70 -3.44
N ASP K 128 37.19 35.68 -2.58
CA ASP K 128 36.03 35.18 -1.87
C ASP K 128 35.68 36.08 -0.69
N CYS K 129 36.59 36.20 0.26
CA CYS K 129 36.41 37.07 1.42
C CYS K 129 37.71 37.85 1.61
N LEU K 130 37.69 39.12 1.21
CA LEU K 130 38.88 39.95 1.30
C LEU K 130 39.28 40.14 2.76
N GLN K 131 40.58 39.97 3.04
CA GLN K 131 41.10 40.14 4.38
C GLN K 131 41.66 41.54 4.60
N GLY K 132 42.52 42.00 3.71
CA GLY K 132 43.07 43.33 3.83
C GLY K 132 44.10 43.60 2.76
N PHE K 133 44.65 44.80 2.84
CA PHE K 133 45.61 45.30 1.86
C PHE K 133 46.95 45.52 2.51
N GLN K 134 48.02 45.18 1.78
CA GLN K 134 49.36 45.49 2.22
C GLN K 134 50.04 46.29 1.12
N LEU K 135 50.49 47.49 1.45
CA LEU K 135 51.13 48.39 0.51
C LEU K 135 52.61 48.47 0.82
N THR K 136 53.44 48.24 -0.18
CA THR K 136 54.89 48.27 -0.05
C THR K 136 55.42 49.47 -0.81
N HIS K 137 55.92 50.47 -0.09
CA HIS K 137 56.34 51.70 -0.74
C HIS K 137 57.43 52.35 0.09
N SER K 138 57.93 53.48 -0.40
CA SER K 138 58.95 54.27 0.26
C SER K 138 58.28 55.43 0.97
N LEU K 139 59.10 56.34 1.49
CA LEU K 139 58.62 57.63 1.93
C LEU K 139 59.39 58.79 1.34
N GLY K 140 60.53 58.53 0.69
CA GLY K 140 61.28 59.59 0.05
C GLY K 140 60.93 59.76 -1.41
N GLY K 141 60.95 58.66 -2.17
CA GLY K 141 60.69 58.75 -3.59
C GLY K 141 59.31 59.31 -3.88
N GLY K 142 59.22 60.10 -4.94
CA GLY K 142 57.98 60.80 -5.23
C GLY K 142 56.84 59.85 -5.57
N THR K 143 57.11 58.87 -6.44
CA THR K 143 56.07 57.92 -6.83
C THR K 143 55.53 57.21 -5.60
N GLY K 144 56.39 56.49 -4.88
CA GLY K 144 56.00 55.79 -3.68
C GLY K 144 55.14 56.64 -2.79
N SER K 145 55.70 57.73 -2.27
CA SER K 145 54.98 58.56 -1.31
C SER K 145 53.64 59.03 -1.87
N GLY K 146 53.68 59.83 -2.92
CA GLY K 146 52.47 60.44 -3.43
C GLY K 146 51.41 59.46 -3.88
N MET K 147 51.78 58.57 -4.81
CA MET K 147 50.80 57.65 -5.36
C MET K 147 50.31 56.66 -4.31
N GLY K 148 51.17 56.22 -3.39
CA GLY K 148 50.70 55.33 -2.35
C GLY K 148 49.71 56.01 -1.43
N THR K 149 49.97 57.26 -1.05
CA THR K 149 49.01 57.97 -0.23
C THR K 149 47.69 58.15 -0.96
N LEU K 150 47.75 58.49 -2.24
CA LEU K 150 46.52 58.64 -3.01
C LEU K 150 45.75 57.34 -3.07
N LEU K 151 46.44 56.24 -3.35
CA LEU K 151 45.78 54.93 -3.42
C LEU K 151 45.18 54.57 -2.08
N ILE K 152 45.87 54.85 -0.99
CA ILE K 152 45.35 54.53 0.33
C ILE K 152 44.08 55.32 0.60
N SER K 153 44.10 56.61 0.28
CA SER K 153 42.90 57.42 0.51
C SER K 153 41.73 56.88 -0.31
N LYS K 154 41.97 56.59 -1.58
CA LYS K 154 40.88 56.10 -2.43
C LYS K 154 40.35 54.76 -1.96
N VAL K 155 41.25 53.83 -1.62
CA VAL K 155 40.83 52.51 -1.17
C VAL K 155 40.03 52.62 0.12
N ARG K 156 40.53 53.41 1.07
CA ARG K 156 39.79 53.62 2.31
C ARG K 156 38.43 54.23 2.04
N GLU K 157 38.31 55.04 1.00
CA GLU K 157 36.99 55.49 0.58
C GLU K 157 36.13 54.31 0.13
N GLU K 158 36.70 53.40 -0.66
CA GLU K 158 35.91 52.32 -1.22
C GLU K 158 35.84 51.07 -0.34
N TYR K 159 36.65 50.99 0.72
CA TYR K 159 36.63 49.82 1.60
C TYR K 159 36.95 50.25 3.01
N PRO K 160 36.03 50.96 3.67
CA PRO K 160 36.31 51.47 5.02
C PRO K 160 36.35 50.39 6.08
N ASP K 161 36.14 49.13 5.72
CA ASP K 161 36.09 48.04 6.67
C ASP K 161 37.31 47.14 6.63
N ARG K 162 37.96 47.00 5.48
CA ARG K 162 39.13 46.16 5.39
C ARG K 162 40.27 46.73 6.22
N ILE K 163 41.32 45.94 6.33
CA ILE K 163 42.48 46.30 7.14
C ILE K 163 43.61 46.70 6.23
N MET K 164 44.46 47.62 6.70
CA MET K 164 45.46 48.26 5.85
C MET K 164 46.84 48.08 6.47
N ASN K 165 47.77 47.55 5.68
CA ASN K 165 49.15 47.38 6.07
C ASN K 165 50.06 48.15 5.12
N THR K 166 51.07 48.81 5.67
CA THR K 166 52.04 49.53 4.87
C THR K 166 53.45 49.19 5.36
N PHE K 167 54.36 48.96 4.43
CA PHE K 167 55.77 48.78 4.75
C PHE K 167 56.51 49.97 4.17
N SER K 168 56.55 51.06 4.91
CA SER K 168 57.15 52.30 4.44
C SER K 168 58.59 52.39 4.90
N VAL K 169 59.50 52.54 3.94
CA VAL K 169 60.93 52.66 4.22
C VAL K 169 61.18 54.11 4.64
N VAL K 170 61.30 54.33 5.94
CA VAL K 170 61.48 55.67 6.50
C VAL K 170 62.88 56.16 6.15
N PRO K 171 63.07 57.45 5.90
CA PRO K 171 64.43 57.97 5.66
C PRO K 171 65.33 57.75 6.87
N SER K 172 66.59 57.42 6.59
CA SER K 172 67.58 57.19 7.62
C SER K 172 67.94 58.51 8.31
N PRO K 173 68.36 58.46 9.58
CA PRO K 173 68.72 59.69 10.29
C PRO K 173 70.04 60.31 9.84
N LYS K 174 71.07 59.48 9.66
CA LYS K 174 72.40 60.02 9.37
C LYS K 174 72.50 60.44 7.91
N VAL K 175 72.40 59.47 7.00
CA VAL K 175 72.49 59.77 5.59
C VAL K 175 71.14 60.29 5.09
N SER K 176 71.15 60.87 3.90
CA SER K 176 69.93 61.32 3.24
C SER K 176 70.09 61.00 1.76
N ASP K 177 69.41 59.95 1.30
CA ASP K 177 69.55 59.54 -0.09
C ASP K 177 68.97 60.57 -1.05
N THR K 178 68.00 61.35 -0.60
CA THR K 178 67.45 62.43 -1.42
C THR K 178 67.67 63.76 -0.69
N VAL K 179 67.19 64.84 -1.31
CA VAL K 179 67.39 66.17 -0.79
C VAL K 179 66.09 66.76 -0.25
N VAL K 180 64.96 66.44 -0.87
CA VAL K 180 63.68 66.96 -0.45
C VAL K 180 62.89 65.96 0.37
N GLU K 181 63.55 64.92 0.88
CA GLU K 181 62.82 63.88 1.57
C GLU K 181 62.06 64.34 2.82
N PRO K 182 62.43 65.40 3.54
CA PRO K 182 61.55 65.85 4.61
C PRO K 182 60.14 66.21 4.15
N TYR K 183 60.02 66.86 2.99
CA TYR K 183 58.69 67.23 2.49
C TYR K 183 57.86 66.01 2.17
N ASN K 184 58.43 65.06 1.42
CA ASN K 184 57.72 63.85 1.09
C ASN K 184 57.34 63.09 2.35
N ALA K 185 58.25 63.00 3.31
CA ALA K 185 57.95 62.29 4.54
C ALA K 185 56.80 62.93 5.28
N THR K 186 56.81 64.25 5.40
CA THR K 186 55.77 64.93 6.16
C THR K 186 54.41 64.73 5.50
N LEU K 187 54.34 64.94 4.18
CA LEU K 187 53.04 64.80 3.52
C LEU K 187 52.55 63.37 3.57
N SER K 188 53.44 62.40 3.33
CA SER K 188 53.04 61.01 3.37
C SER K 188 52.57 60.62 4.76
N ILE K 189 53.25 61.08 5.80
CA ILE K 189 52.85 60.75 7.16
C ILE K 189 51.51 61.39 7.49
N HIS K 190 51.27 62.60 6.99
CA HIS K 190 49.96 63.21 7.17
C HIS K 190 48.87 62.29 6.61
N GLN K 191 49.04 61.86 5.36
CA GLN K 191 48.04 60.97 4.78
C GLN K 191 47.91 59.66 5.54
N LEU K 192 49.04 59.09 5.97
CA LEU K 192 49.00 57.78 6.63
C LEU K 192 48.28 57.86 7.96
N VAL K 193 48.68 58.80 8.83
CA VAL K 193 47.98 58.96 10.10
C VAL K 193 46.54 59.34 9.88
N GLU K 194 46.20 59.87 8.70
CA GLU K 194 44.79 60.00 8.37
C GLU K 194 44.13 58.64 8.19
N ASN K 195 44.64 57.82 7.27
CA ASN K 195 43.85 56.70 6.78
C ASN K 195 44.64 55.41 6.69
N THR K 196 45.37 55.03 7.74
CA THR K 196 46.00 53.71 7.77
C THR K 196 45.82 53.04 9.12
N ASP K 197 45.74 51.71 9.09
CA ASP K 197 45.58 50.95 10.32
C ASP K 197 46.90 50.61 10.98
N GLU K 198 47.96 50.43 10.19
CA GLU K 198 49.25 50.08 10.77
C GLU K 198 50.34 50.38 9.76
N THR K 199 51.50 50.80 10.27
CA THR K 199 52.59 51.26 9.42
C THR K 199 53.89 50.72 9.96
N TYR K 200 54.58 49.93 9.16
CA TYR K 200 55.78 49.23 9.60
C TYR K 200 57.00 50.06 9.21
N CYS K 201 57.41 50.93 10.11
CA CYS K 201 58.53 51.82 9.82
C CYS K 201 59.82 51.01 9.67
N ILE K 202 60.62 51.34 8.66
CA ILE K 202 61.91 50.71 8.41
C ILE K 202 62.90 51.77 7.99
N ASP K 203 64.14 51.63 8.40
CA ASP K 203 65.24 52.48 7.96
C ASP K 203 66.29 51.64 7.27
N ASN K 204 66.90 52.19 6.24
CA ASN K 204 68.01 51.48 5.60
C ASN K 204 69.25 51.48 6.49
N GLU K 205 69.36 52.46 7.38
CA GLU K 205 70.52 52.52 8.27
C GLU K 205 70.58 51.29 9.16
N ALA K 206 69.44 50.92 9.77
CA ALA K 206 69.42 49.78 10.65
C ALA K 206 69.73 48.50 9.90
N LEU K 207 69.23 48.38 8.67
CA LEU K 207 69.51 47.19 7.88
C LEU K 207 70.98 47.12 7.51
N TYR K 208 71.59 48.26 7.18
CA TYR K 208 73.02 48.30 6.96
C TYR K 208 73.75 47.81 8.20
N ASP K 209 73.37 48.33 9.36
CA ASP K 209 74.05 47.97 10.59
C ASP K 209 73.92 46.47 10.88
N ILE K 210 72.75 45.91 10.62
CA ILE K 210 72.54 44.49 10.88
C ILE K 210 73.36 43.65 9.92
N CYS K 211 73.33 43.99 8.63
CA CYS K 211 74.09 43.23 7.66
C CYS K 211 75.59 43.33 7.92
N PHE K 212 76.02 44.45 8.49
CA PHE K 212 77.43 44.63 8.77
C PHE K 212 77.85 43.87 10.02
N ARG K 213 77.30 44.23 11.17
CA ARG K 213 77.73 43.65 12.44
C ARG K 213 77.22 42.22 12.60
N THR K 214 75.91 42.05 12.66
CA THR K 214 75.34 40.78 13.08
C THR K 214 75.60 39.69 12.05
N LEU K 215 75.33 39.98 10.78
CA LEU K 215 75.54 38.99 9.74
C LEU K 215 76.99 38.88 9.29
N LYS K 216 77.84 39.83 9.68
CA LYS K 216 79.24 39.84 9.26
C LYS K 216 79.35 39.83 7.74
N LEU K 217 78.71 40.80 7.10
CA LEU K 217 78.80 40.99 5.67
C LEU K 217 79.31 42.39 5.39
N ALA K 218 80.43 42.47 4.66
CA ALA K 218 80.99 43.76 4.27
C ALA K 218 80.47 44.26 2.92
N THR K 219 79.70 43.43 2.21
CA THR K 219 79.22 43.77 0.87
C THR K 219 77.70 43.59 0.82
N PRO K 220 76.95 44.43 1.54
CA PRO K 220 75.49 44.30 1.53
C PRO K 220 74.89 44.96 0.30
N THR K 221 74.48 44.14 -0.66
CA THR K 221 73.75 44.64 -1.81
C THR K 221 72.28 44.75 -1.46
N TYR K 222 71.57 45.58 -2.24
CA TYR K 222 70.15 45.82 -1.95
C TYR K 222 69.36 44.52 -1.95
N GLY K 223 69.84 43.52 -2.68
CA GLY K 223 69.17 42.23 -2.64
C GLY K 223 69.06 41.69 -1.23
N ASP K 224 70.10 41.86 -0.43
CA ASP K 224 70.08 41.32 0.93
C ASP K 224 69.13 42.07 1.83
N LEU K 225 69.14 43.41 1.76
CA LEU K 225 68.21 44.18 2.58
C LEU K 225 66.77 43.85 2.22
N ASN K 226 66.48 43.79 0.93
CA ASN K 226 65.13 43.41 0.52
C ASN K 226 64.81 42.00 0.96
N HIS K 227 65.80 41.11 0.98
CA HIS K 227 65.59 39.77 1.48
C HIS K 227 65.17 39.77 2.94
N LEU K 228 65.81 40.62 3.74
CA LEU K 228 65.46 40.72 5.15
C LEU K 228 64.05 41.24 5.33
N VAL K 229 63.69 42.30 4.61
CA VAL K 229 62.34 42.83 4.76
C VAL K 229 61.31 41.80 4.30
N SER K 230 61.63 41.05 3.24
CA SER K 230 60.74 40.01 2.77
C SER K 230 60.54 38.93 3.81
N ALA K 231 61.64 38.52 4.48
CA ALA K 231 61.50 37.53 5.54
C ALA K 231 60.61 38.05 6.65
N THR K 232 60.73 39.33 6.98
CA THR K 232 59.85 39.90 8.01
C THR K 232 58.39 39.83 7.59
N MET K 233 58.09 40.22 6.35
CA MET K 233 56.70 40.20 5.89
C MET K 233 56.15 38.78 5.86
N SER K 234 56.94 37.83 5.38
CA SER K 234 56.51 36.43 5.37
C SER K 234 56.22 35.95 6.78
N GLY K 235 57.08 36.31 7.73
CA GLY K 235 56.81 35.97 9.11
C GLY K 235 55.52 36.59 9.63
N VAL K 236 55.21 37.81 9.19
CA VAL K 236 53.96 38.43 9.63
C VAL K 236 52.76 37.65 9.12
N THR K 237 52.80 37.22 7.86
CA THR K 237 51.62 36.58 7.29
C THR K 237 51.52 35.08 7.55
N THR K 238 52.61 34.42 7.93
CA THR K 238 52.54 32.97 8.09
C THR K 238 51.55 32.57 9.17
N SER K 239 51.19 33.49 10.06
CA SER K 239 50.25 33.16 11.12
C SER K 239 48.88 32.77 10.57
N LEU K 240 48.54 33.21 9.37
CA LEU K 240 47.30 32.84 8.73
C LEU K 240 47.49 32.02 7.48
N ARG K 241 48.65 32.13 6.82
CA ARG K 241 48.88 31.25 5.68
C ARG K 241 49.23 29.83 6.08
N PHE K 242 49.29 29.52 7.37
CA PHE K 242 49.74 28.22 7.81
C PHE K 242 49.06 27.86 9.12
N PRO K 243 48.92 26.58 9.42
CA PRO K 243 48.34 26.18 10.71
C PRO K 243 49.28 26.53 11.85
N GLY K 244 48.71 26.63 13.04
CA GLY K 244 49.52 26.96 14.19
C GLY K 244 48.85 26.68 15.52
N GLN K 245 49.65 26.33 16.52
CA GLN K 245 49.08 26.01 17.82
C GLN K 245 48.38 27.21 18.43
N LEU K 246 48.81 28.42 18.09
CA LEU K 246 48.11 29.64 18.48
C LEU K 246 48.22 30.59 17.29
N ASN K 247 47.22 30.55 16.42
CA ASN K 247 47.28 31.26 15.16
C ASN K 247 46.93 32.73 15.33
N ALA K 248 47.34 33.54 14.36
CA ALA K 248 47.06 34.95 14.36
C ALA K 248 46.67 35.40 12.95
N ASP K 249 45.95 36.51 12.88
CA ASP K 249 45.60 37.14 11.61
C ASP K 249 45.96 38.61 11.70
N LEU K 250 45.87 39.29 10.56
CA LEU K 250 46.22 40.71 10.54
C LEU K 250 45.32 41.53 11.45
N ARG K 251 44.03 41.19 11.49
CA ARG K 251 43.13 41.91 12.37
C ARG K 251 43.51 41.72 13.83
N LYS K 252 43.98 40.52 14.19
CA LYS K 252 44.44 40.30 15.56
C LYS K 252 45.57 41.24 15.92
N LEU K 253 46.57 41.34 15.03
CA LEU K 253 47.68 42.24 15.28
C LEU K 253 47.20 43.68 15.37
N ALA K 254 46.28 44.07 14.48
CA ALA K 254 45.79 45.45 14.52
C ALA K 254 45.11 45.74 15.85
N VAL K 255 44.28 44.83 16.33
CA VAL K 255 43.57 45.06 17.59
C VAL K 255 44.55 45.12 18.74
N ASN K 256 45.52 44.20 18.76
CA ASN K 256 46.42 44.12 19.90
C ASN K 256 47.42 45.27 19.95
N MET K 257 47.89 45.73 18.80
CA MET K 257 49.02 46.66 18.77
C MET K 257 48.61 48.11 18.66
N VAL K 258 47.32 48.42 18.52
CA VAL K 258 46.94 49.80 18.22
C VAL K 258 45.98 50.29 19.28
N PRO K 259 46.47 50.71 20.44
CA PRO K 259 45.57 51.16 21.52
C PRO K 259 44.75 52.39 21.15
N PHE K 260 45.24 53.25 20.27
CA PHE K 260 44.56 54.47 19.92
C PHE K 260 44.59 54.63 18.42
N PRO K 261 43.62 55.33 17.83
CA PRO K 261 43.52 55.35 16.36
C PRO K 261 44.78 55.82 15.67
N ARG K 262 45.47 56.81 16.23
CA ARG K 262 46.60 57.42 15.53
C ARG K 262 47.89 56.65 15.74
N LEU K 263 48.15 56.19 16.96
CA LEU K 263 49.46 55.65 17.33
C LEU K 263 49.58 54.20 16.85
N HIS K 264 49.84 54.06 15.55
CA HIS K 264 49.91 52.75 14.93
C HIS K 264 51.15 52.61 14.07
N PHE K 265 52.32 52.98 14.60
CA PHE K 265 53.58 52.84 13.89
C PHE K 265 54.45 51.82 14.62
N PHE K 266 54.85 50.79 13.90
CA PHE K 266 55.53 49.66 14.50
C PHE K 266 56.96 49.55 13.97
N MET K 267 57.87 49.20 14.84
CA MET K 267 59.19 48.82 14.37
C MET K 267 59.31 47.31 14.39
N PRO K 268 59.73 46.70 13.29
CA PRO K 268 59.85 45.25 13.23
C PRO K 268 61.22 44.78 13.70
N GLY K 269 61.36 43.48 13.77
CA GLY K 269 62.63 42.84 14.08
C GLY K 269 62.54 41.37 13.75
N PHE K 270 63.68 40.77 13.47
CA PHE K 270 63.72 39.38 13.07
C PHE K 270 64.77 38.66 13.89
N ALA K 271 64.58 37.35 14.04
CA ALA K 271 65.59 36.52 14.69
C ALA K 271 65.35 35.09 14.27
N PRO K 272 66.38 34.23 14.23
CA PRO K 272 67.78 34.49 14.52
C PRO K 272 68.52 35.09 13.34
N LEU K 273 69.62 35.78 13.63
CA LEU K 273 70.49 36.35 12.60
C LEU K 273 71.91 35.89 12.89
N THR K 274 72.37 34.89 12.17
CA THR K 274 73.67 34.29 12.40
C THR K 274 74.50 34.36 11.13
N ALA K 275 75.78 34.69 11.30
CA ALA K 275 76.69 34.69 10.17
C ALA K 275 76.85 33.27 9.62
N ARG K 276 77.59 33.16 8.52
CA ARG K 276 77.78 31.84 7.91
C ARG K 276 78.60 30.92 8.81
N GLY K 277 79.58 31.45 9.51
CA GLY K 277 80.45 30.64 10.35
C GLY K 277 79.97 30.53 11.78
N SER K 278 79.43 31.62 12.32
CA SER K 278 79.07 31.70 13.73
C SER K 278 77.75 31.04 14.04
N GLN K 279 77.26 30.16 13.17
CA GLN K 279 75.97 29.52 13.39
C GLN K 279 76.08 28.27 14.26
N GLN K 280 76.95 27.34 13.89
CA GLN K 280 77.06 26.09 14.63
C GLN K 280 77.59 26.30 16.04
N TYR K 281 78.15 27.47 16.33
CA TYR K 281 78.64 27.77 17.66
C TYR K 281 77.61 28.49 18.52
N ARG K 282 76.32 28.29 18.24
CA ARG K 282 75.28 28.87 19.07
C ARG K 282 74.07 27.96 19.10
N ALA K 283 73.39 27.91 20.24
CA ALA K 283 72.23 27.06 20.41
C ALA K 283 70.96 27.79 19.99
N LEU K 284 70.11 27.11 19.23
CA LEU K 284 68.86 27.69 18.74
C LEU K 284 67.71 27.29 19.66
N THR K 285 67.60 28.02 20.77
CA THR K 285 66.53 27.82 21.73
C THR K 285 65.69 29.08 21.86
N VAL K 286 64.44 28.89 22.25
CA VAL K 286 63.49 29.99 22.44
C VAL K 286 64.06 31.09 23.31
N PRO K 287 64.74 30.79 24.43
CA PRO K 287 65.36 31.88 25.19
C PRO K 287 66.35 32.68 24.36
N GLU K 288 67.11 32.01 23.49
CA GLU K 288 68.08 32.72 22.66
C GLU K 288 67.39 33.69 21.72
N LEU K 289 66.37 33.22 21.01
CA LEU K 289 65.60 34.10 20.13
C LEU K 289 65.04 35.28 20.91
N THR K 290 64.39 34.99 22.04
CA THR K 290 63.72 36.04 22.79
C THR K 290 64.69 37.10 23.25
N GLN K 291 65.84 36.68 23.78
CA GLN K 291 66.83 37.65 24.21
C GLN K 291 67.44 38.39 23.03
N GLN K 292 67.51 37.76 21.86
CA GLN K 292 68.02 38.46 20.70
C GLN K 292 67.08 39.58 20.27
N MET K 293 65.77 39.33 20.34
CA MET K 293 64.84 40.28 19.76
C MET K 293 64.73 41.59 20.53
N PHE K 294 65.21 41.66 21.77
CA PHE K 294 65.07 42.87 22.57
C PHE K 294 66.43 43.52 22.77
N ASP K 295 66.82 44.35 21.79
CA ASP K 295 68.01 45.19 21.91
C ASP K 295 68.05 46.13 20.72
N ALA K 296 68.64 47.30 20.94
CA ALA K 296 68.71 48.28 19.86
C ALA K 296 69.46 47.73 18.66
N LYS K 297 70.46 46.87 18.90
CA LYS K 297 71.26 46.37 17.80
C LYS K 297 70.54 45.33 16.94
N ASN K 298 69.24 45.11 17.15
CA ASN K 298 68.48 44.24 16.27
C ASN K 298 67.08 44.80 15.98
N MET K 299 66.91 46.11 16.06
CA MET K 299 65.66 46.75 15.65
C MET K 299 65.84 47.35 14.27
N MET K 300 64.95 46.98 13.36
CA MET K 300 65.07 47.52 12.00
C MET K 300 64.66 48.96 11.90
N ALA K 301 64.45 49.67 13.00
CA ALA K 301 64.21 51.10 12.97
C ALA K 301 65.29 51.79 13.80
N ALA K 302 65.93 52.79 13.21
CA ALA K 302 67.09 53.41 13.85
C ALA K 302 66.69 54.30 15.01
N CYS K 303 66.35 53.68 16.14
CA CYS K 303 66.04 54.43 17.35
C CYS K 303 66.12 53.48 18.53
N ASP K 304 66.90 53.84 19.54
CA ASP K 304 67.07 52.98 20.70
C ASP K 304 65.74 52.86 21.45
N PRO K 305 65.22 51.67 21.67
CA PRO K 305 64.00 51.54 22.49
C PRO K 305 64.17 52.08 23.89
N ARG K 306 65.39 52.04 24.44
CA ARG K 306 65.60 52.47 25.81
C ARG K 306 65.27 53.95 26.02
N HIS K 307 65.30 54.75 24.96
CA HIS K 307 64.94 56.15 25.11
C HIS K 307 63.47 56.34 25.40
N GLY K 308 62.64 55.33 25.15
CA GLY K 308 61.23 55.41 25.46
C GLY K 308 60.72 54.12 26.08
N ARG K 309 59.43 53.86 25.91
CA ARG K 309 58.81 52.64 26.43
C ARG K 309 58.07 51.93 25.32
N TYR K 310 58.01 50.60 25.43
CA TYR K 310 57.19 49.79 24.53
C TYR K 310 55.75 49.96 24.93
N LEU K 311 54.94 50.61 24.10
CA LEU K 311 53.53 50.67 24.36
C LEU K 311 52.92 49.27 24.31
N THR K 312 53.16 48.55 23.22
CA THR K 312 52.78 47.15 23.10
C THR K 312 53.83 46.42 22.27
N VAL K 313 53.77 45.09 22.33
CA VAL K 313 54.73 44.25 21.63
C VAL K 313 54.00 43.00 21.15
N ALA K 314 54.22 42.62 19.90
CA ALA K 314 53.72 41.37 19.36
C ALA K 314 54.88 40.51 18.93
N THR K 315 54.71 39.20 19.03
CA THR K 315 55.80 38.27 18.76
C THR K 315 55.24 37.04 18.09
N VAL K 316 55.69 36.77 16.86
CA VAL K 316 55.18 35.66 16.07
C VAL K 316 56.32 34.69 15.85
N PHE K 317 56.19 33.49 16.41
CA PHE K 317 57.19 32.46 16.28
C PHE K 317 56.84 31.53 15.13
N ARG K 318 57.78 30.67 14.78
CA ARG K 318 57.59 29.67 13.74
C ARG K 318 58.30 28.41 14.16
N GLY K 319 58.04 27.33 13.43
CA GLY K 319 58.65 26.05 13.74
C GLY K 319 58.14 25.44 15.02
N ARG K 320 58.43 24.15 15.23
CA ARG K 320 57.91 23.46 16.39
C ARG K 320 58.64 23.88 17.66
N MET K 321 57.87 24.26 18.68
CA MET K 321 58.43 24.70 19.94
C MET K 321 57.44 24.38 21.05
N SER K 322 57.82 24.71 22.27
CA SER K 322 56.99 24.44 23.44
C SER K 322 56.41 25.75 23.95
N MET K 323 55.09 25.79 24.12
CA MET K 323 54.43 27.03 24.53
C MET K 323 54.89 27.49 25.90
N LYS K 324 55.07 26.55 26.83
CA LYS K 324 55.49 26.91 28.18
C LYS K 324 56.82 27.64 28.15
N GLU K 325 57.73 27.20 27.28
CA GLU K 325 59.03 27.86 27.17
C GLU K 325 58.86 29.30 26.74
N VAL K 326 58.03 29.54 25.73
CA VAL K 326 57.79 30.90 25.26
C VAL K 326 57.19 31.74 26.36
N ASP K 327 56.22 31.19 27.09
CA ASP K 327 55.57 31.93 28.16
C ASP K 327 56.58 32.31 29.24
N GLU K 328 57.44 31.36 29.62
CA GLU K 328 58.46 31.64 30.61
C GLU K 328 59.40 32.74 30.15
N GLN K 329 59.83 32.67 28.89
CA GLN K 329 60.74 33.69 28.37
C GLN K 329 60.09 35.06 28.37
N MET K 330 58.84 35.14 27.93
CA MET K 330 58.16 36.43 27.91
C MET K 330 57.98 36.96 29.32
N LEU K 331 57.68 36.08 30.27
CA LEU K 331 57.57 36.51 31.66
C LEU K 331 58.88 37.11 32.16
N ALA K 332 59.99 36.41 31.91
CA ALA K 332 61.29 36.89 32.37
C ALA K 332 61.62 38.24 31.73
N ILE K 333 61.39 38.36 30.43
CA ILE K 333 61.80 39.56 29.71
C ILE K 333 60.89 40.73 30.08
N GLN K 334 59.66 40.44 30.47
CA GLN K 334 58.79 41.51 30.96
C GLN K 334 59.13 41.88 32.38
N SER K 335 59.71 40.95 33.13
CA SER K 335 60.08 41.23 34.51
C SER K 335 61.32 42.10 34.58
N LYS K 336 62.41 41.68 33.93
CA LYS K 336 63.68 42.36 34.13
C LYS K 336 63.73 43.74 33.50
N ASN K 337 62.92 44.00 32.47
CA ASN K 337 62.90 45.29 31.79
C ASN K 337 61.68 46.11 32.19
N SER K 338 61.31 46.05 33.47
CA SER K 338 60.07 46.65 33.93
C SER K 338 59.98 48.13 33.58
N SER K 339 61.11 48.84 33.65
CA SER K 339 61.10 50.25 33.29
C SER K 339 60.97 50.47 31.79
N TYR K 340 61.10 49.42 30.99
CA TYR K 340 61.02 49.56 29.55
C TYR K 340 59.61 49.38 29.00
N PHE K 341 58.63 49.12 29.86
CA PHE K 341 57.25 48.95 29.43
C PHE K 341 56.36 49.99 30.11
N VAL K 342 55.24 50.29 29.47
CA VAL K 342 54.32 51.26 30.03
C VAL K 342 53.58 50.66 31.21
N GLU K 343 53.40 51.47 32.26
CA GLU K 343 52.80 50.98 33.49
C GLU K 343 51.37 50.51 33.27
N TRP K 344 50.56 51.30 32.60
CA TRP K 344 49.13 51.07 32.55
C TRP K 344 48.70 50.09 31.47
N ILE K 345 49.61 49.28 30.93
CA ILE K 345 49.18 48.17 30.07
C ILE K 345 49.77 46.89 30.64
N PRO K 346 49.08 46.22 31.56
CA PRO K 346 49.60 44.97 32.09
C PRO K 346 49.54 43.86 31.05
N ASN K 347 50.55 43.00 31.11
CA ASN K 347 50.65 41.85 30.22
C ASN K 347 50.59 42.29 28.75
N ASN K 348 51.58 43.08 28.36
CA ASN K 348 51.58 43.75 27.05
C ASN K 348 52.37 43.00 26.00
N VAL K 349 52.33 41.67 25.99
CA VAL K 349 53.03 40.89 24.98
C VAL K 349 52.03 39.97 24.31
N LYS K 350 51.69 40.28 23.07
CA LYS K 350 50.87 39.42 22.24
C LYS K 350 51.75 38.34 21.63
N VAL K 351 51.29 37.10 21.67
CA VAL K 351 52.09 35.96 21.25
C VAL K 351 51.32 35.17 20.21
N ALA K 352 52.03 34.73 19.18
CA ALA K 352 51.47 33.82 18.19
C ALA K 352 52.53 32.79 17.83
N VAL K 353 52.08 31.59 17.50
CA VAL K 353 52.99 30.50 17.19
C VAL K 353 52.51 29.78 15.95
N CYS K 354 53.37 29.68 14.94
CA CYS K 354 53.09 28.87 13.76
C CYS K 354 53.70 27.49 13.93
N ASP K 355 53.62 26.69 12.87
CA ASP K 355 54.12 25.32 12.92
C ASP K 355 55.16 25.01 11.86
N ILE K 356 55.47 25.94 10.96
CA ILE K 356 56.39 25.69 9.86
C ILE K 356 57.57 26.64 9.98
N PRO K 357 58.80 26.17 9.87
CA PRO K 357 59.95 27.07 9.86
C PRO K 357 60.05 27.80 8.54
N PRO K 358 60.71 28.96 8.54
CA PRO K 358 60.89 29.71 7.28
C PRO K 358 61.86 29.16 6.23
N ARG K 359 61.99 27.83 6.16
CA ARG K 359 62.91 27.05 5.30
C ARG K 359 64.36 26.92 5.73
N GLY K 360 64.90 25.71 5.86
CA GLY K 360 66.28 25.65 6.32
C GLY K 360 66.60 25.74 7.79
N LEU K 361 65.78 26.44 8.56
CA LEU K 361 66.02 26.66 9.97
C LEU K 361 65.14 25.76 10.82
N LYS K 362 65.44 25.71 12.11
CA LYS K 362 64.60 24.99 13.06
C LYS K 362 63.47 25.84 13.60
N MET K 363 63.76 27.08 13.97
CA MET K 363 62.73 27.94 14.54
C MET K 363 63.17 29.39 14.40
N SER K 364 62.22 30.25 14.05
CA SER K 364 62.48 31.67 13.87
C SER K 364 61.48 32.47 14.70
N SER K 365 61.57 33.78 14.57
CA SER K 365 60.72 34.67 15.35
C SER K 365 60.73 36.05 14.72
N THR K 366 59.58 36.72 14.83
CA THR K 366 59.40 38.07 14.32
C THR K 366 58.81 38.94 15.41
N PHE K 367 59.39 40.11 15.60
CA PHE K 367 59.00 41.04 16.65
C PHE K 367 58.37 42.26 16.01
N ILE K 368 57.28 42.74 16.60
CA ILE K 368 56.57 43.92 16.11
C ILE K 368 56.31 44.80 17.31
N GLY K 369 57.15 45.79 17.54
CA GLY K 369 57.07 46.62 18.74
C GLY K 369 56.48 47.97 18.42
N ASN K 370 55.39 48.31 19.08
CA ASN K 370 54.82 49.64 19.04
C ASN K 370 55.33 50.37 20.27
N SER K 371 56.31 51.23 20.10
CA SER K 371 56.97 51.92 21.20
C SER K 371 56.78 53.42 21.09
N THR K 372 57.28 54.13 22.10
CA THR K 372 57.30 55.58 22.07
C THR K 372 58.61 56.15 21.58
N ALA K 373 59.65 55.33 21.48
CA ALA K 373 60.94 55.82 21.01
C ALA K 373 60.84 56.44 19.61
N ILE K 374 59.96 55.90 18.76
CA ILE K 374 59.88 56.37 17.39
C ILE K 374 59.58 57.85 17.31
N GLN K 375 59.04 58.45 18.39
CA GLN K 375 58.79 59.88 18.37
C GLN K 375 60.04 60.64 17.96
N GLU K 376 61.21 60.19 18.44
CA GLU K 376 62.47 60.83 18.06
C GLU K 376 62.56 60.95 16.55
N LEU K 377 62.35 59.83 15.85
CA LEU K 377 62.32 59.84 14.40
C LEU K 377 61.52 61.02 13.89
N PHE K 378 60.24 61.07 14.25
CA PHE K 378 59.39 62.15 13.76
C PHE K 378 59.96 63.49 14.19
N LYS K 379 60.33 63.61 15.46
CA LYS K 379 61.01 64.81 15.93
C LYS K 379 62.07 65.23 14.93
N ARG K 380 63.04 64.33 14.67
CA ARG K 380 64.10 64.63 13.72
C ARG K 380 63.51 65.18 12.43
N ILE K 381 62.67 64.38 11.78
CA ILE K 381 62.14 64.78 10.48
C ILE K 381 61.46 66.13 10.61
N SER K 382 60.63 66.28 11.65
CA SER K 382 59.91 67.53 11.82
C SER K 382 60.87 68.70 11.79
N GLU K 383 61.92 68.63 12.61
CA GLU K 383 62.89 69.71 12.66
C GLU K 383 63.44 69.98 11.27
N GLN K 384 63.90 68.93 10.58
CA GLN K 384 64.44 69.11 9.25
C GLN K 384 63.43 69.84 8.38
N PHE K 385 62.20 69.35 8.36
CA PHE K 385 61.16 69.99 7.56
C PHE K 385 61.09 71.47 7.90
N THR K 386 61.00 71.77 9.20
CA THR K 386 60.92 73.17 9.63
C THR K 386 62.04 73.98 9.02
N ALA K 387 63.27 73.50 9.12
CA ALA K 387 64.40 74.23 8.55
C ALA K 387 64.18 74.49 7.08
N MET K 388 63.91 73.42 6.32
CA MET K 388 63.76 73.58 4.88
C MET K 388 62.50 74.35 4.53
N PHE K 389 61.60 74.56 5.48
CA PHE K 389 60.46 75.40 5.22
C PHE K 389 60.68 76.83 5.68
N ARG K 390 61.59 77.05 6.62
CA ARG K 390 61.80 78.41 7.12
C ARG K 390 62.31 79.32 6.01
N ARG K 391 63.19 78.81 5.17
CA ARG K 391 63.67 79.53 4.00
C ARG K 391 62.81 79.28 2.77
N LYS K 392 61.81 78.41 2.88
CA LYS K 392 60.96 78.03 1.75
C LYS K 392 61.80 77.50 0.59
N ALA K 393 62.87 76.77 0.93
CA ALA K 393 63.71 76.16 -0.07
C ALA K 393 62.94 75.07 -0.82
N PHE K 394 63.19 74.95 -2.12
CA PHE K 394 62.58 73.94 -2.95
C PHE K 394 61.07 74.08 -3.01
N LEU K 395 60.55 75.18 -2.46
CA LEU K 395 59.11 75.32 -2.36
C LEU K 395 58.46 75.44 -3.73
N HIS K 396 59.16 76.02 -4.70
CA HIS K 396 58.53 76.32 -5.98
C HIS K 396 58.12 75.06 -6.73
N TRP K 397 58.89 73.99 -6.62
CA TRP K 397 58.53 72.76 -7.32
C TRP K 397 57.18 72.24 -6.83
N TYR K 398 56.95 72.27 -5.52
CA TYR K 398 55.68 71.81 -4.98
C TYR K 398 54.56 72.80 -5.21
N THR K 399 54.87 74.10 -5.17
CA THR K 399 53.84 75.10 -5.39
C THR K 399 53.32 75.05 -6.82
N GLY K 400 54.19 74.73 -7.77
CA GLY K 400 53.83 74.78 -9.17
C GLY K 400 52.83 73.72 -9.61
N GLU K 401 52.50 72.76 -8.74
CA GLU K 401 51.56 71.71 -9.10
C GLU K 401 50.20 71.88 -8.42
N GLY K 402 49.89 73.07 -7.91
CA GLY K 402 48.61 73.37 -7.30
C GLY K 402 48.65 73.41 -5.78
N MET K 403 49.57 72.66 -5.17
CA MET K 403 49.72 72.70 -3.72
C MET K 403 50.21 74.08 -3.29
N ASP K 404 49.87 74.45 -2.06
CA ASP K 404 50.27 75.75 -1.52
C ASP K 404 50.85 75.57 -0.12
N GLU K 405 51.28 76.69 0.47
CA GLU K 405 51.96 76.64 1.75
C GLU K 405 51.06 76.08 2.85
N MET K 406 49.78 76.46 2.85
CA MET K 406 48.91 76.07 3.95
C MET K 406 48.85 74.55 4.09
N GLU K 407 49.03 73.83 2.99
CA GLU K 407 49.19 72.39 3.06
C GLU K 407 50.34 72.03 3.99
N PHE K 408 51.51 72.64 3.77
CA PHE K 408 52.67 72.33 4.60
C PHE K 408 52.44 72.76 6.04
N THR K 409 51.81 73.91 6.25
CA THR K 409 51.55 74.35 7.60
C THR K 409 50.69 73.34 8.35
N GLU K 410 49.60 72.90 7.72
CA GLU K 410 48.71 71.94 8.36
C GLU K 410 49.42 70.61 8.60
N ALA K 411 50.20 70.14 7.63
CA ALA K 411 50.87 68.86 7.79
C ALA K 411 51.88 68.91 8.93
N GLU K 412 52.65 69.99 9.02
CA GLU K 412 53.62 70.11 10.10
C GLU K 412 52.92 70.19 11.45
N SER K 413 51.83 70.95 11.52
CA SER K 413 51.07 71.03 12.77
C SER K 413 50.56 69.65 13.17
N ASN K 414 50.06 68.89 12.19
CA ASN K 414 49.55 67.55 12.48
C ASN K 414 50.64 66.64 13.00
N MET K 415 51.82 66.67 12.38
CA MET K 415 52.92 65.85 12.85
C MET K 415 53.35 66.24 14.26
N ASN K 416 53.41 67.54 14.53
CA ASN K 416 53.75 67.98 15.88
C ASN K 416 52.72 67.52 16.89
N ASP K 417 51.44 67.55 16.53
CA ASP K 417 50.41 67.04 17.41
C ASP K 417 50.62 65.55 17.68
N LEU K 418 50.96 64.79 16.65
CA LEU K 418 51.21 63.36 16.86
C LEU K 418 52.38 63.15 17.82
N VAL K 419 53.46 63.92 17.65
CA VAL K 419 54.60 63.78 18.54
C VAL K 419 54.19 64.15 19.96
N SER K 420 53.35 65.17 20.10
CA SER K 420 52.87 65.56 21.42
C SER K 420 52.07 64.43 22.07
N GLU K 421 51.24 63.75 21.27
CA GLU K 421 50.49 62.61 21.81
C GLU K 421 51.43 61.49 22.26
N TYR K 422 52.44 61.20 21.45
CA TYR K 422 53.40 60.16 21.84
C TYR K 422 54.11 60.53 23.13
N GLN K 423 54.52 61.79 23.25
CA GLN K 423 55.17 62.25 24.47
C GLN K 423 54.24 62.14 25.67
N GLN K 424 52.98 62.55 25.49
CA GLN K 424 52.02 62.50 26.58
C GLN K 424 51.82 61.09 27.08
N TYR K 425 51.65 60.13 26.17
CA TYR K 425 51.44 58.76 26.60
C TYR K 425 52.71 58.11 27.10
N GLN K 426 53.88 58.59 26.68
CA GLN K 426 55.13 58.01 27.18
C GLN K 426 55.28 58.28 28.68
N ASP K 427 54.93 59.48 29.12
CA ASP K 427 55.06 59.84 30.53
C ASP K 427 53.71 59.84 31.24
N ALA K 428 52.77 59.04 30.79
CA ALA K 428 51.49 58.93 31.47
C ALA K 428 51.66 58.19 32.79
N THR K 429 50.73 58.45 33.71
CA THR K 429 50.78 57.82 35.03
C THR K 429 49.38 57.79 35.66
N MET L 1 -24.95 -26.29 10.51
CA MET L 1 -26.13 -25.42 10.59
C MET L 1 -25.74 -24.02 11.06
N ARG L 2 -26.67 -23.08 10.90
CA ARG L 2 -26.46 -21.68 11.27
C ARG L 2 -25.25 -21.09 10.55
N GLU L 3 -25.17 -21.34 9.25
CA GLU L 3 -24.04 -20.88 8.46
C GLU L 3 -24.00 -19.36 8.41
N ILE L 4 -22.78 -18.80 8.42
CA ILE L 4 -22.57 -17.36 8.38
C ILE L 4 -21.86 -17.00 7.10
N VAL L 5 -22.28 -15.91 6.48
CA VAL L 5 -21.69 -15.42 5.24
C VAL L 5 -20.79 -14.24 5.55
N HIS L 6 -19.59 -14.24 4.98
CA HIS L 6 -18.59 -13.22 5.23
C HIS L 6 -18.47 -12.29 4.03
N ILE L 7 -18.60 -10.99 4.26
CA ILE L 7 -18.44 -9.97 3.23
C ILE L 7 -17.26 -9.10 3.61
N GLN L 8 -16.45 -8.73 2.62
CA GLN L 8 -15.28 -7.90 2.84
C GLN L 8 -15.28 -6.76 1.84
N ALA L 9 -15.50 -5.54 2.33
CA ALA L 9 -15.52 -4.36 1.49
C ALA L 9 -14.35 -3.46 1.86
N GLY L 10 -13.84 -2.71 0.89
CA GLY L 10 -12.74 -1.81 1.11
C GLY L 10 -11.43 -2.53 1.35
N GLN L 11 -10.33 -1.79 1.18
CA GLN L 11 -9.00 -2.38 1.30
C GLN L 11 -8.77 -2.89 2.71
N CYS L 12 -9.12 -2.09 3.71
CA CYS L 12 -8.97 -2.54 5.09
C CYS L 12 -9.79 -3.77 5.35
N GLY L 13 -11.04 -3.78 4.88
CA GLY L 13 -11.87 -4.95 5.06
C GLY L 13 -11.22 -6.19 4.47
N ASN L 14 -10.64 -6.05 3.29
CA ASN L 14 -10.07 -7.21 2.62
C ASN L 14 -8.83 -7.71 3.34
N GLN L 15 -7.97 -6.81 3.80
CA GLN L 15 -6.78 -7.26 4.53
C GLN L 15 -7.17 -7.92 5.85
N ILE L 16 -8.09 -7.29 6.59
CA ILE L 16 -8.57 -7.88 7.82
C ILE L 16 -9.15 -9.26 7.54
N GLY L 17 -9.88 -9.38 6.44
CA GLY L 17 -10.46 -10.68 6.11
C GLY L 17 -9.40 -11.71 5.80
N ALA L 18 -8.33 -11.32 5.11
CA ALA L 18 -7.25 -12.26 4.83
C ALA L 18 -6.67 -12.79 6.13
N LYS L 19 -6.35 -11.90 7.05
CA LYS L 19 -5.82 -12.36 8.33
C LYS L 19 -6.85 -13.17 9.09
N PHE L 20 -8.12 -12.79 9.00
CA PHE L 20 -9.19 -13.47 9.70
C PHE L 20 -9.34 -14.91 9.23
N TRP L 21 -9.32 -15.11 7.91
CA TRP L 21 -9.42 -16.47 7.39
C TRP L 21 -8.16 -17.26 7.70
N GLU L 22 -7.00 -16.62 7.74
CA GLU L 22 -5.82 -17.32 8.23
C GLU L 22 -6.06 -17.85 9.64
N VAL L 23 -6.60 -16.99 10.51
CA VAL L 23 -6.83 -17.40 11.90
C VAL L 23 -7.82 -18.55 11.96
N ILE L 24 -8.94 -18.43 11.24
CA ILE L 24 -9.96 -19.47 11.30
C ILE L 24 -9.40 -20.79 10.80
N SER L 25 -8.69 -20.77 9.68
CA SER L 25 -8.11 -21.99 9.14
C SER L 25 -7.14 -22.60 10.14
N ASP L 26 -6.36 -21.76 10.82
CA ASP L 26 -5.49 -22.29 11.87
C ASP L 26 -6.31 -22.95 12.97
N GLU L 27 -7.48 -22.39 13.27
CA GLU L 27 -8.33 -22.97 14.31
C GLU L 27 -8.81 -24.36 13.90
N HIS L 28 -9.35 -24.49 12.70
CA HIS L 28 -9.96 -25.75 12.31
C HIS L 28 -8.96 -26.73 11.69
N GLY L 29 -7.68 -26.38 11.64
CA GLY L 29 -6.70 -27.26 11.05
C GLY L 29 -6.90 -27.45 9.57
N ILE L 30 -6.89 -26.36 8.82
CA ILE L 30 -7.13 -26.38 7.39
C ILE L 30 -5.85 -25.99 6.67
N ASP L 31 -5.39 -26.85 5.77
CA ASP L 31 -4.19 -26.55 5.01
C ASP L 31 -4.44 -25.37 4.07
N PRO L 32 -3.38 -24.71 3.61
CA PRO L 32 -3.58 -23.61 2.66
C PRO L 32 -4.29 -24.03 1.40
N SER L 33 -4.14 -25.28 0.98
CA SER L 33 -4.83 -25.77 -0.21
C SER L 33 -6.34 -25.82 -0.02
N GLY L 34 -6.83 -25.79 1.22
CA GLY L 34 -8.24 -25.88 1.48
C GLY L 34 -8.73 -27.24 1.92
N ASN L 35 -7.84 -28.21 2.06
CA ASN L 35 -8.21 -29.53 2.56
C ASN L 35 -7.88 -29.65 4.05
N TYR L 36 -8.68 -30.45 4.74
CA TYR L 36 -8.56 -30.60 6.19
C TYR L 36 -7.45 -31.57 6.52
N VAL L 37 -6.53 -31.16 7.39
CA VAL L 37 -5.46 -32.03 7.84
C VAL L 37 -5.44 -32.02 9.36
N GLY L 38 -6.54 -31.62 9.97
CA GLY L 38 -6.60 -31.47 11.40
C GLY L 38 -6.57 -32.81 12.12
N ASP L 39 -6.80 -32.75 13.42
CA ASP L 39 -6.70 -33.90 14.29
C ASP L 39 -7.88 -34.10 15.22
N SER L 40 -8.76 -33.11 15.38
CA SER L 40 -9.86 -33.18 16.32
C SER L 40 -11.18 -33.04 15.57
N ASP L 41 -12.06 -34.02 15.75
CA ASP L 41 -13.31 -34.05 14.99
C ASP L 41 -14.17 -32.84 15.26
N LEU L 42 -14.05 -32.24 16.44
CA LEU L 42 -14.87 -31.08 16.78
C LEU L 42 -14.62 -29.94 15.81
N GLN L 43 -13.43 -29.91 15.20
CA GLN L 43 -13.16 -28.93 14.15
C GLN L 43 -14.15 -29.07 13.01
N LEU L 44 -14.46 -30.30 12.61
CA LEU L 44 -15.34 -30.55 11.50
C LEU L 44 -16.81 -30.69 11.91
N GLU L 45 -17.09 -30.87 13.19
CA GLU L 45 -18.48 -31.00 13.61
C GLU L 45 -19.28 -29.75 13.30
N ARG L 46 -18.63 -28.59 13.23
CA ARG L 46 -19.29 -27.35 12.85
C ARG L 46 -18.52 -26.64 11.74
N ILE L 47 -17.70 -27.36 10.99
CA ILE L 47 -16.90 -26.74 9.95
C ILE L 47 -17.79 -26.05 8.92
N SER L 48 -19.05 -26.46 8.82
CA SER L 48 -19.94 -25.91 7.82
C SER L 48 -20.37 -24.48 8.11
N VAL L 49 -20.22 -24.00 9.35
CA VAL L 49 -20.78 -22.69 9.67
C VAL L 49 -20.08 -21.59 8.91
N TYR L 50 -18.78 -21.72 8.66
CA TYR L 50 -18.03 -20.77 7.86
C TYR L 50 -17.54 -21.32 6.55
N TYR L 51 -17.34 -22.63 6.45
CA TYR L 51 -16.84 -23.26 5.24
C TYR L 51 -17.96 -23.96 4.51
N ASN L 52 -17.73 -24.24 3.24
CA ASN L 52 -18.54 -25.16 2.46
C ASN L 52 -17.66 -26.32 2.04
N GLU L 53 -18.15 -27.54 2.24
CA GLU L 53 -17.41 -28.73 1.84
C GLU L 53 -17.60 -28.91 0.34
N ALA L 54 -16.63 -28.44 -0.44
CA ALA L 54 -16.63 -28.70 -1.86
C ALA L 54 -16.19 -30.13 -2.13
N SER L 55 -16.59 -30.63 -3.29
CA SER L 55 -16.38 -32.02 -3.67
C SER L 55 -14.90 -32.36 -3.66
N SER L 56 -14.61 -33.66 -3.75
CA SER L 56 -13.28 -34.22 -3.56
C SER L 56 -12.73 -33.91 -2.17
N HIS L 57 -13.64 -33.64 -1.23
CA HIS L 57 -13.29 -33.41 0.17
C HIS L 57 -12.35 -32.22 0.32
N LYS L 58 -12.80 -31.05 -0.14
CA LYS L 58 -12.09 -29.80 0.11
C LYS L 58 -13.02 -28.83 0.83
N TYR L 59 -12.46 -27.73 1.29
CA TYR L 59 -13.25 -26.74 2.01
C TYR L 59 -12.99 -25.37 1.42
N VAL L 60 -14.05 -24.61 1.19
CA VAL L 60 -13.90 -23.25 0.68
C VAL L 60 -14.58 -22.28 1.64
N PRO L 61 -13.94 -21.19 2.00
CA PRO L 61 -14.58 -20.22 2.89
C PRO L 61 -15.77 -19.57 2.23
N ARG L 62 -16.78 -19.28 3.03
CA ARG L 62 -17.98 -18.61 2.56
C ARG L 62 -17.74 -17.10 2.48
N ALA L 63 -16.74 -16.71 1.70
CA ALA L 63 -16.30 -15.33 1.60
C ALA L 63 -16.82 -14.69 0.33
N ILE L 64 -17.05 -13.38 0.41
CA ILE L 64 -17.46 -12.60 -0.76
C ILE L 64 -16.62 -11.34 -0.74
N LEU L 65 -15.53 -11.34 -1.50
CA LEU L 65 -14.56 -10.28 -1.47
C LEU L 65 -14.92 -9.22 -2.50
N VAL L 66 -15.08 -7.99 -2.05
CA VAL L 66 -15.57 -6.90 -2.89
C VAL L 66 -14.57 -5.75 -2.85
N ASP L 67 -14.38 -5.11 -4.00
CA ASP L 67 -13.51 -3.94 -4.09
C ASP L 67 -13.79 -3.24 -5.41
N LEU L 68 -13.20 -2.06 -5.57
CA LEU L 68 -13.28 -1.33 -6.83
C LEU L 68 -11.93 -1.15 -7.51
N GLU L 69 -10.85 -1.66 -6.92
CA GLU L 69 -9.55 -1.62 -7.55
C GLU L 69 -8.89 -2.97 -7.40
N PRO L 70 -8.40 -3.57 -8.49
CA PRO L 70 -7.87 -4.93 -8.44
C PRO L 70 -6.56 -5.09 -7.69
N GLY L 71 -5.98 -4.01 -7.17
CA GLY L 71 -4.68 -4.09 -6.54
C GLY L 71 -4.62 -5.01 -5.33
N THR L 72 -5.34 -4.64 -4.28
CA THR L 72 -5.32 -5.45 -3.06
C THR L 72 -5.91 -6.83 -3.31
N MET L 73 -6.91 -6.92 -4.19
CA MET L 73 -7.45 -8.22 -4.55
C MET L 73 -6.34 -9.13 -5.07
N ASP L 74 -5.56 -8.62 -6.03
CA ASP L 74 -4.49 -9.44 -6.59
C ASP L 74 -3.44 -9.74 -5.55
N SER L 75 -3.18 -8.80 -4.63
CA SER L 75 -2.24 -9.06 -3.56
C SER L 75 -2.70 -10.24 -2.72
N VAL L 76 -4.00 -10.26 -2.37
CA VAL L 76 -4.56 -11.39 -1.64
C VAL L 76 -4.45 -12.66 -2.44
N ARG L 77 -4.77 -12.59 -3.74
CA ARG L 77 -4.78 -13.76 -4.59
C ARG L 77 -3.41 -14.40 -4.67
N SER L 78 -2.37 -13.59 -4.83
CA SER L 78 -1.03 -14.15 -4.97
C SER L 78 -0.51 -14.72 -3.67
N GLY L 79 -0.78 -14.05 -2.56
CA GLY L 79 -0.23 -14.49 -1.28
C GLY L 79 -0.84 -15.80 -0.82
N ALA L 80 -0.09 -16.48 0.03
CA ALA L 80 -0.57 -17.74 0.60
C ALA L 80 -1.86 -17.49 1.37
N PHE L 81 -2.61 -18.58 1.59
CA PHE L 81 -3.95 -18.51 2.14
C PHE L 81 -4.87 -17.66 1.28
N GLY L 82 -4.54 -17.53 0.00
CA GLY L 82 -5.41 -16.91 -0.97
C GLY L 82 -5.86 -17.94 -1.98
N HIS L 83 -5.06 -18.97 -2.17
CA HIS L 83 -5.37 -20.04 -3.10
C HIS L 83 -6.52 -20.91 -2.67
N LEU L 84 -7.25 -20.64 -1.59
CA LEU L 84 -8.40 -21.47 -1.26
C LEU L 84 -9.73 -20.73 -1.36
N PHE L 85 -9.72 -19.41 -1.50
CA PHE L 85 -10.96 -18.71 -1.80
C PHE L 85 -11.49 -19.19 -3.15
N ARG L 86 -12.80 -19.25 -3.28
CA ARG L 86 -13.36 -19.70 -4.55
C ARG L 86 -13.20 -18.59 -5.58
N PRO L 87 -12.48 -18.82 -6.67
CA PRO L 87 -12.05 -17.71 -7.52
C PRO L 87 -13.17 -16.92 -8.13
N ASP L 88 -14.37 -17.49 -8.24
CA ASP L 88 -15.48 -16.74 -8.79
C ASP L 88 -15.95 -15.63 -7.84
N ASN L 89 -15.50 -15.65 -6.60
CA ASN L 89 -15.97 -14.68 -5.61
C ASN L 89 -15.37 -13.29 -5.81
N PHE L 90 -14.17 -13.19 -6.36
CA PHE L 90 -13.41 -11.94 -6.33
C PHE L 90 -14.07 -10.95 -7.28
N ILE L 91 -15.03 -10.21 -6.75
CA ILE L 91 -15.70 -9.16 -7.50
C ILE L 91 -14.89 -7.88 -7.35
N PHE L 92 -14.53 -7.26 -8.47
CA PHE L 92 -13.80 -6.01 -8.42
C PHE L 92 -14.10 -5.17 -9.65
N GLY L 93 -14.01 -3.85 -9.49
CA GLY L 93 -14.21 -2.92 -10.56
C GLY L 93 -12.90 -2.35 -11.08
N GLN L 94 -13.02 -1.36 -11.96
CA GLN L 94 -11.85 -0.72 -12.56
C GLN L 94 -11.69 0.73 -12.20
N SER L 95 -12.78 1.47 -11.98
CA SER L 95 -12.67 2.90 -11.75
C SER L 95 -12.03 3.20 -10.40
N GLY L 96 -12.35 2.42 -9.38
CA GLY L 96 -11.87 2.71 -8.04
C GLY L 96 -12.68 3.81 -7.41
N ALA L 97 -12.96 3.71 -6.11
CA ALA L 97 -13.80 4.70 -5.46
C ALA L 97 -13.13 6.05 -5.33
N GLY L 98 -11.80 6.11 -5.47
CA GLY L 98 -11.11 7.37 -5.34
C GLY L 98 -11.31 8.03 -3.99
N ASN L 99 -11.44 7.21 -2.94
CA ASN L 99 -11.59 7.70 -1.58
C ASN L 99 -12.78 8.63 -1.45
N ASN L 100 -13.78 8.44 -2.29
CA ASN L 100 -15.00 9.23 -2.28
C ASN L 100 -16.17 8.34 -1.88
N TRP L 101 -17.09 8.89 -1.10
CA TRP L 101 -18.27 8.11 -0.73
C TRP L 101 -19.34 8.17 -1.80
N ALA L 102 -19.46 9.31 -2.47
CA ALA L 102 -20.44 9.44 -3.54
C ALA L 102 -20.19 8.41 -4.62
N LYS L 103 -18.93 8.23 -5.01
CA LYS L 103 -18.60 7.16 -5.95
C LYS L 103 -18.91 5.80 -5.37
N GLY L 104 -18.60 5.59 -4.09
CA GLY L 104 -18.76 4.28 -3.51
C GLY L 104 -20.18 3.88 -3.21
N HIS L 105 -21.13 4.80 -3.31
CA HIS L 105 -22.51 4.50 -3.00
C HIS L 105 -23.51 4.86 -4.09
N TYR L 106 -23.17 5.75 -5.01
CA TYR L 106 -24.11 6.15 -6.04
C TYR L 106 -23.64 5.76 -7.44
N THR L 107 -22.42 6.15 -7.82
CA THR L 107 -22.03 6.04 -9.22
C THR L 107 -21.33 4.71 -9.52
N GLU L 108 -20.19 4.47 -8.89
CA GLU L 108 -19.44 3.26 -9.20
C GLU L 108 -20.07 2.03 -8.56
N GLY L 109 -20.54 2.15 -7.32
CA GLY L 109 -21.08 1.00 -6.63
C GLY L 109 -22.35 0.46 -7.27
N ALA L 110 -23.11 1.33 -7.92
CA ALA L 110 -24.35 0.90 -8.55
C ALA L 110 -24.11 -0.08 -9.69
N GLU L 111 -22.87 -0.22 -10.16
CA GLU L 111 -22.57 -1.11 -11.26
C GLU L 111 -22.12 -2.49 -10.79
N LEU L 112 -21.55 -2.60 -9.60
CA LEU L 112 -21.12 -3.90 -9.09
C LEU L 112 -22.04 -4.47 -8.03
N VAL L 113 -22.85 -3.64 -7.39
CA VAL L 113 -23.71 -4.12 -6.30
C VAL L 113 -24.61 -5.23 -6.78
N ASP L 114 -25.01 -5.20 -8.05
CA ASP L 114 -25.88 -6.24 -8.58
C ASP L 114 -25.18 -7.59 -8.61
N SER L 115 -23.96 -7.63 -9.14
CA SER L 115 -23.21 -8.88 -9.15
C SER L 115 -22.95 -9.36 -7.73
N VAL L 116 -22.64 -8.42 -6.83
CA VAL L 116 -22.38 -8.80 -5.44
C VAL L 116 -23.61 -9.44 -4.83
N LEU L 117 -24.77 -8.80 -5.01
CA LEU L 117 -26.02 -9.35 -4.49
C LEU L 117 -26.32 -10.71 -5.11
N ASP L 118 -25.98 -10.90 -6.38
CA ASP L 118 -26.24 -12.20 -7.00
C ASP L 118 -25.40 -13.29 -6.37
N VAL L 119 -24.11 -13.02 -6.15
CA VAL L 119 -23.29 -14.04 -5.49
C VAL L 119 -23.75 -14.25 -4.05
N VAL L 120 -24.19 -13.18 -3.39
CA VAL L 120 -24.75 -13.30 -2.06
C VAL L 120 -25.94 -14.24 -2.08
N ARG L 121 -26.84 -14.06 -3.04
CA ARG L 121 -28.03 -14.89 -3.13
C ARG L 121 -27.67 -16.34 -3.40
N LYS L 122 -26.70 -16.58 -4.27
CA LYS L 122 -26.25 -17.94 -4.52
C LYS L 122 -25.77 -18.58 -3.23
N GLU L 123 -24.93 -17.88 -2.48
CA GLU L 123 -24.42 -18.44 -1.24
C GLU L 123 -25.53 -18.67 -0.22
N CYS L 124 -26.48 -17.74 -0.14
CA CYS L 124 -27.60 -17.90 0.79
C CYS L 124 -28.40 -19.16 0.46
N GLU L 125 -28.73 -19.35 -0.82
CA GLU L 125 -29.49 -20.54 -1.18
C GLU L 125 -28.66 -21.80 -0.98
N ASN L 126 -27.33 -21.69 -1.07
CA ASN L 126 -26.50 -22.85 -0.81
C ASN L 126 -26.58 -23.31 0.64
N CYS L 127 -26.70 -22.37 1.57
CA CYS L 127 -26.67 -22.72 2.98
C CYS L 127 -27.96 -23.41 3.42
N ASP L 128 -27.86 -24.16 4.52
CA ASP L 128 -29.02 -24.87 5.05
C ASP L 128 -29.95 -23.93 5.82
N CYS L 129 -29.44 -23.33 6.89
CA CYS L 129 -30.19 -22.35 7.68
C CYS L 129 -29.26 -21.17 7.93
N LEU L 130 -29.48 -20.08 7.21
CA LEU L 130 -28.64 -18.91 7.34
C LEU L 130 -28.76 -18.31 8.74
N GLN L 131 -27.62 -17.99 9.34
CA GLN L 131 -27.59 -17.40 10.68
C GLN L 131 -27.53 -15.88 10.61
N GLY L 132 -26.58 -15.35 9.86
CA GLY L 132 -26.47 -13.90 9.73
C GLY L 132 -25.26 -13.53 8.90
N PHE L 133 -25.10 -12.22 8.76
CA PHE L 133 -24.06 -11.64 7.93
C PHE L 133 -23.08 -10.85 8.78
N GLN L 134 -21.80 -10.97 8.45
CA GLN L 134 -20.77 -10.15 9.08
C GLN L 134 -20.03 -9.41 7.99
N LEU L 135 -20.04 -8.08 8.08
CA LEU L 135 -19.40 -7.23 7.10
C LEU L 135 -18.17 -6.59 7.71
N THR L 136 -17.04 -6.73 7.02
CA THR L 136 -15.75 -6.20 7.48
C THR L 136 -15.36 -5.06 6.56
N HIS L 137 -15.38 -3.84 7.07
CA HIS L 137 -15.12 -2.68 6.22
C HIS L 137 -14.55 -1.55 7.06
N SER L 138 -14.23 -0.45 6.41
CA SER L 138 -13.71 0.75 7.05
C SER L 138 -14.86 1.74 7.23
N LEU L 139 -14.50 2.95 7.65
CA LEU L 139 -15.42 4.07 7.59
C LEU L 139 -14.82 5.28 6.89
N GLY L 140 -13.52 5.29 6.62
CA GLY L 140 -12.91 6.39 5.90
C GLY L 140 -12.83 6.15 4.41
N GLY L 141 -12.29 5.00 4.01
CA GLY L 141 -12.12 4.72 2.60
C GLY L 141 -13.45 4.72 1.87
N GLY L 142 -13.40 5.21 0.63
CA GLY L 142 -14.64 5.39 -0.12
C GLY L 142 -15.32 4.08 -0.43
N THR L 143 -14.56 3.09 -0.92
CA THR L 143 -15.13 1.80 -1.24
C THR L 143 -15.82 1.20 -0.04
N GLY L 144 -15.07 0.96 1.03
CA GLY L 144 -15.61 0.41 2.25
C GLY L 144 -16.89 1.09 2.65
N SER L 145 -16.83 2.37 2.97
CA SER L 145 -17.99 3.10 3.46
C SER L 145 -19.17 2.98 2.50
N GLY L 146 -19.03 3.53 1.30
CA GLY L 146 -20.14 3.60 0.38
C GLY L 146 -20.70 2.25 -0.02
N MET L 147 -19.85 1.38 -0.55
CA MET L 147 -20.34 0.10 -1.03
C MET L 147 -20.85 -0.77 0.11
N GLY L 148 -20.23 -0.73 1.29
CA GLY L 148 -20.74 -1.49 2.40
C GLY L 148 -22.10 -1.02 2.84
N THR L 149 -22.31 0.30 2.91
CA THR L 149 -23.64 0.80 3.26
C THR L 149 -24.67 0.38 2.22
N LEU L 150 -24.31 0.46 0.94
CA LEU L 150 -25.23 0.06 -0.11
C LEU L 150 -25.58 -1.42 0.02
N LEU L 151 -24.57 -2.27 0.23
CA LEU L 151 -24.81 -3.70 0.37
C LEU L 151 -25.69 -3.98 1.58
N ILE L 152 -25.45 -3.28 2.68
CA ILE L 152 -26.25 -3.48 3.88
C ILE L 152 -27.69 -3.12 3.62
N SER L 153 -27.93 -1.98 2.97
CA SER L 153 -29.29 -1.59 2.67
C SER L 153 -29.98 -2.63 1.79
N LYS L 154 -29.30 -3.08 0.74
CA LYS L 154 -29.91 -4.05 -0.17
C LYS L 154 -30.18 -5.37 0.53
N VAL L 155 -29.22 -5.86 1.31
CA VAL L 155 -29.40 -7.13 1.99
C VAL L 155 -30.55 -7.04 2.99
N ARG L 156 -30.60 -5.96 3.77
CA ARG L 156 -31.70 -5.78 4.69
C ARG L 156 -33.03 -5.71 3.96
N GLU L 157 -33.03 -5.20 2.72
CA GLU L 157 -34.23 -5.31 1.90
C GLU L 157 -34.57 -6.77 1.61
N GLU L 158 -33.56 -7.57 1.27
CA GLU L 158 -33.84 -8.94 0.86
C GLU L 158 -33.83 -9.94 2.01
N TYR L 159 -33.41 -9.55 3.22
CA TYR L 159 -33.38 -10.47 4.35
C TYR L 159 -33.63 -9.69 5.63
N PRO L 160 -34.86 -9.21 5.83
CA PRO L 160 -35.15 -8.39 7.01
C PRO L 160 -35.16 -9.17 8.31
N ASP L 161 -34.91 -10.48 8.27
CA ASP L 161 -34.97 -11.32 9.45
C ASP L 161 -33.60 -11.75 9.96
N ARG L 162 -32.62 -11.87 9.06
CA ARG L 162 -31.29 -12.29 9.48
C ARG L 162 -30.65 -11.24 10.38
N ILE L 163 -29.51 -11.58 10.93
CA ILE L 163 -28.80 -10.72 11.86
C ILE L 163 -27.58 -10.14 11.15
N MET L 164 -27.20 -8.93 11.54
CA MET L 164 -26.20 -8.17 10.80
C MET L 164 -25.07 -7.76 11.73
N ASN L 165 -23.83 -8.11 11.36
CA ASN L 165 -22.64 -7.73 12.10
C ASN L 165 -21.73 -6.90 11.21
N THR L 166 -21.15 -5.85 11.78
CA THR L 166 -20.20 -5.01 11.06
C THR L 166 -18.97 -4.77 11.93
N PHE L 167 -17.80 -4.86 11.34
CA PHE L 167 -16.55 -4.51 12.01
C PHE L 167 -16.01 -3.27 11.31
N SER L 168 -16.49 -2.11 11.72
CA SER L 168 -16.14 -0.86 11.07
C SER L 168 -14.97 -0.21 11.80
N VAL L 169 -13.89 0.04 11.08
CA VAL L 169 -12.70 0.68 11.63
C VAL L 169 -12.97 2.18 11.68
N VAL L 170 -13.32 2.68 12.86
CA VAL L 170 -13.67 4.08 13.05
C VAL L 170 -12.41 4.93 12.91
N PRO L 171 -12.50 6.14 12.36
CA PRO L 171 -11.32 7.01 12.32
C PRO L 171 -10.80 7.35 13.71
N SER L 172 -9.48 7.40 13.83
CA SER L 172 -8.84 7.71 15.09
C SER L 172 -9.05 9.19 15.45
N PRO L 173 -9.05 9.52 16.74
CA PRO L 173 -9.26 10.92 17.14
C PRO L 173 -8.09 11.83 16.86
N LYS L 174 -6.87 11.38 17.16
CA LYS L 174 -5.71 12.27 17.05
C LYS L 174 -5.27 12.40 15.59
N VAL L 175 -4.83 11.30 14.99
CA VAL L 175 -4.39 11.32 13.61
C VAL L 175 -5.61 11.26 12.69
N SER L 176 -5.39 11.58 11.42
CA SER L 176 -6.43 11.46 10.40
C SER L 176 -5.75 10.93 9.14
N ASP L 177 -5.96 9.65 8.85
CA ASP L 177 -5.29 9.05 7.71
C ASP L 177 -5.79 9.61 6.39
N THR L 178 -7.03 10.11 6.36
CA THR L 178 -7.57 10.78 5.18
C THR L 178 -7.94 12.21 5.53
N VAL L 179 -8.47 12.93 4.55
CA VAL L 179 -8.80 14.32 4.70
C VAL L 179 -10.31 14.55 4.74
N VAL L 180 -11.06 13.75 3.99
CA VAL L 180 -12.51 13.90 3.93
C VAL L 180 -13.22 12.87 4.80
N GLU L 181 -12.50 12.23 5.72
CA GLU L 181 -13.10 11.15 6.49
C GLU L 181 -14.29 11.57 7.34
N PRO L 182 -14.45 12.82 7.79
CA PRO L 182 -15.71 13.15 8.48
C PRO L 182 -16.95 12.93 7.62
N TYR L 183 -16.87 13.26 6.33
CA TYR L 183 -18.04 13.08 5.46
C TYR L 183 -18.38 11.60 5.30
N ASN L 184 -17.37 10.78 5.00
CA ASN L 184 -17.61 9.34 4.87
C ASN L 184 -18.15 8.77 6.16
N ALA L 185 -17.57 9.17 7.29
CA ALA L 185 -18.04 8.65 8.57
C ALA L 185 -19.49 9.02 8.81
N THR L 186 -19.86 10.27 8.56
CA THR L 186 -21.23 10.68 8.84
C THR L 186 -22.22 9.94 7.96
N LEU L 187 -21.94 9.84 6.67
CA LEU L 187 -22.88 9.16 5.77
C LEU L 187 -22.98 7.68 6.11
N SER L 188 -21.84 7.04 6.36
CA SER L 188 -21.85 5.62 6.70
C SER L 188 -22.61 5.38 7.99
N ILE L 189 -22.42 6.24 8.99
CA ILE L 189 -23.11 6.06 10.26
C ILE L 189 -24.60 6.28 10.07
N HIS L 190 -24.99 7.21 9.23
CA HIS L 190 -26.40 7.38 8.90
C HIS L 190 -26.98 6.07 8.40
N GLN L 191 -26.33 5.48 7.39
CA GLN L 191 -26.84 4.21 6.86
C GLN L 191 -26.84 3.11 7.91
N LEU L 192 -25.80 3.04 8.73
CA LEU L 192 -25.69 1.95 9.70
C LEU L 192 -26.78 2.03 10.75
N VAL L 193 -26.93 3.20 11.39
CA VAL L 193 -28.00 3.36 12.37
C VAL L 193 -29.35 3.20 11.71
N GLU L 194 -29.43 3.35 10.40
CA GLU L 194 -30.66 2.95 9.73
C GLU L 194 -30.85 1.43 9.78
N ASN L 195 -29.88 0.67 9.27
CA ASN L 195 -30.16 -0.73 8.93
C ASN L 195 -29.07 -1.69 9.41
N THR L 196 -28.63 -1.59 10.66
CA THR L 196 -27.72 -2.58 11.19
C THR L 196 -28.12 -3.01 12.60
N ASP L 197 -27.84 -4.27 12.92
CA ASP L 197 -28.17 -4.79 14.25
C ASP L 197 -27.06 -4.53 15.26
N GLU L 198 -25.80 -4.51 14.82
CA GLU L 198 -24.71 -4.29 15.76
C GLU L 198 -23.48 -3.84 14.99
N THR L 199 -22.69 -2.98 15.61
CA THR L 199 -21.56 -2.36 14.95
C THR L 199 -20.38 -2.32 15.91
N TYR L 200 -19.29 -2.97 15.53
CA TYR L 200 -18.14 -3.15 16.42
C TYR L 200 -17.13 -2.05 16.10
N CYS L 201 -17.25 -0.93 16.80
CA CYS L 201 -16.37 0.19 16.54
C CYS L 201 -14.93 -0.15 16.92
N ILE L 202 -13.99 0.22 16.07
CA ILE L 202 -12.57 0.01 16.32
C ILE L 202 -11.82 1.24 15.85
N ASP L 203 -10.75 1.59 16.57
CA ASP L 203 -9.85 2.66 16.17
C ASP L 203 -8.45 2.08 16.00
N ASN L 204 -7.71 2.60 15.03
CA ASN L 204 -6.33 2.19 14.89
C ASN L 204 -5.46 2.77 16.01
N GLU L 205 -5.89 3.88 16.59
CA GLU L 205 -5.12 4.50 17.67
C GLU L 205 -5.01 3.56 18.87
N ALA L 206 -6.14 2.96 19.26
CA ALA L 206 -6.13 2.07 20.40
C ALA L 206 -5.28 0.83 20.12
N LEU L 207 -5.34 0.32 18.90
CA LEU L 207 -4.52 -0.84 18.56
C LEU L 207 -3.04 -0.49 18.58
N TYR L 208 -2.68 0.70 18.08
CA TYR L 208 -1.32 1.17 18.21
C TYR L 208 -0.89 1.20 19.67
N ASP L 209 -1.74 1.77 20.52
CA ASP L 209 -1.40 1.90 21.92
C ASP L 209 -1.21 0.54 22.57
N ILE L 210 -2.07 -0.42 22.22
CA ILE L 210 -1.96 -1.74 22.81
C ILE L 210 -0.69 -2.44 22.34
N CYS L 211 -0.42 -2.39 21.04
CA CYS L 211 0.78 -3.04 20.52
C CYS L 211 2.04 -2.39 21.07
N PHE L 212 1.97 -1.10 21.40
CA PHE L 212 3.13 -0.41 21.93
C PHE L 212 3.33 -0.73 23.41
N ARG L 213 2.37 -0.37 24.25
CA ARG L 213 2.54 -0.51 25.69
C ARG L 213 2.40 -1.97 26.12
N THR L 214 1.22 -2.55 25.93
CA THR L 214 0.90 -3.82 26.54
C THR L 214 1.74 -4.95 25.94
N LEU L 215 1.81 -5.01 24.61
CA LEU L 215 2.58 -6.07 23.98
C LEU L 215 4.07 -5.77 23.91
N LYS L 216 4.49 -4.55 24.21
CA LYS L 216 5.89 -4.16 24.15
C LYS L 216 6.47 -4.42 22.75
N LEU L 217 5.82 -3.86 21.74
CA LEU L 217 6.29 -3.93 20.36
C LEU L 217 6.47 -2.52 19.84
N ALA L 218 7.69 -2.21 19.39
CA ALA L 218 7.99 -0.92 18.80
C ALA L 218 7.79 -0.90 17.29
N THR L 219 7.52 -2.04 16.67
CA THR L 219 7.41 -2.16 15.22
C THR L 219 6.08 -2.83 14.88
N PRO L 220 4.95 -2.16 15.14
CA PRO L 220 3.65 -2.77 14.83
C PRO L 220 3.31 -2.59 13.36
N THR L 221 3.43 -3.67 12.60
CA THR L 221 2.99 -3.67 11.22
C THR L 221 1.51 -3.99 11.16
N TYR L 222 0.87 -3.60 10.06
CA TYR L 222 -0.57 -3.80 9.93
C TYR L 222 -0.96 -5.25 10.09
N GLY L 223 -0.03 -6.17 9.81
CA GLY L 223 -0.30 -7.57 10.05
C GLY L 223 -0.71 -7.83 11.48
N ASP L 224 -0.05 -7.17 12.44
CA ASP L 224 -0.32 -7.42 13.84
C ASP L 224 -1.68 -6.85 14.25
N LEU L 225 -2.00 -5.64 13.82
CA LEU L 225 -3.30 -5.07 14.15
C LEU L 225 -4.42 -5.92 13.58
N ASN L 226 -4.28 -6.32 12.32
CA ASN L 226 -5.28 -7.20 11.73
C ASN L 226 -5.34 -8.52 12.46
N HIS L 227 -4.21 -9.00 12.96
CA HIS L 227 -4.21 -10.23 13.75
C HIS L 227 -5.03 -10.07 15.01
N LEU L 228 -4.90 -8.93 15.67
CA LEU L 228 -5.69 -8.68 16.88
C LEU L 228 -7.18 -8.63 16.58
N VAL L 229 -7.57 -7.91 15.52
CA VAL L 229 -8.98 -7.83 15.20
C VAL L 229 -9.51 -9.21 14.81
N SER L 230 -8.70 -10.00 14.12
CA SER L 230 -9.10 -11.35 13.76
C SER L 230 -9.31 -12.21 14.99
N ALA L 231 -8.41 -12.10 15.97
CA ALA L 231 -8.60 -12.86 17.21
C ALA L 231 -9.89 -12.46 17.89
N THR L 232 -10.22 -11.16 17.87
CA THR L 232 -11.48 -10.73 18.46
C THR L 232 -12.67 -11.37 17.76
N MET L 233 -12.68 -11.34 16.43
CA MET L 233 -13.80 -11.91 15.68
C MET L 233 -13.93 -13.41 15.92
N SER L 234 -12.80 -14.11 15.92
CA SER L 234 -12.82 -15.55 16.21
C SER L 234 -13.39 -15.81 17.58
N GLY L 235 -13.00 -15.02 18.57
CA GLY L 235 -13.58 -15.15 19.89
C GLY L 235 -15.07 -14.90 19.90
N VAL L 236 -15.55 -13.97 19.07
CA VAL L 236 -16.98 -13.72 19.02
C VAL L 236 -17.72 -14.93 18.48
N THR L 237 -17.19 -15.57 17.44
CA THR L 237 -17.93 -16.65 16.81
C THR L 237 -17.70 -18.02 17.45
N THR L 238 -16.65 -18.20 18.24
CA THR L 238 -16.39 -19.53 18.77
C THR L 238 -17.51 -20.02 19.66
N SER L 239 -18.35 -19.12 20.15
CA SER L 239 -19.45 -19.53 21.02
C SER L 239 -20.44 -20.44 20.30
N LEU L 240 -20.50 -20.36 18.98
CA LEU L 240 -21.34 -21.26 18.20
C LEU L 240 -20.56 -22.20 17.30
N ARG L 241 -19.33 -21.84 16.92
CA ARG L 241 -18.54 -22.79 16.17
C ARG L 241 -17.97 -23.91 17.02
N PHE L 242 -18.23 -23.93 18.31
CA PHE L 242 -17.61 -24.90 19.19
C PHE L 242 -18.53 -25.20 20.35
N PRO L 243 -18.43 -26.38 20.96
CA PRO L 243 -19.24 -26.69 22.13
C PRO L 243 -18.82 -25.84 23.31
N GLY L 244 -19.73 -25.69 24.27
CA GLY L 244 -19.43 -24.89 25.44
C GLY L 244 -20.37 -25.12 26.59
N GLN L 245 -19.86 -24.99 27.81
CA GLN L 245 -20.69 -25.22 28.98
C GLN L 245 -21.84 -24.22 29.05
N LEU L 246 -21.65 -23.02 28.50
CA LEU L 246 -22.74 -22.06 28.37
C LEU L 246 -22.52 -21.38 27.01
N ASN L 247 -23.17 -21.91 25.98
CA ASN L 247 -22.91 -21.48 24.61
C ASN L 247 -23.67 -20.21 24.29
N ALA L 248 -23.20 -19.51 23.26
CA ALA L 248 -23.83 -18.29 22.80
C ALA L 248 -23.87 -18.28 21.28
N ASP L 249 -24.80 -17.51 20.73
CA ASP L 249 -24.90 -17.29 19.29
C ASP L 249 -24.99 -15.80 19.05
N LEU L 250 -24.90 -15.41 17.78
CA LEU L 250 -24.94 -14.00 17.44
C LEU L 250 -26.25 -13.36 17.85
N ARG L 251 -27.36 -14.08 17.68
CA ARG L 251 -28.65 -13.55 18.10
C ARG L 251 -28.70 -13.32 19.60
N LYS L 252 -28.06 -14.20 20.38
CA LYS L 252 -28.01 -13.98 21.83
C LYS L 252 -27.32 -12.67 22.16
N LEU L 253 -26.16 -12.42 21.54
CA LEU L 253 -25.46 -11.17 21.77
C LEU L 253 -26.31 -9.99 21.35
N ALA L 254 -26.98 -10.09 20.20
CA ALA L 254 -27.80 -8.98 19.73
C ALA L 254 -28.91 -8.68 20.72
N VAL L 255 -29.58 -9.71 21.24
CA VAL L 255 -30.67 -9.47 22.18
C VAL L 255 -30.14 -8.87 23.48
N ASN L 256 -29.02 -9.40 23.98
CA ASN L 256 -28.52 -8.95 25.27
C ASN L 256 -27.93 -7.56 25.23
N MET L 257 -27.26 -7.20 24.13
CA MET L 257 -26.46 -5.99 24.11
C MET L 257 -27.19 -4.79 23.51
N VAL L 258 -28.39 -4.96 22.99
CA VAL L 258 -29.02 -3.87 22.25
C VAL L 258 -30.36 -3.53 22.88
N PRO L 259 -30.37 -2.74 23.95
CA PRO L 259 -31.64 -2.42 24.61
C PRO L 259 -32.60 -1.63 23.75
N PHE L 260 -32.11 -0.85 22.80
CA PHE L 260 -32.95 0.00 21.98
C PHE L 260 -32.51 -0.14 20.54
N PRO L 261 -33.40 0.07 19.58
CA PRO L 261 -33.04 -0.23 18.17
C PRO L 261 -31.80 0.49 17.70
N ARG L 262 -31.60 1.74 18.09
CA ARG L 262 -30.52 2.53 17.53
C ARG L 262 -29.19 2.30 18.24
N LEU L 263 -29.21 2.19 19.57
CA LEU L 263 -27.98 2.20 20.37
C LEU L 263 -27.34 0.81 20.35
N HIS L 264 -26.67 0.51 19.25
CA HIS L 264 -26.07 -0.79 19.05
C HIS L 264 -24.63 -0.68 18.56
N PHE L 265 -23.84 0.14 19.23
CA PHE L 265 -22.42 0.30 18.90
C PHE L 265 -21.59 -0.22 20.05
N PHE L 266 -20.71 -1.18 19.78
CA PHE L 266 -19.98 -1.89 20.80
C PHE L 266 -18.49 -1.61 20.68
N MET L 267 -17.83 -1.47 21.79
CA MET L 267 -16.38 -1.48 21.77
C MET L 267 -15.87 -2.84 22.23
N PRO L 268 -14.99 -3.47 21.47
CA PRO L 268 -14.49 -4.78 21.85
C PRO L 268 -13.26 -4.66 22.74
N GLY L 269 -12.79 -5.82 23.20
CA GLY L 269 -11.57 -5.92 23.95
C GLY L 269 -11.17 -7.37 24.03
N PHE L 270 -9.88 -7.61 24.21
CA PHE L 270 -9.35 -8.96 24.22
C PHE L 270 -8.45 -9.12 25.43
N ALA L 271 -8.33 -10.36 25.90
CA ALA L 271 -7.38 -10.67 26.96
C ALA L 271 -7.11 -12.16 26.92
N PRO L 272 -5.93 -12.61 27.36
CA PRO L 272 -4.80 -11.85 27.89
C PRO L 272 -3.92 -11.28 26.79
N LEU L 273 -3.18 -10.22 27.12
CA LEU L 273 -2.22 -9.62 26.20
C LEU L 273 -0.89 -9.52 26.94
N THR L 274 0.02 -10.43 26.64
CA THR L 274 1.30 -10.51 27.32
C THR L 274 2.42 -10.41 26.32
N ALA L 275 3.45 -9.65 26.67
CA ALA L 275 4.63 -9.57 25.83
C ALA L 275 5.32 -10.94 25.75
N ARG L 276 6.36 -11.02 24.93
CA ARG L 276 7.07 -12.28 24.78
C ARG L 276 7.78 -12.69 26.06
N GLY L 277 8.33 -11.73 26.80
CA GLY L 277 9.08 -12.04 27.99
C GLY L 277 8.23 -12.03 29.25
N SER L 278 7.30 -11.09 29.32
CA SER L 278 6.51 -10.86 30.53
C SER L 278 5.37 -11.84 30.69
N GLN L 279 5.43 -12.99 30.03
CA GLN L 279 4.34 -13.96 30.12
C GLN L 279 4.51 -14.91 31.29
N GLN L 280 5.67 -15.56 31.40
CA GLN L 280 5.86 -16.53 32.46
C GLN L 280 5.86 -15.89 33.85
N TYR L 281 5.98 -14.57 33.92
CA TYR L 281 5.94 -13.87 35.19
C TYR L 281 4.54 -13.39 35.55
N ARG L 282 3.51 -14.04 35.04
CA ARG L 282 2.15 -13.68 35.42
C ARG L 282 1.27 -14.93 35.41
N ALA L 283 0.32 -14.98 36.34
CA ALA L 283 -0.58 -16.12 36.46
C ALA L 283 -1.80 -15.93 35.57
N LEU L 284 -2.18 -16.99 34.86
CA LEU L 284 -3.32 -16.96 33.95
C LEU L 284 -4.54 -17.52 34.66
N THR L 285 -5.18 -16.68 35.45
CA THR L 285 -6.39 -17.04 36.16
C THR L 285 -7.52 -16.12 35.74
N VAL L 286 -8.75 -16.63 35.86
CA VAL L 286 -9.96 -15.90 35.52
C VAL L 286 -9.99 -14.52 36.17
N PRO L 287 -9.64 -14.35 37.44
CA PRO L 287 -9.59 -13.00 37.99
C PRO L 287 -8.64 -12.09 37.22
N GLU L 288 -7.51 -12.63 36.77
CA GLU L 288 -6.55 -11.81 36.04
C GLU L 288 -7.14 -11.33 34.72
N LEU L 289 -7.75 -12.23 33.96
CA LEU L 289 -8.40 -11.84 32.71
C LEU L 289 -9.48 -10.80 32.98
N THR L 290 -10.33 -11.06 33.97
CA THR L 290 -11.46 -10.17 34.22
C THR L 290 -10.98 -8.77 34.56
N GLN L 291 -9.99 -8.68 35.45
CA GLN L 291 -9.46 -7.37 35.81
C GLN L 291 -8.74 -6.70 34.65
N GLN L 292 -8.15 -7.50 33.75
CA GLN L 292 -7.51 -6.90 32.59
C GLN L 292 -8.54 -6.26 31.67
N MET L 293 -9.68 -6.92 31.48
CA MET L 293 -10.61 -6.46 30.46
C MET L 293 -11.29 -5.14 30.80
N PHE L 294 -11.24 -4.68 32.04
CA PHE L 294 -11.94 -3.45 32.43
C PHE L 294 -10.93 -2.35 32.74
N ASP L 295 -10.49 -1.66 31.70
CA ASP L 295 -9.66 -0.46 31.85
C ASP L 295 -9.51 0.19 30.49
N ALA L 296 -9.34 1.51 30.49
CA ALA L 296 -9.21 2.23 29.24
C ALA L 296 -8.00 1.74 28.44
N LYS L 297 -6.95 1.32 29.13
CA LYS L 297 -5.73 0.90 28.43
C LYS L 297 -5.87 -0.45 27.76
N ASN L 298 -7.06 -1.05 27.72
CA ASN L 298 -7.26 -2.28 26.96
C ASN L 298 -8.59 -2.28 26.22
N MET L 299 -9.12 -1.11 25.88
CA MET L 299 -10.31 -1.01 25.04
C MET L 299 -9.88 -0.66 23.62
N MET L 300 -10.32 -1.47 22.66
CA MET L 300 -9.94 -1.20 21.28
C MET L 300 -10.65 -0.02 20.70
N ALA L 301 -11.38 0.78 21.47
CA ALA L 301 -11.96 2.02 20.99
C ALA L 301 -11.40 3.17 21.82
N ALA L 302 -10.89 4.20 21.14
CA ALA L 302 -10.20 5.27 21.82
C ALA L 302 -11.16 6.18 22.57
N CYS L 303 -11.64 5.72 23.72
CA CYS L 303 -12.49 6.55 24.57
C CYS L 303 -12.53 5.92 25.95
N ASP L 304 -12.23 6.70 26.98
CA ASP L 304 -12.20 6.19 28.33
C ASP L 304 -13.61 5.80 28.76
N PRO L 305 -13.85 4.55 29.17
CA PRO L 305 -15.18 4.20 29.68
C PRO L 305 -15.58 5.02 30.88
N ARG L 306 -14.63 5.49 31.69
CA ARG L 306 -14.97 6.23 32.89
C ARG L 306 -15.72 7.52 32.60
N HIS L 307 -15.59 8.07 31.40
CA HIS L 307 -16.32 9.28 31.06
C HIS L 307 -17.82 9.02 30.95
N GLY L 308 -18.22 7.77 30.80
CA GLY L 308 -19.63 7.43 30.74
C GLY L 308 -19.95 6.20 31.56
N ARG L 309 -21.01 5.49 31.17
CA ARG L 309 -21.42 4.27 31.86
C ARG L 309 -21.57 3.14 30.85
N TYR L 310 -21.31 1.92 31.30
CA TYR L 310 -21.57 0.73 30.50
C TYR L 310 -23.06 0.48 30.49
N LEU L 311 -23.71 0.67 29.35
CA LEU L 311 -25.11 0.30 29.25
C LEU L 311 -25.28 -1.20 29.44
N THR L 312 -24.54 -2.00 28.68
CA THR L 312 -24.48 -3.44 28.87
C THR L 312 -23.07 -3.93 28.56
N VAL L 313 -22.79 -5.16 28.96
CA VAL L 313 -21.48 -5.76 28.77
C VAL L 313 -21.67 -7.25 28.50
N ALA L 314 -20.98 -7.77 27.49
CA ALA L 314 -20.96 -9.20 27.22
C ALA L 314 -19.53 -9.70 27.33
N THR L 315 -19.38 -10.95 27.75
CA THR L 315 -18.05 -11.49 28.00
C THR L 315 -18.04 -12.95 27.59
N VAL L 316 -17.18 -13.28 26.63
CA VAL L 316 -17.11 -14.62 26.08
C VAL L 316 -15.75 -15.20 26.41
N PHE L 317 -15.73 -16.23 27.23
CA PHE L 317 -14.49 -16.89 27.63
C PHE L 317 -14.22 -18.08 26.74
N ARG L 318 -13.03 -18.63 26.87
CA ARG L 318 -12.62 -19.81 26.13
C ARG L 318 -11.77 -20.68 27.04
N GLY L 319 -11.50 -21.89 26.60
CA GLY L 319 -10.70 -22.80 27.38
C GLY L 319 -11.39 -23.30 28.63
N ARG L 320 -10.85 -24.34 29.25
CA ARG L 320 -11.51 -24.95 30.41
C ARG L 320 -11.35 -24.06 31.64
N MET L 321 -12.46 -23.77 32.30
CA MET L 321 -12.44 -22.93 33.49
C MET L 321 -13.60 -23.34 34.37
N SER L 322 -13.72 -22.68 35.52
CA SER L 322 -14.77 -22.97 36.48
C SER L 322 -15.79 -21.85 36.46
N MET L 323 -17.06 -22.21 36.31
CA MET L 323 -18.12 -21.22 36.19
C MET L 323 -18.23 -20.37 37.45
N LYS L 324 -18.11 -21.00 38.62
CA LYS L 324 -18.23 -20.27 39.86
C LYS L 324 -17.20 -19.16 39.95
N GLU L 325 -15.98 -19.44 39.47
CA GLU L 325 -14.94 -18.42 39.49
C GLU L 325 -15.34 -17.22 38.65
N VAL L 326 -15.86 -17.47 37.45
CA VAL L 326 -16.29 -16.38 36.58
C VAL L 326 -17.39 -15.59 37.23
N ASP L 327 -18.36 -16.29 37.83
CA ASP L 327 -19.47 -15.60 38.48
C ASP L 327 -18.98 -14.71 39.61
N GLU L 328 -18.06 -15.23 40.43
CA GLU L 328 -17.51 -14.45 41.52
C GLU L 328 -16.79 -13.21 40.99
N GLN L 329 -15.99 -13.37 39.94
CA GLN L 329 -15.26 -12.24 39.38
C GLN L 329 -16.23 -11.18 38.85
N MET L 330 -17.25 -11.60 38.13
CA MET L 330 -18.21 -10.64 37.60
C MET L 330 -18.94 -9.94 38.72
N LEU L 331 -19.28 -10.66 39.78
CA LEU L 331 -19.92 -10.03 40.93
C LEU L 331 -19.02 -8.95 41.53
N ALA L 332 -17.76 -9.29 41.75
CA ALA L 332 -16.84 -8.31 42.35
C ALA L 332 -16.68 -7.09 41.46
N ILE L 333 -16.52 -7.31 40.15
CA ILE L 333 -16.25 -6.21 39.24
C ILE L 333 -17.50 -5.35 39.04
N GLN L 334 -18.68 -5.94 39.20
CA GLN L 334 -19.90 -5.15 39.16
C GLN L 334 -20.12 -4.42 40.47
N SER L 335 -19.58 -4.95 41.56
CA SER L 335 -19.73 -4.29 42.85
C SER L 335 -18.84 -3.07 42.96
N LYS L 336 -17.54 -3.23 42.73
CA LYS L 336 -16.61 -2.14 43.01
C LYS L 336 -16.74 -0.97 42.06
N ASN L 337 -17.24 -1.20 40.85
CA ASN L 337 -17.38 -0.14 39.84
C ASN L 337 -18.84 0.30 39.70
N SER L 338 -19.55 0.36 40.83
CA SER L 338 -20.99 0.59 40.80
C SER L 338 -21.35 1.87 40.05
N SER L 339 -20.52 2.90 40.17
CA SER L 339 -20.79 4.14 39.45
C SER L 339 -20.52 4.01 37.96
N TYR L 340 -19.88 2.93 37.53
CA TYR L 340 -19.54 2.74 36.13
C TYR L 340 -20.62 2.01 35.35
N PHE L 341 -21.71 1.62 35.99
CA PHE L 341 -22.79 0.92 35.32
C PHE L 341 -24.08 1.72 35.46
N VAL L 342 -24.99 1.49 34.52
CA VAL L 342 -26.27 2.20 34.55
C VAL L 342 -27.14 1.64 35.66
N GLU L 343 -27.84 2.52 36.36
CA GLU L 343 -28.64 2.12 37.51
C GLU L 343 -29.75 1.16 37.10
N TRP L 344 -30.50 1.51 36.06
CA TRP L 344 -31.74 0.80 35.76
C TRP L 344 -31.54 -0.45 34.92
N ILE L 345 -30.33 -1.01 34.85
CA ILE L 345 -30.16 -2.34 34.26
C ILE L 345 -29.47 -3.22 35.28
N PRO L 346 -30.20 -3.88 36.16
CA PRO L 346 -29.56 -4.77 37.13
C PRO L 346 -29.00 -6.01 36.46
N ASN L 347 -27.87 -6.46 36.98
CA ASN L 347 -27.20 -7.67 36.49
C ASN L 347 -26.93 -7.57 34.99
N ASN L 348 -26.12 -6.57 34.63
CA ASN L 348 -25.89 -6.22 33.24
C ASN L 348 -24.65 -6.86 32.65
N VAL L 349 -24.33 -8.09 33.00
CA VAL L 349 -23.17 -8.78 32.44
C VAL L 349 -23.64 -10.08 31.83
N LYS L 350 -23.67 -10.15 30.51
CA LYS L 350 -23.93 -11.39 29.80
C LYS L 350 -22.65 -12.21 29.72
N VAL L 351 -22.76 -13.49 30.00
CA VAL L 351 -21.60 -14.36 30.11
C VAL L 351 -21.77 -15.55 29.18
N ALA L 352 -20.70 -15.93 28.51
CA ALA L 352 -20.67 -17.14 27.72
C ALA L 352 -19.33 -17.81 27.90
N VAL L 353 -19.32 -19.14 27.82
CA VAL L 353 -18.10 -19.91 28.05
C VAL L 353 -17.98 -20.97 26.98
N CYS L 354 -16.85 -20.97 26.27
CA CYS L 354 -16.54 -22.03 25.34
C CYS L 354 -15.66 -23.07 26.01
N ASP L 355 -15.21 -24.05 25.23
CA ASP L 355 -14.41 -25.14 25.76
C ASP L 355 -13.04 -25.29 25.11
N ILE L 356 -12.73 -24.51 24.09
CA ILE L 356 -11.49 -24.64 23.33
C ILE L 356 -10.70 -23.35 23.46
N PRO L 357 -9.41 -23.41 23.77
CA PRO L 357 -8.59 -22.19 23.78
C PRO L 357 -8.29 -21.74 22.37
N PRO L 358 -8.01 -20.44 22.19
CA PRO L 358 -7.67 -19.97 20.85
C PRO L 358 -6.29 -20.33 20.28
N ARG L 359 -5.79 -21.52 20.64
CA ARG L 359 -4.49 -22.12 20.24
C ARG L 359 -3.26 -21.67 21.01
N GLY L 360 -2.48 -22.59 21.58
CA GLY L 360 -1.35 -22.10 22.34
C GLY L 360 -1.52 -21.63 23.77
N LEU L 361 -2.70 -21.10 24.10
CA LEU L 361 -2.96 -20.55 25.41
C LEU L 361 -3.79 -21.52 26.25
N LYS L 362 -3.90 -21.19 27.54
CA LYS L 362 -4.77 -21.97 28.42
C LYS L 362 -6.19 -21.45 28.42
N MET L 363 -6.37 -20.13 28.50
CA MET L 363 -7.70 -19.56 28.55
C MET L 363 -7.64 -18.12 28.11
N SER L 364 -8.63 -17.69 27.34
CA SER L 364 -8.72 -16.34 26.83
C SER L 364 -10.09 -15.77 27.14
N SER L 365 -10.32 -14.54 26.69
CA SER L 365 -11.56 -13.86 26.96
C SER L 365 -11.73 -12.70 26.00
N THR L 366 -12.98 -12.43 25.65
CA THR L 366 -13.35 -11.34 24.75
C THR L 366 -14.45 -10.53 25.40
N PHE L 367 -14.30 -9.22 25.38
CA PHE L 367 -15.20 -8.29 26.01
C PHE L 367 -15.91 -7.49 24.93
N ILE L 368 -17.21 -7.29 25.09
CA ILE L 368 -18.01 -6.54 24.13
C ILE L 368 -18.86 -5.57 24.95
N GLY L 369 -18.41 -4.33 25.10
CA GLY L 369 -19.07 -3.36 25.96
C GLY L 369 -19.87 -2.36 25.14
N ASN L 370 -21.16 -2.29 25.43
CA ASN L 370 -22.02 -1.25 24.87
C ASN L 370 -22.13 -0.18 25.94
N SER L 371 -21.40 0.91 25.76
CA SER L 371 -21.31 1.98 26.75
C SER L 371 -21.85 3.28 26.19
N THR L 372 -21.89 4.30 27.04
CA THR L 372 -22.24 5.64 26.62
C THR L 372 -21.04 6.50 26.31
N ALA L 373 -19.83 6.06 26.68
CA ALA L 373 -18.65 6.85 26.41
C ALA L 373 -18.48 7.12 24.92
N ILE L 374 -18.87 6.17 24.07
CA ILE L 374 -18.65 6.31 22.63
C ILE L 374 -19.30 7.56 22.08
N GLN L 375 -20.27 8.14 22.80
CA GLN L 375 -20.87 9.38 22.33
C GLN L 375 -19.80 10.42 22.03
N GLU L 376 -18.76 10.48 22.86
CA GLU L 376 -17.66 11.41 22.62
C GLU L 376 -17.14 11.27 21.21
N LEU L 377 -16.83 10.03 20.81
CA LEU L 377 -16.42 9.74 19.45
C LEU L 377 -17.31 10.48 18.46
N PHE L 378 -18.61 10.17 18.49
CA PHE L 378 -19.52 10.79 17.54
C PHE L 378 -19.47 12.30 17.68
N LYS L 379 -19.55 12.78 18.93
CA LYS L 379 -19.37 14.20 19.19
C LYS L 379 -18.22 14.74 18.39
N ARG L 380 -17.03 14.19 18.62
CA ARG L 380 -15.84 14.62 17.90
C ARG L 380 -16.13 14.68 16.41
N ILE L 381 -16.48 13.54 15.83
CA ILE L 381 -16.68 13.50 14.38
C ILE L 381 -17.70 14.54 13.97
N SER L 382 -18.81 14.60 14.71
CA SER L 382 -19.85 15.55 14.34
C SER L 382 -19.26 16.94 14.22
N GLU L 383 -18.54 17.38 15.24
CA GLU L 383 -17.96 18.71 15.21
C GLU L 383 -17.10 18.88 13.97
N GLN L 384 -16.20 17.92 13.73
CA GLN L 384 -15.34 18.01 12.55
C GLN L 384 -16.18 18.18 11.31
N PHE L 385 -17.18 17.32 11.14
CA PHE L 385 -18.06 17.42 9.99
C PHE L 385 -18.61 18.82 9.87
N THR L 386 -19.17 19.33 10.98
CA THR L 386 -19.74 20.67 10.98
C THR L 386 -18.74 21.68 10.43
N ALA L 387 -17.52 21.65 10.95
CA ALA L 387 -16.50 22.60 10.49
C ALA L 387 -16.32 22.46 8.99
N MET L 388 -16.06 21.25 8.51
CA MET L 388 -15.80 21.08 7.10
C MET L 388 -17.05 21.30 6.26
N PHE L 389 -18.21 21.38 6.88
CA PHE L 389 -19.41 21.73 6.13
C PHE L 389 -19.72 23.21 6.21
N ARG L 390 -19.22 23.90 7.24
CA ARG L 390 -19.54 25.31 7.38
C ARG L 390 -18.99 26.11 6.21
N ARG L 391 -17.78 25.78 5.77
CA ARG L 391 -17.17 26.37 4.59
C ARG L 391 -17.52 25.62 3.32
N LYS L 392 -18.23 24.50 3.43
CA LYS L 392 -18.56 23.65 2.28
C LYS L 392 -17.31 23.21 1.55
N ALA L 393 -16.25 22.96 2.32
CA ALA L 393 -15.01 22.48 1.74
C ALA L 393 -15.20 21.07 1.18
N PHE L 394 -14.54 20.80 0.06
CA PHE L 394 -14.56 19.49 -0.58
C PHE L 394 -15.97 19.12 -1.03
N LEU L 395 -16.91 20.06 -0.94
CA LEU L 395 -18.30 19.74 -1.22
C LEU L 395 -18.50 19.37 -2.68
N HIS L 396 -17.71 19.95 -3.59
CA HIS L 396 -17.99 19.77 -5.01
C HIS L 396 -17.80 18.33 -5.45
N TRP L 397 -16.84 17.61 -4.88
CA TRP L 397 -16.63 16.22 -5.26
C TRP L 397 -17.88 15.40 -4.98
N TYR L 398 -18.50 15.60 -3.81
CA TYR L 398 -19.70 14.86 -3.48
C TYR L 398 -20.92 15.37 -4.23
N THR L 399 -21.00 16.67 -4.49
CA THR L 399 -22.14 17.22 -5.21
C THR L 399 -22.16 16.71 -6.64
N GLY L 400 -20.98 16.53 -7.25
CA GLY L 400 -20.90 16.18 -8.65
C GLY L 400 -21.40 14.79 -8.99
N GLU L 401 -21.72 13.96 -7.99
CA GLU L 401 -22.20 12.61 -8.24
C GLU L 401 -23.68 12.45 -7.98
N GLY L 402 -24.44 13.55 -7.90
CA GLY L 402 -25.89 13.51 -7.71
C GLY L 402 -26.31 13.86 -6.30
N MET L 403 -25.47 13.60 -5.31
CA MET L 403 -25.79 13.96 -3.95
C MET L 403 -25.83 15.48 -3.80
N ASP L 404 -26.62 15.96 -2.84
CA ASP L 404 -26.76 17.39 -2.60
C ASP L 404 -26.61 17.68 -1.12
N GLU L 405 -26.68 18.98 -0.78
CA GLU L 405 -26.45 19.40 0.59
C GLU L 405 -27.44 18.80 1.56
N MET L 406 -28.72 18.72 1.15
CA MET L 406 -29.75 18.29 2.08
C MET L 406 -29.45 16.90 2.63
N GLU L 407 -28.77 16.08 1.84
CA GLU L 407 -28.26 14.81 2.35
C GLU L 407 -27.39 15.03 3.58
N PHE L 408 -26.43 15.95 3.47
CA PHE L 408 -25.53 16.21 4.60
C PHE L 408 -26.29 16.80 5.77
N THR L 409 -27.23 17.70 5.50
CA THR L 409 -28.01 18.28 6.58
C THR L 409 -28.76 17.21 7.36
N GLU L 410 -29.45 16.32 6.65
CA GLU L 410 -30.19 15.26 7.30
C GLU L 410 -29.28 14.31 8.05
N ALA L 411 -28.14 13.95 7.46
CA ALA L 411 -27.24 13.01 8.13
C ALA L 411 -26.68 13.62 9.41
N GLU L 412 -26.28 14.89 9.37
CA GLU L 412 -25.76 15.53 10.58
C GLU L 412 -26.84 15.64 11.64
N SER L 413 -28.06 15.99 11.25
CA SER L 413 -29.15 16.05 12.21
C SER L 413 -29.38 14.69 12.85
N ASN L 414 -29.34 13.64 12.04
CA ASN L 414 -29.55 12.28 12.56
C ASN L 414 -28.46 11.90 13.55
N MET L 415 -27.20 12.21 13.23
CA MET L 415 -26.12 11.88 14.16
C MET L 415 -26.26 12.67 15.46
N ASN L 416 -26.64 13.94 15.37
CA ASN L 416 -26.85 14.72 16.59
C ASN L 416 -27.98 14.16 17.41
N ASP L 417 -29.04 13.69 16.76
CA ASP L 417 -30.13 13.04 17.49
C ASP L 417 -29.63 11.79 18.21
N LEU L 418 -28.80 11.01 17.54
CA LEU L 418 -28.26 9.81 18.19
C LEU L 418 -27.43 10.19 19.41
N VAL L 419 -26.60 11.22 19.29
CA VAL L 419 -25.79 11.64 20.42
C VAL L 419 -26.69 12.13 21.55
N SER L 420 -27.77 12.82 21.20
CA SER L 420 -28.71 13.27 22.21
C SER L 420 -29.34 12.09 22.95
N GLU L 421 -29.69 11.03 22.21
CA GLU L 421 -30.24 9.85 22.84
C GLU L 421 -29.23 9.21 23.79
N TYR L 422 -27.97 9.11 23.37
CA TYR L 422 -26.94 8.54 24.23
C TYR L 422 -26.78 9.37 25.49
N GLN L 423 -26.77 10.69 25.35
CA GLN L 423 -26.67 11.56 26.52
C GLN L 423 -27.86 11.39 27.45
N GLN L 424 -29.07 11.31 26.87
CA GLN L 424 -30.27 11.16 27.67
C GLN L 424 -30.23 9.89 28.50
N TYR L 425 -29.86 8.78 27.87
CA TYR L 425 -29.82 7.52 28.60
C TYR L 425 -28.63 7.43 29.54
N GLN L 426 -27.56 8.18 29.29
CA GLN L 426 -26.43 8.16 30.21
C GLN L 426 -26.81 8.74 31.56
N ASP L 427 -27.58 9.83 31.57
CA ASP L 427 -27.99 10.48 32.80
C ASP L 427 -29.45 10.18 33.16
N ALA L 428 -29.96 9.03 32.73
CA ALA L 428 -31.30 8.64 33.10
C ALA L 428 -31.37 8.26 34.58
N THR L 429 -32.57 8.38 35.15
CA THR L 429 -32.76 8.07 36.56
C THR L 429 -34.21 7.70 36.84
PG GTP M . 9.29 26.94 -27.00
O1G GTP M . 8.88 27.98 -26.00
O2G GTP M . 8.36 26.99 -28.18
O3G GTP M . 10.70 27.17 -27.43
O3B GTP M . 9.20 25.50 -26.29
PB GTP M . 10.35 25.13 -25.25
O1B GTP M . 11.69 25.04 -25.92
O2B GTP M . 10.03 23.85 -24.51
O3A GTP M . 10.33 26.37 -24.24
PA GTP M . 10.59 26.03 -22.71
O1A GTP M . 11.72 25.03 -22.65
O2A GTP M . 9.33 25.49 -22.07
O5' GTP M . 11.06 27.41 -22.05
C5' GTP M . 12.25 27.48 -21.31
C4' GTP M . 12.02 26.88 -19.93
O4' GTP M . 12.28 25.50 -19.96
C3' GTP M . 12.97 27.46 -18.91
O3' GTP M . 12.28 28.39 -18.10
C2' GTP M . 13.41 26.28 -18.07
O2' GTP M . 12.94 26.44 -16.76
C1' GTP M . 12.74 25.08 -18.69
N9 GTP M . 13.68 23.98 -18.86
C8 GTP M . 14.40 23.69 -19.97
N7 GTP M . 15.13 22.57 -19.73
C5 GTP M . 14.87 22.16 -18.48
C6 GTP M . 15.35 21.10 -17.73
O6 GTP M . 16.16 20.33 -18.22
N1 GTP M . 14.91 20.91 -16.46
C2 GTP M . 14.01 21.78 -15.92
N2 GTP M . 13.57 21.61 -14.68
N3 GTP M . 13.53 22.84 -16.66
C4 GTP M . 13.96 23.03 -17.92
MG MG N . 10.64 25.17 -27.57
PG GTP O . 39.41 34.21 18.62
O1G GTP O . 39.61 35.01 19.87
O2G GTP O . 38.31 34.83 17.81
O3G GTP O . 40.68 34.18 17.81
O3B GTP O . 39.02 32.72 19.02
PB GTP O . 40.20 31.77 19.58
O1B GTP O . 41.23 31.52 18.51
O2B GTP O . 39.66 30.48 20.12
O3A GTP O . 40.82 32.65 20.76
PA GTP O . 41.31 31.84 22.04
O1A GTP O . 42.03 30.61 21.56
O2A GTP O . 40.13 31.50 22.91
O5' GTP O . 42.34 32.82 22.77
C5' GTP O . 43.63 32.35 23.10
C4' GTP O . 43.55 31.49 24.34
O4' GTP O . 43.33 30.15 23.98
C3' GTP O . 44.85 31.49 25.12
O3' GTP O . 44.72 32.30 26.25
C2' GTP O . 45.06 30.05 25.54
O2' GTP O . 44.99 29.97 26.92
C1' GTP O . 43.90 29.30 24.94
N9 GTP O . 44.37 28.08 24.28
C8 GTP O . 44.66 27.91 22.97
N7 GTP O . 45.02 26.63 22.76
C5 GTP O . 44.94 25.98 23.92
C6 GTP O . 45.20 24.66 24.27
O6 GTP O . 45.57 23.86 23.41
N1 GTP O . 45.04 24.24 25.56
C2 GTP O . 44.63 25.15 26.51
N2 GTP O . 44.46 24.76 27.76
N3 GTP O . 44.37 26.45 26.16
C4 GTP O . 44.53 26.86 24.88
MG MG P . 39.92 32.38 17.33
PG GTP Q . -2.65 1.45 -74.24
O1G GTP Q . -3.60 2.48 -73.70
O2G GTP Q . -3.14 0.97 -75.58
O3G GTP Q . -1.28 2.06 -74.38
O3B GTP Q . -2.57 0.24 -73.20
PB GTP Q . -1.73 0.47 -71.86
O1B GTP Q . -0.27 0.70 -72.15
O2B GTP Q . -1.92 -0.67 -70.88
O3A GTP Q . -2.39 1.80 -71.27
PA GTP Q . -2.53 1.86 -69.68
O1A GTP Q . -1.25 1.32 -69.09
O2A GTP Q . -3.73 1.08 -69.23
O5' GTP Q . -2.67 3.43 -69.35
C5' GTP Q . -1.81 4.02 -68.40
C4' GTP Q . -2.29 3.66 -67.00
O4' GTP Q . -1.68 2.46 -66.58
C3' GTP Q . -1.88 4.71 -65.99
O3' GTP Q . -3.00 5.50 -65.66
C2' GTP Q . -1.43 3.92 -64.78
O2' GTP Q . -2.30 4.17 -63.71
C1' GTP Q . -1.54 2.47 -65.18
N9 GTP Q . -0.34 1.74 -64.81
C8 GTP Q . 0.74 1.48 -65.60
N7 GTP Q . 1.62 0.75 -64.90
C5 GTP Q . 1.11 0.52 -63.67
C6 GTP Q . 1.60 -0.16 -62.58
O6 GTP Q . 2.69 -0.71 -62.62
N1 GTP Q . 0.86 -0.23 -61.43
C2 GTP Q . -0.37 0.38 -61.38
N2 GTP Q . -1.10 0.31 -60.28
N3 GTP Q . -0.85 1.07 -62.48
C4 GTP Q . -0.12 1.13 -63.60
MG MG R . -0.78 0.15 -73.97
PG GTP S . -43.80 -45.85 -22.32
O1G GTP S . -44.75 -44.83 -21.77
O2G GTP S . -44.29 -46.33 -23.66
O3G GTP S . -42.43 -45.26 -22.46
O3B GTP S . -43.73 -47.07 -21.29
PB GTP S . -42.89 -46.85 -19.94
O1B GTP S . -41.44 -46.61 -20.23
O2B GTP S . -43.09 -47.98 -18.98
O3A GTP S . -43.55 -45.51 -19.35
PA GTP S . -43.69 -45.45 -17.77
O1A GTP S . -42.42 -45.99 -17.16
O2A GTP S . -44.90 -46.23 -17.32
O5' GTP S . -43.83 -43.89 -17.43
C5' GTP S . -42.97 -43.30 -16.48
C4' GTP S . -43.46 -43.65 -15.08
O4' GTP S . -42.85 -44.85 -14.66
C3' GTP S . -43.05 -42.61 -14.07
O3' GTP S . -44.16 -41.82 -13.74
C2' GTP S . -42.60 -43.40 -12.85
O2' GTP S . -43.47 -43.14 -11.79
C1' GTP S . -42.71 -44.84 -13.26
N9 GTP S . -41.51 -45.60 -12.89
C8 GTP S . -40.44 -45.84 -13.67
N7 GTP S . -39.56 -46.58 -12.97
C5 GTP S . -40.06 -46.81 -11.76
C6 GTP S . -39.58 -47.50 -10.66
O6 GTP S . -38.49 -48.04 -10.70
N1 GTP S . -40.33 -47.57 -9.51
C2 GTP S . -41.55 -46.95 -9.47
N2 GTP S . -42.28 -47.01 -8.36
N3 GTP S . -42.03 -46.27 -10.56
C4 GTP S . -41.30 -46.19 -11.68
MG MG T . -41.94 -47.15 -22.04
PG GTP U . -31.92 -20.44 25.09
O1G GTP U . -32.32 -19.40 26.10
O2G GTP U . -32.84 -20.37 23.91
O3G GTP U . -30.50 -20.20 24.66
O3B GTP U . -32.00 -21.87 25.80
PB GTP U . -30.85 -22.25 26.85
O1B GTP U . -29.51 -22.34 26.17
O2B GTP U . -31.18 -23.52 27.58
O3A GTP U . -30.88 -21.01 27.85
PA GTP U . -30.62 -21.35 29.39
O1A GTP U . -29.50 -22.35 29.45
O2A GTP U . -31.87 -21.88 30.02
O5' GTP U . -30.15 -19.97 30.05
C5' GTP U . -28.95 -19.91 30.78
C4' GTP U . -29.19 -20.50 32.16
O4' GTP U . -28.92 -21.87 32.14
C3' GTP U . -28.24 -19.92 33.19
O3' GTP U . -28.92 -19.00 33.99
C2' GTP U . -27.80 -21.10 34.02
O2' GTP U . -28.27 -20.94 35.33
C1' GTP U . -28.47 -22.30 33.40
N9 GTP U . -27.53 -23.40 33.23
C8 GTP U . -26.81 -23.70 32.12
N7 GTP U . -26.08 -24.80 32.37
C5 GTP U . -26.34 -25.22 33.61
C6 GTP U . -25.87 -26.29 34.36
O6 GTP U . -25.06 -27.06 33.87
N1 GTP U . -26.31 -26.48 35.64
C2 GTP U . -27.21 -25.60 36.17
N2 GTP U . -27.64 -25.77 37.41
N3 GTP U . -27.67 -24.54 35.44
C4 GTP U . -27.24 -24.35 34.17
MG MG V . -30.57 -22.20 24.53
PG GTP W . -1.62 -13.27 70.46
O1G GTP W . -1.42 -12.48 71.71
O2G GTP W . -2.73 -12.65 69.64
O3G GTP W . -0.35 -13.30 69.65
O3B GTP W . -2.01 -14.77 70.87
PB GTP W . -0.83 -15.71 71.41
O1B GTP W . 0.21 -15.95 70.35
O2B GTP W . -1.37 -17.00 71.95
O3A GTP W . -0.21 -14.83 72.59
PA GTP W . 0.28 -15.65 73.88
O1A GTP W . 0.99 -16.88 73.39
O2A GTP W . -0.89 -15.99 74.75
O5' GTP W . 1.32 -14.67 74.61
C5' GTP W . 2.60 -15.13 74.94
C4' GTP W . 2.52 -16.00 76.18
O4' GTP W . 2.30 -17.33 75.81
C3' GTP W . 3.83 -15.99 76.95
O3' GTP W . 3.69 -15.18 78.09
C2' GTP W . 4.03 -17.43 77.37
O2' GTP W . 3.97 -17.53 78.76
C1' GTP W . 2.87 -18.19 76.76
N9 GTP W . 3.33 -19.42 76.11
C8 GTP W . 3.63 -19.57 74.80
N7 GTP W . 3.99 -20.85 74.59
C5 GTP W . 3.92 -21.51 75.75
C6 GTP W . 4.18 -22.82 76.09
O6 GTP W . 4.55 -23.62 75.24
N1 GTP W . 4.01 -23.24 77.38
C2 GTP W . 3.60 -22.34 78.33
N2 GTP W . 3.45 -22.73 79.59
N3 GTP W . 3.34 -21.03 77.98
C4 GTP W . 3.50 -20.63 76.71
MG MG X . -1.10 -15.10 69.17
PB GDP Y . -23.14 -22.46 -47.28
O1B GDP Y . -23.89 -21.58 -48.24
O2B GDP Y . -22.06 -23.19 -48.03
O3B GDP Y . -24.12 -23.41 -46.65
O3A GDP Y . -22.48 -21.54 -46.15
PA GDP Y . -22.11 -22.12 -44.70
O1A GDP Y . -20.64 -21.90 -44.42
O2A GDP Y . -22.44 -23.58 -44.58
O5' GDP Y . -22.99 -21.23 -43.70
C5' GDP Y . -22.37 -20.18 -42.96
C4' GDP Y . -23.01 -20.08 -41.59
O4' GDP Y . -22.57 -21.18 -40.80
C3' GDP Y . -22.58 -18.82 -40.87
O3' GDP Y . -23.73 -18.06 -40.50
C2' GDP Y . -21.87 -19.26 -39.61
O2' GDP Y . -22.47 -18.61 -38.49
C1' GDP Y . -22.11 -20.75 -39.52
N9 GDP Y . -20.88 -21.49 -39.19
C8 GDP Y . -19.85 -21.69 -40.01
N7 GDP Y . -18.89 -22.44 -39.41
C5 GDP Y . -19.32 -22.73 -38.18
C6 GDP Y . -18.81 -23.49 -37.02
O6 GDP Y . -17.70 -24.05 -37.06
N1 GDP Y . -19.57 -23.56 -35.93
C2 GDP Y . -20.77 -22.97 -35.87
N2 GDP Y . -21.48 -23.07 -34.72
N3 GDP Y . -21.30 -22.26 -36.88
C4 GDP Y . -20.64 -22.11 -38.05
PB GDP Z . 19.10 9.57 45.07
O1B GDP Z . 18.84 11.06 45.04
O2B GDP Z . 19.11 9.06 43.65
O3B GDP Z . 18.03 8.91 45.90
O3A GDP Z . 20.53 9.31 45.74
PA GDP Z . 20.90 7.91 46.43
O1A GDP Z . 22.13 7.33 45.80
O2A GDP Z . 19.76 6.92 46.36
O5' GDP Z . 21.22 8.34 47.95
C5' GDP Z . 22.57 8.41 48.39
C4' GDP Z . 22.67 7.94 49.83
O4' GDP Z . 22.52 6.53 49.87
C3' GDP Z . 24.02 8.26 50.43
O3' GDP Z . 23.86 9.05 51.61
C2' GDP Z . 24.64 6.94 50.81
O2' GDP Z . 25.04 7.01 52.18
C1' GDP Z . 23.54 5.93 50.65
N9 GDP Z . 24.01 4.71 49.95
C8 GDP Z . 24.30 4.63 48.65
N7 GDP Z . 24.67 3.38 48.31
C5 GDP Z . 24.60 2.63 49.42
C6 GDP Z . 24.84 1.21 49.77
O6 GDP Z . 25.23 0.40 48.92
N1 GDP Z . 24.66 0.83 51.04
C2 GDP Z . 24.26 1.70 51.97
N2 GDP Z . 24.08 1.24 53.23
N3 GDP Z . 24.00 3.00 51.72
C4 GDP Z . 24.15 3.51 50.49
PB GDP AA . 18.06 24.96 -99.27
O1B GDP AA . 17.31 25.85 -100.24
O2B GDP AA . 19.14 24.24 -100.02
O3B GDP AA . 17.09 24.01 -98.65
O3A GDP AA . 18.73 25.89 -98.13
PA GDP AA . 19.10 25.29 -96.69
O1A GDP AA . 20.56 25.52 -96.41
O2A GDP AA . 18.76 23.83 -96.56
O5' GDP AA . 18.21 26.19 -95.69
C5' GDP AA . 18.83 27.23 -94.94
C4' GDP AA . 18.18 27.34 -93.57
O4' GDP AA . 18.63 26.25 -92.78
C3' GDP AA . 18.62 28.60 -92.85
O3' GDP AA . 17.47 29.36 -92.48
C2' GDP AA . 19.33 28.15 -91.59
O2' GDP AA . 18.73 28.80 -90.48
C1' GDP AA . 19.08 26.66 -91.50
N9 GDP AA . 20.31 25.92 -91.18
C8 GDP AA . 21.34 25.71 -91.99
N7 GDP AA . 22.30 24.97 -91.40
C5 GDP AA . 21.87 24.67 -90.17
C6 GDP AA . 22.38 23.91 -89.01
O6 GDP AA . 23.49 23.36 -89.04
N1 GDP AA . 21.63 23.85 -87.92
C2 GDP AA . 20.42 24.44 -87.85
N2 GDP AA . 19.71 24.33 -86.71
N3 GDP AA . 19.89 25.15 -88.87
C4 GDP AA . 20.56 25.30 -90.03
PB GDP BA . 29.86 50.15 -52.03
O1B GDP BA . 29.24 51.43 -52.52
O2B GDP BA . 30.44 49.40 -53.20
O3B GDP BA . 28.80 49.34 -51.33
O3A GDP BA . 31.03 50.50 -51.00
PA GDP BA . 31.52 49.47 -49.87
O1A GDP BA . 32.99 49.21 -50.01
O2A GDP BA . 30.77 48.16 -49.94
O5' GDP BA . 31.23 50.25 -48.50
C5' GDP BA . 32.31 50.85 -47.79
C4' GDP BA . 32.08 50.73 -46.29
O4' GDP BA . 32.31 49.37 -45.90
C3' GDP BA . 33.06 51.59 -45.51
O3' GDP BA . 32.33 52.48 -44.67
C2' GDP BA . 33.84 50.64 -44.64
O2' GDP BA . 33.77 51.08 -43.29
C1' GDP BA . 33.15 49.30 -44.76
N9 GDP BA . 34.10 48.20 -44.98
C8 GDP BA . 34.80 47.97 -46.11
N7 GDP BA . 35.57 46.86 -45.98
C5 GDP BA . 35.37 46.37 -44.76
C6 GDP BA . 35.86 45.21 -43.99
O6 GDP BA . 36.69 44.42 -44.46
N1 GDP BA . 35.40 45.05 -42.75
C2 GDP BA . 34.50 45.88 -42.20
N2 GDP BA . 34.08 45.65 -40.95
N3 GDP BA . 34.01 46.96 -42.85
C4 GDP BA . 34.40 47.25 -44.11
PB GDP CA . 60.18 57.25 -6.73
O1B GDP CA . 59.92 58.73 -6.75
O2B GDP CA . 60.19 56.74 -8.13
O3B GDP CA . 59.11 56.59 -5.90
O3A GDP CA . 61.61 56.99 -6.05
PA GDP CA . 61.97 55.59 -5.36
O1A GDP CA . 63.22 55.00 -5.99
O2A GDP CA . 60.84 54.61 -5.44
O5' GDP CA . 62.29 56.01 -3.84
C5' GDP CA . 63.64 56.08 -3.39
C4' GDP CA . 63.74 55.61 -1.95
O4' GDP CA . 63.60 54.20 -1.93
C3' GDP CA . 65.10 55.93 -1.35
O3' GDP CA . 64.93 56.72 -0.17
C2' GDP CA . 65.72 54.61 -0.97
O2' GDP CA . 66.10 54.66 0.40
C1' GDP CA . 64.61 53.59 -1.13
N9 GDP CA . 65.07 52.38 -1.84
C8 GDP CA . 65.38 52.30 -3.14
N7 GDP CA . 65.74 51.04 -3.47
C5 GDP CA . 65.67 50.29 -2.37
C6 GDP CA . 65.92 48.88 -2.03
O6 GDP CA . 66.31 48.07 -2.88
N1 GDP CA . 65.73 48.51 -0.77
C2 GDP CA . 65.32 49.36 0.18
N2 GDP CA . 65.15 48.91 1.44
N3 GDP CA . 65.07 50.66 -0.07
C4 GDP CA . 65.22 51.18 -1.31
PB GDP DA . -11.24 2.56 -0.02
O1B GDP DA . -11.85 3.84 -0.51
O2B GDP DA . -10.66 1.81 -1.18
O3B GDP DA . -12.29 1.75 0.69
O3A GDP DA . -10.07 2.92 1.02
PA GDP DA . -9.57 1.88 2.14
O1A GDP DA . -8.09 1.62 1.99
O2A GDP DA . -10.33 0.57 2.07
O5' GDP DA . -9.85 2.66 3.51
C5' GDP DA . -8.78 3.25 4.22
C4' GDP DA . -9.01 3.14 5.71
O4' GDP DA . -8.78 1.79 6.10
C3' GDP DA . -8.03 4.00 6.50
O3' GDP DA . -8.75 4.89 7.34
C2' GDP DA . -7.23 3.05 7.37
O2' GDP DA . -7.32 3.50 8.72
C1' GDP DA . -7.93 1.72 7.24
N9 GDP DA . -6.97 0.62 7.02
C8 GDP DA . -6.27 0.39 5.90
N7 GDP DA . -5.50 -0.71 6.03
C5 GDP DA . -5.71 -1.22 7.25
C6 GDP DA . -5.22 -2.38 8.02
O6 GDP DA . -4.39 -3.16 7.54
N1 GDP DA . -5.69 -2.54 9.26
C2 GDP DA . -6.57 -1.70 9.80
N2 GDP DA . -7.00 -1.94 11.06
N3 GDP DA . -7.07 -0.62 9.15
C4 GDP DA . -6.68 -0.34 7.90
#